data_2KZ7
#
_entry.id   2KZ7
#
loop_
_entity.id
_entity.type
_entity.pdbx_description
1 polymer 'F-actin-capping protein subunit alpha-1'
2 polymer 'F-actin-capping protein subunit beta isoforms 1 and 2'
3 polymer 'Leucine-rich repeat-containing protein 16A'
#
loop_
_entity_poly.entity_id
_entity_poly.type
_entity_poly.pdbx_seq_one_letter_code
_entity_poly.pdbx_strand_id
1 'polypeptide(L)'
;MADFEDRVSDEEKVRIAAKFITHAPPGEFNEVFNDVRLLLNNDNLLREGAAHAFAQYNMDQFTPVKIEGYDDQVLITEHG
DLGNGRFLDPRNKISFKFDHLRKEASDPQPEDTESALKQWRDACDSALRAYVKDHYPNGFCTVYGKSIDGQQTIIACIES
HQFQPKNFWNGRWRSEWKFTITPPTAQVAAVLKIQVHYYEDGNVQLVSHKDIQDSVQVSSDVQTAKEFIKIIENAENEYQ
TAISENYQTMSDTTFKALRRQLPVTRTKIDWNKILSYKIGKEMQNA
;
A
2 'polypeptide(L)'
;MSDQQLDCALDLMRRLPPQQIEKNLSDLIDLVPSLCEDLLSSVDQPLKIARDKVVGKDYLLCDYNRDGDSYRSPWSNKYD
PPLEDGAMPSARLRKLEVEANNAFDQYRDLYFEGGVSSVYLWDLDHGFAGVILIKKAGDGSKKIKGCWDSIHVVEVQEKS
SGRTAHYKLTSTVMLWLQTNKTGSGTMNLGGSLTRQMEKDETVSDSSPHIANIGRLVEDMENKIRSTLNEIYFGKTKDIV
NGLRSIDAIPDNQKYKQLQRELSQVLTQRQIYIQPDN
;
B
3 'polypeptide(L)'
;GAMGSWGCVRQEKRSSGLISELPSEEGRRLEHFTKLRPKRNKKQQPTQAAVCTISILPQDGEQNGLMGRVDEGVDEFFTK
KVTGC
;
C
#
# COMPACT_ATOMS: atom_id res chain seq x y z
N ARG A 7 18.47 -22.28 7.75
CA ARG A 7 18.00 -20.87 7.89
C ARG A 7 17.63 -20.34 6.51
N VAL A 8 18.22 -20.91 5.46
CA VAL A 8 17.92 -20.47 4.10
C VAL A 8 17.85 -21.70 3.18
N SER A 9 16.90 -21.67 2.26
CA SER A 9 16.69 -22.75 1.33
C SER A 9 15.99 -22.25 0.08
N ASP A 10 16.08 -23.03 -0.99
CA ASP A 10 15.48 -22.67 -2.26
C ASP A 10 13.96 -22.69 -2.12
N GLU A 11 13.46 -23.51 -1.20
CA GLU A 11 12.02 -23.61 -0.98
C GLU A 11 11.50 -22.31 -0.38
N GLU A 12 12.26 -21.74 0.55
CA GLU A 12 11.87 -20.49 1.18
C GLU A 12 11.92 -19.35 0.16
N LYS A 13 12.95 -19.34 -0.67
CA LYS A 13 13.07 -18.29 -1.68
C LYS A 13 11.92 -18.38 -2.68
N VAL A 14 11.49 -19.59 -3.00
CA VAL A 14 10.36 -19.76 -3.93
C VAL A 14 9.08 -19.22 -3.32
N ARG A 15 8.87 -19.45 -2.02
CA ARG A 15 7.67 -18.96 -1.35
C ARG A 15 7.68 -17.44 -1.30
N ILE A 16 8.87 -16.87 -1.07
CA ILE A 16 9.01 -15.42 -1.02
C ILE A 16 8.68 -14.86 -2.41
N ALA A 17 9.32 -15.42 -3.43
CA ALA A 17 9.09 -14.97 -4.79
C ALA A 17 7.60 -15.03 -5.09
N ALA A 18 6.95 -16.11 -4.67
CA ALA A 18 5.53 -16.30 -4.92
C ALA A 18 4.67 -15.24 -4.25
N LYS A 19 5.00 -14.88 -3.02
CA LYS A 19 4.26 -13.88 -2.29
C LYS A 19 4.32 -12.53 -3.00
N PHE A 20 5.53 -12.12 -3.40
CA PHE A 20 5.71 -10.85 -4.10
C PHE A 20 4.86 -10.80 -5.37
N ILE A 21 4.96 -11.85 -6.18
CA ILE A 21 4.23 -11.95 -7.43
C ILE A 21 2.71 -11.89 -7.27
N THR A 22 2.18 -12.62 -6.30
CA THR A 22 0.74 -12.61 -6.08
C THR A 22 0.24 -11.33 -5.42
N HIS A 23 1.17 -10.48 -4.98
CA HIS A 23 0.79 -9.22 -4.34
C HIS A 23 1.01 -8.01 -5.22
N ALA A 24 1.21 -8.24 -6.51
CA ALA A 24 1.42 -7.12 -7.41
C ALA A 24 0.15 -6.28 -7.41
N PRO A 25 0.28 -4.96 -7.56
CA PRO A 25 -0.92 -4.14 -7.57
C PRO A 25 -1.63 -4.32 -8.92
N PRO A 26 -2.93 -4.01 -8.99
CA PRO A 26 -3.68 -4.17 -10.24
C PRO A 26 -3.04 -3.51 -11.47
N GLY A 27 -3.01 -4.27 -12.57
CA GLY A 27 -2.44 -3.79 -13.81
C GLY A 27 -0.92 -3.68 -13.84
N GLU A 28 -0.25 -4.26 -12.86
CA GLU A 28 1.21 -4.21 -12.81
C GLU A 28 1.85 -5.57 -12.57
N PHE A 29 1.10 -6.62 -12.85
CA PHE A 29 1.61 -7.98 -12.65
C PHE A 29 2.96 -8.23 -13.31
N ASN A 30 3.06 -7.94 -14.60
CA ASN A 30 4.27 -8.18 -15.35
C ASN A 30 5.52 -7.48 -14.81
N GLU A 31 5.38 -6.21 -14.44
CA GLU A 31 6.52 -5.47 -13.91
C GLU A 31 7.02 -6.16 -12.65
N VAL A 32 6.10 -6.48 -11.75
CA VAL A 32 6.46 -7.16 -10.52
C VAL A 32 7.09 -8.53 -10.80
N PHE A 33 6.51 -9.27 -11.75
CA PHE A 33 7.02 -10.59 -12.12
C PHE A 33 8.44 -10.49 -12.68
N ASN A 34 8.67 -9.55 -13.59
CA ASN A 34 10.00 -9.36 -14.14
C ASN A 34 10.98 -8.96 -13.05
N ASP A 35 10.54 -8.13 -12.11
CA ASP A 35 11.41 -7.74 -11.00
C ASP A 35 11.84 -8.98 -10.22
N VAL A 36 10.86 -9.76 -9.77
CA VAL A 36 11.13 -10.95 -8.99
C VAL A 36 12.00 -11.95 -9.74
N ARG A 37 11.73 -12.10 -11.02
CA ARG A 37 12.51 -13.03 -11.85
C ARG A 37 13.98 -12.64 -11.84
N LEU A 38 14.29 -11.36 -12.04
CA LEU A 38 15.67 -10.90 -12.03
C LEU A 38 16.28 -10.94 -10.63
N LEU A 39 15.44 -10.80 -9.60
CA LEU A 39 15.92 -10.82 -8.21
C LEU A 39 16.22 -12.25 -7.79
N LEU A 40 15.29 -13.16 -8.08
CA LEU A 40 15.45 -14.56 -7.76
C LEU A 40 16.66 -15.12 -8.51
N ASN A 41 16.82 -14.65 -9.75
CA ASN A 41 17.93 -15.07 -10.61
C ASN A 41 18.09 -16.61 -10.70
N ASN A 42 16.98 -17.30 -10.90
CA ASN A 42 16.99 -18.75 -11.03
C ASN A 42 15.65 -19.13 -11.64
N ASP A 43 15.61 -19.18 -12.96
CA ASP A 43 14.38 -19.49 -13.68
C ASP A 43 13.84 -20.89 -13.38
N ASN A 44 14.73 -21.82 -13.04
CA ASN A 44 14.27 -23.15 -12.69
C ASN A 44 13.40 -23.07 -11.45
N LEU A 45 13.83 -22.31 -10.44
CA LEU A 45 13.03 -22.18 -9.23
C LEU A 45 11.76 -21.38 -9.49
N LEU A 46 11.86 -20.36 -10.34
CA LEU A 46 10.74 -19.51 -10.68
C LEU A 46 9.57 -20.29 -11.29
N ARG A 47 9.88 -21.27 -12.13
CA ARG A 47 8.84 -22.08 -12.77
C ARG A 47 8.17 -23.05 -11.80
N GLU A 48 8.80 -23.29 -10.66
CA GLU A 48 8.26 -24.19 -9.65
C GLU A 48 6.89 -23.73 -9.15
N GLY A 49 6.73 -22.43 -8.91
CA GLY A 49 5.47 -21.92 -8.42
C GLY A 49 4.81 -20.89 -9.32
N ALA A 50 5.33 -20.70 -10.52
CA ALA A 50 4.79 -19.73 -11.45
C ALA A 50 3.29 -19.95 -11.67
N ALA A 51 2.94 -21.03 -12.36
CA ALA A 51 1.55 -21.35 -12.64
C ALA A 51 0.65 -21.11 -11.43
N HIS A 52 1.06 -21.60 -10.28
CA HIS A 52 0.29 -21.43 -9.06
C HIS A 52 0.16 -19.94 -8.72
N ALA A 53 1.24 -19.18 -8.90
CA ALA A 53 1.26 -17.75 -8.61
C ALA A 53 0.30 -17.00 -9.53
N PHE A 54 0.46 -17.22 -10.82
CA PHE A 54 -0.38 -16.58 -11.83
C PHE A 54 -1.87 -16.85 -11.54
N ALA A 55 -2.19 -18.11 -11.30
CA ALA A 55 -3.57 -18.52 -11.03
C ALA A 55 -4.15 -17.82 -9.81
N GLN A 56 -3.44 -17.89 -8.70
CA GLN A 56 -3.87 -17.27 -7.46
C GLN A 56 -4.11 -15.76 -7.69
N TYR A 57 -3.17 -15.09 -8.34
CA TYR A 57 -3.29 -13.65 -8.61
C TYR A 57 -4.60 -13.35 -9.35
N ASN A 58 -4.71 -13.85 -10.58
CA ASN A 58 -5.90 -13.62 -11.39
C ASN A 58 -7.18 -13.94 -10.64
N MET A 59 -7.14 -14.99 -9.82
CA MET A 59 -8.31 -15.39 -9.04
C MET A 59 -8.71 -14.40 -7.94
N ASP A 60 -7.77 -14.04 -7.06
CA ASP A 60 -8.12 -13.08 -6.01
C ASP A 60 -8.30 -11.66 -6.55
N GLN A 61 -7.86 -11.43 -7.79
CA GLN A 61 -8.01 -10.11 -8.42
C GLN A 61 -9.30 -10.04 -9.25
N PHE A 62 -10.06 -11.13 -9.29
CA PHE A 62 -11.30 -11.16 -10.09
C PHE A 62 -10.99 -10.68 -11.50
N THR A 63 -9.96 -11.28 -12.11
CA THR A 63 -9.54 -10.90 -13.44
C THR A 63 -10.60 -11.08 -14.53
N PRO A 64 -11.11 -9.97 -15.07
CA PRO A 64 -12.12 -10.02 -16.13
C PRO A 64 -11.47 -10.53 -17.42
N VAL A 65 -11.99 -11.63 -17.95
CA VAL A 65 -11.44 -12.20 -19.18
C VAL A 65 -12.51 -12.34 -20.25
N LYS A 66 -12.05 -12.35 -21.50
CA LYS A 66 -12.96 -12.47 -22.63
C LYS A 66 -12.76 -13.78 -23.40
N ILE A 67 -13.69 -14.73 -23.23
CA ILE A 67 -13.61 -16.02 -23.91
C ILE A 67 -13.66 -15.82 -25.43
N GLU A 68 -12.94 -16.68 -26.15
CA GLU A 68 -12.83 -16.65 -27.61
C GLU A 68 -13.84 -15.85 -28.44
N GLY A 69 -15.12 -15.79 -28.03
CA GLY A 69 -16.09 -15.04 -28.81
C GLY A 69 -17.49 -14.94 -28.25
N TYR A 70 -17.59 -14.86 -26.93
CA TYR A 70 -18.92 -14.75 -26.30
C TYR A 70 -19.40 -13.31 -25.93
N ASP A 71 -18.56 -12.28 -26.05
CA ASP A 71 -18.98 -10.92 -25.65
C ASP A 71 -19.17 -11.02 -24.13
N ASP A 72 -18.56 -12.13 -23.73
CA ASP A 72 -18.42 -12.78 -22.40
C ASP A 72 -17.63 -12.21 -21.17
N GLN A 73 -17.18 -10.97 -21.11
CA GLN A 73 -16.36 -10.53 -19.94
C GLN A 73 -16.76 -11.33 -18.70
N VAL A 74 -16.03 -12.42 -18.43
CA VAL A 74 -16.30 -13.27 -17.27
C VAL A 74 -15.23 -13.14 -16.19
N LEU A 75 -15.64 -13.28 -14.93
CA LEU A 75 -14.69 -13.11 -13.83
C LEU A 75 -13.99 -14.36 -13.30
N ILE A 76 -12.66 -14.36 -13.44
CA ILE A 76 -11.85 -15.48 -12.96
C ILE A 76 -11.75 -15.42 -11.45
N THR A 77 -12.39 -16.38 -10.79
CA THR A 77 -12.37 -16.44 -9.33
C THR A 77 -12.17 -17.89 -8.93
N GLU A 78 -12.05 -18.13 -7.63
CA GLU A 78 -11.87 -19.48 -7.14
C GLU A 78 -13.13 -20.28 -7.39
N HIS A 79 -14.27 -19.67 -7.09
CA HIS A 79 -15.58 -20.29 -7.24
C HIS A 79 -15.78 -20.88 -8.64
N GLY A 80 -15.09 -20.32 -9.63
CA GLY A 80 -15.22 -20.83 -10.99
C GLY A 80 -14.10 -21.74 -11.40
N ASP A 81 -13.20 -22.03 -10.47
CA ASP A 81 -12.04 -22.89 -10.73
C ASP A 81 -12.48 -24.35 -10.83
N LEU A 82 -12.60 -24.87 -12.05
CA LEU A 82 -13.01 -26.26 -12.24
C LEU A 82 -12.11 -27.17 -11.40
N GLY A 83 -10.81 -26.94 -11.48
CA GLY A 83 -9.85 -27.73 -10.74
C GLY A 83 -8.89 -28.44 -11.68
N ASN A 84 -9.28 -28.53 -12.95
CA ASN A 84 -8.48 -29.20 -13.97
C ASN A 84 -7.64 -28.22 -14.78
N GLY A 85 -7.77 -26.93 -14.48
CA GLY A 85 -7.03 -25.92 -15.21
C GLY A 85 -8.00 -25.14 -16.06
N ARG A 86 -9.28 -25.30 -15.74
CA ARG A 86 -10.34 -24.63 -16.46
C ARG A 86 -11.30 -23.97 -15.48
N PHE A 87 -12.03 -22.95 -15.96
CA PHE A 87 -12.97 -22.21 -15.12
C PHE A 87 -14.41 -22.24 -15.63
N LEU A 88 -15.34 -21.83 -14.78
CA LEU A 88 -16.76 -21.80 -15.13
C LEU A 88 -17.24 -20.40 -15.51
N ASP A 89 -18.13 -20.35 -16.49
CA ASP A 89 -18.75 -19.11 -16.90
C ASP A 89 -20.22 -19.38 -16.63
N PRO A 90 -20.66 -19.17 -15.39
CA PRO A 90 -22.06 -19.42 -15.05
C PRO A 90 -23.09 -18.74 -15.96
N ARG A 91 -22.78 -17.55 -16.46
CA ARG A 91 -23.71 -16.83 -17.33
C ARG A 91 -23.90 -17.52 -18.68
N ASN A 92 -22.86 -17.54 -19.50
CA ASN A 92 -22.94 -18.19 -20.80
C ASN A 92 -22.98 -19.70 -20.59
N LYS A 93 -22.52 -20.10 -19.41
CA LYS A 93 -22.50 -21.50 -18.97
C LYS A 93 -21.58 -22.49 -19.70
N ILE A 94 -20.48 -22.00 -20.25
CA ILE A 94 -19.55 -22.89 -20.92
C ILE A 94 -18.37 -23.23 -20.03
N SER A 95 -17.37 -23.86 -20.63
CA SER A 95 -16.14 -24.22 -19.95
C SER A 95 -15.07 -23.54 -20.77
N PHE A 96 -14.12 -22.89 -20.10
CA PHE A 96 -13.06 -22.22 -20.81
C PHE A 96 -11.75 -22.46 -20.10
N LYS A 97 -10.70 -22.71 -20.87
CA LYS A 97 -9.39 -22.94 -20.28
C LYS A 97 -8.69 -21.60 -20.28
N PHE A 98 -8.25 -21.18 -19.10
CA PHE A 98 -7.58 -19.91 -18.97
C PHE A 98 -6.06 -20.06 -18.98
N ASP A 99 -5.42 -19.49 -20.00
CA ASP A 99 -3.97 -19.49 -20.13
C ASP A 99 -3.48 -18.29 -19.30
N HIS A 100 -2.71 -18.55 -18.25
CA HIS A 100 -2.27 -17.48 -17.38
C HIS A 100 -1.22 -16.48 -17.86
N LEU A 101 -0.28 -16.90 -18.70
CA LEU A 101 0.70 -15.93 -19.18
C LEU A 101 0.02 -15.04 -20.23
N ARG A 102 -0.39 -15.67 -21.32
CA ARG A 102 -1.06 -14.98 -22.41
C ARG A 102 -2.34 -14.32 -21.92
N LYS A 103 -2.77 -13.28 -22.62
CA LYS A 103 -3.96 -12.54 -22.27
C LYS A 103 -5.26 -13.32 -22.50
N GLU A 104 -5.29 -14.14 -23.55
CA GLU A 104 -6.49 -14.93 -23.87
C GLU A 104 -6.67 -16.27 -23.20
N ALA A 105 -7.93 -16.67 -23.11
CA ALA A 105 -8.34 -17.94 -22.53
C ALA A 105 -9.31 -18.52 -23.56
N SER A 106 -8.87 -19.52 -24.31
CA SER A 106 -9.73 -20.10 -25.35
C SER A 106 -9.95 -21.62 -25.27
N ASP A 107 -10.52 -22.14 -26.35
CA ASP A 107 -10.89 -23.54 -26.56
C ASP A 107 -11.88 -24.03 -25.50
N PRO A 108 -13.06 -23.39 -25.47
CA PRO A 108 -14.16 -23.69 -24.54
C PRO A 108 -14.78 -25.08 -24.65
N GLN A 109 -15.57 -25.44 -23.65
CA GLN A 109 -16.26 -26.73 -23.58
C GLN A 109 -17.66 -26.50 -23.03
N PRO A 110 -18.71 -26.98 -23.72
CA PRO A 110 -20.05 -26.76 -23.19
C PRO A 110 -20.11 -27.35 -21.77
N GLU A 111 -20.85 -26.71 -20.87
CA GLU A 111 -20.94 -27.22 -19.50
C GLU A 111 -22.38 -27.44 -19.05
N ASP A 112 -23.04 -28.49 -19.54
CA ASP A 112 -24.41 -28.76 -19.14
C ASP A 112 -24.40 -28.92 -17.61
N THR A 113 -25.20 -28.07 -16.96
CA THR A 113 -25.27 -27.99 -15.51
C THR A 113 -26.02 -29.00 -14.64
N GLU A 114 -25.96 -28.70 -13.34
CA GLU A 114 -26.62 -29.42 -12.27
C GLU A 114 -28.04 -28.87 -12.23
N SER A 115 -28.16 -27.59 -12.57
CA SER A 115 -29.43 -26.86 -12.64
C SER A 115 -30.28 -26.94 -11.37
N ALA A 116 -29.64 -27.04 -10.21
CA ALA A 116 -30.36 -27.13 -8.94
C ALA A 116 -30.63 -25.76 -8.32
N LEU A 117 -29.57 -24.98 -8.16
CA LEU A 117 -29.69 -23.65 -7.59
C LEU A 117 -29.74 -22.61 -8.70
N LYS A 118 -29.44 -23.07 -9.91
CA LYS A 118 -29.43 -22.20 -11.08
C LYS A 118 -30.62 -21.28 -11.22
N GLN A 119 -31.78 -21.74 -10.78
CA GLN A 119 -32.98 -20.92 -10.87
C GLN A 119 -32.69 -19.56 -10.22
N TRP A 120 -32.31 -19.58 -8.94
CA TRP A 120 -31.97 -18.35 -8.21
C TRP A 120 -30.84 -17.68 -8.99
N ARG A 121 -29.77 -18.44 -9.14
CA ARG A 121 -28.55 -18.02 -9.83
C ARG A 121 -28.77 -17.17 -11.08
N ASP A 122 -29.61 -17.65 -11.99
CA ASP A 122 -29.89 -16.93 -13.23
C ASP A 122 -30.63 -15.61 -13.02
N ALA A 123 -31.43 -15.54 -11.95
CA ALA A 123 -32.19 -14.33 -11.65
C ALA A 123 -31.27 -13.25 -11.09
N CYS A 124 -30.57 -13.60 -10.01
CA CYS A 124 -29.64 -12.67 -9.36
C CYS A 124 -28.65 -12.13 -10.39
N ASP A 125 -28.03 -13.04 -11.14
CA ASP A 125 -27.04 -12.72 -12.15
C ASP A 125 -27.34 -11.51 -13.02
N SER A 126 -28.39 -11.60 -13.81
CA SER A 126 -28.74 -10.50 -14.70
C SER A 126 -29.52 -9.38 -13.99
N ALA A 127 -29.83 -9.61 -12.72
CA ALA A 127 -30.51 -8.59 -11.90
C ALA A 127 -29.36 -7.70 -11.39
N LEU A 128 -28.25 -8.36 -11.07
CA LEU A 128 -27.06 -7.69 -10.58
C LEU A 128 -26.36 -7.04 -11.78
N ARG A 129 -26.40 -7.74 -12.91
CA ARG A 129 -25.80 -7.25 -14.13
C ARG A 129 -26.34 -5.86 -14.46
N ALA A 130 -27.54 -5.56 -13.95
CA ALA A 130 -28.16 -4.28 -14.18
C ALA A 130 -27.58 -3.29 -13.17
N TYR A 131 -27.44 -3.76 -11.94
CA TYR A 131 -26.87 -2.95 -10.87
C TYR A 131 -25.49 -2.44 -11.28
N VAL A 132 -24.68 -3.35 -11.79
CA VAL A 132 -23.32 -3.05 -12.23
C VAL A 132 -23.25 -2.04 -13.36
N LYS A 133 -24.04 -2.25 -14.41
CA LYS A 133 -24.03 -1.31 -15.52
C LYS A 133 -24.42 0.08 -15.08
N ASP A 134 -25.12 0.18 -13.94
CA ASP A 134 -25.56 1.46 -13.43
C ASP A 134 -24.55 2.16 -12.52
N HIS A 135 -23.66 1.40 -11.91
CA HIS A 135 -22.70 2.01 -11.00
C HIS A 135 -21.21 1.83 -11.28
N TYR A 136 -20.85 0.88 -12.13
CA TYR A 136 -19.43 0.65 -12.44
C TYR A 136 -19.10 0.94 -13.90
N PRO A 137 -18.38 2.05 -14.17
CA PRO A 137 -17.97 2.50 -15.51
C PRO A 137 -17.43 1.39 -16.42
N ASN A 138 -16.52 0.59 -15.88
CA ASN A 138 -15.94 -0.48 -16.66
C ASN A 138 -16.02 -1.76 -15.86
N GLY A 139 -17.19 -1.96 -15.24
CA GLY A 139 -17.39 -3.13 -14.41
C GLY A 139 -17.92 -4.36 -15.12
N PHE A 140 -17.79 -5.49 -14.43
CA PHE A 140 -18.23 -6.78 -14.93
C PHE A 140 -18.64 -7.59 -13.70
N CYS A 141 -19.52 -8.55 -13.90
CA CYS A 141 -20.00 -9.37 -12.78
C CYS A 141 -20.16 -10.84 -13.17
N THR A 142 -20.10 -11.70 -12.16
CA THR A 142 -20.25 -13.13 -12.36
C THR A 142 -20.92 -13.70 -11.12
N VAL A 143 -22.08 -14.31 -11.32
CA VAL A 143 -22.82 -14.92 -10.23
C VAL A 143 -22.69 -16.43 -10.31
N TYR A 144 -22.30 -17.03 -9.19
CA TYR A 144 -22.13 -18.48 -9.14
C TYR A 144 -23.26 -19.15 -8.36
N GLY A 145 -23.81 -20.19 -8.96
CA GLY A 145 -24.86 -20.95 -8.32
C GLY A 145 -24.15 -22.23 -7.95
N LYS A 146 -24.12 -22.57 -6.66
CA LYS A 146 -23.41 -23.77 -6.25
C LYS A 146 -23.90 -24.36 -4.94
N SER A 147 -23.51 -25.61 -4.72
CA SER A 147 -23.86 -26.35 -3.51
C SER A 147 -22.60 -26.48 -2.64
N ILE A 148 -22.63 -25.81 -1.49
CA ILE A 148 -21.51 -25.83 -0.55
C ILE A 148 -21.85 -26.71 0.65
N ASP A 149 -21.35 -27.95 0.63
CA ASP A 149 -21.59 -28.95 1.68
C ASP A 149 -23.03 -29.03 2.14
N GLY A 150 -23.93 -29.28 1.19
CA GLY A 150 -25.35 -29.39 1.49
C GLY A 150 -26.17 -28.13 1.28
N GLN A 151 -25.64 -26.99 1.72
CA GLN A 151 -26.37 -25.73 1.60
C GLN A 151 -26.22 -25.04 0.25
N GLN A 152 -27.31 -24.43 -0.21
CA GLN A 152 -27.31 -23.72 -1.48
C GLN A 152 -26.87 -22.29 -1.26
N THR A 153 -26.01 -21.81 -2.14
CA THR A 153 -25.51 -20.46 -2.02
C THR A 153 -25.32 -19.76 -3.35
N ILE A 154 -25.62 -18.46 -3.37
CA ILE A 154 -25.45 -17.65 -4.55
C ILE A 154 -24.21 -16.80 -4.29
N ILE A 155 -23.27 -16.82 -5.21
CA ILE A 155 -22.07 -16.02 -5.05
C ILE A 155 -21.91 -15.05 -6.20
N ALA A 156 -22.13 -13.78 -5.91
CA ALA A 156 -22.01 -12.74 -6.91
C ALA A 156 -20.67 -12.01 -6.71
N CYS A 157 -19.89 -11.95 -7.79
CA CYS A 157 -18.61 -11.30 -7.76
C CYS A 157 -18.61 -10.12 -8.72
N ILE A 158 -18.18 -8.96 -8.22
CA ILE A 158 -18.13 -7.74 -9.02
C ILE A 158 -16.72 -7.18 -9.11
N GLU A 159 -16.32 -6.81 -10.33
CA GLU A 159 -14.99 -6.25 -10.54
C GLU A 159 -15.07 -5.02 -11.44
N SER A 160 -14.24 -4.03 -11.14
CA SER A 160 -14.19 -2.79 -11.90
C SER A 160 -12.77 -2.24 -11.79
N HIS A 161 -12.22 -1.77 -12.91
CA HIS A 161 -10.86 -1.23 -12.88
C HIS A 161 -10.57 -0.16 -13.92
N GLN A 162 -9.49 0.56 -13.67
CA GLN A 162 -9.04 1.62 -14.57
C GLN A 162 -7.51 1.63 -14.50
N PHE A 163 -6.87 1.28 -15.62
CA PHE A 163 -5.42 1.25 -15.67
C PHE A 163 -4.83 2.31 -16.59
N GLN A 164 -4.00 3.18 -16.02
CA GLN A 164 -3.35 4.22 -16.82
C GLN A 164 -1.87 4.30 -16.47
N PRO A 165 -1.11 3.24 -16.80
CA PRO A 165 0.33 3.16 -16.53
C PRO A 165 1.15 4.33 -17.08
N LYS A 166 0.72 4.90 -18.20
CA LYS A 166 1.44 6.02 -18.76
C LYS A 166 1.35 7.24 -17.87
N ASN A 167 0.34 7.26 -17.00
CA ASN A 167 0.17 8.36 -16.06
C ASN A 167 0.46 7.89 -14.63
N PHE A 168 1.15 6.75 -14.57
CA PHE A 168 1.58 6.11 -13.32
C PHE A 168 0.53 5.82 -12.26
N TRP A 169 -0.59 5.23 -12.64
CA TRP A 169 -1.62 4.87 -11.68
C TRP A 169 -2.58 3.81 -12.21
N ASN A 170 -3.13 3.03 -11.28
CA ASN A 170 -4.07 1.96 -11.59
C ASN A 170 -4.98 1.82 -10.38
N GLY A 171 -6.18 1.31 -10.62
CA GLY A 171 -7.13 1.13 -9.54
C GLY A 171 -8.05 -0.03 -9.85
N ARG A 172 -8.67 -0.60 -8.82
CA ARG A 172 -9.59 -1.70 -9.03
C ARG A 172 -10.52 -1.87 -7.85
N TRP A 173 -11.75 -2.26 -8.16
CA TRP A 173 -12.77 -2.51 -7.16
C TRP A 173 -13.09 -3.99 -7.22
N ARG A 174 -13.31 -4.59 -6.05
CA ARG A 174 -13.66 -6.00 -5.95
C ARG A 174 -14.68 -6.16 -4.83
N SER A 175 -15.77 -6.83 -5.15
CA SER A 175 -16.81 -7.07 -4.16
C SER A 175 -17.28 -8.50 -4.32
N GLU A 176 -17.44 -9.19 -3.19
CA GLU A 176 -17.88 -10.57 -3.21
C GLU A 176 -19.01 -10.76 -2.20
N TRP A 177 -20.15 -11.23 -2.70
CA TRP A 177 -21.30 -11.47 -1.83
C TRP A 177 -21.71 -12.94 -1.84
N LYS A 178 -21.70 -13.53 -0.65
CA LYS A 178 -22.08 -14.93 -0.46
C LYS A 178 -23.48 -14.98 0.14
N PHE A 179 -24.43 -15.55 -0.61
CA PHE A 179 -25.80 -15.65 -0.14
C PHE A 179 -26.13 -17.11 0.17
N THR A 180 -26.21 -17.44 1.44
CA THR A 180 -26.53 -18.79 1.90
C THR A 180 -28.00 -18.87 2.29
N ILE A 181 -28.76 -19.66 1.54
CA ILE A 181 -30.20 -19.80 1.76
C ILE A 181 -30.66 -20.81 2.78
N THR A 182 -31.50 -20.34 3.67
CA THR A 182 -32.07 -21.16 4.72
C THR A 182 -33.47 -20.60 5.01
N PRO A 183 -34.42 -20.85 4.09
CA PRO A 183 -35.81 -20.37 4.25
C PRO A 183 -36.32 -20.59 5.67
N PRO A 184 -37.21 -19.70 6.14
CA PRO A 184 -37.72 -18.55 5.37
C PRO A 184 -36.66 -17.46 5.15
N THR A 185 -35.97 -17.03 6.21
CA THR A 185 -34.96 -15.99 6.11
C THR A 185 -33.51 -16.53 6.07
N ALA A 186 -32.68 -15.96 5.20
CA ALA A 186 -31.28 -16.37 5.04
C ALA A 186 -30.25 -15.39 5.60
N GLN A 187 -28.98 -15.81 5.58
CA GLN A 187 -27.87 -15.00 6.08
C GLN A 187 -26.95 -14.54 4.96
N VAL A 188 -26.45 -13.31 5.07
CA VAL A 188 -25.56 -12.74 4.07
C VAL A 188 -24.13 -12.53 4.60
N ALA A 189 -23.16 -12.67 3.71
CA ALA A 189 -21.75 -12.50 4.06
C ALA A 189 -21.04 -11.90 2.85
N ALA A 190 -20.36 -10.77 3.05
CA ALA A 190 -19.66 -10.13 1.95
C ALA A 190 -18.39 -9.41 2.37
N VAL A 191 -17.63 -8.99 1.37
CA VAL A 191 -16.38 -8.28 1.56
C VAL A 191 -16.18 -7.36 0.37
N LEU A 192 -16.06 -6.06 0.67
CA LEU A 192 -15.85 -5.06 -0.37
C LEU A 192 -14.37 -4.69 -0.33
N LYS A 193 -13.76 -4.53 -1.50
CA LYS A 193 -12.34 -4.20 -1.58
C LYS A 193 -12.01 -3.13 -2.61
N ILE A 194 -11.09 -2.24 -2.24
CA ILE A 194 -10.64 -1.17 -3.12
C ILE A 194 -9.12 -1.05 -3.04
N GLN A 195 -8.49 -0.89 -4.18
CA GLN A 195 -7.05 -0.71 -4.21
C GLN A 195 -6.68 0.27 -5.31
N VAL A 196 -5.93 1.30 -4.95
CA VAL A 196 -5.48 2.31 -5.89
C VAL A 196 -3.98 2.48 -5.70
N HIS A 197 -3.26 2.67 -6.82
CA HIS A 197 -1.82 2.84 -6.77
C HIS A 197 -1.41 4.00 -7.67
N TYR A 198 -0.68 4.95 -7.10
CA TYR A 198 -0.14 6.11 -7.82
C TYR A 198 1.36 5.97 -7.65
N TYR A 199 2.12 6.00 -8.75
CA TYR A 199 3.56 5.81 -8.61
C TYR A 199 4.49 6.67 -9.44
N GLU A 200 4.12 7.92 -9.66
CA GLU A 200 5.02 8.81 -10.37
C GLU A 200 5.88 9.45 -9.26
N ASP A 201 7.16 9.12 -9.26
CA ASP A 201 8.11 9.63 -8.28
C ASP A 201 7.66 9.39 -6.85
N GLY A 202 7.16 8.18 -6.63
CA GLY A 202 6.68 7.80 -5.32
C GLY A 202 5.90 6.50 -5.38
N ASN A 203 5.28 6.14 -4.26
CA ASN A 203 4.48 4.92 -4.17
C ASN A 203 3.41 5.19 -3.13
N VAL A 204 2.22 5.51 -3.62
CA VAL A 204 1.09 5.82 -2.75
C VAL A 204 -0.02 4.82 -3.02
N GLN A 205 -0.62 4.28 -1.99
CA GLN A 205 -1.68 3.32 -2.22
C GLN A 205 -2.81 3.36 -1.24
N LEU A 206 -4.00 3.20 -1.79
CA LEU A 206 -5.19 3.14 -0.99
C LEU A 206 -5.51 1.65 -0.96
N VAL A 207 -5.55 1.10 0.24
CA VAL A 207 -5.91 -0.30 0.42
C VAL A 207 -7.02 -0.25 1.44
N SER A 208 -8.20 -0.72 1.05
CA SER A 208 -9.35 -0.70 1.93
C SER A 208 -10.26 -1.90 1.67
N HIS A 209 -10.98 -2.32 2.68
CA HIS A 209 -11.90 -3.43 2.54
C HIS A 209 -12.92 -3.39 3.67
N LYS A 210 -14.13 -3.86 3.38
CA LYS A 210 -15.16 -3.89 4.41
C LYS A 210 -15.86 -5.23 4.42
N ASP A 211 -15.97 -5.81 5.61
CA ASP A 211 -16.62 -7.10 5.79
C ASP A 211 -18.00 -6.88 6.36
N ILE A 212 -19.01 -7.43 5.71
CA ILE A 212 -20.39 -7.28 6.17
C ILE A 212 -21.17 -8.59 6.23
N GLN A 213 -22.02 -8.70 7.24
CA GLN A 213 -22.86 -9.89 7.46
C GLN A 213 -24.30 -9.45 7.71
N ASP A 214 -25.24 -9.97 6.92
CA ASP A 214 -26.64 -9.58 7.06
C ASP A 214 -27.62 -10.77 7.10
N SER A 215 -28.80 -10.54 7.68
CA SER A 215 -29.84 -11.56 7.78
C SER A 215 -31.02 -11.13 6.92
N VAL A 216 -31.24 -11.85 5.82
CA VAL A 216 -32.30 -11.50 4.88
C VAL A 216 -33.46 -12.49 4.73
N GLN A 217 -34.67 -11.95 4.56
CA GLN A 217 -35.90 -12.74 4.38
C GLN A 217 -35.99 -13.27 2.94
N VAL A 218 -36.13 -14.58 2.79
CA VAL A 218 -36.20 -15.21 1.44
C VAL A 218 -37.60 -15.54 0.92
N SER A 219 -37.97 -14.89 -0.18
CA SER A 219 -39.28 -15.08 -0.80
C SER A 219 -39.20 -15.91 -2.09
N SER A 220 -39.52 -15.27 -3.22
CA SER A 220 -39.53 -15.91 -4.54
C SER A 220 -38.15 -16.02 -5.19
N ASP A 221 -38.14 -16.07 -6.52
CA ASP A 221 -36.91 -16.17 -7.29
C ASP A 221 -36.48 -14.83 -7.83
N VAL A 222 -37.40 -14.15 -8.52
CA VAL A 222 -37.13 -12.85 -9.09
C VAL A 222 -37.27 -11.80 -7.96
N GLN A 223 -37.95 -12.20 -6.89
CA GLN A 223 -38.15 -11.30 -5.75
C GLN A 223 -36.97 -11.24 -4.80
N THR A 224 -36.47 -12.40 -4.36
CA THR A 224 -35.34 -12.42 -3.45
C THR A 224 -34.12 -11.81 -4.12
N ALA A 225 -34.05 -11.99 -5.44
CA ALA A 225 -32.95 -11.45 -6.23
C ALA A 225 -32.90 -9.94 -6.10
N LYS A 226 -34.01 -9.27 -6.40
CA LYS A 226 -34.08 -7.83 -6.31
C LYS A 226 -33.88 -7.37 -4.87
N GLU A 227 -34.15 -8.27 -3.93
CA GLU A 227 -33.97 -7.94 -2.52
C GLU A 227 -32.48 -7.90 -2.25
N PHE A 228 -31.76 -8.81 -2.91
CA PHE A 228 -30.32 -8.90 -2.78
C PHE A 228 -29.63 -7.70 -3.42
N ILE A 229 -29.87 -7.53 -4.71
CA ILE A 229 -29.29 -6.41 -5.45
C ILE A 229 -29.54 -5.12 -4.67
N LYS A 230 -30.57 -5.13 -3.84
CA LYS A 230 -30.91 -3.97 -3.02
C LYS A 230 -29.98 -3.91 -1.80
N ILE A 231 -29.74 -5.07 -1.19
CA ILE A 231 -28.87 -5.17 -0.03
C ILE A 231 -27.52 -4.62 -0.44
N ILE A 232 -27.00 -5.20 -1.52
CA ILE A 232 -25.70 -4.83 -2.09
C ILE A 232 -25.61 -3.34 -2.40
N GLU A 233 -26.56 -2.85 -3.18
CA GLU A 233 -26.59 -1.44 -3.57
C GLU A 233 -26.48 -0.53 -2.36
N ASN A 234 -27.26 -0.80 -1.33
CA ASN A 234 -27.24 0.02 -0.13
C ASN A 234 -25.94 -0.12 0.67
N ALA A 235 -25.39 -1.32 0.72
CA ALA A 235 -24.16 -1.55 1.47
C ALA A 235 -22.96 -0.94 0.77
N GLU A 236 -22.90 -1.08 -0.55
CA GLU A 236 -21.78 -0.55 -1.31
C GLU A 236 -21.84 0.96 -1.43
N ASN A 237 -23.05 1.54 -1.45
CA ASN A 237 -23.19 2.99 -1.50
C ASN A 237 -22.75 3.55 -0.15
N GLU A 238 -23.09 2.82 0.90
CA GLU A 238 -22.74 3.20 2.26
C GLU A 238 -21.22 3.13 2.45
N TYR A 239 -20.61 2.10 1.88
CA TYR A 239 -19.17 1.90 1.97
C TYR A 239 -18.45 3.03 1.23
N GLN A 240 -18.87 3.24 -0.03
CA GLN A 240 -18.28 4.30 -0.83
C GLN A 240 -18.47 5.65 -0.14
N THR A 241 -19.66 5.86 0.40
CA THR A 241 -19.96 7.11 1.08
C THR A 241 -19.02 7.35 2.26
N ALA A 242 -18.81 6.31 3.07
CA ALA A 242 -17.92 6.42 4.22
C ALA A 242 -16.48 6.70 3.78
N ILE A 243 -16.14 6.26 2.57
CA ILE A 243 -14.80 6.47 2.02
C ILE A 243 -14.58 7.92 1.59
N SER A 244 -15.56 8.51 0.91
CA SER A 244 -15.42 9.90 0.47
C SER A 244 -15.38 10.80 1.69
N GLU A 245 -16.10 10.41 2.74
CA GLU A 245 -16.13 11.18 3.98
C GLU A 245 -14.75 11.11 4.63
N ASN A 246 -14.20 9.89 4.70
CA ASN A 246 -12.88 9.69 5.29
C ASN A 246 -11.87 10.57 4.55
N TYR A 247 -11.98 10.61 3.23
CA TYR A 247 -11.08 11.44 2.44
C TYR A 247 -11.20 12.89 2.87
N GLN A 248 -12.43 13.32 3.12
CA GLN A 248 -12.69 14.69 3.52
C GLN A 248 -12.04 15.04 4.84
N THR A 249 -12.20 14.18 5.84
CA THR A 249 -11.61 14.43 7.15
C THR A 249 -10.08 14.38 7.10
N MET A 250 -9.54 13.37 6.44
CA MET A 250 -8.09 13.25 6.32
C MET A 250 -7.51 14.53 5.74
N SER A 251 -8.15 15.07 4.70
CA SER A 251 -7.65 16.27 4.05
C SER A 251 -7.89 17.58 4.81
N ASP A 252 -8.97 17.68 5.59
CA ASP A 252 -9.23 18.92 6.29
C ASP A 252 -8.96 18.92 7.80
N THR A 253 -8.61 17.75 8.33
CA THR A 253 -8.34 17.64 9.76
C THR A 253 -7.02 16.92 10.07
N THR A 254 -6.91 15.67 9.66
CA THR A 254 -5.70 14.89 9.93
C THR A 254 -4.45 15.46 9.26
N PHE A 255 -4.52 15.67 7.95
CA PHE A 255 -3.37 16.21 7.21
C PHE A 255 -2.87 17.54 7.76
N LYS A 256 -3.79 18.45 8.10
CA LYS A 256 -3.39 19.75 8.61
C LYS A 256 -2.81 19.65 10.02
N ALA A 257 -3.16 18.59 10.74
CA ALA A 257 -2.63 18.40 12.09
C ALA A 257 -1.20 17.85 12.05
N LEU A 258 -0.75 17.41 10.89
CA LEU A 258 0.60 16.88 10.79
C LEU A 258 1.62 18.00 10.61
N ARG A 259 1.69 18.58 9.41
CA ARG A 259 2.60 19.70 9.16
C ARG A 259 1.81 20.92 8.69
N ARG A 260 2.16 22.09 9.22
CA ARG A 260 1.52 23.34 8.85
C ARG A 260 1.95 23.63 7.43
N GLN A 261 1.27 24.59 6.81
CA GLN A 261 1.62 25.01 5.46
C GLN A 261 2.71 26.07 5.60
N LEU A 262 2.58 26.91 6.63
CA LEU A 262 3.56 27.97 6.95
C LEU A 262 3.86 27.93 8.45
N PRO A 263 5.05 28.42 8.85
CA PRO A 263 5.44 28.42 10.26
C PRO A 263 4.48 29.19 11.15
N VAL A 264 4.56 28.93 12.44
CA VAL A 264 3.72 29.61 13.41
C VAL A 264 4.03 31.11 13.28
N THR A 265 5.30 31.43 13.02
CA THR A 265 5.70 32.82 12.85
C THR A 265 5.00 33.45 11.65
N ARG A 266 4.34 32.61 10.85
CA ARG A 266 3.59 33.04 9.67
C ARG A 266 4.37 33.62 8.49
N THR A 267 5.66 33.33 8.44
CA THR A 267 6.53 33.78 7.37
C THR A 267 7.60 32.71 7.28
N LYS A 268 8.22 32.56 6.13
CA LYS A 268 9.25 31.53 6.04
C LYS A 268 10.31 31.77 7.12
N ILE A 269 11.02 30.70 7.47
CA ILE A 269 12.01 30.75 8.50
C ILE A 269 13.21 31.65 8.23
N ASP A 270 13.62 32.34 9.30
CA ASP A 270 14.78 33.21 9.26
C ASP A 270 15.89 32.35 9.85
N TRP A 271 16.59 31.64 8.98
CA TRP A 271 17.65 30.75 9.41
C TRP A 271 18.81 31.43 10.13
N ASN A 272 19.07 32.69 9.81
CA ASN A 272 20.17 33.38 10.48
C ASN A 272 19.78 33.55 11.94
N LYS A 273 18.49 33.74 12.17
CA LYS A 273 17.96 33.91 13.52
C LYS A 273 17.96 32.59 14.29
N ILE A 274 17.71 31.48 13.59
CA ILE A 274 17.71 30.19 14.25
C ILE A 274 19.12 29.78 14.64
N LEU A 275 20.10 30.16 13.82
CA LEU A 275 21.49 29.79 14.07
C LEU A 275 22.24 30.60 15.14
N SER A 276 21.58 31.57 15.76
CA SER A 276 22.24 32.36 16.80
C SER A 276 21.37 32.79 17.98
N TYR A 277 20.28 33.49 17.66
CA TYR A 277 19.29 34.00 18.64
C TYR A 277 18.61 33.03 19.60
N LYS A 278 18.99 33.19 20.88
CA LYS A 278 18.55 32.30 21.96
C LYS A 278 17.87 32.98 23.15
N ILE A 279 17.00 32.21 23.81
CA ILE A 279 16.19 32.68 24.92
C ILE A 279 17.12 33.04 26.06
N GLY A 280 18.24 32.33 26.05
CA GLY A 280 19.25 32.42 27.08
C GLY A 280 20.06 31.16 26.81
N LYS A 281 21.27 31.32 26.29
CA LYS A 281 22.16 30.18 26.09
C LYS A 281 21.42 29.11 25.29
N SER B 2 24.12 -7.30 -11.29
CA SER B 2 23.37 -7.13 -10.01
C SER B 2 22.93 -5.68 -9.79
N ASP B 3 23.31 -4.80 -10.71
CA ASP B 3 22.92 -3.40 -10.61
C ASP B 3 21.50 -3.33 -11.15
N GLN B 4 21.18 -4.25 -12.05
CA GLN B 4 19.84 -4.34 -12.62
C GLN B 4 19.00 -4.93 -11.51
N GLN B 5 19.63 -5.72 -10.65
CA GLN B 5 18.94 -6.35 -9.54
C GLN B 5 18.51 -5.27 -8.56
N LEU B 6 19.43 -4.40 -8.20
CA LEU B 6 19.12 -3.31 -7.29
C LEU B 6 18.01 -2.50 -7.94
N ASP B 7 18.16 -2.22 -9.23
CA ASP B 7 17.15 -1.47 -9.96
C ASP B 7 15.82 -2.20 -9.85
N CYS B 8 15.85 -3.51 -10.04
CA CYS B 8 14.63 -4.31 -9.95
C CYS B 8 14.09 -4.32 -8.53
N ALA B 9 14.98 -4.29 -7.55
CA ALA B 9 14.56 -4.30 -6.15
C ALA B 9 13.84 -3.01 -5.81
N LEU B 10 14.36 -1.90 -6.33
CA LEU B 10 13.76 -0.59 -6.07
C LEU B 10 12.42 -0.45 -6.79
N ASP B 11 12.32 -0.98 -8.00
CA ASP B 11 11.08 -0.92 -8.76
C ASP B 11 10.00 -1.70 -8.00
N LEU B 12 10.38 -2.87 -7.49
CA LEU B 12 9.45 -3.71 -6.74
C LEU B 12 8.87 -2.99 -5.52
N MET B 13 9.73 -2.32 -4.76
CA MET B 13 9.28 -1.60 -3.57
C MET B 13 8.43 -0.40 -3.96
N ARG B 14 8.54 0.02 -5.21
CA ARG B 14 7.75 1.13 -5.70
C ARG B 14 6.36 0.61 -6.12
N ARG B 15 6.14 -0.71 -6.00
CA ARG B 15 4.85 -1.30 -6.39
C ARG B 15 4.13 -2.09 -5.30
N LEU B 16 4.88 -2.77 -4.44
CA LEU B 16 4.22 -3.52 -3.37
C LEU B 16 3.65 -2.50 -2.40
N PRO B 17 2.56 -2.87 -1.69
CA PRO B 17 1.91 -1.99 -0.72
C PRO B 17 2.93 -1.38 0.24
N PRO B 18 3.05 -0.05 0.26
CA PRO B 18 4.02 0.59 1.16
C PRO B 18 3.71 0.28 2.62
N GLN B 19 2.47 -0.10 2.90
CA GLN B 19 2.07 -0.43 4.26
C GLN B 19 2.89 -1.60 4.84
N GLN B 20 3.43 -2.46 3.97
CA GLN B 20 4.24 -3.60 4.44
C GLN B 20 5.71 -3.49 4.05
N ILE B 21 6.23 -2.27 3.94
CA ILE B 21 7.63 -2.10 3.54
C ILE B 21 8.58 -2.92 4.41
N GLU B 22 8.37 -2.88 5.73
CA GLU B 22 9.23 -3.61 6.66
C GLU B 22 9.32 -5.11 6.40
N LYS B 23 8.18 -5.78 6.37
CA LYS B 23 8.16 -7.22 6.10
C LYS B 23 8.71 -7.51 4.70
N ASN B 24 8.25 -6.78 3.70
CA ASN B 24 8.72 -7.01 2.34
C ASN B 24 10.22 -6.76 2.10
N LEU B 25 10.76 -5.74 2.75
CA LEU B 25 12.19 -5.41 2.58
C LEU B 25 13.03 -6.55 3.16
N SER B 26 12.58 -7.06 4.30
CA SER B 26 13.24 -8.16 4.97
C SER B 26 13.25 -9.38 4.04
N ASP B 27 12.09 -9.68 3.47
CA ASP B 27 11.97 -10.81 2.55
C ASP B 27 12.83 -10.57 1.33
N LEU B 28 12.84 -9.34 0.85
CA LEU B 28 13.63 -9.00 -0.31
C LEU B 28 15.11 -9.29 -0.03
N ILE B 29 15.54 -9.03 1.21
CA ILE B 29 16.93 -9.29 1.59
C ILE B 29 17.19 -10.80 1.67
N ASP B 30 16.20 -11.56 2.15
CA ASP B 30 16.32 -13.02 2.25
C ASP B 30 16.57 -13.54 0.85
N LEU B 31 15.83 -12.99 -0.11
CA LEU B 31 15.92 -13.37 -1.51
C LEU B 31 17.25 -13.00 -2.15
N VAL B 32 17.81 -11.85 -1.77
CA VAL B 32 19.08 -11.41 -2.34
C VAL B 32 19.99 -10.81 -1.25
N PRO B 33 20.50 -11.66 -0.34
CA PRO B 33 21.38 -11.28 0.78
C PRO B 33 22.59 -10.42 0.48
N SER B 34 23.06 -10.43 -0.77
CA SER B 34 24.22 -9.62 -1.12
C SER B 34 23.86 -8.15 -1.28
N LEU B 35 22.56 -7.89 -1.46
CA LEU B 35 22.08 -6.51 -1.64
C LEU B 35 21.60 -5.89 -0.34
N CYS B 36 21.77 -6.60 0.76
CA CYS B 36 21.33 -6.13 2.07
C CYS B 36 21.75 -4.71 2.42
N GLU B 37 23.05 -4.42 2.30
CA GLU B 37 23.54 -3.09 2.62
C GLU B 37 22.97 -2.04 1.67
N ASP B 38 22.96 -2.35 0.37
CA ASP B 38 22.45 -1.40 -0.62
C ASP B 38 20.96 -1.11 -0.45
N LEU B 39 20.20 -2.11 -0.03
CA LEU B 39 18.76 -1.93 0.15
C LEU B 39 18.44 -1.17 1.43
N LEU B 40 19.18 -1.47 2.49
CA LEU B 40 18.95 -0.78 3.74
C LEU B 40 19.23 0.71 3.58
N SER B 41 20.09 1.07 2.63
CA SER B 41 20.39 2.48 2.47
C SER B 41 19.54 3.16 1.40
N SER B 42 19.05 2.41 0.43
CA SER B 42 18.25 3.02 -0.63
C SER B 42 16.73 2.88 -0.49
N VAL B 43 16.27 1.97 0.37
CA VAL B 43 14.83 1.78 0.57
C VAL B 43 14.33 2.48 1.84
N ASP B 44 13.54 3.52 1.65
CA ASP B 44 12.99 4.28 2.75
C ASP B 44 11.95 3.45 3.49
N GLN B 45 12.05 3.42 4.81
CA GLN B 45 11.05 2.69 5.58
C GLN B 45 10.47 3.56 6.70
N PRO B 46 9.24 3.25 7.13
CA PRO B 46 8.60 4.01 8.20
C PRO B 46 9.64 4.29 9.28
N LEU B 47 9.67 5.51 9.79
CA LEU B 47 10.67 5.87 10.80
C LEU B 47 10.36 5.29 12.18
N LYS B 48 11.37 4.69 12.78
CA LYS B 48 11.26 4.10 14.12
C LYS B 48 11.86 5.04 15.15
N ILE B 49 11.22 5.11 16.31
CA ILE B 49 11.67 5.95 17.42
C ILE B 49 12.41 5.07 18.41
N ALA B 50 13.46 5.64 19.00
CA ALA B 50 14.26 4.95 20.00
C ALA B 50 14.43 5.95 21.15
N ARG B 51 14.61 5.43 22.35
CA ARG B 51 14.74 6.31 23.50
C ARG B 51 16.18 6.41 23.99
N ASP B 52 16.67 7.64 24.10
CA ASP B 52 18.02 7.84 24.61
C ASP B 52 17.76 7.94 26.10
N LYS B 53 18.20 6.92 26.83
CA LYS B 53 18.00 6.86 28.28
C LYS B 53 18.81 7.88 29.07
N VAL B 54 20.08 8.04 28.73
CA VAL B 54 20.93 8.99 29.46
C VAL B 54 20.43 10.43 29.39
N VAL B 55 19.80 10.79 28.28
CA VAL B 55 19.29 12.16 28.09
C VAL B 55 17.77 12.26 28.23
N GLY B 56 17.09 11.12 28.21
CA GLY B 56 15.64 11.12 28.34
C GLY B 56 14.96 11.75 27.13
N LYS B 57 15.48 11.48 25.94
CA LYS B 57 14.91 12.03 24.71
C LYS B 57 14.87 11.01 23.57
N ASP B 58 13.81 11.08 22.78
CA ASP B 58 13.65 10.16 21.65
C ASP B 58 14.51 10.65 20.49
N TYR B 59 14.87 9.72 19.63
CA TYR B 59 15.63 10.02 18.43
C TYR B 59 15.13 9.04 17.39
N LEU B 60 15.35 9.34 16.12
CA LEU B 60 14.87 8.50 15.03
C LEU B 60 15.94 7.59 14.43
N LEU B 61 15.50 6.43 13.97
CA LEU B 61 16.42 5.46 13.40
C LEU B 61 16.42 5.42 11.87
N CYS B 62 17.60 5.26 11.31
CA CYS B 62 17.76 5.14 9.86
C CYS B 62 19.10 4.46 9.61
N ASP B 63 19.33 4.09 8.36
CA ASP B 63 20.56 3.41 7.98
C ASP B 63 21.79 4.28 8.24
N TYR B 64 21.62 5.59 8.21
CA TYR B 64 22.72 6.52 8.39
C TYR B 64 23.28 6.72 9.79
N ASN B 65 22.57 6.26 10.82
CA ASN B 65 23.11 6.37 12.18
C ASN B 65 23.24 4.97 12.74
N ARG B 66 23.25 3.99 11.83
CA ARG B 66 23.36 2.58 12.20
C ARG B 66 24.75 2.02 11.96
N ASP B 67 25.17 1.14 12.87
CA ASP B 67 26.46 0.46 12.72
C ASP B 67 26.17 -0.97 13.18
N GLY B 68 26.16 -1.90 12.23
CA GLY B 68 25.83 -3.26 12.57
C GLY B 68 24.39 -3.32 13.04
N ASP B 69 24.18 -3.83 14.25
CA ASP B 69 22.84 -3.96 14.83
C ASP B 69 22.49 -2.86 15.83
N SER B 70 23.32 -1.82 15.93
CA SER B 70 23.08 -0.72 16.85
C SER B 70 22.89 0.63 16.15
N TYR B 71 22.31 1.58 16.87
CA TYR B 71 22.08 2.92 16.32
C TYR B 71 22.66 3.98 17.25
N ARG B 72 23.19 5.05 16.65
CA ARG B 72 23.81 6.14 17.41
C ARG B 72 22.82 7.24 17.74
N SER B 73 22.73 7.61 19.02
CA SER B 73 21.84 8.69 19.42
C SER B 73 22.47 10.02 19.04
N PRO B 74 21.66 10.96 18.52
CA PRO B 74 22.19 12.26 18.13
C PRO B 74 22.36 13.16 19.35
N TRP B 75 21.82 12.73 20.48
CA TRP B 75 21.91 13.49 21.71
C TRP B 75 23.17 13.18 22.51
N SER B 76 23.36 11.90 22.83
CA SER B 76 24.52 11.49 23.62
C SER B 76 25.70 10.97 22.79
N ASN B 77 25.49 10.87 21.48
CA ASN B 77 26.51 10.37 20.57
C ASN B 77 26.99 8.97 20.99
N LYS B 78 26.07 8.19 21.54
CA LYS B 78 26.34 6.83 21.99
C LYS B 78 25.46 5.82 21.25
N TYR B 79 25.97 4.60 21.09
CA TYR B 79 25.24 3.52 20.42
C TYR B 79 24.37 2.68 21.32
N ASP B 80 23.24 2.23 20.77
CA ASP B 80 22.33 1.37 21.50
C ASP B 80 21.71 0.40 20.52
N PRO B 81 21.78 -0.92 20.83
CA PRO B 81 22.44 -1.43 22.03
C PRO B 81 23.93 -1.07 22.06
N PRO B 82 24.55 -1.09 23.24
CA PRO B 82 25.97 -0.74 23.39
C PRO B 82 26.96 -1.45 22.47
N LEU B 83 27.87 -0.65 21.91
CA LEU B 83 28.93 -1.12 21.01
C LEU B 83 30.26 -0.65 21.59
N GLU B 84 31.35 -1.28 21.17
CA GLU B 84 32.67 -0.92 21.66
C GLU B 84 33.34 0.20 20.88
N ASP B 85 33.53 0.01 19.58
CA ASP B 85 34.18 1.01 18.72
C ASP B 85 33.29 1.41 17.54
N GLY B 86 32.07 1.83 17.84
CA GLY B 86 31.15 2.23 16.78
C GLY B 86 31.59 3.44 15.97
N ALA B 87 31.17 3.48 14.71
CA ALA B 87 31.51 4.58 13.82
C ALA B 87 30.96 5.90 14.39
N MET B 88 31.85 6.89 14.51
CA MET B 88 31.48 8.19 15.04
C MET B 88 31.96 9.30 14.11
N PRO B 89 31.22 10.42 14.08
CA PRO B 89 31.71 11.47 13.19
C PRO B 89 32.95 12.06 13.88
N SER B 90 33.74 12.82 13.13
CA SER B 90 34.92 13.43 13.74
C SER B 90 34.41 14.44 14.79
N ALA B 91 35.28 14.83 15.72
CA ALA B 91 34.89 15.78 16.76
C ALA B 91 34.35 17.08 16.17
N ARG B 92 34.97 17.53 15.08
CA ARG B 92 34.56 18.76 14.41
C ARG B 92 33.23 18.63 13.66
N LEU B 93 32.98 17.47 13.06
CA LEU B 93 31.72 17.23 12.37
C LEU B 93 30.63 17.02 13.42
N ARG B 94 30.97 16.32 14.51
CA ARG B 94 30.03 16.11 15.59
C ARG B 94 29.48 17.45 16.10
N LYS B 95 30.36 18.44 16.24
CA LYS B 95 29.94 19.77 16.71
C LYS B 95 28.91 20.38 15.75
N LEU B 96 29.18 20.27 14.45
CA LEU B 96 28.26 20.77 13.44
C LEU B 96 26.96 19.96 13.51
N GLU B 97 27.09 18.68 13.85
CA GLU B 97 25.92 17.79 13.94
C GLU B 97 25.02 18.23 15.09
N VAL B 98 25.64 18.64 16.19
CA VAL B 98 24.90 19.10 17.36
C VAL B 98 24.12 20.34 16.98
N GLU B 99 24.80 21.25 16.30
CA GLU B 99 24.18 22.50 15.86
C GLU B 99 23.06 22.24 14.82
N ALA B 100 23.25 21.27 13.93
CA ALA B 100 22.22 20.97 12.94
C ALA B 100 20.98 20.40 13.66
N ASN B 101 21.21 19.54 14.64
CA ASN B 101 20.08 18.99 15.40
C ASN B 101 19.31 20.10 16.10
N ASN B 102 20.04 21.04 16.69
CA ASN B 102 19.37 22.13 17.40
C ASN B 102 18.57 23.02 16.43
N ALA B 103 19.16 23.33 15.28
CA ALA B 103 18.49 24.17 14.28
C ALA B 103 17.21 23.51 13.74
N PHE B 104 17.29 22.22 13.44
CA PHE B 104 16.13 21.51 12.92
C PHE B 104 15.07 21.19 13.96
N ASP B 105 15.46 21.20 15.23
CA ASP B 105 14.52 21.02 16.33
C ASP B 105 13.60 22.24 16.29
N GLN B 106 14.19 23.41 16.07
CA GLN B 106 13.41 24.65 15.99
C GLN B 106 12.58 24.61 14.72
N TYR B 107 13.18 24.17 13.62
CA TYR B 107 12.47 24.04 12.35
C TYR B 107 11.25 23.13 12.54
N ARG B 108 11.46 22.00 13.21
CA ARG B 108 10.37 21.04 13.45
C ARG B 108 9.23 21.66 14.27
N ASP B 109 9.57 22.32 15.36
CA ASP B 109 8.56 22.94 16.21
C ASP B 109 7.78 24.02 15.48
N LEU B 110 8.46 24.79 14.64
CA LEU B 110 7.83 25.87 13.87
C LEU B 110 6.86 25.40 12.80
N TYR B 111 7.18 24.30 12.13
CA TYR B 111 6.31 23.76 11.08
C TYR B 111 5.40 22.60 11.49
N PHE B 112 5.83 21.80 12.46
CA PHE B 112 5.05 20.64 12.89
C PHE B 112 4.47 20.77 14.31
N GLU B 113 4.96 21.75 15.06
CA GLU B 113 4.51 21.96 16.44
C GLU B 113 4.50 20.67 17.27
N GLY B 114 5.55 19.88 17.16
CA GLY B 114 5.64 18.64 17.91
C GLY B 114 6.41 17.62 17.12
N GLY B 115 6.25 16.34 17.46
CA GLY B 115 6.96 15.30 16.75
C GLY B 115 8.41 15.20 17.19
N VAL B 116 9.21 14.45 16.44
CA VAL B 116 10.61 14.24 16.76
C VAL B 116 11.48 14.48 15.52
N SER B 117 12.69 14.97 15.72
CA SER B 117 13.62 15.20 14.61
C SER B 117 14.99 14.67 14.99
N SER B 118 15.80 14.32 13.99
CA SER B 118 17.13 13.80 14.23
C SER B 118 17.96 14.08 12.99
N VAL B 119 19.19 14.54 13.18
CA VAL B 119 20.09 14.85 12.08
C VAL B 119 21.40 14.09 12.34
N TYR B 120 21.89 13.41 11.31
CA TYR B 120 23.13 12.68 11.41
C TYR B 120 23.96 13.11 10.22
N LEU B 121 25.24 13.36 10.47
CA LEU B 121 26.15 13.79 9.43
C LEU B 121 27.31 12.81 9.26
N TRP B 122 27.98 12.90 8.12
CA TRP B 122 29.16 12.07 7.85
C TRP B 122 30.04 12.77 6.83
N ASP B 123 31.35 12.60 6.96
CA ASP B 123 32.30 13.23 6.04
C ASP B 123 32.42 12.50 4.71
N LEU B 124 32.72 13.27 3.67
CA LEU B 124 32.93 12.72 2.33
C LEU B 124 34.33 13.13 1.91
N ASP B 125 34.75 12.74 0.72
CA ASP B 125 36.08 13.09 0.22
C ASP B 125 36.33 14.59 0.11
N HIS B 126 35.43 15.30 -0.57
CA HIS B 126 35.59 16.75 -0.72
C HIS B 126 34.36 17.50 -0.24
N GLY B 127 33.78 17.03 0.86
CA GLY B 127 32.62 17.67 1.42
C GLY B 127 32.06 16.81 2.53
N PHE B 128 30.75 16.84 2.71
CA PHE B 128 30.12 16.03 3.72
C PHE B 128 28.66 15.81 3.36
N ALA B 129 28.00 14.90 4.08
CA ALA B 129 26.60 14.62 3.81
C ALA B 129 25.86 14.53 5.13
N GLY B 130 24.54 14.50 5.04
CA GLY B 130 23.76 14.40 6.26
C GLY B 130 22.34 13.96 5.95
N VAL B 131 21.64 13.49 6.97
CA VAL B 131 20.26 13.09 6.79
C VAL B 131 19.49 13.82 7.86
N ILE B 132 18.34 14.38 7.48
CA ILE B 132 17.46 15.07 8.41
C ILE B 132 16.19 14.23 8.49
N LEU B 133 15.87 13.79 9.71
CA LEU B 133 14.72 12.96 9.94
C LEU B 133 13.68 13.68 10.79
N ILE B 134 12.41 13.60 10.37
CA ILE B 134 11.32 14.21 11.11
C ILE B 134 10.13 13.27 11.14
N LYS B 135 9.57 13.08 12.32
CA LYS B 135 8.40 12.22 12.45
C LYS B 135 7.38 12.97 13.29
N LYS B 136 6.15 13.03 12.79
CA LYS B 136 5.06 13.70 13.48
C LYS B 136 3.78 12.86 13.34
N ALA B 137 3.25 12.42 14.48
CA ALA B 137 2.04 11.62 14.54
C ALA B 137 0.90 12.49 15.09
N GLY B 138 -0.28 12.39 14.50
CA GLY B 138 -1.40 13.22 14.94
C GLY B 138 -2.10 12.77 16.21
N ASP B 139 -3.21 13.44 16.52
CA ASP B 139 -4.04 13.14 17.69
C ASP B 139 -4.38 11.66 17.80
N GLY B 140 -3.83 11.00 18.82
CA GLY B 140 -4.10 9.59 18.99
C GLY B 140 -5.51 9.31 19.47
N SER B 141 -6.29 10.37 19.70
CA SER B 141 -7.66 10.22 20.19
C SER B 141 -8.69 10.25 19.06
N LYS B 142 -8.28 10.67 17.87
CA LYS B 142 -9.22 10.75 16.76
C LYS B 142 -9.38 9.47 15.93
N LYS B 143 -10.60 9.30 15.43
CA LYS B 143 -10.99 8.16 14.61
C LYS B 143 -9.96 7.88 13.51
N ILE B 144 -9.39 8.93 12.96
CA ILE B 144 -8.41 8.77 11.88
C ILE B 144 -7.00 9.07 12.36
N LYS B 145 -6.10 8.11 12.16
CA LYS B 145 -4.70 8.24 12.55
C LYS B 145 -3.88 8.72 11.35
N GLY B 146 -2.85 9.50 11.65
CA GLY B 146 -2.00 10.03 10.59
C GLY B 146 -0.58 10.15 11.08
N CYS B 147 0.38 9.98 10.17
CA CYS B 147 1.79 10.09 10.52
C CYS B 147 2.57 10.59 9.31
N TRP B 148 3.47 11.54 9.59
CA TRP B 148 4.32 12.14 8.58
C TRP B 148 5.76 11.79 8.89
N ASP B 149 6.45 11.24 7.90
CA ASP B 149 7.85 10.88 8.04
C ASP B 149 8.65 11.66 7.01
N SER B 150 9.58 12.50 7.46
CA SER B 150 10.44 13.25 6.54
C SER B 150 11.82 12.59 6.52
N ILE B 151 12.36 12.36 5.33
CA ILE B 151 13.68 11.76 5.18
C ILE B 151 14.43 12.58 4.14
N HIS B 152 15.30 13.46 4.61
CA HIS B 152 16.08 14.34 3.74
C HIS B 152 17.54 13.95 3.75
N VAL B 153 18.09 13.66 2.58
CA VAL B 153 19.50 13.31 2.49
C VAL B 153 20.15 14.37 1.63
N VAL B 154 21.12 15.08 2.21
CA VAL B 154 21.80 16.14 1.50
C VAL B 154 23.29 15.86 1.37
N GLU B 155 23.82 16.15 0.19
CA GLU B 155 25.24 15.97 -0.10
C GLU B 155 25.79 17.35 -0.37
N VAL B 156 26.85 17.72 0.33
CA VAL B 156 27.45 19.02 0.14
C VAL B 156 28.85 18.92 -0.47
N GLN B 157 28.99 19.50 -1.67
CA GLN B 157 30.27 19.51 -2.37
C GLN B 157 30.91 20.86 -2.11
N GLU B 158 31.97 20.86 -1.32
CA GLU B 158 32.66 22.09 -0.98
C GLU B 158 33.67 22.46 -2.06
N LYS B 159 33.72 23.75 -2.39
CA LYS B 159 34.63 24.24 -3.40
C LYS B 159 35.93 24.74 -2.80
N SER B 160 37.05 24.29 -3.36
CA SER B 160 38.37 24.70 -2.89
C SER B 160 38.43 26.20 -2.72
N SER B 161 38.21 26.91 -3.82
CA SER B 161 38.21 28.36 -3.80
C SER B 161 36.80 28.89 -4.01
N GLY B 162 36.35 29.78 -3.14
CA GLY B 162 35.03 30.35 -3.32
C GLY B 162 34.06 30.48 -2.16
N ARG B 163 33.92 29.44 -1.36
CA ARG B 163 32.92 29.46 -0.29
C ARG B 163 31.61 29.74 -1.00
N THR B 164 31.30 28.76 -1.83
CA THR B 164 30.12 28.64 -2.64
C THR B 164 30.20 27.13 -2.63
N ALA B 165 29.07 26.46 -2.44
CA ALA B 165 29.12 25.00 -2.39
C ALA B 165 28.03 24.43 -3.26
N HIS B 166 28.17 23.15 -3.59
CA HIS B 166 27.15 22.51 -4.38
C HIS B 166 26.32 21.65 -3.44
N TYR B 167 25.01 21.88 -3.42
CA TYR B 167 24.12 21.11 -2.57
C TYR B 167 23.22 20.23 -3.42
N LYS B 168 23.12 18.96 -3.04
CA LYS B 168 22.24 18.00 -3.72
C LYS B 168 21.34 17.44 -2.63
N LEU B 169 20.04 17.72 -2.73
CA LEU B 169 19.08 17.26 -1.75
C LEU B 169 18.07 16.28 -2.35
N THR B 170 17.97 15.10 -1.76
CA THR B 170 17.01 14.10 -2.20
C THR B 170 16.11 13.92 -1.01
N SER B 171 14.84 14.26 -1.19
CA SER B 171 13.87 14.20 -0.11
C SER B 171 12.68 13.28 -0.34
N THR B 172 12.28 12.59 0.73
CA THR B 172 11.12 11.72 0.67
C THR B 172 10.22 12.00 1.87
N VAL B 173 8.94 12.19 1.60
CA VAL B 173 7.99 12.38 2.68
C VAL B 173 7.06 11.16 2.62
N MET B 174 6.97 10.44 3.72
CA MET B 174 6.10 9.28 3.81
C MET B 174 4.90 9.75 4.62
N LEU B 175 3.72 9.65 4.02
CA LEU B 175 2.48 10.06 4.67
C LEU B 175 1.58 8.84 4.82
N TRP B 176 1.23 8.55 6.07
CA TRP B 176 0.39 7.42 6.42
C TRP B 176 -0.91 7.87 7.06
N LEU B 177 -2.02 7.36 6.55
CA LEU B 177 -3.35 7.70 7.06
C LEU B 177 -4.10 6.38 7.21
N GLN B 178 -4.76 6.18 8.35
CA GLN B 178 -5.50 4.96 8.60
C GLN B 178 -6.73 5.18 9.47
N THR B 179 -7.77 4.39 9.23
CA THR B 179 -9.00 4.50 10.00
C THR B 179 -9.73 3.16 10.09
N ASN B 180 -10.26 2.86 11.28
CA ASN B 180 -11.02 1.64 11.54
C ASN B 180 -12.41 2.06 11.99
N LYS B 181 -13.23 2.53 11.05
CA LYS B 181 -14.59 2.96 11.37
C LYS B 181 -15.61 2.04 10.73
N THR B 182 -16.69 1.78 11.47
CA THR B 182 -17.77 0.91 11.03
C THR B 182 -18.08 1.05 9.54
N GLY B 183 -18.49 2.25 9.14
CA GLY B 183 -18.85 2.50 7.75
C GLY B 183 -17.78 2.28 6.70
N SER B 184 -16.51 2.35 7.08
CA SER B 184 -15.44 2.17 6.12
C SER B 184 -14.63 0.90 6.34
N GLY B 185 -14.89 0.20 7.42
CA GLY B 185 -14.12 -1.00 7.72
C GLY B 185 -12.71 -0.53 7.96
N THR B 186 -11.74 -1.09 7.23
CA THR B 186 -10.37 -0.63 7.39
C THR B 186 -9.98 0.10 6.12
N MET B 187 -9.56 1.35 6.28
CA MET B 187 -9.14 2.17 5.16
C MET B 187 -7.72 2.66 5.43
N ASN B 188 -6.79 2.32 4.54
CA ASN B 188 -5.41 2.72 4.71
C ASN B 188 -4.93 3.46 3.45
N LEU B 189 -4.58 4.72 3.63
CA LEU B 189 -4.08 5.53 2.52
C LEU B 189 -2.65 5.92 2.89
N GLY B 190 -1.67 5.28 2.27
CA GLY B 190 -0.30 5.58 2.65
C GLY B 190 0.74 5.43 1.57
N GLY B 191 1.98 5.71 1.94
CA GLY B 191 3.07 5.63 0.98
C GLY B 191 3.95 6.85 1.07
N SER B 192 4.50 7.26 -0.06
CA SER B 192 5.40 8.40 -0.03
C SER B 192 5.67 8.97 -1.40
N LEU B 193 6.22 10.17 -1.42
CA LEU B 193 6.58 10.87 -2.64
C LEU B 193 8.02 11.33 -2.48
N THR B 194 8.79 11.30 -3.57
CA THR B 194 10.19 11.68 -3.52
C THR B 194 10.47 12.77 -4.53
N ARG B 195 11.32 13.72 -4.13
CA ARG B 195 11.69 14.79 -5.02
C ARG B 195 13.18 15.04 -4.81
N GLN B 196 13.84 15.53 -5.87
CA GLN B 196 15.26 15.81 -5.79
C GLN B 196 15.53 17.23 -6.27
N MET B 197 16.58 17.83 -5.73
CA MET B 197 16.92 19.20 -6.05
C MET B 197 18.43 19.38 -5.90
N GLU B 198 19.00 20.23 -6.75
CA GLU B 198 20.44 20.53 -6.73
C GLU B 198 20.63 22.02 -6.96
N LYS B 199 21.56 22.63 -6.25
CA LYS B 199 21.79 24.05 -6.39
C LYS B 199 23.19 24.50 -5.94
N ASP B 200 23.74 25.47 -6.63
CA ASP B 200 25.04 26.02 -6.26
C ASP B 200 24.67 27.19 -5.39
N GLU B 201 25.36 27.36 -4.27
CA GLU B 201 25.03 28.42 -3.34
C GLU B 201 26.22 29.05 -2.62
N THR B 202 26.07 30.32 -2.29
CA THR B 202 27.11 31.04 -1.57
C THR B 202 27.10 30.62 -0.10
N VAL B 203 28.28 30.39 0.45
CA VAL B 203 28.40 30.03 1.85
C VAL B 203 29.16 31.16 2.53
N SER B 204 28.54 31.77 3.53
CA SER B 204 29.13 32.89 4.26
C SER B 204 28.78 32.83 5.74
N ASP B 205 29.29 33.78 6.52
CA ASP B 205 29.01 33.82 7.95
C ASP B 205 27.52 34.05 8.22
N SER B 206 26.86 34.82 7.37
CA SER B 206 25.44 35.09 7.54
C SER B 206 24.60 34.00 6.88
N SER B 207 25.21 33.22 6.00
CA SER B 207 24.50 32.13 5.34
C SER B 207 25.37 30.86 5.30
N PRO B 208 25.64 30.27 6.47
CA PRO B 208 26.46 29.06 6.58
C PRO B 208 25.76 27.81 6.04
N HIS B 209 26.46 26.68 6.10
CA HIS B 209 25.93 25.43 5.61
C HIS B 209 24.52 25.07 6.13
N ILE B 210 24.30 25.21 7.43
CA ILE B 210 23.01 24.85 8.01
C ILE B 210 21.90 25.73 7.44
N ALA B 211 22.16 27.03 7.29
CA ALA B 211 21.14 27.91 6.73
C ALA B 211 20.80 27.47 5.30
N ASN B 212 21.82 27.16 4.50
CA ASN B 212 21.57 26.75 3.11
C ASN B 212 20.79 25.44 3.06
N ILE B 213 21.19 24.47 3.89
CA ILE B 213 20.52 23.19 3.92
C ILE B 213 19.08 23.41 4.43
N GLY B 214 18.95 24.23 5.47
CA GLY B 214 17.63 24.54 6.03
C GLY B 214 16.67 25.12 5.00
N ARG B 215 17.14 26.12 4.24
CA ARG B 215 16.32 26.74 3.21
C ARG B 215 15.89 25.74 2.15
N LEU B 216 16.79 24.85 1.78
CA LEU B 216 16.48 23.83 0.79
C LEU B 216 15.44 22.84 1.36
N VAL B 217 15.66 22.38 2.58
CA VAL B 217 14.72 21.47 3.23
C VAL B 217 13.32 22.09 3.30
N GLU B 218 13.26 23.33 3.79
CA GLU B 218 12.00 24.07 3.92
C GLU B 218 11.27 24.19 2.60
N ASP B 219 11.97 24.63 1.56
CA ASP B 219 11.35 24.78 0.23
C ASP B 219 10.87 23.42 -0.27
N MET B 220 11.70 22.41 -0.07
CA MET B 220 11.39 21.06 -0.49
C MET B 220 10.12 20.55 0.21
N GLU B 221 10.08 20.66 1.53
CA GLU B 221 8.91 20.19 2.26
C GLU B 221 7.64 20.96 1.95
N ASN B 222 7.74 22.27 1.70
CA ASN B 222 6.56 23.05 1.36
C ASN B 222 6.00 22.60 0.02
N LYS B 223 6.89 22.26 -0.90
CA LYS B 223 6.49 21.80 -2.22
C LYS B 223 5.89 20.40 -2.15
N ILE B 224 6.53 19.52 -1.39
CA ILE B 224 6.04 18.16 -1.26
C ILE B 224 4.70 18.12 -0.50
N ARG B 225 4.50 19.05 0.42
CA ARG B 225 3.24 19.09 1.19
C ARG B 225 2.07 19.37 0.23
N SER B 226 2.30 20.25 -0.74
CA SER B 226 1.28 20.62 -1.71
C SER B 226 0.97 19.43 -2.62
N THR B 227 2.01 18.77 -3.10
CA THR B 227 1.88 17.61 -3.96
C THR B 227 1.18 16.47 -3.24
N LEU B 228 1.50 16.28 -1.96
CA LEU B 228 0.88 15.24 -1.16
C LEU B 228 -0.62 15.48 -1.06
N ASN B 229 -1.00 16.72 -0.75
CA ASN B 229 -2.40 17.07 -0.65
C ASN B 229 -3.10 16.78 -1.97
N GLU B 230 -2.48 17.17 -3.07
CA GLU B 230 -3.03 16.92 -4.40
C GLU B 230 -3.18 15.44 -4.72
N ILE B 231 -2.09 14.69 -4.61
CA ILE B 231 -2.11 13.26 -4.93
C ILE B 231 -3.00 12.42 -4.00
N TYR B 232 -2.78 12.52 -2.70
CA TYR B 232 -3.57 11.74 -1.75
C TYR B 232 -5.07 12.05 -1.74
N PHE B 233 -5.41 13.31 -1.48
CA PHE B 233 -6.80 13.72 -1.38
C PHE B 233 -7.42 14.17 -2.68
N GLY B 234 -6.58 14.33 -3.70
CA GLY B 234 -7.10 14.73 -4.99
C GLY B 234 -7.12 13.54 -5.95
N LYS B 235 -5.94 13.16 -6.43
CA LYS B 235 -5.84 12.07 -7.41
C LYS B 235 -6.34 10.68 -6.99
N THR B 236 -5.94 10.15 -5.84
CA THR B 236 -6.43 8.81 -5.52
C THR B 236 -7.95 8.81 -5.30
N LYS B 237 -8.50 9.94 -4.88
CA LYS B 237 -9.94 10.04 -4.65
C LYS B 237 -10.64 9.99 -6.00
N ASP B 238 -10.10 10.71 -6.97
CA ASP B 238 -10.67 10.74 -8.31
C ASP B 238 -10.61 9.36 -8.96
N ILE B 239 -9.55 8.60 -8.70
CA ILE B 239 -9.44 7.28 -9.29
C ILE B 239 -10.52 6.42 -8.65
N VAL B 240 -10.74 6.62 -7.36
CA VAL B 240 -11.76 5.89 -6.62
C VAL B 240 -13.16 6.18 -7.20
N ASN B 241 -13.42 7.43 -7.52
CA ASN B 241 -14.73 7.79 -8.07
C ASN B 241 -14.91 7.31 -9.50
N GLY B 242 -13.80 6.89 -10.13
CA GLY B 242 -13.87 6.39 -11.49
C GLY B 242 -14.11 4.89 -11.51
N LEU B 243 -13.97 4.25 -10.35
CA LEU B 243 -14.18 2.81 -10.24
C LEU B 243 -15.65 2.50 -10.01
N ARG B 244 -16.31 3.40 -9.27
CA ARG B 244 -17.73 3.24 -8.96
C ARG B 244 -18.36 4.60 -8.77
N SER B 245 -19.69 4.63 -8.86
CA SER B 245 -20.45 5.87 -8.69
C SER B 245 -21.70 5.53 -7.90
N ILE B 246 -22.01 6.34 -6.89
CA ILE B 246 -23.18 6.09 -6.07
C ILE B 246 -24.46 6.36 -6.86
N ASP B 247 -24.45 7.41 -7.66
CA ASP B 247 -25.60 7.74 -8.46
C ASP B 247 -25.56 6.92 -9.74
N ALA B 248 -26.72 6.49 -10.20
CA ALA B 248 -26.80 5.70 -11.42
C ALA B 248 -26.13 6.47 -12.54
N ILE B 249 -25.20 5.82 -13.23
CA ILE B 249 -24.49 6.44 -14.33
C ILE B 249 -25.33 6.39 -15.59
N PRO B 250 -25.80 7.54 -16.08
CA PRO B 250 -26.61 7.56 -17.30
C PRO B 250 -25.93 6.71 -18.35
N ASP B 251 -26.35 5.45 -18.46
CA ASP B 251 -25.83 4.52 -19.46
C ASP B 251 -25.91 5.08 -20.88
N ASN B 252 -24.88 4.81 -21.67
CA ASN B 252 -24.88 5.29 -23.04
C ASN B 252 -24.71 4.19 -24.07
N GLN B 253 -25.76 4.02 -24.86
CA GLN B 253 -25.88 2.91 -25.79
C GLN B 253 -25.12 3.26 -27.07
N LYS B 254 -25.23 4.53 -27.47
CA LYS B 254 -24.79 4.99 -28.78
C LYS B 254 -23.33 4.64 -29.07
N TYR B 255 -22.42 5.10 -28.23
CA TYR B 255 -21.01 4.85 -28.44
C TYR B 255 -20.66 3.36 -28.35
N LYS B 256 -21.32 2.64 -27.46
CA LYS B 256 -20.99 1.23 -27.26
C LYS B 256 -21.39 0.39 -28.46
N GLN B 257 -22.52 0.73 -29.06
CA GLN B 257 -23.05 -0.02 -30.19
C GLN B 257 -22.09 0.17 -31.37
N LEU B 258 -21.64 1.41 -31.56
CA LEU B 258 -20.71 1.74 -32.65
C LEU B 258 -19.38 1.01 -32.47
N GLN B 259 -18.95 0.88 -31.22
CA GLN B 259 -17.59 0.45 -30.95
C GLN B 259 -17.34 -0.96 -31.46
N ARG B 260 -18.35 -1.83 -31.34
CA ARG B 260 -18.15 -3.22 -31.71
C ARG B 260 -17.94 -3.31 -33.22
N GLU B 261 -18.74 -2.57 -33.98
CA GLU B 261 -18.72 -2.62 -35.44
C GLU B 261 -17.36 -2.30 -36.03
N LEU B 262 -16.76 -1.20 -35.58
CA LEU B 262 -15.43 -0.78 -36.03
C LEU B 262 -14.30 -1.72 -35.61
N SER B 263 -14.48 -2.39 -34.47
CA SER B 263 -13.41 -3.19 -33.88
C SER B 263 -13.10 -4.43 -34.69
N GLN B 264 -14.13 -5.22 -34.99
CA GLN B 264 -13.94 -6.51 -35.63
C GLN B 264 -13.32 -6.36 -37.01
N VAL B 265 -13.48 -5.19 -37.62
CA VAL B 265 -12.93 -4.96 -38.95
C VAL B 265 -11.41 -4.95 -38.87
N LEU B 266 -10.87 -4.32 -37.83
CA LEU B 266 -9.43 -4.11 -37.73
C LEU B 266 -8.70 -5.44 -37.44
N THR B 267 -9.33 -6.32 -36.67
CA THR B 267 -8.69 -7.58 -36.30
C THR B 267 -8.49 -8.51 -37.50
N GLN B 268 -9.47 -8.53 -38.40
CA GLN B 268 -9.44 -9.43 -39.55
C GLN B 268 -8.69 -8.76 -40.70
N ARG B 269 -8.00 -7.67 -40.36
CA ARG B 269 -7.12 -6.95 -41.28
C ARG B 269 -5.70 -7.05 -40.76
N GLN B 270 -5.54 -6.85 -39.46
CA GLN B 270 -4.23 -7.00 -38.83
C GLN B 270 -4.17 -8.51 -38.62
N ILE B 271 -3.03 -9.00 -38.14
CA ILE B 271 -2.91 -10.37 -37.68
C ILE B 271 -4.13 -10.82 -36.87
N GLY C 4 -5.37 -17.15 -30.03
CA GLY C 4 -5.18 -17.60 -31.44
C GLY C 4 -5.03 -19.12 -31.47
N SER C 5 -3.95 -19.61 -30.89
CA SER C 5 -3.70 -21.06 -30.85
C SER C 5 -3.36 -21.50 -29.44
N TRP C 6 -3.63 -22.77 -29.14
CA TRP C 6 -3.36 -23.31 -27.81
C TRP C 6 -2.87 -24.75 -27.92
N GLY C 7 -2.13 -25.19 -26.91
CA GLY C 7 -1.61 -26.56 -26.89
C GLY C 7 -0.40 -26.67 -25.97
N CYS C 8 -0.51 -27.49 -24.95
CA CYS C 8 0.58 -27.69 -24.00
C CYS C 8 1.78 -28.32 -24.69
N VAL C 9 1.54 -29.39 -25.44
CA VAL C 9 2.60 -30.08 -26.15
C VAL C 9 2.03 -30.97 -27.25
N ARG C 10 0.81 -31.45 -27.05
CA ARG C 10 0.15 -32.30 -28.03
C ARG C 10 -0.15 -31.52 -29.30
N GLN C 11 -0.55 -30.26 -29.13
CA GLN C 11 -0.86 -29.41 -30.28
C GLN C 11 -1.88 -30.09 -31.19
N GLU C 12 -3.14 -29.68 -31.06
CA GLU C 12 -4.21 -30.26 -31.87
C GLU C 12 -4.02 -29.89 -33.33
N LYS C 13 -3.66 -28.65 -33.59
CA LYS C 13 -3.45 -28.18 -34.96
C LYS C 13 -2.06 -28.59 -35.45
N ARG C 14 -1.96 -28.85 -36.75
CA ARG C 14 -0.69 -29.24 -37.34
C ARG C 14 0.24 -28.05 -37.47
N SER C 15 1.01 -27.78 -36.43
CA SER C 15 1.94 -26.66 -36.44
C SER C 15 3.06 -26.88 -35.44
N SER C 16 4.14 -26.10 -35.57
CA SER C 16 5.27 -26.22 -34.67
C SER C 16 4.85 -25.93 -33.24
N GLY C 17 4.04 -24.89 -33.06
CA GLY C 17 3.56 -24.51 -31.74
C GLY C 17 4.69 -24.58 -30.72
N LEU C 18 5.70 -23.74 -30.90
CA LEU C 18 6.84 -23.72 -29.99
C LEU C 18 6.58 -22.75 -28.83
N ILE C 19 5.42 -22.10 -28.87
CA ILE C 19 5.07 -21.14 -27.83
C ILE C 19 4.37 -21.84 -26.67
N SER C 20 4.71 -21.45 -25.45
CA SER C 20 4.10 -22.05 -24.27
C SER C 20 4.45 -21.23 -23.02
N GLU C 21 4.65 -21.92 -21.91
CA GLU C 21 4.99 -21.24 -20.66
C GLU C 21 6.49 -20.96 -20.59
N LEU C 22 7.22 -21.46 -21.59
CA LEU C 22 8.67 -21.25 -21.63
C LEU C 22 9.00 -19.78 -21.47
N PRO C 23 8.43 -18.94 -22.29
CA PRO C 23 8.71 -17.48 -22.27
C PRO C 23 8.82 -16.93 -20.85
N SER C 24 9.92 -17.24 -20.19
CA SER C 24 10.17 -16.77 -18.84
C SER C 24 11.52 -17.23 -18.33
N GLU C 25 12.27 -17.91 -19.20
CA GLU C 25 13.59 -18.41 -18.82
C GLU C 25 14.69 -17.57 -19.48
N GLU C 26 14.59 -17.39 -20.79
CA GLU C 26 15.57 -16.60 -21.52
C GLU C 26 16.98 -17.07 -21.19
N GLY C 27 17.97 -16.46 -21.85
CA GLY C 27 19.37 -16.82 -21.61
C GLY C 27 20.05 -15.79 -20.74
N ARG C 28 19.30 -14.77 -20.33
CA ARG C 28 19.85 -13.72 -19.49
C ARG C 28 21.00 -13.00 -20.20
N ARG C 29 21.01 -11.68 -20.12
CA ARG C 29 22.07 -10.89 -20.76
C ARG C 29 23.24 -10.71 -19.82
N LEU C 30 24.43 -11.08 -20.28
CA LEU C 30 25.64 -10.94 -19.47
C LEU C 30 25.93 -9.47 -19.17
N GLU C 31 25.78 -8.63 -20.19
CA GLU C 31 26.03 -7.20 -20.03
C GLU C 31 25.15 -6.62 -18.93
N HIS C 32 25.69 -5.66 -18.19
CA HIS C 32 24.94 -5.02 -17.12
C HIS C 32 25.47 -3.62 -16.84
N PHE C 33 24.66 -2.81 -16.18
CA PHE C 33 25.06 -1.44 -15.86
C PHE C 33 26.23 -1.42 -14.89
N THR C 34 26.22 -2.37 -13.94
CA THR C 34 27.28 -2.46 -12.95
C THR C 34 27.19 -1.30 -11.97
N LYS C 35 27.34 -0.08 -12.49
CA LYS C 35 27.28 1.11 -11.64
C LYS C 35 26.53 2.23 -12.36
N LEU C 36 25.22 2.24 -12.22
CA LEU C 36 24.40 3.26 -12.85
C LEU C 36 24.69 4.63 -12.25
N ARG C 37 24.82 4.67 -10.92
CA ARG C 37 25.09 5.92 -10.23
C ARG C 37 25.94 5.67 -8.98
N PRO C 38 26.50 6.70 -8.43
CA PRO C 38 27.35 6.61 -7.21
C PRO C 38 26.52 6.47 -5.94
N LYS C 39 26.54 5.28 -5.35
CA LYS C 39 25.79 5.03 -4.13
C LYS C 39 25.91 3.56 -3.72
N ARG C 40 26.35 3.33 -2.49
CA ARG C 40 26.50 1.97 -1.99
C ARG C 40 26.51 1.95 -0.47
N ASN C 41 27.31 2.84 0.12
CA ASN C 41 27.40 2.92 1.57
C ASN C 41 27.48 1.53 2.19
N LYS C 42 28.42 0.73 1.71
CA LYS C 42 28.59 -0.63 2.20
C LYS C 42 28.91 -0.62 3.69
N LYS C 43 28.18 -1.42 4.46
CA LYS C 43 28.39 -1.50 5.91
C LYS C 43 28.06 -2.89 6.42
N GLN C 44 27.91 -3.01 7.74
CA GLN C 44 27.58 -4.29 8.36
C GLN C 44 26.08 -4.40 8.58
N GLN C 45 25.65 -5.52 9.16
CA GLN C 45 24.24 -5.74 9.43
C GLN C 45 24.01 -7.14 10.00
N PRO C 46 24.49 -8.14 9.31
CA PRO C 46 24.33 -9.56 9.73
C PRO C 46 24.50 -9.74 11.24
N THR C 47 23.39 -10.00 11.92
CA THR C 47 23.43 -10.20 13.37
C THR C 47 22.13 -10.82 13.87
N GLN C 48 21.13 -10.87 12.98
CA GLN C 48 19.84 -11.44 13.33
C GLN C 48 19.26 -10.75 14.56
N ALA C 49 18.80 -9.53 14.37
CA ALA C 49 18.21 -8.77 15.47
C ALA C 49 17.62 -7.45 14.98
N ALA C 50 16.55 -7.01 15.63
CA ALA C 50 15.90 -5.75 15.24
C ALA C 50 14.69 -5.48 16.12
N VAL C 51 14.86 -4.63 17.12
CA VAL C 51 13.75 -4.28 18.02
C VAL C 51 13.69 -2.78 18.24
N CYS C 52 12.49 -2.22 18.12
CA CYS C 52 12.30 -0.79 18.31
C CYS C 52 10.82 -0.46 18.45
N THR C 53 10.09 -0.50 17.34
CA THR C 53 8.67 -0.20 17.35
C THR C 53 8.41 1.19 17.93
N ILE C 54 7.27 1.77 17.59
CA ILE C 54 6.92 3.10 18.09
C ILE C 54 6.37 3.01 19.51
N SER C 55 5.19 3.58 19.72
CA SER C 55 4.56 3.57 21.03
C SER C 55 3.07 3.28 20.91
N ILE C 56 2.31 4.27 20.45
CA ILE C 56 0.87 4.11 20.29
C ILE C 56 0.42 4.63 18.92
N LEU C 57 -0.55 3.96 18.33
CA LEU C 57 -1.06 4.37 17.03
C LEU C 57 -2.21 3.46 16.60
N PRO C 58 -2.06 2.18 16.80
CA PRO C 58 -3.10 1.17 16.44
C PRO C 58 -4.28 1.18 17.40
N GLN C 59 -5.45 0.81 16.90
CA GLN C 59 -6.65 0.79 17.73
C GLN C 59 -6.40 -0.02 19.01
N ASP C 60 -7.46 -0.21 19.80
CA ASP C 60 -7.34 -0.95 21.05
C ASP C 60 -7.40 -2.46 20.78
N GLY C 61 -6.24 -3.09 20.69
CA GLY C 61 -6.18 -4.53 20.44
C GLY C 61 -4.81 -4.93 19.90
N GLU C 62 -4.06 -5.67 20.71
CA GLU C 62 -2.73 -6.11 20.30
C GLU C 62 -2.13 -7.04 21.37
N GLN C 63 -1.09 -6.55 22.04
CA GLN C 63 -0.43 -7.35 23.07
C GLN C 63 0.01 -8.70 22.52
N ASN C 64 -0.86 -9.69 22.63
CA ASN C 64 -0.54 -11.03 22.13
C ASN C 64 -1.82 -11.77 21.75
N GLY C 65 -2.73 -11.08 21.08
CA GLY C 65 -3.99 -11.68 20.66
C GLY C 65 -3.85 -12.32 19.29
N LEU C 66 -3.69 -13.65 19.27
CA LEU C 66 -3.55 -14.37 18.01
C LEU C 66 -4.92 -14.68 17.41
N MET C 67 -5.96 -14.39 18.18
CA MET C 67 -7.33 -14.64 17.71
C MET C 67 -7.79 -13.52 16.77
N GLY C 68 -8.53 -13.88 15.73
CA GLY C 68 -9.03 -12.90 14.78
C GLY C 68 -9.27 -13.54 13.42
N ARG C 69 -10.13 -14.56 13.39
CA ARG C 69 -10.43 -15.24 12.13
C ARG C 69 -11.86 -15.75 12.14
N VAL C 70 -12.38 -16.09 10.96
CA VAL C 70 -13.74 -16.58 10.84
C VAL C 70 -13.86 -17.98 11.42
N ASP C 71 -14.87 -18.19 12.25
CA ASP C 71 -15.08 -19.49 12.87
C ASP C 71 -13.85 -19.91 13.68
N GLU C 72 -13.73 -19.36 14.88
CA GLU C 72 -12.58 -19.69 15.73
C GLU C 72 -12.63 -21.16 16.15
N GLY C 73 -13.82 -21.66 16.43
CA GLY C 73 -13.98 -23.05 16.84
C GLY C 73 -13.79 -23.99 15.65
N VAL C 74 -12.94 -25.00 15.83
CA VAL C 74 -12.68 -25.96 14.76
C VAL C 74 -12.45 -27.36 15.35
N ASP C 75 -12.99 -28.36 14.67
CA ASP C 75 -12.84 -29.74 15.12
C ASP C 75 -13.31 -29.88 16.58
N GLU C 76 -14.49 -29.35 16.87
CA GLU C 76 -15.04 -29.42 18.22
C GLU C 76 -16.57 -29.50 18.17
N PHE C 77 -17.17 -28.70 17.29
CA PHE C 77 -18.62 -28.68 17.16
C PHE C 77 -19.08 -29.80 16.24
N PHE C 78 -20.39 -29.93 16.09
CA PHE C 78 -20.96 -30.97 15.23
C PHE C 78 -20.50 -30.78 13.78
N THR C 79 -20.49 -29.53 13.32
CA THR C 79 -20.07 -29.23 11.96
C THR C 79 -19.28 -27.93 11.92
N LYS C 80 -18.40 -27.82 10.94
CA LYS C 80 -17.57 -26.62 10.80
C LYS C 80 -18.27 -25.60 9.91
N LYS C 81 -19.55 -25.36 10.17
CA LYS C 81 -20.32 -24.41 9.38
C LYS C 81 -19.73 -23.00 9.50
N VAL C 82 -19.53 -22.35 8.37
CA VAL C 82 -18.97 -21.00 8.36
C VAL C 82 -19.92 -20.03 7.66
N THR C 83 -20.19 -18.90 8.30
CA THR C 83 -21.07 -17.90 7.73
C THR C 83 -20.48 -17.35 6.43
N GLY C 84 -19.19 -17.05 6.45
CA GLY C 84 -18.52 -16.52 5.27
C GLY C 84 -18.12 -17.64 4.32
N CYS C 85 -16.89 -17.56 3.82
CA CYS C 85 -16.40 -18.58 2.89
C CYS C 85 -16.70 -19.98 3.42
N ARG A 7 19.80 -20.53 12.63
CA ARG A 7 18.64 -21.37 12.18
C ARG A 7 18.23 -20.91 10.79
N VAL A 8 18.70 -21.62 9.76
CA VAL A 8 18.37 -21.27 8.38
C VAL A 8 16.87 -21.42 8.17
N SER A 9 16.33 -22.50 8.72
CA SER A 9 14.91 -22.80 8.62
C SER A 9 14.42 -22.53 7.20
N ASP A 10 14.60 -23.52 6.34
CA ASP A 10 14.18 -23.42 4.96
C ASP A 10 12.66 -23.37 4.89
N GLU A 11 12.00 -23.97 5.88
CA GLU A 11 10.54 -23.97 5.90
C GLU A 11 10.02 -22.56 6.15
N GLU A 12 10.69 -21.84 7.04
CA GLU A 12 10.28 -20.47 7.34
C GLU A 12 10.53 -19.57 6.14
N LYS A 13 11.66 -19.76 5.46
CA LYS A 13 11.98 -18.96 4.29
C LYS A 13 10.95 -19.21 3.18
N VAL A 14 10.49 -20.45 3.07
CA VAL A 14 9.50 -20.78 2.05
C VAL A 14 8.17 -20.08 2.35
N ARG A 15 7.79 -20.05 3.62
CA ARG A 15 6.54 -19.39 4.00
C ARG A 15 6.64 -17.89 3.76
N ILE A 16 7.81 -17.32 4.01
CA ILE A 16 8.03 -15.90 3.78
C ILE A 16 7.91 -15.63 2.29
N ALA A 17 8.64 -16.41 1.49
CA ALA A 17 8.62 -16.24 0.05
C ALA A 17 7.17 -16.33 -0.44
N ALA A 18 6.42 -17.27 0.11
CA ALA A 18 5.03 -17.47 -0.29
C ALA A 18 4.15 -16.26 0.02
N LYS A 19 4.35 -15.67 1.20
CA LYS A 19 3.57 -14.53 1.60
C LYS A 19 3.80 -13.35 0.64
N PHE A 20 5.06 -13.07 0.34
CA PHE A 20 5.41 -11.98 -0.58
C PHE A 20 4.74 -12.17 -1.94
N ILE A 21 4.88 -13.37 -2.49
CA ILE A 21 4.31 -13.70 -3.79
C ILE A 21 2.79 -13.57 -3.85
N THR A 22 2.10 -14.07 -2.83
CA THR A 22 0.64 -13.98 -2.82
C THR A 22 0.14 -12.57 -2.51
N HIS A 23 1.05 -11.67 -2.12
CA HIS A 23 0.66 -10.30 -1.81
C HIS A 23 1.07 -9.30 -2.88
N ALA A 24 1.42 -9.80 -4.06
CA ALA A 24 1.80 -8.90 -5.13
C ALA A 24 0.58 -8.05 -5.47
N PRO A 25 0.81 -6.79 -5.88
CA PRO A 25 -0.34 -5.95 -6.22
C PRO A 25 -0.87 -6.39 -7.58
N PRO A 26 -2.13 -6.06 -7.89
CA PRO A 26 -2.73 -6.46 -9.18
C PRO A 26 -1.89 -6.10 -10.42
N GLY A 27 -1.77 -7.07 -11.31
CA GLY A 27 -1.02 -6.87 -12.55
C GLY A 27 0.49 -6.82 -12.39
N GLU A 28 1.00 -7.21 -11.22
CA GLU A 28 2.44 -7.18 -10.99
C GLU A 28 2.97 -8.48 -10.39
N PHE A 29 2.21 -9.55 -10.55
CA PHE A 29 2.60 -10.84 -10.02
C PHE A 29 4.01 -11.27 -10.41
N ASN A 30 4.29 -11.25 -11.71
CA ASN A 30 5.58 -11.68 -12.22
C ASN A 30 6.77 -10.92 -11.67
N GLU A 31 6.67 -9.59 -11.60
CA GLU A 31 7.77 -8.79 -11.07
C GLU A 31 8.07 -9.22 -9.65
N VAL A 32 7.03 -9.32 -8.83
CA VAL A 32 7.17 -9.74 -7.44
C VAL A 32 7.76 -11.15 -7.35
N PHE A 33 7.28 -12.06 -8.20
CA PHE A 33 7.75 -13.44 -8.22
C PHE A 33 9.23 -13.50 -8.59
N ASN A 34 9.63 -12.77 -9.64
CA ASN A 34 11.03 -12.75 -10.03
C ASN A 34 11.87 -12.16 -8.91
N ASP A 35 11.37 -11.13 -8.24
CA ASP A 35 12.12 -10.54 -7.12
C ASP A 35 12.37 -11.60 -6.05
N VAL A 36 11.30 -12.23 -5.59
CA VAL A 36 11.40 -13.26 -4.55
C VAL A 36 12.30 -14.40 -4.96
N ARG A 37 12.19 -14.82 -6.21
CA ARG A 37 13.01 -15.92 -6.72
C ARG A 37 14.50 -15.58 -6.59
N LEU A 38 14.89 -14.37 -6.99
CA LEU A 38 16.29 -13.96 -6.89
C LEU A 38 16.71 -13.72 -5.44
N LEU A 39 15.76 -13.36 -4.59
CA LEU A 39 16.05 -13.10 -3.17
C LEU A 39 16.22 -14.42 -2.43
N LEU A 40 15.28 -15.34 -2.65
CA LEU A 40 15.32 -16.65 -2.03
C LEU A 40 16.57 -17.39 -2.49
N ASN A 41 16.92 -17.20 -3.77
CA ASN A 41 18.11 -17.81 -4.35
C ASN A 41 18.20 -19.33 -4.11
N ASN A 42 17.08 -20.02 -4.31
CA ASN A 42 17.02 -21.47 -4.14
C ASN A 42 15.75 -21.93 -4.83
N ASP A 43 15.88 -22.25 -6.12
CA ASP A 43 14.75 -22.68 -6.91
C ASP A 43 14.09 -23.96 -6.42
N ASN A 44 14.86 -24.82 -5.77
CA ASN A 44 14.30 -26.04 -5.24
C ASN A 44 13.28 -25.68 -4.16
N LEU A 45 13.63 -24.74 -3.28
CA LEU A 45 12.68 -24.32 -2.24
C LEU A 45 11.50 -23.56 -2.82
N LEU A 46 11.77 -22.76 -3.85
CA LEU A 46 10.75 -21.96 -4.50
C LEU A 46 9.62 -22.81 -5.09
N ARG A 47 9.98 -23.96 -5.67
CA ARG A 47 8.99 -24.85 -6.27
C ARG A 47 8.14 -25.58 -5.22
N GLU A 48 8.62 -25.60 -3.99
CA GLU A 48 7.90 -26.24 -2.89
C GLU A 48 6.50 -25.66 -2.69
N GLY A 49 6.40 -24.34 -2.74
CA GLY A 49 5.10 -23.70 -2.54
C GLY A 49 4.62 -22.86 -3.71
N ALA A 50 5.31 -22.94 -4.84
CA ALA A 50 4.95 -22.16 -6.02
C ALA A 50 3.48 -22.38 -6.39
N ALA A 51 3.16 -23.57 -6.88
CA ALA A 51 1.80 -23.91 -7.29
C ALA A 51 0.76 -23.39 -6.29
N HIS A 52 1.00 -23.64 -5.01
CA HIS A 52 0.09 -23.19 -3.97
C HIS A 52 0.00 -21.66 -3.95
N ALA A 53 1.13 -21.01 -4.14
CA ALA A 53 1.20 -19.54 -4.15
C ALA A 53 0.41 -18.98 -5.33
N PHE A 54 0.72 -19.46 -6.52
CA PHE A 54 0.04 -19.02 -7.74
C PHE A 54 -1.47 -19.18 -7.61
N ALA A 55 -1.90 -20.35 -7.16
CA ALA A 55 -3.32 -20.66 -7.00
C ALA A 55 -4.01 -19.70 -6.05
N GLN A 56 -3.45 -19.56 -4.85
CA GLN A 56 -4.00 -18.68 -3.84
C GLN A 56 -4.13 -17.24 -4.39
N TYR A 57 -3.08 -16.76 -5.05
CA TYR A 57 -3.09 -15.41 -5.61
C TYR A 57 -4.27 -15.23 -6.56
N ASN A 58 -4.25 -15.97 -7.67
CA ASN A 58 -5.31 -15.89 -8.67
C ASN A 58 -6.69 -16.01 -8.04
N MET A 59 -6.81 -16.86 -7.03
CA MET A 59 -8.09 -17.05 -6.36
C MET A 59 -8.56 -15.84 -5.55
N ASP A 60 -7.74 -15.32 -4.65
CA ASP A 60 -8.18 -14.17 -3.87
C ASP A 60 -8.20 -12.89 -4.71
N GLN A 61 -7.58 -12.93 -5.89
CA GLN A 61 -7.58 -11.77 -6.80
C GLN A 61 -8.74 -11.83 -7.78
N PHE A 62 -9.56 -12.88 -7.71
CA PHE A 62 -10.68 -13.05 -8.65
C PHE A 62 -10.17 -12.89 -10.07
N THR A 63 -9.11 -13.63 -10.39
CA THR A 63 -8.51 -13.54 -11.71
C THR A 63 -9.41 -13.93 -12.87
N PRO A 64 -9.78 -12.93 -13.69
CA PRO A 64 -10.65 -13.19 -14.85
C PRO A 64 -9.87 -13.96 -15.91
N VAL A 65 -10.38 -15.13 -16.26
CA VAL A 65 -9.71 -15.97 -17.26
C VAL A 65 -10.64 -16.29 -18.43
N LYS A 66 -10.04 -16.60 -19.57
CA LYS A 66 -10.80 -16.91 -20.76
C LYS A 66 -10.57 -18.36 -21.21
N ILE A 67 -11.56 -19.23 -20.99
CA ILE A 67 -11.47 -20.63 -21.38
C ILE A 67 -11.32 -20.76 -22.89
N GLU A 68 -10.56 -21.77 -23.32
CA GLU A 68 -10.27 -22.05 -24.72
C GLU A 68 -11.13 -21.40 -25.83
N GLY A 69 -12.43 -21.23 -25.62
CA GLY A 69 -13.24 -20.63 -26.66
C GLY A 69 -14.70 -20.37 -26.34
N TYR A 70 -14.97 -20.02 -25.08
CA TYR A 70 -16.35 -19.74 -24.67
C TYR A 70 -16.79 -18.24 -24.67
N ASP A 71 -15.89 -17.28 -24.88
CA ASP A 71 -16.29 -15.85 -24.83
C ASP A 71 -16.67 -15.64 -23.37
N ASP A 72 -16.18 -16.65 -22.66
CA ASP A 72 -16.25 -17.01 -21.23
C ASP A 72 -15.59 -16.23 -20.05
N GLN A 73 -15.08 -15.01 -20.17
CA GLN A 73 -14.40 -14.35 -19.02
C GLN A 73 -15.00 -14.86 -17.70
N VAL A 74 -14.38 -15.90 -17.12
CA VAL A 74 -14.83 -16.48 -15.86
C VAL A 74 -13.90 -16.15 -14.69
N LEU A 75 -14.47 -16.02 -13.49
CA LEU A 75 -13.67 -15.65 -12.34
C LEU A 75 -13.11 -16.77 -11.48
N ILE A 76 -11.79 -16.85 -11.43
CA ILE A 76 -11.10 -17.86 -10.63
C ILE A 76 -11.19 -17.48 -9.16
N THR A 77 -11.96 -18.27 -8.41
CA THR A 77 -12.13 -18.02 -6.98
C THR A 77 -12.07 -19.36 -6.27
N GLU A 78 -12.12 -19.33 -4.94
CA GLU A 78 -12.09 -20.55 -4.17
C GLU A 78 -13.36 -21.35 -4.42
N HIS A 79 -14.49 -20.66 -4.40
CA HIS A 79 -15.79 -21.27 -4.62
C HIS A 79 -15.85 -22.13 -5.87
N GLY A 80 -15.01 -21.81 -6.85
CA GLY A 80 -15.00 -22.57 -8.09
C GLY A 80 -13.87 -23.59 -8.15
N ASP A 81 -13.12 -23.70 -7.06
CA ASP A 81 -12.00 -24.64 -6.98
C ASP A 81 -12.50 -26.08 -6.84
N LEU A 82 -12.49 -26.83 -7.93
CA LEU A 82 -12.94 -28.21 -7.88
C LEU A 82 -12.22 -28.95 -6.77
N GLY A 83 -10.90 -28.78 -6.72
CA GLY A 83 -10.10 -29.43 -5.71
C GLY A 83 -9.07 -30.35 -6.34
N ASN A 84 -9.29 -30.69 -7.60
CA ASN A 84 -8.41 -31.57 -8.35
C ASN A 84 -7.42 -30.81 -9.22
N GLY A 85 -7.51 -29.49 -9.20
CA GLY A 85 -6.62 -28.67 -10.02
C GLY A 85 -7.43 -28.06 -11.14
N ARG A 86 -8.75 -28.11 -10.96
CA ARG A 86 -9.67 -27.57 -11.95
C ARG A 86 -10.72 -26.70 -11.26
N PHE A 87 -11.32 -25.79 -12.03
CA PHE A 87 -12.31 -24.87 -11.50
C PHE A 87 -13.68 -24.96 -12.19
N LEU A 88 -14.68 -24.35 -11.57
CA LEU A 88 -16.04 -24.34 -12.12
C LEU A 88 -16.39 -23.05 -12.83
N ASP A 89 -17.16 -23.18 -13.91
CA ASP A 89 -17.64 -22.03 -14.65
C ASP A 89 -19.13 -22.21 -14.53
N PRO A 90 -19.72 -21.72 -13.43
CA PRO A 90 -21.17 -21.86 -13.25
C PRO A 90 -22.03 -21.36 -14.41
N ARG A 91 -21.60 -20.30 -15.09
CA ARG A 91 -22.36 -19.76 -16.21
C ARG A 91 -22.43 -20.70 -17.41
N ASN A 92 -21.28 -20.93 -18.05
CA ASN A 92 -21.24 -21.83 -19.20
C ASN A 92 -21.38 -23.26 -18.68
N LYS A 93 -21.11 -23.43 -17.40
CA LYS A 93 -21.21 -24.70 -16.69
C LYS A 93 -20.27 -25.84 -17.06
N ILE A 94 -19.08 -25.51 -17.54
CA ILE A 94 -18.13 -26.56 -17.89
C ILE A 94 -17.09 -26.73 -16.79
N SER A 95 -16.05 -27.50 -17.10
CA SER A 95 -14.95 -27.74 -16.21
C SER A 95 -13.74 -27.27 -16.99
N PHE A 96 -12.86 -26.53 -16.34
CA PHE A 96 -11.68 -26.05 -17.03
C PHE A 96 -10.48 -26.18 -16.10
N LYS A 97 -9.36 -26.62 -16.65
CA LYS A 97 -8.15 -26.76 -15.87
C LYS A 97 -7.37 -25.46 -16.03
N PHE A 98 -7.08 -24.81 -14.93
CA PHE A 98 -6.35 -23.56 -14.97
C PHE A 98 -4.86 -23.76 -14.74
N ASP A 99 -4.06 -23.43 -15.75
CA ASP A 99 -2.61 -23.50 -15.68
C ASP A 99 -2.17 -22.17 -15.05
N HIS A 100 -1.56 -22.23 -13.88
CA HIS A 100 -1.16 -21.01 -13.19
C HIS A 100 -0.01 -20.16 -13.72
N LEU A 101 1.01 -20.77 -14.32
CA LEU A 101 2.10 -19.96 -14.85
C LEU A 101 1.61 -19.29 -16.14
N ARG A 102 1.31 -20.12 -17.13
CA ARG A 102 0.82 -19.65 -18.41
C ARG A 102 -0.48 -18.87 -18.25
N LYS A 103 -0.74 -17.99 -19.20
CA LYS A 103 -1.93 -17.15 -19.17
C LYS A 103 -3.24 -17.94 -19.41
N GLU A 104 -3.18 -18.95 -20.26
CA GLU A 104 -4.37 -19.75 -20.59
C GLU A 104 -4.71 -20.93 -19.68
N ALA A 105 -5.99 -21.26 -19.68
CA ALA A 105 -6.55 -22.37 -18.93
C ALA A 105 -7.40 -23.12 -19.93
N SER A 106 -6.93 -24.27 -20.41
CA SER A 106 -7.68 -25.03 -21.40
C SER A 106 -7.99 -26.48 -21.04
N ASP A 107 -8.44 -27.22 -22.07
CA ASP A 107 -8.87 -28.61 -22.04
C ASP A 107 -10.00 -28.84 -21.04
N PRO A 108 -11.15 -28.17 -21.31
CA PRO A 108 -12.37 -28.24 -20.50
C PRO A 108 -13.06 -29.61 -20.41
N GLN A 109 -13.98 -29.73 -19.45
CA GLN A 109 -14.73 -30.96 -19.24
C GLN A 109 -16.19 -30.58 -18.95
N PRO A 110 -17.16 -31.17 -19.65
CA PRO A 110 -18.55 -30.79 -19.36
C PRO A 110 -18.82 -31.07 -17.89
N GLU A 111 -19.63 -30.24 -17.24
CA GLU A 111 -19.94 -30.45 -15.83
C GLU A 111 -21.42 -30.52 -15.53
N ASP A 112 -22.06 -31.64 -15.89
CA ASP A 112 -23.50 -31.78 -15.62
C ASP A 112 -23.70 -31.61 -14.12
N THR A 113 -24.51 -30.63 -13.77
CA THR A 113 -24.77 -30.24 -12.38
C THR A 113 -25.68 -31.02 -11.44
N GLU A 114 -25.76 -30.45 -10.24
CA GLU A 114 -26.60 -30.93 -9.14
C GLU A 114 -27.99 -30.34 -9.41
N SER A 115 -27.98 -29.15 -10.02
CA SER A 115 -29.18 -28.41 -10.40
C SER A 115 -30.21 -28.21 -9.27
N ALA A 116 -29.72 -28.08 -8.04
CA ALA A 116 -30.60 -27.88 -6.89
C ALA A 116 -30.87 -26.40 -6.61
N LEU A 117 -29.80 -25.64 -6.46
CA LEU A 117 -29.91 -24.21 -6.19
C LEU A 117 -29.77 -23.43 -7.49
N LYS A 118 -29.34 -24.13 -8.53
CA LYS A 118 -29.12 -23.54 -9.84
C LYS A 118 -30.24 -22.63 -10.33
N GLN A 119 -31.47 -22.96 -9.96
CA GLN A 119 -32.60 -22.14 -10.38
C GLN A 119 -32.32 -20.68 -9.99
N TRP A 120 -32.11 -20.44 -8.69
CA TRP A 120 -31.79 -19.10 -8.19
C TRP A 120 -30.54 -18.64 -8.94
N ARG A 121 -29.49 -19.45 -8.77
CA ARG A 121 -28.18 -19.21 -9.35
C ARG A 121 -28.19 -18.64 -10.77
N ASP A 122 -28.94 -19.28 -11.67
CA ASP A 122 -29.00 -18.82 -13.07
C ASP A 122 -29.70 -17.47 -13.22
N ALA A 123 -30.63 -17.15 -12.32
CA ALA A 123 -31.35 -15.89 -12.37
C ALA A 123 -30.45 -14.74 -11.92
N CYS A 124 -29.91 -14.87 -10.70
CA CYS A 124 -29.02 -13.86 -10.14
C CYS A 124 -27.87 -13.56 -11.12
N ASP A 125 -27.22 -14.64 -11.56
CA ASP A 125 -26.09 -14.56 -12.48
C ASP A 125 -26.20 -13.55 -13.61
N SER A 126 -27.15 -13.77 -14.52
CA SER A 126 -27.34 -12.87 -15.64
C SER A 126 -28.12 -11.62 -15.28
N ALA A 127 -28.61 -11.55 -14.05
CA ALA A 127 -29.32 -10.38 -13.56
C ALA A 127 -28.21 -9.44 -13.08
N LEU A 128 -27.19 -10.03 -12.49
CA LEU A 128 -26.03 -9.32 -11.98
C LEU A 128 -25.15 -8.95 -13.18
N ARG A 129 -25.08 -9.86 -14.14
CA ARG A 129 -24.30 -9.66 -15.35
C ARG A 129 -24.73 -8.36 -16.03
N ALA A 130 -25.95 -7.93 -15.75
CA ALA A 130 -26.48 -6.70 -16.32
C ALA A 130 -25.96 -5.55 -15.47
N TYR A 131 -26.01 -5.74 -14.15
CA TYR A 131 -25.54 -4.74 -13.21
C TYR A 131 -24.10 -4.38 -13.52
N VAL A 132 -23.27 -5.40 -13.73
CA VAL A 132 -21.85 -5.24 -14.02
C VAL A 132 -21.59 -4.48 -15.31
N LYS A 133 -22.25 -4.88 -16.39
CA LYS A 133 -22.04 -4.20 -17.66
C LYS A 133 -22.40 -2.73 -17.57
N ASP A 134 -23.23 -2.39 -16.59
CA ASP A 134 -23.67 -1.01 -16.41
C ASP A 134 -22.75 -0.17 -15.54
N HIS A 135 -21.97 -0.81 -14.66
CA HIS A 135 -21.11 -0.04 -13.77
C HIS A 135 -19.61 -0.32 -13.80
N TYR A 136 -19.20 -1.44 -14.39
CA TYR A 136 -17.77 -1.77 -14.44
C TYR A 136 -17.24 -1.81 -15.87
N PRO A 137 -16.43 -0.80 -16.26
CA PRO A 137 -15.82 -0.65 -17.60
C PRO A 137 -15.24 -1.93 -18.18
N ASN A 138 -14.45 -2.63 -17.38
CA ASN A 138 -13.83 -3.86 -17.83
C ASN A 138 -14.10 -4.94 -16.80
N GLY A 139 -15.33 -4.97 -16.32
CA GLY A 139 -15.71 -5.93 -15.30
C GLY A 139 -16.20 -7.27 -15.82
N PHE A 140 -16.23 -8.23 -14.90
CA PHE A 140 -16.68 -9.59 -15.18
C PHE A 140 -17.29 -10.10 -13.88
N CYS A 141 -18.19 -11.07 -13.99
CA CYS A 141 -18.84 -11.62 -12.82
C CYS A 141 -19.05 -13.12 -12.91
N THR A 142 -19.16 -13.76 -11.76
CA THR A 142 -19.36 -15.20 -11.66
C THR A 142 -20.22 -15.49 -10.45
N VAL A 143 -21.37 -16.10 -10.67
CA VAL A 143 -22.28 -16.42 -9.59
C VAL A 143 -22.23 -17.92 -9.34
N TYR A 144 -22.02 -18.29 -8.09
CA TYR A 144 -21.95 -19.69 -7.73
C TYR A 144 -23.19 -20.15 -6.99
N GLY A 145 -23.72 -21.29 -7.44
CA GLY A 145 -24.88 -21.87 -6.79
C GLY A 145 -24.30 -23.07 -6.08
N LYS A 146 -24.45 -23.12 -4.76
CA LYS A 146 -23.87 -24.23 -4.01
C LYS A 146 -24.56 -24.52 -2.69
N SER A 147 -24.27 -25.71 -2.16
CA SER A 147 -24.81 -26.16 -0.89
C SER A 147 -23.69 -26.14 0.14
N ILE A 148 -23.82 -25.25 1.12
CA ILE A 148 -22.83 -25.11 2.18
C ILE A 148 -23.38 -25.70 3.49
N ASP A 149 -22.94 -26.93 3.79
CA ASP A 149 -23.37 -27.69 4.98
C ASP A 149 -24.87 -27.62 5.24
N GLY A 150 -25.65 -28.03 4.25
CA GLY A 150 -27.09 -28.04 4.38
C GLY A 150 -27.81 -26.84 3.80
N GLN A 151 -27.28 -25.65 4.06
CA GLN A 151 -27.91 -24.42 3.59
C GLN A 151 -27.56 -24.02 2.16
N GLN A 152 -28.55 -23.50 1.44
CA GLN A 152 -28.34 -23.07 0.07
C GLN A 152 -27.86 -21.64 0.05
N THR A 153 -26.87 -21.38 -0.79
CA THR A 153 -26.31 -20.05 -0.87
C THR A 153 -25.90 -19.64 -2.28
N ILE A 154 -26.14 -18.37 -2.60
CA ILE A 154 -25.77 -17.83 -3.89
C ILE A 154 -24.53 -16.98 -3.64
N ILE A 155 -23.47 -17.23 -4.40
CA ILE A 155 -22.26 -16.44 -4.24
C ILE A 155 -21.90 -15.74 -5.53
N ALA A 156 -22.08 -14.43 -5.54
CA ALA A 156 -21.78 -13.62 -6.70
C ALA A 156 -20.44 -12.92 -6.49
N CYS A 157 -19.53 -13.10 -7.44
CA CYS A 157 -18.22 -12.49 -7.36
C CYS A 157 -18.04 -11.54 -8.53
N ILE A 158 -17.61 -10.31 -8.23
CA ILE A 158 -17.39 -9.29 -9.24
C ILE A 158 -15.95 -8.81 -9.25
N GLU A 159 -15.38 -8.70 -10.45
CA GLU A 159 -14.01 -8.25 -10.60
C GLU A 159 -13.90 -7.22 -11.73
N SER A 160 -13.06 -6.22 -11.52
CA SER A 160 -12.85 -5.16 -12.50
C SER A 160 -11.42 -4.65 -12.32
N HIS A 161 -10.70 -4.44 -13.42
CA HIS A 161 -9.34 -3.94 -13.31
C HIS A 161 -8.86 -3.12 -14.50
N GLN A 162 -7.77 -2.39 -14.27
CA GLN A 162 -7.16 -1.56 -15.28
C GLN A 162 -5.66 -1.58 -15.01
N PHE A 163 -4.89 -2.16 -15.94
CA PHE A 163 -3.44 -2.26 -15.78
C PHE A 163 -2.68 -1.43 -16.81
N GLN A 164 -1.88 -0.49 -16.32
CA GLN A 164 -1.08 0.35 -17.21
C GLN A 164 0.33 0.45 -16.69
N PRO A 165 1.08 -0.67 -16.69
CA PRO A 165 2.46 -0.73 -16.21
C PRO A 165 3.41 0.27 -16.88
N LYS A 166 3.15 0.61 -18.13
CA LYS A 166 4.01 1.57 -18.81
C LYS A 166 3.87 2.94 -18.21
N ASN A 167 2.76 3.17 -17.50
CA ASN A 167 2.53 4.46 -16.84
C ASN A 167 2.62 4.27 -15.32
N PHE A 168 3.23 3.16 -14.93
CA PHE A 168 3.46 2.79 -13.53
C PHE A 168 2.25 2.76 -12.58
N TRP A 169 1.16 2.12 -13.00
CA TRP A 169 0.01 2.01 -12.13
C TRP A 169 -0.94 0.88 -12.56
N ASN A 170 -1.64 0.34 -11.57
CA ASN A 170 -2.59 -0.74 -11.79
C ASN A 170 -3.66 -0.60 -10.70
N GLY A 171 -4.85 -1.11 -11.00
CA GLY A 171 -5.93 -1.05 -10.05
C GLY A 171 -6.87 -2.21 -10.24
N ARG A 172 -7.65 -2.54 -9.21
CA ARG A 172 -8.60 -3.64 -9.31
C ARG A 172 -9.68 -3.53 -8.26
N TRP A 173 -10.88 -3.93 -8.66
CA TRP A 173 -12.03 -3.94 -7.76
C TRP A 173 -12.43 -5.39 -7.56
N ARG A 174 -12.83 -5.73 -6.35
CA ARG A 174 -13.27 -7.07 -6.01
C ARG A 174 -14.42 -6.97 -5.03
N SER A 175 -15.51 -7.66 -5.34
CA SER A 175 -16.66 -7.66 -4.49
C SER A 175 -17.20 -9.07 -4.41
N GLU A 176 -17.53 -9.51 -3.20
CA GLU A 176 -18.05 -10.85 -3.00
C GLU A 176 -19.30 -10.80 -2.13
N TRP A 177 -20.40 -11.31 -2.68
CA TRP A 177 -21.66 -11.34 -1.95
C TRP A 177 -22.14 -12.76 -1.70
N LYS A 178 -22.32 -13.09 -0.43
CA LYS A 178 -22.80 -14.41 -0.02
C LYS A 178 -24.27 -14.30 0.37
N PHE A 179 -25.14 -14.98 -0.36
CA PHE A 179 -26.56 -14.95 -0.07
C PHE A 179 -27.02 -16.30 0.48
N THR A 180 -27.28 -16.35 1.77
CA THR A 180 -27.73 -17.56 2.45
C THR A 180 -29.24 -17.52 2.64
N ILE A 181 -29.93 -18.44 1.96
CA ILE A 181 -31.40 -18.48 2.01
C ILE A 181 -32.04 -19.24 3.14
N THR A 182 -32.96 -18.57 3.81
CA THR A 182 -33.71 -19.13 4.90
C THR A 182 -35.09 -18.50 4.88
N PRO A 183 -35.94 -18.90 3.92
CA PRO A 183 -37.30 -18.35 3.78
C PRO A 183 -38.01 -18.27 5.12
N PRO A 184 -38.90 -17.27 5.29
CA PRO A 184 -39.23 -16.29 4.24
C PRO A 184 -38.10 -15.30 3.94
N THR A 185 -37.54 -14.69 4.98
CA THR A 185 -36.45 -13.71 4.82
C THR A 185 -35.05 -14.29 5.08
N ALA A 186 -34.08 -13.94 4.23
CA ALA A 186 -32.70 -14.42 4.34
C ALA A 186 -31.69 -13.37 4.83
N GLN A 187 -30.46 -13.81 5.07
CA GLN A 187 -29.38 -12.95 5.54
C GLN A 187 -28.28 -12.76 4.48
N VAL A 188 -27.74 -11.55 4.42
CA VAL A 188 -26.70 -11.22 3.45
C VAL A 188 -25.35 -10.95 4.12
N ALA A 189 -24.28 -11.30 3.41
CA ALA A 189 -22.92 -11.10 3.91
C ALA A 189 -22.03 -10.80 2.71
N ALA A 190 -21.32 -9.67 2.77
CA ALA A 190 -20.45 -9.28 1.68
C ALA A 190 -19.20 -8.54 2.11
N VAL A 191 -18.30 -8.35 1.16
CA VAL A 191 -17.04 -7.65 1.36
C VAL A 191 -16.64 -7.00 0.05
N LEU A 192 -16.48 -5.69 0.09
CA LEU A 192 -16.08 -4.92 -1.08
C LEU A 192 -14.60 -4.59 -0.92
N LYS A 193 -13.84 -4.70 -2.00
CA LYS A 193 -12.41 -4.43 -1.96
C LYS A 193 -11.89 -3.61 -3.12
N ILE A 194 -10.98 -2.70 -2.82
CA ILE A 194 -10.36 -1.84 -3.83
C ILE A 194 -8.86 -1.76 -3.58
N GLN A 195 -8.07 -1.85 -4.63
CA GLN A 195 -6.64 -1.73 -4.50
C GLN A 195 -6.09 -1.01 -5.72
N VAL A 196 -5.33 0.06 -5.46
CA VAL A 196 -4.70 0.83 -6.52
C VAL A 196 -3.23 0.99 -6.17
N HIS A 197 -2.37 0.93 -7.19
CA HIS A 197 -0.94 1.06 -6.99
C HIS A 197 -0.35 2.00 -8.04
N TYR A 198 0.36 3.02 -7.58
CA TYR A 198 1.04 3.99 -8.43
C TYR A 198 2.51 3.85 -8.03
N TYR A 199 3.40 3.62 -9.00
CA TYR A 199 4.80 3.43 -8.64
C TYR A 199 5.87 4.07 -9.49
N GLU A 200 5.60 5.26 -10.01
CA GLU A 200 6.63 5.95 -10.76
C GLU A 200 7.38 6.78 -9.70
N ASP A 201 8.63 6.42 -9.45
CA ASP A 201 9.48 7.10 -8.47
C ASP A 201 8.82 7.17 -7.10
N GLY A 202 8.24 6.06 -6.70
CA GLY A 202 7.57 5.97 -5.43
C GLY A 202 6.74 4.71 -5.32
N ASN A 203 5.96 4.60 -4.25
CA ASN A 203 5.09 3.46 -4.02
C ASN A 203 3.91 3.97 -3.22
N VAL A 204 2.81 4.22 -3.92
CA VAL A 204 1.61 4.73 -3.30
C VAL A 204 0.49 3.72 -3.51
N GLN A 205 -0.28 3.43 -2.47
CA GLN A 205 -1.36 2.48 -2.65
C GLN A 205 -2.60 2.76 -1.86
N LEU A 206 -3.71 2.52 -2.53
CA LEU A 206 -4.99 2.65 -1.90
C LEU A 206 -5.40 1.22 -1.61
N VAL A 207 -5.62 0.93 -0.34
CA VAL A 207 -6.08 -0.39 0.06
C VAL A 207 -7.31 -0.09 0.90
N SER A 208 -8.45 -0.60 0.45
CA SER A 208 -9.71 -0.36 1.15
C SER A 208 -10.63 -1.56 1.00
N HIS A 209 -11.50 -1.75 1.98
CA HIS A 209 -12.46 -2.85 1.94
C HIS A 209 -13.61 -2.54 2.88
N LYS A 210 -14.80 -3.01 2.54
CA LYS A 210 -15.95 -2.80 3.40
C LYS A 210 -16.72 -4.10 3.59
N ASP A 211 -17.03 -4.40 4.84
CA ASP A 211 -17.76 -5.61 5.19
C ASP A 211 -19.19 -5.24 5.52
N ILE A 212 -20.13 -5.89 4.85
CA ILE A 212 -21.55 -5.60 5.09
C ILE A 212 -22.40 -6.84 5.30
N GLN A 213 -23.39 -6.72 6.19
CA GLN A 213 -24.30 -7.81 6.53
C GLN A 213 -25.74 -7.28 6.48
N ASP A 214 -26.59 -7.93 5.69
CA ASP A 214 -27.98 -7.49 5.56
C ASP A 214 -29.01 -8.61 5.71
N SER A 215 -30.24 -8.23 6.06
CA SER A 215 -31.35 -9.18 6.23
C SER A 215 -32.39 -8.91 5.14
N VAL A 216 -32.50 -9.83 4.19
CA VAL A 216 -33.41 -9.65 3.06
C VAL A 216 -34.60 -10.62 2.96
N GLN A 217 -35.75 -10.10 2.52
CA GLN A 217 -36.98 -10.86 2.34
C GLN A 217 -36.92 -11.69 1.04
N VAL A 218 -37.12 -13.00 1.13
CA VAL A 218 -37.04 -13.89 -0.05
C VAL A 218 -38.38 -14.27 -0.68
N SER A 219 -38.58 -13.86 -1.93
CA SER A 219 -39.80 -14.15 -2.67
C SER A 219 -39.60 -15.23 -3.74
N SER A 220 -39.73 -14.83 -5.01
CA SER A 220 -39.61 -15.72 -6.16
C SER A 220 -38.17 -16.02 -6.58
N ASP A 221 -37.99 -16.33 -7.87
CA ASP A 221 -36.68 -16.64 -8.42
C ASP A 221 -36.11 -15.44 -9.16
N VAL A 222 -36.90 -14.91 -10.08
CA VAL A 222 -36.49 -13.76 -10.86
C VAL A 222 -36.70 -12.50 -10.01
N GLN A 223 -37.54 -12.64 -8.98
CA GLN A 223 -37.84 -11.52 -8.08
C GLN A 223 -36.79 -11.30 -7.01
N THR A 224 -36.41 -12.34 -6.29
CA THR A 224 -35.41 -12.21 -5.23
C THR A 224 -34.08 -11.80 -5.86
N ALA A 225 -33.86 -12.24 -7.09
CA ALA A 225 -32.63 -11.92 -7.81
C ALA A 225 -32.51 -10.40 -7.99
N LYS A 226 -33.54 -9.79 -8.56
CA LYS A 226 -33.53 -8.35 -8.79
C LYS A 226 -33.50 -7.61 -7.45
N GLU A 227 -33.93 -8.28 -6.39
CA GLU A 227 -33.92 -7.69 -5.06
C GLU A 227 -32.48 -7.63 -4.62
N PHE A 228 -31.72 -8.67 -4.96
CA PHE A 228 -30.32 -8.76 -4.61
C PHE A 228 -29.50 -7.75 -5.39
N ILE A 229 -29.56 -7.84 -6.71
CA ILE A 229 -28.83 -6.93 -7.57
C ILE A 229 -29.10 -5.50 -7.11
N LYS A 230 -30.23 -5.30 -6.45
CA LYS A 230 -30.60 -3.99 -5.94
C LYS A 230 -29.83 -3.71 -4.64
N ILE A 231 -29.75 -4.72 -3.78
CA ILE A 231 -29.03 -4.60 -2.52
C ILE A 231 -27.61 -4.18 -2.84
N ILE A 232 -26.98 -4.98 -3.70
CA ILE A 232 -25.61 -4.78 -4.15
C ILE A 232 -25.40 -3.39 -4.74
N GLU A 233 -26.21 -3.05 -5.73
CA GLU A 233 -26.11 -1.75 -6.40
C GLU A 233 -26.10 -0.61 -5.40
N ASN A 234 -27.03 -0.64 -4.45
CA ASN A 234 -27.11 0.41 -3.44
C ASN A 234 -25.92 0.41 -2.47
N ALA A 235 -25.47 -0.77 -2.10
CA ALA A 235 -24.36 -0.88 -1.16
C ALA A 235 -23.04 -0.47 -1.80
N GLU A 236 -22.82 -0.88 -3.04
CA GLU A 236 -21.59 -0.55 -3.74
C GLU A 236 -21.55 0.91 -4.17
N ASN A 237 -22.71 1.50 -4.46
CA ASN A 237 -22.76 2.91 -4.84
C ASN A 237 -22.47 3.73 -3.58
N GLU A 238 -22.98 3.24 -2.46
CA GLU A 238 -22.78 3.89 -1.17
C GLU A 238 -21.31 3.82 -0.76
N TYR A 239 -20.69 2.68 -1.02
CA TYR A 239 -19.28 2.46 -0.70
C TYR A 239 -18.42 3.38 -1.55
N GLN A 240 -18.65 3.36 -2.86
CA GLN A 240 -17.91 4.19 -3.78
C GLN A 240 -18.11 5.66 -3.41
N THR A 241 -19.34 6.03 -3.08
CA THR A 241 -19.66 7.40 -2.72
C THR A 241 -18.86 7.85 -1.50
N ALA A 242 -18.83 7.00 -0.48
CA ALA A 242 -18.08 7.31 0.75
C ALA A 242 -16.59 7.45 0.45
N ILE A 243 -16.12 6.76 -0.58
CA ILE A 243 -14.72 6.81 -0.97
C ILE A 243 -14.35 8.13 -1.66
N SER A 244 -15.20 8.60 -2.57
CA SER A 244 -14.93 9.86 -3.26
C SER A 244 -14.99 11.00 -2.25
N GLU A 245 -15.86 10.85 -1.26
CA GLU A 245 -16.01 11.87 -0.22
C GLU A 245 -14.73 11.89 0.62
N ASN A 246 -14.27 10.70 1.01
CA ASN A 246 -13.05 10.59 1.80
C ASN A 246 -11.90 11.27 1.05
N TYR A 247 -11.83 11.04 -0.26
CA TYR A 247 -10.80 11.66 -1.08
C TYR A 247 -10.90 13.17 -0.97
N GLN A 248 -12.12 13.67 -0.99
CA GLN A 248 -12.35 15.09 -0.91
C GLN A 248 -11.86 15.71 0.39
N THR A 249 -12.19 15.08 1.51
CA THR A 249 -11.77 15.58 2.81
C THR A 249 -10.25 15.48 2.97
N MET A 250 -9.68 14.33 2.61
CA MET A 250 -8.24 14.15 2.72
C MET A 250 -7.51 15.27 1.98
N SER A 251 -7.98 15.60 0.78
CA SER A 251 -7.33 16.62 -0.02
C SER A 251 -7.60 18.06 0.41
N ASP A 252 -8.76 18.35 0.99
CA ASP A 252 -9.05 19.73 1.38
C ASP A 252 -8.96 20.02 2.88
N THR A 253 -8.76 18.99 3.69
CA THR A 253 -8.67 19.16 5.13
C THR A 253 -7.45 18.50 5.76
N THR A 254 -7.36 17.18 5.63
CA THR A 254 -6.24 16.44 6.21
C THR A 254 -4.89 16.83 5.62
N PHE A 255 -4.77 16.76 4.30
CA PHE A 255 -3.51 17.10 3.64
C PHE A 255 -3.01 18.51 3.96
N LYS A 256 -3.92 19.49 3.98
CA LYS A 256 -3.52 20.86 4.27
C LYS A 256 -3.12 21.04 5.73
N ALA A 257 -3.62 20.15 6.61
CA ALA A 257 -3.28 20.24 8.02
C ALA A 257 -1.89 19.65 8.29
N LEU A 258 -1.32 18.97 7.31
CA LEU A 258 0.01 18.39 7.52
C LEU A 258 1.09 19.43 7.25
N ARG A 259 1.35 19.73 5.97
CA ARG A 259 2.35 20.75 5.62
C ARG A 259 1.69 21.87 4.82
N ARG A 260 2.04 23.11 5.14
CA ARG A 260 1.52 24.28 4.44
C ARG A 260 2.15 24.25 3.07
N GLN A 261 1.61 25.07 2.17
CA GLN A 261 2.15 25.19 0.83
C GLN A 261 3.28 26.24 0.89
N LEU A 262 3.06 27.26 1.72
CA LEU A 262 4.05 28.34 1.94
C LEU A 262 4.16 28.61 3.44
N PRO A 263 5.31 29.13 3.89
CA PRO A 263 5.51 29.42 5.32
C PRO A 263 4.49 30.39 5.88
N VAL A 264 4.39 30.40 7.20
CA VAL A 264 3.48 31.29 7.89
C VAL A 264 3.88 32.72 7.49
N THR A 265 5.18 32.95 7.35
CA THR A 265 5.68 34.26 6.96
C THR A 265 5.17 34.64 5.57
N ARG A 266 4.58 33.67 4.88
CA ARG A 266 4.02 33.86 3.54
C ARG A 266 4.97 34.16 2.38
N THR A 267 6.24 33.83 2.58
CA THR A 267 7.27 34.02 1.56
C THR A 267 8.27 32.93 1.84
N LYS A 268 9.03 32.52 0.84
CA LYS A 268 10.01 31.48 1.10
C LYS A 268 10.92 31.89 2.25
N ILE A 269 11.51 30.91 2.90
CA ILE A 269 12.38 31.14 4.03
C ILE A 269 13.65 31.93 3.76
N ASP A 270 13.95 32.82 4.69
CA ASP A 270 15.16 33.62 4.65
C ASP A 270 16.14 32.88 5.55
N TRP A 271 16.90 31.98 4.94
CA TRP A 271 17.84 31.18 5.67
C TRP A 271 18.93 31.95 6.40
N ASN A 272 19.31 33.11 5.86
CA ASN A 272 20.35 33.89 6.53
C ASN A 272 19.78 34.38 7.85
N LYS A 273 18.48 34.66 7.85
CA LYS A 273 17.80 35.12 9.06
C LYS A 273 17.63 33.99 10.08
N ILE A 274 17.41 32.77 9.60
CA ILE A 274 17.25 31.63 10.50
C ILE A 274 18.58 31.28 11.16
N LEU A 275 19.67 31.45 10.42
CA LEU A 275 20.99 31.11 10.92
C LEU A 275 21.65 32.09 11.89
N SER A 276 20.97 33.19 12.21
CA SER A 276 21.54 34.16 13.15
C SER A 276 20.54 34.86 14.07
N TYR A 277 19.54 35.51 13.49
CA TYR A 277 18.47 36.23 14.19
C TYR A 277 17.57 35.49 15.17
N LYS A 278 17.75 35.83 16.45
CA LYS A 278 17.09 35.18 17.57
C LYS A 278 16.29 36.08 18.51
N ILE A 279 15.28 35.47 19.15
CA ILE A 279 14.32 36.16 20.00
C ILE A 279 15.07 36.67 21.21
N GLY A 280 16.14 35.96 21.51
CA GLY A 280 16.96 36.18 22.68
C GLY A 280 17.75 34.90 22.74
N LYS A 281 19.05 34.96 22.44
CA LYS A 281 19.92 33.80 22.57
C LYS A 281 19.30 32.63 21.80
N SER B 2 24.76 -10.52 -5.75
CA SER B 2 23.86 -10.08 -4.64
C SER B 2 23.49 -8.60 -4.79
N ASP B 3 24.03 -7.95 -5.81
CA ASP B 3 23.71 -6.55 -6.04
C ASP B 3 22.37 -6.55 -6.77
N GLN B 4 22.12 -7.63 -7.51
CA GLN B 4 20.87 -7.79 -8.23
C GLN B 4 19.84 -8.12 -7.14
N GLN B 5 20.32 -8.73 -6.06
CA GLN B 5 19.46 -9.09 -4.95
C GLN B 5 18.96 -7.82 -4.29
N LEU B 6 19.89 -6.91 -3.99
CA LEU B 6 19.52 -5.65 -3.36
C LEU B 6 18.55 -4.96 -4.32
N ASP B 7 18.89 -4.96 -5.60
CA ASP B 7 18.01 -4.36 -6.61
C ASP B 7 16.64 -5.01 -6.53
N CYS B 8 16.62 -6.34 -6.43
CA CYS B 8 15.36 -7.06 -6.35
C CYS B 8 14.65 -6.76 -5.06
N ALA B 9 15.41 -6.55 -3.98
CA ALA B 9 14.81 -6.26 -2.69
C ALA B 9 14.12 -4.91 -2.73
N LEU B 10 14.76 -3.94 -3.37
CA LEU B 10 14.21 -2.59 -3.48
C LEU B 10 12.98 -2.56 -4.38
N ASP B 11 13.02 -3.33 -5.47
CA ASP B 11 11.88 -3.40 -6.39
C ASP B 11 10.67 -3.97 -5.63
N LEU B 12 10.92 -5.02 -4.84
CA LEU B 12 9.85 -5.66 -4.08
C LEU B 12 9.17 -4.69 -3.12
N MET B 13 9.96 -3.89 -2.40
CA MET B 13 9.40 -2.93 -1.46
C MET B 13 8.67 -1.81 -2.19
N ARG B 14 8.97 -1.67 -3.48
CA ARG B 14 8.31 -0.66 -4.29
C ARG B 14 6.95 -1.22 -4.78
N ARG B 15 6.65 -2.47 -4.43
CA ARG B 15 5.38 -3.10 -4.87
C ARG B 15 4.49 -3.62 -3.73
N LEU B 16 5.08 -4.12 -2.66
CA LEU B 16 4.25 -4.62 -1.56
C LEU B 16 3.62 -3.40 -0.90
N PRO B 17 2.43 -3.59 -0.29
CA PRO B 17 1.71 -2.50 0.37
C PRO B 17 2.64 -1.74 1.32
N PRO B 18 2.83 -0.43 1.08
CA PRO B 18 3.71 0.35 1.97
C PRO B 18 3.19 0.37 3.40
N GLN B 19 1.90 0.09 3.57
CA GLN B 19 1.31 0.06 4.91
C GLN B 19 1.98 -0.99 5.82
N GLN B 20 2.60 -2.02 5.23
CA GLN B 20 3.27 -3.05 6.02
C GLN B 20 4.79 -3.08 5.82
N ILE B 21 5.38 -1.92 5.54
CA ILE B 21 6.82 -1.88 5.31
C ILE B 21 7.60 -2.52 6.45
N GLU B 22 7.23 -2.20 7.69
CA GLU B 22 7.93 -2.74 8.86
C GLU B 22 7.96 -4.26 8.93
N LYS B 23 6.80 -4.90 8.87
CA LYS B 23 6.73 -6.36 8.91
C LYS B 23 7.44 -6.96 7.68
N ASN B 24 7.16 -6.43 6.50
CA ASN B 24 7.78 -6.96 5.30
C ASN B 24 9.30 -6.81 5.23
N LEU B 25 9.83 -5.68 5.72
CA LEU B 25 11.28 -5.45 5.68
C LEU B 25 11.98 -6.46 6.59
N SER B 26 11.35 -6.70 7.73
CA SER B 26 11.85 -7.66 8.69
C SER B 26 11.91 -9.05 8.05
N ASP B 27 10.82 -9.43 7.39
CA ASP B 27 10.76 -10.72 6.72
C ASP B 27 11.78 -10.77 5.61
N LEU B 28 11.92 -9.66 4.90
CA LEU B 28 12.88 -9.60 3.80
C LEU B 28 14.28 -9.86 4.34
N ILE B 29 14.57 -9.36 5.54
CA ILE B 29 15.88 -9.58 6.15
C ILE B 29 16.04 -11.04 6.57
N ASP B 30 14.95 -11.65 7.06
CA ASP B 30 14.97 -13.06 7.47
C ASP B 30 15.38 -13.88 6.25
N LEU B 31 14.79 -13.52 5.11
CA LEU B 31 15.04 -14.19 3.84
C LEU B 31 16.46 -14.00 3.33
N VAL B 32 17.04 -12.81 3.54
CA VAL B 32 18.39 -12.53 3.08
C VAL B 32 19.19 -11.75 4.14
N PRO B 33 19.52 -12.41 5.26
CA PRO B 33 20.28 -11.83 6.39
C PRO B 33 21.57 -11.07 6.08
N SER B 34 22.19 -11.35 4.95
CA SER B 34 23.43 -10.68 4.59
C SER B 34 23.17 -9.26 4.09
N LEU B 35 21.93 -9.01 3.68
CA LEU B 35 21.55 -7.69 3.17
C LEU B 35 20.94 -6.79 4.24
N CYS B 36 20.93 -7.26 5.47
CA CYS B 36 20.35 -6.51 6.58
C CYS B 36 20.81 -5.06 6.69
N GLU B 37 22.11 -4.85 6.69
CA GLU B 37 22.64 -3.50 6.80
C GLU B 37 22.26 -2.64 5.58
N ASP B 38 22.40 -3.21 4.39
CA ASP B 38 22.07 -2.49 3.16
C ASP B 38 20.59 -2.12 3.06
N LEU B 39 19.72 -2.98 3.57
CA LEU B 39 18.29 -2.74 3.51
C LEU B 39 17.85 -1.72 4.56
N LEU B 40 18.43 -1.81 5.75
CA LEU B 40 18.08 -0.87 6.80
C LEU B 40 18.47 0.55 6.36
N SER B 41 19.45 0.67 5.49
CA SER B 41 19.86 2.01 5.08
C SER B 41 19.19 2.48 3.80
N SER B 42 18.78 1.55 2.94
CA SER B 42 18.17 1.95 1.68
C SER B 42 16.63 1.89 1.63
N VAL B 43 16.01 1.20 2.58
CA VAL B 43 14.55 1.08 2.62
C VAL B 43 13.93 2.05 3.65
N ASP B 44 13.23 3.06 3.15
CA ASP B 44 12.59 4.05 3.98
C ASP B 44 11.43 3.43 4.72
N GLN B 45 11.35 3.66 6.03
CA GLN B 45 10.22 3.14 6.77
C GLN B 45 9.55 4.24 7.61
N PRO B 46 8.26 4.06 7.92
CA PRO B 46 7.53 5.05 8.72
C PRO B 46 8.44 5.51 9.84
N LEU B 47 8.48 6.81 10.10
CA LEU B 47 9.36 7.33 11.14
C LEU B 47 8.83 7.08 12.55
N LYS B 48 9.73 6.58 13.41
CA LYS B 48 9.41 6.29 14.80
C LYS B 48 9.92 7.42 15.69
N ILE B 49 9.15 7.74 16.71
CA ILE B 49 9.51 8.77 17.67
C ILE B 49 10.06 8.11 18.92
N ALA B 50 11.06 8.75 19.52
CA ALA B 50 11.69 8.28 20.74
C ALA B 50 11.76 9.48 21.68
N ARG B 51 11.75 9.22 22.97
CA ARG B 51 11.79 10.33 23.92
C ARG B 51 13.15 10.48 24.57
N ASP B 52 13.69 11.69 24.49
CA ASP B 52 14.98 11.95 25.14
C ASP B 52 14.53 12.37 26.53
N LYS B 53 14.82 11.51 27.51
CA LYS B 53 14.42 11.77 28.88
C LYS B 53 15.19 12.90 29.56
N VAL B 54 16.50 12.96 29.37
CA VAL B 54 17.29 14.01 30.00
C VAL B 54 16.89 15.42 29.57
N VAL B 55 16.43 15.56 28.34
CA VAL B 55 16.03 16.87 27.81
C VAL B 55 14.52 17.03 27.70
N GLY B 56 13.78 15.94 27.84
CA GLY B 56 12.33 16.02 27.75
C GLY B 56 11.84 16.39 26.36
N LYS B 57 12.50 15.85 25.33
CA LYS B 57 12.12 16.16 23.96
C LYS B 57 12.16 14.93 23.05
N ASP B 58 11.22 14.85 22.12
CA ASP B 58 11.16 13.73 21.20
C ASP B 58 12.18 13.93 20.09
N TYR B 59 12.59 12.84 19.49
CA TYR B 59 13.52 12.85 18.36
C TYR B 59 13.10 11.69 17.50
N LEU B 60 13.50 11.72 16.23
CA LEU B 60 13.12 10.68 15.28
C LEU B 60 14.20 9.64 15.03
N LEU B 61 13.77 8.42 14.77
CA LEU B 61 14.69 7.33 14.54
C LEU B 61 14.88 6.97 13.06
N CYS B 62 16.12 6.66 12.69
CA CYS B 62 16.45 6.23 11.34
C CYS B 62 17.78 5.48 11.43
N ASP B 63 18.14 4.84 10.32
CA ASP B 63 19.37 4.07 10.26
C ASP B 63 20.60 4.93 10.51
N TYR B 64 20.50 6.22 10.18
CA TYR B 64 21.63 7.12 10.31
C TYR B 64 22.02 7.61 11.72
N ASN B 65 21.16 7.40 12.71
CA ASN B 65 21.52 7.78 14.08
C ASN B 65 21.50 6.51 14.93
N ARG B 66 21.57 5.37 14.25
CA ARG B 66 21.56 4.06 14.90
C ARG B 66 22.93 3.42 14.98
N ASP B 67 23.18 2.75 16.09
CA ASP B 67 24.44 2.01 16.27
C ASP B 67 24.02 0.72 16.96
N GLY B 68 24.07 -0.38 16.22
CA GLY B 68 23.63 -1.65 16.79
C GLY B 68 22.13 -1.56 17.06
N ASP B 69 21.74 -1.80 18.31
CA ASP B 69 20.34 -1.77 18.71
C ASP B 69 19.92 -0.47 19.41
N SER B 70 20.80 0.53 19.41
CA SER B 70 20.50 1.82 20.05
C SER B 70 20.48 3.00 19.07
N TYR B 71 19.86 4.10 19.49
CA TYR B 71 19.78 5.29 18.66
C TYR B 71 20.30 6.51 19.42
N ARG B 72 20.96 7.40 18.70
CA ARG B 72 21.53 8.61 19.29
C ARG B 72 20.57 9.80 19.25
N SER B 73 20.34 10.42 20.40
CA SER B 73 19.46 11.59 20.46
C SER B 73 20.22 12.79 19.90
N PRO B 74 19.53 13.63 19.09
CA PRO B 74 20.18 14.80 18.52
C PRO B 74 20.25 15.92 19.54
N TRP B 75 19.54 15.76 20.65
CA TRP B 75 19.52 16.77 21.70
C TRP B 75 20.64 16.58 22.71
N SER B 76 20.72 15.40 23.30
CA SER B 76 21.75 15.14 24.32
C SER B 76 22.98 14.42 23.79
N ASN B 77 22.94 14.05 22.51
CA ASN B 77 24.04 13.35 21.87
C ASN B 77 24.38 12.05 22.61
N LYS B 78 23.35 11.42 23.18
CA LYS B 78 23.50 10.18 23.94
C LYS B 78 22.66 9.07 23.31
N TYR B 79 23.12 7.83 23.47
CA TYR B 79 22.42 6.65 22.93
C TYR B 79 21.40 6.03 23.86
N ASP B 80 20.33 5.52 23.27
CA ASP B 80 19.28 4.86 24.03
C ASP B 80 18.73 3.71 23.20
N PRO B 81 18.70 2.50 23.77
CA PRO B 81 19.16 2.23 25.14
C PRO B 81 20.65 2.55 25.28
N PRO B 82 21.12 2.76 26.52
CA PRO B 82 22.52 3.08 26.80
C PRO B 82 23.58 2.18 26.17
N LEU B 83 24.61 2.81 25.59
CA LEU B 83 25.74 2.13 24.95
C LEU B 83 27.00 2.68 25.60
N GLU B 84 28.09 1.94 25.48
CA GLU B 84 29.36 2.36 26.07
C GLU B 84 30.19 3.28 25.17
N ASP B 85 30.53 2.81 23.97
CA ASP B 85 31.34 3.58 23.03
C ASP B 85 30.64 3.76 21.68
N GLY B 86 29.42 4.26 21.71
CA GLY B 86 28.67 4.45 20.48
C GLY B 86 29.27 5.45 19.52
N ALA B 87 29.02 5.25 18.23
CA ALA B 87 29.52 6.12 17.19
C ALA B 87 28.99 7.55 17.40
N MET B 88 29.91 8.51 17.43
CA MET B 88 29.56 9.91 17.63
C MET B 88 30.20 10.78 16.56
N PRO B 89 29.55 11.89 16.20
CA PRO B 89 30.19 12.72 15.19
C PRO B 89 31.37 13.41 15.90
N SER B 90 32.29 13.97 15.15
CA SER B 90 33.41 14.66 15.77
C SER B 90 32.83 15.88 16.51
N ALA B 91 33.60 16.43 17.45
CA ALA B 91 33.13 17.59 18.21
C ALA B 91 32.75 18.76 17.31
N ARG B 92 33.53 18.95 16.25
CA ARG B 92 33.27 20.02 15.29
C ARG B 92 32.04 19.77 14.40
N LEU B 93 31.81 18.52 14.03
CA LEU B 93 30.64 18.18 13.23
C LEU B 93 29.41 18.23 14.14
N ARG B 94 29.57 17.77 15.38
CA ARG B 94 28.48 17.80 16.35
C ARG B 94 27.95 19.24 16.50
N LYS B 95 28.86 20.22 16.55
CA LYS B 95 28.46 21.61 16.68
C LYS B 95 27.59 22.04 15.48
N LEU B 96 28.02 21.66 14.28
CA LEU B 96 27.26 21.96 13.07
C LEU B 96 25.93 21.22 13.13
N GLU B 97 25.94 20.04 13.73
CA GLU B 97 24.72 19.23 13.85
C GLU B 97 23.72 19.92 14.74
N VAL B 98 24.21 20.53 15.81
CA VAL B 98 23.35 21.24 16.74
C VAL B 98 22.69 22.41 16.03
N GLU B 99 23.51 23.13 15.27
CA GLU B 99 23.02 24.26 14.50
C GLU B 99 22.03 23.84 13.40
N ALA B 100 22.28 22.69 12.77
CA ALA B 100 21.36 22.23 11.71
C ALA B 100 20.02 21.85 12.37
N ASN B 101 20.06 21.21 13.53
CA ASN B 101 18.82 20.86 14.21
C ASN B 101 18.03 22.12 14.56
N ASN B 102 18.72 23.14 15.05
CA ASN B 102 18.03 24.37 15.41
C ASN B 102 17.42 25.06 14.19
N ALA B 103 18.17 25.11 13.08
CA ALA B 103 17.67 25.74 11.86
C ALA B 103 16.45 25.02 11.29
N PHE B 104 16.49 23.69 11.28
CA PHE B 104 15.37 22.92 10.76
C PHE B 104 14.17 22.86 11.69
N ASP B 105 14.39 23.12 12.97
CA ASP B 105 13.31 23.20 13.94
C ASP B 105 12.47 24.41 13.52
N GLN B 106 13.15 25.49 13.15
CA GLN B 106 12.46 26.70 12.71
C GLN B 106 11.79 26.43 11.38
N TYR B 107 12.51 25.75 10.49
CA TYR B 107 11.96 25.38 9.19
C TYR B 107 10.66 24.56 9.39
N ARG B 108 10.72 23.59 10.30
CA ARG B 108 9.57 22.74 10.58
C ARG B 108 8.37 23.55 11.09
N ASP B 109 8.61 24.41 12.07
CA ASP B 109 7.53 25.22 12.62
C ASP B 109 6.91 26.14 11.59
N LEU B 110 7.73 26.70 10.71
CA LEU B 110 7.27 27.61 9.66
C LEU B 110 6.42 26.96 8.57
N TYR B 111 6.76 25.73 8.19
CA TYR B 111 6.01 25.03 7.17
C TYR B 111 4.99 23.99 7.68
N PHE B 112 5.25 23.40 8.84
CA PHE B 112 4.35 22.37 9.39
C PHE B 112 3.60 22.82 10.66
N GLU B 113 4.04 23.92 11.26
CA GLU B 113 3.43 24.43 12.48
C GLU B 113 3.24 23.35 13.55
N GLY B 114 4.26 22.52 13.74
CA GLY B 114 4.17 21.46 14.73
C GLY B 114 4.99 20.27 14.29
N GLY B 115 4.71 19.10 14.85
CA GLY B 115 5.45 17.91 14.49
C GLY B 115 6.82 17.87 15.12
N VAL B 116 7.66 16.95 14.66
CA VAL B 116 9.00 16.77 15.20
C VAL B 116 10.03 16.73 14.07
N SER B 117 11.24 17.22 14.33
CA SER B 117 12.31 17.18 13.34
C SER B 117 13.60 16.70 14.01
N SER B 118 14.49 16.12 13.22
CA SER B 118 15.75 15.63 13.73
C SER B 118 16.75 15.62 12.58
N VAL B 119 17.98 16.08 12.85
CA VAL B 119 19.03 16.12 11.84
C VAL B 119 20.24 15.40 12.43
N TYR B 120 20.82 14.51 11.63
CA TYR B 120 22.00 13.77 12.05
C TYR B 120 23.00 13.93 10.93
N LEU B 121 24.25 14.19 11.29
CA LEU B 121 25.31 14.36 10.31
C LEU B 121 26.42 13.33 10.52
N TRP B 122 27.23 13.16 9.48
CA TRP B 122 28.38 12.27 9.55
C TRP B 122 29.43 12.71 8.53
N ASP B 123 30.70 12.52 8.87
CA ASP B 123 31.78 12.92 7.99
C ASP B 123 32.04 11.93 6.86
N LEU B 124 32.52 12.45 5.74
CA LEU B 124 32.86 11.63 4.58
C LEU B 124 34.33 11.92 4.29
N ASP B 125 34.87 11.27 3.26
CA ASP B 125 36.28 11.47 2.90
C ASP B 125 36.62 12.90 2.51
N HIS B 126 35.86 13.49 1.59
CA HIS B 126 36.11 14.86 1.17
C HIS B 126 34.87 15.73 1.32
N GLY B 127 34.14 15.51 2.40
CA GLY B 127 32.95 16.30 2.65
C GLY B 127 32.21 15.70 3.82
N PHE B 128 30.89 15.81 3.80
CA PHE B 128 30.08 15.24 4.87
C PHE B 128 28.67 14.98 4.36
N ALA B 129 27.88 14.27 5.16
CA ALA B 129 26.52 13.98 4.76
C ALA B 129 25.61 14.20 5.96
N GLY B 130 24.31 14.18 5.71
CA GLY B 130 23.37 14.36 6.79
C GLY B 130 21.99 13.91 6.39
N VAL B 131 21.14 13.68 7.37
CA VAL B 131 19.76 13.29 7.09
C VAL B 131 18.90 14.25 7.88
N ILE B 132 17.85 14.76 7.23
CA ILE B 132 16.90 15.65 7.87
C ILE B 132 15.58 14.88 7.96
N LEU B 133 15.10 14.72 9.18
CA LEU B 133 13.86 13.98 9.42
C LEU B 133 12.77 14.89 9.95
N ILE B 134 11.57 14.76 9.39
CA ILE B 134 10.42 15.54 9.84
C ILE B 134 9.19 14.66 9.89
N LYS B 135 8.47 14.75 10.99
CA LYS B 135 7.26 13.96 11.14
C LYS B 135 6.17 14.90 11.66
N LYS B 136 5.03 14.89 10.98
CA LYS B 136 3.89 15.71 11.38
C LYS B 136 2.60 14.90 11.23
N ALA B 137 1.91 14.73 12.35
CA ALA B 137 0.64 13.99 12.42
C ALA B 137 -0.49 15.00 12.61
N GLY B 138 -1.59 14.81 11.90
CA GLY B 138 -2.71 15.74 12.01
C GLY B 138 -3.59 15.58 13.23
N ASP B 139 -4.70 16.33 13.24
CA ASP B 139 -5.69 16.31 14.33
C ASP B 139 -6.11 14.89 14.68
N GLY B 140 -5.75 14.45 15.88
CA GLY B 140 -6.11 13.12 16.30
C GLY B 140 -7.59 12.98 16.62
N SER B 141 -8.32 14.09 16.54
CA SER B 141 -9.75 14.08 16.84
C SER B 141 -10.64 13.91 15.61
N LYS B 142 -10.05 14.05 14.43
CA LYS B 142 -10.83 13.92 13.21
C LYS B 142 -10.96 12.51 12.63
N LYS B 143 -12.11 12.27 12.02
CA LYS B 143 -12.45 10.99 11.40
C LYS B 143 -11.31 10.45 10.54
N ILE B 144 -10.61 11.35 9.86
CA ILE B 144 -9.52 10.95 9.00
C ILE B 144 -8.16 11.31 9.58
N LYS B 145 -7.31 10.29 9.71
CA LYS B 145 -5.96 10.46 10.25
C LYS B 145 -4.96 10.65 9.11
N GLY B 146 -3.94 11.45 9.37
CA GLY B 146 -2.94 11.73 8.36
C GLY B 146 -1.58 11.91 9.01
N CYS B 147 -0.52 11.53 8.28
CA CYS B 147 0.83 11.66 8.79
C CYS B 147 1.80 11.87 7.64
N TRP B 148 2.69 12.83 7.83
CA TRP B 148 3.70 13.18 6.84
C TRP B 148 5.07 12.87 7.42
N ASP B 149 5.85 12.11 6.66
CA ASP B 149 7.20 11.74 7.06
C ASP B 149 8.16 12.27 6.01
N SER B 150 9.08 13.16 6.41
CA SER B 150 10.08 13.67 5.48
C SER B 150 11.42 12.99 5.78
N ILE B 151 12.09 12.50 4.75
CA ILE B 151 13.38 11.84 4.91
C ILE B 151 14.30 12.40 3.84
N HIS B 152 15.16 13.35 4.23
CA HIS B 152 16.09 14.00 3.31
C HIS B 152 17.52 13.57 3.59
N VAL B 153 18.19 13.03 2.60
CA VAL B 153 19.57 12.63 2.79
C VAL B 153 20.40 13.46 1.82
N VAL B 154 21.32 14.25 2.37
CA VAL B 154 22.14 15.11 1.55
C VAL B 154 23.62 14.78 1.69
N GLU B 155 24.32 14.80 0.56
CA GLU B 155 25.74 14.52 0.52
C GLU B 155 26.40 15.79 0.04
N VAL B 156 27.38 16.27 0.79
CA VAL B 156 28.08 17.50 0.43
C VAL B 156 29.53 17.23 0.04
N GLN B 157 29.86 17.54 -1.21
CA GLN B 157 31.20 17.37 -1.72
C GLN B 157 31.88 18.73 -1.66
N GLU B 158 32.83 18.85 -0.74
CA GLU B 158 33.55 20.11 -0.57
C GLU B 158 34.70 20.22 -1.56
N LYS B 159 34.87 21.41 -2.13
CA LYS B 159 35.93 21.64 -3.09
C LYS B 159 37.17 22.23 -2.42
N SER B 160 38.33 21.65 -2.73
CA SER B 160 39.60 22.09 -2.17
C SER B 160 39.72 23.59 -2.30
N SER B 161 39.67 24.06 -3.55
CA SER B 161 39.76 25.49 -3.82
C SER B 161 38.42 26.00 -4.33
N GLY B 162 37.91 27.06 -3.72
CA GLY B 162 36.66 27.62 -4.20
C GLY B 162 35.56 28.02 -3.24
N ARG B 163 35.25 27.17 -2.27
CA ARG B 163 34.13 27.44 -1.37
C ARG B 163 32.93 27.61 -2.29
N THR B 164 32.68 26.49 -2.93
CA THR B 164 31.61 26.24 -3.87
C THR B 164 31.60 24.76 -3.54
N ALA B 165 30.43 24.17 -3.37
CA ALA B 165 30.39 22.76 -3.03
C ALA B 165 29.38 22.05 -3.89
N HIS B 166 29.49 20.73 -3.94
CA HIS B 166 28.54 19.96 -4.71
C HIS B 166 27.55 19.35 -3.73
N TYR B 167 26.27 19.61 -3.95
CA TYR B 167 25.25 19.05 -3.08
C TYR B 167 24.41 18.05 -3.85
N LYS B 168 24.19 16.89 -3.24
CA LYS B 168 23.36 15.83 -3.82
C LYS B 168 22.29 15.54 -2.77
N LEU B 169 21.03 15.84 -3.11
CA LEU B 169 19.92 15.61 -2.19
C LEU B 169 18.94 14.56 -2.72
N THR B 170 18.71 13.53 -1.91
CA THR B 170 17.76 12.48 -2.28
C THR B 170 16.70 12.59 -1.20
N SER B 171 15.49 12.92 -1.62
CA SER B 171 14.39 13.11 -0.69
C SER B 171 13.19 12.19 -0.89
N THR B 172 12.61 11.77 0.23
CA THR B 172 11.42 10.93 0.19
C THR B 172 10.40 11.48 1.17
N VAL B 173 9.17 11.64 0.70
CA VAL B 173 8.11 12.08 1.58
C VAL B 173 7.12 10.91 1.64
N MET B 174 6.85 10.43 2.84
CA MET B 174 5.92 9.34 3.05
C MET B 174 4.65 10.00 3.58
N LEU B 175 3.55 9.81 2.84
CA LEU B 175 2.26 10.39 3.23
C LEU B 175 1.29 9.26 3.49
N TRP B 176 0.77 9.24 4.72
CA TRP B 176 -0.18 8.23 5.17
C TRP B 176 -1.52 8.84 5.53
N LEU B 177 -2.58 8.27 4.98
CA LEU B 177 -3.95 8.75 5.23
C LEU B 177 -4.79 7.51 5.54
N GLN B 178 -5.59 7.58 6.59
CA GLN B 178 -6.43 6.45 6.98
C GLN B 178 -7.75 6.89 7.61
N THR B 179 -8.78 6.10 7.40
CA THR B 179 -10.09 6.39 7.96
C THR B 179 -10.91 5.12 8.22
N ASN B 180 -11.60 5.11 9.35
CA ASN B 180 -12.46 3.98 9.75
C ASN B 180 -13.87 4.54 9.92
N LYS B 181 -14.53 4.81 8.79
CA LYS B 181 -15.89 5.33 8.84
C LYS B 181 -16.88 4.33 8.26
N THR B 182 -18.05 4.26 8.89
CA THR B 182 -19.12 3.35 8.48
C THR B 182 -19.22 3.18 6.97
N GLY B 183 -19.52 4.28 6.28
CA GLY B 183 -19.67 4.26 4.84
C GLY B 183 -18.48 3.79 4.01
N SER B 184 -17.27 3.90 4.54
CA SER B 184 -16.11 3.48 3.79
C SER B 184 -15.40 2.27 4.36
N GLY B 185 -15.84 1.82 5.53
CA GLY B 185 -15.19 0.69 6.17
C GLY B 185 -13.78 1.16 6.49
N THR B 186 -12.77 0.43 6.03
CA THR B 186 -11.41 0.87 6.28
C THR B 186 -10.82 1.31 4.96
N MET B 187 -10.36 2.55 4.91
CA MET B 187 -9.74 3.11 3.71
C MET B 187 -8.35 3.60 4.07
N ASN B 188 -7.34 3.06 3.41
CA ASN B 188 -5.97 3.45 3.67
C ASN B 188 -5.30 3.89 2.38
N LEU B 189 -4.89 5.15 2.33
CA LEU B 189 -4.22 5.70 1.17
C LEU B 189 -2.83 6.11 1.65
N GLY B 190 -1.81 5.33 1.31
CA GLY B 190 -0.48 5.67 1.80
C GLY B 190 0.67 5.26 0.93
N GLY B 191 1.88 5.59 1.39
CA GLY B 191 3.06 5.27 0.63
C GLY B 191 4.00 6.45 0.59
N SER B 192 4.72 6.61 -0.52
CA SER B 192 5.67 7.69 -0.60
C SER B 192 6.13 7.96 -2.01
N LEU B 193 6.75 9.12 -2.19
CA LEU B 193 7.30 9.54 -3.47
C LEU B 193 8.75 9.98 -3.21
N THR B 194 9.63 9.70 -4.15
CA THR B 194 11.04 10.04 -3.99
C THR B 194 11.51 10.88 -5.15
N ARG B 195 12.35 11.86 -4.84
CA ARG B 195 12.89 12.73 -5.87
C ARG B 195 14.35 12.97 -5.52
N GLN B 196 15.16 13.21 -6.55
CA GLN B 196 16.59 13.46 -6.34
C GLN B 196 17.00 14.73 -7.06
N MET B 197 18.00 15.40 -6.51
CA MET B 197 18.45 16.67 -7.07
C MET B 197 19.93 16.84 -6.74
N GLU B 198 20.66 17.47 -7.66
CA GLU B 198 22.10 17.73 -7.50
C GLU B 198 22.38 19.13 -8.01
N LYS B 199 23.26 19.84 -7.31
CA LYS B 199 23.59 21.21 -7.70
C LYS B 199 24.94 21.69 -7.16
N ASP B 200 25.63 22.49 -7.96
CA ASP B 200 26.89 23.06 -7.54
C ASP B 200 26.48 24.41 -6.98
N GLU B 201 27.05 24.78 -5.83
CA GLU B 201 26.65 26.02 -5.20
C GLU B 201 27.77 26.75 -4.46
N THR B 202 27.65 28.07 -4.42
CA THR B 202 28.62 28.89 -3.73
C THR B 202 28.41 28.79 -2.22
N VAL B 203 29.49 28.65 -1.48
CA VAL B 203 29.41 28.58 -0.02
C VAL B 203 30.14 29.81 0.50
N SER B 204 29.44 30.63 1.27
CA SER B 204 29.99 31.86 1.82
C SER B 204 29.44 32.12 3.22
N ASP B 205 29.91 33.20 3.85
CA ASP B 205 29.44 33.55 5.19
C ASP B 205 27.94 33.87 5.21
N SER B 206 27.45 34.47 4.12
CA SER B 206 26.03 34.81 4.06
C SER B 206 25.22 33.62 3.52
N SER B 207 25.90 32.65 2.91
CA SER B 207 25.22 31.47 2.39
C SER B 207 26.02 30.21 2.72
N PRO B 208 26.10 29.86 4.02
CA PRO B 208 26.83 28.69 4.49
C PRO B 208 26.14 27.37 4.12
N HIS B 209 26.76 26.25 4.51
CA HIS B 209 26.22 24.94 4.21
C HIS B 209 24.74 24.74 4.60
N ILE B 210 24.37 25.15 5.80
CA ILE B 210 23.00 24.96 6.25
C ILE B 210 22.02 25.73 5.38
N ALA B 211 22.37 26.95 5.00
CA ALA B 211 21.47 27.73 4.14
C ALA B 211 21.30 27.01 2.80
N ASN B 212 22.39 26.52 2.23
CA ASN B 212 22.30 25.84 0.93
C ASN B 212 21.47 24.57 1.04
N ILE B 213 21.70 23.80 2.09
CA ILE B 213 20.95 22.56 2.29
C ILE B 213 19.48 22.92 2.54
N GLY B 214 19.26 23.95 3.36
CA GLY B 214 17.91 24.39 3.67
C GLY B 214 17.12 24.78 2.42
N ARG B 215 17.74 25.57 1.55
CA ARG B 215 17.09 26.00 0.30
C ARG B 215 16.74 24.81 -0.57
N LEU B 216 17.64 23.83 -0.63
CA LEU B 216 17.39 22.63 -1.42
C LEU B 216 16.25 21.82 -0.82
N VAL B 217 16.27 21.63 0.49
CA VAL B 217 15.21 20.88 1.18
C VAL B 217 13.84 21.55 0.93
N GLU B 218 13.79 22.87 1.14
CA GLU B 218 12.58 23.66 0.95
C GLU B 218 12.02 23.52 -0.46
N ASP B 219 12.88 23.72 -1.47
CA ASP B 219 12.43 23.59 -2.85
C ASP B 219 11.95 22.18 -3.14
N MET B 220 12.70 21.20 -2.62
CA MET B 220 12.36 19.80 -2.80
C MET B 220 10.99 19.50 -2.19
N GLU B 221 10.78 19.88 -0.93
CA GLU B 221 9.50 19.61 -0.29
C GLU B 221 8.33 20.33 -0.93
N ASN B 222 8.54 21.55 -1.42
CA ASN B 222 7.46 22.29 -2.06
C ASN B 222 7.04 21.56 -3.35
N LYS B 223 8.03 21.03 -4.06
CA LYS B 223 7.77 20.30 -5.30
C LYS B 223 7.09 18.96 -5.03
N ILE B 224 7.58 18.25 -4.02
CA ILE B 224 7.00 16.96 -3.69
C ILE B 224 5.58 17.11 -3.12
N ARG B 225 5.31 18.23 -2.44
CA ARG B 225 3.97 18.47 -1.89
C ARG B 225 2.95 18.57 -3.03
N SER B 226 3.34 19.23 -4.12
CA SER B 226 2.48 19.40 -5.27
C SER B 226 2.22 18.06 -5.96
N THR B 227 3.29 17.28 -6.14
CA THR B 227 3.20 15.97 -6.77
C THR B 227 2.35 15.03 -5.93
N LEU B 228 2.49 15.12 -4.60
CA LEU B 228 1.72 14.28 -3.70
C LEU B 228 0.23 14.57 -3.86
N ASN B 229 -0.11 15.86 -3.86
CA ASN B 229 -1.49 16.27 -4.02
C ASN B 229 -2.04 15.73 -5.34
N GLU B 230 -1.25 15.86 -6.41
CA GLU B 230 -1.65 15.36 -7.72
C GLU B 230 -1.84 13.84 -7.75
N ILE B 231 -0.81 13.09 -7.34
CA ILE B 231 -0.87 11.63 -7.35
C ILE B 231 -1.92 11.04 -6.42
N TYR B 232 -1.87 11.41 -5.15
CA TYR B 232 -2.81 10.86 -4.17
C TYR B 232 -4.28 11.20 -4.43
N PHE B 233 -4.58 12.49 -4.48
CA PHE B 233 -5.95 12.96 -4.66
C PHE B 233 -6.37 13.14 -6.10
N GLY B 234 -5.40 13.07 -7.01
CA GLY B 234 -5.73 13.20 -8.40
C GLY B 234 -5.69 11.84 -9.09
N LYS B 235 -4.49 11.34 -9.33
CA LYS B 235 -4.31 10.06 -10.03
C LYS B 235 -4.94 8.80 -9.41
N THR B 236 -4.72 8.51 -8.13
CA THR B 236 -5.33 7.29 -7.61
C THR B 236 -6.86 7.37 -7.60
N LYS B 237 -7.38 8.59 -7.51
CA LYS B 237 -8.83 8.77 -7.51
C LYS B 237 -9.37 8.46 -8.90
N ASP B 238 -8.66 8.95 -9.91
CA ASP B 238 -9.04 8.70 -11.29
C ASP B 238 -8.99 7.22 -11.64
N ILE B 239 -8.02 6.51 -11.09
CA ILE B 239 -7.91 5.09 -11.36
C ILE B 239 -9.11 4.41 -10.72
N VAL B 240 -9.47 4.88 -9.54
CA VAL B 240 -10.63 4.35 -8.82
C VAL B 240 -11.92 4.56 -9.62
N ASN B 241 -12.07 5.72 -10.24
CA ASN B 241 -13.27 5.99 -11.02
C ASN B 241 -13.29 5.22 -12.34
N GLY B 242 -12.15 4.65 -12.70
CA GLY B 242 -12.07 3.88 -13.92
C GLY B 242 -12.38 2.42 -13.68
N LEU B 243 -12.43 2.04 -12.40
CA LEU B 243 -12.73 0.66 -12.04
C LEU B 243 -14.24 0.45 -11.94
N ARG B 244 -14.94 1.49 -11.51
CA ARG B 244 -16.38 1.44 -11.37
C ARG B 244 -16.96 2.83 -11.55
N SER B 245 -18.26 2.89 -11.82
CA SER B 245 -18.97 4.14 -12.01
C SER B 245 -20.33 4.02 -11.34
N ILE B 246 -20.72 5.03 -10.58
CA ILE B 246 -22.00 4.99 -9.89
C ILE B 246 -23.15 5.12 -10.88
N ASP B 247 -22.97 5.98 -11.88
CA ASP B 247 -23.99 6.17 -12.88
C ASP B 247 -23.83 5.10 -13.94
N ALA B 248 -24.95 4.61 -14.46
CA ALA B 248 -24.92 3.58 -15.49
C ALA B 248 -24.07 4.08 -16.65
N ILE B 249 -23.09 3.28 -17.05
CA ILE B 249 -22.21 3.64 -18.15
C ILE B 249 -22.88 3.34 -19.47
N PRO B 250 -23.23 4.39 -20.25
CA PRO B 250 -23.87 4.17 -21.54
C PRO B 250 -23.10 3.09 -22.30
N ASP B 251 -23.58 1.85 -22.20
CA ASP B 251 -23.01 0.73 -22.92
C ASP B 251 -22.92 0.96 -24.43
N ASN B 252 -21.82 0.50 -25.04
CA ASN B 252 -21.68 0.67 -26.47
C ASN B 252 -21.41 -0.64 -27.20
N GLN B 253 -22.38 -0.98 -28.05
CA GLN B 253 -22.44 -2.27 -28.71
C GLN B 253 -21.52 -2.24 -29.92
N LYS B 254 -21.51 -1.09 -30.60
CA LYS B 254 -20.91 -0.97 -31.92
C LYS B 254 -19.45 -1.40 -31.96
N TYR B 255 -18.62 -0.76 -31.15
CA TYR B 255 -17.20 -1.07 -31.14
C TYR B 255 -16.92 -2.49 -30.67
N LYS B 256 -17.70 -2.98 -29.71
CA LYS B 256 -17.42 -4.30 -29.14
C LYS B 256 -17.71 -5.40 -30.15
N GLN B 257 -18.75 -5.21 -30.95
CA GLN B 257 -19.16 -6.21 -31.92
C GLN B 257 -18.06 -6.33 -32.97
N LEU B 258 -17.54 -5.18 -33.42
CA LEU B 258 -16.49 -5.15 -34.43
C LEU B 258 -15.21 -5.81 -33.91
N GLN B 259 -14.95 -5.65 -32.62
CA GLN B 259 -13.63 -5.97 -32.09
C GLN B 259 -13.32 -7.45 -32.23
N ARG B 260 -14.33 -8.31 -32.04
CA ARG B 260 -14.08 -9.74 -32.03
C ARG B 260 -13.70 -10.18 -33.45
N GLU B 261 -14.41 -9.65 -34.44
CA GLU B 261 -14.25 -10.06 -35.83
C GLU B 261 -12.82 -9.85 -36.35
N LEU B 262 -12.27 -8.67 -36.12
CA LEU B 262 -10.91 -8.35 -36.52
C LEU B 262 -9.83 -9.14 -35.78
N SER B 263 -10.12 -9.52 -34.54
CA SER B 263 -9.12 -10.13 -33.67
C SER B 263 -8.72 -11.53 -34.13
N GLN B 264 -9.72 -12.38 -34.35
CA GLN B 264 -9.45 -13.78 -34.63
C GLN B 264 -8.68 -13.96 -35.93
N VAL B 265 -8.75 -12.96 -36.81
CA VAL B 265 -8.06 -13.06 -38.09
C VAL B 265 -6.56 -13.01 -37.84
N LEU B 266 -6.12 -12.13 -36.94
CA LEU B 266 -4.70 -11.90 -36.74
C LEU B 266 -4.02 -13.09 -36.07
N THR B 267 -4.74 -13.78 -35.19
CA THR B 267 -4.16 -14.92 -34.46
C THR B 267 -3.87 -16.10 -35.38
N GLN B 268 -4.77 -16.35 -36.34
CA GLN B 268 -4.63 -17.50 -37.23
C GLN B 268 -3.78 -17.09 -38.44
N ARG B 269 -3.13 -15.94 -38.31
CA ARG B 269 -2.18 -15.43 -39.31
C ARG B 269 -0.80 -15.38 -38.66
N GLN B 270 -0.75 -14.88 -37.43
CA GLN B 270 0.50 -14.84 -36.68
C GLN B 270 0.54 -16.25 -36.10
N ILE B 271 1.63 -16.59 -35.45
CA ILE B 271 1.70 -17.79 -34.61
C ILE B 271 0.49 -17.92 -33.69
N GLY C 4 -2.21 -37.44 2.87
CA GLY C 4 -2.32 -35.96 2.74
C GLY C 4 -2.17 -35.57 1.27
N SER C 5 -1.94 -34.28 1.04
CA SER C 5 -1.77 -33.79 -0.33
C SER C 5 -0.51 -34.38 -0.96
N TRP C 6 -0.59 -34.68 -2.26
CA TRP C 6 0.54 -35.25 -2.97
C TRP C 6 1.42 -34.14 -3.56
N GLY C 7 2.74 -34.35 -3.50
CA GLY C 7 3.68 -33.36 -4.02
C GLY C 7 5.10 -33.89 -3.95
N CYS C 8 6.04 -33.08 -4.45
CA CYS C 8 7.45 -33.48 -4.44
C CYS C 8 7.94 -33.67 -3.01
N VAL C 9 7.51 -32.78 -2.12
CA VAL C 9 7.92 -32.85 -0.72
C VAL C 9 9.43 -33.04 -0.61
N ARG C 10 9.87 -34.29 -0.63
CA ARG C 10 11.29 -34.59 -0.53
C ARG C 10 11.60 -35.94 -1.19
N GLN C 11 10.80 -36.95 -0.85
CA GLN C 11 11.00 -38.28 -1.42
C GLN C 11 10.53 -38.32 -2.87
N GLU C 12 11.39 -38.84 -3.74
CA GLU C 12 11.05 -38.94 -5.16
C GLU C 12 9.93 -39.96 -5.38
N LYS C 13 8.94 -39.58 -6.18
CA LYS C 13 7.83 -40.47 -6.46
C LYS C 13 8.22 -41.51 -7.52
N ARG C 14 7.60 -42.67 -7.44
CA ARG C 14 7.89 -43.74 -8.39
C ARG C 14 7.46 -43.34 -9.80
N SER C 15 6.32 -42.67 -9.90
CA SER C 15 5.82 -42.22 -11.20
C SER C 15 5.26 -40.81 -11.10
N SER C 16 5.38 -40.06 -12.19
CA SER C 16 4.88 -38.68 -12.20
C SER C 16 4.77 -38.18 -13.64
N GLY C 17 5.91 -38.08 -14.32
CA GLY C 17 5.93 -37.60 -15.70
C GLY C 17 5.97 -36.08 -15.75
N LEU C 18 5.81 -35.46 -14.59
CA LEU C 18 5.84 -33.99 -14.51
C LEU C 18 4.94 -33.40 -15.58
N ILE C 19 3.84 -34.07 -15.87
CA ILE C 19 2.90 -33.58 -16.88
C ILE C 19 2.29 -32.26 -16.44
N SER C 20 1.86 -32.19 -15.19
CA SER C 20 1.26 -30.97 -14.66
C SER C 20 2.34 -29.93 -14.37
N GLU C 21 1.92 -28.67 -14.29
CA GLU C 21 2.85 -27.58 -14.03
C GLU C 21 3.47 -27.73 -12.63
N LEU C 22 4.65 -27.16 -12.45
CA LEU C 22 5.34 -27.25 -11.16
C LEU C 22 6.61 -26.39 -11.18
N PRO C 23 7.34 -26.44 -12.25
CA PRO C 23 8.59 -25.66 -12.41
C PRO C 23 8.32 -24.18 -12.66
N SER C 24 9.23 -23.32 -12.19
CA SER C 24 9.08 -21.88 -12.36
C SER C 24 9.04 -21.53 -13.85
N GLU C 25 9.92 -22.15 -14.62
CA GLU C 25 9.97 -21.88 -16.06
C GLU C 25 10.81 -22.95 -16.76
N GLU C 26 11.95 -22.55 -17.28
CA GLU C 26 12.84 -23.47 -17.98
C GLU C 26 14.30 -23.10 -17.76
N GLY C 27 15.16 -24.12 -17.69
CA GLY C 27 16.59 -23.88 -17.48
C GLY C 27 17.15 -24.88 -16.48
N ARG C 28 18.24 -25.54 -16.86
CA ARG C 28 18.88 -26.52 -15.98
C ARG C 28 19.42 -25.83 -14.72
N ARG C 29 19.99 -24.65 -14.90
CA ARG C 29 20.54 -23.91 -13.77
C ARG C 29 20.47 -22.41 -14.02
N LEU C 30 20.07 -21.65 -13.00
CA LEU C 30 19.97 -20.21 -13.12
C LEU C 30 21.31 -19.55 -12.86
N GLU C 31 21.76 -18.74 -13.82
CA GLU C 31 23.04 -18.05 -13.68
C GLU C 31 22.85 -16.72 -12.95
N HIS C 32 23.91 -16.26 -12.28
CA HIS C 32 23.85 -15.00 -11.54
C HIS C 32 25.24 -14.36 -11.46
N PHE C 33 25.27 -13.04 -11.46
CA PHE C 33 26.54 -12.31 -11.37
C PHE C 33 26.36 -11.02 -10.58
N THR C 34 27.43 -10.61 -9.89
CA THR C 34 27.38 -9.39 -9.10
C THR C 34 27.64 -8.17 -9.98
N LYS C 35 27.31 -6.99 -9.46
CA LYS C 35 27.53 -5.77 -10.22
C LYS C 35 28.05 -4.66 -9.30
N LEU C 36 28.78 -3.71 -9.88
CA LEU C 36 29.32 -2.60 -9.11
C LEU C 36 28.24 -1.58 -8.79
N ARG C 37 28.37 -0.39 -9.36
CA ARG C 37 27.38 0.67 -9.14
C ARG C 37 27.07 0.81 -7.66
N PRO C 38 28.09 0.86 -6.84
CA PRO C 38 27.94 0.99 -5.36
C PRO C 38 26.88 2.02 -4.98
N LYS C 39 26.88 3.15 -5.69
CA LYS C 39 25.90 4.20 -5.42
C LYS C 39 25.72 4.38 -3.92
N ARG C 40 24.78 3.64 -3.35
CA ARG C 40 24.50 3.73 -1.92
C ARG C 40 25.58 3.02 -1.12
N ASN C 41 25.92 3.59 0.03
CA ASN C 41 26.96 3.01 0.89
C ASN C 41 26.38 1.89 1.75
N LYS C 42 27.24 1.27 2.55
CA LYS C 42 26.79 0.19 3.41
C LYS C 42 27.55 0.21 4.74
N LYS C 43 26.97 -0.40 5.77
CA LYS C 43 27.60 -0.43 7.09
C LYS C 43 28.29 -1.77 7.32
N GLN C 44 28.66 -2.03 8.56
CA GLN C 44 29.33 -3.27 8.91
C GLN C 44 28.40 -4.46 8.71
N GLN C 45 28.21 -5.25 9.77
CA GLN C 45 27.34 -6.42 9.70
C GLN C 45 26.07 -6.19 10.51
N PRO C 46 25.19 -7.16 10.52
CA PRO C 46 23.91 -7.08 11.26
C PRO C 46 24.10 -7.21 12.77
N THR C 47 23.18 -6.64 13.54
CA THR C 47 23.27 -6.71 15.00
C THR C 47 21.89 -6.47 15.62
N GLN C 48 20.98 -7.40 15.43
CA GLN C 48 19.64 -7.28 15.98
C GLN C 48 19.09 -5.88 15.75
N ALA C 49 17.95 -5.59 16.37
CA ALA C 49 17.33 -4.27 16.23
C ALA C 49 16.19 -4.10 17.21
N ALA C 50 15.88 -2.85 17.55
CA ALA C 50 14.80 -2.57 18.49
C ALA C 50 14.25 -1.17 18.26
N VAL C 51 13.15 -0.84 18.95
CA VAL C 51 12.54 0.48 18.80
C VAL C 51 12.04 0.98 20.16
N CYS C 52 12.27 2.26 20.43
CA CYS C 52 11.82 2.86 21.68
C CYS C 52 10.56 3.70 21.46
N THR C 53 9.46 3.29 22.08
CA THR C 53 8.21 4.02 21.95
C THR C 53 7.55 3.71 20.60
N ILE C 54 6.35 4.25 20.39
CA ILE C 54 5.64 4.02 19.15
C ILE C 54 5.28 5.35 18.49
N SER C 55 5.05 5.33 17.18
CA SER C 55 4.72 6.53 16.43
C SER C 55 3.26 6.92 16.69
N ILE C 56 3.00 8.22 16.77
CA ILE C 56 1.65 8.71 16.99
C ILE C 56 0.95 7.89 18.08
N LEU C 57 0.96 8.41 19.30
CA LEU C 57 0.33 7.71 20.42
C LEU C 57 -1.15 7.44 20.12
N PRO C 58 -1.91 8.48 19.96
CA PRO C 58 -3.38 8.37 19.67
C PRO C 58 -3.69 7.32 18.61
N GLN C 59 -4.15 6.16 19.05
CA GLN C 59 -4.47 5.07 18.12
C GLN C 59 -5.10 3.90 18.87
N ASP C 60 -6.18 3.37 18.31
CA ASP C 60 -6.87 2.24 18.93
C ASP C 60 -6.29 0.91 18.44
N GLY C 61 -5.57 0.23 19.32
CA GLY C 61 -4.96 -1.04 18.96
C GLY C 61 -3.58 -1.18 19.59
N GLU C 62 -3.16 -2.43 19.81
CA GLU C 62 -1.85 -2.68 20.40
C GLU C 62 -1.34 -4.06 20.00
N GLN C 63 -0.02 -4.21 19.97
CA GLN C 63 0.58 -5.49 19.60
C GLN C 63 0.06 -5.95 18.24
N ASN C 64 0.74 -6.95 17.66
CA ASN C 64 0.33 -7.47 16.37
C ASN C 64 -0.74 -8.55 16.54
N GLY C 65 -1.96 -8.25 16.11
CA GLY C 65 -3.05 -9.19 16.23
C GLY C 65 -4.32 -8.65 15.57
N LEU C 66 -4.18 -8.21 14.31
CA LEU C 66 -5.31 -7.67 13.57
C LEU C 66 -6.42 -7.23 14.53
N MET C 67 -7.57 -7.88 14.45
CA MET C 67 -8.69 -7.55 15.32
C MET C 67 -9.54 -8.79 15.59
N GLY C 68 -10.21 -9.29 14.55
CA GLY C 68 -11.04 -10.47 14.70
C GLY C 68 -11.37 -11.07 13.33
N ARG C 69 -11.80 -12.33 13.34
CA ARG C 69 -12.15 -13.02 12.09
C ARG C 69 -13.26 -14.03 12.33
N VAL C 70 -14.17 -14.12 11.36
CA VAL C 70 -15.29 -15.06 11.48
C VAL C 70 -14.92 -16.42 10.89
N ASP C 71 -15.18 -17.47 11.66
CA ASP C 71 -14.87 -18.83 11.20
C ASP C 71 -15.79 -19.84 11.88
N GLU C 72 -15.69 -21.09 11.45
CA GLU C 72 -16.52 -22.15 12.02
C GLU C 72 -16.13 -22.42 13.46
N GLY C 73 -17.08 -22.30 14.37
CA GLY C 73 -16.82 -22.53 15.79
C GLY C 73 -16.40 -23.97 16.04
N VAL C 74 -17.03 -24.90 15.33
CA VAL C 74 -16.70 -26.31 15.47
C VAL C 74 -16.85 -26.74 16.93
N ASP C 75 -15.80 -26.49 17.72
CA ASP C 75 -15.83 -26.86 19.13
C ASP C 75 -16.33 -25.70 19.98
N GLU C 76 -16.64 -24.59 19.33
CA GLU C 76 -17.13 -23.41 20.04
C GLU C 76 -18.64 -23.30 19.91
N PHE C 77 -19.30 -22.92 21.00
CA PHE C 77 -20.75 -22.79 21.00
C PHE C 77 -21.16 -21.38 20.57
N PHE C 78 -22.30 -21.28 19.90
CA PHE C 78 -22.79 -19.98 19.44
C PHE C 78 -24.32 -19.94 19.49
N THR C 79 -24.87 -18.78 19.83
CA THR C 79 -26.31 -18.62 19.90
C THR C 79 -26.89 -18.38 18.51
N LYS C 80 -26.18 -17.59 17.70
CA LYS C 80 -26.63 -17.30 16.35
C LYS C 80 -25.45 -17.24 15.39
N LYS C 81 -25.43 -18.16 14.44
CA LYS C 81 -24.34 -18.21 13.46
C LYS C 81 -24.63 -17.27 12.30
N VAL C 82 -23.62 -16.49 11.91
CA VAL C 82 -23.78 -15.55 10.81
C VAL C 82 -22.71 -15.78 9.74
N THR C 83 -23.14 -15.86 8.49
CA THR C 83 -22.22 -16.08 7.38
C THR C 83 -21.34 -14.86 7.18
N GLY C 84 -20.03 -15.09 7.04
CA GLY C 84 -19.09 -13.99 6.84
C GLY C 84 -17.65 -14.48 6.93
N CYS C 85 -16.79 -13.93 6.09
CA CYS C 85 -15.38 -14.33 6.08
C CYS C 85 -14.61 -13.57 7.16
N ARG A 7 15.70 -20.72 10.22
CA ARG A 7 16.97 -21.49 10.25
C ARG A 7 17.99 -20.81 9.34
N VAL A 8 17.57 -19.72 8.68
CA VAL A 8 18.47 -19.00 7.79
C VAL A 8 19.04 -19.96 6.74
N SER A 9 18.54 -19.84 5.52
CA SER A 9 18.96 -20.67 4.42
C SER A 9 18.72 -19.99 3.10
N ASP A 10 19.38 -20.47 2.07
CA ASP A 10 19.26 -19.89 0.73
C ASP A 10 17.85 -20.16 0.20
N GLU A 11 17.23 -21.24 0.67
CA GLU A 11 15.88 -21.57 0.22
C GLU A 11 14.89 -20.53 0.75
N GLU A 12 15.08 -20.10 1.99
CA GLU A 12 14.20 -19.10 2.59
C GLU A 12 14.40 -17.76 1.89
N LYS A 13 15.64 -17.41 1.59
CA LYS A 13 15.92 -16.15 0.92
C LYS A 13 15.30 -16.14 -0.47
N VAL A 14 15.30 -17.28 -1.14
CA VAL A 14 14.71 -17.37 -2.48
C VAL A 14 13.20 -17.17 -2.39
N ARG A 15 12.55 -17.74 -1.38
CA ARG A 15 11.11 -17.59 -1.22
C ARG A 15 10.77 -16.12 -0.92
N ILE A 16 11.61 -15.48 -0.11
CA ILE A 16 11.40 -14.07 0.22
C ILE A 16 11.52 -13.25 -1.06
N ALA A 17 12.62 -13.46 -1.78
CA ALA A 17 12.85 -12.73 -3.01
C ALA A 17 11.66 -12.91 -3.94
N ALA A 18 11.14 -14.13 -4.01
CA ALA A 18 10.02 -14.45 -4.88
C ALA A 18 8.75 -13.70 -4.48
N LYS A 19 8.49 -13.61 -3.18
CA LYS A 19 7.32 -12.92 -2.69
C LYS A 19 7.35 -11.44 -3.08
N PHE A 20 8.49 -10.79 -2.84
CA PHE A 20 8.65 -9.38 -3.18
C PHE A 20 8.39 -9.14 -4.67
N ILE A 21 9.02 -9.94 -5.51
CA ILE A 21 8.88 -9.83 -6.96
C ILE A 21 7.45 -10.02 -7.46
N THR A 22 6.76 -11.03 -6.95
CA THR A 22 5.39 -11.26 -7.37
C THR A 22 4.40 -10.24 -6.79
N HIS A 23 4.86 -9.42 -5.86
CA HIS A 23 3.99 -8.42 -5.24
C HIS A 23 4.27 -7.00 -5.73
N ALA A 24 5.01 -6.88 -6.83
CA ALA A 24 5.31 -5.56 -7.35
C ALA A 24 3.98 -4.93 -7.77
N PRO A 25 3.87 -3.60 -7.64
CA PRO A 25 2.61 -2.96 -8.03
C PRO A 25 2.55 -2.91 -9.56
N PRO A 26 1.36 -2.77 -10.13
CA PRO A 26 1.21 -2.71 -11.59
C PRO A 26 2.11 -1.71 -12.31
N GLY A 27 2.74 -2.17 -13.39
CA GLY A 27 3.63 -1.33 -14.17
C GLY A 27 4.98 -1.02 -13.52
N GLU A 28 5.32 -1.74 -12.46
CA GLU A 28 6.59 -1.50 -11.78
C GLU A 28 7.37 -2.78 -11.50
N PHE A 29 7.04 -3.82 -12.25
CA PHE A 29 7.71 -5.11 -12.08
C PHE A 29 9.23 -5.02 -12.12
N ASN A 30 9.76 -4.41 -13.17
CA ASN A 30 11.20 -4.30 -13.36
C ASN A 30 11.93 -3.60 -12.23
N GLU A 31 11.40 -2.48 -11.76
CA GLU A 31 12.05 -1.75 -10.67
C GLU A 31 12.15 -2.65 -9.45
N VAL A 32 11.04 -3.29 -9.09
CA VAL A 32 11.02 -4.20 -7.96
C VAL A 32 12.00 -5.36 -8.16
N PHE A 33 12.02 -5.92 -9.37
CA PHE A 33 12.91 -7.03 -9.71
C PHE A 33 14.38 -6.62 -9.57
N ASN A 34 14.73 -5.46 -10.12
CA ASN A 34 16.10 -4.97 -10.02
C ASN A 34 16.45 -4.73 -8.55
N ASP A 35 15.51 -4.21 -7.77
CA ASP A 35 15.77 -3.98 -6.35
C ASP A 35 16.12 -5.30 -5.68
N VAL A 36 15.24 -6.29 -5.83
CA VAL A 36 15.43 -7.59 -5.20
C VAL A 36 16.72 -8.25 -5.66
N ARG A 37 17.02 -8.13 -6.95
CA ARG A 37 18.24 -8.71 -7.49
C ARG A 37 19.48 -8.15 -6.79
N LEU A 38 19.54 -6.83 -6.62
CA LEU A 38 20.68 -6.21 -5.95
C LEU A 38 20.67 -6.50 -4.44
N LEU A 39 19.50 -6.73 -3.88
CA LEU A 39 19.38 -7.02 -2.44
C LEU A 39 19.80 -8.46 -2.17
N LEU A 40 19.28 -9.38 -2.97
CA LEU A 40 19.60 -10.79 -2.85
C LEU A 40 21.10 -10.98 -3.10
N ASN A 41 21.63 -10.22 -4.05
CA ASN A 41 23.05 -10.27 -4.40
C ASN A 41 23.57 -11.70 -4.65
N ASN A 42 22.81 -12.47 -5.43
CA ASN A 42 23.19 -13.83 -5.77
C ASN A 42 22.32 -14.22 -6.95
N ASP A 43 22.81 -13.96 -8.15
CA ASP A 43 22.07 -14.25 -9.36
C ASP A 43 21.77 -15.74 -9.57
N ASN A 44 22.63 -16.59 -9.02
CA ASN A 44 22.39 -18.02 -9.13
C ASN A 44 21.10 -18.35 -8.39
N LEU A 45 20.93 -17.81 -7.18
CA LEU A 45 19.70 -18.08 -6.43
C LEU A 45 18.49 -17.41 -7.08
N LEU A 46 18.70 -16.22 -7.62
CA LEU A 46 17.63 -15.46 -8.28
C LEU A 46 17.00 -16.22 -9.44
N ARG A 47 17.82 -16.93 -10.22
CA ARG A 47 17.33 -17.69 -11.37
C ARG A 47 16.55 -18.93 -10.95
N GLU A 48 16.74 -19.36 -9.70
CA GLU A 48 16.04 -20.54 -9.18
C GLU A 48 14.52 -20.40 -9.26
N GLY A 49 14.01 -19.23 -8.90
CA GLY A 49 12.57 -19.02 -8.93
C GLY A 49 12.10 -17.91 -9.84
N ALA A 50 13.01 -17.37 -10.64
CA ALA A 50 12.67 -16.28 -11.55
C ALA A 50 11.47 -16.63 -12.42
N ALA A 51 11.67 -17.55 -13.35
CA ALA A 51 10.60 -17.98 -14.27
C ALA A 51 9.27 -18.15 -13.54
N HIS A 52 9.29 -18.85 -12.41
CA HIS A 52 8.09 -19.07 -11.63
C HIS A 52 7.51 -17.74 -11.14
N ALA A 53 8.39 -16.84 -10.73
CA ALA A 53 7.97 -15.53 -10.22
C ALA A 53 7.31 -14.72 -11.33
N PHE A 54 8.01 -14.58 -12.45
CA PHE A 54 7.51 -13.85 -13.60
C PHE A 54 6.13 -14.36 -14.03
N ALA A 55 6.02 -15.68 -14.16
CA ALA A 55 4.77 -16.32 -14.58
C ALA A 55 3.63 -16.01 -13.63
N GLN A 56 3.85 -16.25 -12.34
CA GLN A 56 2.83 -16.00 -11.33
C GLN A 56 2.37 -14.53 -11.39
N TYR A 57 3.33 -13.61 -11.46
CA TYR A 57 3.00 -12.18 -11.52
C TYR A 57 2.06 -11.88 -12.69
N ASN A 58 2.55 -12.09 -13.90
CA ASN A 58 1.76 -11.84 -15.11
C ASN A 58 0.39 -12.49 -15.03
N MET A 59 0.33 -13.68 -14.46
CA MET A 59 -0.93 -14.41 -14.33
C MET A 59 -1.93 -13.77 -13.37
N ASP A 60 -1.52 -13.51 -12.13
CA ASP A 60 -2.46 -12.89 -11.19
C ASP A 60 -2.72 -11.42 -11.52
N GLN A 61 -1.90 -10.84 -12.39
CA GLN A 61 -2.07 -9.44 -12.81
C GLN A 61 -2.91 -9.34 -14.07
N PHE A 62 -3.33 -10.48 -14.62
CA PHE A 62 -4.11 -10.48 -15.87
C PHE A 62 -3.39 -9.65 -16.91
N THR A 63 -2.11 -9.94 -17.11
CA THR A 63 -1.30 -9.20 -18.05
C THR A 63 -1.77 -9.25 -19.50
N PRO A 64 -2.25 -8.12 -20.02
CA PRO A 64 -2.72 -8.05 -21.41
C PRO A 64 -1.54 -8.13 -22.35
N VAL A 65 -1.55 -9.14 -23.22
CA VAL A 65 -0.45 -9.32 -24.17
C VAL A 65 -0.95 -9.34 -25.61
N LYS A 66 -0.05 -9.00 -26.52
CA LYS A 66 -0.40 -8.96 -27.93
C LYS A 66 0.37 -10.02 -28.74
N ILE A 67 -0.32 -11.08 -29.15
CA ILE A 67 0.31 -12.15 -29.92
C ILE A 67 0.82 -11.60 -31.27
N GLU A 68 1.93 -12.16 -31.74
CA GLU A 68 2.59 -11.77 -32.98
C GLU A 68 1.84 -10.93 -34.02
N GLY A 69 0.53 -11.15 -34.20
CA GLY A 69 -0.19 -10.36 -35.19
C GLY A 69 -1.69 -10.59 -35.28
N TYR A 70 -2.32 -10.85 -34.13
CA TYR A 70 -3.78 -11.06 -34.12
C TYR A 70 -4.67 -9.82 -33.77
N ASP A 71 -4.10 -8.70 -33.34
CA ASP A 71 -4.93 -7.54 -32.96
C ASP A 71 -5.67 -8.03 -31.71
N ASP A 72 -5.04 -9.11 -31.26
CA ASP A 72 -5.29 -10.02 -30.12
C ASP A 72 -5.19 -9.69 -28.60
N GLN A 73 -5.09 -8.43 -28.15
CA GLN A 73 -4.91 -8.18 -26.69
C GLN A 73 -5.58 -9.31 -25.89
N VAL A 74 -4.79 -10.33 -25.52
CA VAL A 74 -5.30 -11.46 -24.74
C VAL A 74 -4.81 -11.45 -23.29
N LEU A 75 -5.62 -11.94 -22.38
CA LEU A 75 -5.26 -11.91 -20.96
C LEU A 75 -4.55 -13.14 -20.40
N ILE A 76 -3.32 -12.95 -19.95
CA ILE A 76 -2.53 -14.03 -19.36
C ILE A 76 -3.06 -14.31 -17.96
N THR A 77 -3.67 -15.47 -17.80
CA THR A 77 -4.21 -15.88 -16.51
C THR A 77 -3.87 -17.35 -16.31
N GLU A 78 -4.22 -17.88 -15.14
CA GLU A 78 -3.95 -19.28 -14.84
C GLU A 78 -4.81 -20.16 -15.73
N HIS A 79 -6.07 -19.78 -15.86
CA HIS A 79 -7.04 -20.51 -16.66
C HIS A 79 -6.55 -20.78 -18.08
N GLY A 80 -5.66 -19.91 -18.58
CA GLY A 80 -5.15 -20.09 -19.93
C GLY A 80 -3.77 -20.71 -19.96
N ASP A 81 -3.27 -21.10 -18.78
CA ASP A 81 -1.95 -21.72 -18.66
C ASP A 81 -1.98 -23.16 -19.18
N LEU A 82 -1.49 -23.38 -20.40
CA LEU A 82 -1.47 -24.73 -20.96
C LEU A 82 -0.81 -25.67 -19.98
N GLY A 83 0.35 -25.26 -19.47
CA GLY A 83 1.08 -26.07 -18.51
C GLY A 83 2.46 -26.41 -19.05
N ASN A 84 2.63 -26.25 -20.36
CA ASN A 84 3.89 -26.54 -21.02
C ASN A 84 4.74 -25.28 -21.23
N GLY A 85 4.24 -24.14 -20.81
CA GLY A 85 4.96 -22.89 -20.97
C GLY A 85 4.25 -22.07 -22.03
N ARG A 86 3.01 -22.46 -22.32
CA ARG A 86 2.20 -21.79 -23.30
C ARG A 86 0.81 -21.52 -22.74
N PHE A 87 0.13 -20.52 -23.31
CA PHE A 87 -1.20 -20.13 -22.85
C PHE A 87 -2.29 -20.23 -23.93
N LEU A 88 -3.54 -20.16 -23.50
CA LEU A 88 -4.67 -20.22 -24.42
C LEU A 88 -5.26 -18.86 -24.73
N ASP A 89 -5.69 -18.70 -25.97
CA ASP A 89 -6.35 -17.48 -26.42
C ASP A 89 -7.70 -18.01 -26.85
N PRO A 90 -8.64 -18.16 -25.90
CA PRO A 90 -9.97 -18.66 -26.25
C PRO A 90 -10.67 -17.93 -27.39
N ARG A 91 -10.47 -16.62 -27.50
CA ARG A 91 -11.12 -15.84 -28.57
C ARG A 91 -10.61 -16.20 -29.95
N ASN A 92 -9.35 -15.89 -30.24
CA ASN A 92 -8.76 -16.21 -31.53
C ASN A 92 -8.55 -17.72 -31.59
N LYS A 93 -8.51 -18.34 -30.43
CA LYS A 93 -8.35 -19.78 -30.25
C LYS A 93 -7.04 -20.44 -30.66
N ILE A 94 -5.95 -19.69 -30.59
CA ILE A 94 -4.66 -20.26 -30.94
C ILE A 94 -3.88 -20.64 -29.69
N SER A 95 -2.61 -20.97 -29.90
CA SER A 95 -1.70 -21.32 -28.82
C SER A 95 -0.57 -20.33 -28.98
N PHE A 96 -0.13 -19.75 -27.87
CA PHE A 96 0.94 -18.78 -27.94
C PHE A 96 1.89 -19.02 -26.78
N LYS A 97 3.19 -18.93 -27.06
CA LYS A 97 4.17 -19.12 -26.02
C LYS A 97 4.52 -17.74 -25.49
N PHE A 98 4.34 -17.56 -24.19
CA PHE A 98 4.62 -16.27 -23.58
C PHE A 98 6.01 -16.22 -22.95
N ASP A 99 6.86 -15.34 -23.50
CA ASP A 99 8.20 -15.12 -22.98
C ASP A 99 8.04 -14.10 -21.85
N HIS A 100 8.38 -14.51 -20.63
CA HIS A 100 8.20 -13.62 -19.49
C HIS A 100 9.10 -12.41 -19.31
N LEU A 101 10.37 -12.48 -19.70
CA LEU A 101 11.22 -11.30 -19.56
C LEU A 101 10.83 -10.29 -20.63
N ARG A 102 11.02 -10.70 -21.89
CA ARG A 102 10.70 -9.85 -23.02
C ARG A 102 9.21 -9.51 -23.04
N LYS A 103 8.89 -8.39 -23.68
CA LYS A 103 7.51 -7.92 -23.75
C LYS A 103 6.62 -8.79 -24.65
N GLU A 104 7.19 -9.34 -25.72
CA GLU A 104 6.41 -10.16 -26.66
C GLU A 104 6.28 -11.65 -26.35
N ALA A 105 5.21 -12.22 -26.87
CA ALA A 105 4.89 -13.64 -26.75
C ALA A 105 4.56 -14.07 -28.17
N SER A 106 5.47 -14.80 -28.82
CA SER A 106 5.23 -15.23 -30.19
C SER A 106 5.34 -16.73 -30.47
N ASP A 107 5.38 -17.05 -31.76
CA ASP A 107 5.43 -18.40 -32.32
C ASP A 107 4.24 -19.25 -31.89
N PRO A 108 3.03 -18.80 -32.27
CA PRO A 108 1.75 -19.45 -31.96
C PRO A 108 1.55 -20.85 -32.56
N GLN A 109 0.53 -21.54 -32.06
CA GLN A 109 0.17 -22.88 -32.52
C GLN A 109 -1.35 -22.98 -32.59
N PRO A 110 -1.90 -23.41 -33.73
CA PRO A 110 -3.37 -23.50 -33.80
C PRO A 110 -3.84 -24.42 -32.66
N GLU A 111 -4.99 -24.12 -32.07
CA GLU A 111 -5.51 -24.95 -30.99
C GLU A 111 -6.92 -25.46 -31.23
N ASP A 112 -7.07 -26.43 -32.12
CA ASP A 112 -8.40 -26.99 -32.39
C ASP A 112 -8.96 -27.49 -31.07
N THR A 113 -10.11 -26.94 -30.69
CA THR A 113 -10.77 -27.22 -29.42
C THR A 113 -11.55 -28.49 -29.14
N GLU A 114 -12.07 -28.50 -27.91
CA GLU A 114 -12.93 -29.55 -27.36
C GLU A 114 -14.33 -29.22 -27.85
N SER A 115 -14.59 -27.92 -27.99
CA SER A 115 -15.86 -27.36 -28.48
C SER A 115 -17.09 -27.87 -27.74
N ALA A 116 -16.95 -28.15 -26.44
CA ALA A 116 -18.08 -28.64 -25.64
C ALA A 116 -18.86 -27.50 -24.98
N LEU A 117 -18.16 -26.65 -24.26
CA LEU A 117 -18.77 -25.52 -23.58
C LEU A 117 -18.62 -24.26 -24.42
N LYS A 118 -17.77 -24.37 -25.45
CA LYS A 118 -17.48 -23.26 -26.33
C LYS A 118 -18.70 -22.50 -26.82
N GLN A 119 -19.81 -23.20 -27.00
CA GLN A 119 -21.03 -22.54 -27.47
C GLN A 119 -21.32 -21.36 -26.54
N TRP A 120 -21.48 -21.63 -25.24
CA TRP A 120 -21.73 -20.58 -24.26
C TRP A 120 -20.57 -19.60 -24.36
N ARG A 121 -19.38 -20.16 -24.15
CA ARG A 121 -18.12 -19.42 -24.17
C ARG A 121 -18.02 -18.34 -25.23
N ASP A 122 -18.30 -18.69 -26.49
CA ASP A 122 -18.21 -17.74 -27.58
C ASP A 122 -19.26 -16.61 -27.50
N ALA A 123 -20.40 -16.91 -26.90
CA ALA A 123 -21.47 -15.92 -26.76
C ALA A 123 -21.10 -14.90 -25.68
N CYS A 124 -20.83 -15.40 -24.47
CA CYS A 124 -20.45 -14.54 -23.36
C CYS A 124 -19.28 -13.63 -23.75
N ASP A 125 -18.24 -14.25 -24.29
CA ASP A 125 -17.03 -13.57 -24.71
C ASP A 125 -17.22 -12.23 -25.42
N SER A 126 -17.82 -12.27 -26.60
CA SER A 126 -18.05 -11.04 -27.36
C SER A 126 -19.25 -10.24 -26.88
N ALA A 127 -19.98 -10.80 -25.92
CA ALA A 127 -21.12 -10.11 -25.33
C ALA A 127 -20.51 -9.24 -24.23
N LEU A 128 -19.49 -9.79 -23.57
CA LEU A 128 -18.76 -9.11 -22.52
C LEU A 128 -17.82 -8.11 -23.17
N ARG A 129 -17.26 -8.51 -24.30
CA ARG A 129 -16.34 -7.66 -25.06
C ARG A 129 -17.01 -6.33 -25.37
N ALA A 130 -18.34 -6.32 -25.37
CA ALA A 130 -19.10 -5.11 -25.63
C ALA A 130 -19.18 -4.32 -24.33
N TYR A 131 -19.44 -5.05 -23.24
CA TYR A 131 -19.53 -4.45 -21.92
C TYR A 131 -18.25 -3.68 -21.61
N VAL A 132 -17.12 -4.33 -21.88
CA VAL A 132 -15.80 -3.76 -21.62
C VAL A 132 -15.52 -2.50 -22.43
N LYS A 133 -15.77 -2.56 -23.73
CA LYS A 133 -15.53 -1.39 -24.56
C LYS A 133 -16.36 -0.20 -24.11
N ASP A 134 -17.44 -0.49 -23.40
CA ASP A 134 -18.33 0.57 -22.92
C ASP A 134 -17.94 1.16 -21.57
N HIS A 135 -17.20 0.40 -20.76
CA HIS A 135 -16.85 0.90 -19.44
C HIS A 135 -15.37 0.99 -19.08
N TYR A 136 -14.50 0.32 -19.84
CA TYR A 136 -13.06 0.36 -19.54
C TYR A 136 -12.25 1.03 -20.64
N PRO A 137 -11.75 2.26 -20.39
CA PRO A 137 -10.96 3.06 -21.34
C PRO A 137 -9.88 2.30 -22.08
N ASN A 138 -9.10 1.52 -21.35
CA ASN A 138 -8.03 0.75 -21.97
C ASN A 138 -8.15 -0.69 -21.50
N GLY A 139 -9.39 -1.18 -21.48
CA GLY A 139 -9.64 -2.52 -21.03
C GLY A 139 -9.55 -3.61 -22.08
N PHE A 140 -9.45 -4.85 -21.59
CA PHE A 140 -9.37 -6.03 -22.44
C PHE A 140 -10.04 -7.14 -21.66
N CYS A 141 -10.54 -8.16 -22.37
CA CYS A 141 -11.22 -9.27 -21.70
C CYS A 141 -10.90 -10.60 -22.36
N THR A 142 -11.04 -11.66 -21.59
CA THR A 142 -10.79 -13.02 -22.05
C THR A 142 -11.75 -13.96 -21.34
N VAL A 143 -12.57 -14.65 -22.11
CA VAL A 143 -13.53 -15.59 -21.55
C VAL A 143 -13.05 -17.00 -21.81
N TYR A 144 -13.01 -17.81 -20.75
CA TYR A 144 -12.55 -19.18 -20.88
C TYR A 144 -13.72 -20.15 -20.77
N GLY A 145 -13.74 -21.10 -21.72
CA GLY A 145 -14.77 -22.13 -21.72
C GLY A 145 -14.00 -23.35 -21.30
N LYS A 146 -14.39 -23.97 -20.19
CA LYS A 146 -13.66 -25.13 -19.71
C LYS A 146 -14.49 -26.08 -18.86
N SER A 147 -13.95 -27.29 -18.69
CA SER A 147 -14.57 -28.33 -17.89
C SER A 147 -13.76 -28.49 -16.61
N ILE A 148 -14.38 -28.14 -15.48
CA ILE A 148 -13.74 -28.23 -14.18
C ILE A 148 -14.33 -29.41 -13.40
N ASP A 149 -13.60 -30.53 -13.39
CA ASP A 149 -14.00 -31.77 -12.73
C ASP A 149 -15.46 -32.16 -12.95
N GLY A 150 -15.83 -32.28 -14.22
CA GLY A 150 -17.19 -32.65 -14.58
C GLY A 150 -18.12 -31.50 -14.91
N GLN A 151 -18.07 -30.44 -14.12
CA GLN A 151 -18.95 -29.29 -14.33
C GLN A 151 -18.44 -28.28 -15.35
N GLN A 152 -19.37 -27.73 -16.12
CA GLN A 152 -19.02 -26.75 -17.15
C GLN A 152 -19.04 -25.37 -16.53
N THR A 153 -18.03 -24.58 -16.88
CA THR A 153 -17.93 -23.24 -16.32
C THR A 153 -17.38 -22.22 -17.31
N ILE A 154 -17.94 -21.01 -17.24
CA ILE A 154 -17.50 -19.92 -18.09
C ILE A 154 -16.69 -19.00 -17.19
N ILE A 155 -15.47 -18.68 -17.61
CA ILE A 155 -14.65 -17.80 -16.81
C ILE A 155 -14.26 -16.57 -17.61
N ALA A 156 -14.86 -15.43 -17.24
CA ALA A 156 -14.57 -14.18 -17.90
C ALA A 156 -13.62 -13.36 -17.05
N CYS A 157 -12.52 -12.93 -17.66
CA CYS A 157 -11.53 -12.14 -16.96
C CYS A 157 -11.41 -10.78 -17.62
N ILE A 158 -11.48 -9.72 -16.81
CA ILE A 158 -11.39 -8.35 -17.30
C ILE A 158 -10.22 -7.61 -16.68
N GLU A 159 -9.47 -6.91 -17.52
CA GLU A 159 -8.32 -6.14 -17.07
C GLU A 159 -8.30 -4.75 -17.70
N SER A 160 -7.90 -3.76 -16.91
CA SER A 160 -7.84 -2.38 -17.35
C SER A 160 -6.73 -1.69 -16.57
N HIS A 161 -5.90 -0.91 -17.24
CA HIS A 161 -4.82 -0.21 -16.54
C HIS A 161 -4.40 1.11 -17.17
N GLN A 162 -3.68 1.89 -16.37
CA GLN A 162 -3.17 3.19 -16.79
C GLN A 162 -1.82 3.37 -16.08
N PHE A 163 -0.74 3.39 -16.85
CA PHE A 163 0.60 3.56 -16.28
C PHE A 163 1.25 4.88 -16.68
N GLN A 164 1.57 5.69 -15.67
CA GLN A 164 2.23 6.97 -15.93
C GLN A 164 3.40 7.15 -14.97
N PRO A 165 4.44 6.32 -15.11
CA PRO A 165 5.64 6.37 -14.26
C PRO A 165 6.33 7.73 -14.21
N LYS A 166 6.25 8.49 -15.29
CA LYS A 166 6.88 9.80 -15.30
C LYS A 166 6.17 10.74 -14.35
N ASN A 167 4.93 10.42 -14.01
CA ASN A 167 4.16 11.23 -13.07
C ASN A 167 3.98 10.47 -11.76
N PHE A 168 4.82 9.45 -11.58
CA PHE A 168 4.85 8.61 -10.39
C PHE A 168 3.55 7.93 -9.95
N TRP A 169 2.84 7.30 -10.88
CA TRP A 169 1.62 6.59 -10.51
C TRP A 169 1.21 5.56 -11.56
N ASN A 170 0.52 4.53 -11.10
CA ASN A 170 0.03 3.45 -11.95
C ASN A 170 -1.22 2.90 -11.31
N GLY A 171 -2.09 2.32 -12.11
CA GLY A 171 -3.31 1.75 -11.59
C GLY A 171 -3.77 0.59 -12.45
N ARG A 172 -4.60 -0.29 -11.90
CA ARG A 172 -5.09 -1.42 -12.66
C ARG A 172 -6.35 -1.98 -12.04
N TRP A 173 -7.24 -2.44 -12.91
CA TRP A 173 -8.48 -3.06 -12.49
C TRP A 173 -8.43 -4.52 -12.92
N ARG A 174 -8.96 -5.40 -12.08
CA ARG A 174 -8.99 -6.82 -12.38
C ARG A 174 -10.30 -7.38 -11.84
N SER A 175 -11.00 -8.10 -12.71
CA SER A 175 -12.26 -8.70 -12.30
C SER A 175 -12.31 -10.10 -12.88
N GLU A 176 -12.74 -11.05 -12.07
CA GLU A 176 -12.83 -12.43 -12.50
C GLU A 176 -14.18 -13.01 -12.11
N TRP A 177 -14.91 -13.49 -13.12
CA TRP A 177 -16.22 -14.08 -12.89
C TRP A 177 -16.26 -15.54 -13.30
N LYS A 178 -16.59 -16.41 -12.34
CA LYS A 178 -16.69 -17.84 -12.57
C LYS A 178 -18.17 -18.21 -12.64
N PHE A 179 -18.60 -18.71 -13.81
CA PHE A 179 -19.98 -19.11 -13.99
C PHE A 179 -20.08 -20.62 -14.10
N THR A 180 -20.58 -21.26 -13.05
CA THR A 180 -20.74 -22.70 -13.00
C THR A 180 -22.20 -23.07 -13.32
N ILE A 181 -22.40 -23.76 -14.43
CA ILE A 181 -23.74 -24.13 -14.88
C ILE A 181 -24.33 -25.41 -14.33
N THR A 182 -25.54 -25.28 -13.82
CA THR A 182 -26.28 -26.39 -13.27
C THR A 182 -27.76 -26.11 -13.53
N PRO A 183 -28.19 -26.26 -14.79
CA PRO A 183 -29.60 -26.01 -15.17
C PRO A 183 -30.57 -26.63 -14.17
N PRO A 184 -31.75 -26.02 -13.98
CA PRO A 184 -32.14 -24.79 -14.70
C PRO A 184 -31.36 -23.54 -14.27
N THR A 185 -31.26 -23.30 -12.96
CA THR A 185 -30.54 -22.14 -12.43
C THR A 185 -29.11 -22.46 -11.94
N ALA A 186 -28.16 -21.59 -12.26
CA ALA A 186 -26.76 -21.77 -11.88
C ALA A 186 -26.27 -20.81 -10.77
N GLN A 187 -25.03 -21.05 -10.31
CA GLN A 187 -24.42 -20.24 -9.25
C GLN A 187 -23.25 -19.41 -9.78
N VAL A 188 -23.12 -18.19 -9.26
CA VAL A 188 -22.05 -17.28 -9.68
C VAL A 188 -21.04 -17.02 -8.57
N ALA A 189 -19.79 -16.81 -8.96
CA ALA A 189 -18.71 -16.54 -8.02
C ALA A 189 -17.73 -15.59 -8.68
N ALA A 190 -17.46 -14.46 -8.04
CA ALA A 190 -16.54 -13.48 -8.60
C ALA A 190 -15.72 -12.73 -7.56
N VAL A 191 -14.75 -11.98 -8.07
CA VAL A 191 -13.86 -11.18 -7.24
C VAL A 191 -13.42 -9.98 -8.06
N LEU A 192 -13.71 -8.79 -7.54
CA LEU A 192 -13.33 -7.55 -8.20
C LEU A 192 -12.11 -7.00 -7.47
N LYS A 193 -11.14 -6.49 -8.22
CA LYS A 193 -9.92 -5.97 -7.62
C LYS A 193 -9.45 -4.65 -8.22
N ILE A 194 -8.97 -3.77 -7.36
CA ILE A 194 -8.47 -2.46 -7.76
C ILE A 194 -7.16 -2.17 -7.03
N GLN A 195 -6.19 -1.65 -7.75
CA GLN A 195 -4.93 -1.29 -7.13
C GLN A 195 -4.40 -0.02 -7.79
N VAL A 196 -4.09 0.97 -6.97
CA VAL A 196 -3.54 2.23 -7.44
C VAL A 196 -2.31 2.55 -6.61
N HIS A 197 -1.28 3.10 -7.26
CA HIS A 197 -0.04 3.44 -6.58
C HIS A 197 0.42 4.83 -7.01
N TYR A 198 0.65 5.69 -6.03
CA TYR A 198 1.15 7.05 -6.25
C TYR A 198 2.47 7.07 -5.47
N TYR A 199 3.56 7.47 -6.12
CA TYR A 199 4.83 7.44 -5.41
C TYR A 199 5.80 8.60 -5.60
N GLU A 200 5.28 9.80 -5.76
CA GLU A 200 6.16 10.95 -5.86
C GLU A 200 6.36 11.41 -4.40
N ASP A 201 7.58 11.26 -3.90
CA ASP A 201 7.93 11.65 -2.54
C ASP A 201 7.02 11.01 -1.51
N GLY A 202 6.75 9.73 -1.71
CA GLY A 202 5.89 8.98 -0.83
C GLY A 202 5.51 7.64 -1.42
N ASN A 203 4.59 6.94 -0.75
CA ASN A 203 4.11 5.64 -1.21
C ASN A 203 2.70 5.51 -0.71
N VAL A 204 1.74 5.78 -1.60
CA VAL A 204 0.33 5.72 -1.27
C VAL A 204 -0.33 4.69 -2.15
N GLN A 205 -1.17 3.84 -1.57
CA GLN A 205 -1.81 2.83 -2.39
C GLN A 205 -3.22 2.48 -2.00
N LEU A 206 -4.03 2.31 -3.03
CA LEU A 206 -5.38 1.89 -2.83
C LEU A 206 -5.36 0.41 -3.19
N VAL A 207 -5.73 -0.41 -2.23
CA VAL A 207 -5.81 -1.85 -2.45
C VAL A 207 -7.22 -2.19 -2.01
N SER A 208 -8.02 -2.70 -2.95
CA SER A 208 -9.40 -3.06 -2.65
C SER A 208 -9.83 -4.26 -3.48
N HIS A 209 -10.79 -5.01 -2.95
CA HIS A 209 -11.31 -6.16 -3.66
C HIS A 209 -12.67 -6.53 -3.09
N LYS A 210 -13.54 -7.06 -3.93
CA LYS A 210 -14.86 -7.47 -3.47
C LYS A 210 -15.19 -8.87 -3.98
N ASP A 211 -15.63 -9.72 -3.06
CA ASP A 211 -15.99 -11.09 -3.40
C ASP A 211 -17.51 -11.20 -3.44
N ILE A 212 -18.03 -11.71 -4.56
CA ILE A 212 -19.47 -11.86 -4.71
C ILE A 212 -19.90 -13.23 -5.20
N GLN A 213 -21.04 -13.69 -4.70
CA GLN A 213 -21.60 -14.99 -5.05
C GLN A 213 -23.09 -14.82 -5.37
N ASP A 214 -23.50 -15.26 -6.56
CA ASP A 214 -24.89 -15.11 -6.98
C ASP A 214 -25.52 -16.38 -7.55
N SER A 215 -26.85 -16.46 -7.51
CA SER A 215 -27.60 -17.61 -8.04
C SER A 215 -28.41 -17.14 -9.25
N VAL A 216 -28.02 -17.59 -10.43
CA VAL A 216 -28.67 -17.17 -11.66
C VAL A 216 -29.43 -18.25 -12.45
N GLN A 217 -30.57 -17.85 -13.03
CA GLN A 217 -31.42 -18.72 -13.86
C GLN A 217 -30.81 -18.90 -15.26
N VAL A 218 -30.59 -20.14 -15.68
CA VAL A 218 -29.99 -20.43 -16.99
C VAL A 218 -30.97 -20.81 -18.11
N SER A 219 -31.01 -19.97 -19.13
CA SER A 219 -31.89 -20.17 -20.29
C SER A 219 -31.13 -20.65 -21.54
N SER A 220 -31.11 -19.81 -22.57
CA SER A 220 -30.47 -20.10 -23.84
C SER A 220 -28.96 -19.88 -23.85
N ASP A 221 -28.41 -19.61 -25.04
CA ASP A 221 -26.99 -19.36 -25.21
C ASP A 221 -26.68 -17.87 -25.29
N VAL A 222 -27.39 -17.18 -26.18
CA VAL A 222 -27.21 -15.75 -26.36
C VAL A 222 -28.00 -15.05 -25.26
N GLN A 223 -28.95 -15.76 -24.65
CA GLN A 223 -29.77 -15.21 -23.59
C GLN A 223 -29.11 -15.22 -22.21
N THR A 224 -28.58 -16.37 -21.80
CA THR A 224 -27.91 -16.46 -20.51
C THR A 224 -26.69 -15.55 -20.49
N ALA A 225 -26.08 -15.40 -21.66
CA ALA A 225 -24.91 -14.55 -21.79
C ALA A 225 -25.24 -13.11 -21.41
N LYS A 226 -26.27 -12.55 -22.05
CA LYS A 226 -26.68 -11.19 -21.77
C LYS A 226 -27.17 -11.07 -20.34
N GLU A 227 -27.58 -12.19 -19.75
CA GLU A 227 -28.05 -12.20 -18.38
C GLU A 227 -26.83 -12.03 -17.49
N PHE A 228 -25.73 -12.64 -17.91
CA PHE A 228 -24.46 -12.57 -17.18
C PHE A 228 -23.88 -11.17 -17.26
N ILE A 229 -23.62 -10.73 -18.49
CA ILE A 229 -23.06 -9.41 -18.71
C ILE A 229 -23.86 -8.39 -17.92
N LYS A 230 -25.11 -8.73 -17.63
CA LYS A 230 -25.99 -7.85 -16.86
C LYS A 230 -25.65 -7.97 -15.37
N ILE A 231 -25.42 -9.20 -14.92
CA ILE A 231 -25.08 -9.46 -13.52
C ILE A 231 -23.83 -8.65 -13.21
N ILE A 232 -22.81 -8.87 -14.03
CA ILE A 232 -21.52 -8.21 -13.93
C ILE A 232 -21.64 -6.70 -13.92
N GLU A 233 -22.29 -6.16 -14.95
CA GLU A 233 -22.47 -4.72 -15.07
C GLU A 233 -23.05 -4.12 -13.80
N ASN A 234 -24.09 -4.73 -13.27
CA ASN A 234 -24.72 -4.23 -12.06
C ASN A 234 -23.84 -4.37 -10.81
N ALA A 235 -23.11 -5.47 -10.73
CA ALA A 235 -22.26 -5.72 -9.58
C ALA A 235 -21.04 -4.80 -9.58
N GLU A 236 -20.44 -4.62 -10.75
CA GLU A 236 -19.26 -3.77 -10.86
C GLU A 236 -19.60 -2.29 -10.74
N ASN A 237 -20.81 -1.90 -11.18
CA ASN A 237 -21.22 -0.51 -11.07
C ASN A 237 -21.48 -0.23 -9.59
N GLU A 238 -22.04 -1.24 -8.91
CA GLU A 238 -22.34 -1.14 -7.48
C GLU A 238 -21.04 -1.05 -6.68
N TYR A 239 -20.04 -1.83 -7.09
CA TYR A 239 -18.76 -1.85 -6.42
C TYR A 239 -18.08 -0.50 -6.59
N GLN A 240 -18.00 -0.04 -7.85
CA GLN A 240 -17.38 1.24 -8.14
C GLN A 240 -18.12 2.35 -7.39
N THR A 241 -19.45 2.27 -7.38
CA THR A 241 -20.26 3.27 -6.71
C THR A 241 -19.93 3.34 -5.21
N ALA A 242 -19.84 2.18 -4.57
CA ALA A 242 -19.52 2.11 -3.15
C ALA A 242 -18.12 2.68 -2.88
N ILE A 243 -17.24 2.59 -3.87
CA ILE A 243 -15.89 3.10 -3.76
C ILE A 243 -15.83 4.63 -3.81
N SER A 244 -16.57 5.24 -4.73
CA SER A 244 -16.58 6.70 -4.85
C SER A 244 -17.22 7.28 -3.60
N GLU A 245 -18.19 6.56 -3.04
CA GLU A 245 -18.86 6.99 -1.82
C GLU A 245 -17.88 6.94 -0.66
N ASN A 246 -17.15 5.84 -0.55
CA ASN A 246 -16.16 5.68 0.50
C ASN A 246 -15.15 6.83 0.42
N TYR A 247 -14.74 7.18 -0.79
CA TYR A 247 -13.81 8.28 -0.98
C TYR A 247 -14.40 9.56 -0.41
N GLN A 248 -15.71 9.75 -0.66
CA GLN A 248 -16.40 10.93 -0.19
C GLN A 248 -16.41 11.03 1.33
N THR A 249 -16.76 9.95 2.00
CA THR A 249 -16.80 9.95 3.46
C THR A 249 -15.40 10.12 4.06
N MET A 250 -14.43 9.39 3.55
CA MET A 250 -13.07 9.48 4.05
C MET A 250 -12.60 10.93 3.99
N SER A 251 -12.89 11.61 2.88
CA SER A 251 -12.45 13.00 2.73
C SER A 251 -13.24 14.03 3.49
N ASP A 252 -14.53 13.80 3.73
CA ASP A 252 -15.33 14.79 4.45
C ASP A 252 -15.67 14.46 5.90
N THR A 253 -15.31 13.26 6.34
CA THR A 253 -15.60 12.84 7.70
C THR A 253 -14.39 12.25 8.44
N THR A 254 -13.85 11.17 7.91
CA THR A 254 -12.72 10.52 8.54
C THR A 254 -11.46 11.39 8.58
N PHE A 255 -11.04 11.90 7.42
CA PHE A 255 -9.85 12.74 7.35
C PHE A 255 -9.92 13.95 8.27
N LYS A 256 -11.07 14.62 8.31
CA LYS A 256 -11.20 15.80 9.16
C LYS A 256 -11.22 15.44 10.64
N ALA A 257 -11.57 14.21 10.97
CA ALA A 257 -11.59 13.77 12.37
C ALA A 257 -10.18 13.44 12.85
N LEU A 258 -9.22 13.36 11.94
CA LEU A 258 -7.85 13.05 12.35
C LEU A 258 -7.13 14.31 12.80
N ARG A 259 -6.72 15.16 11.87
CA ARG A 259 -6.06 16.42 12.21
C ARG A 259 -6.85 17.60 11.66
N ARG A 260 -6.99 18.65 12.47
CA ARG A 260 -7.69 19.85 12.06
C ARG A 260 -6.82 20.54 11.04
N GLN A 261 -7.39 21.51 10.35
CA GLN A 261 -6.64 22.28 9.37
C GLN A 261 -5.96 23.41 10.14
N LEU A 262 -6.65 23.95 11.14
CA LEU A 262 -6.15 25.01 12.01
C LEU A 262 -6.46 24.67 13.46
N PRO A 263 -5.66 25.20 14.41
CA PRO A 263 -5.87 24.92 15.83
C PRO A 263 -7.24 25.31 16.33
N VAL A 264 -7.61 24.76 17.47
CA VAL A 264 -8.89 25.08 18.09
C VAL A 264 -8.90 26.59 18.33
N THR A 265 -7.74 27.13 18.70
CA THR A 265 -7.63 28.56 18.95
C THR A 265 -7.91 29.35 17.69
N ARG A 266 -7.99 28.66 16.56
CA ARG A 266 -8.30 29.25 15.26
C ARG A 266 -7.27 30.19 14.64
N THR A 267 -6.04 30.10 15.11
CA THR A 267 -4.94 30.91 14.60
C THR A 267 -3.71 30.04 14.81
N LYS A 268 -2.67 30.25 14.03
CA LYS A 268 -1.50 29.43 14.22
C LYS A 268 -1.03 29.53 15.68
N ILE A 269 -0.30 28.51 16.11
CA ILE A 269 0.18 28.45 17.47
C ILE A 269 1.16 29.53 17.90
N ASP A 270 0.96 29.99 19.12
CA ASP A 270 1.81 30.99 19.74
C ASP A 270 2.77 30.17 20.60
N TRP A 271 3.88 29.79 20.01
CA TRP A 271 4.86 28.98 20.70
C TRP A 271 5.46 29.60 21.94
N ASN A 272 5.55 30.92 21.98
CA ASN A 272 6.11 31.57 23.16
C ASN A 272 5.15 31.33 24.32
N LYS A 273 3.86 31.29 23.99
CA LYS A 273 2.83 31.07 24.99
C LYS A 273 2.82 29.61 25.47
N ILE A 274 3.11 28.69 24.56
CA ILE A 274 3.14 27.28 24.94
C ILE A 274 4.34 26.98 25.83
N LEU A 275 5.45 27.67 25.59
CA LEU A 275 6.67 27.44 26.34
C LEU A 275 6.74 28.05 27.74
N SER A 276 5.69 28.76 28.17
CA SER A 276 5.71 29.35 29.50
C SER A 276 4.37 29.38 30.24
N TYR A 277 3.36 29.98 29.61
CA TYR A 277 1.98 30.05 30.10
C TYR A 277 1.15 28.77 30.26
N LYS A 278 0.88 28.46 31.52
CA LYS A 278 0.23 27.21 31.92
C LYS A 278 -1.05 27.34 32.75
N ILE A 279 -1.89 26.31 32.66
CA ILE A 279 -3.22 26.30 33.25
C ILE A 279 -3.06 26.19 34.75
N GLY A 280 -1.89 25.66 35.11
CA GLY A 280 -1.54 25.37 36.48
C GLY A 280 -0.37 24.42 36.29
N LYS A 281 0.84 24.90 36.60
CA LYS A 281 2.01 24.03 36.60
C LYS A 281 2.11 23.35 35.24
N SER B 2 27.13 -1.81 -1.08
CA SER B 2 25.93 -2.05 -0.23
C SER B 2 25.13 -0.77 0.01
N ASP B 3 25.63 0.34 -0.51
CA ASP B 3 24.94 1.61 -0.35
C ASP B 3 23.86 1.63 -1.42
N GLN B 4 24.13 0.92 -2.52
CA GLN B 4 23.19 0.79 -3.61
C GLN B 4 22.12 -0.16 -3.09
N GLN B 5 22.53 -1.04 -2.18
CA GLN B 5 21.61 -2.01 -1.59
C GLN B 5 20.60 -1.26 -0.74
N LEU B 6 21.10 -0.38 0.13
CA LEU B 6 20.22 0.40 0.98
C LEU B 6 19.30 1.20 0.06
N ASP B 7 19.89 1.80 -0.98
CA ASP B 7 19.10 2.56 -1.94
C ASP B 7 18.04 1.66 -2.53
N CYS B 8 18.42 0.44 -2.90
CA CYS B 8 17.47 -0.51 -3.48
C CYS B 8 16.44 -0.93 -2.46
N ALA B 9 16.85 -1.03 -1.20
CA ALA B 9 15.93 -1.43 -0.14
C ALA B 9 14.86 -0.36 0.05
N LEU B 10 15.28 0.90 0.02
CA LEU B 10 14.36 2.02 0.19
C LEU B 10 13.41 2.15 -1.00
N ASP B 11 13.92 1.93 -2.21
CA ASP B 11 13.09 2.00 -3.41
C ASP B 11 12.01 0.92 -3.32
N LEU B 12 12.40 -0.27 -2.88
CA LEU B 12 11.46 -1.38 -2.76
C LEU B 12 10.31 -1.07 -1.81
N MET B 13 10.63 -0.48 -0.66
CA MET B 13 9.60 -0.14 0.32
C MET B 13 8.73 1.00 -0.19
N ARG B 14 9.22 1.71 -1.19
CA ARG B 14 8.47 2.80 -1.79
C ARG B 14 7.50 2.21 -2.83
N ARG B 15 7.55 0.89 -3.05
CA ARG B 15 6.68 0.25 -4.03
C ARG B 15 5.79 -0.88 -3.50
N LEU B 16 6.26 -1.64 -2.53
CA LEU B 16 5.43 -2.70 -1.98
C LEU B 16 4.30 -2.04 -1.21
N PRO B 17 3.14 -2.70 -1.10
CA PRO B 17 1.99 -2.17 -0.38
C PRO B 17 2.39 -1.68 1.01
N PRO B 18 2.19 -0.38 1.30
CA PRO B 18 2.57 0.13 2.62
C PRO B 18 1.78 -0.55 3.73
N GLN B 19 0.64 -1.14 3.38
CA GLN B 19 -0.18 -1.85 4.36
C GLN B 19 0.59 -3.00 5.04
N GLN B 20 1.61 -3.55 4.37
CA GLN B 20 2.40 -4.65 4.95
C GLN B 20 3.84 -4.25 5.25
N ILE B 21 4.07 -2.99 5.57
CA ILE B 21 5.44 -2.54 5.85
C ILE B 21 6.13 -3.41 6.89
N GLU B 22 5.42 -3.71 7.98
CA GLU B 22 5.98 -4.53 9.06
C GLU B 22 6.50 -5.90 8.63
N LYS B 23 5.64 -6.69 8.00
CA LYS B 23 6.04 -8.01 7.52
C LYS B 23 7.15 -7.89 6.46
N ASN B 24 6.97 -6.99 5.50
CA ASN B 24 7.97 -6.83 4.45
C ASN B 24 9.34 -6.33 4.92
N LEU B 25 9.36 -5.44 5.91
CA LEU B 25 10.62 -4.90 6.42
C LEU B 25 11.40 -6.02 7.11
N SER B 26 10.66 -6.83 7.85
CA SER B 26 11.23 -7.97 8.55
C SER B 26 11.87 -8.92 7.52
N ASP B 27 11.12 -9.23 6.47
CA ASP B 27 11.62 -10.11 5.42
C ASP B 27 12.83 -9.48 4.74
N LEU B 28 12.75 -8.17 4.53
CA LEU B 28 13.84 -7.46 3.89
C LEU B 28 15.10 -7.62 4.73
N ILE B 29 14.96 -7.60 6.05
CA ILE B 29 16.10 -7.76 6.94
C ILE B 29 16.63 -9.20 6.88
N ASP B 30 15.72 -10.17 6.76
CA ASP B 30 16.11 -11.59 6.66
C ASP B 30 17.01 -11.72 5.44
N LEU B 31 16.60 -11.06 4.36
CA LEU B 31 17.31 -11.08 3.10
C LEU B 31 18.67 -10.39 3.17
N VAL B 32 18.76 -9.30 3.92
CA VAL B 32 20.02 -8.57 4.04
C VAL B 32 20.28 -8.14 5.49
N PRO B 33 20.57 -9.12 6.38
CA PRO B 33 20.83 -8.90 7.82
C PRO B 33 21.84 -7.84 8.21
N SER B 34 22.75 -7.48 7.31
CA SER B 34 23.75 -6.47 7.63
C SER B 34 23.16 -5.07 7.57
N LEU B 35 22.03 -4.93 6.89
CA LEU B 35 21.35 -3.65 6.74
C LEU B 35 20.28 -3.40 7.80
N CYS B 36 20.15 -4.33 8.74
CA CYS B 36 19.14 -4.26 9.78
C CYS B 36 19.08 -2.92 10.51
N GLU B 37 20.22 -2.45 10.99
CA GLU B 37 20.23 -1.17 11.70
C GLU B 37 19.87 -0.01 10.80
N ASP B 38 20.43 0.00 9.59
CA ASP B 38 20.16 1.09 8.63
C ASP B 38 18.70 1.13 8.20
N LEU B 39 18.07 -0.03 8.08
CA LEU B 39 16.68 -0.10 7.66
C LEU B 39 15.72 0.28 8.78
N LEU B 40 16.03 -0.17 9.99
CA LEU B 40 15.19 0.18 11.12
C LEU B 40 15.18 1.68 11.33
N SER B 41 16.23 2.37 10.91
CA SER B 41 16.25 3.81 11.12
C SER B 41 15.76 4.60 9.92
N SER B 42 15.87 4.04 8.73
CA SER B 42 15.45 4.78 7.54
C SER B 42 14.05 4.42 6.99
N VAL B 43 13.51 3.28 7.40
CA VAL B 43 12.19 2.85 6.93
C VAL B 43 11.09 3.15 7.95
N ASP B 44 10.23 4.10 7.62
CA ASP B 44 9.14 4.49 8.49
C ASP B 44 8.10 3.39 8.57
N GLN B 45 7.68 3.04 9.78
CA GLN B 45 6.64 2.04 9.91
C GLN B 45 5.50 2.52 10.79
N PRO B 46 4.30 1.96 10.60
CA PRO B 46 3.13 2.35 11.40
C PRO B 46 3.59 2.49 12.85
N LEU B 47 3.14 3.55 13.51
CA LEU B 47 3.56 3.78 14.89
C LEU B 47 2.87 2.85 15.89
N LYS B 48 3.66 2.26 16.77
CA LYS B 48 3.17 1.37 17.80
C LYS B 48 3.10 2.11 19.14
N ILE B 49 2.06 1.81 19.91
CA ILE B 49 1.84 2.41 21.22
C ILE B 49 2.31 1.43 22.28
N ALA B 50 2.89 1.96 23.33
CA ALA B 50 3.36 1.18 24.47
C ALA B 50 2.84 1.87 25.71
N ARG B 51 2.64 1.11 26.79
CA ARG B 51 2.11 1.70 28.00
C ARG B 51 3.18 1.87 29.07
N ASP B 52 3.32 3.09 29.58
CA ASP B 52 4.27 3.34 30.64
C ASP B 52 3.43 3.04 31.88
N LYS B 53 3.76 1.95 32.55
CA LYS B 53 3.02 1.52 33.73
C LYS B 53 3.22 2.41 34.95
N VAL B 54 4.45 2.82 35.22
CA VAL B 54 4.71 3.66 36.39
C VAL B 54 3.98 5.00 36.35
N VAL B 55 3.77 5.54 35.14
CA VAL B 55 3.10 6.83 34.99
C VAL B 55 1.66 6.69 34.47
N GLY B 56 1.31 5.50 33.98
CA GLY B 56 -0.03 5.29 33.47
C GLY B 56 -0.31 6.09 32.20
N LYS B 57 0.68 6.18 31.32
CA LYS B 57 0.54 6.93 30.08
C LYS B 57 1.17 6.22 28.89
N ASP B 58 0.52 6.33 27.73
CA ASP B 58 1.02 5.71 26.51
C ASP B 58 2.14 6.56 25.93
N TYR B 59 3.00 5.92 25.16
CA TYR B 59 4.08 6.59 24.47
C TYR B 59 4.26 5.83 23.18
N LEU B 60 4.89 6.47 22.19
CA LEU B 60 5.07 5.85 20.89
C LEU B 60 6.45 5.27 20.66
N LEU B 61 6.50 4.20 19.89
CA LEU B 61 7.76 3.52 19.62
C LEU B 61 8.36 3.86 18.25
N CYS B 62 9.68 3.99 18.22
CA CYS B 62 10.42 4.24 16.99
C CYS B 62 11.87 3.83 17.23
N ASP B 63 12.65 3.79 16.16
CA ASP B 63 14.04 3.40 16.25
C ASP B 63 14.84 4.33 17.15
N TYR B 64 14.41 5.58 17.25
CA TYR B 64 15.13 6.58 18.03
C TYR B 64 15.03 6.51 19.56
N ASN B 65 14.09 5.72 20.10
CA ASN B 65 14.01 5.57 21.55
C ASN B 65 14.22 4.11 21.88
N ARG B 66 14.80 3.39 20.92
CA ARG B 66 15.07 1.96 21.05
C ARG B 66 16.53 1.66 21.36
N ASP B 67 16.75 0.66 22.20
CA ASP B 67 18.09 0.21 22.52
C ASP B 67 17.98 -1.32 22.57
N GLY B 68 18.53 -1.98 21.56
CA GLY B 68 18.42 -3.43 21.50
C GLY B 68 16.96 -3.79 21.29
N ASP B 69 16.41 -4.60 22.19
CA ASP B 69 15.02 -5.03 22.11
C ASP B 69 14.06 -4.26 23.03
N SER B 70 14.54 -3.18 23.64
CA SER B 70 13.72 -2.36 24.54
C SER B 70 13.53 -0.92 24.05
N TYR B 71 12.52 -0.25 24.58
CA TYR B 71 12.23 1.13 24.22
C TYR B 71 12.16 2.00 25.47
N ARG B 72 12.62 3.24 25.35
CA ARG B 72 12.64 4.19 26.46
C ARG B 72 11.39 5.04 26.50
N SER B 73 10.73 5.07 27.66
CA SER B 73 9.53 5.90 27.82
C SER B 73 9.95 7.36 27.96
N PRO B 74 9.23 8.28 27.31
CA PRO B 74 9.57 9.70 27.40
C PRO B 74 9.05 10.29 28.70
N TRP B 75 8.21 9.53 29.40
CA TRP B 75 7.64 9.99 30.65
C TRP B 75 8.52 9.65 31.85
N SER B 76 8.85 8.38 32.01
CA SER B 76 9.67 7.95 33.16
C SER B 76 11.15 7.80 32.83
N ASN B 77 11.51 7.99 31.57
CA ASN B 77 12.89 7.87 31.13
C ASN B 77 13.45 6.48 31.46
N LYS B 78 12.58 5.47 31.43
CA LYS B 78 12.96 4.10 31.73
C LYS B 78 12.68 3.19 30.52
N TYR B 79 13.47 2.11 30.41
CA TYR B 79 13.32 1.15 29.32
C TYR B 79 12.37 -0.01 29.61
N ASP B 80 11.68 -0.44 28.57
CA ASP B 80 10.76 -1.56 28.68
C ASP B 80 10.81 -2.36 27.39
N PRO B 81 11.05 -3.68 27.48
CA PRO B 81 11.27 -4.38 28.76
C PRO B 81 12.51 -3.83 29.47
N PRO B 82 12.61 -4.06 30.78
CA PRO B 82 13.74 -3.57 31.59
C PRO B 82 15.15 -3.89 31.08
N LEU B 83 16.00 -2.87 31.09
CA LEU B 83 17.41 -2.98 30.68
C LEU B 83 18.25 -2.48 31.83
N GLU B 84 19.53 -2.86 31.84
CA GLU B 84 20.44 -2.44 32.90
C GLU B 84 21.10 -1.09 32.68
N ASP B 85 21.83 -0.94 31.57
CA ASP B 85 22.52 0.31 31.25
C ASP B 85 22.11 0.86 29.88
N GLY B 86 20.81 1.04 29.69
CA GLY B 86 20.31 1.55 28.42
C GLY B 86 20.75 2.97 28.10
N ALA B 87 20.86 3.25 26.80
CA ALA B 87 21.27 4.57 26.33
C ALA B 87 20.27 5.62 26.81
N MET B 88 20.80 6.67 27.46
CA MET B 88 19.98 7.75 27.99
C MET B 88 20.52 9.10 27.54
N PRO B 89 19.63 10.08 27.37
CA PRO B 89 20.18 11.37 26.97
C PRO B 89 20.88 11.94 28.21
N SER B 90 21.72 12.94 28.02
CA SER B 90 22.40 13.55 29.16
C SER B 90 21.31 14.21 30.04
N ALA B 91 21.64 14.46 31.30
CA ALA B 91 20.67 15.08 32.22
C ALA B 91 20.14 16.40 31.67
N ARG B 92 21.02 17.18 31.05
CA ARG B 92 20.64 18.47 30.47
C ARG B 92 19.78 18.34 29.21
N LEU B 93 20.04 17.34 28.39
CA LEU B 93 19.24 17.12 27.18
C LEU B 93 17.90 16.52 27.63
N ARG B 94 17.94 15.64 28.62
CA ARG B 94 16.72 15.04 29.14
C ARG B 94 15.73 16.14 29.57
N LYS B 95 16.24 17.17 30.24
CA LYS B 95 15.39 18.27 30.69
C LYS B 95 14.71 18.96 29.49
N LEU B 96 15.49 19.21 28.43
CA LEU B 96 14.94 19.80 27.22
C LEU B 96 13.94 18.84 26.59
N GLU B 97 14.21 17.54 26.74
CA GLU B 97 13.32 16.51 26.18
C GLU B 97 11.98 16.54 26.88
N VAL B 98 12.00 16.75 28.19
CA VAL B 98 10.78 16.81 28.99
C VAL B 98 9.96 18.00 28.52
N GLU B 99 10.63 19.13 28.35
CA GLU B 99 9.99 20.34 27.89
C GLU B 99 9.45 20.20 26.46
N ALA B 100 10.17 19.51 25.59
CA ALA B 100 9.71 19.32 24.21
C ALA B 100 8.45 18.44 24.23
N ASN B 101 8.45 17.40 25.06
CA ASN B 101 7.27 16.55 25.15
C ASN B 101 6.06 17.34 25.63
N ASN B 102 6.27 18.19 26.62
CA ASN B 102 5.16 18.99 27.13
C ASN B 102 4.63 19.98 26.07
N ALA B 103 5.54 20.63 25.35
CA ALA B 103 5.15 21.58 24.32
C ALA B 103 4.37 20.91 23.19
N PHE B 104 4.84 19.75 22.75
CA PHE B 104 4.16 19.04 21.67
C PHE B 104 2.87 18.34 22.09
N ASP B 105 2.72 18.10 23.39
CA ASP B 105 1.49 17.53 23.93
C ASP B 105 0.42 18.59 23.69
N GLN B 106 0.77 19.86 23.94
CA GLN B 106 -0.17 20.96 23.73
C GLN B 106 -0.41 21.12 22.23
N TYR B 107 0.67 21.05 21.45
CA TYR B 107 0.56 21.13 19.99
C TYR B 107 -0.41 20.05 19.49
N ARG B 108 -0.24 18.83 19.99
CA ARG B 108 -1.09 17.71 19.58
C ARG B 108 -2.57 17.96 19.92
N ASP B 109 -2.83 18.37 21.15
CA ASP B 109 -4.21 18.63 21.57
C ASP B 109 -4.86 19.73 20.75
N LEU B 110 -4.09 20.76 20.42
CA LEU B 110 -4.59 21.91 19.66
C LEU B 110 -4.93 21.59 18.20
N TYR B 111 -4.14 20.73 17.57
CA TYR B 111 -4.38 20.35 16.17
C TYR B 111 -5.10 19.01 15.96
N PHE B 112 -4.93 18.07 16.88
CA PHE B 112 -5.54 16.74 16.74
C PHE B 112 -6.63 16.46 17.76
N GLU B 113 -6.71 17.29 18.80
CA GLU B 113 -7.71 17.09 19.86
C GLU B 113 -7.76 15.65 20.39
N GLY B 114 -6.59 15.07 20.61
CA GLY B 114 -6.54 13.70 21.11
C GLY B 114 -5.31 13.01 20.58
N GLY B 115 -5.31 11.68 20.60
CA GLY B 115 -4.17 10.94 20.12
C GLY B 115 -3.02 10.94 21.11
N VAL B 116 -1.85 10.49 20.66
CA VAL B 116 -0.67 10.40 21.52
C VAL B 116 0.53 11.04 20.83
N SER B 117 1.43 11.63 21.62
CA SER B 117 2.64 12.24 21.07
C SER B 117 3.84 11.81 21.91
N SER B 118 5.03 11.81 21.31
CA SER B 118 6.24 11.44 22.01
C SER B 118 7.41 12.12 21.31
N VAL B 119 8.32 12.68 22.09
CA VAL B 119 9.50 13.36 21.55
C VAL B 119 10.72 12.73 22.20
N TYR B 120 11.72 12.40 21.39
CA TYR B 120 12.95 11.83 21.90
C TYR B 120 14.06 12.65 21.28
N LEU B 121 15.06 12.99 22.09
CA LEU B 121 16.18 13.78 21.62
C LEU B 121 17.49 13.02 21.81
N TRP B 122 18.52 13.47 21.10
CA TRP B 122 19.86 12.90 21.23
C TRP B 122 20.90 13.93 20.82
N ASP B 123 22.05 13.90 21.47
CA ASP B 123 23.11 14.85 21.16
C ASP B 123 23.91 14.49 19.92
N LEU B 124 24.43 15.51 19.25
CA LEU B 124 25.26 15.34 18.06
C LEU B 124 26.58 16.02 18.36
N ASP B 125 27.51 15.99 17.41
CA ASP B 125 28.82 16.61 17.60
C ASP B 125 28.74 18.12 17.85
N HIS B 126 28.06 18.85 16.99
CA HIS B 126 27.94 20.29 17.15
C HIS B 126 26.48 20.74 17.17
N GLY B 127 25.65 19.95 17.82
CA GLY B 127 24.24 20.28 17.93
C GLY B 127 23.50 19.11 18.53
N PHE B 128 22.26 18.93 18.12
CA PHE B 128 21.47 17.82 18.63
C PHE B 128 20.35 17.49 17.63
N ALA B 129 19.68 16.37 17.85
CA ALA B 129 18.60 15.98 16.96
C ALA B 129 17.44 15.48 17.79
N GLY B 130 16.31 15.29 17.15
CA GLY B 130 15.15 14.81 17.87
C GLY B 130 14.11 14.27 16.92
N VAL B 131 13.18 13.48 17.45
CA VAL B 131 12.11 12.96 16.62
C VAL B 131 10.83 13.29 17.36
N ILE B 132 9.84 13.78 16.62
CA ILE B 132 8.53 14.11 17.18
C ILE B 132 7.55 13.10 16.58
N LEU B 133 6.89 12.36 17.45
CA LEU B 133 5.94 11.33 17.03
C LEU B 133 4.53 11.69 17.44
N ILE B 134 3.58 11.56 16.51
CA ILE B 134 2.18 11.81 16.81
C ILE B 134 1.31 10.75 16.17
N LYS B 135 0.39 10.21 16.94
CA LYS B 135 -0.51 9.20 16.42
C LYS B 135 -1.92 9.59 16.84
N LYS B 136 -2.83 9.60 15.88
CA LYS B 136 -4.23 9.93 16.13
C LYS B 136 -5.13 8.99 15.32
N ALA B 137 -5.95 8.22 16.03
CA ALA B 137 -6.89 7.28 15.44
C ALA B 137 -8.30 7.84 15.58
N GLY B 138 -9.11 7.73 14.53
CA GLY B 138 -10.46 8.27 14.58
C GLY B 138 -11.48 7.44 15.33
N ASP B 139 -12.75 7.86 15.24
CA ASP B 139 -13.88 7.18 15.87
C ASP B 139 -13.89 5.69 15.58
N GLY B 140 -13.66 4.89 16.61
CA GLY B 140 -13.66 3.45 16.43
C GLY B 140 -15.05 2.88 16.19
N SER B 141 -16.07 3.74 16.24
CA SER B 141 -17.45 3.30 16.06
C SER B 141 -17.94 3.47 14.62
N LYS B 142 -17.20 4.21 13.80
CA LYS B 142 -17.62 4.42 12.42
C LYS B 142 -17.15 3.38 11.42
N LYS B 143 -18.01 3.17 10.43
CA LYS B 143 -17.78 2.22 9.33
C LYS B 143 -16.38 2.34 8.75
N ILE B 144 -15.87 3.56 8.68
CA ILE B 144 -14.55 3.80 8.12
C ILE B 144 -13.54 4.16 9.20
N LYS B 145 -12.45 3.40 9.25
CA LYS B 145 -11.37 3.61 10.22
C LYS B 145 -10.28 4.47 9.59
N GLY B 146 -9.65 5.29 10.42
CA GLY B 146 -8.60 6.17 9.94
C GLY B 146 -7.53 6.35 11.00
N CYS B 147 -6.30 6.53 10.58
CA CYS B 147 -5.19 6.74 11.50
C CYS B 147 -4.12 7.61 10.87
N TRP B 148 -3.64 8.58 11.64
CA TRP B 148 -2.63 9.51 11.21
C TRP B 148 -1.38 9.29 12.05
N ASP B 149 -0.25 9.09 11.38
CA ASP B 149 1.02 8.89 12.05
C ASP B 149 1.96 10.01 11.60
N SER B 150 2.44 10.82 12.54
CA SER B 150 3.39 11.87 12.21
C SER B 150 4.78 11.42 12.68
N ILE B 151 5.78 11.56 11.81
CA ILE B 151 7.15 11.20 12.16
C ILE B 151 8.05 12.33 11.69
N HIS B 152 8.45 13.19 12.63
CA HIS B 152 9.29 14.34 12.32
C HIS B 152 10.68 14.16 12.91
N VAL B 153 11.69 14.23 12.05
CA VAL B 153 13.07 14.09 12.52
C VAL B 153 13.75 15.41 12.21
N VAL B 154 14.23 16.08 13.25
CA VAL B 154 14.89 17.36 13.08
C VAL B 154 16.33 17.32 13.57
N GLU B 155 17.20 17.96 12.80
CA GLU B 155 18.61 18.03 13.12
C GLU B 155 18.91 19.51 13.34
N VAL B 156 19.50 19.83 14.49
CA VAL B 156 19.83 21.20 14.78
C VAL B 156 21.34 21.44 14.82
N GLN B 157 21.81 22.31 13.92
CA GLN B 157 23.22 22.65 13.84
C GLN B 157 23.39 23.98 14.57
N GLU B 158 24.03 23.92 15.72
CA GLU B 158 24.24 25.10 16.52
C GLU B 158 25.49 25.86 16.06
N LYS B 159 25.37 27.19 16.00
CA LYS B 159 26.49 28.01 15.57
C LYS B 159 27.29 28.53 16.76
N SER B 160 28.62 28.38 16.66
CA SER B 160 29.53 28.83 17.71
C SER B 160 29.18 30.24 18.13
N SER B 161 29.26 31.16 17.17
CA SER B 161 28.93 32.55 17.43
C SER B 161 27.64 32.92 16.72
N GLY B 162 26.70 33.50 17.45
CA GLY B 162 25.46 33.93 16.81
C GLY B 162 24.11 33.65 17.44
N ARG B 163 23.90 32.42 17.92
CA ARG B 163 22.59 32.06 18.44
C ARG B 163 21.63 32.33 17.30
N THR B 164 21.89 31.55 16.27
CA THR B 164 21.18 31.47 15.02
C THR B 164 21.58 30.03 14.82
N ALA B 165 20.66 29.19 14.39
CA ALA B 165 20.99 27.79 14.22
C ALA B 165 20.48 27.30 12.90
N HIS B 166 21.02 26.17 12.44
CA HIS B 166 20.56 25.61 11.20
C HIS B 166 19.63 24.44 11.54
N TYR B 167 18.42 24.49 11.02
CA TYR B 167 17.46 23.42 11.29
C TYR B 167 17.18 22.66 10.00
N LYS B 168 17.22 21.33 10.09
CA LYS B 168 16.92 20.46 8.96
C LYS B 168 15.80 19.54 9.44
N LEU B 169 14.63 19.67 8.84
CA LEU B 169 13.48 18.85 9.22
C LEU B 169 13.03 17.93 8.09
N THR B 170 12.98 16.64 8.38
CA THR B 170 12.51 15.66 7.41
C THR B 170 11.28 15.08 8.05
N SER B 171 10.14 15.28 7.40
CA SER B 171 8.86 14.84 7.94
C SER B 171 8.10 13.85 7.07
N THR B 172 7.46 12.88 7.73
CA THR B 172 6.65 11.89 7.04
C THR B 172 5.32 11.77 7.77
N VAL B 173 4.23 11.84 7.00
CA VAL B 173 2.92 11.64 7.59
C VAL B 173 2.38 10.37 6.93
N MET B 174 2.03 9.40 7.76
CA MET B 174 1.46 8.14 7.28
C MET B 174 -0.02 8.23 7.56
N LEU B 175 -0.82 8.12 6.50
CA LEU B 175 -2.27 8.20 6.61
C LEU B 175 -2.88 6.88 6.15
N TRP B 176 -3.60 6.25 7.07
CA TRP B 176 -4.25 4.96 6.84
C TRP B 176 -5.76 5.08 6.93
N LEU B 177 -6.43 4.57 5.90
CA LEU B 177 -7.90 4.59 5.85
C LEU B 177 -8.35 3.19 5.43
N GLN B 178 -9.32 2.64 6.14
CA GLN B 178 -9.81 1.29 5.84
C GLN B 178 -11.30 1.16 6.11
N THR B 179 -11.97 0.31 5.33
CA THR B 179 -13.39 0.06 5.51
C THR B 179 -13.79 -1.35 5.06
N ASN B 180 -14.66 -1.98 5.84
CA ASN B 180 -15.17 -3.32 5.54
C ASN B 180 -16.69 -3.21 5.41
N LYS B 181 -17.15 -2.64 4.30
CA LYS B 181 -18.57 -2.49 4.07
C LYS B 181 -19.04 -3.35 2.91
N THR B 182 -20.24 -3.92 3.07
CA THR B 182 -20.84 -4.79 2.07
C THR B 182 -20.56 -4.34 0.63
N GLY B 183 -21.04 -3.15 0.29
CA GLY B 183 -20.87 -2.62 -1.04
C GLY B 183 -19.45 -2.44 -1.56
N SER B 184 -18.48 -2.29 -0.66
CA SER B 184 -17.11 -2.10 -1.08
C SER B 184 -16.19 -3.26 -0.76
N GLY B 185 -16.69 -4.23 -0.01
CA GLY B 185 -15.87 -5.36 0.39
C GLY B 185 -14.79 -4.77 1.29
N THR B 186 -13.53 -5.01 0.97
CA THR B 186 -12.47 -4.43 1.76
C THR B 186 -11.78 -3.37 0.92
N MET B 187 -11.74 -2.15 1.45
CA MET B 187 -11.10 -1.03 0.76
C MET B 187 -10.05 -0.44 1.70
N ASN B 188 -8.81 -0.44 1.25
CA ASN B 188 -7.71 0.10 2.06
C ASN B 188 -6.96 1.16 1.28
N LEU B 189 -7.00 2.39 1.79
CA LEU B 189 -6.29 3.49 1.14
C LEU B 189 -5.25 3.97 2.15
N GLY B 190 -3.99 3.63 1.92
CA GLY B 190 -2.98 4.01 2.89
C GLY B 190 -1.60 4.26 2.36
N GLY B 191 -0.70 4.61 3.27
CA GLY B 191 0.67 4.90 2.87
C GLY B 191 1.16 6.16 3.53
N SER B 192 2.00 6.91 2.82
CA SER B 192 2.54 8.12 3.42
C SER B 192 3.19 9.03 2.41
N LEU B 193 3.43 10.27 2.84
CA LEU B 193 4.08 11.28 2.02
C LEU B 193 5.20 11.87 2.85
N THR B 194 6.31 12.20 2.21
CA THR B 194 7.46 12.74 2.91
C THR B 194 7.89 14.07 2.32
N ARG B 195 8.26 14.99 3.19
CA ARG B 195 8.71 16.30 2.74
C ARG B 195 9.91 16.68 3.59
N GLN B 196 10.79 17.49 3.03
CA GLN B 196 11.98 17.93 3.75
C GLN B 196 12.10 19.44 3.67
N MET B 197 12.69 20.03 4.70
CA MET B 197 12.81 21.48 4.78
C MET B 197 14.06 21.81 5.60
N GLU B 198 14.73 22.91 5.23
CA GLU B 198 15.93 23.38 5.91
C GLU B 198 15.85 24.88 6.02
N LYS B 199 16.28 25.42 7.16
CA LYS B 199 16.23 26.87 7.37
C LYS B 199 17.19 27.37 8.44
N ASP B 200 17.75 28.55 8.22
CA ASP B 200 18.65 29.15 9.19
C ASP B 200 17.72 30.03 10.01
N GLU B 201 17.87 30.00 11.32
CA GLU B 201 16.96 30.76 12.18
C GLU B 201 17.60 31.35 13.43
N THR B 202 17.06 32.47 13.87
CA THR B 202 17.54 33.13 15.07
C THR B 202 17.05 32.37 16.30
N VAL B 203 17.95 32.18 17.26
CA VAL B 203 17.58 31.50 18.50
C VAL B 203 17.75 32.54 19.61
N SER B 204 16.66 32.79 20.33
CA SER B 204 16.67 33.78 21.42
C SER B 204 15.77 33.32 22.56
N ASP B 205 15.73 34.11 23.63
CA ASP B 205 14.90 33.77 24.78
C ASP B 205 13.41 33.72 24.42
N SER B 206 12.99 34.59 23.51
CA SER B 206 11.59 34.62 23.10
C SER B 206 11.34 33.61 21.97
N SER B 207 12.41 33.15 21.33
CA SER B 207 12.27 32.18 20.25
C SER B 207 13.34 31.09 20.39
N PRO B 208 13.26 30.26 21.45
CA PRO B 208 14.21 29.19 21.71
C PRO B 208 14.07 28.02 20.73
N HIS B 209 14.92 27.01 20.90
CA HIS B 209 14.91 25.85 20.02
C HIS B 209 13.53 25.20 19.82
N ILE B 210 12.80 24.99 20.91
CA ILE B 210 11.49 24.34 20.81
C ILE B 210 10.53 25.17 19.97
N ALA B 211 10.54 26.49 20.15
CA ALA B 211 9.65 27.34 19.37
C ALA B 211 10.01 27.21 17.88
N ASN B 212 11.30 27.24 17.55
CA ASN B 212 11.70 27.15 16.15
C ASN B 212 11.33 25.80 15.55
N ILE B 213 11.56 24.73 16.30
CA ILE B 213 11.23 23.39 15.83
C ILE B 213 9.71 23.30 15.70
N GLY B 214 8.99 23.82 16.70
CA GLY B 214 7.54 23.80 16.68
C GLY B 214 6.95 24.48 15.46
N ARG B 215 7.45 25.68 15.14
CA ARG B 215 6.98 26.42 13.98
C ARG B 215 7.23 25.65 12.70
N LEU B 216 8.38 25.02 12.60
CA LEU B 216 8.72 24.23 11.42
C LEU B 216 7.80 23.00 11.32
N VAL B 217 7.60 22.30 12.42
CA VAL B 217 6.71 21.13 12.44
C VAL B 217 5.30 21.54 12.01
N GLU B 218 4.78 22.60 12.61
CA GLU B 218 3.44 23.12 12.31
C GLU B 218 3.28 23.46 10.85
N ASP B 219 4.21 24.22 10.29
CA ASP B 219 4.14 24.59 8.87
C ASP B 219 4.20 23.35 8.00
N MET B 220 5.10 22.43 8.38
CA MET B 220 5.28 21.20 7.64
C MET B 220 3.98 20.38 7.64
N GLU B 221 3.41 20.15 8.81
CA GLU B 221 2.17 19.37 8.88
C GLU B 221 1.00 20.03 8.18
N ASN B 222 0.90 21.35 8.22
CA ASN B 222 -0.20 22.03 7.55
C ASN B 222 -0.07 21.84 6.03
N LYS B 223 1.17 21.86 5.54
CA LYS B 223 1.43 21.67 4.11
C LYS B 223 1.18 20.23 3.70
N ILE B 224 1.64 19.28 4.50
CA ILE B 224 1.45 17.88 4.19
C ILE B 224 -0.03 17.49 4.29
N ARG B 225 -0.79 18.14 5.17
CA ARG B 225 -2.21 17.83 5.31
C ARG B 225 -2.94 18.17 4.01
N SER B 226 -2.57 19.28 3.39
CA SER B 226 -3.17 19.72 2.14
C SER B 226 -2.83 18.77 0.99
N THR B 227 -1.56 18.38 0.93
CA THR B 227 -1.08 17.45 -0.09
C THR B 227 -1.74 16.09 0.07
N LEU B 228 -1.92 15.65 1.31
CA LEU B 228 -2.56 14.38 1.59
C LEU B 228 -4.00 14.38 1.06
N ASN B 229 -4.72 15.45 1.37
CA ASN B 229 -6.10 15.58 0.93
C ASN B 229 -6.14 15.53 -0.59
N GLU B 230 -5.23 16.24 -1.25
CA GLU B 230 -5.15 16.25 -2.70
C GLU B 230 -4.83 14.87 -3.29
N ILE B 231 -3.73 14.27 -2.84
CA ILE B 231 -3.31 12.98 -3.37
C ILE B 231 -4.28 11.83 -3.07
N TYR B 232 -4.63 11.65 -1.80
CA TYR B 232 -5.53 10.56 -1.42
C TYR B 232 -6.94 10.65 -2.00
N PHE B 233 -7.62 11.76 -1.72
CA PHE B 233 -9.00 11.95 -2.15
C PHE B 233 -9.14 12.61 -3.51
N GLY B 234 -8.03 13.13 -4.02
CA GLY B 234 -8.07 13.74 -5.33
C GLY B 234 -7.44 12.83 -6.38
N LYS B 235 -6.12 12.74 -6.37
CA LYS B 235 -5.41 11.94 -7.36
C LYS B 235 -5.72 10.43 -7.44
N THR B 236 -5.68 9.69 -6.33
CA THR B 236 -5.97 8.27 -6.47
C THR B 236 -7.40 8.02 -6.93
N LYS B 237 -8.31 8.93 -6.61
CA LYS B 237 -9.71 8.78 -7.02
C LYS B 237 -9.80 8.96 -8.52
N ASP B 238 -9.08 9.96 -9.03
CA ASP B 238 -9.07 10.24 -10.45
C ASP B 238 -8.46 9.07 -11.23
N ILE B 239 -7.45 8.42 -10.67
CA ILE B 239 -6.83 7.30 -11.36
C ILE B 239 -7.86 6.19 -11.40
N VAL B 240 -8.61 6.03 -10.31
CA VAL B 240 -9.65 5.02 -10.22
C VAL B 240 -10.74 5.25 -11.28
N ASN B 241 -11.12 6.50 -11.49
CA ASN B 241 -12.14 6.80 -12.47
C ASN B 241 -11.64 6.66 -13.89
N GLY B 242 -10.32 6.56 -14.05
CA GLY B 242 -9.74 6.39 -15.36
C GLY B 242 -9.61 4.93 -15.73
N LEU B 243 -9.80 4.05 -14.75
CA LEU B 243 -9.71 2.61 -14.98
C LEU B 243 -11.05 2.07 -15.45
N ARG B 244 -12.12 2.66 -14.94
CA ARG B 244 -13.47 2.24 -15.30
C ARG B 244 -14.42 3.42 -15.17
N SER B 245 -15.57 3.31 -15.81
CA SER B 245 -16.58 4.35 -15.80
C SER B 245 -17.94 3.67 -15.68
N ILE B 246 -18.79 4.17 -14.79
CA ILE B 246 -20.11 3.57 -14.61
C ILE B 246 -21.01 3.86 -15.81
N ASP B 247 -20.90 5.06 -16.35
CA ASP B 247 -21.70 5.42 -17.51
C ASP B 247 -20.97 4.94 -18.75
N ALA B 248 -21.74 4.48 -19.74
CA ALA B 248 -21.15 4.00 -20.98
C ALA B 248 -20.29 5.10 -21.56
N ILE B 249 -19.04 4.76 -21.88
CA ILE B 249 -18.11 5.72 -22.44
C ILE B 249 -18.35 5.85 -23.94
N PRO B 250 -18.84 7.02 -24.39
CA PRO B 250 -19.10 7.23 -25.82
C PRO B 250 -17.88 6.75 -26.60
N ASP B 251 -17.94 5.51 -27.08
CA ASP B 251 -16.89 4.93 -27.91
C ASP B 251 -16.59 5.76 -29.15
N ASN B 252 -15.31 5.82 -29.53
CA ASN B 252 -14.96 6.56 -30.73
C ASN B 252 -14.11 5.75 -31.70
N GLN B 253 -14.67 5.52 -32.86
CA GLN B 253 -14.14 4.61 -33.86
C GLN B 253 -13.02 5.31 -34.61
N LYS B 254 -13.22 6.59 -34.86
CA LYS B 254 -12.41 7.34 -35.81
C LYS B 254 -10.93 7.34 -35.49
N TYR B 255 -10.58 7.79 -34.29
CA TYR B 255 -9.18 7.86 -33.90
C TYR B 255 -8.53 6.49 -33.81
N LYS B 256 -9.29 5.49 -33.37
CA LYS B 256 -8.70 4.16 -33.15
C LYS B 256 -8.32 3.50 -34.46
N GLN B 257 -9.11 3.75 -35.49
CA GLN B 257 -8.90 3.12 -36.79
C GLN B 257 -7.61 3.69 -37.38
N LEU B 258 -7.42 5.00 -37.24
CA LEU B 258 -6.24 5.68 -37.79
C LEU B 258 -4.98 5.22 -37.08
N GLN B 259 -5.09 4.90 -35.80
CA GLN B 259 -3.92 4.80 -34.95
C GLN B 259 -3.03 3.65 -35.37
N ARG B 260 -3.64 2.53 -35.76
CA ARG B 260 -2.85 1.34 -36.04
C ARG B 260 -2.04 1.56 -37.31
N GLU B 261 -2.65 2.21 -38.30
CA GLU B 261 -2.05 2.39 -39.62
C GLU B 261 -0.73 3.15 -39.58
N LEU B 262 -0.72 4.28 -38.87
CA LEU B 262 0.48 5.10 -38.71
C LEU B 262 1.57 4.44 -37.89
N SER B 263 1.19 3.56 -36.96
CA SER B 263 2.14 3.01 -36.00
C SER B 263 3.14 2.06 -36.63
N GLN B 264 2.64 1.11 -37.41
CA GLN B 264 3.49 0.04 -37.92
C GLN B 264 4.54 0.57 -38.87
N VAL B 265 4.31 1.76 -39.43
CA VAL B 265 5.26 2.33 -40.38
C VAL B 265 6.52 2.71 -39.65
N LEU B 266 6.38 3.29 -38.45
CA LEU B 266 7.53 3.84 -37.73
C LEU B 266 8.45 2.73 -37.21
N THR B 267 7.88 1.58 -36.86
CA THR B 267 8.66 0.48 -36.31
C THR B 267 9.58 -0.16 -37.37
N GLN B 268 9.07 -0.28 -38.59
CA GLN B 268 9.82 -0.92 -39.68
C GLN B 268 10.72 0.13 -40.36
N ARG B 269 10.81 1.29 -39.73
CA ARG B 269 11.67 2.38 -40.18
C ARG B 269 12.77 2.58 -39.13
N GLN B 270 12.36 2.58 -37.86
CA GLN B 270 13.33 2.68 -36.77
C GLN B 270 13.76 1.24 -36.61
N ILE B 271 14.75 1.01 -35.75
CA ILE B 271 15.08 -0.32 -35.28
C ILE B 271 13.85 -1.07 -34.75
N GLY C 4 12.31 -3.05 -27.80
CA GLY C 4 12.34 -4.45 -27.29
C GLY C 4 13.69 -4.73 -26.63
N SER C 5 13.66 -5.29 -25.44
CA SER C 5 14.89 -5.61 -24.72
C SER C 5 15.72 -6.62 -25.50
N TRP C 6 15.05 -7.64 -26.04
CA TRP C 6 15.75 -8.67 -26.80
C TRP C 6 17.07 -9.04 -26.14
N GLY C 7 17.01 -9.94 -25.18
CA GLY C 7 18.21 -10.38 -24.47
C GLY C 7 18.60 -9.36 -23.40
N CYS C 8 19.66 -9.67 -22.67
CA CYS C 8 20.14 -8.78 -21.61
C CYS C 8 21.06 -7.73 -22.19
N VAL C 9 21.83 -7.08 -21.32
CA VAL C 9 22.77 -6.04 -21.76
C VAL C 9 23.83 -6.63 -22.68
N ARG C 10 24.37 -7.78 -22.29
CA ARG C 10 25.40 -8.43 -23.08
C ARG C 10 24.83 -8.91 -24.41
N GLN C 11 25.55 -8.66 -25.49
CA GLN C 11 25.09 -9.07 -26.82
C GLN C 11 25.25 -10.58 -26.99
N GLU C 12 24.19 -11.23 -27.46
CA GLU C 12 24.22 -12.66 -27.66
C GLU C 12 25.19 -13.03 -28.80
N LYS C 13 25.24 -12.17 -29.81
CA LYS C 13 26.12 -12.41 -30.95
C LYS C 13 25.84 -13.77 -31.56
N ARG C 14 26.76 -14.71 -31.36
CA ARG C 14 26.60 -16.07 -31.90
C ARG C 14 25.59 -16.85 -31.08
N SER C 15 24.70 -17.57 -31.76
CA SER C 15 23.68 -18.36 -31.07
C SER C 15 24.31 -19.58 -30.42
N SER C 16 23.64 -20.12 -29.41
CA SER C 16 24.14 -21.29 -28.70
C SER C 16 25.64 -21.16 -28.44
N GLY C 17 26.14 -19.94 -28.52
CA GLY C 17 27.56 -19.68 -28.29
C GLY C 17 27.81 -19.25 -26.86
N LEU C 18 28.73 -19.95 -26.19
CA LEU C 18 29.07 -19.63 -24.81
C LEU C 18 27.81 -19.64 -23.94
N ILE C 19 27.98 -19.34 -22.65
CA ILE C 19 26.85 -19.32 -21.73
C ILE C 19 26.96 -18.13 -20.77
N SER C 20 25.85 -17.41 -20.62
CA SER C 20 25.84 -16.25 -19.73
C SER C 20 25.82 -16.70 -18.27
N GLU C 21 26.22 -15.80 -17.37
CA GLU C 21 26.24 -16.10 -15.95
C GLU C 21 26.39 -14.84 -15.13
N LEU C 22 25.46 -13.91 -15.31
CA LEU C 22 25.48 -12.64 -14.58
C LEU C 22 24.24 -11.81 -14.89
N PRO C 23 23.84 -11.79 -16.14
CA PRO C 23 22.65 -11.01 -16.58
C PRO C 23 21.34 -11.69 -16.20
N SER C 24 20.32 -10.88 -15.94
CA SER C 24 19.01 -11.42 -15.57
C SER C 24 17.90 -10.61 -16.20
N GLU C 25 18.15 -9.32 -16.40
CA GLU C 25 17.15 -8.44 -17.01
C GLU C 25 17.83 -7.31 -17.77
N GLU C 26 18.04 -6.18 -17.10
CA GLU C 26 18.67 -5.03 -17.72
C GLU C 26 19.19 -4.06 -16.67
N GLY C 27 20.26 -3.34 -17.01
CA GLY C 27 20.84 -2.38 -16.08
C GLY C 27 20.17 -1.02 -16.23
N ARG C 28 19.42 -0.63 -15.19
CA ARG C 28 18.72 0.66 -15.22
C ARG C 28 19.72 1.81 -15.32
N ARG C 29 20.81 1.72 -14.55
CA ARG C 29 21.83 2.76 -14.55
C ARG C 29 23.20 2.16 -14.32
N LEU C 30 24.24 2.91 -14.67
CA LEU C 30 25.61 2.44 -14.49
C LEU C 30 26.03 2.55 -13.03
N GLU C 31 26.71 1.52 -12.53
CA GLU C 31 27.16 1.52 -11.14
C GLU C 31 28.27 2.54 -10.94
N HIS C 32 28.25 3.20 -9.77
CA HIS C 32 29.27 4.20 -9.47
C HIS C 32 30.53 3.53 -8.93
N PHE C 33 31.28 4.27 -8.11
CA PHE C 33 32.51 3.73 -7.53
C PHE C 33 32.19 2.67 -6.48
N THR C 34 32.98 1.61 -6.48
CA THR C 34 32.77 0.52 -5.52
C THR C 34 33.36 0.88 -4.17
N LYS C 35 34.37 1.75 -4.18
CA LYS C 35 35.01 2.17 -2.94
C LYS C 35 34.08 3.03 -2.11
N LEU C 36 33.85 2.64 -0.86
CA LEU C 36 32.97 3.39 0.03
C LEU C 36 33.03 2.83 1.44
N ARG C 37 33.22 3.70 2.42
CA ARG C 37 33.29 3.28 3.81
C ARG C 37 33.11 4.47 4.75
N PRO C 38 34.00 5.41 4.69
CA PRO C 38 33.95 6.62 5.55
C PRO C 38 32.55 7.21 5.65
N LYS C 39 31.85 7.24 4.53
CA LYS C 39 30.49 7.77 4.50
C LYS C 39 30.40 9.03 5.34
N ARG C 40 29.17 9.47 5.61
CA ARG C 40 28.96 10.67 6.42
C ARG C 40 28.91 10.32 7.90
N ASN C 41 29.73 9.36 8.31
CA ASN C 41 29.77 8.94 9.70
C ASN C 41 28.42 8.36 10.12
N LYS C 42 28.46 7.19 10.75
CA LYS C 42 27.24 6.53 11.20
C LYS C 42 26.54 7.36 12.28
N LYS C 43 25.26 7.63 12.08
CA LYS C 43 24.49 8.40 13.03
C LYS C 43 24.37 7.65 14.36
N GLN C 44 24.00 6.38 14.28
CA GLN C 44 23.85 5.56 15.47
C GLN C 44 24.30 4.13 15.20
N GLN C 45 24.35 3.31 16.26
CA GLN C 45 24.76 1.93 16.12
C GLN C 45 24.01 1.04 17.12
N PRO C 46 22.74 0.86 16.89
CA PRO C 46 21.89 0.00 17.78
C PRO C 46 22.05 -1.48 17.47
N THR C 47 21.14 -2.30 17.99
CA THR C 47 21.19 -3.73 17.77
C THR C 47 19.82 -4.26 17.33
N GLN C 48 19.70 -5.57 17.21
CA GLN C 48 18.45 -6.18 16.79
C GLN C 48 17.36 -5.98 17.83
N ALA C 49 16.22 -6.62 17.62
CA ALA C 49 15.10 -6.50 18.56
C ALA C 49 14.26 -7.77 18.56
N ALA C 50 12.97 -7.60 18.82
CA ALA C 50 12.05 -8.74 18.85
C ALA C 50 10.69 -8.37 18.29
N VAL C 51 9.82 -7.84 19.13
CA VAL C 51 8.47 -7.46 18.71
C VAL C 51 8.02 -6.21 19.43
N CYS C 52 8.04 -6.24 20.77
CA CYS C 52 7.61 -5.10 21.56
C CYS C 52 6.17 -4.74 21.23
N THR C 53 5.37 -5.74 20.88
CA THR C 53 3.98 -5.50 20.54
C THR C 53 3.09 -5.66 21.77
N ILE C 54 2.44 -4.58 22.17
CA ILE C 54 1.56 -4.60 23.34
C ILE C 54 0.38 -3.67 23.14
N SER C 55 -0.80 -4.10 23.59
CA SER C 55 -1.99 -3.28 23.46
C SER C 55 -3.03 -3.69 24.51
N ILE C 56 -3.97 -2.78 24.79
CA ILE C 56 -5.00 -3.05 25.77
C ILE C 56 -6.33 -2.45 25.33
N LEU C 57 -7.22 -3.31 24.83
CA LEU C 57 -8.53 -2.85 24.37
C LEU C 57 -8.40 -1.56 23.57
N PRO C 58 -7.52 -1.54 22.62
CA PRO C 58 -7.28 -0.34 21.76
C PRO C 58 -8.59 0.33 21.34
N GLN C 59 -8.62 1.66 21.47
CA GLN C 59 -9.82 2.42 21.10
C GLN C 59 -9.86 2.65 19.60
N ASP C 60 -8.82 2.21 18.90
CA ASP C 60 -8.75 2.38 17.45
C ASP C 60 -9.89 1.63 16.78
N GLY C 61 -10.16 0.42 17.25
CA GLY C 61 -11.23 -0.39 16.68
C GLY C 61 -10.87 -0.85 15.27
N GLU C 62 -9.58 -1.01 15.02
CA GLU C 62 -9.12 -1.45 13.70
C GLU C 62 -9.66 -2.84 13.38
N GLN C 63 -9.58 -3.73 14.35
CA GLN C 63 -10.07 -5.10 14.16
C GLN C 63 -9.64 -5.63 12.79
N ASN C 64 -10.52 -5.47 11.80
CA ASN C 64 -10.21 -5.93 10.46
C ASN C 64 -9.83 -7.41 10.46
N GLY C 65 -10.51 -8.17 11.30
CA GLY C 65 -10.25 -9.61 11.40
C GLY C 65 -11.25 -10.41 10.57
N LEU C 66 -10.80 -10.92 9.43
CA LEU C 66 -11.68 -11.71 8.56
C LEU C 66 -11.39 -13.19 8.71
N MET C 67 -12.33 -13.91 9.33
CA MET C 67 -12.17 -15.34 9.54
C MET C 67 -12.18 -16.08 8.20
N GLY C 68 -13.06 -15.65 7.30
CA GLY C 68 -13.17 -16.27 5.98
C GLY C 68 -12.34 -15.52 4.96
N ARG C 69 -12.37 -15.97 3.71
CA ARG C 69 -11.61 -15.34 2.64
C ARG C 69 -12.49 -15.13 1.42
N VAL C 70 -13.73 -15.61 1.48
CA VAL C 70 -14.66 -15.46 0.38
C VAL C 70 -15.97 -14.87 0.85
N ASP C 71 -16.49 -13.91 0.08
CA ASP C 71 -17.75 -13.26 0.43
C ASP C 71 -17.67 -12.67 1.83
N GLU C 72 -16.69 -11.80 2.05
CA GLU C 72 -16.52 -11.18 3.35
C GLU C 72 -17.72 -10.30 3.70
N GLY C 73 -18.24 -9.61 2.68
CA GLY C 73 -19.40 -8.74 2.90
C GLY C 73 -20.62 -9.55 3.28
N VAL C 74 -21.42 -9.01 4.20
CA VAL C 74 -22.63 -9.70 4.65
C VAL C 74 -23.77 -8.69 4.85
N ASP C 75 -24.98 -9.11 4.49
CA ASP C 75 -26.14 -8.24 4.64
C ASP C 75 -27.37 -9.04 5.07
N GLU C 76 -27.51 -10.24 4.49
CA GLU C 76 -28.64 -11.10 4.82
C GLU C 76 -28.49 -11.64 6.24
N PHE C 77 -29.60 -11.65 6.97
CA PHE C 77 -29.59 -12.14 8.35
C PHE C 77 -29.56 -13.66 8.38
N PHE C 78 -28.56 -14.21 9.07
CA PHE C 78 -28.42 -15.66 9.16
C PHE C 78 -28.32 -16.28 7.77
N THR C 79 -27.18 -16.93 7.50
CA THR C 79 -26.96 -17.56 6.20
C THR C 79 -26.09 -18.79 6.35
N LYS C 80 -26.17 -19.69 5.37
CA LYS C 80 -25.38 -20.92 5.41
C LYS C 80 -23.94 -20.64 5.00
N LYS C 81 -23.00 -21.38 5.58
CA LYS C 81 -21.59 -21.20 5.28
C LYS C 81 -21.27 -21.78 3.91
N VAL C 82 -20.45 -21.06 3.14
CA VAL C 82 -20.07 -21.51 1.81
C VAL C 82 -18.57 -21.30 1.58
N THR C 83 -18.02 -22.01 0.60
CA THR C 83 -16.60 -21.89 0.28
C THR C 83 -16.37 -22.05 -1.21
N GLY C 84 -15.25 -21.52 -1.69
CA GLY C 84 -14.91 -21.62 -3.11
C GLY C 84 -13.50 -21.11 -3.36
N CYS C 85 -13.05 -21.25 -4.60
CA CYS C 85 -11.71 -20.81 -4.98
C CYS C 85 -11.51 -19.34 -4.61
N ARG A 7 14.50 -24.03 9.95
CA ARG A 7 15.36 -22.84 10.22
C ARG A 7 15.54 -22.03 8.95
N VAL A 8 16.47 -21.09 8.94
CA VAL A 8 16.72 -20.26 7.76
C VAL A 8 17.29 -21.14 6.66
N SER A 9 16.87 -20.85 5.43
CA SER A 9 17.30 -21.60 4.27
C SER A 9 17.24 -20.72 3.03
N ASP A 10 17.96 -21.14 1.99
CA ASP A 10 18.01 -20.40 0.74
C ASP A 10 16.63 -20.45 0.08
N GLU A 11 15.87 -21.51 0.35
CA GLU A 11 14.54 -21.64 -0.23
C GLU A 11 13.61 -20.58 0.34
N GLU A 12 13.74 -20.33 1.65
CA GLU A 12 12.90 -19.33 2.29
C GLU A 12 13.27 -17.94 1.80
N LYS A 13 14.56 -17.68 1.64
CA LYS A 13 15.02 -16.38 1.17
C LYS A 13 14.52 -16.14 -0.26
N VAL A 14 14.48 -17.20 -1.07
CA VAL A 14 14.00 -17.06 -2.44
C VAL A 14 12.52 -16.71 -2.45
N ARG A 15 11.73 -17.34 -1.56
CA ARG A 15 10.30 -17.05 -1.50
C ARG A 15 10.07 -15.61 -1.04
N ILE A 16 10.90 -15.16 -0.10
CA ILE A 16 10.79 -13.79 0.40
C ILE A 16 11.10 -12.83 -0.75
N ALA A 17 12.23 -13.07 -1.40
CA ALA A 17 12.63 -12.22 -2.52
C ALA A 17 11.50 -12.17 -3.54
N ALA A 18 10.89 -13.32 -3.81
CA ALA A 18 9.82 -13.40 -4.79
C ALA A 18 8.59 -12.58 -4.40
N LYS A 19 8.23 -12.63 -3.12
CA LYS A 19 7.08 -11.89 -2.64
C LYS A 19 7.30 -10.38 -2.82
N PHE A 20 8.46 -9.89 -2.42
CA PHE A 20 8.79 -8.47 -2.56
C PHE A 20 8.67 -8.02 -4.02
N ILE A 21 9.30 -8.78 -4.91
CA ILE A 21 9.30 -8.48 -6.34
C ILE A 21 7.91 -8.45 -6.97
N THR A 22 7.08 -9.44 -6.64
CA THR A 22 5.73 -9.48 -7.20
C THR A 22 4.79 -8.45 -6.56
N HIS A 23 5.25 -7.79 -5.50
CA HIS A 23 4.42 -6.79 -4.83
C HIS A 23 4.88 -5.36 -5.11
N ALA A 24 5.72 -5.18 -6.12
CA ALA A 24 6.17 -3.84 -6.44
C ALA A 24 4.95 -3.04 -6.87
N PRO A 25 4.95 -1.73 -6.58
CA PRO A 25 3.80 -0.93 -6.98
C PRO A 25 3.88 -0.69 -8.49
N PRO A 26 2.75 -0.35 -9.12
CA PRO A 26 2.73 -0.10 -10.57
C PRO A 26 3.78 0.88 -11.08
N GLY A 27 4.47 0.49 -12.15
CA GLY A 27 5.49 1.33 -12.76
C GLY A 27 6.79 1.41 -11.98
N GLU A 28 6.97 0.55 -10.98
CA GLU A 28 8.20 0.57 -10.19
C GLU A 28 8.83 -0.80 -10.03
N PHE A 29 8.48 -1.72 -10.92
CA PHE A 29 9.01 -3.07 -10.87
C PHE A 29 10.54 -3.13 -10.79
N ASN A 30 11.20 -2.46 -11.72
CA ASN A 30 12.66 -2.47 -11.77
C ASN A 30 13.36 -1.99 -10.50
N GLU A 31 12.88 -0.88 -9.94
CA GLU A 31 13.48 -0.35 -8.72
C GLU A 31 13.41 -1.41 -7.62
N VAL A 32 12.22 -1.98 -7.44
CA VAL A 32 12.02 -3.01 -6.43
C VAL A 32 12.90 -4.23 -6.71
N PHE A 33 12.98 -4.63 -7.98
CA PHE A 33 13.79 -5.78 -8.39
C PHE A 33 15.27 -5.54 -8.08
N ASN A 34 15.77 -4.36 -8.46
CA ASN A 34 17.16 -4.04 -8.19
C ASN A 34 17.41 -4.01 -6.68
N ASP A 35 16.45 -3.50 -5.92
CA ASP A 35 16.61 -3.46 -4.46
C ASP A 35 16.77 -4.89 -3.94
N VAL A 36 15.82 -5.76 -4.28
CA VAL A 36 15.84 -7.14 -3.82
C VAL A 36 17.11 -7.86 -4.26
N ARG A 37 17.52 -7.62 -5.49
CA ARG A 37 18.73 -8.25 -6.02
C ARG A 37 19.94 -7.91 -5.15
N LEU A 38 20.11 -6.63 -4.82
CA LEU A 38 21.24 -6.21 -3.98
C LEU A 38 21.08 -6.68 -2.52
N LEU A 39 19.83 -6.86 -2.09
CA LEU A 39 19.57 -7.31 -0.71
C LEU A 39 19.84 -8.80 -0.60
N LEU A 40 19.31 -9.57 -1.55
CA LEU A 40 19.48 -11.01 -1.58
C LEU A 40 20.98 -11.32 -1.74
N ASN A 41 21.66 -10.50 -2.54
CA ASN A 41 23.08 -10.65 -2.79
C ASN A 41 23.50 -12.09 -3.20
N ASN A 42 22.74 -12.67 -4.11
CA ASN A 42 23.02 -14.01 -4.60
C ASN A 42 22.22 -14.17 -5.88
N ASP A 43 22.84 -13.81 -7.00
CA ASP A 43 22.19 -13.88 -8.30
C ASP A 43 21.77 -15.29 -8.70
N ASN A 44 22.50 -16.29 -8.22
CA ASN A 44 22.14 -17.66 -8.54
C ASN A 44 20.77 -17.95 -7.93
N LEU A 45 20.54 -17.54 -6.68
CA LEU A 45 19.23 -17.77 -6.07
C LEU A 45 18.15 -16.92 -6.71
N LEU A 46 18.51 -15.70 -7.08
CA LEU A 46 17.58 -14.76 -7.70
C LEU A 46 16.98 -15.30 -9.01
N ARG A 47 17.80 -15.99 -9.81
CA ARG A 47 17.34 -16.54 -11.08
C ARG A 47 16.42 -17.76 -10.88
N GLU A 48 16.46 -18.34 -9.70
CA GLU A 48 15.62 -19.49 -9.38
C GLU A 48 14.14 -19.20 -9.56
N GLY A 49 13.70 -18.04 -9.08
CA GLY A 49 12.29 -17.68 -9.20
C GLY A 49 12.01 -16.42 -9.99
N ALA A 50 13.03 -15.88 -10.65
CA ALA A 50 12.87 -14.67 -11.43
C ALA A 50 11.73 -14.78 -12.43
N ALA A 51 11.92 -15.60 -13.46
CA ALA A 51 10.90 -15.81 -14.49
C ALA A 51 9.50 -15.93 -13.89
N HIS A 52 9.37 -16.75 -12.87
CA HIS A 52 8.08 -16.95 -12.23
C HIS A 52 7.58 -15.64 -11.60
N ALA A 53 8.50 -14.88 -11.00
CA ALA A 53 8.17 -13.60 -10.37
C ALA A 53 7.67 -12.60 -11.41
N PHE A 54 8.48 -12.40 -12.45
CA PHE A 54 8.15 -11.48 -13.53
C PHE A 54 6.78 -11.81 -14.13
N ALA A 55 6.56 -13.08 -14.43
CA ALA A 55 5.30 -13.54 -15.02
C ALA A 55 4.10 -13.23 -14.14
N GLN A 56 4.19 -13.64 -12.88
CA GLN A 56 3.11 -13.42 -11.93
C GLN A 56 2.80 -11.92 -11.82
N TYR A 57 3.83 -11.10 -11.70
CA TYR A 57 3.65 -9.65 -11.60
C TYR A 57 2.84 -9.12 -12.78
N ASN A 58 3.42 -9.21 -13.97
CA ASN A 58 2.76 -8.73 -15.18
C ASN A 58 1.33 -9.26 -15.31
N MET A 59 1.12 -10.50 -14.90
CA MET A 59 -0.20 -11.10 -14.96
C MET A 59 -1.22 -10.49 -14.00
N ASP A 60 -0.91 -10.42 -12.71
CA ASP A 60 -1.86 -9.83 -11.78
C ASP A 60 -1.96 -8.31 -11.92
N GLN A 61 -1.01 -7.72 -12.65
CA GLN A 61 -1.02 -6.28 -12.89
C GLN A 61 -1.73 -5.93 -14.20
N PHE A 62 -2.21 -6.94 -14.92
CA PHE A 62 -2.88 -6.72 -16.21
C PHE A 62 -1.99 -5.84 -17.08
N THR A 63 -0.73 -6.24 -17.21
CA THR A 63 0.23 -5.47 -17.99
C THR A 63 -0.11 -5.30 -19.46
N PRO A 64 -0.46 -4.07 -19.86
CA PRO A 64 -0.80 -3.78 -21.26
C PRO A 64 0.47 -3.87 -22.12
N VAL A 65 0.44 -4.76 -23.11
CA VAL A 65 1.59 -4.93 -23.98
C VAL A 65 1.22 -4.72 -25.44
N LYS A 66 2.22 -4.36 -26.25
CA LYS A 66 2.01 -4.11 -27.66
C LYS A 66 2.74 -5.14 -28.54
N ILE A 67 2.00 -6.08 -29.13
CA ILE A 67 2.60 -7.09 -29.99
C ILE A 67 3.26 -6.44 -31.20
N GLU A 68 4.36 -7.05 -31.66
CA GLU A 68 5.16 -6.58 -32.79
C GLU A 68 4.57 -5.55 -33.76
N GLY A 69 3.28 -5.61 -34.07
CA GLY A 69 2.72 -4.63 -34.99
C GLY A 69 1.23 -4.70 -35.23
N TYR A 70 0.47 -5.03 -34.18
CA TYR A 70 -0.99 -5.09 -34.31
C TYR A 70 -1.79 -3.83 -33.86
N ASP A 71 -1.16 -2.82 -33.25
CA ASP A 71 -1.93 -1.64 -32.78
C ASP A 71 -2.80 -2.21 -31.67
N ASP A 72 -2.32 -3.38 -31.32
CA ASP A 72 -2.76 -4.41 -30.34
C ASP A 72 -2.76 -4.27 -28.78
N GLN A 73 -2.57 -3.09 -28.16
CA GLN A 73 -2.51 -3.05 -26.67
C GLN A 73 -3.35 -4.18 -26.07
N VAL A 74 -2.69 -5.32 -25.78
CA VAL A 74 -3.36 -6.48 -25.20
C VAL A 74 -3.00 -6.69 -23.73
N LEU A 75 -3.94 -7.22 -22.95
CA LEU A 75 -3.69 -7.39 -21.52
C LEU A 75 -3.15 -8.75 -21.07
N ILE A 76 -1.95 -8.73 -20.51
CA ILE A 76 -1.32 -9.95 -20.01
C ILE A 76 -1.98 -10.35 -18.70
N THR A 77 -2.71 -11.45 -18.73
CA THR A 77 -3.40 -11.96 -17.55
C THR A 77 -3.22 -13.47 -17.51
N GLU A 78 -3.71 -14.10 -16.45
CA GLU A 78 -3.60 -15.54 -16.32
C GLU A 78 -4.45 -16.22 -17.39
N HIS A 79 -5.66 -15.71 -17.55
CA HIS A 79 -6.62 -16.23 -18.52
C HIS A 79 -6.03 -16.36 -19.93
N GLY A 80 -5.04 -15.55 -20.24
CA GLY A 80 -4.41 -15.59 -21.55
C GLY A 80 -3.10 -16.36 -21.56
N ASP A 81 -2.74 -16.93 -20.40
CA ASP A 81 -1.50 -17.68 -20.27
C ASP A 81 -1.62 -19.05 -20.97
N LEU A 82 -1.04 -19.16 -22.17
CA LEU A 82 -1.10 -20.42 -22.90
C LEU A 82 -0.61 -21.55 -22.00
N GLY A 83 0.52 -21.32 -21.35
CA GLY A 83 1.09 -22.31 -20.46
C GLY A 83 2.48 -22.72 -20.93
N ASN A 84 2.78 -22.42 -22.19
CA ASN A 84 4.07 -22.75 -22.79
C ASN A 84 5.04 -21.58 -22.77
N GLY A 85 4.60 -20.44 -22.24
CA GLY A 85 5.44 -19.26 -22.19
C GLY A 85 4.91 -18.25 -23.18
N ARG A 86 3.68 -18.48 -23.60
CA ARG A 86 3.01 -17.61 -24.55
C ARG A 86 1.61 -17.27 -24.06
N PHE A 87 1.08 -16.15 -24.55
CA PHE A 87 -0.25 -15.69 -24.15
C PHE A 87 -1.24 -15.55 -25.31
N LEU A 88 -2.51 -15.39 -24.97
CA LEU A 88 -3.57 -15.23 -25.97
C LEU A 88 -3.99 -13.79 -26.15
N ASP A 89 -4.30 -13.44 -27.39
CA ASP A 89 -4.80 -12.11 -27.71
C ASP A 89 -6.16 -12.44 -28.31
N PRO A 90 -7.19 -12.62 -27.47
CA PRO A 90 -8.51 -12.93 -27.98
C PRO A 90 -9.05 -12.00 -29.06
N ARG A 91 -8.72 -10.71 -28.99
CA ARG A 91 -9.19 -9.75 -29.99
C ARG A 91 -8.60 -10.00 -31.37
N ASN A 92 -7.30 -9.77 -31.51
CA ASN A 92 -6.64 -9.99 -32.79
C ASN A 92 -6.55 -11.50 -33.03
N LYS A 93 -6.68 -12.25 -31.95
CA LYS A 93 -6.66 -13.72 -31.96
C LYS A 93 -5.38 -14.44 -32.35
N ILE A 94 -4.24 -13.83 -32.10
CA ILE A 94 -2.99 -14.48 -32.42
C ILE A 94 -2.35 -15.08 -31.18
N SER A 95 -1.10 -15.52 -31.34
CA SER A 95 -0.32 -16.08 -30.25
C SER A 95 0.89 -15.20 -30.18
N PHE A 96 1.29 -14.80 -28.99
CA PHE A 96 2.45 -13.96 -28.83
C PHE A 96 3.27 -14.43 -27.65
N LYS A 97 4.58 -14.43 -27.82
CA LYS A 97 5.45 -14.85 -26.74
C LYS A 97 5.87 -13.59 -26.01
N PHE A 98 5.60 -13.54 -24.72
CA PHE A 98 5.94 -12.38 -23.92
C PHE A 98 7.28 -12.54 -23.21
N ASP A 99 8.23 -11.69 -23.56
CA ASP A 99 9.54 -11.68 -22.92
C ASP A 99 9.38 -10.79 -21.68
N HIS A 100 9.57 -11.37 -20.50
CA HIS A 100 9.37 -10.62 -19.27
C HIS A 100 10.37 -9.53 -18.87
N LEU A 101 11.65 -9.69 -19.17
CA LEU A 101 12.59 -8.63 -18.81
C LEU A 101 12.38 -7.46 -19.77
N ARG A 102 12.65 -7.71 -21.04
CA ARG A 102 12.50 -6.72 -22.09
C ARG A 102 11.07 -6.23 -22.17
N LYS A 103 10.89 -5.02 -22.67
CA LYS A 103 9.58 -4.40 -22.80
C LYS A 103 8.69 -5.07 -23.86
N GLU A 104 9.30 -5.53 -24.95
CA GLU A 104 8.54 -6.15 -26.04
C GLU A 104 8.26 -7.64 -25.94
N ALA A 105 7.18 -8.03 -26.61
CA ALA A 105 6.73 -9.42 -26.70
C ALA A 105 6.49 -9.63 -28.19
N SER A 106 7.37 -10.37 -28.85
CA SER A 106 7.23 -10.60 -30.29
C SER A 106 7.22 -12.05 -30.74
N ASP A 107 7.33 -12.21 -32.06
CA ASP A 107 7.32 -13.49 -32.79
C ASP A 107 6.03 -14.26 -32.56
N PRO A 108 4.90 -13.64 -32.97
CA PRO A 108 3.55 -14.20 -32.84
C PRO A 108 3.26 -15.49 -33.63
N GLN A 109 2.15 -16.13 -33.30
CA GLN A 109 1.71 -17.36 -33.96
C GLN A 109 0.20 -17.29 -34.16
N PRO A 110 -0.29 -17.53 -35.38
CA PRO A 110 -1.74 -17.47 -35.57
C PRO A 110 -2.40 -18.46 -34.61
N GLU A 111 -3.56 -18.11 -34.07
CA GLU A 111 -4.24 -19.02 -33.14
C GLU A 111 -5.67 -19.35 -33.55
N ASP A 112 -5.84 -20.19 -34.58
CA ASP A 112 -7.18 -20.56 -35.02
C ASP A 112 -7.90 -21.17 -33.81
N THR A 113 -9.02 -20.55 -33.45
CA THR A 113 -9.81 -20.91 -32.28
C THR A 113 -10.73 -22.13 -32.23
N GLU A 114 -11.35 -22.24 -31.05
CA GLU A 114 -12.34 -23.25 -30.70
C GLU A 114 -13.67 -22.72 -31.26
N SER A 115 -13.78 -21.40 -31.25
CA SER A 115 -14.94 -20.67 -31.76
C SER A 115 -16.29 -21.12 -31.17
N ALA A 116 -16.29 -21.57 -29.93
CA ALA A 116 -17.51 -22.04 -29.28
C ALA A 116 -18.25 -20.92 -28.55
N LEU A 117 -17.53 -20.24 -27.67
CA LEU A 117 -18.10 -19.14 -26.89
C LEU A 117 -17.76 -17.81 -27.56
N LYS A 118 -16.85 -17.89 -28.51
CA LYS A 118 -16.38 -16.71 -29.23
C LYS A 118 -17.48 -15.77 -29.70
N GLN A 119 -18.63 -16.33 -30.06
CA GLN A 119 -19.73 -15.50 -30.52
C GLN A 119 -19.99 -14.41 -29.48
N TRP A 120 -20.30 -14.82 -28.24
CA TRP A 120 -20.53 -13.88 -27.15
C TRP A 120 -19.28 -13.01 -27.03
N ARG A 121 -18.16 -13.71 -26.80
CA ARG A 121 -16.85 -13.12 -26.64
C ARG A 121 -16.56 -11.92 -27.53
N ASP A 122 -16.76 -12.09 -28.85
CA ASP A 122 -16.50 -11.02 -29.80
C ASP A 122 -17.44 -9.83 -29.66
N ALA A 123 -18.65 -10.07 -29.18
CA ALA A 123 -19.63 -9.00 -28.99
C ALA A 123 -19.26 -8.16 -27.77
N CYS A 124 -19.15 -8.83 -26.62
CA CYS A 124 -18.79 -8.16 -25.38
C CYS A 124 -17.52 -7.33 -25.56
N ASP A 125 -16.49 -7.98 -26.09
CA ASP A 125 -15.19 -7.37 -26.33
C ASP A 125 -15.20 -5.95 -26.88
N SER A 126 -15.69 -5.79 -28.09
CA SER A 126 -15.73 -4.46 -28.69
C SER A 126 -16.90 -3.61 -28.21
N ALA A 127 -17.76 -4.20 -27.39
CA ALA A 127 -18.89 -3.48 -26.80
C ALA A 127 -18.29 -2.81 -25.55
N LEU A 128 -17.39 -3.54 -24.90
CA LEU A 128 -16.70 -3.07 -23.71
C LEU A 128 -15.61 -2.10 -24.17
N ARG A 129 -14.99 -2.41 -25.29
CA ARG A 129 -13.94 -1.58 -25.86
C ARG A 129 -14.46 -0.15 -26.04
N ALA A 130 -15.78 -0.01 -26.14
CA ALA A 130 -16.40 1.29 -26.30
C ALA A 130 -16.52 1.92 -24.91
N TYR A 131 -16.93 1.10 -23.96
CA TYR A 131 -17.09 1.54 -22.57
C TYR A 131 -15.77 2.13 -22.08
N VAL A 132 -14.69 1.40 -22.33
CA VAL A 132 -13.36 1.81 -21.91
C VAL A 132 -12.89 3.12 -22.52
N LYS A 133 -13.03 3.25 -23.84
CA LYS A 133 -12.60 4.48 -24.49
C LYS A 133 -13.37 5.68 -23.95
N ASP A 134 -14.53 5.43 -23.36
CA ASP A 134 -15.36 6.49 -22.82
C ASP A 134 -15.03 6.87 -21.38
N HIS A 135 -14.45 5.95 -20.62
CA HIS A 135 -14.16 6.25 -19.22
C HIS A 135 -12.71 6.14 -18.74
N TYR A 136 -11.85 5.48 -19.51
CA TYR A 136 -10.45 5.34 -19.10
C TYR A 136 -9.49 6.05 -20.05
N PRO A 137 -8.90 7.19 -19.61
CA PRO A 137 -7.95 8.02 -20.37
C PRO A 137 -6.89 7.25 -21.13
N ASN A 138 -6.25 6.31 -20.45
CA ASN A 138 -5.20 5.51 -21.08
C ASN A 138 -5.49 4.05 -20.81
N GLY A 139 -6.76 3.68 -20.95
CA GLY A 139 -7.18 2.33 -20.69
C GLY A 139 -7.10 1.38 -21.87
N PHE A 140 -7.16 0.09 -21.54
CA PHE A 140 -7.11 -0.99 -22.52
C PHE A 140 -7.95 -2.12 -21.94
N CYS A 141 -8.47 -2.98 -22.82
CA CYS A 141 -9.30 -4.08 -22.36
C CYS A 141 -9.05 -5.36 -23.16
N THR A 142 -9.36 -6.48 -22.54
CA THR A 142 -9.18 -7.79 -23.15
C THR A 142 -10.28 -8.71 -22.64
N VAL A 143 -11.10 -9.21 -23.56
CA VAL A 143 -12.18 -10.11 -23.20
C VAL A 143 -11.80 -11.52 -23.60
N TYR A 144 -11.94 -12.45 -22.67
CA TYR A 144 -11.60 -13.83 -22.93
C TYR A 144 -12.85 -14.70 -23.04
N GLY A 145 -12.88 -15.50 -24.10
CA GLY A 145 -13.98 -16.42 -24.31
C GLY A 145 -13.36 -17.76 -23.99
N LYS A 146 -13.93 -18.46 -23.01
CA LYS A 146 -13.34 -19.75 -22.64
C LYS A 146 -14.31 -20.71 -21.98
N SER A 147 -13.90 -21.97 -21.93
CA SER A 147 -14.68 -23.03 -21.32
C SER A 147 -14.01 -23.43 -20.00
N ILE A 148 -14.69 -23.16 -18.90
CA ILE A 148 -14.18 -23.48 -17.57
C ILE A 148 -14.95 -24.68 -17.00
N ASP A 149 -14.33 -25.85 -17.08
CA ASP A 149 -14.89 -27.12 -16.62
C ASP A 149 -16.35 -27.32 -17.00
N GLY A 150 -16.62 -27.25 -18.30
CA GLY A 150 -17.97 -27.44 -18.80
C GLY A 150 -18.76 -26.16 -19.06
N GLN A 151 -18.69 -25.23 -18.12
CA GLN A 151 -19.44 -23.98 -18.25
C GLN A 151 -18.75 -22.91 -19.09
N GLN A 152 -19.55 -22.18 -19.86
CA GLN A 152 -19.03 -21.11 -20.71
C GLN A 152 -18.98 -19.82 -19.92
N THR A 153 -17.88 -19.10 -20.08
CA THR A 153 -17.70 -17.86 -19.36
C THR A 153 -16.98 -16.78 -20.16
N ILE A 154 -17.43 -15.55 -19.98
CA ILE A 154 -16.82 -14.41 -20.65
C ILE A 154 -16.01 -13.69 -19.57
N ILE A 155 -14.74 -13.45 -19.85
CA ILE A 155 -13.89 -12.75 -18.89
C ILE A 155 -13.34 -11.48 -19.48
N ALA A 156 -13.86 -10.35 -19.01
CA ALA A 156 -13.42 -9.06 -19.49
C ALA A 156 -12.47 -8.45 -18.46
N CYS A 157 -11.28 -8.07 -18.93
CA CYS A 157 -10.28 -7.47 -18.07
C CYS A 157 -9.99 -6.06 -18.53
N ILE A 158 -10.03 -5.11 -17.60
CA ILE A 158 -9.78 -3.71 -17.90
C ILE A 158 -8.59 -3.17 -17.11
N GLU A 159 -7.71 -2.44 -17.79
CA GLU A 159 -6.55 -1.86 -17.15
C GLU A 159 -6.35 -0.41 -17.59
N SER A 160 -5.93 0.43 -16.66
CA SER A 160 -5.70 1.84 -16.91
C SER A 160 -4.61 2.31 -15.96
N HIS A 161 -3.66 3.09 -16.46
CA HIS A 161 -2.58 3.58 -15.59
C HIS A 161 -1.99 4.91 -16.01
N GLN A 162 -1.28 5.51 -15.07
CA GLN A 162 -0.61 6.79 -15.28
C GLN A 162 0.67 6.75 -14.45
N PHE A 163 1.81 6.77 -15.13
CA PHE A 163 3.11 6.72 -14.45
C PHE A 163 3.91 8.02 -14.60
N GLN A 164 4.22 8.65 -13.49
CA GLN A 164 5.01 9.89 -13.53
C GLN A 164 6.10 9.83 -12.46
N PRO A 165 7.07 8.91 -12.63
CA PRO A 165 8.19 8.73 -11.70
C PRO A 165 9.00 10.00 -11.42
N LYS A 166 9.08 10.90 -12.39
CA LYS A 166 9.82 12.13 -12.19
C LYS A 166 9.12 13.02 -11.18
N ASN A 167 7.83 12.78 -10.98
CA ASN A 167 7.06 13.55 -10.00
C ASN A 167 6.70 12.65 -8.81
N PHE A 168 7.41 11.54 -8.71
CA PHE A 168 7.27 10.55 -7.64
C PHE A 168 5.88 9.97 -7.38
N TRP A 169 5.20 9.53 -8.43
CA TRP A 169 3.90 8.90 -8.26
C TRP A 169 3.48 8.06 -9.47
N ASN A 170 2.67 7.06 -9.20
CA ASN A 170 2.16 6.14 -10.22
C ASN A 170 0.82 5.65 -9.74
N GLY A 171 -0.03 5.26 -10.68
CA GLY A 171 -1.34 4.76 -10.33
C GLY A 171 -1.82 3.76 -11.37
N ARG A 172 -2.78 2.92 -11.00
CA ARG A 172 -3.30 1.94 -11.94
C ARG A 172 -4.65 1.44 -11.49
N TRP A 173 -5.51 1.17 -12.47
CA TRP A 173 -6.83 0.64 -12.24
C TRP A 173 -6.87 -0.75 -12.85
N ARG A 174 -7.54 -1.67 -12.17
CA ARG A 174 -7.69 -3.04 -12.65
C ARG A 174 -9.08 -3.52 -12.29
N SER A 175 -9.78 -4.05 -13.29
CA SER A 175 -11.11 -4.57 -13.08
C SER A 175 -11.23 -5.88 -13.83
N GLU A 176 -11.82 -6.87 -13.18
CA GLU A 176 -11.99 -8.18 -13.79
C GLU A 176 -13.42 -8.66 -13.59
N TRP A 177 -14.10 -8.93 -14.69
CA TRP A 177 -15.47 -9.41 -14.65
C TRP A 177 -15.61 -10.81 -15.25
N LYS A 178 -16.10 -11.73 -14.44
CA LYS A 178 -16.31 -13.11 -14.85
C LYS A 178 -17.80 -13.32 -15.09
N PHE A 179 -18.16 -13.63 -16.33
CA PHE A 179 -19.56 -13.86 -16.67
C PHE A 179 -19.79 -15.33 -17.00
N THR A 180 -20.44 -16.04 -16.07
CA THR A 180 -20.73 -17.46 -16.22
C THR A 180 -22.18 -17.63 -16.68
N ILE A 181 -22.34 -18.15 -17.90
CA ILE A 181 -23.67 -18.32 -18.49
C ILE A 181 -24.42 -19.60 -18.16
N THR A 182 -25.65 -19.41 -17.73
CA THR A 182 -26.54 -20.50 -17.38
C THR A 182 -27.95 -20.04 -17.71
N PRO A 183 -28.29 -19.99 -19.01
CA PRO A 183 -29.63 -19.56 -19.46
C PRO A 183 -30.74 -20.20 -18.63
N PRO A 184 -31.87 -19.49 -18.45
CA PRO A 184 -32.08 -18.15 -19.02
C PRO A 184 -31.22 -17.05 -18.38
N THR A 185 -31.22 -16.98 -17.05
CA THR A 185 -30.45 -15.97 -16.32
C THR A 185 -29.10 -16.50 -15.77
N ALA A 186 -28.05 -15.69 -15.90
CA ALA A 186 -26.71 -16.05 -15.43
C ALA A 186 -26.24 -15.31 -14.19
N GLN A 187 -25.08 -15.71 -13.67
CA GLN A 187 -24.48 -15.11 -12.47
C GLN A 187 -23.20 -14.34 -12.80
N VAL A 188 -23.00 -13.20 -12.12
CA VAL A 188 -21.83 -12.37 -12.33
C VAL A 188 -20.90 -12.35 -11.11
N ALA A 189 -19.61 -12.22 -11.38
CA ALA A 189 -18.60 -12.17 -10.34
C ALA A 189 -17.47 -11.26 -10.80
N ALA A 190 -17.16 -10.25 -9.98
CA ALA A 190 -16.10 -9.31 -10.36
C ALA A 190 -15.32 -8.77 -9.17
N VAL A 191 -14.24 -8.07 -9.49
CA VAL A 191 -13.37 -7.46 -8.51
C VAL A 191 -12.74 -6.23 -9.12
N LEU A 192 -12.97 -5.09 -8.48
CA LEU A 192 -12.43 -3.83 -8.94
C LEU A 192 -11.23 -3.50 -8.06
N LYS A 193 -10.16 -3.00 -8.66
CA LYS A 193 -8.94 -2.67 -7.91
C LYS A 193 -8.32 -1.35 -8.30
N ILE A 194 -7.84 -0.63 -7.29
CA ILE A 194 -7.17 0.65 -7.49
C ILE A 194 -5.92 0.73 -6.62
N GLN A 195 -4.84 1.23 -7.19
CA GLN A 195 -3.61 1.38 -6.43
C GLN A 195 -2.91 2.65 -6.88
N VAL A 196 -2.59 3.51 -5.93
CA VAL A 196 -1.89 4.75 -6.19
C VAL A 196 -0.71 4.85 -5.23
N HIS A 197 0.42 5.34 -5.72
CA HIS A 197 1.62 5.48 -4.90
C HIS A 197 2.24 6.85 -5.12
N TYR A 198 2.46 7.57 -4.02
CA TYR A 198 3.10 8.89 -4.02
C TYR A 198 4.34 8.69 -3.16
N TYR A 199 5.51 9.04 -3.66
CA TYR A 199 6.71 8.80 -2.87
C TYR A 199 7.79 9.86 -2.84
N GLU A 200 7.40 11.12 -2.88
CA GLU A 200 8.38 12.18 -2.76
C GLU A 200 8.49 12.44 -1.24
N ASP A 201 9.65 12.10 -0.68
CA ASP A 201 9.92 12.28 0.75
C ASP A 201 8.86 11.62 1.62
N GLY A 202 8.49 10.41 1.22
CA GLY A 202 7.50 9.66 1.95
C GLY A 202 7.05 8.44 1.15
N ASN A 203 6.02 7.76 1.66
CA ASN A 203 5.46 6.58 0.99
C ASN A 203 4.00 6.54 1.37
N VAL A 204 3.17 7.01 0.45
CA VAL A 204 1.73 7.06 0.67
C VAL A 204 1.05 6.21 -0.40
N GLN A 205 0.09 5.38 0.00
CA GLN A 205 -0.55 4.54 -0.98
C GLN A 205 -2.01 4.30 -0.75
N LEU A 206 -2.75 4.33 -1.84
CA LEU A 206 -4.15 4.04 -1.81
C LEU A 206 -4.23 2.63 -2.35
N VAL A 207 -4.76 1.73 -1.54
CA VAL A 207 -4.95 0.34 -1.95
C VAL A 207 -6.43 0.09 -1.67
N SER A 208 -7.18 -0.22 -2.72
CA SER A 208 -8.60 -0.46 -2.59
C SER A 208 -9.07 -1.51 -3.58
N HIS A 209 -10.13 -2.21 -3.23
CA HIS A 209 -10.69 -3.22 -4.13
C HIS A 209 -12.12 -3.50 -3.71
N LYS A 210 -12.96 -3.84 -4.67
CA LYS A 210 -14.35 -4.17 -4.37
C LYS A 210 -14.75 -5.45 -5.08
N ASP A 211 -15.35 -6.36 -4.32
CA ASP A 211 -15.80 -7.63 -4.85
C ASP A 211 -17.31 -7.59 -5.03
N ILE A 212 -17.77 -7.90 -6.24
CA ILE A 212 -19.21 -7.88 -6.51
C ILE A 212 -19.71 -9.14 -7.21
N GLN A 213 -20.93 -9.53 -6.85
CA GLN A 213 -21.58 -10.72 -7.42
C GLN A 213 -23.01 -10.36 -7.82
N ASP A 214 -23.36 -10.61 -9.09
CA ASP A 214 -24.69 -10.26 -9.59
C ASP A 214 -25.38 -11.40 -10.37
N SER A 215 -26.71 -11.34 -10.44
CA SER A 215 -27.50 -12.33 -11.17
C SER A 215 -28.16 -11.65 -12.35
N VAL A 216 -27.70 -11.99 -13.56
CA VAL A 216 -28.21 -11.35 -14.78
C VAL A 216 -29.00 -12.23 -15.76
N GLN A 217 -30.03 -11.66 -16.36
CA GLN A 217 -30.88 -12.33 -17.35
C GLN A 217 -30.18 -12.40 -18.72
N VAL A 218 -30.03 -13.60 -19.27
CA VAL A 218 -29.35 -13.78 -20.56
C VAL A 218 -30.25 -13.92 -21.79
N SER A 219 -30.13 -12.96 -22.70
CA SER A 219 -30.92 -12.93 -23.93
C SER A 219 -30.10 -13.34 -25.18
N SER A 220 -29.92 -12.38 -26.08
CA SER A 220 -29.19 -12.58 -27.33
C SER A 220 -27.67 -12.51 -27.20
N ASP A 221 -27.00 -12.14 -28.30
CA ASP A 221 -25.55 -12.03 -28.33
C ASP A 221 -25.11 -10.58 -28.18
N VAL A 222 -25.67 -9.72 -29.03
CA VAL A 222 -25.35 -8.30 -29.01
C VAL A 222 -26.16 -7.66 -27.88
N GLN A 223 -27.21 -8.35 -27.46
CA GLN A 223 -28.09 -7.85 -26.39
C GLN A 223 -27.54 -8.09 -24.98
N THR A 224 -27.16 -9.33 -24.69
CA THR A 224 -26.63 -9.65 -23.37
C THR A 224 -25.33 -8.88 -23.15
N ALA A 225 -24.60 -8.63 -24.23
CA ALA A 225 -23.34 -7.91 -24.17
C ALA A 225 -23.59 -6.50 -23.63
N LYS A 226 -24.49 -5.77 -24.27
CA LYS A 226 -24.81 -4.41 -23.84
C LYS A 226 -25.40 -4.42 -22.44
N GLU A 227 -25.97 -5.56 -22.05
CA GLU A 227 -26.56 -5.69 -20.72
C GLU A 227 -25.40 -5.74 -19.73
N PHE A 228 -24.34 -6.41 -20.14
CA PHE A 228 -23.14 -6.56 -19.32
C PHE A 228 -22.42 -5.23 -19.18
N ILE A 229 -22.01 -4.66 -20.31
CA ILE A 229 -21.32 -3.39 -20.32
C ILE A 229 -22.09 -2.40 -19.46
N LYS A 230 -23.40 -2.64 -19.30
CA LYS A 230 -24.25 -1.78 -18.49
C LYS A 230 -24.06 -2.12 -17.02
N ILE A 231 -23.98 -3.42 -16.70
CA ILE A 231 -23.78 -3.87 -15.34
C ILE A 231 -22.50 -3.24 -14.83
N ILE A 232 -21.43 -3.46 -15.60
CA ILE A 232 -20.10 -2.96 -15.31
C ILE A 232 -20.09 -1.45 -15.12
N GLU A 233 -20.59 -0.72 -16.11
CA GLU A 233 -20.63 0.73 -16.06
C GLU A 233 -21.26 1.24 -14.76
N ASN A 234 -22.40 0.67 -14.40
CA ASN A 234 -23.08 1.08 -13.18
C ASN A 234 -22.33 0.70 -11.91
N ALA A 235 -21.72 -0.47 -11.91
CA ALA A 235 -20.99 -0.94 -10.74
C ALA A 235 -19.70 -0.16 -10.53
N GLU A 236 -18.98 0.11 -11.62
CA GLU A 236 -17.73 0.83 -11.53
C GLU A 236 -17.95 2.32 -11.25
N ASN A 237 -19.07 2.87 -11.72
CA ASN A 237 -19.36 4.28 -11.46
C ASN A 237 -19.72 4.40 -9.98
N GLU A 238 -20.43 3.38 -9.49
CA GLU A 238 -20.84 3.33 -8.09
C GLU A 238 -19.62 3.18 -7.17
N TYR A 239 -18.66 2.37 -7.61
CA TYR A 239 -17.44 2.14 -6.86
C TYR A 239 -16.63 3.42 -6.80
N GLN A 240 -16.40 4.02 -7.96
CA GLN A 240 -15.65 5.27 -8.04
C GLN A 240 -16.35 6.34 -7.22
N THR A 241 -17.68 6.39 -7.32
CA THR A 241 -18.45 7.37 -6.58
C THR A 241 -18.24 7.23 -5.08
N ALA A 242 -18.31 6.00 -4.58
CA ALA A 242 -18.13 5.73 -3.16
C ALA A 242 -16.71 6.11 -2.72
N ILE A 243 -15.76 6.06 -3.65
CA ILE A 243 -14.38 6.40 -3.36
C ILE A 243 -14.18 7.93 -3.20
N SER A 244 -14.78 8.71 -4.10
CA SER A 244 -14.65 10.16 -4.03
C SER A 244 -15.35 10.65 -2.75
N GLU A 245 -16.42 9.97 -2.37
CA GLU A 245 -17.15 10.31 -1.17
C GLU A 245 -16.28 10.03 0.05
N ASN A 246 -15.66 8.85 0.06
CA ASN A 246 -14.79 8.46 1.16
C ASN A 246 -13.68 9.50 1.31
N TYR A 247 -13.14 9.95 0.18
CA TYR A 247 -12.09 10.97 0.21
C TYR A 247 -12.62 12.23 0.90
N GLN A 248 -13.86 12.57 0.59
CA GLN A 248 -14.49 13.76 1.14
C GLN A 248 -14.63 13.67 2.66
N THR A 249 -15.13 12.55 3.16
CA THR A 249 -15.29 12.38 4.59
C THR A 249 -13.94 12.34 5.32
N MET A 250 -13.00 11.57 4.79
CA MET A 250 -11.69 11.48 5.39
C MET A 250 -11.09 12.87 5.57
N SER A 251 -11.22 13.69 4.53
CA SER A 251 -10.64 15.04 4.58
C SER A 251 -11.40 16.05 5.42
N ASP A 252 -12.73 15.92 5.54
CA ASP A 252 -13.49 16.90 6.31
C ASP A 252 -13.97 16.43 7.67
N THR A 253 -13.77 15.15 7.99
CA THR A 253 -14.21 14.59 9.26
C THR A 253 -13.14 13.81 10.00
N THR A 254 -12.65 12.74 9.37
CA THR A 254 -11.64 11.90 10.00
C THR A 254 -10.32 12.64 10.25
N PHE A 255 -9.76 13.23 9.20
CA PHE A 255 -8.49 13.95 9.32
C PHE A 255 -8.53 15.06 10.39
N LYS A 256 -9.61 15.82 10.43
CA LYS A 256 -9.72 16.90 11.42
C LYS A 256 -9.89 16.37 12.84
N ALA A 257 -10.39 15.14 12.97
CA ALA A 257 -10.56 14.55 14.29
C ALA A 257 -9.24 14.01 14.83
N LEU A 258 -8.21 13.95 13.99
CA LEU A 258 -6.92 13.46 14.46
C LEU A 258 -6.12 14.57 15.13
N ARG A 259 -5.56 15.49 14.34
CA ARG A 259 -4.81 16.62 14.90
C ARG A 259 -5.45 17.93 14.44
N ARG A 260 -5.57 18.88 15.37
CA ARG A 260 -6.12 20.19 15.08
C ARG A 260 -5.11 20.90 14.21
N GLN A 261 -5.52 22.01 13.62
CA GLN A 261 -4.63 22.81 12.81
C GLN A 261 -3.90 23.76 13.77
N LEU A 262 -4.64 24.24 14.76
CA LEU A 262 -4.11 25.14 15.81
C LEU A 262 -4.58 24.66 17.17
N PRO A 263 -3.82 24.97 18.25
CA PRO A 263 -4.19 24.54 19.59
C PRO A 263 -5.55 25.02 20.03
N VAL A 264 -6.07 24.37 21.07
CA VAL A 264 -7.36 24.74 21.61
C VAL A 264 -7.25 26.20 22.06
N THR A 265 -6.09 26.58 22.58
CA THR A 265 -5.87 27.94 23.03
C THR A 265 -5.96 28.91 21.85
N ARG A 266 -6.01 28.36 20.64
CA ARG A 266 -6.15 29.14 19.41
C ARG A 266 -4.98 30.05 18.99
N THR A 267 -3.81 29.77 19.55
CA THR A 267 -2.60 30.52 19.23
C THR A 267 -1.49 29.51 19.41
N LYS A 268 -0.36 29.71 18.75
CA LYS A 268 0.71 28.76 18.92
C LYS A 268 1.05 28.62 20.40
N ILE A 269 1.65 27.50 20.76
CA ILE A 269 2.00 27.22 22.13
C ILE A 269 3.03 28.14 22.77
N ASP A 270 2.76 28.47 24.02
CA ASP A 270 3.66 29.29 24.83
C ASP A 270 4.45 28.28 25.64
N TRP A 271 5.57 27.87 25.10
CA TRP A 271 6.40 26.87 25.75
C TRP A 271 6.95 27.28 27.10
N ASN A 272 7.15 28.57 27.32
CA ASN A 272 7.67 29.01 28.61
C ASN A 272 6.59 28.73 29.64
N LYS A 273 5.34 28.87 29.23
CA LYS A 273 4.21 28.62 30.11
C LYS A 273 4.02 27.12 30.39
N ILE A 274 4.30 26.29 29.39
CA ILE A 274 4.18 24.86 29.58
C ILE A 274 5.25 24.33 30.52
N LEU A 275 6.43 24.92 30.44
CA LEU A 275 7.56 24.49 31.26
C LEU A 275 7.57 24.91 32.72
N SER A 276 6.57 25.66 33.16
CA SER A 276 6.52 26.09 34.56
C SER A 276 5.12 26.16 35.19
N TYR A 277 4.23 26.93 34.58
CA TYR A 277 2.84 27.13 35.00
C TYR A 277 1.95 25.92 35.27
N LYS A 278 1.63 25.75 36.55
CA LYS A 278 0.87 24.61 37.06
C LYS A 278 -0.41 24.93 37.83
N ILE A 279 -1.36 24.00 37.76
CA ILE A 279 -2.68 24.12 38.38
C ILE A 279 -2.45 24.22 39.88
N GLY A 280 -1.39 23.54 40.30
CA GLY A 280 -1.01 23.42 41.70
C GLY A 280 -0.03 22.26 41.64
N LYS A 281 1.25 22.55 41.81
CA LYS A 281 2.25 21.49 41.86
C LYS A 281 2.12 20.63 40.59
N SER B 2 27.60 -3.11 1.90
CA SER B 2 26.32 -3.34 2.62
C SER B 2 25.63 -2.02 2.95
N ASP B 3 26.28 -0.90 2.63
CA ASP B 3 25.69 0.40 2.89
C ASP B 3 24.71 0.65 1.74
N GLN B 4 25.02 0.05 0.60
CA GLN B 4 24.16 0.16 -0.57
C GLN B 4 22.97 -0.74 -0.25
N GLN B 5 23.21 -1.76 0.55
CA GLN B 5 22.17 -2.69 0.95
C GLN B 5 21.16 -1.96 1.81
N LEU B 6 21.65 -1.24 2.82
CA LEU B 6 20.78 -0.48 3.69
C LEU B 6 20.03 0.50 2.81
N ASP B 7 20.75 1.17 1.91
CA ASP B 7 20.12 2.12 1.00
C ASP B 7 19.03 1.41 0.22
N CYS B 8 19.34 0.21 -0.28
CA CYS B 8 18.36 -0.56 -1.03
C CYS B 8 17.21 -1.00 -0.15
N ALA B 9 17.50 -1.29 1.11
CA ALA B 9 16.45 -1.72 2.03
C ALA B 9 15.47 -0.58 2.28
N LEU B 10 16.00 0.63 2.44
CA LEU B 10 15.18 1.80 2.69
C LEU B 10 14.35 2.17 1.45
N ASP B 11 14.94 2.04 0.27
CA ASP B 11 14.23 2.34 -0.97
C ASP B 11 13.05 1.38 -1.10
N LEU B 12 13.29 0.11 -0.80
CA LEU B 12 12.26 -0.91 -0.90
C LEU B 12 11.06 -0.59 0.00
N MET B 13 11.33 -0.19 1.24
CA MET B 13 10.25 0.13 2.18
C MET B 13 9.53 1.41 1.74
N ARG B 14 10.18 2.19 0.89
CA ARG B 14 9.59 3.41 0.39
C ARG B 14 8.66 3.06 -0.81
N ARG B 15 8.61 1.77 -1.18
CA ARG B 15 7.77 1.34 -2.31
C ARG B 15 6.74 0.26 -2.00
N LEU B 16 7.05 -0.66 -1.09
CA LEU B 16 6.07 -1.70 -0.75
C LEU B 16 4.96 -1.01 0.01
N PRO B 17 3.74 -1.56 -0.05
CA PRO B 17 2.58 -1.02 0.64
C PRO B 17 2.90 -0.74 2.11
N PRO B 18 2.79 0.53 2.55
CA PRO B 18 3.10 0.83 3.94
C PRO B 18 2.16 0.10 4.90
N GLN B 19 1.00 -0.33 4.39
CA GLN B 19 0.04 -1.06 5.20
C GLN B 19 0.64 -2.36 5.79
N GLN B 20 1.65 -2.91 5.13
CA GLN B 20 2.29 -4.15 5.62
C GLN B 20 3.73 -3.95 6.08
N ILE B 21 4.06 -2.75 6.57
CA ILE B 21 5.42 -2.49 7.01
C ILE B 21 5.93 -3.54 7.98
N GLU B 22 5.11 -3.91 8.97
CA GLU B 22 5.50 -4.90 9.97
C GLU B 22 5.92 -6.25 9.40
N LYS B 23 5.05 -6.87 8.61
CA LYS B 23 5.38 -8.15 8.00
C LYS B 23 6.57 -8.01 7.05
N ASN B 24 6.57 -6.99 6.21
CA ASN B 24 7.66 -6.82 5.26
C ASN B 24 9.03 -6.52 5.90
N LEU B 25 9.04 -5.75 6.99
CA LEU B 25 10.30 -5.42 7.66
C LEU B 25 10.90 -6.67 8.26
N SER B 26 10.03 -7.50 8.82
CA SER B 26 10.43 -8.76 9.41
C SER B 26 11.07 -9.65 8.32
N ASP B 27 10.40 -9.74 7.18
CA ASP B 27 10.91 -10.54 6.07
C ASP B 27 12.21 -9.96 5.57
N LEU B 28 12.28 -8.63 5.53
CA LEU B 28 13.48 -7.96 5.07
C LEU B 28 14.65 -8.34 5.98
N ILE B 29 14.38 -8.48 7.27
CA ILE B 29 15.42 -8.85 8.22
C ILE B 29 15.83 -10.32 8.01
N ASP B 30 14.86 -11.18 7.71
CA ASP B 30 15.11 -12.59 7.44
C ASP B 30 16.10 -12.68 6.28
N LEU B 31 15.85 -11.85 5.28
CA LEU B 31 16.66 -11.79 4.08
C LEU B 31 18.07 -11.25 4.34
N VAL B 32 18.19 -10.28 5.23
CA VAL B 32 19.50 -9.70 5.54
C VAL B 32 19.67 -9.48 7.05
N PRO B 33 19.78 -10.58 7.83
CA PRO B 33 19.94 -10.57 9.29
C PRO B 33 21.01 -9.66 9.89
N SER B 34 22.02 -9.30 9.12
CA SER B 34 23.08 -8.44 9.63
C SER B 34 22.62 -6.99 9.71
N LEU B 35 21.56 -6.66 8.98
CA LEU B 35 21.03 -5.30 8.95
C LEU B 35 19.89 -5.09 9.94
N CYS B 36 19.60 -6.10 10.75
CA CYS B 36 18.52 -6.05 11.71
C CYS B 36 18.50 -4.81 12.60
N GLU B 37 19.63 -4.51 13.23
CA GLU B 37 19.71 -3.36 14.09
C GLU B 37 19.53 -2.06 13.32
N ASP B 38 20.20 -1.95 12.17
CA ASP B 38 20.11 -0.74 11.35
C ASP B 38 18.71 -0.49 10.81
N LEU B 39 17.98 -1.56 10.50
CA LEU B 39 16.64 -1.42 9.96
C LEU B 39 15.62 -1.10 11.05
N LEU B 40 15.78 -1.72 12.22
CA LEU B 40 14.87 -1.44 13.30
C LEU B 40 14.98 0.04 13.71
N SER B 41 16.13 0.65 13.48
CA SER B 41 16.27 2.04 13.87
C SER B 41 15.95 3.02 12.75
N SER B 42 16.11 2.61 11.50
CA SER B 42 15.86 3.52 10.40
C SER B 42 14.50 3.37 9.70
N VAL B 43 13.82 2.25 9.92
CA VAL B 43 12.51 2.02 9.29
C VAL B 43 11.36 2.30 10.27
N ASP B 44 10.62 3.37 9.99
CA ASP B 44 9.50 3.75 10.82
C ASP B 44 8.36 2.76 10.67
N GLN B 45 7.80 2.33 11.79
CA GLN B 45 6.67 1.41 11.71
C GLN B 45 5.51 1.90 12.57
N PRO B 46 4.28 1.49 12.21
CA PRO B 46 3.09 1.89 12.96
C PRO B 46 3.43 1.81 14.44
N LEU B 47 3.02 2.83 15.21
CA LEU B 47 3.34 2.84 16.63
C LEU B 47 2.48 1.87 17.44
N LYS B 48 3.15 1.10 18.29
CA LYS B 48 2.48 0.13 19.17
C LYS B 48 2.36 0.72 20.58
N ILE B 49 1.22 0.42 21.22
CA ILE B 49 0.95 0.88 22.57
C ILE B 49 1.23 -0.26 23.53
N ALA B 50 1.77 0.08 24.69
CA ALA B 50 2.06 -0.89 25.75
C ALA B 50 1.50 -0.30 27.03
N ARG B 51 1.14 -1.16 27.97
CA ARG B 51 0.57 -0.67 29.21
C ARG B 51 1.55 -0.74 30.36
N ASP B 52 1.75 0.39 31.04
CA ASP B 52 2.63 0.41 32.20
C ASP B 52 1.66 0.05 33.31
N LYS B 53 1.83 -1.15 33.87
CA LYS B 53 0.95 -1.64 34.92
C LYS B 53 1.12 -0.93 36.26
N VAL B 54 2.35 -0.68 36.67
CA VAL B 54 2.58 -0.01 37.95
C VAL B 54 1.98 1.39 38.04
N VAL B 55 1.93 2.08 36.90
CA VAL B 55 1.39 3.44 36.85
C VAL B 55 0.00 3.51 36.22
N GLY B 56 -0.41 2.44 35.56
CA GLY B 56 -1.72 2.43 34.92
C GLY B 56 -1.81 3.40 33.75
N LYS B 57 -0.73 3.50 32.97
CA LYS B 57 -0.71 4.40 31.82
C LYS B 57 -0.04 3.78 30.61
N ASP B 58 -0.58 4.10 29.43
CA ASP B 58 -0.03 3.58 28.18
C ASP B 58 1.21 4.39 27.79
N TYR B 59 2.07 3.75 27.02
CA TYR B 59 3.28 4.40 26.51
C TYR B 59 3.49 3.78 25.15
N LEU B 60 4.26 4.47 24.30
CA LEU B 60 4.50 4.00 22.94
C LEU B 60 5.84 3.31 22.76
N LEU B 61 5.86 2.35 21.85
CA LEU B 61 7.08 1.58 21.58
C LEU B 61 7.82 2.01 20.32
N CYS B 62 9.14 2.02 20.42
CA CYS B 62 10.00 2.34 19.29
C CYS B 62 11.38 1.76 19.58
N ASP B 63 12.24 1.78 18.57
CA ASP B 63 13.58 1.23 18.71
C ASP B 63 14.38 1.96 19.79
N TYR B 64 14.05 3.23 20.02
CA TYR B 64 14.79 4.04 20.97
C TYR B 64 14.55 3.81 22.46
N ASN B 65 13.51 3.06 22.83
CA ASN B 65 13.28 2.74 24.23
C ASN B 65 13.33 1.24 24.39
N ARG B 66 13.92 0.58 23.39
CA ARG B 66 14.05 -0.88 23.36
C ARG B 66 15.45 -1.35 23.73
N ASP B 67 15.49 -2.47 24.45
CA ASP B 67 16.76 -3.09 24.80
C ASP B 67 16.50 -4.59 24.63
N GLY B 68 17.09 -5.18 23.61
CA GLY B 68 16.85 -6.58 23.36
C GLY B 68 15.38 -6.76 22.99
N ASP B 69 14.68 -7.62 23.73
CA ASP B 69 13.28 -7.90 23.49
C ASP B 69 12.31 -7.15 24.43
N SER B 70 12.83 -6.20 25.21
CA SER B 70 12.01 -5.44 26.14
C SER B 70 12.01 -3.93 25.83
N TYR B 71 11.01 -3.24 26.37
CA TYR B 71 10.89 -1.80 26.17
C TYR B 71 10.78 -1.08 27.50
N ARG B 72 11.36 0.11 27.58
CA ARG B 72 11.37 0.91 28.80
C ARG B 72 10.20 1.88 28.86
N SER B 73 9.44 1.84 29.96
CA SER B 73 8.33 2.75 30.14
C SER B 73 8.85 4.13 30.50
N PRO B 74 8.28 5.20 29.92
CA PRO B 74 8.74 6.55 30.21
C PRO B 74 8.16 7.02 31.54
N TRP B 75 7.20 6.27 32.07
CA TRP B 75 6.56 6.63 33.33
C TRP B 75 7.30 6.07 34.53
N SER B 76 7.50 4.75 34.55
CA SER B 76 8.18 4.11 35.69
C SER B 76 9.66 3.84 35.47
N ASN B 77 10.14 4.15 34.26
CA ASN B 77 11.54 3.94 33.92
C ASN B 77 11.95 2.49 34.11
N LYS B 78 10.99 1.59 33.88
CA LYS B 78 11.21 0.14 34.03
C LYS B 78 10.96 -0.58 32.70
N TYR B 79 11.65 -1.71 32.51
CA TYR B 79 11.51 -2.51 31.29
C TYR B 79 10.45 -3.58 31.36
N ASP B 80 9.82 -3.82 30.22
CA ASP B 80 8.79 -4.85 30.12
C ASP B 80 8.87 -5.48 28.73
N PRO B 81 8.99 -6.82 28.68
CA PRO B 81 9.04 -7.69 29.85
C PRO B 81 10.24 -7.36 30.73
N PRO B 82 10.21 -7.75 32.01
CA PRO B 82 11.31 -7.49 32.95
C PRO B 82 12.72 -7.89 32.51
N LEU B 83 13.66 -6.97 32.73
CA LEU B 83 15.08 -7.16 32.40
C LEU B 83 15.86 -6.90 33.68
N GLU B 84 17.10 -7.39 33.73
CA GLU B 84 17.94 -7.21 34.90
C GLU B 84 18.73 -5.91 34.91
N ASP B 85 19.56 -5.70 33.89
CA ASP B 85 20.40 -4.50 33.78
C ASP B 85 20.15 -3.75 32.47
N GLY B 86 18.90 -3.43 32.21
CA GLY B 86 18.56 -2.71 30.98
C GLY B 86 19.17 -1.31 30.88
N ALA B 87 19.41 -0.88 29.64
CA ALA B 87 19.97 0.43 29.38
C ALA B 87 19.04 1.52 29.92
N MET B 88 19.60 2.41 30.74
CA MET B 88 18.83 3.49 31.33
C MET B 88 19.53 4.83 31.11
N PRO B 89 18.76 5.91 31.00
CA PRO B 89 19.46 7.18 30.82
C PRO B 89 20.10 7.52 32.16
N SER B 90 21.04 8.45 32.17
CA SER B 90 21.66 8.85 33.43
C SER B 90 20.56 9.48 34.30
N ALA B 91 20.81 9.56 35.61
CA ALA B 91 19.82 10.15 36.52
C ALA B 91 19.45 11.57 36.12
N ARG B 92 20.45 12.33 35.66
CA ARG B 92 20.25 13.71 35.23
C ARG B 92 19.49 13.83 33.91
N LEU B 93 19.74 12.91 32.97
CA LEU B 93 19.02 12.93 31.70
C LEU B 93 17.60 12.42 31.95
N ARG B 94 17.47 11.42 32.82
CA ARG B 94 16.16 10.88 33.17
C ARG B 94 15.24 12.02 33.67
N LYS B 95 15.79 12.91 34.50
CA LYS B 95 15.01 14.03 35.02
C LYS B 95 14.50 14.91 33.87
N LEU B 96 15.39 15.21 32.92
CA LEU B 96 15.00 16.00 31.76
C LEU B 96 13.97 15.22 30.94
N GLU B 97 14.11 13.90 30.94
CA GLU B 97 13.19 13.05 30.19
C GLU B 97 11.80 13.13 30.78
N VAL B 98 11.72 13.18 32.10
CA VAL B 98 10.46 13.25 32.81
C VAL B 98 9.78 14.56 32.43
N GLU B 99 10.57 15.64 32.47
CA GLU B 99 10.07 16.96 32.13
C GLU B 99 9.65 17.05 30.64
N ALA B 100 10.38 16.39 29.75
CA ALA B 100 10.03 16.42 28.33
C ALA B 100 8.70 15.67 28.13
N ASN B 101 8.53 14.56 28.82
CA ASN B 101 7.27 13.82 28.72
C ASN B 101 6.12 14.67 29.20
N ASN B 102 6.30 15.37 30.31
CA ASN B 102 5.23 16.20 30.83
C ASN B 102 4.90 17.35 29.87
N ALA B 103 5.91 18.00 29.31
CA ALA B 103 5.69 19.10 28.39
C ALA B 103 4.97 18.65 27.11
N PHE B 104 5.36 17.52 26.56
CA PHE B 104 4.72 17.02 25.36
C PHE B 104 3.34 16.40 25.59
N ASP B 105 3.07 16.02 26.82
CA ASP B 105 1.75 15.53 27.19
C ASP B 105 0.80 16.72 27.01
N GLN B 106 1.23 17.90 27.45
CA GLN B 106 0.43 19.11 27.32
C GLN B 106 0.34 19.46 25.85
N TYR B 107 1.46 19.38 25.14
CA TYR B 107 1.49 19.66 23.71
C TYR B 107 0.47 18.74 22.99
N ARG B 108 0.48 17.45 23.33
CA ARG B 108 -0.43 16.49 22.73
C ARG B 108 -1.90 16.84 22.98
N ASP B 109 -2.22 17.13 24.23
CA ASP B 109 -3.60 17.47 24.58
C ASP B 109 -4.08 18.73 23.86
N LEU B 110 -3.19 19.71 23.73
CA LEU B 110 -3.52 20.98 23.08
C LEU B 110 -3.76 20.88 21.57
N TYR B 111 -3.00 20.03 20.90
CA TYR B 111 -3.15 19.85 19.45
C TYR B 111 -3.96 18.62 19.01
N PHE B 112 -3.96 17.56 19.81
CA PHE B 112 -4.68 16.34 19.46
C PHE B 112 -5.88 16.03 20.35
N GLU B 113 -5.97 16.73 21.48
CA GLU B 113 -7.07 16.51 22.43
C GLU B 113 -7.29 15.04 22.76
N GLY B 114 -6.21 14.31 22.98
CA GLY B 114 -6.33 12.90 23.31
C GLY B 114 -5.11 12.15 22.79
N GLY B 115 -5.24 10.84 22.64
CA GLY B 115 -4.14 10.05 22.14
C GLY B 115 -3.09 9.81 23.22
N VAL B 116 -1.92 9.31 22.81
CA VAL B 116 -0.83 8.99 23.72
C VAL B 116 0.47 9.58 23.22
N SER B 117 1.35 9.98 24.14
CA SER B 117 2.65 10.53 23.76
C SER B 117 3.73 9.89 24.63
N SER B 118 4.95 9.84 24.13
CA SER B 118 6.06 9.26 24.86
C SER B 118 7.35 9.90 24.34
N VAL B 119 8.24 10.27 25.26
CA VAL B 119 9.51 10.88 24.90
C VAL B 119 10.62 10.07 25.56
N TYR B 120 11.64 9.74 24.79
CA TYR B 120 12.77 8.98 25.32
C TYR B 120 14.00 9.76 24.89
N LEU B 121 14.95 9.88 25.81
CA LEU B 121 16.18 10.60 25.53
C LEU B 121 17.40 9.70 25.72
N TRP B 122 18.52 10.13 25.15
CA TRP B 122 19.79 9.41 25.32
C TRP B 122 20.94 10.39 25.12
N ASP B 123 22.03 10.16 25.84
CA ASP B 123 23.19 11.03 25.74
C ASP B 123 24.06 10.74 24.53
N LEU B 124 24.72 11.79 24.04
CA LEU B 124 25.63 11.66 22.90
C LEU B 124 26.97 12.17 23.39
N ASP B 125 27.98 12.16 22.51
CA ASP B 125 29.32 12.62 22.88
C ASP B 125 29.36 14.09 23.32
N HIS B 126 28.82 14.98 22.50
CA HIS B 126 28.82 16.41 22.84
C HIS B 126 27.42 16.99 22.82
N GLY B 127 26.45 16.21 23.29
CA GLY B 127 25.08 16.67 23.33
C GLY B 127 24.20 15.51 23.72
N PHE B 128 22.97 15.51 23.21
CA PHE B 128 22.05 14.43 23.50
C PHE B 128 21.00 14.35 22.39
N ALA B 129 20.21 13.27 22.40
CA ALA B 129 19.18 13.11 21.40
C ALA B 129 17.92 12.63 22.07
N GLY B 130 16.82 12.64 21.32
CA GLY B 130 15.57 12.18 21.89
C GLY B 130 14.57 11.88 20.79
N VAL B 131 13.54 11.13 21.14
CA VAL B 131 12.49 10.82 20.19
C VAL B 131 11.20 11.20 20.87
N ILE B 132 10.31 11.87 20.11
CA ILE B 132 9.01 12.25 20.62
C ILE B 132 8.00 11.44 19.82
N LEU B 133 7.19 10.66 20.54
CA LEU B 133 6.21 9.80 19.91
C LEU B 133 4.79 10.24 20.25
N ILE B 134 3.93 10.31 19.24
CA ILE B 134 2.54 10.68 19.47
C ILE B 134 1.64 9.79 18.62
N LYS B 135 0.60 9.26 19.26
CA LYS B 135 -0.34 8.42 18.54
C LYS B 135 -1.74 8.89 18.90
N LYS B 136 -2.56 9.11 17.88
CA LYS B 136 -3.94 9.55 18.06
C LYS B 136 -4.85 8.80 17.07
N ALA B 137 -5.80 8.05 17.62
CA ALA B 137 -6.76 7.28 16.84
C ALA B 137 -8.12 7.97 16.94
N GLY B 138 -8.84 8.06 15.83
CA GLY B 138 -10.14 8.72 15.85
C GLY B 138 -11.30 7.92 16.40
N ASP B 139 -12.50 8.47 16.27
CA ASP B 139 -13.74 7.84 16.72
C ASP B 139 -13.87 6.41 16.24
N GLY B 140 -13.81 5.46 17.17
CA GLY B 140 -13.91 4.07 16.81
C GLY B 140 -15.32 3.67 16.39
N SER B 141 -16.26 4.62 16.48
CA SER B 141 -17.64 4.35 16.13
C SER B 141 -18.00 4.74 14.70
N LYS B 142 -17.12 5.49 14.04
CA LYS B 142 -17.40 5.91 12.68
C LYS B 142 -16.94 4.96 11.58
N LYS B 143 -17.72 4.96 10.50
CA LYS B 143 -17.49 4.13 9.32
C LYS B 143 -16.04 4.18 8.88
N ILE B 144 -15.42 5.35 8.99
CA ILE B 144 -14.04 5.52 8.58
C ILE B 144 -13.09 5.64 9.77
N LYS B 145 -12.09 4.76 9.80
CA LYS B 145 -11.09 4.76 10.86
C LYS B 145 -9.86 5.57 10.44
N GLY B 146 -9.24 6.21 11.41
CA GLY B 146 -8.08 7.03 11.13
C GLY B 146 -7.10 6.97 12.29
N CYS B 147 -5.81 7.09 11.98
CA CYS B 147 -4.78 7.05 13.01
C CYS B 147 -3.59 7.88 12.57
N TRP B 148 -3.09 8.69 13.50
CA TRP B 148 -1.95 9.57 13.27
C TRP B 148 -0.81 9.12 14.16
N ASP B 149 0.34 8.89 13.56
CA ASP B 149 1.53 8.49 14.29
C ASP B 149 2.61 9.55 14.06
N SER B 150 3.06 10.19 15.14
CA SER B 150 4.14 11.18 15.02
C SER B 150 5.44 10.53 15.53
N ILE B 151 6.52 10.67 14.76
CA ILE B 151 7.81 10.13 15.17
C ILE B 151 8.85 11.21 14.92
N HIS B 152 9.24 11.91 15.97
CA HIS B 152 10.21 13.00 15.90
C HIS B 152 11.52 12.61 16.55
N VAL B 153 12.60 12.68 15.80
CA VAL B 153 13.91 12.35 16.34
C VAL B 153 14.74 13.62 16.26
N VAL B 154 15.19 14.10 17.41
CA VAL B 154 15.96 15.32 17.46
C VAL B 154 17.35 15.07 18.04
N GLU B 155 18.34 15.72 17.43
CA GLU B 155 19.73 15.60 17.86
C GLU B 155 20.13 17.00 18.30
N VAL B 156 20.65 17.12 19.51
CA VAL B 156 21.07 18.41 20.03
C VAL B 156 22.59 18.49 20.20
N GLN B 157 23.21 19.39 19.45
CA GLN B 157 24.65 19.61 19.52
C GLN B 157 24.87 20.81 20.42
N GLU B 158 25.40 20.55 21.62
CA GLU B 158 25.65 21.60 22.58
C GLU B 158 26.98 22.29 22.31
N LYS B 159 27.01 23.60 22.42
CA LYS B 159 28.23 24.36 22.17
C LYS B 159 28.97 24.64 23.47
N SER B 160 30.27 24.38 23.46
CA SER B 160 31.13 24.60 24.62
C SER B 160 30.87 25.98 25.20
N SER B 161 31.11 26.99 24.38
CA SER B 161 30.89 28.36 24.78
C SER B 161 29.71 28.95 24.04
N GLY B 162 28.76 29.53 24.76
CA GLY B 162 27.63 30.15 24.10
C GLY B 162 26.21 29.94 24.58
N ARG B 163 25.85 28.70 24.88
CA ARG B 163 24.48 28.41 25.25
C ARG B 163 23.64 28.91 24.08
N THR B 164 23.93 28.24 22.98
CA THR B 164 23.32 28.38 21.68
C THR B 164 23.60 26.94 21.34
N ALA B 165 22.65 26.26 20.73
CA ALA B 165 22.88 24.86 20.40
C ALA B 165 22.44 24.59 18.98
N HIS B 166 22.90 23.48 18.44
CA HIS B 166 22.51 23.12 17.10
C HIS B 166 21.45 22.02 17.22
N TYR B 167 20.29 22.25 16.62
CA TYR B 167 19.23 21.26 16.66
C TYR B 167 18.99 20.70 15.27
N LYS B 168 18.90 19.37 15.19
CA LYS B 168 18.63 18.68 13.94
C LYS B 168 17.40 17.82 14.21
N LEU B 169 16.29 18.14 13.54
CA LEU B 169 15.04 17.41 13.73
C LEU B 169 14.62 16.68 12.46
N THR B 170 14.42 15.37 12.58
CA THR B 170 13.95 14.57 11.45
C THR B 170 12.61 14.04 11.93
N SER B 171 11.57 14.44 11.22
CA SER B 171 10.21 14.07 11.59
C SER B 171 9.43 13.27 10.56
N THR B 172 8.66 12.30 11.03
CA THR B 172 7.82 11.50 10.15
C THR B 172 6.43 11.41 10.76
N VAL B 173 5.42 11.69 9.94
CA VAL B 173 4.06 11.55 10.38
C VAL B 173 3.47 10.43 9.53
N MET B 174 2.95 9.41 10.20
CA MET B 174 2.32 8.28 9.52
C MET B 174 0.82 8.49 9.68
N LEU B 175 0.12 8.59 8.56
CA LEU B 175 -1.32 8.80 8.58
C LEU B 175 -1.99 7.62 7.91
N TRP B 176 -2.86 6.95 8.68
CA TRP B 176 -3.59 5.78 8.23
C TRP B 176 -5.09 6.03 8.22
N LEU B 177 -5.72 5.72 7.09
CA LEU B 177 -7.16 5.90 6.93
C LEU B 177 -7.69 4.62 6.31
N GLN B 178 -8.78 4.08 6.85
CA GLN B 178 -9.36 2.84 6.36
C GLN B 178 -10.88 2.82 6.49
N THR B 179 -11.54 2.15 5.56
CA THR B 179 -13.00 2.02 5.59
C THR B 179 -13.47 0.73 4.93
N ASN B 180 -14.47 0.10 5.56
CA ASN B 180 -15.07 -1.14 5.05
C ASN B 180 -16.55 -0.86 4.82
N LYS B 181 -16.86 -0.12 3.77
CA LYS B 181 -18.25 0.21 3.45
C LYS B 181 -18.69 -0.46 2.16
N THR B 182 -19.94 -0.92 2.14
CA THR B 182 -20.52 -1.59 1.00
C THR B 182 -20.08 -1.00 -0.34
N GLY B 183 -20.42 0.27 -0.56
CA GLY B 183 -20.08 0.94 -1.80
C GLY B 183 -18.62 1.04 -2.17
N SER B 184 -17.72 0.97 -1.19
CA SER B 184 -16.29 1.08 -1.49
C SER B 184 -15.52 -0.21 -1.24
N GLY B 185 -16.18 -1.21 -0.67
CA GLY B 185 -15.49 -2.45 -0.36
C GLY B 185 -14.45 -2.09 0.69
N THR B 186 -13.19 -2.41 0.43
CA THR B 186 -12.16 -2.05 1.38
C THR B 186 -11.31 -0.97 0.73
N MET B 187 -11.20 0.17 1.41
CA MET B 187 -10.41 1.29 0.93
C MET B 187 -9.39 1.65 2.02
N ASN B 188 -8.11 1.59 1.67
CA ASN B 188 -7.06 1.90 2.61
C ASN B 188 -6.15 2.98 2.04
N LEU B 189 -6.10 4.12 2.70
CA LEU B 189 -5.26 5.23 2.26
C LEU B 189 -4.27 5.46 3.39
N GLY B 190 -3.03 5.04 3.22
CA GLY B 190 -2.08 5.19 4.30
C GLY B 190 -0.64 5.36 3.91
N GLY B 191 0.21 5.51 4.92
CA GLY B 191 1.62 5.70 4.67
C GLY B 191 2.17 6.82 5.53
N SER B 192 3.13 7.56 4.99
CA SER B 192 3.73 8.62 5.78
C SER B 192 4.54 9.58 4.94
N LEU B 193 4.86 10.73 5.55
CA LEU B 193 5.66 11.76 4.91
C LEU B 193 6.75 12.13 5.91
N THR B 194 7.95 12.42 5.39
CA THR B 194 9.07 12.76 6.25
C THR B 194 9.66 14.10 5.87
N ARG B 195 10.05 14.86 6.88
CA ARG B 195 10.65 16.15 6.63
C ARG B 195 11.79 16.32 7.62
N GLN B 196 12.80 17.09 7.23
CA GLN B 196 13.95 17.32 8.09
C GLN B 196 14.21 18.81 8.21
N MET B 197 14.76 19.21 9.35
CA MET B 197 15.01 20.61 9.62
C MET B 197 16.21 20.72 10.58
N GLU B 198 17.00 21.77 10.40
CA GLU B 198 18.18 22.03 11.23
C GLU B 198 18.23 23.52 11.53
N LYS B 199 18.60 23.86 12.76
CA LYS B 199 18.66 25.27 13.14
C LYS B 199 19.57 25.53 14.35
N ASP B 200 20.25 26.67 14.32
CA ASP B 200 21.11 27.06 15.44
C ASP B 200 20.19 27.92 16.27
N GLU B 201 20.22 27.72 17.59
CA GLU B 201 19.32 28.46 18.46
C GLU B 201 19.90 28.82 19.82
N THR B 202 19.43 29.92 20.37
CA THR B 202 19.86 30.39 21.67
C THR B 202 19.19 29.53 22.75
N VAL B 203 19.98 29.13 23.75
CA VAL B 203 19.45 28.35 24.85
C VAL B 203 19.60 29.22 26.10
N SER B 204 18.50 29.50 26.76
CA SER B 204 18.49 30.34 27.96
C SER B 204 17.47 29.84 28.97
N ASP B 205 17.39 30.49 30.13
CA ASP B 205 16.44 30.10 31.17
C ASP B 205 14.99 30.25 30.69
N SER B 206 14.73 31.25 29.86
CA SER B 206 13.38 31.47 29.35
C SER B 206 13.14 30.64 28.09
N SER B 207 14.21 30.16 27.48
CA SER B 207 14.08 29.33 26.28
C SER B 207 15.04 28.15 26.35
N PRO B 208 14.78 27.21 27.29
CA PRO B 208 15.61 26.02 27.47
C PRO B 208 15.46 24.99 26.33
N HIS B 209 16.19 23.90 26.44
CA HIS B 209 16.16 22.85 25.43
C HIS B 209 14.75 22.38 25.04
N ILE B 210 13.89 22.11 26.03
CA ILE B 210 12.56 21.62 25.75
C ILE B 210 11.75 22.64 24.95
N ALA B 211 11.87 23.91 25.31
CA ALA B 211 11.13 24.93 24.58
C ALA B 211 11.60 24.96 23.12
N ASN B 212 12.91 24.89 22.89
CA ASN B 212 13.43 24.94 21.52
C ASN B 212 12.98 23.71 20.73
N ILE B 213 13.06 22.55 21.35
CA ILE B 213 12.65 21.32 20.69
C ILE B 213 11.13 21.39 20.43
N GLY B 214 10.39 21.85 21.43
CA GLY B 214 8.95 21.99 21.30
C GLY B 214 8.53 22.86 20.13
N ARG B 215 9.17 24.04 20.02
CA ARG B 215 8.87 24.97 18.92
C ARG B 215 9.16 24.33 17.58
N LEU B 216 10.26 23.60 17.49
CA LEU B 216 10.62 22.93 16.25
C LEU B 216 9.59 21.83 15.92
N VAL B 217 9.24 21.01 16.90
CA VAL B 217 8.25 19.94 16.70
C VAL B 217 6.92 20.54 16.22
N GLU B 218 6.45 21.58 16.91
CA GLU B 218 5.20 22.25 16.59
C GLU B 218 5.20 22.78 15.16
N ASP B 219 6.24 23.51 14.79
CA ASP B 219 6.33 24.07 13.43
C ASP B 219 6.36 22.93 12.41
N MET B 220 7.13 21.90 12.72
CA MET B 220 7.26 20.74 11.86
C MET B 220 5.90 20.07 11.65
N GLU B 221 5.20 19.76 12.73
CA GLU B 221 3.90 19.11 12.61
C GLU B 221 2.86 19.95 11.91
N ASN B 222 2.89 21.27 12.12
CA ASN B 222 1.91 22.14 11.45
C ASN B 222 2.15 22.12 9.94
N LYS B 223 3.42 22.07 9.55
CA LYS B 223 3.78 22.03 8.15
C LYS B 223 3.44 20.69 7.52
N ILE B 224 3.75 19.61 8.23
CA ILE B 224 3.45 18.28 7.71
C ILE B 224 1.95 18.03 7.65
N ARG B 225 1.18 18.64 8.55
CA ARG B 225 -0.27 18.47 8.54
C ARG B 225 -0.86 19.03 7.24
N SER B 226 -0.32 20.16 6.81
CA SER B 226 -0.78 20.82 5.58
C SER B 226 -0.42 19.97 4.36
N THR B 227 0.80 19.47 4.33
CA THR B 227 1.29 18.64 3.24
C THR B 227 0.49 17.34 3.17
N LEU B 228 0.17 16.77 4.33
CA LEU B 228 -0.61 15.54 4.39
C LEU B 228 -1.98 15.75 3.77
N ASN B 229 -2.63 16.85 4.17
CA ASN B 229 -3.94 17.18 3.64
C ASN B 229 -3.85 17.30 2.12
N GLU B 230 -2.84 18.00 1.64
CA GLU B 230 -2.63 18.18 0.21
C GLU B 230 -2.39 16.86 -0.54
N ILE B 231 -1.39 16.10 -0.09
CA ILE B 231 -1.05 14.84 -0.75
C ILE B 231 -2.13 13.77 -0.67
N TYR B 232 -2.61 13.47 0.54
CA TYR B 232 -3.64 12.44 0.71
C TYR B 232 -4.98 12.75 0.03
N PHE B 233 -5.58 13.87 0.40
CA PHE B 233 -6.89 14.24 -0.11
C PHE B 233 -6.84 15.09 -1.38
N GLY B 234 -5.65 15.54 -1.73
CA GLY B 234 -5.53 16.31 -2.95
C GLY B 234 -4.90 15.49 -4.05
N LYS B 235 -3.60 15.25 -3.96
CA LYS B 235 -2.87 14.51 -4.98
C LYS B 235 -3.30 13.07 -5.29
N THR B 236 -3.44 12.20 -4.28
CA THR B 236 -3.83 10.84 -4.62
C THR B 236 -5.24 10.79 -5.22
N LYS B 237 -6.09 11.75 -4.85
CA LYS B 237 -7.45 11.80 -5.38
C LYS B 237 -7.38 12.16 -6.85
N ASP B 238 -6.55 13.14 -7.16
CA ASP B 238 -6.39 13.58 -8.54
C ASP B 238 -5.82 12.47 -9.42
N ILE B 239 -4.92 11.65 -8.87
CA ILE B 239 -4.36 10.57 -9.65
C ILE B 239 -5.48 9.57 -9.91
N VAL B 240 -6.31 9.37 -8.91
CA VAL B 240 -7.45 8.46 -9.03
C VAL B 240 -8.41 8.92 -10.14
N ASN B 241 -8.67 10.23 -10.20
CA ASN B 241 -9.57 10.74 -11.22
C ASN B 241 -8.95 10.73 -12.60
N GLY B 242 -7.64 10.51 -12.66
CA GLY B 242 -6.97 10.45 -13.94
C GLY B 242 -6.94 9.04 -14.49
N LEU B 243 -7.29 8.06 -13.65
CA LEU B 243 -7.31 6.67 -14.05
C LEU B 243 -8.65 6.32 -14.68
N ARG B 244 -9.71 6.95 -14.19
CA ARG B 244 -11.05 6.72 -14.70
C ARG B 244 -11.90 7.98 -14.50
N SER B 245 -12.99 8.05 -15.24
CA SER B 245 -13.90 9.18 -15.15
C SER B 245 -15.33 8.63 -15.24
N ILE B 246 -16.20 9.10 -14.35
CA ILE B 246 -17.58 8.62 -14.35
C ILE B 246 -18.34 9.13 -15.56
N ASP B 247 -18.07 10.39 -15.94
CA ASP B 247 -18.73 10.96 -17.09
C ASP B 247 -17.95 10.56 -18.33
N ALA B 248 -18.67 10.31 -19.42
CA ALA B 248 -18.02 9.93 -20.67
C ALA B 248 -17.01 11.00 -21.04
N ILE B 249 -15.77 10.58 -21.30
CA ILE B 249 -14.71 11.50 -21.66
C ILE B 249 -14.81 11.83 -23.15
N PRO B 250 -15.15 13.10 -23.47
CA PRO B 250 -15.25 13.50 -24.87
C PRO B 250 -14.01 13.00 -25.62
N ASP B 251 -14.16 11.84 -26.26
CA ASP B 251 -13.07 11.24 -27.03
C ASP B 251 -12.43 12.20 -28.02
N ASN B 252 -11.11 12.15 -28.12
CA ASN B 252 -10.43 13.04 -29.06
C ASN B 252 -9.57 12.30 -30.06
N GLN B 253 -9.99 12.43 -31.32
CA GLN B 253 -9.42 11.69 -32.43
C GLN B 253 -8.17 12.42 -32.91
N LYS B 254 -8.27 13.75 -32.96
CA LYS B 254 -7.26 14.59 -33.58
C LYS B 254 -5.85 14.32 -33.09
N TYR B 255 -5.64 14.47 -31.78
CA TYR B 255 -4.32 14.25 -31.22
C TYR B 255 -3.85 12.81 -31.37
N LYS B 256 -4.76 11.85 -31.26
CA LYS B 256 -4.36 10.45 -31.31
C LYS B 256 -3.92 10.05 -32.72
N GLN B 257 -4.61 10.58 -33.72
CA GLN B 257 -4.31 10.25 -35.11
C GLN B 257 -2.92 10.80 -35.42
N LEU B 258 -2.65 12.02 -34.99
CA LEU B 258 -1.36 12.67 -35.22
C LEU B 258 -0.23 11.90 -34.55
N GLN B 259 -0.51 11.38 -33.36
CA GLN B 259 0.53 10.78 -32.55
C GLN B 259 1.16 9.58 -33.25
N ARG B 260 0.34 8.80 -33.95
CA ARG B 260 0.85 7.58 -34.56
C ARG B 260 1.86 7.95 -35.64
N GLU B 261 1.51 8.96 -36.45
CA GLU B 261 2.33 9.36 -37.58
C GLU B 261 3.76 9.76 -37.20
N LEU B 262 3.88 10.61 -36.17
CA LEU B 262 5.17 11.05 -35.66
C LEU B 262 5.98 9.95 -34.98
N SER B 263 5.28 8.99 -34.37
CA SER B 263 5.94 7.95 -33.57
C SER B 263 6.75 6.98 -34.40
N GLN B 264 6.11 6.40 -35.41
CA GLN B 264 6.74 5.34 -36.19
C GLN B 264 7.99 5.86 -36.91
N VAL B 265 8.04 7.16 -37.15
CA VAL B 265 9.19 7.75 -37.82
C VAL B 265 10.41 7.64 -36.93
N LEU B 266 10.22 7.90 -35.64
CA LEU B 266 11.35 7.98 -34.71
C LEU B 266 11.95 6.59 -34.45
N THR B 267 11.11 5.56 -34.41
CA THR B 267 11.58 4.21 -34.10
C THR B 267 12.53 3.66 -35.18
N GLN B 268 12.23 3.95 -36.45
CA GLN B 268 13.00 3.42 -37.56
C GLN B 268 14.20 4.32 -37.82
N ARG B 269 14.49 5.18 -36.85
CA ARG B 269 15.68 6.03 -36.85
C ARG B 269 16.54 5.64 -35.64
N GLN B 270 15.88 5.48 -34.50
CA GLN B 270 16.57 5.02 -33.30
C GLN B 270 16.65 3.52 -33.55
N ILE B 271 17.31 2.80 -32.65
CA ILE B 271 17.33 1.34 -32.68
C ILE B 271 16.02 0.77 -33.22
N GLY C 4 32.38 -16.91 -14.59
CA GLY C 4 32.79 -16.43 -15.93
C GLY C 4 32.95 -17.62 -16.87
N SER C 5 33.62 -18.66 -16.39
CA SER C 5 33.83 -19.86 -17.20
C SER C 5 32.51 -20.50 -17.58
N TRP C 6 31.60 -20.58 -16.61
CA TRP C 6 30.29 -21.18 -16.86
C TRP C 6 29.20 -20.11 -16.84
N GLY C 7 28.23 -20.25 -17.73
CA GLY C 7 27.12 -19.29 -17.80
C GLY C 7 27.55 -18.05 -18.58
N CYS C 8 26.56 -17.24 -18.96
CA CYS C 8 26.84 -16.02 -19.71
C CYS C 8 27.63 -15.04 -18.85
N VAL C 9 27.28 -14.96 -17.57
CA VAL C 9 27.96 -14.06 -16.65
C VAL C 9 28.24 -12.72 -17.32
N ARG C 10 27.22 -11.87 -17.40
CA ARG C 10 27.37 -10.56 -18.02
C ARG C 10 27.68 -9.50 -16.97
N GLN C 11 27.72 -9.93 -15.71
CA GLN C 11 28.00 -9.00 -14.62
C GLN C 11 29.42 -8.45 -14.74
N GLU C 12 30.35 -9.30 -15.20
CA GLU C 12 31.74 -8.88 -15.36
C GLU C 12 31.88 -7.90 -16.52
N LYS C 13 32.99 -7.17 -16.54
CA LYS C 13 33.23 -6.20 -17.60
C LYS C 13 32.17 -5.11 -17.58
N ARG C 14 32.30 -4.17 -16.64
CA ARG C 14 31.35 -3.08 -16.52
C ARG C 14 31.33 -2.24 -17.80
N SER C 15 32.51 -1.96 -18.33
CA SER C 15 32.62 -1.17 -19.55
C SER C 15 31.66 0.01 -19.51
N SER C 16 32.16 1.16 -19.08
CA SER C 16 31.34 2.36 -18.98
C SER C 16 29.99 2.04 -18.34
N GLY C 17 28.94 1.96 -19.17
CA GLY C 17 27.61 1.65 -18.67
C GLY C 17 27.27 2.52 -17.47
N LEU C 18 27.46 3.83 -17.61
CA LEU C 18 27.17 4.76 -16.51
C LEU C 18 25.68 4.70 -16.15
N ILE C 19 24.83 4.66 -17.17
CA ILE C 19 23.39 4.62 -16.96
C ILE C 19 22.71 3.73 -18.00
N SER C 20 21.87 2.81 -17.54
CA SER C 20 21.16 1.92 -18.45
C SER C 20 19.70 1.79 -18.04
N GLU C 21 19.43 2.01 -16.76
CA GLU C 21 18.06 1.93 -16.26
C GLU C 21 17.45 0.57 -16.58
N LEU C 22 18.30 -0.46 -16.59
CA LEU C 22 17.83 -1.81 -16.86
C LEU C 22 17.52 -2.56 -15.57
N PRO C 23 16.51 -3.38 -15.58
CA PRO C 23 16.08 -4.15 -14.38
C PRO C 23 17.26 -4.85 -13.69
N SER C 24 17.77 -5.89 -14.32
CA SER C 24 18.89 -6.63 -13.76
C SER C 24 20.21 -5.96 -14.13
N GLU C 25 20.76 -5.20 -13.18
CA GLU C 25 22.03 -4.51 -13.40
C GLU C 25 21.80 -3.20 -14.14
N GLU C 26 22.29 -2.10 -13.57
CA GLU C 26 22.14 -0.80 -14.19
C GLU C 26 23.21 0.17 -13.69
N GLY C 27 23.91 -0.23 -12.62
CA GLY C 27 24.96 0.60 -12.06
C GLY C 27 24.39 1.58 -11.02
N ARG C 28 24.40 1.16 -9.77
CA ARG C 28 23.88 2.01 -8.69
C ARG C 28 24.83 3.16 -8.42
N ARG C 29 24.28 4.32 -8.09
CA ARG C 29 25.09 5.50 -7.81
C ARG C 29 24.33 6.46 -6.88
N LEU C 30 24.18 6.06 -5.63
CA LEU C 30 23.48 6.89 -4.65
C LEU C 30 24.45 7.44 -3.61
N GLU C 31 24.52 8.76 -3.51
CA GLU C 31 25.41 9.40 -2.55
C GLU C 31 24.67 9.76 -1.27
N HIS C 32 23.99 10.91 -1.28
CA HIS C 32 23.25 11.35 -0.12
C HIS C 32 24.13 11.32 1.12
N PHE C 33 23.62 11.87 2.22
CA PHE C 33 24.37 11.90 3.48
C PHE C 33 24.37 10.53 4.14
N THR C 34 25.51 10.16 4.71
CA THR C 34 25.63 8.86 5.39
C THR C 34 25.10 8.95 6.81
N LYS C 35 24.84 7.79 7.41
CA LYS C 35 24.33 7.74 8.77
C LYS C 35 25.49 7.64 9.77
N LEU C 36 25.31 8.23 10.95
CA LEU C 36 26.34 8.20 11.98
C LEU C 36 26.63 6.76 12.40
N ARG C 37 25.58 5.97 12.56
CA ARG C 37 25.73 4.58 12.95
C ARG C 37 26.54 4.47 14.24
N PRO C 38 25.94 4.80 15.35
CA PRO C 38 26.61 4.75 16.68
C PRO C 38 26.73 3.32 17.20
N LYS C 39 27.77 3.07 18.00
CA LYS C 39 27.99 1.73 18.55
C LYS C 39 26.94 1.41 19.61
N ARG C 40 26.17 0.36 19.37
CA ARG C 40 25.14 -0.05 20.31
C ARG C 40 25.00 -1.57 20.34
N ASN C 41 24.96 -2.17 19.15
CA ASN C 41 24.83 -3.63 19.05
C ASN C 41 23.81 -4.15 20.06
N LYS C 42 24.30 -4.85 21.08
CA LYS C 42 23.43 -5.39 22.10
C LYS C 42 22.26 -6.14 21.47
N LYS C 43 22.40 -7.46 21.34
CA LYS C 43 21.35 -8.28 20.76
C LYS C 43 21.26 -9.61 21.47
N GLN C 44 20.07 -10.22 21.43
CA GLN C 44 19.85 -11.51 22.09
C GLN C 44 19.08 -12.45 21.17
N GLN C 45 17.80 -12.67 21.49
CA GLN C 45 16.97 -13.56 20.70
C GLN C 45 15.53 -13.05 20.67
N PRO C 46 15.28 -12.02 19.91
CA PRO C 46 13.91 -11.42 19.78
C PRO C 46 12.99 -12.27 18.92
N THR C 47 11.69 -12.14 19.15
CA THR C 47 10.71 -12.91 18.38
C THR C 47 10.57 -12.35 16.97
N GLN C 48 9.92 -13.11 16.11
CA GLN C 48 9.73 -12.69 14.72
C GLN C 48 9.27 -11.23 14.66
N ALA C 49 8.08 -10.97 15.19
CA ALA C 49 7.55 -9.61 15.19
C ALA C 49 6.48 -9.45 16.26
N ALA C 50 6.89 -8.98 17.43
CA ALA C 50 5.97 -8.78 18.54
C ALA C 50 5.03 -7.60 18.26
N VAL C 51 3.76 -7.76 18.60
CA VAL C 51 2.78 -6.71 18.38
C VAL C 51 1.88 -6.55 19.59
N CYS C 52 1.67 -5.31 20.01
CA CYS C 52 0.82 -5.03 21.16
C CYS C 52 -0.64 -5.32 20.84
N THR C 53 -1.31 -4.36 20.22
CA THR C 53 -2.72 -4.52 19.87
C THR C 53 -2.98 -3.97 18.47
N ILE C 54 -4.06 -4.44 17.86
CA ILE C 54 -4.42 -3.98 16.51
C ILE C 54 -4.88 -2.53 16.55
N SER C 55 -5.85 -2.23 17.40
CA SER C 55 -6.36 -0.87 17.53
C SER C 55 -7.20 -0.50 16.31
N ILE C 56 -7.23 -1.38 15.33
CA ILE C 56 -8.00 -1.14 14.12
C ILE C 56 -8.49 -2.45 13.51
N LEU C 57 -8.60 -2.48 12.19
CA LEU C 57 -9.08 -3.67 11.50
C LEU C 57 -10.55 -3.93 11.80
N PRO C 58 -11.42 -3.19 11.17
CA PRO C 58 -12.89 -3.34 11.37
C PRO C 58 -13.45 -4.58 10.68
N GLN C 59 -14.58 -5.08 11.17
CA GLN C 59 -15.20 -6.25 10.60
C GLN C 59 -15.94 -5.90 9.32
N ASP C 60 -15.98 -6.84 8.38
CA ASP C 60 -16.65 -6.62 7.10
C ASP C 60 -18.14 -6.35 7.32
N GLY C 61 -18.85 -7.38 7.77
CA GLY C 61 -20.28 -7.26 8.02
C GLY C 61 -21.04 -6.96 6.73
N GLU C 62 -22.32 -7.30 6.70
CA GLU C 62 -23.15 -7.06 5.53
C GLU C 62 -22.38 -7.40 4.26
N GLN C 63 -22.30 -8.69 3.93
CA GLN C 63 -21.59 -9.13 2.74
C GLN C 63 -22.45 -8.93 1.50
N ASN C 64 -21.85 -8.38 0.45
CA ASN C 64 -22.57 -8.15 -0.79
C ASN C 64 -22.95 -9.48 -1.45
N GLY C 65 -22.03 -10.44 -1.41
CA GLY C 65 -22.28 -11.74 -2.00
C GLY C 65 -21.19 -12.73 -1.60
N LEU C 66 -21.04 -13.80 -2.39
CA LEU C 66 -20.04 -14.81 -2.11
C LEU C 66 -18.72 -14.47 -2.78
N MET C 67 -17.71 -14.14 -1.98
CA MET C 67 -16.40 -13.79 -2.50
C MET C 67 -15.57 -15.05 -2.74
N GLY C 68 -15.03 -15.18 -3.95
CA GLY C 68 -14.22 -16.35 -4.28
C GLY C 68 -14.23 -16.60 -5.79
N ARG C 69 -14.84 -17.70 -6.20
CA ARG C 69 -14.91 -18.05 -7.61
C ARG C 69 -16.30 -18.58 -7.96
N VAL C 70 -16.57 -18.73 -9.25
CA VAL C 70 -17.86 -19.24 -9.70
C VAL C 70 -17.69 -20.56 -10.44
N ASP C 71 -18.50 -21.55 -10.06
CA ASP C 71 -18.44 -22.86 -10.70
C ASP C 71 -19.58 -23.74 -10.22
N GLU C 72 -20.25 -24.40 -11.17
CA GLU C 72 -21.36 -25.27 -10.83
C GLU C 72 -21.63 -26.26 -11.97
N GLY C 73 -20.70 -27.19 -12.16
CA GLY C 73 -20.84 -28.19 -13.22
C GLY C 73 -19.54 -28.95 -13.44
N VAL C 74 -19.60 -29.98 -14.27
CA VAL C 74 -18.41 -30.78 -14.55
C VAL C 74 -18.30 -31.08 -16.05
N ASP C 75 -17.11 -31.46 -16.48
CA ASP C 75 -16.90 -31.77 -17.90
C ASP C 75 -16.07 -33.05 -18.04
N GLU C 76 -16.74 -34.18 -18.16
CA GLU C 76 -16.06 -35.46 -18.31
C GLU C 76 -14.88 -35.55 -17.34
N PHE C 77 -15.07 -35.03 -16.14
CA PHE C 77 -14.02 -35.06 -15.13
C PHE C 77 -12.68 -34.70 -15.75
N PHE C 78 -12.72 -34.06 -16.92
CA PHE C 78 -11.51 -33.66 -17.61
C PHE C 78 -10.76 -32.59 -16.82
N THR C 79 -9.45 -32.78 -16.67
CA THR C 79 -8.63 -31.82 -15.94
C THR C 79 -8.61 -30.47 -16.65
N LYS C 80 -8.71 -29.39 -15.88
CA LYS C 80 -8.70 -28.06 -16.45
C LYS C 80 -7.26 -27.58 -16.69
N LYS C 81 -7.11 -26.58 -17.54
CA LYS C 81 -5.79 -26.04 -17.84
C LYS C 81 -5.25 -25.25 -16.66
N VAL C 82 -4.14 -24.54 -16.88
CA VAL C 82 -3.53 -23.75 -15.81
C VAL C 82 -4.35 -22.48 -15.54
N THR C 83 -4.58 -22.20 -14.27
CA THR C 83 -5.35 -21.02 -13.89
C THR C 83 -6.71 -21.03 -14.58
N GLY C 84 -7.60 -20.16 -14.13
CA GLY C 84 -8.93 -20.07 -14.72
C GLY C 84 -9.92 -19.47 -13.72
N CYS C 85 -9.41 -18.78 -12.71
CA CYS C 85 -10.26 -18.17 -11.70
C CYS C 85 -11.29 -17.25 -12.35
N ARG A 7 20.74 -9.27 11.20
CA ARG A 7 20.57 -10.54 10.43
C ARG A 7 21.61 -10.58 9.32
N VAL A 8 22.15 -11.76 9.04
CA VAL A 8 23.16 -11.90 7.99
C VAL A 8 23.04 -13.28 7.35
N SER A 9 22.26 -14.13 7.99
CA SER A 9 22.04 -15.49 7.53
C SER A 9 21.38 -15.48 6.16
N ASP A 10 21.80 -16.41 5.31
CA ASP A 10 21.27 -16.51 3.97
C ASP A 10 19.81 -16.94 4.02
N GLU A 11 19.44 -17.66 5.08
CA GLU A 11 18.06 -18.11 5.22
C GLU A 11 17.15 -16.91 5.48
N GLU A 12 17.61 -15.96 6.28
CA GLU A 12 16.83 -14.78 6.58
C GLU A 12 16.70 -13.91 5.34
N LYS A 13 17.78 -13.78 4.58
CA LYS A 13 17.74 -12.98 3.36
C LYS A 13 16.78 -13.59 2.35
N VAL A 14 16.71 -14.92 2.30
CA VAL A 14 15.81 -15.60 1.37
C VAL A 14 14.36 -15.32 1.77
N ARG A 15 14.07 -15.34 3.07
CA ARG A 15 12.71 -15.08 3.54
C ARG A 15 12.32 -13.63 3.23
N ILE A 16 13.27 -12.72 3.39
CA ILE A 16 13.01 -11.31 3.10
C ILE A 16 12.72 -11.17 1.60
N ALA A 17 13.60 -11.72 0.78
CA ALA A 17 13.43 -11.66 -0.67
C ALA A 17 12.06 -12.20 -1.02
N ALA A 18 11.67 -13.30 -0.39
CA ALA A 18 10.38 -13.94 -0.67
C ALA A 18 9.19 -13.05 -0.32
N LYS A 19 9.29 -12.37 0.80
CA LYS A 19 8.21 -11.50 1.25
C LYS A 19 8.00 -10.36 0.24
N PHE A 20 9.10 -9.71 -0.17
CA PHE A 20 9.02 -8.62 -1.14
C PHE A 20 8.34 -9.08 -2.43
N ILE A 21 8.81 -10.20 -2.97
CA ILE A 21 8.29 -10.76 -4.20
C ILE A 21 6.80 -11.10 -4.14
N THR A 22 6.37 -11.74 -3.06
CA THR A 22 4.97 -12.10 -2.94
C THR A 22 4.07 -10.90 -2.63
N HIS A 23 4.68 -9.75 -2.34
CA HIS A 23 3.91 -8.56 -2.02
C HIS A 23 3.92 -7.54 -3.15
N ALA A 24 4.32 -7.96 -4.35
CA ALA A 24 4.33 -7.04 -5.47
C ALA A 24 2.89 -6.62 -5.73
N PRO A 25 2.68 -5.38 -6.19
CA PRO A 25 1.31 -4.95 -6.46
C PRO A 25 0.84 -5.61 -7.76
N PRO A 26 -0.48 -5.70 -7.98
CA PRO A 26 -1.00 -6.32 -9.20
C PRO A 26 -0.41 -5.78 -10.51
N GLY A 27 -0.05 -6.72 -11.39
CA GLY A 27 0.51 -6.36 -12.68
C GLY A 27 1.94 -5.84 -12.65
N GLU A 28 2.62 -5.99 -11.51
CA GLU A 28 4.00 -5.51 -11.41
C GLU A 28 4.94 -6.54 -10.81
N PHE A 29 4.54 -7.81 -10.88
CA PHE A 29 5.36 -8.88 -10.34
C PHE A 29 6.80 -8.88 -10.85
N ASN A 30 6.96 -8.85 -12.16
CA ASN A 30 8.29 -8.88 -12.76
C ASN A 30 9.22 -7.76 -12.33
N GLU A 31 8.71 -6.53 -12.29
CA GLU A 31 9.54 -5.41 -11.88
C GLU A 31 10.06 -5.65 -10.46
N VAL A 32 9.16 -6.02 -9.56
CA VAL A 32 9.52 -6.30 -8.18
C VAL A 32 10.52 -7.45 -8.10
N PHE A 33 10.28 -8.51 -8.89
CA PHE A 33 11.16 -9.68 -8.92
C PHE A 33 12.56 -9.29 -9.39
N ASN A 34 12.64 -8.54 -10.48
CA ASN A 34 13.93 -8.10 -11.00
C ASN A 34 14.64 -7.22 -9.96
N ASP A 35 13.87 -6.37 -9.28
CA ASP A 35 14.48 -5.53 -8.24
C ASP A 35 15.12 -6.41 -7.17
N VAL A 36 14.34 -7.31 -6.61
CA VAL A 36 14.82 -8.19 -5.54
C VAL A 36 16.00 -9.03 -6.01
N ARG A 37 15.94 -9.53 -7.23
CA ARG A 37 17.02 -10.33 -7.76
C ARG A 37 18.34 -9.55 -7.77
N LEU A 38 18.31 -8.31 -8.24
CA LEU A 38 19.52 -7.48 -8.26
C LEU A 38 19.94 -7.04 -6.85
N LEU A 39 18.98 -6.95 -5.95
CA LEU A 39 19.27 -6.55 -4.57
C LEU A 39 19.89 -7.71 -3.80
N LEU A 40 19.27 -8.88 -3.92
CA LEU A 40 19.76 -10.08 -3.26
C LEU A 40 21.15 -10.42 -3.81
N ASN A 41 21.33 -10.20 -5.11
CA ASN A 41 22.60 -10.46 -5.78
C ASN A 41 23.18 -11.86 -5.50
N ASN A 42 22.32 -12.86 -5.59
CA ASN A 42 22.73 -14.25 -5.38
C ASN A 42 21.62 -15.11 -5.95
N ASP A 43 21.75 -15.44 -7.23
CA ASP A 43 20.75 -16.24 -7.93
C ASP A 43 20.56 -17.64 -7.35
N ASN A 44 21.62 -18.18 -6.74
CA ASN A 44 21.50 -19.49 -6.12
C ASN A 44 20.49 -19.39 -4.97
N LEU A 45 20.59 -18.35 -4.16
CA LEU A 45 19.64 -18.19 -3.05
C LEU A 45 18.23 -17.87 -3.57
N LEU A 46 18.17 -17.07 -4.63
CA LEU A 46 16.90 -16.67 -5.22
C LEU A 46 16.07 -17.85 -5.70
N ARG A 47 16.72 -18.86 -6.26
CA ARG A 47 16.02 -20.05 -6.76
C ARG A 47 15.51 -20.94 -5.62
N GLU A 48 16.06 -20.74 -4.43
CA GLU A 48 15.64 -21.53 -3.26
C GLU A 48 14.15 -21.39 -2.96
N GLY A 49 13.64 -20.17 -3.04
CA GLY A 49 12.23 -19.95 -2.76
C GLY A 49 11.43 -19.36 -3.91
N ALA A 50 12.04 -19.29 -5.09
CA ALA A 50 11.36 -18.72 -6.24
C ALA A 50 10.02 -19.40 -6.49
N ALA A 51 10.05 -20.65 -6.93
CA ALA A 51 8.84 -21.41 -7.20
C ALA A 51 7.76 -21.19 -6.15
N HIS A 52 8.15 -21.29 -4.89
CA HIS A 52 7.23 -21.09 -3.78
C HIS A 52 6.66 -19.67 -3.80
N ALA A 53 7.53 -18.69 -4.10
CA ALA A 53 7.13 -17.28 -4.15
C ALA A 53 6.12 -17.05 -5.27
N PHE A 54 6.49 -17.48 -6.48
CA PHE A 54 5.62 -17.33 -7.64
C PHE A 54 4.24 -17.94 -7.39
N ALA A 55 4.24 -19.16 -6.87
CA ALA A 55 2.99 -19.88 -6.60
C ALA A 55 2.10 -19.14 -5.62
N GLN A 56 2.68 -18.76 -4.47
CA GLN A 56 1.95 -18.05 -3.44
C GLN A 56 1.35 -16.76 -4.02
N TYR A 57 2.15 -16.00 -4.77
CA TYR A 57 1.68 -14.75 -5.38
C TYR A 57 0.44 -14.98 -6.24
N ASN A 58 0.62 -15.75 -7.32
CA ASN A 58 -0.49 -16.04 -8.22
C ASN A 58 -1.72 -16.55 -7.49
N MET A 59 -1.50 -17.35 -6.44
CA MET A 59 -2.61 -17.88 -5.66
C MET A 59 -3.37 -16.84 -4.85
N ASP A 60 -2.69 -16.06 -4.03
CA ASP A 60 -3.40 -15.04 -3.25
C ASP A 60 -3.88 -13.88 -4.12
N GLN A 61 -3.38 -13.79 -5.35
CA GLN A 61 -3.79 -12.74 -6.28
C GLN A 61 -4.94 -13.20 -7.17
N PHE A 62 -5.38 -14.44 -7.00
CA PHE A 62 -6.45 -15.00 -7.84
C PHE A 62 -6.12 -14.77 -9.30
N THR A 63 -4.92 -15.16 -9.70
CA THR A 63 -4.45 -14.96 -11.06
C THR A 63 -5.28 -15.65 -12.13
N PRO A 64 -6.00 -14.87 -12.95
CA PRO A 64 -6.82 -15.43 -14.02
C PRO A 64 -5.92 -15.99 -15.11
N VAL A 65 -6.06 -17.28 -15.40
CA VAL A 65 -5.24 -17.92 -16.42
C VAL A 65 -6.09 -18.57 -17.50
N LYS A 66 -5.51 -18.72 -18.68
CA LYS A 66 -6.21 -19.32 -19.80
C LYS A 66 -5.58 -20.66 -20.22
N ILE A 67 -6.23 -21.77 -19.90
CA ILE A 67 -5.73 -23.09 -20.25
C ILE A 67 -5.66 -23.25 -21.77
N GLU A 68 -4.65 -23.99 -22.23
CA GLU A 68 -4.38 -24.24 -23.64
C GLU A 68 -5.47 -23.95 -24.71
N GLY A 69 -6.75 -24.17 -24.39
CA GLY A 69 -7.78 -23.91 -25.38
C GLY A 69 -9.22 -24.10 -24.94
N TYR A 70 -9.50 -23.79 -23.67
CA TYR A 70 -10.86 -23.91 -23.16
C TYR A 70 -11.75 -22.63 -23.16
N ASP A 71 -11.21 -21.44 -23.48
CA ASP A 71 -12.02 -20.21 -23.43
C ASP A 71 -12.35 -20.05 -21.95
N ASP A 72 -11.52 -20.82 -21.25
CA ASP A 72 -11.37 -21.11 -19.82
C ASP A 72 -10.92 -20.11 -18.71
N GLN A 73 -10.82 -18.80 -18.91
CA GLN A 73 -10.29 -17.91 -17.83
C GLN A 73 -10.62 -18.51 -16.46
N VAL A 74 -9.66 -19.27 -15.91
CA VAL A 74 -9.82 -19.90 -14.60
C VAL A 74 -8.98 -19.25 -13.51
N LEU A 75 -9.47 -19.23 -12.28
CA LEU A 75 -8.75 -18.58 -11.20
C LEU A 75 -7.80 -19.43 -10.37
N ILE A 76 -6.52 -19.09 -10.41
CA ILE A 76 -5.50 -19.81 -9.65
C ILE A 76 -5.60 -19.40 -8.19
N THR A 77 -6.04 -20.33 -7.35
CA THR A 77 -6.18 -20.08 -5.93
C THR A 77 -5.65 -21.30 -5.18
N GLU A 78 -5.62 -21.22 -3.86
CA GLU A 78 -5.15 -22.33 -3.06
C GLU A 78 -6.13 -23.50 -3.19
N HIS A 79 -7.41 -23.18 -3.10
CA HIS A 79 -8.48 -24.17 -3.18
C HIS A 79 -8.36 -25.07 -4.41
N GLY A 80 -7.72 -24.56 -5.46
CA GLY A 80 -7.56 -25.35 -6.68
C GLY A 80 -6.18 -25.97 -6.79
N ASP A 81 -5.35 -25.79 -5.77
CA ASP A 81 -4.00 -26.33 -5.75
C ASP A 81 -4.02 -27.84 -5.54
N LEU A 82 -3.84 -28.61 -6.61
CA LEU A 82 -3.85 -30.07 -6.49
C LEU A 82 -2.85 -30.48 -5.41
N GLY A 83 -1.65 -29.92 -5.48
CA GLY A 83 -0.61 -30.23 -4.51
C GLY A 83 0.60 -30.82 -5.20
N ASN A 84 0.40 -31.28 -6.43
CA ASN A 84 1.47 -31.89 -7.23
C ASN A 84 2.12 -30.90 -8.20
N GLY A 85 1.61 -29.68 -8.21
CA GLY A 85 2.14 -28.66 -9.12
C GLY A 85 1.11 -28.40 -10.18
N ARG A 86 -0.11 -28.84 -9.90
CA ARG A 86 -1.22 -28.66 -10.82
C ARG A 86 -2.44 -28.11 -10.07
N PHE A 87 -3.34 -27.48 -10.81
CA PHE A 87 -4.54 -26.87 -10.23
C PHE A 87 -5.85 -27.41 -10.80
N LEU A 88 -6.95 -27.11 -10.12
CA LEU A 88 -8.27 -27.55 -10.56
C LEU A 88 -9.05 -26.47 -11.28
N ASP A 89 -9.81 -26.89 -12.28
CA ASP A 89 -10.68 -25.99 -13.01
C ASP A 89 -12.04 -26.60 -12.77
N PRO A 90 -12.67 -26.27 -11.63
CA PRO A 90 -13.99 -26.83 -11.33
C PRO A 90 -15.04 -26.68 -12.43
N ARG A 91 -15.00 -25.58 -13.17
CA ARG A 91 -15.98 -25.35 -14.25
C ARG A 91 -15.82 -26.33 -15.40
N ASN A 92 -14.72 -26.23 -16.14
CA ASN A 92 -14.46 -27.13 -17.25
C ASN A 92 -14.12 -28.51 -16.69
N LYS A 93 -13.72 -28.52 -15.42
CA LYS A 93 -13.38 -29.72 -14.68
C LYS A 93 -12.16 -30.54 -15.10
N ILE A 94 -11.16 -29.88 -15.68
CA ILE A 94 -9.96 -30.59 -16.07
C ILE A 94 -8.84 -30.38 -15.06
N SER A 95 -7.66 -30.81 -15.44
CA SER A 95 -6.47 -30.66 -14.63
C SER A 95 -5.52 -29.88 -15.51
N PHE A 96 -4.86 -28.87 -14.96
CA PHE A 96 -3.95 -28.09 -15.76
C PHE A 96 -2.71 -27.80 -14.92
N LYS A 97 -1.54 -27.89 -15.56
CA LYS A 97 -0.30 -27.61 -14.88
C LYS A 97 0.03 -26.16 -15.14
N PHE A 98 0.18 -25.39 -14.06
CA PHE A 98 0.48 -23.98 -14.21
C PHE A 98 1.98 -23.70 -14.09
N ASP A 99 2.55 -23.19 -15.18
CA ASP A 99 3.95 -22.80 -15.22
C ASP A 99 4.01 -21.38 -14.67
N HIS A 100 4.68 -21.18 -13.54
CA HIS A 100 4.73 -19.87 -12.92
C HIS A 100 5.52 -18.73 -13.58
N LEU A 101 6.63 -19.03 -14.23
CA LEU A 101 7.37 -17.95 -14.88
C LEU A 101 6.61 -17.53 -16.13
N ARG A 102 6.51 -18.46 -17.08
CA ARG A 102 5.83 -18.23 -18.33
C ARG A 102 4.36 -17.88 -18.08
N LYS A 103 3.76 -17.17 -19.03
CA LYS A 103 2.38 -16.74 -18.93
C LYS A 103 1.37 -17.90 -19.04
N GLU A 104 1.68 -18.90 -19.87
CA GLU A 104 0.78 -20.03 -20.07
C GLU A 104 0.89 -21.21 -19.10
N ALA A 105 -0.23 -21.92 -18.99
CA ALA A 105 -0.35 -23.10 -18.17
C ALA A 105 -1.01 -24.13 -19.08
N SER A 106 -0.23 -25.10 -19.56
CA SER A 106 -0.77 -26.11 -20.46
C SER A 106 -0.59 -27.58 -20.04
N ASP A 107 -0.87 -28.46 -21.01
CA ASP A 107 -0.82 -29.91 -20.91
C ASP A 107 -1.77 -30.42 -19.82
N PRO A 108 -3.08 -30.16 -20.01
CA PRO A 108 -4.16 -30.56 -19.09
C PRO A 108 -4.37 -32.07 -18.92
N GLN A 109 -5.15 -32.41 -17.89
CA GLN A 109 -5.48 -33.81 -17.58
C GLN A 109 -6.95 -33.87 -17.17
N PRO A 110 -7.74 -34.77 -17.79
CA PRO A 110 -9.15 -34.83 -17.39
C PRO A 110 -9.22 -35.10 -15.89
N GLU A 111 -10.20 -34.52 -15.21
CA GLU A 111 -10.32 -34.74 -13.77
C GLU A 111 -11.69 -35.26 -13.35
N ASP A 112 -11.98 -36.53 -13.62
CA ASP A 112 -13.27 -37.10 -13.23
C ASP A 112 -13.41 -36.91 -11.72
N THR A 113 -14.46 -36.21 -11.34
CA THR A 113 -14.74 -35.86 -9.95
C THR A 113 -15.30 -36.83 -8.92
N GLU A 114 -15.46 -36.26 -7.72
CA GLU A 114 -16.02 -36.90 -6.55
C GLU A 114 -17.55 -36.79 -6.72
N SER A 115 -17.96 -35.70 -7.36
CA SER A 115 -19.36 -35.38 -7.66
C SER A 115 -20.30 -35.44 -6.46
N ALA A 116 -19.80 -35.11 -5.28
CA ALA A 116 -20.61 -35.13 -4.06
C ALA A 116 -21.31 -33.80 -3.80
N LEU A 117 -20.53 -32.72 -3.76
CA LEU A 117 -21.05 -31.39 -3.52
C LEU A 117 -21.26 -30.68 -4.85
N LYS A 118 -20.70 -31.26 -5.90
CA LYS A 118 -20.77 -30.71 -7.24
C LYS A 118 -22.14 -30.21 -7.66
N GLN A 119 -23.19 -30.87 -7.19
CA GLN A 119 -24.54 -30.47 -7.53
C GLN A 119 -24.68 -28.97 -7.20
N TRP A 120 -24.48 -28.62 -5.94
CA TRP A 120 -24.56 -27.22 -5.50
C TRP A 120 -23.57 -26.44 -6.35
N ARG A 121 -22.31 -26.86 -6.26
CA ARG A 121 -21.19 -26.28 -6.95
C ARG A 121 -21.48 -25.81 -8.38
N ASP A 122 -22.04 -26.69 -9.20
CA ASP A 122 -22.35 -26.35 -10.59
C ASP A 122 -23.43 -25.28 -10.73
N ALA A 123 -24.34 -25.22 -9.77
CA ALA A 123 -25.43 -24.24 -9.79
C ALA A 123 -24.90 -22.85 -9.44
N CYS A 124 -24.27 -22.75 -8.28
CA CYS A 124 -23.70 -21.49 -7.82
C CYS A 124 -22.77 -20.91 -8.89
N ASP A 125 -21.85 -21.74 -9.35
CA ASP A 125 -20.87 -21.37 -10.36
C ASP A 125 -21.36 -20.50 -11.51
N SER A 126 -22.25 -21.06 -12.32
CA SER A 126 -22.78 -20.31 -13.46
C SER A 126 -23.90 -19.33 -13.08
N ALA A 127 -24.29 -19.36 -11.80
CA ALA A 127 -25.31 -18.44 -11.29
C ALA A 127 -24.51 -17.19 -10.93
N LEU A 128 -23.31 -17.41 -10.40
CA LEU A 128 -22.40 -16.34 -10.02
C LEU A 128 -21.77 -15.79 -11.29
N ARG A 129 -21.49 -16.69 -12.22
CA ARG A 129 -20.89 -16.31 -13.50
C ARG A 129 -21.74 -15.24 -14.18
N ALA A 130 -23.02 -15.19 -13.81
CA ALA A 130 -23.93 -14.21 -14.38
C ALA A 130 -23.75 -12.92 -13.60
N TYR A 131 -23.64 -13.05 -12.27
CA TYR A 131 -23.44 -11.92 -11.39
C TYR A 131 -22.21 -11.12 -11.84
N VAL A 132 -21.13 -11.87 -12.08
CA VAL A 132 -19.86 -11.29 -12.49
C VAL A 132 -19.92 -10.55 -13.82
N LYS A 133 -20.50 -11.19 -14.83
CA LYS A 133 -20.60 -10.55 -16.14
C LYS A 133 -21.40 -9.26 -16.05
N ASP A 134 -22.22 -9.14 -15.02
CA ASP A 134 -23.05 -7.95 -14.84
C ASP A 134 -22.38 -6.82 -14.07
N HIS A 135 -21.39 -7.14 -13.25
CA HIS A 135 -20.74 -6.11 -12.44
C HIS A 135 -19.23 -5.91 -12.59
N TYR A 136 -18.54 -6.89 -13.18
CA TYR A 136 -17.09 -6.76 -13.35
C TYR A 136 -16.67 -6.70 -14.81
N PRO A 137 -16.25 -5.52 -15.29
CA PRO A 137 -15.81 -5.25 -16.68
C PRO A 137 -14.89 -6.32 -17.27
N ASN A 138 -13.87 -6.70 -16.52
CA ASN A 138 -12.93 -7.71 -16.99
C ASN A 138 -12.79 -8.76 -15.91
N GLY A 139 -13.91 -9.15 -15.32
CA GLY A 139 -13.91 -10.12 -14.26
C GLY A 139 -13.99 -11.57 -14.69
N PHE A 140 -13.65 -12.45 -13.74
CA PHE A 140 -13.67 -13.89 -13.95
C PHE A 140 -13.99 -14.50 -12.60
N CYS A 141 -14.56 -15.70 -12.61
CA CYS A 141 -14.93 -16.36 -11.37
C CYS A 141 -14.66 -17.86 -11.41
N THR A 142 -14.49 -18.45 -10.23
CA THR A 142 -14.23 -19.87 -10.09
C THR A 142 -14.87 -20.34 -8.79
N VAL A 143 -15.80 -21.28 -8.91
CA VAL A 143 -16.47 -21.83 -7.74
C VAL A 143 -15.94 -23.21 -7.46
N TYR A 144 -15.55 -23.44 -6.22
CA TYR A 144 -15.01 -24.74 -5.83
C TYR A 144 -15.99 -25.51 -4.97
N GLY A 145 -16.18 -26.77 -5.34
CA GLY A 145 -17.06 -27.66 -4.60
C GLY A 145 -16.09 -28.58 -3.90
N LYS A 146 -16.12 -28.61 -2.57
CA LYS A 146 -15.17 -29.44 -1.85
C LYS A 146 -15.64 -29.86 -0.47
N SER A 147 -14.96 -30.88 0.07
CA SER A 147 -15.24 -31.41 1.39
C SER A 147 -14.12 -30.99 2.33
N ILE A 148 -14.46 -30.14 3.29
CA ILE A 148 -13.49 -29.65 4.27
C ILE A 148 -13.73 -30.31 5.63
N ASP A 149 -12.92 -31.33 5.93
CA ASP A 149 -13.00 -32.12 7.16
C ASP A 149 -14.42 -32.50 7.55
N GLY A 150 -15.11 -33.19 6.63
CA GLY A 150 -16.47 -33.63 6.87
C GLY A 150 -17.56 -32.73 6.33
N GLN A 151 -17.41 -31.43 6.51
CA GLN A 151 -18.42 -30.48 6.06
C GLN A 151 -18.30 -30.07 4.60
N GLN A 152 -19.45 -29.91 3.95
CA GLN A 152 -19.48 -29.51 2.55
C GLN A 152 -19.48 -28.01 2.45
N THR A 153 -18.68 -27.49 1.53
CA THR A 153 -18.56 -26.06 1.37
C THR A 153 -18.41 -25.62 -0.08
N ILE A 154 -19.05 -24.51 -0.41
CA ILE A 154 -18.95 -23.95 -1.74
C ILE A 154 -18.03 -22.74 -1.62
N ILE A 155 -17.00 -22.69 -2.47
CA ILE A 155 -16.08 -21.56 -2.41
C ILE A 155 -16.05 -20.85 -3.75
N ALA A 156 -16.63 -19.66 -3.78
CA ALA A 156 -16.66 -18.86 -4.98
C ALA A 156 -15.60 -17.77 -4.90
N CYS A 157 -14.76 -17.72 -5.91
CA CYS A 157 -13.70 -16.72 -5.96
C CYS A 157 -13.89 -15.82 -7.16
N ILE A 158 -13.86 -14.51 -6.93
CA ILE A 158 -14.04 -13.53 -7.99
C ILE A 158 -12.82 -12.62 -8.13
N GLU A 159 -12.39 -12.42 -9.37
CA GLU A 159 -11.24 -11.56 -9.64
C GLU A 159 -11.53 -10.61 -10.81
N SER A 160 -11.04 -9.39 -10.70
CA SER A 160 -11.22 -8.37 -11.72
C SER A 160 -10.02 -7.43 -11.67
N HIS A 161 -9.48 -7.07 -12.83
CA HIS A 161 -8.34 -6.17 -12.84
C HIS A 161 -8.22 -5.30 -14.09
N GLN A 162 -7.40 -4.27 -13.96
CA GLN A 162 -7.15 -3.33 -15.05
C GLN A 162 -5.69 -2.89 -14.90
N PHE A 163 -4.86 -3.25 -15.87
CA PHE A 163 -3.45 -2.89 -15.83
C PHE A 163 -3.05 -1.92 -16.94
N GLN A 164 -2.56 -0.74 -16.55
CA GLN A 164 -2.12 0.24 -17.52
C GLN A 164 -0.76 0.81 -17.11
N PRO A 165 0.28 -0.03 -17.14
CA PRO A 165 1.65 0.36 -16.79
C PRO A 165 2.19 1.57 -17.55
N LYS A 166 1.75 1.75 -18.78
CA LYS A 166 2.23 2.88 -19.56
C LYS A 166 1.70 4.18 -18.99
N ASN A 167 0.63 4.09 -18.20
CA ASN A 167 0.07 5.27 -17.56
C ASN A 167 0.30 5.21 -16.05
N PHE A 168 1.26 4.36 -15.67
CA PHE A 168 1.69 4.15 -14.29
C PHE A 168 0.63 3.81 -13.25
N TRP A 169 -0.24 2.84 -13.55
CA TRP A 169 -1.24 2.41 -12.59
C TRP A 169 -1.82 1.05 -12.90
N ASN A 170 -2.25 0.35 -11.86
CA ASN A 170 -2.83 -0.97 -11.95
C ASN A 170 -3.81 -1.12 -10.80
N GLY A 171 -4.80 -1.98 -10.99
CA GLY A 171 -5.78 -2.20 -9.94
C GLY A 171 -6.32 -3.62 -10.03
N ARG A 172 -6.89 -4.11 -8.94
CA ARG A 172 -7.45 -5.45 -8.93
C ARG A 172 -8.44 -5.62 -7.81
N TRP A 173 -9.48 -6.40 -8.08
CA TRP A 173 -10.50 -6.71 -7.11
C TRP A 173 -10.41 -8.20 -6.82
N ARG A 174 -10.61 -8.59 -5.57
CA ARG A 174 -10.58 -9.98 -5.17
C ARG A 174 -11.64 -10.19 -4.10
N SER A 175 -12.48 -11.19 -4.32
CA SER A 175 -13.52 -11.50 -3.36
C SER A 175 -13.58 -13.01 -3.20
N GLU A 176 -13.68 -13.46 -1.96
CA GLU A 176 -13.75 -14.88 -1.67
C GLU A 176 -14.88 -15.18 -0.71
N TRP A 177 -15.80 -16.04 -1.15
CA TRP A 177 -16.93 -16.41 -0.32
C TRP A 177 -16.94 -17.91 0.00
N LYS A 178 -16.92 -18.20 1.29
CA LYS A 178 -16.93 -19.58 1.77
C LYS A 178 -18.33 -19.90 2.28
N PHE A 179 -19.00 -20.85 1.65
CA PHE A 179 -20.34 -21.26 2.05
C PHE A 179 -20.31 -22.65 2.67
N THR A 180 -20.45 -22.70 3.99
CA THR A 180 -20.44 -23.96 4.73
C THR A 180 -21.89 -24.38 5.03
N ILE A 181 -22.31 -25.49 4.45
CA ILE A 181 -23.67 -25.98 4.61
C ILE A 181 -23.97 -26.85 5.82
N THR A 182 -25.02 -26.46 6.52
CA THR A 182 -25.47 -27.18 7.71
C THR A 182 -26.97 -26.99 7.77
N PRO A 183 -27.72 -27.69 6.89
CA PRO A 183 -29.19 -27.59 6.85
C PRO A 183 -29.80 -27.66 8.24
N PRO A 184 -30.94 -26.98 8.45
CA PRO A 184 -31.63 -26.20 7.41
C PRO A 184 -30.89 -24.92 6.99
N THR A 185 -30.47 -24.12 7.95
CA THR A 185 -29.76 -22.87 7.69
C THR A 185 -28.23 -22.97 7.85
N ALA A 186 -27.48 -22.38 6.92
CA ALA A 186 -26.02 -22.41 6.93
C ALA A 186 -25.35 -21.07 7.31
N GLN A 187 -24.03 -21.11 7.45
CA GLN A 187 -23.24 -19.93 7.82
C GLN A 187 -22.33 -19.47 6.68
N VAL A 188 -22.20 -18.16 6.53
CA VAL A 188 -21.38 -17.57 5.47
C VAL A 188 -20.13 -16.86 6.01
N ALA A 189 -19.06 -16.90 5.23
CA ALA A 189 -17.80 -16.27 5.61
C ALA A 189 -17.13 -15.77 4.34
N ALA A 190 -16.81 -14.47 4.31
CA ALA A 190 -16.17 -13.90 3.13
C ALA A 190 -15.19 -12.78 3.45
N VAL A 191 -14.46 -12.38 2.41
CA VAL A 191 -13.48 -11.32 2.50
C VAL A 191 -13.38 -10.64 1.14
N LEU A 192 -13.65 -9.34 1.14
CA LEU A 192 -13.59 -8.55 -0.09
C LEU A 192 -12.27 -7.78 -0.05
N LYS A 193 -11.60 -7.70 -1.20
CA LYS A 193 -10.31 -7.00 -1.27
C LYS A 193 -10.16 -6.12 -2.50
N ILE A 194 -9.56 -4.96 -2.30
CA ILE A 194 -9.31 -4.00 -3.37
C ILE A 194 -7.89 -3.46 -3.24
N GLN A 195 -7.20 -3.36 -4.36
CA GLN A 195 -5.86 -2.79 -4.34
C GLN A 195 -5.64 -1.99 -5.62
N VAL A 196 -5.23 -0.75 -5.46
CA VAL A 196 -4.95 0.14 -6.58
C VAL A 196 -3.59 0.77 -6.37
N HIS A 197 -2.83 0.91 -7.44
CA HIS A 197 -1.49 1.49 -7.36
C HIS A 197 -1.29 2.50 -8.49
N TYR A 198 -0.91 3.72 -8.11
CA TYR A 198 -0.62 4.80 -9.05
C TYR A 198 0.84 5.14 -8.77
N TYR A 199 1.68 5.15 -9.79
CA TYR A 199 3.09 5.42 -9.54
C TYR A 199 3.86 6.32 -10.49
N GLU A 200 3.19 7.32 -11.02
CA GLU A 200 3.90 8.28 -11.86
C GLU A 200 4.43 9.34 -10.89
N ASP A 201 5.74 9.39 -10.74
CA ASP A 201 6.40 10.36 -9.86
C ASP A 201 5.86 10.29 -8.44
N GLY A 202 5.67 9.07 -7.96
CA GLY A 202 5.15 8.85 -6.63
C GLY A 202 4.76 7.40 -6.43
N ASN A 203 4.14 7.13 -5.30
CA ASN A 203 3.68 5.78 -4.96
C ASN A 203 2.47 5.93 -4.09
N VAL A 204 1.29 5.79 -4.69
CA VAL A 204 0.04 5.95 -3.99
C VAL A 204 -0.74 4.64 -4.10
N GLN A 205 -1.30 4.18 -2.99
CA GLN A 205 -2.03 2.93 -3.05
C GLN A 205 -3.24 2.86 -2.17
N LEU A 206 -4.27 2.25 -2.74
CA LEU A 206 -5.48 2.02 -2.01
C LEU A 206 -5.40 0.55 -1.65
N VAL A 207 -5.44 0.27 -0.36
CA VAL A 207 -5.42 -1.11 0.12
C VAL A 207 -6.63 -1.16 1.05
N SER A 208 -7.59 -2.02 0.70
CA SER A 208 -8.80 -2.14 1.49
C SER A 208 -9.31 -3.58 1.46
N HIS A 209 -10.01 -3.97 2.51
CA HIS A 209 -10.59 -5.31 2.58
C HIS A 209 -11.70 -5.32 3.60
N LYS A 210 -12.71 -6.16 3.37
CA LYS A 210 -13.81 -6.27 4.31
C LYS A 210 -14.12 -7.72 4.60
N ASP A 211 -14.22 -8.04 5.88
CA ASP A 211 -14.52 -9.40 6.32
C ASP A 211 -15.97 -9.47 6.75
N ILE A 212 -16.72 -10.41 6.18
CA ILE A 212 -18.13 -10.56 6.52
C ILE A 212 -18.53 -12.00 6.84
N GLN A 213 -19.44 -12.13 7.79
CA GLN A 213 -19.96 -13.43 8.24
C GLN A 213 -21.48 -13.38 8.30
N ASP A 214 -22.14 -14.29 7.60
CA ASP A 214 -23.61 -14.31 7.57
C ASP A 214 -24.23 -15.69 7.84
N SER A 215 -25.49 -15.69 8.28
CA SER A 215 -26.23 -16.92 8.56
C SER A 215 -27.37 -17.04 7.54
N VAL A 216 -27.27 -18.00 6.64
CA VAL A 216 -28.26 -18.17 5.58
C VAL A 216 -29.09 -19.46 5.61
N GLN A 217 -30.37 -19.33 5.25
CA GLN A 217 -31.32 -20.45 5.19
C GLN A 217 -31.09 -21.28 3.91
N VAL A 218 -30.86 -22.59 4.05
CA VAL A 218 -30.60 -23.46 2.89
C VAL A 218 -31.79 -24.27 2.39
N SER A 219 -32.19 -24.01 1.16
CA SER A 219 -33.31 -24.69 0.52
C SER A 219 -32.86 -25.71 -0.54
N SER A 220 -33.21 -25.44 -1.80
CA SER A 220 -32.89 -26.31 -2.93
C SER A 220 -31.46 -26.17 -3.46
N ASP A 221 -31.28 -26.48 -4.74
CA ASP A 221 -29.97 -26.40 -5.40
C ASP A 221 -29.86 -25.12 -6.21
N VAL A 222 -30.83 -24.90 -7.09
CA VAL A 222 -30.86 -23.71 -7.93
C VAL A 222 -31.40 -22.55 -7.10
N GLN A 223 -32.07 -22.89 -6.00
CA GLN A 223 -32.64 -21.87 -5.12
C GLN A 223 -31.63 -21.28 -4.13
N THR A 224 -30.91 -22.12 -3.41
CA THR A 224 -29.93 -21.63 -2.45
C THR A 224 -28.84 -20.87 -3.18
N ALA A 225 -28.57 -21.28 -4.42
CA ALA A 225 -27.57 -20.63 -5.25
C ALA A 225 -27.93 -19.17 -5.47
N LYS A 226 -29.14 -18.93 -5.99
CA LYS A 226 -29.59 -17.58 -6.24
C LYS A 226 -29.70 -16.79 -4.94
N GLU A 227 -29.83 -17.51 -3.83
CA GLU A 227 -29.92 -16.87 -2.53
C GLU A 227 -28.53 -16.34 -2.19
N PHE A 228 -27.53 -17.12 -2.58
CA PHE A 228 -26.13 -16.77 -2.34
C PHE A 228 -25.72 -15.58 -3.21
N ILE A 229 -25.84 -15.77 -4.52
CA ILE A 229 -25.50 -14.71 -5.46
C ILE A 229 -26.16 -13.41 -5.03
N LYS A 230 -27.25 -13.54 -4.27
CA LYS A 230 -27.98 -12.37 -3.77
C LYS A 230 -27.26 -11.81 -2.55
N ILE A 231 -26.79 -12.70 -1.67
CA ILE A 231 -26.06 -12.30 -0.47
C ILE A 231 -24.86 -11.48 -0.92
N ILE A 232 -24.08 -12.10 -1.80
CA ILE A 232 -22.88 -11.51 -2.36
C ILE A 232 -23.14 -10.15 -3.01
N GLU A 233 -24.09 -10.13 -3.95
CA GLU A 233 -24.44 -8.90 -4.65
C GLU A 233 -24.72 -7.76 -3.68
N ASN A 234 -25.52 -8.02 -2.66
CA ASN A 234 -25.85 -6.99 -1.68
C ASN A 234 -24.67 -6.58 -0.81
N ALA A 235 -23.84 -7.55 -0.45
CA ALA A 235 -22.69 -7.27 0.40
C ALA A 235 -21.62 -6.49 -0.35
N GLU A 236 -21.37 -6.88 -1.60
CA GLU A 236 -20.34 -6.23 -2.40
C GLU A 236 -20.79 -4.84 -2.87
N ASN A 237 -22.10 -4.67 -3.08
CA ASN A 237 -22.61 -3.35 -3.50
C ASN A 237 -22.50 -2.42 -2.29
N GLU A 238 -22.75 -2.99 -1.11
CA GLU A 238 -22.68 -2.23 0.14
C GLU A 238 -21.23 -1.84 0.43
N TYR A 239 -20.31 -2.75 0.15
CA TYR A 239 -18.89 -2.50 0.36
C TYR A 239 -18.42 -1.40 -0.58
N GLN A 240 -18.71 -1.57 -1.87
CA GLN A 240 -18.34 -0.59 -2.87
C GLN A 240 -18.95 0.76 -2.52
N THR A 241 -20.22 0.74 -2.11
CA THR A 241 -20.92 1.97 -1.76
C THR A 241 -20.21 2.71 -0.62
N ALA A 242 -19.84 1.97 0.42
CA ALA A 242 -19.16 2.55 1.56
C ALA A 242 -17.80 3.13 1.15
N ILE A 243 -17.21 2.56 0.10
CA ILE A 243 -15.92 3.03 -0.40
C ILE A 243 -16.04 4.36 -1.16
N SER A 244 -17.05 4.49 -2.01
CA SER A 244 -17.23 5.73 -2.75
C SER A 244 -17.58 6.86 -1.78
N GLU A 245 -18.29 6.50 -0.70
CA GLU A 245 -18.66 7.46 0.31
C GLU A 245 -17.41 7.93 1.05
N ASN A 246 -16.57 6.97 1.43
CA ASN A 246 -15.33 7.28 2.12
C ASN A 246 -14.50 8.23 1.26
N TYR A 247 -14.46 7.96 -0.04
CA TYR A 247 -13.72 8.83 -0.96
C TYR A 247 -14.27 10.24 -0.89
N GLN A 248 -15.59 10.34 -0.82
CA GLN A 248 -16.25 11.62 -0.76
C GLN A 248 -15.88 12.41 0.48
N THR A 249 -15.93 11.78 1.64
CA THR A 249 -15.58 12.45 2.88
C THR A 249 -14.10 12.83 2.92
N MET A 250 -13.24 11.91 2.56
CA MET A 250 -11.81 12.18 2.55
C MET A 250 -11.52 13.42 1.72
N SER A 251 -12.15 13.53 0.55
CA SER A 251 -11.91 14.66 -0.32
C SER A 251 -12.58 15.97 0.08
N ASP A 252 -13.73 15.92 0.76
CA ASP A 252 -14.41 17.16 1.13
C ASP A 252 -14.31 17.54 2.61
N THR A 253 -13.73 16.66 3.42
CA THR A 253 -13.61 16.92 4.85
C THR A 253 -12.20 16.70 5.40
N THR A 254 -11.71 15.47 5.28
CA THR A 254 -10.38 15.15 5.81
C THR A 254 -9.26 15.90 5.10
N PHE A 255 -9.22 15.81 3.76
CA PHE A 255 -8.18 16.47 2.99
C PHE A 255 -8.12 17.98 3.25
N LYS A 256 -9.28 18.64 3.30
CA LYS A 256 -9.31 20.07 3.53
C LYS A 256 -8.89 20.44 4.95
N ALA A 257 -9.02 19.50 5.88
CA ALA A 257 -8.63 19.76 7.27
C ALA A 257 -7.12 19.64 7.43
N LEU A 258 -6.43 19.12 6.43
CA LEU A 258 -4.97 18.99 6.53
C LEU A 258 -4.28 20.29 6.15
N ARG A 259 -4.23 20.60 4.86
CA ARG A 259 -3.63 21.85 4.40
C ARG A 259 -4.65 22.67 3.62
N ARG A 260 -4.68 23.97 3.88
CA ARG A 260 -5.58 24.88 3.18
C ARG A 260 -5.07 24.99 1.77
N GLN A 261 -5.90 25.56 0.90
CA GLN A 261 -5.52 25.76 -0.48
C GLN A 261 -4.77 27.10 -0.54
N LEU A 262 -5.24 28.06 0.26
CA LEU A 262 -4.62 29.39 0.38
C LEU A 262 -4.50 29.76 1.86
N PRO A 263 -3.53 30.64 2.21
CA PRO A 263 -3.34 31.05 3.60
C PRO A 263 -4.56 31.68 4.22
N VAL A 264 -4.57 31.72 5.54
CA VAL A 264 -5.67 32.33 6.28
C VAL A 264 -5.76 33.79 5.81
N THR A 265 -4.61 34.40 5.55
CA THR A 265 -4.57 35.78 5.10
C THR A 265 -5.26 35.92 3.73
N ARG A 266 -5.57 34.77 3.13
CA ARG A 266 -6.25 34.71 1.83
C ARG A 266 -5.52 35.23 0.60
N THR A 267 -4.20 35.33 0.70
CA THR A 267 -3.36 35.77 -0.41
C THR A 267 -2.05 35.06 -0.18
N LYS A 268 -1.27 34.85 -1.23
CA LYS A 268 -0.01 34.17 -1.02
C LYS A 268 0.81 34.91 0.03
N ILE A 269 1.72 34.18 0.66
CA ILE A 269 2.55 34.73 1.71
C ILE A 269 3.49 35.86 1.32
N ASP A 270 3.57 36.84 2.20
CA ASP A 270 4.46 37.98 2.03
C ASP A 270 5.68 37.61 2.86
N TRP A 271 6.63 36.97 2.23
CA TRP A 271 7.83 36.53 2.90
C TRP A 271 8.68 37.63 3.52
N ASN A 272 8.64 38.83 2.92
CA ASN A 272 9.43 39.92 3.47
C ASN A 272 8.82 40.27 4.84
N LYS A 273 7.50 40.14 4.93
CA LYS A 273 6.80 40.42 6.17
C LYS A 273 7.06 39.35 7.23
N ILE A 274 7.19 38.10 6.80
CA ILE A 274 7.46 37.03 7.74
C ILE A 274 8.87 37.14 8.30
N LEU A 275 9.81 37.59 7.47
CA LEU A 275 11.20 37.70 7.87
C LEU A 275 11.58 38.88 8.76
N SER A 276 10.61 39.73 9.11
CA SER A 276 10.93 40.88 9.96
C SER A 276 9.83 41.29 10.95
N TYR A 277 8.64 41.56 10.43
CA TYR A 277 7.44 41.95 11.20
C TYR A 277 6.93 41.06 12.32
N LYS A 278 7.09 41.56 13.54
CA LYS A 278 6.78 40.84 14.77
C LYS A 278 5.78 41.51 15.72
N ILE A 279 5.09 40.67 16.48
CA ILE A 279 4.02 41.09 17.40
C ILE A 279 4.68 41.94 18.48
N GLY A 280 5.94 41.61 18.72
CA GLY A 280 6.75 42.21 19.76
C GLY A 280 7.89 41.22 19.85
N LYS A 281 9.07 41.63 19.38
CA LYS A 281 10.26 40.80 19.51
C LYS A 281 9.96 39.42 18.92
N SER B 2 26.55 -1.56 -7.91
CA SER B 2 25.64 -1.35 -6.75
C SER B 2 24.81 -0.07 -6.90
N ASP B 3 25.05 0.67 -7.98
CA ASP B 3 24.30 1.89 -8.23
C ASP B 3 22.98 1.44 -8.85
N GLN B 4 23.03 0.29 -9.53
CA GLN B 4 21.85 -0.28 -10.14
C GLN B 4 21.05 -0.85 -8.96
N GLN B 5 21.77 -1.23 -7.91
CA GLN B 5 21.14 -1.78 -6.72
C GLN B 5 20.32 -0.69 -6.05
N LEU B 6 20.93 0.47 -5.86
CA LEU B 6 20.24 1.58 -5.24
C LEU B 6 19.04 1.90 -6.13
N ASP B 7 19.26 1.93 -7.44
CA ASP B 7 18.18 2.20 -8.38
C ASP B 7 17.09 1.16 -8.17
N CYS B 8 17.49 -0.11 -8.04
CA CYS B 8 16.51 -1.18 -7.84
C CYS B 8 15.85 -1.05 -6.50
N ALA B 9 16.57 -0.56 -5.50
CA ALA B 9 16.01 -0.41 -4.17
C ALA B 9 14.93 0.67 -4.19
N LEU B 10 15.20 1.76 -4.90
CA LEU B 10 14.25 2.86 -5.00
C LEU B 10 13.01 2.46 -5.81
N ASP B 11 13.21 1.69 -6.87
CA ASP B 11 12.08 1.22 -7.69
C ASP B 11 11.18 0.35 -6.83
N LEU B 12 11.79 -0.52 -6.03
CA LEU B 12 11.03 -1.42 -5.17
C LEU B 12 10.15 -0.67 -4.18
N MET B 13 10.69 0.37 -3.55
CA MET B 13 9.94 1.16 -2.59
C MET B 13 8.83 1.96 -3.30
N ARG B 14 8.99 2.12 -4.60
CA ARG B 14 8.00 2.84 -5.38
C ARG B 14 6.85 1.87 -5.74
N ARG B 15 6.97 0.59 -5.34
CA ARG B 15 5.94 -0.41 -5.65
C ARG B 15 5.34 -1.12 -4.44
N LEU B 16 6.12 -1.37 -3.40
CA LEU B 16 5.57 -2.03 -2.23
C LEU B 16 4.63 -1.04 -1.56
N PRO B 17 3.61 -1.55 -0.85
CA PRO B 17 2.64 -0.70 -0.14
C PRO B 17 3.34 0.35 0.70
N PRO B 18 3.10 1.65 0.41
CA PRO B 18 3.75 2.70 1.19
C PRO B 18 3.35 2.63 2.67
N GLN B 19 2.24 1.98 2.95
CA GLN B 19 1.77 1.83 4.33
C GLN B 19 2.81 1.10 5.21
N GLN B 20 3.66 0.27 4.61
CA GLN B 20 4.67 -0.46 5.37
C GLN B 20 6.10 -0.03 5.05
N ILE B 21 6.29 1.24 4.68
CA ILE B 21 7.62 1.71 4.34
C ILE B 21 8.64 1.40 5.42
N GLU B 22 8.28 1.66 6.68
CA GLU B 22 9.19 1.41 7.81
C GLU B 22 9.70 -0.02 7.92
N LYS B 23 8.78 -0.99 7.98
CA LYS B 23 9.19 -2.39 8.05
C LYS B 23 9.95 -2.80 6.79
N ASN B 24 9.45 -2.45 5.62
CA ASN B 24 10.12 -2.82 4.37
C ASN B 24 11.51 -2.22 4.18
N LEU B 25 11.69 -0.96 4.60
CA LEU B 25 12.98 -0.29 4.44
C LEU B 25 14.02 -0.99 5.32
N SER B 26 13.59 -1.36 6.51
CA SER B 26 14.43 -2.06 7.45
C SER B 26 14.87 -3.39 6.85
N ASP B 27 13.90 -4.13 6.29
CA ASP B 27 14.20 -5.41 5.66
C ASP B 27 15.11 -5.21 4.48
N LEU B 28 14.85 -4.14 3.72
CA LEU B 28 15.66 -3.83 2.55
C LEU B 28 17.11 -3.64 2.98
N ILE B 29 17.31 -3.01 4.14
CA ILE B 29 18.66 -2.77 4.64
C ILE B 29 19.30 -4.10 5.10
N ASP B 30 18.49 -4.98 5.69
CA ASP B 30 18.98 -6.30 6.12
C ASP B 30 19.53 -7.01 4.90
N LEU B 31 18.79 -6.91 3.80
CA LEU B 31 19.14 -7.53 2.54
C LEU B 31 20.40 -6.94 1.91
N VAL B 32 20.58 -5.62 2.03
CA VAL B 32 21.75 -4.96 1.46
C VAL B 32 22.34 -3.92 2.42
N PRO B 33 22.93 -4.39 3.54
CA PRO B 33 23.54 -3.55 4.59
C PRO B 33 24.51 -2.45 4.15
N SER B 34 25.11 -2.59 2.97
CA SER B 34 26.05 -1.58 2.51
C SER B 34 25.33 -0.34 1.99
N LEU B 35 24.05 -0.49 1.68
CA LEU B 35 23.25 0.61 1.15
C LEU B 35 22.47 1.34 2.24
N CYS B 36 22.68 0.95 3.50
CA CYS B 36 21.98 1.54 4.62
C CYS B 36 21.97 3.05 4.66
N GLU B 37 23.14 3.67 4.54
CA GLU B 37 23.23 5.11 4.57
C GLU B 37 22.52 5.74 3.38
N ASP B 38 22.74 5.19 2.18
CA ASP B 38 22.13 5.71 0.96
C ASP B 38 20.60 5.60 0.98
N LEU B 39 20.08 4.54 1.59
CA LEU B 39 18.64 4.34 1.64
C LEU B 39 17.99 5.21 2.69
N LEU B 40 18.64 5.37 3.83
CA LEU B 40 18.09 6.21 4.86
C LEU B 40 17.99 7.65 4.37
N SER B 41 18.82 8.03 3.42
CA SER B 41 18.76 9.40 2.95
C SER B 41 17.89 9.58 1.70
N SER B 42 17.74 8.53 0.91
CA SER B 42 16.94 8.65 -0.31
C SER B 42 15.50 8.13 -0.22
N VAL B 43 15.20 7.32 0.79
CA VAL B 43 13.85 6.77 0.95
C VAL B 43 13.04 7.54 1.99
N ASP B 44 12.03 8.26 1.51
CA ASP B 44 11.17 9.05 2.39
C ASP B 44 10.30 8.13 3.23
N GLN B 45 10.24 8.40 4.53
CA GLN B 45 9.39 7.60 5.39
C GLN B 45 8.47 8.48 6.23
N PRO B 46 7.33 7.92 6.66
CA PRO B 46 6.38 8.68 7.49
C PRO B 46 7.19 9.46 8.52
N LEU B 47 6.83 10.72 8.74
CA LEU B 47 7.57 11.55 9.69
C LEU B 47 7.26 11.21 11.15
N LYS B 48 8.31 11.05 11.93
CA LYS B 48 8.20 10.75 13.36
C LYS B 48 8.40 12.03 14.18
N ILE B 49 7.64 12.15 15.25
CA ILE B 49 7.72 13.30 16.15
C ILE B 49 8.53 12.89 17.36
N ALA B 50 9.32 13.84 17.86
CA ALA B 50 10.15 13.64 19.04
C ALA B 50 9.90 14.86 19.93
N ARG B 51 10.07 14.68 21.24
CA ARG B 51 9.83 15.79 22.14
C ARG B 51 11.12 16.38 22.67
N ASP B 52 11.25 17.69 22.52
CA ASP B 52 12.43 18.38 23.05
C ASP B 52 11.98 18.71 24.46
N LYS B 53 12.58 18.03 25.43
CA LYS B 53 12.23 18.21 26.84
C LYS B 53 12.64 19.57 27.41
N VAL B 54 13.86 20.02 27.11
CA VAL B 54 14.33 21.29 27.65
C VAL B 54 13.48 22.49 27.22
N VAL B 55 12.91 22.42 26.01
CA VAL B 55 12.10 23.50 25.49
C VAL B 55 10.59 23.19 25.51
N GLY B 56 10.25 21.93 25.72
CA GLY B 56 8.85 21.55 25.76
C GLY B 56 8.16 21.69 24.41
N LYS B 57 8.88 21.33 23.34
CA LYS B 57 8.33 21.43 21.99
C LYS B 57 8.70 20.24 21.12
N ASP B 58 7.76 19.82 20.28
CA ASP B 58 7.99 18.69 19.38
C ASP B 58 8.82 19.14 18.20
N TYR B 59 9.51 18.19 17.58
CA TYR B 59 10.31 18.44 16.40
C TYR B 59 10.20 17.16 15.59
N LEU B 60 10.49 17.25 14.30
CA LEU B 60 10.38 16.10 13.41
C LEU B 60 11.71 15.43 13.11
N LEU B 61 11.66 14.12 12.91
CA LEU B 61 12.87 13.35 12.63
C LEU B 61 13.05 12.99 11.17
N CYS B 62 14.29 13.06 10.71
CA CYS B 62 14.66 12.69 9.35
C CYS B 62 16.15 12.38 9.33
N ASP B 63 16.62 11.83 8.22
CA ASP B 63 18.02 11.47 8.09
C ASP B 63 18.93 12.69 8.21
N TYR B 64 18.42 13.86 7.85
CA TYR B 64 19.21 15.08 7.88
C TYR B 64 19.53 15.73 9.22
N ASN B 65 18.85 15.31 10.29
CA ASN B 65 19.16 15.85 11.61
C ASN B 65 19.60 14.69 12.50
N ARG B 66 19.97 13.60 11.85
CA ARG B 66 20.41 12.38 12.53
C ARG B 66 21.92 12.20 12.52
N ASP B 67 22.44 11.69 13.62
CA ASP B 67 23.87 11.39 13.71
C ASP B 67 23.92 10.07 14.48
N GLY B 68 24.27 9.00 13.77
CA GLY B 68 24.28 7.69 14.39
C GLY B 68 22.85 7.32 14.79
N ASP B 69 22.64 7.04 16.07
CA ASP B 69 21.33 6.66 16.58
C ASP B 69 20.58 7.80 17.29
N SER B 70 21.10 9.03 17.17
CA SER B 70 20.47 10.19 17.81
C SER B 70 20.01 11.25 16.79
N TYR B 71 19.11 12.12 17.23
CA TYR B 71 18.61 13.19 16.38
C TYR B 71 18.77 14.55 17.06
N ARG B 72 19.06 15.57 16.27
CA ARG B 72 19.27 16.92 16.78
C ARG B 72 17.99 17.74 16.78
N SER B 73 17.66 18.32 17.94
CA SER B 73 16.48 19.17 18.03
C SER B 73 16.77 20.52 17.38
N PRO B 74 15.81 21.05 16.61
CA PRO B 74 16.03 22.34 15.96
C PRO B 74 15.82 23.49 16.94
N TRP B 75 15.26 23.16 18.10
CA TRP B 75 15.00 24.16 19.12
C TRP B 75 16.19 24.39 20.04
N SER B 76 16.68 23.32 20.66
CA SER B 76 17.80 23.44 21.60
C SER B 76 19.16 23.10 20.98
N ASN B 77 19.15 22.68 19.73
CA ASN B 77 20.37 22.32 19.02
C ASN B 77 21.14 21.23 19.77
N LYS B 78 20.40 20.35 20.44
CA LYS B 78 20.98 19.25 21.21
C LYS B 78 20.48 17.90 20.68
N TYR B 79 21.32 16.87 20.84
CA TYR B 79 20.98 15.51 20.39
C TYR B 79 20.27 14.66 21.42
N ASP B 80 19.37 13.81 20.93
CA ASP B 80 18.63 12.90 21.79
C ASP B 80 18.42 11.60 21.03
N PRO B 81 18.79 10.46 21.64
CA PRO B 81 19.42 10.41 22.96
C PRO B 81 20.73 11.19 22.98
N PRO B 82 21.21 11.60 24.17
CA PRO B 82 22.45 12.35 24.32
C PRO B 82 23.70 11.79 23.65
N LEU B 83 24.43 12.67 22.96
CA LEU B 83 25.67 12.35 22.26
C LEU B 83 26.75 13.28 22.79
N GLU B 84 28.00 12.91 22.59
CA GLU B 84 29.12 13.73 23.06
C GLU B 84 29.56 14.82 22.08
N ASP B 85 29.94 14.41 20.87
CA ASP B 85 30.40 15.35 19.84
C ASP B 85 29.59 15.23 18.55
N GLY B 86 28.27 15.33 18.67
CA GLY B 86 27.41 15.22 17.50
C GLY B 86 27.61 16.31 16.46
N ALA B 87 27.35 15.96 15.20
CA ALA B 87 27.49 16.90 14.11
C ALA B 87 26.55 18.10 14.31
N MET B 88 27.12 19.31 14.24
CA MET B 88 26.37 20.54 14.43
C MET B 88 26.63 21.51 13.30
N PRO B 89 25.64 22.34 12.97
CA PRO B 89 25.93 23.27 11.88
C PRO B 89 26.88 24.32 12.48
N SER B 90 27.53 25.10 11.63
CA SER B 90 28.42 26.15 12.14
C SER B 90 27.54 27.16 12.90
N ALA B 91 28.16 27.96 13.75
CA ALA B 91 27.41 28.96 14.52
C ALA B 91 26.62 29.90 13.62
N ARG B 92 27.23 30.28 12.49
CA ARG B 92 26.59 31.16 11.53
C ARG B 92 25.44 30.51 10.76
N LEU B 93 25.58 29.22 10.43
CA LEU B 93 24.52 28.50 9.74
C LEU B 93 23.41 28.22 10.76
N ARG B 94 23.79 27.90 11.98
CA ARG B 94 22.81 27.64 13.05
C ARG B 94 21.87 28.85 13.19
N LYS B 95 22.44 30.06 13.13
CA LYS B 95 21.63 31.27 13.26
C LYS B 95 20.60 31.34 12.12
N LEU B 96 21.03 31.06 10.90
CA LEU B 96 20.14 31.05 9.76
C LEU B 96 19.10 29.93 9.94
N GLU B 97 19.52 28.84 10.58
CA GLU B 97 18.63 27.70 10.81
C GLU B 97 17.52 28.10 11.77
N VAL B 98 17.87 28.89 12.77
CA VAL B 98 16.91 29.34 13.76
C VAL B 98 15.87 30.21 13.06
N GLU B 99 16.36 31.12 12.23
CA GLU B 99 15.49 32.00 11.47
C GLU B 99 14.62 31.24 10.46
N ALA B 100 15.16 30.20 9.83
CA ALA B 100 14.37 29.41 8.88
C ALA B 100 13.25 28.68 9.65
N ASN B 101 13.57 28.14 10.81
CA ASN B 101 12.55 27.47 11.61
C ASN B 101 11.44 28.43 11.99
N ASN B 102 11.81 29.64 12.39
CA ASN B 102 10.80 30.61 12.77
C ASN B 102 9.92 31.02 11.59
N ALA B 103 10.53 31.24 10.43
CA ALA B 103 9.79 31.62 9.23
C ALA B 103 8.81 30.53 8.79
N PHE B 104 9.27 29.28 8.80
CA PHE B 104 8.40 28.18 8.40
C PHE B 104 7.34 27.80 9.42
N ASP B 105 7.57 28.19 10.67
CA ASP B 105 6.58 27.98 11.72
C ASP B 105 5.38 28.84 11.34
N GLN B 106 5.66 30.07 10.89
CA GLN B 106 4.61 30.99 10.48
C GLN B 106 3.96 30.44 9.21
N TYR B 107 4.79 29.98 8.29
CA TYR B 107 4.30 29.39 7.03
C TYR B 107 3.35 28.22 7.37
N ARG B 108 3.76 27.37 8.29
CA ARG B 108 2.96 26.22 8.69
C ARG B 108 1.59 26.64 9.28
N ASP B 109 1.62 27.58 10.21
CA ASP B 109 0.39 28.05 10.83
C ASP B 109 -0.56 28.68 9.82
N LEU B 110 -0.01 29.42 8.86
CA LEU B 110 -0.80 30.09 7.83
C LEU B 110 -1.49 29.16 6.84
N TYR B 111 -0.81 28.08 6.47
CA TYR B 111 -1.37 27.11 5.52
C TYR B 111 -1.98 25.85 6.15
N PHE B 112 -1.48 25.42 7.30
CA PHE B 112 -1.97 24.20 7.95
C PHE B 112 -2.72 24.45 9.25
N GLU B 113 -2.61 25.67 9.79
CA GLU B 113 -3.26 26.03 11.05
C GLU B 113 -3.03 25.00 12.15
N GLY B 114 -1.79 24.53 12.28
CA GLY B 114 -1.49 23.56 13.31
C GLY B 114 -0.37 22.65 12.83
N GLY B 115 -0.23 21.49 13.45
CA GLY B 115 0.82 20.56 13.04
C GLY B 115 2.17 20.97 13.58
N VAL B 116 3.22 20.34 13.07
CA VAL B 116 4.59 20.61 13.51
C VAL B 116 5.49 20.83 12.30
N SER B 117 6.51 21.68 12.45
CA SER B 117 7.46 21.91 11.37
C SER B 117 8.88 21.89 11.94
N SER B 118 9.85 21.58 11.10
CA SER B 118 11.24 21.53 11.53
C SER B 118 12.11 21.76 10.30
N VAL B 119 13.14 22.59 10.45
CA VAL B 119 14.06 22.90 9.36
C VAL B 119 15.47 22.61 9.86
N TYR B 120 16.24 21.91 9.04
CA TYR B 120 17.61 21.60 9.39
C TYR B 120 18.44 21.99 8.19
N LEU B 121 19.58 22.64 8.44
CA LEU B 121 20.45 23.08 7.37
C LEU B 121 21.84 22.45 7.51
N TRP B 122 22.60 22.49 6.42
CA TRP B 122 23.97 21.99 6.42
C TRP B 122 24.75 22.69 5.32
N ASP B 123 26.04 22.92 5.55
CA ASP B 123 26.88 23.59 4.57
C ASP B 123 27.36 22.66 3.45
N LEU B 124 27.57 23.26 2.28
CA LEU B 124 28.06 22.52 1.12
C LEU B 124 29.35 23.22 0.70
N ASP B 125 30.00 22.73 -0.35
CA ASP B 125 31.24 23.33 -0.83
C ASP B 125 31.10 24.78 -1.28
N HIS B 126 30.13 25.05 -2.16
CA HIS B 126 29.91 26.41 -2.63
C HIS B 126 28.47 26.87 -2.41
N GLY B 127 27.92 26.49 -1.26
CA GLY B 127 26.57 26.88 -0.94
C GLY B 127 26.13 26.15 0.32
N PHE B 128 24.85 25.84 0.40
CA PHE B 128 24.34 25.11 1.54
C PHE B 128 23.04 24.41 1.15
N ALA B 129 22.56 23.53 2.03
CA ALA B 129 21.33 22.81 1.75
C ALA B 129 20.49 22.79 3.01
N GLY B 130 19.25 22.37 2.87
CA GLY B 130 18.37 22.31 4.02
C GLY B 130 17.18 21.42 3.73
N VAL B 131 16.50 21.00 4.80
CA VAL B 131 15.31 20.20 4.65
C VAL B 131 14.24 20.88 5.47
N ILE B 132 13.05 21.00 4.90
CA ILE B 132 11.91 21.59 5.59
C ILE B 132 10.91 20.46 5.81
N LEU B 133 10.58 20.22 7.07
CA LEU B 133 9.66 19.15 7.43
C LEU B 133 8.38 19.70 8.02
N ILE B 134 7.24 19.18 7.56
CA ILE B 134 5.95 19.60 8.07
C ILE B 134 5.05 18.39 8.25
N LYS B 135 4.42 18.30 9.41
CA LYS B 135 3.52 17.20 9.68
C LYS B 135 2.24 17.78 10.25
N LYS B 136 1.11 17.38 9.68
CA LYS B 136 -0.20 17.84 10.14
C LYS B 136 -1.18 16.66 10.13
N ALA B 137 -1.70 16.34 11.30
CA ALA B 137 -2.67 15.25 11.48
C ALA B 137 -4.04 15.87 11.75
N GLY B 138 -5.08 15.31 11.13
CA GLY B 138 -6.41 15.86 11.31
C GLY B 138 -7.13 15.50 12.60
N ASP B 139 -8.40 15.87 12.68
CA ASP B 139 -9.26 15.60 13.84
C ASP B 139 -9.20 14.15 14.27
N GLY B 140 -8.63 13.90 15.45
CA GLY B 140 -8.53 12.54 15.94
C GLY B 140 -9.86 11.97 16.38
N SER B 141 -10.91 12.79 16.33
CA SER B 141 -12.25 12.37 16.74
C SER B 141 -13.11 11.87 15.59
N LYS B 142 -12.69 12.12 14.36
CA LYS B 142 -13.47 11.70 13.21
C LYS B 142 -13.19 10.29 12.69
N LYS B 143 -14.25 9.67 12.18
CA LYS B 143 -14.22 8.32 11.63
C LYS B 143 -13.03 8.11 10.69
N ILE B 144 -12.70 9.15 9.93
CA ILE B 144 -11.60 9.06 8.98
C ILE B 144 -10.37 9.85 9.46
N LYS B 145 -9.25 9.15 9.54
CA LYS B 145 -7.98 9.75 9.97
C LYS B 145 -7.17 10.19 8.74
N GLY B 146 -6.43 11.27 8.90
CA GLY B 146 -5.64 11.80 7.80
C GLY B 146 -4.36 12.42 8.33
N CYS B 147 -3.30 12.34 7.53
CA CYS B 147 -2.01 12.91 7.92
C CYS B 147 -1.24 13.35 6.68
N TRP B 148 -0.68 14.55 6.78
CA TRP B 148 0.09 15.14 5.70
C TRP B 148 1.53 15.29 6.17
N ASP B 149 2.46 14.77 5.37
CA ASP B 149 3.88 14.86 5.67
C ASP B 149 4.55 15.61 4.54
N SER B 150 5.17 16.74 4.84
CA SER B 150 5.90 17.49 3.82
C SER B 150 7.40 17.27 4.02
N ILE B 151 8.11 16.96 2.95
CA ILE B 151 9.55 16.74 3.03
C ILE B 151 10.18 17.51 1.87
N HIS B 152 10.72 18.68 2.16
CA HIS B 152 11.34 19.55 1.15
C HIS B 152 12.85 19.59 1.33
N VAL B 153 13.59 19.23 0.30
CA VAL B 153 15.04 19.28 0.39
C VAL B 153 15.49 20.29 -0.67
N VAL B 154 16.15 21.34 -0.21
CA VAL B 154 16.61 22.38 -1.12
C VAL B 154 18.12 22.52 -1.09
N GLU B 155 18.70 22.70 -2.27
CA GLU B 155 20.13 22.87 -2.43
C GLU B 155 20.33 24.26 -2.99
N VAL B 156 21.16 25.05 -2.34
CA VAL B 156 21.43 26.40 -2.78
C VAL B 156 22.85 26.58 -3.28
N GLN B 157 22.99 26.92 -4.56
CA GLN B 157 24.28 27.13 -5.19
C GLN B 157 24.50 28.64 -5.21
N GLU B 158 25.43 29.11 -4.37
CA GLU B 158 25.73 30.52 -4.30
C GLU B 158 26.71 30.93 -5.38
N LYS B 159 26.46 32.08 -6.00
CA LYS B 159 27.34 32.58 -7.05
C LYS B 159 28.37 33.56 -6.50
N SER B 160 29.63 33.34 -6.88
CA SER B 160 30.73 34.19 -6.44
C SER B 160 30.37 35.65 -6.62
N SER B 161 30.10 36.01 -7.87
CA SER B 161 29.72 37.38 -8.20
C SER B 161 28.25 37.42 -8.60
N GLY B 162 27.49 38.31 -7.98
CA GLY B 162 26.09 38.44 -8.37
C GLY B 162 24.99 38.53 -7.33
N ARG B 163 25.03 37.67 -6.32
CA ARG B 163 23.95 37.63 -5.34
C ARG B 163 22.69 37.37 -6.17
N THR B 164 22.76 36.19 -6.76
CA THR B 164 21.76 35.59 -7.59
C THR B 164 22.23 34.19 -7.22
N ALA B 165 21.31 33.28 -6.95
CA ALA B 165 21.74 31.95 -6.55
C ALA B 165 20.94 30.92 -7.32
N HIS B 166 21.45 29.69 -7.33
CA HIS B 166 20.74 28.63 -8.01
C HIS B 166 20.07 27.79 -6.94
N TYR B 167 18.75 27.63 -7.06
CA TYR B 167 18.01 26.84 -6.10
C TYR B 167 17.47 25.59 -6.76
N LYS B 168 17.67 24.45 -6.10
CA LYS B 168 17.17 23.16 -6.59
C LYS B 168 16.32 22.60 -5.45
N LEU B 169 15.02 22.48 -5.69
CA LEU B 169 14.09 21.98 -4.68
C LEU B 169 13.46 20.65 -5.10
N THR B 170 13.61 19.64 -4.25
CA THR B 170 13.02 18.34 -4.51
C THR B 170 12.06 18.16 -3.35
N SER B 171 10.77 18.08 -3.67
CA SER B 171 9.73 17.98 -2.67
C SER B 171 8.86 16.73 -2.74
N THR B 172 8.52 16.19 -1.57
CA THR B 172 7.65 15.03 -1.48
C THR B 172 6.58 15.30 -0.44
N VAL B 173 5.34 15.05 -0.81
CA VAL B 173 4.26 15.18 0.13
C VAL B 173 3.70 13.76 0.30
N MET B 174 3.67 13.30 1.54
CA MET B 174 3.13 11.99 1.85
C MET B 174 1.75 12.24 2.46
N LEU B 175 0.73 11.69 1.83
CA LEU B 175 -0.64 11.86 2.30
C LEU B 175 -1.21 10.50 2.67
N TRP B 176 -1.61 10.38 3.94
CA TRP B 176 -2.15 9.15 4.50
C TRP B 176 -3.60 9.35 4.95
N LEU B 177 -4.47 8.45 4.49
CA LEU B 177 -5.89 8.50 4.84
C LEU B 177 -6.28 7.07 5.25
N GLN B 178 -6.99 6.95 6.36
CA GLN B 178 -7.40 5.63 6.86
C GLN B 178 -8.74 5.69 7.57
N THR B 179 -9.50 4.60 7.47
CA THR B 179 -10.80 4.51 8.13
C THR B 179 -11.15 3.05 8.49
N ASN B 180 -11.73 2.88 9.67
CA ASN B 180 -12.17 1.58 10.17
C ASN B 180 -13.66 1.68 10.44
N LYS B 181 -14.45 1.68 9.37
CA LYS B 181 -15.90 1.76 9.50
C LYS B 181 -16.57 0.47 9.04
N THR B 182 -17.61 0.07 9.76
CA THR B 182 -18.37 -1.13 9.47
C THR B 182 -18.52 -1.41 7.97
N GLY B 183 -19.19 -0.48 7.28
CA GLY B 183 -19.43 -0.63 5.86
C GLY B 183 -18.22 -0.75 4.95
N SER B 184 -17.07 -0.25 5.37
CA SER B 184 -15.88 -0.32 4.53
C SER B 184 -14.79 -1.23 5.09
N GLY B 185 -14.99 -1.73 6.30
CA GLY B 185 -13.98 -2.58 6.91
C GLY B 185 -12.77 -1.68 7.11
N THR B 186 -11.62 -2.08 6.59
CA THR B 186 -10.44 -1.24 6.71
C THR B 186 -10.11 -0.70 5.33
N MET B 187 -10.06 0.62 5.22
CA MET B 187 -9.74 1.27 3.96
C MET B 187 -8.54 2.20 4.19
N ASN B 188 -7.47 1.95 3.47
CA ASN B 188 -6.26 2.75 3.60
C ASN B 188 -5.85 3.32 2.25
N LEU B 189 -5.86 4.63 2.14
CA LEU B 189 -5.47 5.30 0.90
C LEU B 189 -4.26 6.15 1.26
N GLY B 190 -3.07 5.70 0.85
CA GLY B 190 -1.89 6.45 1.23
C GLY B 190 -0.72 6.38 0.27
N GLY B 191 0.34 7.08 0.63
CA GLY B 191 1.53 7.10 -0.21
C GLY B 191 2.04 8.52 -0.36
N SER B 192 2.58 8.82 -1.53
CA SER B 192 3.15 10.15 -1.72
C SER B 192 3.41 10.47 -3.16
N LEU B 193 3.63 11.76 -3.43
CA LEU B 193 3.93 12.26 -4.75
C LEU B 193 5.18 13.14 -4.62
N THR B 194 6.05 13.09 -5.63
CA THR B 194 7.28 13.86 -5.59
C THR B 194 7.39 14.75 -6.81
N ARG B 195 7.89 15.95 -6.60
CA ARG B 195 8.07 16.89 -7.69
C ARG B 195 9.40 17.58 -7.48
N GLN B 196 10.03 18.00 -8.57
CA GLN B 196 11.31 18.69 -8.49
C GLN B 196 11.25 19.99 -9.26
N MET B 197 12.04 20.97 -8.82
CA MET B 197 12.04 22.28 -9.44
C MET B 197 13.42 22.91 -9.25
N GLU B 198 13.84 23.69 -10.24
CA GLU B 198 15.13 24.38 -10.21
C GLU B 198 14.93 25.78 -10.77
N LYS B 199 15.59 26.76 -10.17
CA LYS B 199 15.45 28.14 -10.63
C LYS B 199 16.62 29.04 -10.20
N ASP B 200 16.97 29.97 -11.08
CA ASP B 200 18.03 30.93 -10.78
C ASP B 200 17.26 32.11 -10.22
N GLU B 201 17.75 32.69 -9.14
CA GLU B 201 17.03 33.78 -8.51
C GLU B 201 17.92 34.85 -7.88
N THR B 202 17.40 36.08 -7.87
CA THR B 202 18.12 37.20 -7.28
C THR B 202 18.04 37.10 -5.76
N VAL B 203 19.17 37.34 -5.10
CA VAL B 203 19.21 37.32 -3.64
C VAL B 203 19.56 38.75 -3.22
N SER B 204 18.69 39.35 -2.41
CA SER B 204 18.87 40.72 -1.95
C SER B 204 18.37 40.87 -0.52
N ASP B 205 18.51 42.06 0.05
CA ASP B 205 18.07 42.32 1.41
C ASP B 205 16.54 42.17 1.54
N SER B 206 15.81 42.52 0.49
CA SER B 206 14.36 42.41 0.51
C SER B 206 13.92 41.00 0.09
N SER B 207 14.82 40.26 -0.54
CA SER B 207 14.51 38.91 -0.97
C SER B 207 15.68 37.97 -0.67
N PRO B 208 15.96 37.74 0.62
CA PRO B 208 17.05 36.86 1.06
C PRO B 208 16.77 35.37 0.79
N HIS B 209 17.74 34.54 1.14
CA HIS B 209 17.61 33.10 0.94
C HIS B 209 16.30 32.48 1.45
N ILE B 210 15.90 32.82 2.66
CA ILE B 210 14.69 32.24 3.23
C ILE B 210 13.46 32.63 2.42
N ALA B 211 13.38 33.88 1.97
CA ALA B 211 12.24 34.30 1.18
C ALA B 211 12.20 33.50 -0.13
N ASN B 212 13.36 33.32 -0.77
CA ASN B 212 13.38 32.59 -2.04
C ASN B 212 13.01 31.12 -1.84
N ILE B 213 13.54 30.51 -0.78
CA ILE B 213 13.23 29.12 -0.48
C ILE B 213 11.74 29.03 -0.13
N GLY B 214 11.26 29.97 0.69
CA GLY B 214 9.87 30.00 1.08
C GLY B 214 8.91 30.06 -0.10
N ARG B 215 9.19 30.96 -1.05
CA ARG B 215 8.35 31.10 -2.24
C ARG B 215 8.34 29.82 -3.06
N LEU B 216 9.49 29.17 -3.16
CA LEU B 216 9.57 27.91 -3.90
C LEU B 216 8.77 26.81 -3.18
N VAL B 217 8.95 26.70 -1.87
CA VAL B 217 8.22 25.71 -1.09
C VAL B 217 6.70 25.91 -1.24
N GLU B 218 6.26 27.16 -1.06
CA GLU B 218 4.85 27.52 -1.17
C GLU B 218 4.27 27.15 -2.53
N ASP B 219 4.96 27.54 -3.60
CA ASP B 219 4.48 27.23 -4.95
C ASP B 219 4.43 25.72 -5.15
N MET B 220 5.48 25.05 -4.67
CA MET B 220 5.59 23.61 -4.79
C MET B 220 4.42 22.92 -4.06
N GLU B 221 4.19 23.28 -2.80
CA GLU B 221 3.11 22.66 -2.05
C GLU B 221 1.73 22.96 -2.61
N ASN B 222 1.52 24.15 -3.14
CA ASN B 222 0.22 24.48 -3.72
C ASN B 222 -0.04 23.61 -4.95
N LYS B 223 1.01 23.37 -5.72
CA LYS B 223 0.91 22.54 -6.91
C LYS B 223 0.70 21.07 -6.55
N ILE B 224 1.45 20.59 -5.57
CA ILE B 224 1.32 19.20 -5.15
C ILE B 224 -0.03 18.95 -4.48
N ARG B 225 -0.59 19.95 -3.81
CA ARG B 225 -1.89 19.79 -3.16
C ARG B 225 -2.97 19.52 -4.21
N SER B 226 -2.87 20.21 -5.35
CA SER B 226 -3.84 20.05 -6.44
C SER B 226 -3.70 18.66 -7.06
N THR B 227 -2.47 18.25 -7.30
CA THR B 227 -2.19 16.95 -7.89
C THR B 227 -2.65 15.83 -6.96
N LEU B 228 -2.44 16.02 -5.66
CA LEU B 228 -2.86 15.02 -4.66
C LEU B 228 -4.37 14.85 -4.72
N ASN B 229 -5.08 15.96 -4.72
CA ASN B 229 -6.54 15.93 -4.78
C ASN B 229 -6.97 15.17 -6.03
N GLU B 230 -6.35 15.48 -7.16
CA GLU B 230 -6.66 14.82 -8.42
C GLU B 230 -6.37 13.31 -8.39
N ILE B 231 -5.14 12.95 -8.05
CA ILE B 231 -4.74 11.54 -8.02
C ILE B 231 -5.48 10.70 -6.99
N TYR B 232 -5.46 11.13 -5.73
CA TYR B 232 -6.11 10.36 -4.67
C TYR B 232 -7.63 10.22 -4.81
N PHE B 233 -8.33 11.36 -4.88
CA PHE B 233 -9.77 11.37 -4.95
C PHE B 233 -10.33 11.35 -6.36
N GLY B 234 -9.46 11.53 -7.33
CA GLY B 234 -9.89 11.48 -8.71
C GLY B 234 -9.49 10.17 -9.37
N LYS B 235 -8.20 10.04 -9.68
CA LYS B 235 -7.70 8.85 -10.36
C LYS B 235 -7.87 7.49 -9.67
N THR B 236 -7.47 7.35 -8.41
CA THR B 236 -7.63 6.02 -7.80
C THR B 236 -9.11 5.63 -7.67
N LYS B 237 -9.99 6.63 -7.56
CA LYS B 237 -11.41 6.36 -7.45
C LYS B 237 -11.91 5.82 -8.78
N ASP B 238 -11.47 6.46 -9.86
CA ASP B 238 -11.86 6.04 -11.20
C ASP B 238 -11.36 4.63 -11.51
N ILE B 239 -10.18 4.28 -11.02
CA ILE B 239 -9.66 2.95 -11.27
C ILE B 239 -10.54 1.98 -10.51
N VAL B 240 -10.95 2.37 -9.32
CA VAL B 240 -11.83 1.54 -8.49
C VAL B 240 -13.17 1.29 -9.20
N ASN B 241 -13.71 2.33 -9.82
CA ASN B 241 -14.99 2.17 -10.51
C ASN B 241 -14.87 1.38 -11.79
N GLY B 242 -13.63 1.16 -12.24
CA GLY B 242 -13.41 0.40 -13.45
C GLY B 242 -13.23 -1.08 -13.13
N LEU B 243 -13.06 -1.41 -11.85
CA LEU B 243 -12.90 -2.78 -11.43
C LEU B 243 -14.25 -3.44 -11.20
N ARG B 244 -15.21 -2.65 -10.74
CA ARG B 244 -16.55 -3.13 -10.48
C ARG B 244 -17.55 -1.99 -10.65
N SER B 245 -18.81 -2.35 -10.82
CA SER B 245 -19.88 -1.38 -10.98
C SER B 245 -21.09 -1.89 -10.20
N ILE B 246 -21.72 -1.01 -9.44
CA ILE B 246 -22.88 -1.41 -8.65
C ILE B 246 -24.07 -1.68 -9.55
N ASP B 247 -24.24 -0.86 -10.58
CA ASP B 247 -25.34 -1.04 -11.50
C ASP B 247 -24.93 -2.07 -12.53
N ALA B 248 -25.88 -2.90 -12.95
CA ALA B 248 -25.59 -3.92 -13.95
C ALA B 248 -25.03 -3.24 -15.18
N ILE B 249 -23.88 -3.73 -15.65
CA ILE B 249 -23.23 -3.17 -16.82
C ILE B 249 -23.86 -3.74 -18.08
N PRO B 250 -24.56 -2.88 -18.85
CA PRO B 250 -25.20 -3.35 -20.08
C PRO B 250 -24.19 -4.18 -20.87
N ASP B 251 -24.26 -5.50 -20.70
CA ASP B 251 -23.40 -6.43 -21.43
C ASP B 251 -23.45 -6.22 -22.94
N ASN B 252 -22.30 -6.35 -23.59
CA ASN B 252 -22.27 -6.18 -25.03
C ASN B 252 -21.67 -7.38 -25.75
N GLN B 253 -22.53 -8.02 -26.54
CA GLN B 253 -22.25 -9.28 -27.20
C GLN B 253 -21.45 -9.00 -28.46
N LYS B 254 -21.85 -7.93 -29.16
CA LYS B 254 -21.38 -7.65 -30.51
C LYS B 254 -19.87 -7.62 -30.63
N TYR B 255 -19.22 -6.74 -29.87
CA TYR B 255 -17.78 -6.63 -29.93
C TYR B 255 -17.07 -7.89 -29.48
N LYS B 256 -17.62 -8.58 -28.48
CA LYS B 256 -16.94 -9.75 -27.93
C LYS B 256 -16.95 -10.90 -28.93
N GLN B 257 -18.05 -11.03 -29.65
CA GLN B 257 -18.22 -12.13 -30.60
C GLN B 257 -17.19 -11.92 -31.73
N LEU B 258 -17.06 -10.68 -32.19
CA LEU B 258 -16.13 -10.34 -33.26
C LEU B 258 -14.70 -10.59 -32.84
N GLN B 259 -14.40 -10.33 -31.58
CA GLN B 259 -13.02 -10.28 -31.13
C GLN B 259 -12.35 -11.63 -31.28
N ARG B 260 -13.09 -12.71 -31.01
CA ARG B 260 -12.48 -14.04 -31.03
C ARG B 260 -12.06 -14.38 -32.47
N GLU B 261 -12.95 -14.07 -33.41
CA GLU B 261 -12.74 -14.43 -34.81
C GLU B 261 -11.45 -13.86 -35.41
N LEU B 262 -11.22 -12.57 -35.19
CA LEU B 262 -10.02 -11.89 -35.67
C LEU B 262 -8.73 -12.35 -34.97
N SER B 263 -8.85 -12.78 -33.72
CA SER B 263 -7.68 -13.11 -32.91
C SER B 263 -6.96 -14.36 -33.37
N GLN B 264 -7.71 -15.45 -33.54
CA GLN B 264 -7.10 -16.74 -33.83
C GLN B 264 -6.39 -16.72 -35.17
N VAL B 265 -6.78 -15.80 -36.05
CA VAL B 265 -6.16 -15.72 -37.37
C VAL B 265 -4.72 -15.26 -37.21
N LEU B 266 -4.49 -14.28 -36.33
CA LEU B 266 -3.17 -13.67 -36.21
C LEU B 266 -2.16 -14.62 -35.58
N THR B 267 -2.62 -15.46 -34.65
CA THR B 267 -1.71 -16.39 -33.95
C THR B 267 -1.15 -17.46 -34.89
N GLN B 268 -1.98 -17.95 -35.80
CA GLN B 268 -1.57 -19.03 -36.71
C GLN B 268 -0.90 -18.44 -37.94
N ARG B 269 -0.57 -17.14 -37.84
CA ARG B 269 0.19 -16.42 -38.86
C ARG B 269 1.53 -16.00 -38.25
N GLN B 270 1.47 -15.48 -37.03
CA GLN B 270 2.69 -15.12 -36.32
C GLN B 270 3.12 -16.47 -35.75
N ILE B 271 4.27 -16.50 -35.11
CA ILE B 271 4.69 -17.65 -34.31
C ILE B 271 3.55 -18.23 -33.49
N GLY C 4 21.22 -26.75 -11.33
CA GLY C 4 21.31 -27.36 -9.97
C GLY C 4 19.94 -27.92 -9.58
N SER C 5 19.84 -29.24 -9.51
CA SER C 5 18.59 -29.89 -9.14
C SER C 5 17.45 -29.39 -10.03
N TRP C 6 17.80 -28.61 -11.05
CA TRP C 6 16.80 -28.07 -11.96
C TRP C 6 15.62 -27.50 -11.19
N GLY C 7 14.59 -27.08 -11.91
CA GLY C 7 13.40 -26.51 -11.28
C GLY C 7 12.48 -27.62 -10.78
N CYS C 8 11.25 -27.62 -11.29
CA CYS C 8 10.28 -28.63 -10.88
C CYS C 8 10.71 -30.01 -11.35
N VAL C 9 11.71 -30.05 -12.22
CA VAL C 9 12.21 -31.32 -12.74
C VAL C 9 11.12 -32.04 -13.53
N ARG C 10 11.52 -32.71 -14.60
CA ARG C 10 10.57 -33.44 -15.44
C ARG C 10 11.29 -34.46 -16.30
N GLN C 11 10.96 -34.49 -17.60
CA GLN C 11 11.59 -35.43 -18.51
C GLN C 11 11.89 -34.74 -19.85
N GLU C 12 11.36 -33.53 -20.01
CA GLU C 12 11.59 -32.79 -21.25
C GLU C 12 13.03 -32.32 -21.34
N LYS C 13 13.66 -32.57 -22.49
CA LYS C 13 15.06 -32.16 -22.68
C LYS C 13 15.14 -30.70 -23.09
N ARG C 14 16.13 -29.99 -22.55
CA ARG C 14 16.31 -28.58 -22.88
C ARG C 14 17.78 -28.19 -22.76
N SER C 15 18.20 -27.25 -23.61
CA SER C 15 19.59 -26.80 -23.59
C SER C 15 19.71 -25.42 -24.23
N SER C 16 19.66 -24.38 -23.39
CA SER C 16 19.77 -23.01 -23.90
C SER C 16 18.96 -22.85 -25.18
N GLY C 17 17.97 -23.72 -25.37
CA GLY C 17 17.14 -23.66 -26.56
C GLY C 17 16.34 -22.36 -26.59
N LEU C 18 15.92 -21.89 -25.42
CA LEU C 18 15.16 -20.65 -25.33
C LEU C 18 16.05 -19.44 -25.59
N ILE C 19 15.47 -18.38 -26.13
CA ILE C 19 16.23 -17.17 -26.42
C ILE C 19 16.74 -16.53 -25.12
N SER C 20 15.91 -16.57 -24.09
CA SER C 20 16.29 -16.00 -22.80
C SER C 20 16.11 -14.49 -22.81
N GLU C 21 16.68 -13.82 -21.81
CA GLU C 21 16.58 -12.37 -21.71
C GLU C 21 15.15 -11.96 -21.37
N LEU C 22 14.19 -12.69 -21.93
CA LEU C 22 12.79 -12.39 -21.68
C LEU C 22 12.34 -12.93 -20.32
N PRO C 23 12.80 -14.09 -19.96
CA PRO C 23 12.47 -14.73 -18.67
C PRO C 23 13.29 -14.16 -17.51
N SER C 24 13.24 -14.83 -16.37
CA SER C 24 13.99 -14.38 -15.20
C SER C 24 15.36 -13.84 -15.61
N GLU C 25 16.19 -14.71 -16.20
CA GLU C 25 17.51 -14.30 -16.64
C GLU C 25 17.43 -13.06 -17.52
N GLU C 26 18.13 -12.01 -17.12
CA GLU C 26 18.14 -10.76 -17.89
C GLU C 26 19.14 -9.78 -17.30
N GLY C 27 20.10 -10.30 -16.54
CA GLY C 27 21.12 -9.46 -15.93
C GLY C 27 21.91 -10.22 -14.87
N ARG C 28 22.71 -11.19 -15.32
CA ARG C 28 23.51 -11.99 -14.40
C ARG C 28 24.65 -11.16 -13.82
N ARG C 29 24.96 -11.40 -12.55
CA ARG C 29 26.02 -10.67 -11.88
C ARG C 29 26.86 -11.61 -11.02
N LEU C 30 28.08 -11.20 -10.72
CA LEU C 30 28.98 -12.01 -9.90
C LEU C 30 30.13 -11.18 -9.36
N GLU C 31 29.80 -10.08 -8.69
CA GLU C 31 30.82 -9.20 -8.13
C GLU C 31 30.18 -8.11 -7.28
N HIS C 32 30.88 -7.69 -6.24
CA HIS C 32 30.38 -6.64 -5.35
C HIS C 32 31.42 -6.27 -4.30
N PHE C 33 32.27 -5.31 -4.65
CA PHE C 33 33.32 -4.86 -3.73
C PHE C 33 33.46 -3.35 -3.79
N THR C 34 33.79 -2.74 -2.65
CA THR C 34 33.96 -1.30 -2.58
C THR C 34 32.88 -0.60 -3.40
N LYS C 35 31.80 -0.21 -2.72
CA LYS C 35 30.69 0.46 -3.40
C LYS C 35 30.11 1.56 -2.52
N LEU C 36 29.96 2.75 -3.08
CA LEU C 36 29.40 3.88 -2.34
C LEU C 36 28.38 4.62 -3.20
N ARG C 37 28.87 5.52 -4.05
CA ARG C 37 28.00 6.29 -4.93
C ARG C 37 26.77 6.78 -4.17
N PRO C 38 26.94 7.80 -3.37
CA PRO C 38 25.83 8.41 -2.58
C PRO C 38 24.91 9.26 -3.46
N LYS C 39 23.64 9.33 -3.07
CA LYS C 39 22.67 10.10 -3.83
C LYS C 39 22.80 11.59 -3.51
N ARG C 40 22.58 11.95 -2.26
CA ARG C 40 22.68 13.34 -1.84
C ARG C 40 23.18 13.44 -0.41
N ASN C 41 23.55 12.30 0.16
CA ASN C 41 24.04 12.26 1.53
C ASN C 41 24.99 11.09 1.73
N LYS C 42 25.88 11.20 2.71
CA LYS C 42 26.84 10.15 2.99
C LYS C 42 27.21 10.13 4.48
N LYS C 43 27.44 8.94 5.01
CA LYS C 43 27.80 8.80 6.42
C LYS C 43 28.25 7.38 6.72
N GLN C 44 27.92 6.90 7.92
CA GLN C 44 28.29 5.54 8.32
C GLN C 44 27.66 5.19 9.67
N GLN C 45 28.13 4.10 10.26
CA GLN C 45 27.61 3.67 11.55
C GLN C 45 26.12 3.34 11.46
N PRO C 46 25.79 2.24 10.87
CA PRO C 46 24.38 1.79 10.71
C PRO C 46 23.79 1.26 12.02
N THR C 47 22.52 1.57 12.27
CA THR C 47 21.87 1.12 13.49
C THR C 47 20.38 1.46 13.44
N GLN C 48 19.63 0.89 14.38
CA GLN C 48 18.19 1.14 14.45
C GLN C 48 17.90 2.50 15.09
N ALA C 49 16.65 2.72 15.48
CA ALA C 49 16.27 3.98 16.09
C ALA C 49 15.35 3.74 17.29
N ALA C 50 14.92 4.82 17.93
CA ALA C 50 14.04 4.71 19.08
C ALA C 50 12.60 4.46 18.65
N VAL C 51 11.74 4.18 19.61
CA VAL C 51 10.33 3.92 19.31
C VAL C 51 9.67 5.14 18.69
N CYS C 52 9.97 6.31 19.26
CA CYS C 52 9.39 7.55 18.75
C CYS C 52 7.90 7.39 18.47
N THR C 53 7.07 7.79 19.43
CA THR C 53 5.63 7.68 19.29
C THR C 53 5.09 8.80 18.41
N ILE C 54 3.82 8.69 18.02
CA ILE C 54 3.21 9.70 17.17
C ILE C 54 1.87 10.14 17.76
N SER C 55 1.36 11.28 17.30
CA SER C 55 0.09 11.80 17.78
C SER C 55 -1.03 10.82 17.47
N ILE C 56 -1.03 10.28 16.26
CA ILE C 56 -2.06 9.32 15.86
C ILE C 56 -1.83 7.97 16.53
N LEU C 57 -2.27 6.90 15.87
CA LEU C 57 -2.11 5.56 16.42
C LEU C 57 -2.68 4.52 15.45
N PRO C 58 -3.92 4.70 15.05
CA PRO C 58 -4.61 3.76 14.12
C PRO C 58 -3.69 3.29 13.00
N GLN C 59 -3.61 1.97 12.83
CA GLN C 59 -2.76 1.40 11.77
C GLN C 59 -2.97 -0.10 11.69
N ASP C 60 -2.03 -0.79 11.04
CA ASP C 60 -2.12 -2.23 10.90
C ASP C 60 -0.72 -2.86 10.94
N GLY C 61 -0.61 -4.00 11.61
CA GLY C 61 0.66 -4.69 11.73
C GLY C 61 0.50 -6.02 12.46
N GLU C 62 1.55 -6.42 13.18
CA GLU C 62 1.51 -7.68 13.92
C GLU C 62 1.15 -8.84 13.01
N GLN C 63 2.16 -9.40 12.34
CA GLN C 63 1.92 -10.53 11.43
C GLN C 63 1.77 -11.82 12.21
N ASN C 64 0.81 -12.64 11.81
CA ASN C 64 0.57 -13.92 12.48
C ASN C 64 -0.21 -14.86 11.58
N GLY C 65 -0.21 -16.14 11.93
CA GLY C 65 -0.91 -17.14 11.15
C GLY C 65 -1.04 -18.46 11.91
N LEU C 66 -2.28 -18.90 12.13
CA LEU C 66 -2.51 -20.14 12.86
C LEU C 66 -3.81 -20.78 12.41
N MET C 67 -4.13 -21.93 12.99
CA MET C 67 -5.35 -22.65 12.63
C MET C 67 -6.53 -22.12 13.44
N GLY C 68 -7.72 -22.10 12.83
CA GLY C 68 -8.92 -21.62 13.51
C GLY C 68 -10.05 -21.40 12.52
N ARG C 69 -11.07 -20.66 12.95
CA ARG C 69 -12.21 -20.38 12.09
C ARG C 69 -12.83 -21.68 11.58
N VAL C 70 -13.65 -21.57 10.53
CA VAL C 70 -14.30 -22.75 9.97
C VAL C 70 -13.28 -23.64 9.27
N ASP C 71 -12.31 -24.13 10.02
CA ASP C 71 -11.27 -25.00 9.47
C ASP C 71 -10.39 -25.56 10.57
N GLU C 72 -9.45 -26.41 10.19
CA GLU C 72 -8.53 -27.02 11.17
C GLU C 72 -7.26 -27.49 10.48
N GLY C 73 -6.48 -28.29 11.19
CA GLY C 73 -5.23 -28.82 10.64
C GLY C 73 -4.08 -27.83 10.86
N VAL C 74 -2.87 -28.36 11.00
CA VAL C 74 -1.71 -27.51 11.21
C VAL C 74 -0.53 -27.98 10.35
N ASP C 75 -0.29 -29.28 10.37
CA ASP C 75 0.81 -29.85 9.59
C ASP C 75 0.54 -31.31 9.26
N GLU C 76 1.42 -31.91 8.48
CA GLU C 76 1.27 -33.32 8.09
C GLU C 76 -0.11 -33.55 7.50
N PHE C 77 -0.24 -33.36 6.19
CA PHE C 77 -1.51 -33.55 5.51
C PHE C 77 -1.30 -33.93 4.05
N PHE C 78 -2.32 -34.52 3.43
CA PHE C 78 -2.22 -34.92 2.04
C PHE C 78 -3.47 -34.48 1.27
N THR C 79 -4.02 -33.34 1.65
CA THR C 79 -5.20 -32.81 0.98
C THR C 79 -5.09 -31.30 0.79
N LYS C 80 -6.01 -30.74 0.02
CA LYS C 80 -6.01 -29.31 -0.24
C LYS C 80 -6.20 -28.52 1.05
N LYS C 81 -5.38 -27.48 1.23
CA LYS C 81 -5.47 -26.66 2.43
C LYS C 81 -6.73 -25.81 2.40
N VAL C 82 -7.36 -25.67 3.57
CA VAL C 82 -8.58 -24.87 3.67
C VAL C 82 -8.52 -23.94 4.88
N THR C 83 -9.35 -22.91 4.87
CA THR C 83 -9.38 -21.95 5.97
C THR C 83 -10.71 -21.19 5.98
N GLY C 84 -11.22 -20.94 7.18
CA GLY C 84 -12.47 -20.22 7.33
C GLY C 84 -12.22 -18.72 7.53
N CYS C 85 -11.33 -18.17 6.72
CA CYS C 85 -11.00 -16.74 6.83
C CYS C 85 -12.27 -15.90 6.82
N ARG A 7 12.15 -10.52 23.79
CA ARG A 7 13.61 -10.70 23.54
C ARG A 7 13.85 -10.70 22.03
N VAL A 8 14.62 -9.73 21.55
CA VAL A 8 14.90 -9.63 20.12
C VAL A 8 15.75 -10.83 19.70
N SER A 9 15.46 -11.34 18.50
CA SER A 9 16.16 -12.49 17.96
C SER A 9 16.14 -12.44 16.45
N ASP A 10 17.04 -13.21 15.83
CA ASP A 10 17.14 -13.26 14.39
C ASP A 10 15.90 -13.92 13.81
N GLU A 11 15.27 -14.80 14.60
CA GLU A 11 14.06 -15.48 14.13
C GLU A 11 12.92 -14.48 14.00
N GLU A 12 12.83 -13.55 14.95
CA GLU A 12 11.78 -12.55 14.91
C GLU A 12 12.02 -11.59 13.74
N LYS A 13 13.26 -11.22 13.52
CA LYS A 13 13.59 -10.32 12.41
C LYS A 13 13.26 -10.98 11.08
N VAL A 14 13.48 -12.28 10.98
CA VAL A 14 13.18 -13.00 9.75
C VAL A 14 11.68 -13.01 9.49
N ARG A 15 10.88 -13.20 10.54
CA ARG A 15 9.42 -13.21 10.40
C ARG A 15 8.93 -11.82 9.98
N ILE A 16 9.54 -10.78 10.54
CA ILE A 16 9.17 -9.42 10.20
C ILE A 16 9.49 -9.19 8.72
N ALA A 17 10.73 -9.50 8.35
CA ALA A 17 11.16 -9.32 6.96
C ALA A 17 10.18 -10.05 6.04
N ALA A 18 9.79 -11.26 6.44
CA ALA A 18 8.88 -12.06 5.62
C ALA A 18 7.51 -11.42 5.45
N LYS A 19 7.00 -10.84 6.53
CA LYS A 19 5.69 -10.20 6.48
C LYS A 19 5.71 -9.02 5.51
N PHE A 20 6.72 -8.17 5.62
CA PHE A 20 6.85 -7.01 4.72
C PHE A 20 6.87 -7.44 3.25
N ILE A 21 7.72 -8.42 2.95
CA ILE A 21 7.88 -8.94 1.60
C ILE A 21 6.59 -9.52 1.01
N THR A 22 5.88 -10.33 1.80
CA THR A 22 4.64 -10.92 1.31
C THR A 22 3.49 -9.92 1.24
N HIS A 23 3.69 -8.71 1.77
CA HIS A 23 2.65 -7.69 1.75
C HIS A 23 2.93 -6.59 0.75
N ALA A 24 3.86 -6.82 -0.16
CA ALA A 24 4.17 -5.80 -1.16
C ALA A 24 2.91 -5.61 -2.00
N PRO A 25 2.69 -4.37 -2.48
CA PRO A 25 1.50 -4.15 -3.29
C PRO A 25 1.74 -4.75 -4.68
N PRO A 26 0.67 -5.02 -5.44
CA PRO A 26 0.83 -5.61 -6.78
C PRO A 26 1.80 -4.86 -7.71
N GLY A 27 2.66 -5.63 -8.37
CA GLY A 27 3.62 -5.05 -9.29
C GLY A 27 4.79 -4.32 -8.64
N GLU A 28 4.95 -4.46 -7.33
CA GLU A 28 6.03 -3.77 -6.64
C GLU A 28 6.83 -4.70 -5.72
N PHE A 29 6.74 -5.99 -5.99
CA PHE A 29 7.45 -6.98 -5.17
C PHE A 29 8.93 -6.69 -5.02
N ASN A 30 9.63 -6.50 -6.13
CA ASN A 30 11.06 -6.26 -6.12
C ASN A 30 11.50 -5.05 -5.31
N GLU A 31 10.80 -3.93 -5.46
CA GLU A 31 11.16 -2.73 -4.71
C GLU A 31 11.08 -3.01 -3.22
N VAL A 32 9.97 -3.62 -2.79
CA VAL A 32 9.78 -3.97 -1.39
C VAL A 32 10.86 -4.94 -0.92
N PHE A 33 11.16 -5.94 -1.76
CA PHE A 33 12.18 -6.95 -1.43
C PHE A 33 13.55 -6.30 -1.26
N ASN A 34 13.93 -5.44 -2.20
CA ASN A 34 15.21 -4.75 -2.10
C ASN A 34 15.24 -3.87 -0.86
N ASP A 35 14.12 -3.23 -0.54
CA ASP A 35 14.07 -2.40 0.67
C ASP A 35 14.37 -3.25 1.89
N VAL A 36 13.61 -4.33 2.05
CA VAL A 36 13.76 -5.22 3.20
C VAL A 36 15.16 -5.81 3.28
N ARG A 37 15.70 -6.18 2.13
CA ARG A 37 17.04 -6.75 2.08
C ARG A 37 18.07 -5.77 2.66
N LEU A 38 18.01 -4.51 2.24
CA LEU A 38 18.94 -3.50 2.75
C LEU A 38 18.65 -3.14 4.21
N LEU A 39 17.40 -3.28 4.63
CA LEU A 39 17.00 -2.97 6.01
C LEU A 39 17.47 -4.09 6.94
N LEU A 40 17.19 -5.33 6.55
CA LEU A 40 17.58 -6.50 7.33
C LEU A 40 19.10 -6.54 7.41
N ASN A 41 19.76 -6.18 6.33
CA ASN A 41 21.21 -6.15 6.25
C ASN A 41 21.88 -7.46 6.72
N ASN A 42 21.34 -8.58 6.25
CA ASN A 42 21.88 -9.90 6.60
C ASN A 42 21.29 -10.86 5.58
N ASP A 43 22.00 -11.05 4.47
CA ASP A 43 21.55 -11.93 3.41
C ASP A 43 21.40 -13.38 3.83
N ASN A 44 22.20 -13.80 4.81
CA ASN A 44 22.08 -15.17 5.29
C ASN A 44 20.69 -15.35 5.91
N LEU A 45 20.24 -14.40 6.71
CA LEU A 45 18.91 -14.50 7.31
C LEU A 45 17.81 -14.36 6.25
N LEU A 46 18.04 -13.48 5.29
CA LEU A 46 17.08 -13.23 4.22
C LEU A 46 16.76 -14.48 3.41
N ARG A 47 17.77 -15.32 3.16
CA ARG A 47 17.56 -16.55 2.39
C ARG A 47 16.81 -17.61 3.18
N GLU A 48 16.77 -17.45 4.49
CA GLU A 48 16.07 -18.40 5.36
C GLU A 48 14.59 -18.54 5.00
N GLY A 49 13.94 -17.42 4.74
CA GLY A 49 12.52 -17.45 4.40
C GLY A 49 12.17 -16.90 3.04
N ALA A 50 13.19 -16.61 2.22
CA ALA A 50 12.96 -16.06 0.89
C ALA A 50 11.99 -16.91 0.09
N ALA A 51 12.44 -18.10 -0.31
CA ALA A 51 11.62 -19.01 -1.09
C ALA A 51 10.18 -19.07 -0.59
N HIS A 52 10.02 -19.23 0.72
CA HIS A 52 8.70 -19.29 1.33
C HIS A 52 7.94 -17.98 1.10
N ALA A 53 8.65 -16.86 1.21
CA ALA A 53 8.05 -15.54 1.03
C ALA A 53 7.58 -15.36 -0.41
N PHE A 54 8.48 -15.60 -1.36
CA PHE A 54 8.17 -15.48 -2.78
C PHE A 54 6.94 -16.33 -3.14
N ALA A 55 6.96 -17.59 -2.71
CA ALA A 55 5.87 -18.53 -2.99
C ALA A 55 4.53 -18.03 -2.47
N GLN A 56 4.50 -17.69 -1.18
CA GLN A 56 3.28 -17.20 -0.55
C GLN A 56 2.75 -15.97 -1.30
N TYR A 57 3.63 -15.03 -1.62
CA TYR A 57 3.22 -13.81 -2.34
C TYR A 57 2.53 -14.17 -3.65
N ASN A 58 3.26 -14.78 -4.58
CA ASN A 58 2.72 -15.16 -5.87
C ASN A 58 1.41 -15.93 -5.73
N MET A 59 1.32 -16.78 -4.71
CA MET A 59 0.12 -17.56 -4.48
C MET A 59 -1.10 -16.74 -4.06
N ASP A 60 -0.97 -15.94 -3.01
CA ASP A 60 -2.13 -15.14 -2.59
C ASP A 60 -2.41 -13.98 -3.55
N GLN A 61 -1.47 -13.70 -4.45
CA GLN A 61 -1.65 -12.64 -5.44
C GLN A 61 -2.22 -13.20 -6.76
N PHE A 62 -2.44 -14.51 -6.81
CA PHE A 62 -2.95 -15.15 -8.03
C PHE A 62 -2.09 -14.72 -9.21
N THR A 63 -0.78 -14.87 -9.06
CA THR A 63 0.15 -14.46 -10.10
C THR A 63 -0.01 -15.19 -11.43
N PRO A 64 -0.46 -14.45 -12.46
CA PRO A 64 -0.64 -15.03 -13.79
C PRO A 64 0.72 -15.32 -14.42
N VAL A 65 0.95 -16.58 -14.76
CA VAL A 65 2.23 -16.98 -15.34
C VAL A 65 2.04 -17.66 -16.69
N LYS A 66 3.08 -17.60 -17.51
CA LYS A 66 3.02 -18.19 -18.84
C LYS A 66 4.02 -19.35 -18.98
N ILE A 67 3.50 -20.59 -18.98
CA ILE A 67 4.36 -21.77 -19.12
C ILE A 67 5.07 -21.75 -20.46
N GLU A 68 6.30 -22.28 -20.47
CA GLU A 68 7.18 -22.34 -21.64
C GLU A 68 6.58 -22.13 -23.05
N GLY A 69 5.36 -22.59 -23.31
CA GLY A 69 4.80 -22.40 -24.64
C GLY A 69 3.37 -22.87 -24.86
N TYR A 70 2.55 -22.72 -23.83
CA TYR A 70 1.14 -23.12 -23.95
C TYR A 70 0.11 -22.01 -24.31
N ASP A 71 0.50 -20.73 -24.33
CA ASP A 71 -0.48 -19.65 -24.62
C ASP A 71 -1.41 -19.69 -23.40
N ASP A 72 -0.82 -20.38 -22.44
CA ASP A 72 -1.23 -20.79 -21.08
C ASP A 72 -1.47 -19.84 -19.87
N GLN A 73 -1.54 -18.51 -19.98
CA GLN A 73 -1.70 -17.65 -18.77
C GLN A 73 -2.43 -18.44 -17.67
N VAL A 74 -1.66 -19.08 -16.78
CA VAL A 74 -2.24 -19.85 -15.68
C VAL A 74 -2.05 -19.17 -14.33
N LEU A 75 -3.00 -19.37 -13.42
CA LEU A 75 -2.94 -18.70 -12.12
C LEU A 75 -2.27 -19.47 -10.98
N ILE A 76 -1.17 -18.93 -10.47
CA ILE A 76 -0.45 -19.53 -9.36
C ILE A 76 -1.23 -19.30 -8.07
N THR A 77 -1.78 -20.37 -7.52
CA THR A 77 -2.54 -20.28 -6.28
C THR A 77 -2.14 -21.46 -5.41
N GLU A 78 -2.68 -21.51 -4.20
CA GLU A 78 -2.39 -22.60 -3.30
C GLU A 78 -2.98 -23.89 -3.85
N HIS A 79 -4.22 -23.80 -4.31
CA HIS A 79 -4.95 -24.93 -4.85
C HIS A 79 -4.16 -25.68 -5.92
N GLY A 80 -3.26 -24.97 -6.60
CA GLY A 80 -2.46 -25.60 -7.65
C GLY A 80 -1.07 -25.98 -7.19
N ASP A 81 -0.78 -25.76 -5.90
CA ASP A 81 0.51 -26.07 -5.32
C ASP A 81 0.69 -27.58 -5.17
N LEU A 82 1.43 -28.21 -6.08
CA LEU A 82 1.66 -29.65 -5.99
C LEU A 82 2.18 -30.00 -4.61
N GLY A 83 3.17 -29.24 -4.15
CA GLY A 83 3.75 -29.47 -2.84
C GLY A 83 5.22 -29.79 -2.95
N ASN A 84 5.64 -30.16 -4.17
CA ASN A 84 7.04 -30.49 -4.44
C ASN A 84 7.83 -29.33 -5.02
N GLY A 85 7.16 -28.20 -5.23
CA GLY A 85 7.81 -27.03 -5.80
C GLY A 85 7.28 -26.83 -7.21
N ARG A 86 6.16 -27.50 -7.47
CA ARG A 86 5.52 -27.42 -8.78
C ARG A 86 4.03 -27.15 -8.61
N PHE A 87 3.41 -26.60 -9.64
CA PHE A 87 1.99 -26.26 -9.61
C PHE A 87 1.16 -26.95 -10.70
N LEU A 88 -0.17 -26.89 -10.55
CA LEU A 88 -1.07 -27.51 -11.50
C LEU A 88 -1.68 -26.49 -12.47
N ASP A 89 -1.86 -26.93 -13.70
CA ASP A 89 -2.50 -26.11 -14.72
C ASP A 89 -3.70 -26.97 -15.09
N PRO A 90 -4.79 -26.86 -14.33
CA PRO A 90 -5.98 -27.66 -14.62
C PRO A 90 -6.49 -27.56 -16.06
N ARG A 91 -6.36 -26.41 -16.69
CA ARG A 91 -6.83 -26.24 -18.07
C ARG A 91 -6.03 -27.07 -19.07
N ASN A 92 -4.76 -26.71 -19.26
CA ASN A 92 -3.90 -27.45 -20.18
C ASN A 92 -3.57 -28.80 -19.56
N LYS A 93 -3.74 -28.86 -18.24
CA LYS A 93 -3.52 -30.06 -17.44
C LYS A 93 -2.10 -30.62 -17.32
N ILE A 94 -1.10 -29.76 -17.41
CA ILE A 94 0.27 -30.23 -17.27
C ILE A 94 0.81 -29.93 -15.88
N SER A 95 2.11 -30.13 -15.73
CA SER A 95 2.80 -29.86 -14.49
C SER A 95 3.86 -28.86 -14.88
N PHE A 96 4.02 -27.82 -14.07
CA PHE A 96 5.03 -26.82 -14.38
C PHE A 96 5.73 -26.42 -13.11
N LYS A 97 7.04 -26.25 -13.20
CA LYS A 97 7.81 -25.84 -12.03
C LYS A 97 7.94 -24.33 -12.11
N PHE A 98 7.49 -23.66 -11.06
CA PHE A 98 7.55 -22.21 -11.03
C PHE A 98 8.78 -21.70 -10.29
N ASP A 99 9.64 -21.01 -11.01
CA ASP A 99 10.84 -20.39 -10.45
C ASP A 99 10.39 -19.03 -9.91
N HIS A 100 10.49 -18.85 -8.59
CA HIS A 100 10.03 -17.61 -7.99
C HIS A 100 10.78 -16.31 -8.22
N LEU A 101 12.11 -16.35 -8.34
CA LEU A 101 12.83 -15.10 -8.59
C LEU A 101 12.59 -14.69 -10.05
N ARG A 102 13.07 -15.53 -10.95
CA ARG A 102 12.92 -15.30 -12.38
C ARG A 102 11.45 -15.22 -12.77
N LYS A 103 11.18 -14.52 -13.87
CA LYS A 103 9.83 -14.35 -14.35
C LYS A 103 9.19 -15.63 -14.91
N GLU A 104 10.01 -16.48 -15.54
CA GLU A 104 9.50 -17.72 -16.13
C GLU A 104 9.41 -18.94 -15.23
N ALA A 105 8.51 -19.84 -15.62
CA ALA A 105 8.28 -21.11 -14.94
C ALA A 105 8.27 -22.13 -16.08
N SER A 106 9.35 -22.92 -16.19
CA SER A 106 9.42 -23.90 -17.27
C SER A 106 9.69 -25.35 -16.84
N ASP A 107 10.00 -26.17 -17.85
CA ASP A 107 10.27 -27.60 -17.76
C ASP A 107 9.09 -28.37 -17.19
N PRO A 108 7.95 -28.30 -17.91
CA PRO A 108 6.69 -28.95 -17.55
C PRO A 108 6.70 -30.48 -17.50
N GLN A 109 5.65 -31.06 -16.92
CA GLN A 109 5.50 -32.50 -16.80
C GLN A 109 4.03 -32.84 -17.06
N PRO A 110 3.75 -33.80 -17.97
CA PRO A 110 2.34 -34.12 -18.21
C PRO A 110 1.71 -34.55 -16.89
N GLU A 111 0.45 -34.21 -16.66
CA GLU A 111 -0.22 -34.59 -15.42
C GLU A 111 -1.51 -35.36 -15.63
N ASP A 112 -1.42 -36.62 -16.03
CA ASP A 112 -2.61 -37.43 -16.24
C ASP A 112 -3.40 -37.42 -14.93
N THR A 113 -4.64 -36.94 -15.01
CA THR A 113 -5.52 -36.77 -13.86
C THR A 113 -6.26 -37.92 -13.18
N GLU A 114 -7.02 -37.50 -12.16
CA GLU A 114 -7.88 -38.34 -11.34
C GLU A 114 -9.19 -38.46 -12.15
N SER A 115 -9.49 -37.39 -12.88
CA SER A 115 -10.67 -37.28 -13.74
C SER A 115 -12.00 -37.60 -13.06
N ALA A 116 -12.10 -37.31 -11.77
CA ALA A 116 -13.33 -37.58 -11.01
C ALA A 116 -14.30 -36.41 -11.05
N LEU A 117 -13.82 -35.24 -10.66
CA LEU A 117 -14.65 -34.04 -10.64
C LEU A 117 -14.42 -33.24 -11.91
N LYS A 118 -13.37 -33.63 -12.64
CA LYS A 118 -12.99 -32.95 -13.86
C LYS A 118 -14.13 -32.65 -14.82
N GLN A 119 -15.12 -33.52 -14.85
CA GLN A 119 -16.26 -33.31 -15.73
C GLN A 119 -16.82 -31.90 -15.47
N TRP A 120 -17.23 -31.64 -14.23
CA TRP A 120 -17.74 -30.32 -13.83
C TRP A 120 -16.65 -29.31 -14.18
N ARG A 121 -15.49 -29.54 -13.56
CA ARG A 121 -14.31 -28.71 -13.70
C ARG A 121 -14.07 -28.16 -15.10
N ASP A 122 -14.06 -29.02 -16.10
CA ASP A 122 -13.83 -28.61 -17.48
C ASP A 122 -14.94 -27.73 -18.05
N ALA A 123 -16.16 -27.91 -17.57
CA ALA A 123 -17.30 -27.13 -18.03
C ALA A 123 -17.23 -25.71 -17.46
N CYS A 124 -17.18 -25.62 -16.14
CA CYS A 124 -17.09 -24.33 -15.45
C CYS A 124 -15.94 -23.51 -16.02
N ASP A 125 -14.77 -24.12 -16.06
CA ASP A 125 -13.55 -23.50 -16.55
C ASP A 125 -13.69 -22.62 -17.78
N SER A 126 -14.03 -23.24 -18.92
CA SER A 126 -14.17 -22.48 -20.15
C SER A 126 -15.51 -21.74 -20.26
N ALA A 127 -16.38 -21.95 -19.28
CA ALA A 127 -17.66 -21.26 -19.22
C ALA A 127 -17.35 -19.93 -18.54
N LEU A 128 -16.46 -20.01 -17.55
CA LEU A 128 -16.00 -18.85 -16.80
C LEU A 128 -15.02 -18.08 -17.67
N ARG A 129 -14.21 -18.83 -18.41
CA ARG A 129 -13.22 -18.23 -19.31
C ARG A 129 -13.90 -17.26 -20.26
N ALA A 130 -15.21 -17.45 -20.47
CA ALA A 130 -15.97 -16.59 -21.35
C ALA A 130 -16.37 -15.36 -20.55
N TYR A 131 -16.79 -15.61 -19.30
CA TYR A 131 -17.20 -14.54 -18.41
C TYR A 131 -16.06 -13.53 -18.26
N VAL A 132 -14.86 -14.05 -18.04
CA VAL A 132 -13.67 -13.23 -17.86
C VAL A 132 -13.31 -12.39 -19.08
N LYS A 133 -13.28 -13.01 -20.25
CA LYS A 133 -12.96 -12.27 -21.46
C LYS A 133 -13.95 -11.14 -21.70
N ASP A 134 -15.13 -11.26 -21.11
CA ASP A 134 -16.17 -10.25 -21.28
C ASP A 134 -16.10 -9.11 -20.27
N HIS A 135 -15.50 -9.35 -19.11
CA HIS A 135 -15.46 -8.30 -18.10
C HIS A 135 -14.09 -7.85 -17.59
N TYR A 136 -13.04 -8.63 -17.84
CA TYR A 136 -11.71 -8.25 -17.36
C TYR A 136 -10.74 -7.98 -18.52
N PRO A 137 -10.38 -6.71 -18.75
CA PRO A 137 -9.47 -6.24 -19.81
C PRO A 137 -8.21 -7.09 -19.98
N ASN A 138 -7.55 -7.37 -18.87
CA ASN A 138 -6.32 -8.16 -18.92
C ASN A 138 -6.44 -9.27 -17.90
N GLY A 139 -7.61 -9.89 -17.86
CA GLY A 139 -7.85 -10.95 -16.91
C GLY A 139 -7.48 -12.35 -17.36
N PHE A 140 -7.40 -13.24 -16.39
CA PHE A 140 -7.07 -14.64 -16.61
C PHE A 140 -7.80 -15.43 -15.53
N CYS A 141 -8.07 -16.69 -15.80
CA CYS A 141 -8.79 -17.52 -14.85
C CYS A 141 -8.25 -18.94 -14.80
N THR A 142 -8.48 -19.61 -13.67
CA THR A 142 -8.03 -20.97 -13.46
C THR A 142 -9.05 -21.66 -12.57
N VAL A 143 -9.64 -22.74 -13.09
CA VAL A 143 -10.63 -23.48 -12.33
C VAL A 143 -10.01 -24.79 -11.87
N TYR A 144 -10.14 -25.07 -10.59
CA TYR A 144 -9.57 -26.29 -10.03
C TYR A 144 -10.65 -27.31 -9.69
N GLY A 145 -10.43 -28.54 -10.13
CA GLY A 145 -11.35 -29.62 -9.84
C GLY A 145 -10.59 -30.42 -8.81
N LYS A 146 -11.17 -30.60 -7.63
CA LYS A 146 -10.47 -31.33 -6.59
C LYS A 146 -11.38 -31.95 -5.54
N SER A 147 -10.80 -32.89 -4.80
CA SER A 147 -11.50 -33.59 -3.72
C SER A 147 -10.96 -33.09 -2.38
N ILE A 148 -11.82 -32.41 -1.64
CA ILE A 148 -11.45 -31.85 -0.34
C ILE A 148 -12.11 -32.68 0.77
N ASP A 149 -11.33 -33.57 1.37
CA ASP A 149 -11.76 -34.49 2.43
C ASP A 149 -13.11 -35.13 2.18
N GLY A 150 -13.21 -35.82 1.04
CA GLY A 150 -14.43 -36.51 0.68
C GLY A 150 -15.35 -35.75 -0.26
N GLN A 151 -15.54 -34.46 -0.01
CA GLN A 151 -16.44 -33.65 -0.82
C GLN A 151 -15.81 -33.09 -2.09
N GLN A 152 -16.59 -33.05 -3.16
CA GLN A 152 -16.12 -32.53 -4.43
C GLN A 152 -16.35 -31.04 -4.49
N THR A 153 -15.35 -30.32 -4.98
CA THR A 153 -15.46 -28.87 -5.05
C THR A 153 -14.80 -28.28 -6.28
N ILE A 154 -15.44 -27.26 -6.83
CA ILE A 154 -14.92 -26.56 -7.99
C ILE A 154 -14.37 -25.24 -7.47
N ILE A 155 -13.12 -24.94 -7.79
CA ILE A 155 -12.53 -23.69 -7.33
C ILE A 155 -12.09 -22.85 -8.51
N ALA A 156 -12.82 -21.78 -8.77
CA ALA A 156 -12.50 -20.88 -9.86
C ALA A 156 -11.80 -19.65 -9.30
N CYS A 157 -10.63 -19.35 -9.86
CA CYS A 157 -9.86 -18.21 -9.44
C CYS A 157 -9.70 -17.23 -10.60
N ILE A 158 -10.02 -15.96 -10.34
CA ILE A 158 -9.92 -14.92 -11.35
C ILE A 158 -8.94 -13.82 -10.95
N GLU A 159 -8.09 -13.43 -11.88
CA GLU A 159 -7.12 -12.38 -11.63
C GLU A 159 -7.08 -11.38 -12.79
N SER A 160 -6.91 -10.11 -12.46
CA SER A 160 -6.85 -9.04 -13.44
C SER A 160 -5.98 -7.92 -12.86
N HIS A 161 -5.08 -7.36 -13.67
CA HIS A 161 -4.23 -6.30 -13.19
C HIS A 161 -3.77 -5.30 -14.25
N GLN A 162 -3.29 -4.16 -13.78
CA GLN A 162 -2.79 -3.10 -14.62
C GLN A 162 -1.65 -2.44 -13.87
N PHE A 163 -0.43 -2.57 -14.40
CA PHE A 163 0.75 -1.99 -13.76
C PHE A 163 1.37 -0.86 -14.58
N GLN A 164 1.43 0.33 -13.98
CA GLN A 164 2.03 1.47 -14.66
C GLN A 164 2.97 2.21 -13.71
N PRO A 165 4.07 1.55 -13.31
CA PRO A 165 5.06 2.12 -12.39
C PRO A 165 5.64 3.47 -12.83
N LYS A 166 5.72 3.70 -14.14
CA LYS A 166 6.24 4.97 -14.61
C LYS A 166 5.29 6.10 -14.29
N ASN A 167 4.04 5.76 -14.04
CA ASN A 167 3.04 6.76 -13.67
C ASN A 167 2.64 6.59 -12.20
N PHE A 168 3.50 5.88 -11.48
CA PHE A 168 3.35 5.61 -10.04
C PHE A 168 2.03 5.00 -9.57
N TRP A 169 1.57 3.94 -10.22
CA TRP A 169 0.36 3.26 -9.78
C TRP A 169 0.24 1.86 -10.34
N ASN A 170 -0.45 1.00 -9.59
CA ASN A 170 -0.67 -0.39 -9.95
C ASN A 170 -1.99 -0.80 -9.33
N GLY A 171 -2.63 -1.79 -9.92
CA GLY A 171 -3.90 -2.27 -9.40
C GLY A 171 -4.08 -3.73 -9.74
N ARG A 172 -4.94 -4.42 -9.00
CA ARG A 172 -5.19 -5.83 -9.26
C ARG A 172 -6.51 -6.27 -8.66
N TRP A 173 -7.17 -7.17 -9.36
CA TRP A 173 -8.42 -7.74 -8.92
C TRP A 173 -8.18 -9.23 -8.66
N ARG A 174 -8.80 -9.74 -7.62
CA ARG A 174 -8.69 -11.15 -7.27
C ARG A 174 -10.03 -11.63 -6.76
N SER A 175 -10.50 -12.73 -7.32
CA SER A 175 -11.76 -13.30 -6.90
C SER A 175 -11.59 -14.81 -6.82
N GLU A 176 -12.11 -15.39 -5.74
CA GLU A 176 -12.02 -16.82 -5.55
C GLU A 176 -13.37 -17.39 -5.16
N TRP A 177 -13.85 -18.34 -5.95
CA TRP A 177 -15.14 -18.98 -5.70
C TRP A 177 -14.98 -20.47 -5.44
N LYS A 178 -15.44 -20.89 -4.27
CA LYS A 178 -15.40 -22.29 -3.86
C LYS A 178 -16.79 -22.88 -4.00
N PHE A 179 -16.94 -23.86 -4.88
CA PHE A 179 -18.23 -24.51 -5.09
C PHE A 179 -18.19 -25.94 -4.55
N THR A 180 -18.86 -26.14 -3.42
CA THR A 180 -18.92 -27.45 -2.77
C THR A 180 -20.25 -28.12 -3.11
N ILE A 181 -20.17 -29.23 -3.84
CA ILE A 181 -21.36 -29.96 -4.28
C ILE A 181 -21.96 -30.97 -3.33
N THR A 182 -23.26 -30.83 -3.12
CA THR A 182 -24.01 -31.71 -2.27
C THR A 182 -25.42 -31.79 -2.84
N PRO A 183 -25.59 -32.51 -3.97
CA PRO A 183 -26.90 -32.65 -4.63
C PRO A 183 -28.01 -32.94 -3.62
N PRO A 184 -29.24 -32.49 -3.90
CA PRO A 184 -29.56 -31.74 -5.13
C PRO A 184 -28.97 -30.32 -5.17
N THR A 185 -29.16 -29.56 -4.10
CA THR A 185 -28.64 -28.18 -4.02
C THR A 185 -27.33 -28.05 -3.22
N ALA A 186 -26.39 -27.26 -3.74
CA ALA A 186 -25.08 -27.05 -3.10
C ALA A 186 -24.90 -25.66 -2.46
N GLN A 187 -23.78 -25.50 -1.76
CA GLN A 187 -23.45 -24.24 -1.08
C GLN A 187 -22.25 -23.54 -1.72
N VAL A 188 -22.32 -22.21 -1.78
CA VAL A 188 -21.27 -21.40 -2.37
C VAL A 188 -20.52 -20.56 -1.33
N ALA A 189 -19.23 -20.34 -1.58
CA ALA A 189 -18.39 -19.55 -0.70
C ALA A 189 -17.36 -18.82 -1.55
N ALA A 190 -17.30 -17.50 -1.42
CA ALA A 190 -16.35 -16.72 -2.20
C ALA A 190 -15.82 -15.50 -1.48
N VAL A 191 -14.82 -14.88 -2.09
CA VAL A 191 -14.18 -13.68 -1.58
C VAL A 191 -13.67 -12.87 -2.75
N LEU A 192 -14.14 -11.63 -2.85
CA LEU A 192 -13.73 -10.73 -3.92
C LEU A 192 -12.71 -9.77 -3.32
N LYS A 193 -11.65 -9.47 -4.05
CA LYS A 193 -10.61 -8.56 -3.57
C LYS A 193 -10.13 -7.55 -4.59
N ILE A 194 -9.90 -6.34 -4.14
CA ILE A 194 -9.42 -5.25 -4.99
C ILE A 194 -8.32 -4.50 -4.26
N GLN A 195 -7.25 -4.17 -4.97
CA GLN A 195 -6.18 -3.41 -4.38
C GLN A 195 -5.60 -2.46 -5.43
N VAL A 196 -5.55 -1.18 -5.08
CA VAL A 196 -5.00 -0.17 -5.97
C VAL A 196 -3.98 0.65 -5.18
N HIS A 197 -2.89 1.03 -5.83
CA HIS A 197 -1.85 1.80 -5.18
C HIS A 197 -1.40 2.94 -6.09
N TYR A 198 -1.43 4.16 -5.56
CA TYR A 198 -1.00 5.37 -6.27
C TYR A 198 0.12 5.91 -5.39
N TYR A 199 1.30 6.15 -5.96
CA TYR A 199 2.40 6.62 -5.12
C TYR A 199 3.30 7.72 -5.64
N GLU A 200 2.74 8.66 -6.39
CA GLU A 200 3.54 9.78 -6.83
C GLU A 200 3.41 10.83 -5.71
N ASP A 201 4.51 11.08 -5.01
CA ASP A 201 4.54 12.04 -3.91
C ASP A 201 3.49 11.76 -2.86
N GLY A 202 3.36 10.47 -2.53
CA GLY A 202 2.39 10.04 -1.56
C GLY A 202 2.23 8.54 -1.56
N ASN A 203 1.26 8.05 -0.80
CA ASN A 203 0.97 6.62 -0.72
C ASN A 203 -0.51 6.49 -0.45
N VAL A 204 -1.28 6.22 -1.50
CA VAL A 204 -2.72 6.10 -1.40
C VAL A 204 -3.12 4.70 -1.84
N GLN A 205 -3.99 4.05 -1.08
CA GLN A 205 -4.38 2.72 -1.47
C GLN A 205 -5.81 2.35 -1.19
N LEU A 206 -6.38 1.64 -2.15
CA LEU A 206 -7.71 1.15 -2.02
C LEU A 206 -7.51 -0.32 -1.69
N VAL A 207 -8.03 -0.72 -0.54
CA VAL A 207 -7.96 -2.12 -0.12
C VAL A 207 -9.40 -2.46 0.20
N SER A 208 -9.94 -3.42 -0.53
CA SER A 208 -11.33 -3.82 -0.33
C SER A 208 -11.50 -5.31 -0.61
N HIS A 209 -12.49 -5.91 0.04
CA HIS A 209 -12.77 -7.32 -0.17
C HIS A 209 -14.19 -7.61 0.28
N LYS A 210 -14.83 -8.57 -0.37
CA LYS A 210 -16.18 -8.95 0.01
C LYS A 210 -16.30 -10.46 0.11
N ASP A 211 -16.86 -10.92 1.22
CA ASP A 211 -17.05 -12.34 1.47
C ASP A 211 -18.51 -12.69 1.25
N ILE A 212 -18.76 -13.68 0.39
CA ILE A 212 -20.13 -14.09 0.10
C ILE A 212 -20.35 -15.60 0.19
N GLN A 213 -21.53 -15.98 0.67
CA GLN A 213 -21.92 -17.37 0.83
C GLN A 213 -23.32 -17.58 0.24
N ASP A 214 -23.44 -18.52 -0.69
CA ASP A 214 -24.73 -18.76 -1.34
C ASP A 214 -25.14 -20.25 -1.40
N SER A 215 -26.44 -20.50 -1.53
CA SER A 215 -26.98 -21.85 -1.62
C SER A 215 -27.56 -22.06 -3.02
N VAL A 216 -26.90 -22.90 -3.81
CA VAL A 216 -27.32 -23.13 -5.19
C VAL A 216 -27.83 -24.52 -5.55
N GLN A 217 -28.84 -24.57 -6.41
CA GLN A 217 -29.46 -25.82 -6.90
C GLN A 217 -28.57 -26.47 -7.98
N VAL A 218 -28.17 -27.73 -7.77
CA VAL A 218 -27.30 -28.43 -8.72
C VAL A 218 -28.00 -29.38 -9.70
N SER A 219 -27.89 -29.06 -10.99
CA SER A 219 -28.50 -29.85 -12.06
C SER A 219 -27.47 -30.67 -12.84
N SER A 220 -27.31 -30.35 -14.12
CA SER A 220 -26.39 -31.05 -15.03
C SER A 220 -24.92 -30.61 -14.90
N ASP A 221 -24.17 -30.77 -15.99
CA ASP A 221 -22.77 -30.41 -16.02
C ASP A 221 -22.56 -29.05 -16.69
N VAL A 222 -23.11 -28.91 -17.89
CA VAL A 222 -23.01 -27.68 -18.64
C VAL A 222 -24.05 -26.70 -18.10
N GLN A 223 -25.04 -27.24 -17.38
CA GLN A 223 -26.11 -26.43 -16.81
C GLN A 223 -25.74 -25.78 -15.48
N THR A 224 -25.22 -26.56 -14.54
CA THR A 224 -24.84 -26.01 -13.24
C THR A 224 -23.71 -25.00 -13.44
N ALA A 225 -22.88 -25.25 -14.45
CA ALA A 225 -21.77 -24.37 -14.75
C ALA A 225 -22.27 -22.97 -15.09
N LYS A 226 -23.18 -22.89 -16.06
CA LYS A 226 -23.73 -21.60 -16.46
C LYS A 226 -24.52 -20.98 -15.30
N GLU A 227 -24.96 -21.81 -14.37
CA GLU A 227 -25.70 -21.33 -13.21
C GLU A 227 -24.70 -20.61 -12.31
N PHE A 228 -23.49 -21.17 -12.25
CA PHE A 228 -22.42 -20.62 -11.44
C PHE A 228 -21.92 -19.31 -12.02
N ILE A 229 -21.45 -19.37 -13.27
CA ILE A 229 -20.95 -18.20 -13.96
C ILE A 229 -21.96 -17.08 -13.81
N LYS A 230 -23.22 -17.45 -13.60
CA LYS A 230 -24.30 -16.47 -13.43
C LYS A 230 -24.27 -15.92 -12.00
N ILE A 231 -24.04 -16.81 -11.03
CA ILE A 231 -23.98 -16.41 -9.63
C ILE A 231 -22.87 -15.36 -9.51
N ILE A 232 -21.70 -15.75 -9.99
CA ILE A 232 -20.50 -14.93 -9.97
C ILE A 232 -20.73 -13.58 -10.65
N GLU A 233 -21.20 -13.61 -11.89
CA GLU A 233 -21.45 -12.40 -12.66
C GLU A 233 -22.31 -11.42 -11.88
N ASN A 234 -23.40 -11.91 -11.30
CA ASN A 234 -24.29 -11.05 -10.53
C ASN A 234 -23.67 -10.53 -9.24
N ALA A 235 -22.90 -11.39 -8.57
CA ALA A 235 -22.28 -11.00 -7.31
C ALA A 235 -21.16 -10.00 -7.53
N GLU A 236 -20.35 -10.22 -8.55
CA GLU A 236 -19.23 -9.32 -8.83
C GLU A 236 -19.70 -8.00 -9.43
N ASN A 237 -20.81 -8.02 -10.16
CA ASN A 237 -21.33 -6.78 -10.73
C ASN A 237 -21.91 -5.96 -9.57
N GLU A 238 -22.52 -6.67 -8.63
CA GLU A 238 -23.11 -6.04 -7.45
C GLU A 238 -22.02 -5.44 -6.56
N TYR A 239 -20.91 -6.16 -6.44
CA TYR A 239 -19.77 -5.70 -5.64
C TYR A 239 -19.18 -4.46 -6.28
N GLN A 240 -18.88 -4.54 -7.57
CA GLN A 240 -18.31 -3.41 -8.30
C GLN A 240 -19.26 -2.22 -8.22
N THR A 241 -20.55 -2.49 -8.38
CA THR A 241 -21.56 -1.44 -8.33
C THR A 241 -21.53 -0.71 -7.00
N ALA A 242 -21.50 -1.48 -5.91
CA ALA A 242 -21.47 -0.91 -4.56
C ALA A 242 -20.20 -0.08 -4.35
N ILE A 243 -19.13 -0.43 -5.07
CA ILE A 243 -17.86 0.28 -4.97
C ILE A 243 -17.91 1.64 -5.68
N SER A 244 -18.48 1.70 -6.87
CA SER A 244 -18.58 2.96 -7.60
C SER A 244 -19.50 3.90 -6.84
N GLU A 245 -20.51 3.34 -6.18
CA GLU A 245 -21.45 4.13 -5.39
C GLU A 245 -20.71 4.71 -4.19
N ASN A 246 -19.94 3.86 -3.51
CA ASN A 246 -19.18 4.30 -2.36
C ASN A 246 -18.26 5.46 -2.77
N TYR A 247 -17.64 5.34 -3.93
CA TYR A 247 -16.76 6.38 -4.43
C TYR A 247 -17.56 7.69 -4.57
N GLN A 248 -18.78 7.55 -5.06
CA GLN A 248 -19.64 8.71 -5.27
C GLN A 248 -19.97 9.43 -3.97
N THR A 249 -20.36 8.67 -2.96
CA THR A 249 -20.70 9.26 -1.67
C THR A 249 -19.48 9.88 -1.00
N MET A 250 -18.37 9.15 -0.98
CA MET A 250 -17.15 9.65 -0.38
C MET A 250 -16.79 11.00 -0.98
N SER A 251 -16.89 11.11 -2.29
CA SER A 251 -16.52 12.36 -2.97
C SER A 251 -17.54 13.49 -2.87
N ASP A 252 -18.82 13.18 -2.74
CA ASP A 252 -19.82 14.26 -2.66
C ASP A 252 -20.41 14.50 -1.28
N THR A 253 -20.07 13.65 -0.31
CA THR A 253 -20.61 13.80 1.03
C THR A 253 -19.53 13.76 2.13
N THR A 254 -18.81 12.64 2.20
CA THR A 254 -17.79 12.48 3.24
C THR A 254 -16.64 13.48 3.09
N PHE A 255 -16.04 13.51 1.90
CA PHE A 255 -14.91 14.42 1.66
C PHE A 255 -15.24 15.89 1.93
N LYS A 256 -16.43 16.33 1.50
CA LYS A 256 -16.82 17.71 1.73
C LYS A 256 -17.11 18.01 3.19
N ALA A 257 -17.43 16.97 3.96
CA ALA A 257 -17.70 17.15 5.39
C ALA A 257 -16.40 17.27 6.19
N LEU A 258 -15.27 16.97 5.55
CA LEU A 258 -14.01 17.06 6.26
C LEU A 258 -13.47 18.49 6.24
N ARG A 259 -12.94 18.93 5.10
CA ARG A 259 -12.45 20.31 4.96
C ARG A 259 -13.19 21.02 3.83
N ARG A 260 -13.58 22.26 4.08
CA ARG A 260 -14.27 23.08 3.10
C ARG A 260 -13.25 23.41 2.03
N GLN A 261 -13.73 23.91 0.90
CA GLN A 261 -12.85 24.31 -0.19
C GLN A 261 -12.43 25.75 0.11
N LEU A 262 -13.35 26.54 0.66
CA LEU A 262 -13.11 27.93 1.05
C LEU A 262 -13.68 28.18 2.44
N PRO A 263 -13.12 29.16 3.18
CA PRO A 263 -13.60 29.45 4.53
C PRO A 263 -15.07 29.82 4.59
N VAL A 264 -15.64 29.73 5.78
CA VAL A 264 -17.03 30.08 5.99
C VAL A 264 -17.19 31.54 5.57
N THR A 265 -16.17 32.36 5.83
CA THR A 265 -16.21 33.76 5.46
C THR A 265 -16.29 33.90 3.94
N ARG A 266 -16.09 32.80 3.23
CA ARG A 266 -16.17 32.75 1.77
C ARG A 266 -15.10 33.50 0.97
N THR A 267 -13.98 33.80 1.62
CA THR A 267 -12.86 34.48 0.99
C THR A 267 -11.65 33.97 1.74
N LYS A 268 -10.49 33.99 1.12
CA LYS A 268 -9.32 33.51 1.83
C LYS A 268 -9.17 34.27 3.15
N ILE A 269 -8.47 33.65 4.08
CA ILE A 269 -8.28 34.21 5.40
C ILE A 269 -7.48 35.51 5.46
N ASP A 270 -7.97 36.41 6.31
CA ASP A 270 -7.32 37.69 6.56
C ASP A 270 -6.51 37.45 7.83
N TRP A 271 -5.27 37.03 7.64
CA TRP A 271 -4.41 36.72 8.76
C TRP A 271 -4.11 37.89 9.69
N ASN A 272 -4.12 39.11 9.16
CA ASN A 272 -3.86 40.25 10.01
C ASN A 272 -5.03 40.37 10.99
N LYS A 273 -6.21 40.02 10.52
CA LYS A 273 -7.41 40.07 11.35
C LYS A 273 -7.41 38.95 12.40
N ILE A 274 -6.87 37.79 12.04
CA ILE A 274 -6.82 36.69 12.99
C ILE A 274 -5.82 36.97 14.09
N LEU A 275 -4.73 37.64 13.75
CA LEU A 275 -3.68 37.94 14.70
C LEU A 275 -3.93 39.07 15.69
N SER A 276 -5.09 39.72 15.61
CA SER A 276 -5.39 40.81 16.54
C SER A 276 -6.85 40.94 16.98
N TYR A 277 -7.75 41.07 16.01
CA TYR A 277 -9.20 41.16 16.20
C TYR A 277 -9.96 39.99 16.83
N LYS A 278 -10.45 40.26 18.04
CA LYS A 278 -11.09 39.26 18.91
C LYS A 278 -12.51 39.58 19.38
N ILE A 279 -13.26 38.52 19.66
CA ILE A 279 -14.68 38.59 20.00
C ILE A 279 -14.79 39.24 21.37
N GLY A 280 -13.70 39.11 22.11
CA GLY A 280 -13.59 39.55 23.47
C GLY A 280 -12.36 38.79 23.94
N LYS A 281 -11.26 39.50 24.15
CA LYS A 281 -10.06 38.89 24.73
C LYS A 281 -9.68 37.67 23.87
N SER B 2 23.94 3.44 6.17
CA SER B 2 22.61 3.38 6.84
C SER B 2 21.69 4.52 6.37
N ASP B 3 22.21 5.38 5.51
CA ASP B 3 21.41 6.49 4.99
C ASP B 3 20.57 5.89 3.87
N GLN B 4 21.12 4.84 3.25
CA GLN B 4 20.42 4.13 2.18
C GLN B 4 19.34 3.34 2.90
N GLN B 5 19.61 2.98 4.15
CA GLN B 5 18.67 2.22 4.95
C GLN B 5 17.45 3.09 5.23
N LEU B 6 17.70 4.31 5.68
CA LEU B 6 16.62 5.23 5.97
C LEU B 6 15.86 5.43 4.66
N ASP B 7 16.59 5.64 3.57
CA ASP B 7 15.97 5.80 2.27
C ASP B 7 15.10 4.58 1.97
N CYS B 8 15.65 3.40 2.23
CA CYS B 8 14.90 2.17 1.98
C CYS B 8 13.72 2.04 2.91
N ALA B 9 13.87 2.55 4.14
CA ALA B 9 12.78 2.48 5.11
C ALA B 9 11.63 3.37 4.66
N LEU B 10 11.96 4.54 4.14
CA LEU B 10 10.93 5.48 3.67
C LEU B 10 10.24 4.97 2.40
N ASP B 11 11.01 4.34 1.52
CA ASP B 11 10.43 3.79 0.28
C ASP B 11 9.43 2.69 0.66
N LEU B 12 9.82 1.86 1.62
CA LEU B 12 8.96 0.77 2.07
C LEU B 12 7.61 1.27 2.61
N MET B 13 7.64 2.32 3.42
CA MET B 13 6.42 2.88 3.99
C MET B 13 5.59 3.56 2.89
N ARG B 14 6.23 3.87 1.78
CA ARG B 14 5.54 4.48 0.66
C ARG B 14 4.85 3.37 -0.17
N ARG B 15 5.03 2.11 0.23
CA ARG B 15 4.43 0.99 -0.51
C ARG B 15 3.52 0.07 0.32
N LEU B 16 3.84 -0.15 1.58
CA LEU B 16 2.99 -1.00 2.40
C LEU B 16 1.68 -0.25 2.63
N PRO B 17 0.58 -0.98 2.83
CA PRO B 17 -0.73 -0.38 3.06
C PRO B 17 -0.66 0.69 4.15
N PRO B 18 -1.00 1.95 3.80
CA PRO B 18 -0.94 3.02 4.82
C PRO B 18 -1.88 2.74 5.98
N GLN B 19 -2.89 1.88 5.75
CA GLN B 19 -3.83 1.53 6.81
C GLN B 19 -3.14 0.89 8.02
N GLN B 20 -1.97 0.28 7.82
CA GLN B 20 -1.25 -0.34 8.93
C GLN B 20 0.08 0.35 9.25
N ILE B 21 0.16 1.66 9.03
CA ILE B 21 1.39 2.36 9.29
C ILE B 21 1.92 2.12 10.70
N GLU B 22 1.03 2.19 11.69
CA GLU B 22 1.41 1.99 13.09
C GLU B 22 2.10 0.65 13.37
N LYS B 23 1.44 -0.45 13.02
CA LYS B 23 2.03 -1.77 13.23
C LYS B 23 3.31 -1.93 12.42
N ASN B 24 3.28 -1.54 11.14
CA ASN B 24 4.46 -1.69 10.30
C ASN B 24 5.66 -0.84 10.72
N LEU B 25 5.41 0.38 11.20
CA LEU B 25 6.51 1.26 11.62
C LEU B 25 7.20 0.66 12.83
N SER B 26 6.39 0.11 13.73
CA SER B 26 6.88 -0.53 14.93
C SER B 26 7.77 -1.70 14.53
N ASP B 27 7.29 -2.53 13.61
CA ASP B 27 8.05 -3.68 13.14
C ASP B 27 9.32 -3.21 12.45
N LEU B 28 9.20 -2.14 11.68
CA LEU B 28 10.33 -1.60 10.97
C LEU B 28 11.41 -1.20 11.98
N ILE B 29 10.99 -0.67 13.13
CA ILE B 29 11.95 -0.27 14.16
C ILE B 29 12.58 -1.51 14.81
N ASP B 30 11.79 -2.56 14.99
CA ASP B 30 12.28 -3.82 15.57
C ASP B 30 13.42 -4.31 14.69
N LEU B 31 13.19 -4.22 13.37
CA LEU B 31 14.14 -4.65 12.37
C LEU B 31 15.41 -3.81 12.34
N VAL B 32 15.27 -2.50 12.56
CA VAL B 32 16.43 -1.60 12.54
C VAL B 32 16.36 -0.58 13.69
N PRO B 33 16.52 -1.05 14.95
CA PRO B 33 16.47 -0.22 16.16
C PRO B 33 17.30 1.05 16.20
N SER B 34 18.35 1.13 15.40
CA SER B 34 19.19 2.32 15.40
C SER B 34 18.53 3.47 14.64
N LEU B 35 17.54 3.14 13.80
CA LEU B 35 16.83 4.14 13.01
C LEU B 35 15.55 4.63 13.68
N CYS B 36 15.30 4.16 14.90
CA CYS B 36 14.10 4.51 15.64
C CYS B 36 13.79 6.00 15.70
N GLU B 37 14.77 6.80 16.10
CA GLU B 37 14.55 8.23 16.18
C GLU B 37 14.30 8.84 14.81
N ASP B 38 15.10 8.45 13.82
CA ASP B 38 14.95 8.99 12.47
C ASP B 38 13.61 8.62 11.82
N LEU B 39 13.10 7.45 12.14
CA LEU B 39 11.83 7.00 11.57
C LEU B 39 10.65 7.66 12.25
N LEU B 40 10.73 7.81 13.57
CA LEU B 40 9.65 8.44 14.30
C LEU B 40 9.49 9.90 13.83
N SER B 41 10.56 10.49 13.34
CA SER B 41 10.44 11.87 12.90
C SER B 41 10.14 12.02 11.41
N SER B 42 10.53 11.04 10.61
CA SER B 42 10.31 11.14 9.17
C SER B 42 9.09 10.39 8.62
N VAL B 43 8.55 9.45 9.40
CA VAL B 43 7.39 8.68 8.96
C VAL B 43 6.09 9.20 9.57
N ASP B 44 5.25 9.78 8.73
CA ASP B 44 3.97 10.34 9.16
C ASP B 44 3.02 9.22 9.55
N GLN B 45 2.38 9.34 10.71
CA GLN B 45 1.42 8.34 11.10
C GLN B 45 0.09 8.97 11.50
N PRO B 46 -1.01 8.19 11.39
CA PRO B 46 -2.33 8.71 11.75
C PRO B 46 -2.19 9.50 13.04
N LEU B 47 -2.84 10.65 13.10
CA LEU B 47 -2.72 11.49 14.30
C LEU B 47 -3.54 10.97 15.48
N LYS B 48 -2.89 10.91 16.64
CA LYS B 48 -3.53 10.46 17.88
C LYS B 48 -3.93 11.66 18.73
N ILE B 49 -5.08 11.55 19.38
CA ILE B 49 -5.60 12.60 20.24
C ILE B 49 -5.29 12.22 21.68
N ALA B 50 -4.97 13.24 22.49
CA ALA B 50 -4.69 13.06 23.90
C ALA B 50 -5.50 14.13 24.63
N ARG B 51 -5.86 13.85 25.88
CA ARG B 51 -6.66 14.81 26.61
C ARG B 51 -5.84 15.56 27.65
N ASP B 52 -5.91 16.88 27.60
CA ASP B 52 -5.21 17.69 28.59
C ASP B 52 -6.26 17.80 29.68
N LYS B 53 -6.00 17.14 30.81
CA LYS B 53 -6.93 17.13 31.92
C LYS B 53 -7.05 18.47 32.65
N VAL B 54 -5.93 19.14 32.91
CA VAL B 54 -5.97 20.41 33.62
C VAL B 54 -6.77 21.49 32.88
N VAL B 55 -6.77 21.45 31.56
CA VAL B 55 -7.48 22.44 30.75
C VAL B 55 -8.77 21.89 30.13
N GLY B 56 -8.93 20.57 30.16
CA GLY B 56 -10.13 19.95 29.59
C GLY B 56 -10.19 20.12 28.07
N LYS B 57 -9.05 19.99 27.40
CA LYS B 57 -8.99 20.13 25.94
C LYS B 57 -8.09 19.09 25.30
N ASP B 58 -8.49 18.61 24.12
CA ASP B 58 -7.71 17.63 23.39
C ASP B 58 -6.57 18.33 22.67
N TYR B 59 -5.52 17.57 22.41
CA TYR B 59 -4.36 18.04 21.67
C TYR B 59 -3.88 16.85 20.87
N LEU B 60 -3.11 17.11 19.83
CA LEU B 60 -2.62 16.05 18.95
C LEU B 60 -1.17 15.64 19.23
N LEU B 61 -0.89 14.37 19.01
CA LEU B 61 0.44 13.84 19.25
C LEU B 61 1.28 13.66 17.99
N CYS B 62 2.56 13.97 18.11
CA CYS B 62 3.52 13.80 17.02
C CYS B 62 4.91 13.75 17.64
N ASP B 63 5.89 13.40 16.83
CA ASP B 63 7.26 13.28 17.28
C ASP B 63 7.79 14.61 17.80
N TYR B 64 7.27 15.71 17.29
CA TYR B 64 7.74 17.03 17.67
C TYR B 64 7.33 17.60 19.03
N ASN B 65 6.36 16.97 19.71
CA ASN B 65 6.00 17.42 21.05
C ASN B 65 6.24 16.26 22.00
N ARG B 66 7.05 15.32 21.55
CA ARG B 66 7.38 14.12 22.34
C ARG B 66 8.77 14.20 22.96
N ASP B 67 8.88 13.68 24.18
CA ASP B 67 10.17 13.60 24.86
C ASP B 67 10.15 12.24 25.54
N GLY B 68 10.95 11.31 25.02
CA GLY B 68 10.94 9.98 25.58
C GLY B 68 9.58 9.35 25.32
N ASP B 69 8.92 8.90 26.39
CA ASP B 69 7.61 8.26 26.29
C ASP B 69 6.43 9.20 26.63
N SER B 70 6.71 10.49 26.77
CA SER B 70 5.66 11.48 27.10
C SER B 70 5.48 12.53 26.00
N TYR B 71 4.33 13.21 26.04
CA TYR B 71 4.03 14.26 25.07
C TYR B 71 3.64 15.54 25.79
N ARG B 72 4.03 16.68 25.21
CA ARG B 72 3.75 17.99 25.79
C ARG B 72 2.45 18.59 25.27
N SER B 73 1.59 18.99 26.18
CA SER B 73 0.32 19.62 25.78
C SER B 73 0.60 21.05 25.34
N PRO B 74 -0.04 21.50 24.25
CA PRO B 74 0.18 22.87 23.77
C PRO B 74 -0.63 23.85 24.59
N TRP B 75 -1.55 23.33 25.41
CA TRP B 75 -2.39 24.17 26.24
C TRP B 75 -1.75 24.50 27.58
N SER B 76 -1.37 23.47 28.33
CA SER B 76 -0.77 23.67 29.66
C SER B 76 0.75 23.64 29.67
N ASN B 77 1.34 23.33 28.52
CA ASN B 77 2.78 23.24 28.39
C ASN B 77 3.36 22.23 29.37
N LYS B 78 2.60 21.18 29.64
CA LYS B 78 3.00 20.11 30.57
C LYS B 78 3.04 18.77 29.85
N TYR B 79 3.91 17.87 30.33
CA TYR B 79 4.05 16.53 29.76
C TYR B 79 3.15 15.47 30.37
N ASP B 80 2.71 14.55 29.53
CA ASP B 80 1.87 13.45 29.97
C ASP B 80 2.23 12.21 29.17
N PRO B 81 2.54 11.09 29.86
CA PRO B 81 2.55 11.03 31.33
C PRO B 81 3.57 12.00 31.92
N PRO B 82 3.42 12.36 33.19
CA PRO B 82 4.32 13.29 33.88
C PRO B 82 5.82 13.00 33.78
N LEU B 83 6.59 14.05 33.49
CA LEU B 83 8.05 14.01 33.38
C LEU B 83 8.61 15.05 34.33
N GLU B 84 9.88 14.91 34.67
CA GLU B 84 10.53 15.85 35.60
C GLU B 84 11.12 17.07 34.91
N ASP B 85 12.04 16.86 33.97
CA ASP B 85 12.70 17.96 33.25
C ASP B 85 12.54 17.82 31.74
N GLY B 86 11.30 17.71 31.29
CA GLY B 86 11.03 17.57 29.86
C GLY B 86 11.42 18.78 29.03
N ALA B 87 11.78 18.52 27.77
CA ALA B 87 12.18 19.57 26.86
C ALA B 87 11.04 20.57 26.66
N MET B 88 11.34 21.85 26.87
CA MET B 88 10.36 22.92 26.75
C MET B 88 10.89 24.03 25.85
N PRO B 89 9.99 24.71 25.14
CA PRO B 89 10.51 25.79 24.30
C PRO B 89 10.91 26.92 25.26
N SER B 90 11.70 27.86 24.79
CA SER B 90 12.08 28.98 25.65
C SER B 90 10.79 29.76 25.98
N ALA B 91 10.83 30.57 27.04
CA ALA B 91 9.66 31.35 27.44
C ALA B 91 9.16 32.24 26.29
N ARG B 92 10.09 32.82 25.54
CA ARG B 92 9.75 33.68 24.41
C ARG B 92 9.18 32.92 23.21
N LEU B 93 9.68 31.71 22.95
CA LEU B 93 9.15 30.90 21.86
C LEU B 93 7.79 30.34 22.30
N ARG B 94 7.69 29.96 23.58
CA ARG B 94 6.43 29.45 24.11
C ARG B 94 5.30 30.47 23.87
N LYS B 95 5.60 31.75 24.09
CA LYS B 95 4.60 32.80 23.88
C LYS B 95 4.13 32.81 22.42
N LEU B 96 5.08 32.72 21.50
CA LEU B 96 4.75 32.68 20.07
C LEU B 96 3.97 31.40 19.78
N GLU B 97 4.29 30.33 20.51
CA GLU B 97 3.62 29.05 20.32
C GLU B 97 2.16 29.17 20.72
N VAL B 98 1.91 29.90 21.80
CA VAL B 98 0.54 30.09 22.29
C VAL B 98 -0.25 30.84 21.24
N GLU B 99 0.36 31.89 20.71
CA GLU B 99 -0.26 32.70 19.67
C GLU B 99 -0.48 31.90 18.37
N ALA B 100 0.45 31.03 18.02
CA ALA B 100 0.29 30.22 16.80
C ALA B 100 -0.88 29.24 17.01
N ASN B 101 -0.97 28.66 18.19
CA ASN B 101 -2.08 27.75 18.46
C ASN B 101 -3.41 28.48 18.35
N ASN B 102 -3.47 29.69 18.89
CA ASN B 102 -4.72 30.44 18.84
C ASN B 102 -5.09 30.81 17.39
N ALA B 103 -4.10 31.23 16.61
CA ALA B 103 -4.34 31.61 15.21
C ALA B 103 -4.83 30.42 14.38
N PHE B 104 -4.20 29.26 14.57
CA PHE B 104 -4.59 28.09 13.80
C PHE B 104 -5.89 27.44 14.28
N ASP B 105 -6.27 27.73 15.52
CA ASP B 105 -7.55 27.27 16.05
C ASP B 105 -8.62 27.97 15.21
N GLN B 106 -8.42 29.25 14.94
CA GLN B 106 -9.36 30.02 14.13
C GLN B 106 -9.31 29.51 12.71
N TYR B 107 -8.09 29.28 12.21
CA TYR B 107 -7.92 28.74 10.86
C TYR B 107 -8.68 27.40 10.73
N ARG B 108 -8.53 26.55 11.72
CA ARG B 108 -9.20 25.24 11.72
C ARG B 108 -10.72 25.38 11.68
N ASP B 109 -11.26 26.23 12.56
CA ASP B 109 -12.70 26.42 12.60
C ASP B 109 -13.25 26.97 11.31
N LEU B 110 -12.51 27.89 10.68
CA LEU B 110 -12.92 28.52 9.43
C LEU B 110 -12.94 27.58 8.21
N TYR B 111 -11.97 26.68 8.15
CA TYR B 111 -11.90 25.73 7.04
C TYR B 111 -12.46 24.32 7.32
N PHE B 112 -12.42 23.88 8.57
CA PHE B 112 -12.89 22.54 8.92
C PHE B 112 -14.15 22.54 9.79
N GLU B 113 -14.50 23.70 10.35
CA GLU B 113 -15.67 23.81 11.22
C GLU B 113 -15.73 22.73 12.30
N GLY B 114 -14.59 22.47 12.93
CA GLY B 114 -14.55 21.46 13.97
C GLY B 114 -13.19 20.80 13.99
N GLY B 115 -13.11 19.62 14.59
CA GLY B 115 -11.83 18.92 14.65
C GLY B 115 -10.92 19.49 15.71
N VAL B 116 -9.65 19.10 15.68
CA VAL B 116 -8.66 19.54 16.67
C VAL B 116 -7.40 20.00 15.97
N SER B 117 -6.72 21.00 16.55
CA SER B 117 -5.47 21.50 15.98
C SER B 117 -4.44 21.64 17.09
N SER B 118 -3.17 21.58 16.74
CA SER B 118 -2.10 21.71 17.71
C SER B 118 -0.87 22.21 16.97
N VAL B 119 -0.16 23.17 17.56
CA VAL B 119 1.05 23.73 16.98
C VAL B 119 2.16 23.63 18.03
N TYR B 120 3.31 23.14 17.60
CA TYR B 120 4.45 23.03 18.49
C TYR B 120 5.61 23.67 17.75
N LEU B 121 6.39 24.46 18.48
CA LEU B 121 7.53 25.14 17.90
C LEU B 121 8.83 24.74 18.59
N TRP B 122 9.95 25.01 17.93
CA TRP B 122 11.26 24.75 18.51
C TRP B 122 12.28 25.66 17.84
N ASP B 123 13.28 26.08 18.62
CA ASP B 123 14.32 26.96 18.10
C ASP B 123 15.38 26.25 17.27
N LEU B 124 15.95 26.97 16.31
CA LEU B 124 17.01 26.44 15.46
C LEU B 124 18.19 27.39 15.63
N ASP B 125 19.29 27.11 14.95
CA ASP B 125 20.49 27.94 15.05
C ASP B 125 20.27 29.38 14.61
N HIS B 126 19.72 29.58 13.41
CA HIS B 126 19.46 30.93 12.92
C HIS B 126 18.01 31.12 12.52
N GLY B 127 17.11 30.55 13.31
CA GLY B 127 15.69 30.67 13.03
C GLY B 127 14.93 29.76 13.97
N PHE B 128 13.81 29.25 13.50
CA PHE B 128 13.02 28.34 14.30
C PHE B 128 12.15 27.47 13.39
N ALA B 129 11.54 26.45 13.96
CA ALA B 129 10.68 25.57 13.18
C ALA B 129 9.42 25.29 13.96
N GLY B 130 8.45 24.68 13.29
CA GLY B 130 7.21 24.37 13.96
C GLY B 130 6.43 23.34 13.18
N VAL B 131 5.47 22.71 13.85
CA VAL B 131 4.62 21.74 13.19
C VAL B 131 3.21 22.15 13.50
N ILE B 132 2.36 22.13 12.47
CA ILE B 132 0.94 22.47 12.63
C ILE B 132 0.18 21.17 12.38
N LEU B 133 -0.59 20.76 13.38
CA LEU B 133 -1.36 19.52 13.29
C LEU B 133 -2.86 19.80 13.29
N ILE B 134 -3.58 19.14 12.38
CA ILE B 134 -5.02 19.30 12.31
C ILE B 134 -5.67 17.94 12.06
N LYS B 135 -6.68 17.64 12.85
CA LYS B 135 -7.40 16.38 12.68
C LYS B 135 -8.88 16.68 12.67
N LYS B 136 -9.58 16.17 11.66
CA LYS B 136 -11.01 16.35 11.53
C LYS B 136 -11.66 15.04 11.08
N ALA B 137 -12.56 14.53 11.92
CA ALA B 137 -13.29 13.29 11.65
C ALA B 137 -14.74 13.64 11.32
N GLY B 138 -15.30 12.99 10.31
CA GLY B 138 -16.66 13.29 9.91
C GLY B 138 -17.76 12.69 10.78
N ASP B 139 -19.01 12.85 10.32
CA ASP B 139 -20.20 12.33 11.00
C ASP B 139 -20.05 10.87 11.39
N GLY B 140 -19.97 10.61 12.68
CA GLY B 140 -19.84 9.23 13.14
C GLY B 140 -21.10 8.42 12.96
N SER B 141 -22.16 9.06 12.49
CA SER B 141 -23.44 8.38 12.29
C SER B 141 -23.65 7.87 10.87
N LYS B 142 -22.80 8.30 9.94
CA LYS B 142 -22.95 7.87 8.56
C LYS B 142 -22.22 6.59 8.19
N LYS B 143 -22.84 5.86 7.26
CA LYS B 143 -22.32 4.60 6.75
C LYS B 143 -20.84 4.67 6.40
N ILE B 144 -20.42 5.82 5.87
CA ILE B 144 -19.03 6.01 5.48
C ILE B 144 -18.29 6.92 6.44
N LYS B 145 -17.19 6.42 6.98
CA LYS B 145 -16.35 7.17 7.92
C LYS B 145 -15.21 7.85 7.16
N GLY B 146 -14.81 9.02 7.64
CA GLY B 146 -13.75 9.77 6.99
C GLY B 146 -12.95 10.53 8.02
N CYS B 147 -11.66 10.71 7.75
CA CYS B 147 -10.79 11.44 8.65
C CYS B 147 -9.67 12.12 7.88
N TRP B 148 -9.44 13.38 8.23
CA TRP B 148 -8.42 14.20 7.59
C TRP B 148 -7.35 14.53 8.63
N ASP B 149 -6.10 14.24 8.29
CA ASP B 149 -4.98 14.54 9.16
C ASP B 149 -4.05 15.49 8.44
N SER B 150 -3.84 16.68 8.99
CA SER B 150 -2.90 17.64 8.39
C SER B 150 -1.62 17.64 9.21
N ILE B 151 -0.47 17.55 8.54
CA ILE B 151 0.81 17.57 9.21
C ILE B 151 1.71 18.53 8.44
N HIS B 152 1.85 19.75 8.97
CA HIS B 152 2.66 20.79 8.33
C HIS B 152 3.91 21.06 9.14
N VAL B 153 5.06 20.94 8.51
CA VAL B 153 6.32 21.22 9.20
C VAL B 153 6.96 22.37 8.46
N VAL B 154 7.17 23.47 9.16
CA VAL B 154 7.76 24.65 8.56
C VAL B 154 9.07 25.03 9.24
N GLU B 155 10.03 25.42 8.41
CA GLU B 155 11.34 25.84 8.88
C GLU B 155 11.49 27.29 8.48
N VAL B 156 11.81 28.14 9.45
CA VAL B 156 11.97 29.56 9.18
C VAL B 156 13.42 30.01 9.33
N GLN B 157 14.00 30.48 8.24
CA GLN B 157 15.37 30.97 8.22
C GLN B 157 15.29 32.49 8.34
N GLU B 158 15.68 33.01 9.48
CA GLU B 158 15.65 34.44 9.71
C GLU B 158 16.91 35.11 9.16
N LYS B 159 16.71 36.27 8.52
CA LYS B 159 17.84 37.00 7.95
C LYS B 159 18.35 38.07 8.91
N SER B 160 19.67 38.09 9.08
CA SER B 160 20.31 39.07 9.97
C SER B 160 19.78 40.46 9.67
N SER B 161 19.98 40.89 8.43
CA SER B 161 19.52 42.21 8.01
C SER B 161 18.38 42.05 7.02
N GLY B 162 17.26 42.74 7.27
CA GLY B 162 16.17 42.67 6.33
C GLY B 162 14.73 42.48 6.80
N ARG B 163 14.52 41.54 7.73
CA ARG B 163 13.16 41.24 8.15
C ARG B 163 12.43 40.86 6.86
N THR B 164 12.95 39.77 6.34
CA THR B 164 12.52 39.09 5.15
C THR B 164 13.05 37.77 5.66
N ALA B 165 12.30 36.70 5.50
CA ALA B 165 12.77 35.41 6.00
C ALA B 165 12.57 34.35 4.95
N HIS B 166 13.25 33.23 5.13
CA HIS B 166 13.10 32.15 4.20
C HIS B 166 12.22 31.11 4.86
N TYR B 167 11.12 30.75 4.20
CA TYR B 167 10.22 29.75 4.74
C TYR B 167 10.25 28.49 3.88
N LYS B 168 10.37 27.34 4.54
CA LYS B 168 10.37 26.05 3.86
C LYS B 168 9.24 25.25 4.52
N LEU B 169 8.21 24.94 3.75
CA LEU B 169 7.06 24.20 4.26
C LEU B 169 6.92 22.83 3.60
N THR B 170 6.90 21.79 4.41
CA THR B 170 6.71 20.43 3.90
C THR B 170 5.41 19.98 4.53
N SER B 171 4.41 19.74 3.68
CA SER B 171 3.10 19.36 4.16
C SER B 171 2.59 18.00 3.69
N THR B 172 1.91 17.31 4.61
CA THR B 172 1.31 16.02 4.29
C THR B 172 -0.12 16.00 4.78
N VAL B 173 -1.03 15.59 3.91
CA VAL B 173 -2.41 15.45 4.31
C VAL B 173 -2.72 13.96 4.20
N MET B 174 -3.16 13.37 5.30
CA MET B 174 -3.52 11.96 5.32
C MET B 174 -5.04 11.94 5.30
N LEU B 175 -5.60 11.28 4.28
CA LEU B 175 -7.05 11.18 4.13
C LEU B 175 -7.44 9.72 4.20
N TRP B 176 -8.30 9.41 5.17
CA TRP B 176 -8.79 8.06 5.43
C TRP B 176 -10.29 7.97 5.23
N LEU B 177 -10.71 6.99 4.43
CA LEU B 177 -12.13 6.77 4.14
C LEU B 177 -12.38 5.28 4.32
N GLN B 178 -13.44 4.92 5.03
CA GLN B 178 -13.77 3.52 5.27
C GLN B 178 -15.27 3.28 5.34
N THR B 179 -15.69 2.11 4.91
CA THR B 179 -17.10 1.74 4.95
C THR B 179 -17.30 0.22 5.11
N ASN B 180 -18.28 -0.16 5.93
CA ASN B 180 -18.61 -1.56 6.17
C ASN B 180 -20.08 -1.73 5.78
N LYS B 181 -20.34 -1.76 4.47
CA LYS B 181 -21.70 -1.92 3.98
C LYS B 181 -21.86 -3.24 3.25
N THR B 182 -23.01 -3.87 3.46
CA THR B 182 -23.34 -5.16 2.84
C THR B 182 -22.81 -5.31 1.42
N GLY B 183 -23.29 -4.44 0.53
CA GLY B 183 -22.88 -4.49 -0.86
C GLY B 183 -21.41 -4.32 -1.17
N SER B 184 -20.66 -3.68 -0.29
CA SER B 184 -19.23 -3.48 -0.54
C SER B 184 -18.33 -4.25 0.39
N GLY B 185 -18.90 -4.89 1.40
CA GLY B 185 -18.10 -5.61 2.37
C GLY B 185 -17.28 -4.56 3.08
N THR B 186 -15.96 -4.70 3.09
CA THR B 186 -15.12 -3.70 3.71
C THR B 186 -14.35 -2.99 2.61
N MET B 187 -14.52 -1.67 2.56
CA MET B 187 -13.83 -0.86 1.56
C MET B 187 -13.04 0.22 2.31
N ASN B 188 -11.73 0.23 2.10
CA ASN B 188 -10.86 1.20 2.75
C ASN B 188 -10.05 1.95 1.71
N LEU B 189 -10.26 3.26 1.63
CA LEU B 189 -9.53 4.10 0.68
C LEU B 189 -8.75 5.09 1.54
N GLY B 190 -7.44 4.88 1.67
CA GLY B 190 -6.68 5.78 2.52
C GLY B 190 -5.24 5.98 2.16
N GLY B 191 -4.57 6.82 2.95
CA GLY B 191 -3.17 7.11 2.69
C GLY B 191 -2.92 8.59 2.80
N SER B 192 -2.01 9.11 1.99
CA SER B 192 -1.69 10.52 2.08
C SER B 192 -0.91 11.02 0.88
N LEU B 193 -0.85 12.34 0.76
CA LEU B 193 -0.12 13.01 -0.31
C LEU B 193 0.77 14.06 0.36
N THR B 194 1.97 14.25 -0.18
CA THR B 194 2.91 15.20 0.39
C THR B 194 3.33 16.22 -0.66
N ARG B 195 3.46 17.46 -0.22
CA ARG B 195 3.90 18.51 -1.12
C ARG B 195 4.87 19.39 -0.34
N GLN B 196 5.80 20.02 -1.06
CA GLN B 196 6.78 20.89 -0.43
C GLN B 196 6.80 22.24 -1.13
N MET B 197 7.14 23.27 -0.38
CA MET B 197 7.13 24.62 -0.91
C MET B 197 8.16 25.45 -0.14
N GLU B 198 8.81 26.38 -0.84
CA GLU B 198 9.81 27.27 -0.26
C GLU B 198 9.62 28.66 -0.81
N LYS B 199 9.76 29.68 0.03
CA LYS B 199 9.57 31.05 -0.42
C LYS B 199 10.26 32.08 0.46
N ASP B 200 10.76 33.14 -0.15
CA ASP B 200 11.39 34.22 0.59
C ASP B 200 10.26 35.20 0.78
N GLU B 201 10.14 35.74 1.98
CA GLU B 201 9.03 36.63 2.28
C GLU B 201 9.36 37.77 3.23
N THR B 202 8.66 38.89 3.06
CA THR B 202 8.84 40.04 3.91
C THR B 202 8.17 39.79 5.25
N VAL B 203 8.86 40.15 6.33
CA VAL B 203 8.30 40.00 7.67
C VAL B 203 8.15 41.42 8.24
N SER B 204 6.93 41.78 8.59
CA SER B 204 6.65 43.11 9.13
C SER B 204 5.57 43.04 10.21
N ASP B 205 5.25 44.19 10.81
CA ASP B 205 4.23 44.23 11.86
C ASP B 205 2.86 43.81 11.32
N SER B 206 2.57 44.15 10.08
CA SER B 206 1.29 43.80 9.48
C SER B 206 1.34 42.39 8.87
N SER B 207 2.55 41.87 8.66
CA SER B 207 2.70 40.52 8.12
C SER B 207 3.79 39.76 8.87
N PRO B 208 3.55 39.46 10.16
CA PRO B 208 4.51 38.73 10.99
C PRO B 208 4.66 37.26 10.61
N HIS B 209 5.53 36.55 11.33
CA HIS B 209 5.77 35.15 11.05
C HIS B 209 4.51 34.27 10.94
N ILE B 210 3.59 34.43 11.88
CA ILE B 210 2.38 33.60 11.88
C ILE B 210 1.56 33.86 10.63
N ALA B 211 1.43 35.11 10.22
CA ALA B 211 0.66 35.42 9.02
C ALA B 211 1.33 34.75 7.81
N ASN B 212 2.64 34.84 7.71
CA ASN B 212 3.34 34.24 6.56
C ASN B 212 3.18 32.72 6.55
N ILE B 213 3.34 32.11 7.72
CA ILE B 213 3.21 30.66 7.83
C ILE B 213 1.75 30.29 7.52
N GLY B 214 0.82 31.06 8.07
CA GLY B 214 -0.60 30.83 7.84
C GLY B 214 -0.97 30.84 6.37
N ARG B 215 -0.51 31.86 5.64
CA ARG B 215 -0.78 31.99 4.21
C ARG B 215 -0.22 30.80 3.45
N LEU B 216 0.97 30.36 3.83
CA LEU B 216 1.59 29.21 3.16
C LEU B 216 0.79 27.93 3.46
N VAL B 217 0.42 27.72 4.72
CA VAL B 217 -0.36 26.55 5.09
C VAL B 217 -1.69 26.52 4.32
N GLU B 218 -2.39 27.66 4.32
CA GLU B 218 -3.67 27.78 3.63
C GLU B 218 -3.55 27.46 2.15
N ASP B 219 -2.58 28.07 1.46
CA ASP B 219 -2.39 27.81 0.04
C ASP B 219 -2.06 26.34 -0.19
N MET B 220 -1.20 25.80 0.67
CA MET B 220 -0.78 24.41 0.58
C MET B 220 -1.99 23.49 0.74
N GLU B 221 -2.79 23.68 1.79
CA GLU B 221 -3.94 22.82 2.00
C GLU B 221 -4.99 22.94 0.91
N ASN B 222 -5.19 24.14 0.36
CA ASN B 222 -6.17 24.30 -0.71
C ASN B 222 -5.73 23.52 -1.95
N LYS B 223 -4.43 23.54 -2.20
CA LYS B 223 -3.87 22.81 -3.34
C LYS B 223 -3.93 21.30 -3.13
N ILE B 224 -3.58 20.87 -1.93
CA ILE B 224 -3.60 19.44 -1.64
C ILE B 224 -5.03 18.90 -1.61
N ARG B 225 -5.99 19.74 -1.22
CA ARG B 225 -7.39 19.31 -1.19
C ARG B 225 -7.87 18.96 -2.61
N SER B 226 -7.44 19.77 -3.57
CA SER B 226 -7.82 19.56 -4.97
C SER B 226 -7.19 18.28 -5.51
N THR B 227 -5.90 18.09 -5.21
CA THR B 227 -5.16 16.92 -5.64
C THR B 227 -5.75 15.66 -5.03
N LEU B 228 -6.14 15.74 -3.75
CA LEU B 228 -6.73 14.61 -3.05
C LEU B 228 -8.02 14.20 -3.74
N ASN B 229 -8.87 15.18 -4.03
CA ASN B 229 -10.13 14.90 -4.70
C ASN B 229 -9.86 14.21 -6.04
N GLU B 230 -8.89 14.73 -6.78
CA GLU B 230 -8.53 14.15 -8.07
C GLU B 230 -7.99 12.72 -7.95
N ILE B 231 -6.97 12.52 -7.12
CA ILE B 231 -6.36 11.21 -6.96
C ILE B 231 -7.28 10.15 -6.35
N TYR B 232 -7.87 10.46 -5.20
CA TYR B 232 -8.75 9.51 -4.53
C TYR B 232 -10.02 9.13 -5.31
N PHE B 233 -10.82 10.14 -5.63
CA PHE B 233 -12.08 9.92 -6.32
C PHE B 233 -11.99 9.94 -7.83
N GLY B 234 -10.84 10.36 -8.34
CA GLY B 234 -10.66 10.37 -9.77
C GLY B 234 -9.78 9.22 -10.22
N LYS B 235 -8.48 9.33 -9.96
CA LYS B 235 -7.53 8.31 -10.38
C LYS B 235 -7.70 6.88 -9.85
N THR B 236 -7.85 6.68 -8.54
CA THR B 236 -7.98 5.29 -8.09
C THR B 236 -9.28 4.66 -8.61
N LYS B 237 -10.29 5.48 -8.86
CA LYS B 237 -11.57 4.98 -9.37
C LYS B 237 -11.35 4.50 -10.80
N ASP B 238 -10.63 5.30 -11.58
CA ASP B 238 -10.34 4.96 -12.96
C ASP B 238 -9.51 3.68 -13.05
N ILE B 239 -8.60 3.48 -12.12
CA ILE B 239 -7.77 2.29 -12.14
C ILE B 239 -8.69 1.11 -11.87
N VAL B 240 -9.63 1.31 -10.94
CA VAL B 240 -10.60 0.28 -10.58
C VAL B 240 -11.46 -0.11 -11.79
N ASN B 241 -11.87 0.87 -12.57
CA ASN B 241 -12.70 0.57 -13.74
C ASN B 241 -11.89 -0.06 -14.87
N GLY B 242 -10.58 -0.02 -14.75
CA GLY B 242 -9.73 -0.62 -15.76
C GLY B 242 -9.42 -2.07 -15.43
N LEU B 243 -9.75 -2.49 -14.21
CA LEU B 243 -9.51 -3.85 -13.78
C LEU B 243 -10.68 -4.74 -14.16
N ARG B 244 -11.89 -4.16 -14.13
CA ARG B 244 -13.10 -4.88 -14.48
C ARG B 244 -14.13 -3.91 -15.03
N SER B 245 -15.11 -4.45 -15.72
CA SER B 245 -16.19 -3.66 -16.32
C SER B 245 -17.50 -4.42 -16.13
N ILE B 246 -18.53 -3.74 -15.68
CA ILE B 246 -19.81 -4.39 -15.47
C ILE B 246 -20.46 -4.78 -16.80
N ASP B 247 -20.33 -3.90 -17.78
CA ASP B 247 -20.90 -4.17 -19.09
C ASP B 247 -19.91 -5.02 -19.87
N ALA B 248 -20.43 -5.94 -20.67
CA ALA B 248 -19.57 -6.79 -21.48
C ALA B 248 -18.67 -5.92 -22.34
N ILE B 249 -17.37 -6.17 -22.27
CA ILE B 249 -16.42 -5.39 -23.05
C ILE B 249 -16.35 -5.92 -24.48
N PRO B 250 -16.82 -5.13 -25.45
CA PRO B 250 -16.79 -5.57 -26.85
C PRO B 250 -15.41 -6.15 -27.15
N ASP B 251 -15.29 -7.47 -27.05
CA ASP B 251 -14.05 -8.16 -27.38
C ASP B 251 -13.55 -7.88 -28.78
N ASN B 252 -12.24 -7.77 -28.94
CA ASN B 252 -11.69 -7.53 -30.26
C ASN B 252 -10.62 -8.53 -30.65
N GLN B 253 -10.93 -9.28 -31.70
CA GLN B 253 -10.15 -10.43 -32.13
C GLN B 253 -8.95 -9.93 -32.93
N LYS B 254 -9.20 -8.90 -33.73
CA LYS B 254 -8.28 -8.47 -34.77
C LYS B 254 -6.88 -8.15 -34.25
N TYR B 255 -6.80 -7.21 -33.31
CA TYR B 255 -5.51 -6.80 -32.78
C TYR B 255 -4.82 -7.92 -32.02
N LYS B 256 -5.58 -8.76 -31.32
CA LYS B 256 -4.97 -9.79 -30.49
C LYS B 256 -4.30 -10.87 -31.35
N GLN B 257 -4.91 -11.16 -32.48
CA GLN B 257 -4.43 -12.22 -33.37
C GLN B 257 -3.08 -11.77 -33.93
N LEU B 258 -3.01 -10.51 -34.34
CA LEU B 258 -1.79 -9.94 -34.93
C LEU B 258 -0.66 -9.92 -33.91
N GLN B 259 -1.00 -9.69 -32.66
CA GLN B 259 0.00 -9.32 -31.67
C GLN B 259 1.01 -10.43 -31.46
N ARG B 260 0.54 -11.68 -31.45
CA ARG B 260 1.42 -12.79 -31.10
C ARG B 260 2.44 -12.98 -32.22
N GLU B 261 1.99 -12.84 -33.46
CA GLU B 261 2.82 -13.12 -34.63
C GLU B 261 4.07 -12.24 -34.69
N LEU B 262 3.89 -10.93 -34.50
CA LEU B 262 4.99 -9.97 -34.50
C LEU B 262 5.95 -10.13 -33.33
N SER B 263 5.45 -10.62 -32.20
CA SER B 263 6.23 -10.66 -30.96
C SER B 263 7.37 -11.66 -31.01
N GLN B 264 7.05 -12.89 -31.41
CA GLN B 264 8.02 -13.97 -31.33
C GLN B 264 9.22 -13.72 -32.24
N VAL B 265 9.02 -12.89 -33.26
CA VAL B 265 10.09 -12.61 -34.21
C VAL B 265 11.19 -11.82 -33.50
N LEU B 266 10.80 -10.86 -32.68
CA LEU B 266 11.76 -9.95 -32.07
C LEU B 266 12.62 -10.65 -31.02
N THR B 267 12.04 -11.62 -30.31
CA THR B 267 12.77 -12.34 -29.26
C THR B 267 13.89 -13.22 -29.83
N GLN B 268 13.63 -13.86 -30.96
CA GLN B 268 14.59 -14.78 -31.57
C GLN B 268 15.53 -14.00 -32.47
N ARG B 269 15.48 -12.68 -32.35
CA ARG B 269 16.36 -11.74 -33.05
C ARG B 269 17.23 -11.04 -32.02
N GLN B 270 16.60 -10.60 -30.93
CA GLN B 270 17.33 -9.97 -29.84
C GLN B 270 17.79 -11.18 -29.06
N ILE B 271 18.61 -10.96 -28.03
CA ILE B 271 18.90 -11.97 -27.03
C ILE B 271 17.63 -12.63 -26.48
N GLY C 4 22.90 -16.67 -12.00
CA GLY C 4 21.53 -17.25 -11.88
C GLY C 4 21.06 -17.17 -10.43
N SER C 5 21.73 -17.92 -9.56
CA SER C 5 21.38 -17.93 -8.15
C SER C 5 19.87 -18.08 -7.97
N TRP C 6 19.43 -19.30 -7.70
CA TRP C 6 18.01 -19.57 -7.52
C TRP C 6 17.52 -18.97 -6.19
N GLY C 7 16.46 -19.55 -5.64
CA GLY C 7 15.91 -19.07 -4.38
C GLY C 7 16.92 -19.20 -3.25
N CYS C 8 17.55 -20.37 -3.15
CA CYS C 8 18.54 -20.61 -2.11
C CYS C 8 19.48 -21.74 -2.52
N VAL C 9 20.32 -21.47 -3.52
CA VAL C 9 21.27 -22.48 -3.99
C VAL C 9 22.28 -22.81 -2.90
N ARG C 10 23.19 -21.88 -2.65
CA ARG C 10 24.22 -22.08 -1.63
C ARG C 10 24.99 -20.80 -1.37
N GLN C 11 25.93 -20.86 -0.44
CA GLN C 11 26.74 -19.69 -0.11
C GLN C 11 27.58 -19.27 -1.31
N GLU C 12 27.62 -17.96 -1.58
CA GLU C 12 28.40 -17.44 -2.70
C GLU C 12 29.21 -16.23 -2.26
N LYS C 13 29.36 -16.06 -0.95
CA LYS C 13 30.12 -14.94 -0.42
C LYS C 13 31.61 -15.16 -0.61
N ARG C 14 32.32 -14.10 -1.00
CA ARG C 14 33.77 -14.19 -1.21
C ARG C 14 34.40 -12.81 -1.16
N SER C 15 33.68 -11.82 -1.66
CA SER C 15 34.18 -10.44 -1.66
C SER C 15 33.11 -9.48 -2.16
N SER C 16 32.53 -9.80 -3.32
CA SER C 16 31.50 -8.95 -3.90
C SER C 16 30.62 -9.76 -4.85
N GLY C 17 29.51 -9.17 -5.27
CA GLY C 17 28.59 -9.84 -6.18
C GLY C 17 29.07 -9.71 -7.62
N LEU C 18 28.28 -10.23 -8.56
CA LEU C 18 28.63 -10.17 -9.96
C LEU C 18 28.54 -8.74 -10.48
N ILE C 19 29.02 -8.52 -11.70
CA ILE C 19 28.99 -7.19 -12.29
C ILE C 19 27.55 -6.73 -12.49
N SER C 20 26.70 -7.64 -12.95
CA SER C 20 25.29 -7.33 -13.17
C SER C 20 24.51 -7.41 -11.87
N GLU C 21 23.51 -6.55 -11.71
CA GLU C 21 22.68 -6.55 -10.51
C GLU C 21 21.24 -6.23 -10.85
N LEU C 22 20.32 -7.08 -10.39
CA LEU C 22 18.91 -6.88 -10.65
C LEU C 22 18.08 -7.94 -9.93
N PRO C 23 18.40 -9.18 -10.12
CA PRO C 23 17.67 -10.32 -9.49
C PRO C 23 17.31 -10.02 -8.03
N SER C 24 18.26 -10.28 -7.13
CA SER C 24 18.04 -10.02 -5.70
C SER C 24 18.54 -8.63 -5.33
N GLU C 25 19.39 -8.07 -6.18
CA GLU C 25 19.93 -6.73 -5.92
C GLU C 25 19.18 -5.68 -6.72
N GLU C 26 19.74 -4.48 -6.78
CA GLU C 26 19.11 -3.40 -7.53
C GLU C 26 20.16 -2.37 -7.96
N GLY C 27 19.72 -1.13 -8.15
CA GLY C 27 20.61 -0.06 -8.57
C GLY C 27 20.00 1.31 -8.30
N ARG C 28 20.81 2.26 -7.87
CA ARG C 28 20.32 3.61 -7.59
C ARG C 28 21.49 4.54 -7.29
N ARG C 29 21.40 5.26 -6.18
CA ARG C 29 22.45 6.20 -5.79
C ARG C 29 22.74 6.08 -4.29
N LEU C 30 24.00 6.34 -3.92
CA LEU C 30 24.40 6.25 -2.52
C LEU C 30 24.52 7.65 -1.92
N GLU C 31 24.14 7.79 -0.66
CA GLU C 31 24.22 9.08 0.02
C GLU C 31 24.57 8.89 1.49
N HIS C 32 25.07 9.95 2.11
CA HIS C 32 25.45 9.89 3.52
C HIS C 32 25.27 11.25 4.19
N PHE C 33 24.07 11.82 4.03
CA PHE C 33 23.78 13.12 4.62
C PHE C 33 22.44 13.09 5.35
N THR C 34 22.40 13.73 6.52
CA THR C 34 21.18 13.77 7.32
C THR C 34 20.29 14.93 6.88
N LYS C 35 19.00 14.84 7.20
CA LYS C 35 18.06 15.89 6.84
C LYS C 35 17.81 16.84 8.01
N LEU C 36 17.01 16.38 8.97
CA LEU C 36 16.70 17.19 10.14
C LEU C 36 17.88 17.20 11.11
N ARG C 37 18.02 18.28 11.86
CA ARG C 37 19.11 18.40 12.82
C ARG C 37 18.65 19.14 14.07
N PRO C 38 17.86 18.48 14.88
CA PRO C 38 17.34 19.08 16.15
C PRO C 38 18.40 19.12 17.24
N LYS C 39 18.25 20.07 18.17
CA LYS C 39 19.21 20.20 19.26
C LYS C 39 19.56 18.85 19.85
N ARG C 40 20.82 18.67 20.20
CA ARG C 40 21.29 17.40 20.77
C ARG C 40 20.38 16.96 21.91
N ASN C 41 19.32 16.24 21.58
CA ASN C 41 18.39 15.75 22.60
C ASN C 41 17.55 14.60 22.05
N LYS C 42 17.95 13.38 22.37
CA LYS C 42 17.23 12.21 21.91
C LYS C 42 17.26 11.11 22.97
N LYS C 43 16.17 10.35 23.05
CA LYS C 43 16.08 9.26 24.03
C LYS C 43 15.27 8.11 23.47
N GLN C 44 15.56 6.90 23.95
CA GLN C 44 14.86 5.71 23.49
C GLN C 44 14.52 4.79 24.65
N GLN C 45 13.22 4.67 24.95
CA GLN C 45 12.78 3.83 26.05
C GLN C 45 11.40 3.23 25.75
N PRO C 46 11.10 2.10 26.34
CA PRO C 46 9.79 1.41 26.14
C PRO C 46 8.62 2.37 26.18
N THR C 47 7.58 2.08 25.40
CA THR C 47 6.40 2.93 25.36
C THR C 47 5.14 2.08 25.19
N GLN C 48 4.02 2.61 25.66
CA GLN C 48 2.75 1.89 25.57
C GLN C 48 1.85 2.52 24.51
N ALA C 49 0.58 2.14 24.52
CA ALA C 49 -0.37 2.69 23.55
C ALA C 49 -1.69 3.01 24.22
N ALA C 50 -2.14 2.15 25.12
CA ALA C 50 -3.39 2.35 25.83
C ALA C 50 -4.46 2.91 24.89
N VAL C 51 -4.87 4.14 25.12
CA VAL C 51 -5.89 4.77 24.29
C VAL C 51 -5.56 6.25 24.06
N CYS C 52 -5.98 6.77 22.91
CA CYS C 52 -5.72 8.16 22.59
C CYS C 52 -6.94 8.81 21.93
N THR C 53 -7.51 8.11 20.94
CA THR C 53 -8.68 8.62 20.24
C THR C 53 -9.78 7.56 20.17
N ILE C 54 -10.98 7.97 19.82
CA ILE C 54 -12.10 7.05 19.71
C ILE C 54 -12.96 7.38 18.49
N SER C 55 -12.90 6.52 17.47
CA SER C 55 -13.66 6.73 16.26
C SER C 55 -13.55 5.53 15.34
N ILE C 56 -12.39 5.38 14.69
CA ILE C 56 -12.17 4.26 13.79
C ILE C 56 -11.70 3.04 14.56
N LEU C 57 -12.29 1.89 14.26
CA LEU C 57 -11.93 0.65 14.94
C LEU C 57 -12.15 -0.55 14.03
N PRO C 58 -13.38 -0.78 13.66
CA PRO C 58 -13.75 -1.94 12.79
C PRO C 58 -12.76 -2.14 11.64
N GLN C 59 -12.71 -3.36 11.12
CA GLN C 59 -11.80 -3.67 10.02
C GLN C 59 -10.36 -3.57 10.49
N ASP C 60 -10.04 -4.25 11.58
CA ASP C 60 -8.68 -4.22 12.13
C ASP C 60 -8.42 -5.44 12.99
N GLY C 61 -8.22 -6.59 12.34
CA GLY C 61 -7.97 -7.84 13.05
C GLY C 61 -7.54 -8.94 12.09
N GLU C 62 -7.09 -10.06 12.64
CA GLU C 62 -6.66 -11.18 11.82
C GLU C 62 -6.76 -12.49 12.61
N GLN C 63 -6.98 -13.59 11.89
CA GLN C 63 -7.10 -14.89 12.53
C GLN C 63 -6.49 -15.97 11.64
N ASN C 64 -6.04 -17.06 12.27
CA ASN C 64 -5.45 -18.17 11.53
C ASN C 64 -5.85 -19.50 12.14
N GLY C 65 -6.73 -20.23 11.45
CA GLY C 65 -7.19 -21.52 11.93
C GLY C 65 -7.41 -22.49 10.77
N LEU C 66 -6.94 -22.10 9.59
CA LEU C 66 -7.08 -22.94 8.40
C LEU C 66 -8.56 -23.25 8.14
N MET C 67 -9.43 -22.65 8.94
CA MET C 67 -10.87 -22.87 8.79
C MET C 67 -11.38 -22.19 7.52
N GLY C 68 -12.68 -22.30 7.28
CA GLY C 68 -13.28 -21.70 6.10
C GLY C 68 -14.80 -21.58 6.26
N ARG C 69 -15.43 -20.85 5.35
CA ARG C 69 -16.87 -20.67 5.40
C ARG C 69 -17.59 -22.01 5.24
N VAL C 70 -17.11 -22.81 4.30
CA VAL C 70 -17.71 -24.12 4.05
C VAL C 70 -17.16 -25.15 5.03
N ASP C 71 -16.69 -24.68 6.17
CA ASP C 71 -16.16 -25.57 7.19
C ASP C 71 -15.16 -26.54 6.58
N GLU C 72 -13.91 -26.11 6.44
CA GLU C 72 -12.87 -26.95 5.86
C GLU C 72 -11.56 -26.77 6.61
N GLY C 73 -10.74 -27.82 6.62
CA GLY C 73 -9.45 -27.78 7.32
C GLY C 73 -8.97 -29.17 7.66
N VAL C 74 -7.99 -29.66 6.90
CA VAL C 74 -7.45 -31.00 7.13
C VAL C 74 -5.98 -31.05 6.74
N ASP C 75 -5.61 -30.29 5.71
CA ASP C 75 -4.23 -30.26 5.25
C ASP C 75 -3.82 -31.64 4.72
N GLU C 76 -4.63 -32.19 3.82
CA GLU C 76 -4.34 -33.50 3.25
C GLU C 76 -3.09 -33.43 2.37
N PHE C 77 -1.93 -33.27 3.00
CA PHE C 77 -0.68 -33.19 2.28
C PHE C 77 0.47 -33.77 3.10
N PHE C 78 1.45 -34.36 2.43
CA PHE C 78 2.59 -34.95 3.12
C PHE C 78 3.37 -33.87 3.87
N THR C 79 3.58 -32.73 3.22
CA THR C 79 4.31 -31.63 3.84
C THR C 79 3.59 -31.15 5.09
N LYS C 80 2.28 -30.98 4.98
CA LYS C 80 1.48 -30.51 6.12
C LYS C 80 1.99 -29.16 6.61
N LYS C 81 1.89 -28.15 5.75
CA LYS C 81 2.34 -26.81 6.11
C LYS C 81 1.29 -25.77 5.75
N VAL C 82 0.57 -26.02 4.66
CA VAL C 82 -0.47 -25.10 4.22
C VAL C 82 -1.72 -25.86 3.81
N THR C 83 -2.84 -25.15 3.74
CA THR C 83 -4.11 -25.78 3.36
C THR C 83 -4.84 -24.93 2.32
N GLY C 84 -5.70 -25.57 1.53
CA GLY C 84 -6.46 -24.87 0.52
C GLY C 84 -7.58 -24.03 1.14
N CYS C 85 -7.81 -22.85 0.58
CA CYS C 85 -8.87 -21.97 1.10
C CYS C 85 -10.24 -22.57 0.82
N ARG A 7 15.06 -7.42 23.70
CA ARG A 7 14.31 -8.46 22.93
C ARG A 7 14.61 -8.29 21.45
N VAL A 8 15.80 -8.74 21.03
CA VAL A 8 16.19 -8.62 19.62
C VAL A 8 16.92 -9.89 19.20
N SER A 9 16.62 -10.34 17.98
CA SER A 9 17.22 -11.54 17.43
C SER A 9 17.19 -11.49 15.91
N ASP A 10 18.10 -12.24 15.30
CA ASP A 10 18.19 -12.29 13.85
C ASP A 10 16.95 -12.99 13.29
N GLU A 11 16.35 -13.88 14.09
CA GLU A 11 15.16 -14.60 13.64
C GLU A 11 13.99 -13.63 13.52
N GLU A 12 13.88 -12.70 14.47
CA GLU A 12 12.81 -11.71 14.44
C GLU A 12 13.00 -10.77 13.27
N LYS A 13 14.24 -10.35 13.03
CA LYS A 13 14.52 -9.45 11.92
C LYS A 13 14.20 -10.12 10.59
N VAL A 14 14.45 -11.42 10.49
CA VAL A 14 14.15 -12.15 9.26
C VAL A 14 12.65 -12.20 9.03
N ARG A 15 11.87 -12.41 10.09
CA ARG A 15 10.41 -12.46 9.96
C ARG A 15 9.88 -11.09 9.55
N ILE A 16 10.47 -10.03 10.10
CA ILE A 16 10.05 -8.68 9.76
C ILE A 16 10.35 -8.44 8.27
N ALA A 17 11.59 -8.73 7.88
CA ALA A 17 11.99 -8.54 6.50
C ALA A 17 11.03 -9.29 5.59
N ALA A 18 10.67 -10.51 5.99
CA ALA A 18 9.77 -11.35 5.19
C ALA A 18 8.38 -10.74 5.04
N LYS A 19 7.86 -10.16 6.12
CA LYS A 19 6.54 -9.56 6.09
C LYS A 19 6.51 -8.39 5.11
N PHE A 20 7.52 -7.51 5.19
CA PHE A 20 7.60 -6.35 4.31
C PHE A 20 7.62 -6.79 2.84
N ILE A 21 8.49 -7.74 2.53
CA ILE A 21 8.63 -8.26 1.17
C ILE A 21 7.36 -8.88 0.61
N THR A 22 6.68 -9.70 1.41
CA THR A 22 5.46 -10.33 0.93
C THR A 22 4.27 -9.36 0.87
N HIS A 23 4.46 -8.14 1.40
CA HIS A 23 3.38 -7.16 1.39
C HIS A 23 3.62 -6.04 0.38
N ALA A 24 4.54 -6.26 -0.55
CA ALA A 24 4.80 -5.23 -1.54
C ALA A 24 3.53 -5.07 -2.37
N PRO A 25 3.26 -3.85 -2.85
CA PRO A 25 2.06 -3.65 -3.65
C PRO A 25 2.31 -4.25 -5.04
N PRO A 26 1.23 -4.56 -5.78
CA PRO A 26 1.39 -5.14 -7.12
C PRO A 26 2.31 -4.38 -8.06
N GLY A 27 3.19 -5.12 -8.73
CA GLY A 27 4.13 -4.53 -9.67
C GLY A 27 5.27 -3.76 -9.05
N GLU A 28 5.46 -3.89 -7.73
CA GLU A 28 6.54 -3.18 -7.06
C GLU A 28 7.37 -4.07 -6.15
N PHE A 29 7.31 -5.37 -6.40
CA PHE A 29 8.06 -6.34 -5.60
C PHE A 29 9.54 -6.01 -5.46
N ASN A 30 10.21 -5.80 -6.58
CA ASN A 30 11.63 -5.52 -6.59
C ASN A 30 12.05 -4.30 -5.79
N GLU A 31 11.33 -3.20 -5.94
CA GLU A 31 11.66 -1.99 -5.20
C GLU A 31 11.60 -2.27 -3.70
N VAL A 32 10.53 -2.90 -3.27
CA VAL A 32 10.36 -3.25 -1.87
C VAL A 32 11.47 -4.20 -1.40
N PHE A 33 11.79 -5.20 -2.24
CA PHE A 33 12.84 -6.16 -1.92
C PHE A 33 14.20 -5.48 -1.77
N ASN A 34 14.54 -4.61 -2.72
CA ASN A 34 15.80 -3.89 -2.65
C ASN A 34 15.82 -3.01 -1.40
N ASP A 35 14.69 -2.40 -1.06
CA ASP A 35 14.64 -1.56 0.13
C ASP A 35 14.97 -2.41 1.36
N VAL A 36 14.24 -3.50 1.54
CA VAL A 36 14.43 -4.39 2.68
C VAL A 36 15.86 -4.93 2.74
N ARG A 37 16.40 -5.30 1.58
CA ARG A 37 17.75 -5.83 1.53
C ARG A 37 18.76 -4.81 2.08
N LEU A 38 18.64 -3.56 1.66
CA LEU A 38 19.56 -2.53 2.16
C LEU A 38 19.28 -2.17 3.62
N LEU A 39 18.04 -2.35 4.06
CA LEU A 39 17.67 -2.04 5.44
C LEU A 39 18.16 -3.15 6.38
N LEU A 40 17.91 -4.39 5.99
CA LEU A 40 18.34 -5.55 6.76
C LEU A 40 19.87 -5.55 6.83
N ASN A 41 20.50 -5.17 5.73
CA ASN A 41 21.95 -5.11 5.64
C ASN A 41 22.66 -6.39 6.10
N ASN A 42 22.15 -7.53 5.64
CA ASN A 42 22.73 -8.83 5.98
C ASN A 42 22.16 -9.81 4.98
N ASP A 43 22.85 -9.98 3.86
CA ASP A 43 22.41 -10.88 2.80
C ASP A 43 22.30 -12.34 3.24
N ASN A 44 23.11 -12.73 4.20
CA ASN A 44 23.04 -14.10 4.69
C ASN A 44 21.67 -14.32 5.32
N LEU A 45 21.20 -13.37 6.13
CA LEU A 45 19.89 -13.51 6.75
C LEU A 45 18.77 -13.40 5.71
N LEU A 46 18.97 -12.52 4.73
CA LEU A 46 17.98 -12.30 3.68
C LEU A 46 17.68 -13.56 2.88
N ARG A 47 18.70 -14.37 2.62
CA ARG A 47 18.53 -15.61 1.85
C ARG A 47 17.82 -16.70 2.66
N GLU A 48 17.78 -16.52 3.97
CA GLU A 48 17.13 -17.49 4.85
C GLU A 48 15.65 -17.67 4.52
N GLY A 49 14.95 -16.56 4.25
CA GLY A 49 13.55 -16.64 3.94
C GLY A 49 13.16 -16.09 2.57
N ALA A 50 14.15 -15.78 1.75
CA ALA A 50 13.90 -15.25 0.42
C ALA A 50 12.94 -16.12 -0.37
N ALA A 51 13.41 -17.30 -0.77
CA ALA A 51 12.61 -18.24 -1.54
C ALA A 51 11.17 -18.34 -1.01
N HIS A 52 11.04 -18.49 0.30
CA HIS A 52 9.73 -18.58 0.92
C HIS A 52 8.92 -17.30 0.70
N ALA A 53 9.62 -16.16 0.80
CA ALA A 53 8.98 -14.85 0.61
C ALA A 53 8.48 -14.70 -0.82
N PHE A 54 9.37 -14.92 -1.77
CA PHE A 54 9.04 -14.81 -3.19
C PHE A 54 7.83 -15.69 -3.53
N ALA A 55 7.88 -16.95 -3.09
CA ALA A 55 6.82 -17.91 -3.36
C ALA A 55 5.48 -17.45 -2.82
N GLN A 56 5.45 -17.10 -1.54
CA GLN A 56 4.24 -16.65 -0.89
C GLN A 56 3.66 -15.44 -1.64
N TYR A 57 4.50 -14.47 -1.97
CA TYR A 57 4.06 -13.27 -2.70
C TYR A 57 3.35 -13.65 -3.99
N ASN A 58 4.10 -14.24 -4.92
CA ASN A 58 3.54 -14.65 -6.21
C ASN A 58 2.26 -15.45 -6.05
N MET A 59 2.21 -16.30 -5.03
CA MET A 59 1.03 -17.11 -4.78
C MET A 59 -0.20 -16.33 -4.34
N ASP A 60 -0.09 -15.51 -3.30
CA ASP A 60 -1.25 -14.74 -2.86
C ASP A 60 -1.59 -13.60 -3.82
N GLN A 61 -0.67 -13.29 -4.74
CA GLN A 61 -0.89 -12.24 -5.73
C GLN A 61 -1.46 -12.82 -7.03
N PHE A 62 -1.64 -14.13 -7.08
CA PHE A 62 -2.15 -14.79 -8.29
C PHE A 62 -1.32 -14.34 -9.48
N THR A 63 -0.01 -14.45 -9.35
CA THR A 63 0.90 -14.03 -10.40
C THR A 63 0.74 -14.75 -11.74
N PRO A 64 0.26 -14.04 -12.75
CA PRO A 64 0.07 -14.63 -14.08
C PRO A 64 1.43 -14.88 -14.72
N VAL A 65 1.71 -16.14 -15.06
CA VAL A 65 2.98 -16.50 -15.66
C VAL A 65 2.79 -17.19 -17.01
N LYS A 66 3.81 -17.11 -17.85
CA LYS A 66 3.76 -17.70 -19.18
C LYS A 66 4.78 -18.84 -19.32
N ILE A 67 4.29 -20.09 -19.32
CA ILE A 67 5.17 -21.25 -19.46
C ILE A 67 5.87 -21.22 -20.81
N GLU A 68 7.11 -21.71 -20.83
CA GLU A 68 7.97 -21.76 -22.01
C GLU A 68 7.37 -21.56 -23.42
N GLY A 69 6.15 -22.06 -23.66
CA GLY A 69 5.56 -21.88 -24.99
C GLY A 69 4.15 -22.39 -25.18
N TYR A 70 3.33 -22.27 -24.14
CA TYR A 70 1.93 -22.71 -24.24
C TYR A 70 0.87 -21.62 -24.58
N ASP A 71 1.22 -20.32 -24.61
CA ASP A 71 0.22 -19.28 -24.90
C ASP A 71 -0.70 -19.34 -23.67
N ASP A 72 -0.08 -20.02 -22.72
CA ASP A 72 -0.46 -20.42 -21.35
C ASP A 72 -0.71 -19.47 -20.13
N GLN A 73 -0.82 -18.15 -20.26
CA GLN A 73 -0.97 -17.29 -19.03
C GLN A 73 -1.67 -18.10 -17.93
N VAL A 74 -0.88 -18.72 -17.05
CA VAL A 74 -1.42 -19.50 -15.93
C VAL A 74 -1.23 -18.81 -14.59
N LEU A 75 -2.16 -19.02 -13.66
CA LEU A 75 -2.10 -18.36 -12.37
C LEU A 75 -1.40 -19.10 -11.23
N ILE A 76 -0.31 -18.52 -10.75
CA ILE A 76 0.44 -19.10 -9.64
C ILE A 76 -0.31 -18.88 -8.35
N THR A 77 -0.84 -19.97 -7.78
CA THR A 77 -1.58 -19.89 -6.53
C THR A 77 -1.14 -21.07 -5.67
N GLU A 78 -1.67 -21.12 -4.45
CA GLU A 78 -1.33 -22.21 -3.54
C GLU A 78 -1.89 -23.51 -4.07
N HIS A 79 -3.14 -23.46 -4.52
CA HIS A 79 -3.84 -24.61 -5.07
C HIS A 79 -3.06 -25.35 -6.14
N GLY A 80 -2.18 -24.62 -6.84
CA GLY A 80 -1.39 -25.22 -7.88
C GLY A 80 0.03 -25.56 -7.44
N ASP A 81 0.32 -25.33 -6.16
CA ASP A 81 1.64 -25.60 -5.60
C ASP A 81 1.85 -27.11 -5.43
N LEU A 82 2.60 -27.71 -6.36
CA LEU A 82 2.86 -29.15 -6.27
C LEU A 82 3.41 -29.49 -4.89
N GLY A 83 4.38 -28.69 -4.45
CA GLY A 83 5.00 -28.91 -3.16
C GLY A 83 6.48 -29.18 -3.28
N ASN A 84 6.89 -29.55 -4.49
CA ASN A 84 8.28 -29.85 -4.78
C ASN A 84 9.04 -28.67 -5.39
N GLY A 85 8.34 -27.56 -5.59
CA GLY A 85 8.95 -26.38 -6.18
C GLY A 85 8.39 -26.20 -7.57
N ARG A 86 7.29 -26.90 -7.82
CA ARG A 86 6.63 -26.84 -9.11
C ARG A 86 5.13 -26.60 -8.93
N PHE A 87 4.49 -26.06 -9.96
CA PHE A 87 3.06 -25.77 -9.91
C PHE A 87 2.23 -26.48 -10.98
N LEU A 88 0.92 -26.47 -10.81
CA LEU A 88 0.00 -27.10 -11.75
C LEU A 88 -0.64 -26.12 -12.71
N ASP A 89 -0.83 -26.55 -13.95
CA ASP A 89 -1.50 -25.76 -14.96
C ASP A 89 -2.69 -26.64 -15.30
N PRO A 90 -3.77 -26.56 -14.53
CA PRO A 90 -4.94 -27.40 -14.81
C PRO A 90 -5.47 -27.32 -16.24
N ARG A 91 -5.38 -26.16 -16.88
CA ARG A 91 -5.87 -26.01 -18.26
C ARG A 91 -5.06 -26.82 -19.26
N ASN A 92 -3.81 -26.43 -19.47
CA ASN A 92 -2.94 -27.14 -20.40
C ASN A 92 -2.57 -28.49 -19.77
N LYS A 93 -2.72 -28.55 -18.45
CA LYS A 93 -2.45 -29.74 -17.65
C LYS A 93 -1.02 -30.27 -17.55
N ILE A 94 -0.04 -29.38 -17.66
CA ILE A 94 1.34 -29.81 -17.54
C ILE A 94 1.89 -29.49 -16.15
N SER A 95 3.20 -29.65 -16.02
CA SER A 95 3.91 -29.36 -14.78
C SER A 95 4.93 -28.33 -15.19
N PHE A 96 5.08 -27.29 -14.39
CA PHE A 96 6.05 -26.26 -14.73
C PHE A 96 6.76 -25.83 -13.45
N LYS A 97 8.07 -25.64 -13.56
CA LYS A 97 8.84 -25.21 -12.41
C LYS A 97 8.92 -23.70 -12.49
N PHE A 98 8.47 -23.03 -11.44
CA PHE A 98 8.49 -21.58 -11.41
C PHE A 98 9.71 -21.04 -10.68
N ASP A 99 10.56 -20.32 -11.43
CA ASP A 99 11.75 -19.67 -10.88
C ASP A 99 11.26 -18.32 -10.34
N HIS A 100 11.37 -18.13 -9.02
CA HIS A 100 10.89 -16.90 -8.42
C HIS A 100 11.61 -15.58 -8.66
N LEU A 101 12.92 -15.59 -8.81
CA LEU A 101 13.61 -14.33 -9.07
C LEU A 101 13.34 -13.93 -10.52
N ARG A 102 13.83 -14.76 -11.43
CA ARG A 102 13.66 -14.53 -12.86
C ARG A 102 12.18 -14.49 -13.23
N LYS A 103 11.88 -13.81 -14.32
CA LYS A 103 10.51 -13.67 -14.79
C LYS A 103 9.91 -14.97 -15.33
N GLU A 104 10.73 -15.80 -15.97
CA GLU A 104 10.25 -17.06 -16.55
C GLU A 104 10.21 -18.28 -15.65
N ALA A 105 9.33 -19.19 -16.02
CA ALA A 105 9.14 -20.47 -15.35
C ALA A 105 9.15 -21.50 -16.48
N SER A 106 10.22 -22.26 -16.60
CA SER A 106 10.33 -23.24 -17.67
C SER A 106 10.63 -24.68 -17.25
N ASP A 107 10.96 -25.49 -18.25
CA ASP A 107 11.27 -26.92 -18.16
C ASP A 107 10.11 -27.71 -17.57
N PRO A 108 8.96 -27.68 -18.28
CA PRO A 108 7.72 -28.36 -17.91
C PRO A 108 7.77 -29.89 -17.85
N GLN A 109 6.75 -30.49 -17.25
CA GLN A 109 6.63 -31.93 -17.13
C GLN A 109 5.18 -32.32 -17.37
N PRO A 110 4.91 -33.28 -18.26
CA PRO A 110 3.50 -33.65 -18.49
C PRO A 110 2.91 -34.09 -17.15
N GLU A 111 1.63 -33.78 -16.92
CA GLU A 111 0.99 -34.18 -15.66
C GLU A 111 -0.29 -34.98 -15.85
N ASP A 112 -0.16 -36.24 -16.26
CA ASP A 112 -1.34 -37.07 -16.44
C ASP A 112 -2.10 -37.09 -15.12
N THR A 113 -3.35 -36.64 -15.18
CA THR A 113 -4.22 -36.49 -14.02
C THR A 113 -4.92 -37.66 -13.33
N GLU A 114 -5.68 -37.26 -12.31
CA GLU A 114 -6.51 -38.11 -11.48
C GLU A 114 -7.82 -38.27 -12.26
N SER A 115 -8.17 -37.21 -12.99
CA SER A 115 -9.35 -37.14 -13.83
C SER A 115 -10.67 -37.49 -13.13
N ALA A 116 -10.77 -37.19 -11.84
CA ALA A 116 -11.96 -37.50 -11.07
C ALA A 116 -12.98 -36.36 -11.09
N LEU A 117 -12.53 -35.17 -10.72
CA LEU A 117 -13.38 -33.99 -10.69
C LEU A 117 -13.18 -33.19 -11.96
N LYS A 118 -12.14 -33.55 -12.71
CA LYS A 118 -11.79 -32.88 -13.95
C LYS A 118 -12.95 -32.61 -14.88
N GLN A 119 -13.93 -33.50 -14.90
CA GLN A 119 -15.08 -33.32 -15.76
C GLN A 119 -15.67 -31.93 -15.49
N TRP A 120 -16.07 -31.67 -14.25
CA TRP A 120 -16.61 -30.37 -13.85
C TRP A 120 -15.56 -29.33 -14.21
N ARG A 121 -14.39 -29.53 -13.61
CA ARG A 121 -13.22 -28.66 -13.77
C ARG A 121 -13.01 -28.11 -15.18
N ASP A 122 -13.00 -28.99 -16.18
CA ASP A 122 -12.80 -28.56 -17.56
C ASP A 122 -13.94 -27.72 -18.12
N ALA A 123 -15.15 -27.93 -17.61
CA ALA A 123 -16.31 -27.18 -18.07
C ALA A 123 -16.27 -25.75 -17.50
N CYS A 124 -16.21 -25.66 -16.17
CA CYS A 124 -16.14 -24.36 -15.49
C CYS A 124 -15.03 -23.51 -16.08
N ASP A 125 -13.84 -24.10 -16.14
CA ASP A 125 -12.63 -23.44 -16.65
C ASP A 125 -12.81 -22.58 -17.88
N SER A 126 -13.17 -23.20 -19.00
CA SER A 126 -13.35 -22.45 -20.24
C SER A 126 -14.69 -21.75 -20.32
N ALA A 127 -15.54 -21.99 -19.34
CA ALA A 127 -16.85 -21.33 -19.26
C ALA A 127 -16.56 -19.99 -18.59
N LEU A 128 -15.64 -20.04 -17.61
CA LEU A 128 -15.22 -18.87 -16.87
C LEU A 128 -14.27 -18.08 -17.76
N ARG A 129 -13.45 -18.80 -18.52
CA ARG A 129 -12.49 -18.19 -19.42
C ARG A 129 -13.21 -17.23 -20.37
N ALA A 130 -14.51 -17.46 -20.55
CA ALA A 130 -15.31 -16.61 -21.43
C ALA A 130 -15.73 -15.40 -20.62
N TYR A 131 -16.13 -15.65 -19.38
CA TYR A 131 -16.55 -14.59 -18.47
C TYR A 131 -15.45 -13.55 -18.35
N VAL A 132 -14.22 -14.03 -18.15
CA VAL A 132 -13.04 -13.19 -17.98
C VAL A 132 -12.74 -12.34 -19.20
N LYS A 133 -12.71 -12.97 -20.38
CA LYS A 133 -12.42 -12.21 -21.59
C LYS A 133 -13.44 -11.12 -21.82
N ASP A 134 -14.62 -11.27 -21.22
CA ASP A 134 -15.68 -10.28 -21.37
C ASP A 134 -15.63 -9.14 -20.37
N HIS A 135 -15.00 -9.35 -19.21
CA HIS A 135 -14.97 -8.30 -18.21
C HIS A 135 -13.61 -7.82 -17.72
N TYR A 136 -12.55 -8.57 -17.98
CA TYR A 136 -11.21 -8.16 -17.54
C TYR A 136 -10.26 -7.88 -18.69
N PRO A 137 -9.95 -6.58 -18.93
CA PRO A 137 -9.07 -6.10 -20.01
C PRO A 137 -7.79 -6.90 -20.19
N ASN A 138 -7.10 -7.17 -19.09
CA ASN A 138 -5.85 -7.92 -19.16
C ASN A 138 -5.93 -9.03 -18.13
N GLY A 139 -7.09 -9.68 -18.08
CA GLY A 139 -7.29 -10.75 -17.12
C GLY A 139 -6.88 -12.14 -17.57
N PHE A 140 -6.76 -13.03 -16.59
CA PHE A 140 -6.40 -14.42 -16.82
C PHE A 140 -7.10 -15.22 -15.73
N CYS A 141 -7.33 -16.50 -15.99
CA CYS A 141 -8.02 -17.34 -15.02
C CYS A 141 -7.43 -18.75 -14.98
N THR A 142 -7.64 -19.41 -13.85
CA THR A 142 -7.15 -20.76 -13.64
C THR A 142 -8.13 -21.48 -12.73
N VAL A 143 -8.71 -22.57 -13.24
CA VAL A 143 -9.67 -23.35 -12.46
C VAL A 143 -9.01 -24.63 -12.01
N TYR A 144 -9.11 -24.91 -10.72
CA TYR A 144 -8.50 -26.11 -10.17
C TYR A 144 -9.55 -27.15 -9.81
N GLY A 145 -9.30 -28.38 -10.25
CA GLY A 145 -10.19 -29.48 -9.95
C GLY A 145 -9.40 -30.27 -8.93
N LYS A 146 -9.95 -30.44 -7.73
CA LYS A 146 -9.22 -31.16 -6.71
C LYS A 146 -10.10 -31.81 -5.64
N SER A 147 -9.49 -32.72 -4.90
CA SER A 147 -10.16 -33.44 -3.82
C SER A 147 -9.61 -32.92 -2.49
N ILE A 148 -10.47 -32.25 -1.73
CA ILE A 148 -10.10 -31.69 -0.44
C ILE A 148 -10.73 -32.53 0.69
N ASP A 149 -9.90 -33.39 1.27
CA ASP A 149 -10.29 -34.31 2.35
C ASP A 149 -11.64 -35.00 2.12
N GLY A 150 -11.74 -35.69 0.98
CA GLY A 150 -12.95 -36.42 0.64
C GLY A 150 -13.90 -35.68 -0.30
N GLN A 151 -14.12 -34.40 -0.04
CA GLN A 151 -15.04 -33.62 -0.85
C GLN A 151 -14.45 -33.04 -2.12
N GLN A 152 -15.24 -33.03 -3.19
CA GLN A 152 -14.80 -32.51 -4.47
C GLN A 152 -15.08 -31.02 -4.53
N THR A 153 -14.11 -30.28 -5.03
CA THR A 153 -14.25 -28.83 -5.10
C THR A 153 -13.62 -28.22 -6.35
N ILE A 154 -14.31 -27.22 -6.89
CA ILE A 154 -13.80 -26.51 -8.06
C ILE A 154 -13.29 -25.18 -7.54
N ILE A 155 -12.06 -24.84 -7.89
CA ILE A 155 -11.50 -23.58 -7.44
C ILE A 155 -11.09 -22.73 -8.63
N ALA A 156 -11.85 -21.68 -8.87
CA ALA A 156 -11.57 -20.77 -9.97
C ALA A 156 -10.90 -19.51 -9.43
N CYS A 157 -9.75 -19.20 -10.01
CA CYS A 157 -9.00 -18.03 -9.60
C CYS A 157 -8.88 -17.06 -10.76
N ILE A 158 -9.22 -15.80 -10.51
CA ILE A 158 -9.17 -14.75 -11.53
C ILE A 158 -8.22 -13.63 -11.14
N GLU A 159 -7.39 -13.21 -12.08
CA GLU A 159 -6.45 -12.14 -11.84
C GLU A 159 -6.44 -11.14 -13.01
N SER A 160 -6.31 -9.87 -12.68
CA SER A 160 -6.29 -8.80 -13.67
C SER A 160 -5.44 -7.66 -13.11
N HIS A 161 -4.57 -7.08 -13.93
CA HIS A 161 -3.73 -5.99 -13.46
C HIS A 161 -3.33 -4.99 -14.53
N GLN A 162 -2.87 -3.83 -14.06
CA GLN A 162 -2.41 -2.77 -14.93
C GLN A 162 -1.26 -2.08 -14.19
N PHE A 163 -0.06 -2.16 -14.73
CA PHE A 163 1.11 -1.55 -14.11
C PHE A 163 1.69 -0.41 -14.94
N GLN A 164 1.73 0.78 -14.35
CA GLN A 164 2.30 1.93 -15.04
C GLN A 164 3.22 2.71 -14.10
N PRO A 165 4.35 2.08 -13.72
CA PRO A 165 5.35 2.67 -12.81
C PRO A 165 5.87 4.04 -13.26
N LYS A 166 5.94 4.26 -14.58
CA LYS A 166 6.42 5.54 -15.06
C LYS A 166 5.43 6.65 -14.73
N ASN A 167 4.19 6.28 -14.45
CA ASN A 167 3.18 7.27 -14.07
C ASN A 167 2.80 7.09 -12.60
N PHE A 168 3.68 6.39 -11.88
CA PHE A 168 3.56 6.12 -10.45
C PHE A 168 2.28 5.47 -9.95
N TRP A 169 1.83 4.41 -10.60
CA TRP A 169 0.64 3.70 -10.14
C TRP A 169 0.55 2.29 -10.70
N ASN A 170 -0.10 1.42 -9.93
CA ASN A 170 -0.30 0.02 -10.28
C ASN A 170 -1.60 -0.42 -9.64
N GLY A 171 -2.22 -1.43 -10.23
CA GLY A 171 -3.46 -1.95 -9.69
C GLY A 171 -3.62 -3.41 -10.02
N ARG A 172 -4.45 -4.12 -9.26
CA ARG A 172 -4.66 -5.54 -9.52
C ARG A 172 -5.96 -6.01 -8.90
N TRP A 173 -6.61 -6.93 -9.60
CA TRP A 173 -7.84 -7.53 -9.13
C TRP A 173 -7.55 -9.00 -8.87
N ARG A 174 -8.15 -9.54 -7.81
CA ARG A 174 -7.99 -10.94 -7.46
C ARG A 174 -9.31 -11.46 -6.93
N SER A 175 -9.75 -12.58 -7.49
CA SER A 175 -11.00 -13.18 -7.05
C SER A 175 -10.78 -14.67 -6.96
N GLU A 176 -11.27 -15.27 -5.88
CA GLU A 176 -11.13 -16.70 -5.68
C GLU A 176 -12.47 -17.29 -5.28
N TRP A 177 -12.93 -18.26 -6.06
CA TRP A 177 -14.20 -18.92 -5.79
C TRP A 177 -14.00 -20.42 -5.52
N LYS A 178 -14.44 -20.85 -4.35
CA LYS A 178 -14.35 -22.24 -3.93
C LYS A 178 -15.73 -22.87 -4.05
N PHE A 179 -15.86 -23.86 -4.93
CA PHE A 179 -17.14 -24.54 -5.11
C PHE A 179 -17.06 -25.97 -4.58
N THR A 180 -17.70 -26.19 -3.43
CA THR A 180 -17.71 -27.50 -2.78
C THR A 180 -19.04 -28.21 -3.10
N ILE A 181 -18.94 -29.32 -3.83
CA ILE A 181 -20.12 -30.06 -4.25
C ILE A 181 -20.67 -31.10 -3.29
N THR A 182 -21.97 -30.98 -3.06
CA THR A 182 -22.69 -31.89 -2.19
C THR A 182 -24.10 -32.00 -2.75
N PRO A 183 -24.26 -32.72 -3.88
CA PRO A 183 -25.58 -32.90 -4.51
C PRO A 183 -26.67 -33.23 -3.49
N PRO A 184 -27.92 -32.81 -3.76
CA PRO A 184 -28.27 -32.07 -4.98
C PRO A 184 -27.72 -30.64 -5.04
N THR A 185 -27.91 -29.87 -3.96
CA THR A 185 -27.44 -28.49 -3.90
C THR A 185 -26.11 -28.32 -3.12
N ALA A 186 -25.21 -27.50 -3.65
CA ALA A 186 -23.89 -27.26 -3.04
C ALA A 186 -23.74 -25.86 -2.38
N GLN A 187 -22.61 -25.67 -1.72
CA GLN A 187 -22.31 -24.41 -1.03
C GLN A 187 -21.14 -23.67 -1.70
N VAL A 188 -21.24 -22.34 -1.75
CA VAL A 188 -20.21 -21.51 -2.37
C VAL A 188 -19.48 -20.65 -1.34
N ALA A 189 -18.20 -20.40 -1.61
CA ALA A 189 -17.37 -19.58 -0.74
C ALA A 189 -16.37 -18.82 -1.60
N ALA A 190 -16.34 -17.50 -1.48
CA ALA A 190 -15.43 -16.70 -2.28
C ALA A 190 -14.92 -15.45 -1.57
N VAL A 191 -13.94 -14.81 -2.20
CA VAL A 191 -13.33 -13.59 -1.70
C VAL A 191 -12.86 -12.78 -2.88
N LEU A 192 -13.36 -11.56 -2.97
CA LEU A 192 -12.99 -10.65 -4.05
C LEU A 192 -12.00 -9.65 -3.46
N LYS A 193 -10.95 -9.33 -4.21
CA LYS A 193 -9.93 -8.39 -3.74
C LYS A 193 -9.49 -7.38 -4.78
N ILE A 194 -9.29 -6.14 -4.33
CA ILE A 194 -8.83 -5.06 -5.18
C ILE A 194 -7.75 -4.26 -4.47
N GLN A 195 -6.70 -3.92 -5.20
CA GLN A 195 -5.65 -3.12 -4.63
C GLN A 195 -5.11 -2.17 -5.69
N VAL A 196 -5.08 -0.88 -5.35
CA VAL A 196 -4.57 0.14 -6.24
C VAL A 196 -3.57 0.99 -5.47
N HIS A 197 -2.50 1.39 -6.14
CA HIS A 197 -1.46 2.20 -5.50
C HIS A 197 -1.06 3.34 -6.42
N TYR A 198 -1.12 4.57 -5.90
CA TYR A 198 -0.72 5.77 -6.62
C TYR A 198 0.39 6.35 -5.75
N TYR A 199 1.55 6.62 -6.34
CA TYR A 199 2.66 7.12 -5.52
C TYR A 199 3.52 8.25 -6.05
N GLU A 200 2.93 9.16 -6.80
CA GLU A 200 3.68 10.31 -7.25
C GLU A 200 3.54 11.35 -6.14
N ASP A 201 4.64 11.64 -5.45
CA ASP A 201 4.67 12.60 -4.35
C ASP A 201 3.64 12.29 -3.29
N GLY A 202 3.54 11.01 -2.96
CA GLY A 202 2.60 10.56 -1.96
C GLY A 202 2.48 9.04 -1.96
N ASN A 203 1.53 8.54 -1.19
CA ASN A 203 1.28 7.10 -1.11
C ASN A 203 -0.20 6.93 -0.80
N VAL A 204 -0.97 6.64 -1.85
CA VAL A 204 -2.40 6.48 -1.72
C VAL A 204 -2.77 5.07 -2.15
N GLN A 205 -3.61 4.40 -1.38
CA GLN A 205 -3.97 3.05 -1.76
C GLN A 205 -5.38 2.65 -1.46
N LEU A 206 -5.95 1.93 -2.41
CA LEU A 206 -7.27 1.40 -2.26
C LEU A 206 -7.02 -0.06 -1.93
N VAL A 207 -7.50 -0.47 -0.77
CA VAL A 207 -7.40 -1.87 -0.36
C VAL A 207 -8.83 -2.25 -0.01
N SER A 208 -9.35 -3.23 -0.73
CA SER A 208 -10.73 -3.67 -0.51
C SER A 208 -10.86 -5.15 -0.78
N HIS A 209 -11.82 -5.78 -0.13
CA HIS A 209 -12.07 -7.20 -0.32
C HIS A 209 -13.48 -7.53 0.14
N LYS A 210 -14.10 -8.51 -0.48
CA LYS A 210 -15.43 -8.92 -0.09
C LYS A 210 -15.51 -10.44 0.02
N ASP A 211 -16.05 -10.90 1.14
CA ASP A 211 -16.20 -12.32 1.40
C ASP A 211 -17.65 -12.71 1.18
N ILE A 212 -17.88 -13.71 0.34
CA ILE A 212 -19.24 -14.17 0.07
C ILE A 212 -19.42 -15.67 0.17
N GLN A 213 -20.59 -16.08 0.66
CA GLN A 213 -20.93 -17.49 0.83
C GLN A 213 -22.34 -17.73 0.26
N ASP A 214 -22.46 -18.67 -0.67
CA ASP A 214 -23.74 -18.97 -1.30
C ASP A 214 -24.11 -20.45 -1.35
N SER A 215 -25.40 -20.73 -1.46
CA SER A 215 -25.91 -22.11 -1.54
C SER A 215 -26.50 -22.33 -2.93
N VAL A 216 -25.83 -23.16 -3.73
CA VAL A 216 -26.27 -23.40 -5.10
C VAL A 216 -26.73 -24.81 -5.45
N GLN A 217 -27.77 -24.89 -6.30
CA GLN A 217 -28.35 -26.16 -6.77
C GLN A 217 -27.46 -26.78 -7.85
N VAL A 218 -27.03 -28.03 -7.66
CA VAL A 218 -26.14 -28.71 -8.61
C VAL A 218 -26.84 -29.68 -9.59
N SER A 219 -26.76 -29.36 -10.86
CA SER A 219 -27.36 -30.18 -11.93
C SER A 219 -26.32 -30.97 -12.72
N SER A 220 -26.18 -30.65 -14.01
CA SER A 220 -25.25 -31.32 -14.92
C SER A 220 -23.80 -30.85 -14.81
N ASP A 221 -23.06 -31.00 -15.91
CA ASP A 221 -21.66 -30.60 -15.98
C ASP A 221 -21.50 -29.24 -16.64
N VAL A 222 -22.07 -29.12 -17.84
CA VAL A 222 -22.01 -27.88 -18.59
C VAL A 222 -23.07 -26.93 -18.03
N GLN A 223 -24.04 -27.50 -17.31
CA GLN A 223 -25.12 -26.71 -16.73
C GLN A 223 -24.75 -26.04 -15.41
N THR A 224 -24.20 -26.81 -14.46
CA THR A 224 -23.81 -26.24 -13.18
C THR A 224 -22.71 -25.21 -13.39
N ALA A 225 -21.89 -25.44 -14.41
CA ALA A 225 -20.81 -24.53 -14.73
C ALA A 225 -21.35 -23.15 -15.06
N LYS A 226 -22.27 -23.09 -16.03
CA LYS A 226 -22.87 -21.82 -16.42
C LYS A 226 -23.65 -21.21 -15.26
N GLU A 227 -24.06 -22.05 -14.32
CA GLU A 227 -24.79 -21.59 -13.15
C GLU A 227 -23.80 -20.84 -12.26
N PHE A 228 -22.58 -21.37 -12.21
CA PHE A 228 -21.51 -20.79 -11.42
C PHE A 228 -21.05 -19.47 -12.02
N ILE A 229 -20.60 -19.53 -13.26
CA ILE A 229 -20.14 -18.33 -13.96
C ILE A 229 -21.19 -17.24 -13.81
N LYS A 230 -22.43 -17.64 -13.58
CA LYS A 230 -23.53 -16.70 -13.40
C LYS A 230 -23.49 -16.14 -11.97
N ILE A 231 -23.23 -17.02 -11.00
CA ILE A 231 -23.16 -16.62 -9.60
C ILE A 231 -22.08 -15.54 -9.50
N ILE A 232 -20.90 -15.89 -10.00
CA ILE A 232 -19.72 -15.04 -10.00
C ILE A 232 -19.99 -13.70 -10.67
N GLU A 233 -20.49 -13.75 -11.91
CA GLU A 233 -20.78 -12.55 -12.68
C GLU A 233 -21.65 -11.59 -11.89
N ASN A 234 -22.72 -12.10 -11.29
CA ASN A 234 -23.63 -11.27 -10.52
C ASN A 234 -23.01 -10.73 -9.24
N ALA A 235 -22.20 -11.55 -8.57
CA ALA A 235 -21.57 -11.16 -7.33
C ALA A 235 -20.48 -10.12 -7.55
N GLU A 236 -19.69 -10.32 -8.59
CA GLU A 236 -18.60 -9.40 -8.88
C GLU A 236 -19.10 -8.09 -9.48
N ASN A 237 -20.22 -8.13 -10.20
CA ASN A 237 -20.79 -6.92 -10.76
C ASN A 237 -21.37 -6.10 -9.61
N GLU A 238 -21.95 -6.83 -8.65
CA GLU A 238 -22.55 -6.22 -7.47
C GLU A 238 -21.45 -5.57 -6.60
N TYR A 239 -20.32 -6.27 -6.48
CA TYR A 239 -19.19 -5.78 -5.70
C TYR A 239 -18.63 -4.52 -6.35
N GLN A 240 -18.34 -4.61 -7.65
CA GLN A 240 -17.83 -3.47 -8.39
C GLN A 240 -18.80 -2.31 -8.30
N THR A 241 -20.09 -2.61 -8.45
CA THR A 241 -21.12 -1.58 -8.38
C THR A 241 -21.10 -0.85 -7.04
N ALA A 242 -21.03 -1.62 -5.96
CA ALA A 242 -21.00 -1.03 -4.62
C ALA A 242 -19.75 -0.17 -4.43
N ILE A 243 -18.68 -0.50 -5.15
CA ILE A 243 -17.43 0.25 -5.08
C ILE A 243 -17.52 1.61 -5.78
N SER A 244 -18.11 1.64 -6.97
CA SER A 244 -18.25 2.90 -7.71
C SER A 244 -19.18 3.82 -6.93
N GLU A 245 -20.16 3.23 -6.26
CA GLU A 245 -21.12 3.99 -5.46
C GLU A 245 -20.38 4.60 -4.27
N ASN A 246 -19.58 3.79 -3.60
CA ASN A 246 -18.82 4.24 -2.45
C ASN A 246 -17.94 5.42 -2.87
N TYR A 247 -17.33 5.31 -4.06
CA TYR A 247 -16.48 6.38 -4.57
C TYR A 247 -17.31 7.66 -4.70
N GLN A 248 -18.55 7.50 -5.18
CA GLN A 248 -19.43 8.63 -5.38
C GLN A 248 -19.77 9.34 -4.08
N THR A 249 -20.13 8.58 -3.05
CA THR A 249 -20.47 9.17 -1.76
C THR A 249 -19.24 9.82 -1.10
N MET A 250 -18.12 9.12 -1.11
CA MET A 250 -16.90 9.65 -0.51
C MET A 250 -16.58 11.01 -1.13
N SER A 251 -16.70 11.12 -2.45
CA SER A 251 -16.38 12.36 -3.13
C SER A 251 -17.42 13.47 -3.01
N ASP A 252 -18.70 13.12 -2.87
CA ASP A 252 -19.72 14.17 -2.78
C ASP A 252 -20.30 14.41 -1.39
N THR A 253 -19.93 13.57 -0.43
CA THR A 253 -20.46 13.70 0.93
C THR A 253 -19.36 13.70 2.01
N THR A 254 -18.62 12.60 2.08
CA THR A 254 -17.58 12.48 3.10
C THR A 254 -16.45 13.50 2.93
N PHE A 255 -15.86 13.55 1.73
CA PHE A 255 -14.76 14.49 1.47
C PHE A 255 -15.14 15.94 1.75
N LYS A 256 -16.34 16.36 1.34
CA LYS A 256 -16.76 17.73 1.56
C LYS A 256 -17.04 18.01 3.03
N ALA A 257 -17.33 16.97 3.80
CA ALA A 257 -17.58 17.15 5.24
C ALA A 257 -16.27 17.31 6.02
N LEU A 258 -15.14 17.03 5.37
CA LEU A 258 -13.86 17.16 6.06
C LEU A 258 -13.37 18.61 6.02
N ARG A 259 -12.87 19.06 4.87
CA ARG A 259 -12.42 20.45 4.72
C ARG A 259 -13.20 21.13 3.61
N ARG A 260 -13.61 22.37 3.85
CA ARG A 260 -14.33 23.16 2.87
C ARG A 260 -13.34 23.51 1.79
N GLN A 261 -13.85 24.00 0.67
CA GLN A 261 -13.01 24.42 -0.43
C GLN A 261 -12.61 25.87 -0.15
N LEU A 262 -13.54 26.63 0.42
CA LEU A 262 -13.32 28.04 0.80
C LEU A 262 -13.89 28.27 2.20
N PRO A 263 -13.36 29.27 2.93
CA PRO A 263 -13.82 29.56 4.28
C PRO A 263 -15.30 29.88 4.36
N VAL A 264 -15.84 29.78 5.56
CA VAL A 264 -17.24 30.10 5.79
C VAL A 264 -17.45 31.54 5.36
N THR A 265 -16.46 32.38 5.61
CA THR A 265 -16.53 33.79 5.24
C THR A 265 -16.63 33.94 3.72
N ARG A 266 -16.41 32.83 3.01
CA ARG A 266 -16.51 32.78 1.55
C ARG A 266 -15.47 33.55 0.73
N THR A 267 -14.35 33.88 1.37
CA THR A 267 -13.26 34.58 0.71
C THR A 267 -12.02 34.11 1.45
N LYS A 268 -10.87 34.17 0.81
CA LYS A 268 -9.68 33.72 1.51
C LYS A 268 -9.54 34.48 2.82
N ILE A 269 -8.81 33.88 3.75
CA ILE A 269 -8.61 34.46 5.06
C ILE A 269 -7.86 35.78 5.10
N ASP A 270 -8.35 36.66 5.96
CA ASP A 270 -7.73 37.96 6.20
C ASP A 270 -6.90 37.74 7.45
N TRP A 271 -5.64 37.37 7.26
CA TRP A 271 -4.77 37.08 8.36
C TRP A 271 -4.49 38.26 9.28
N ASN A 272 -4.54 39.47 8.75
CA ASN A 272 -4.30 40.64 9.60
C ASN A 272 -5.45 40.72 10.60
N LYS A 273 -6.63 40.33 10.14
CA LYS A 273 -7.82 40.35 10.99
C LYS A 273 -7.78 39.24 12.04
N ILE A 274 -7.21 38.09 11.67
CA ILE A 274 -7.12 37.00 12.62
C ILE A 274 -6.11 37.30 13.73
N LEU A 275 -5.05 38.00 13.35
CA LEU A 275 -3.99 38.34 14.30
C LEU A 275 -4.26 39.47 15.29
N SER A 276 -5.43 40.09 15.22
CA SER A 276 -5.75 41.17 16.14
C SER A 276 -7.21 41.26 16.61
N TYR A 277 -8.12 41.35 15.64
CA TYR A 277 -9.57 41.43 15.86
C TYR A 277 -10.29 40.32 16.62
N LYS A 278 -10.75 40.68 17.81
CA LYS A 278 -11.37 39.75 18.77
C LYS A 278 -12.78 40.11 19.24
N ILE A 279 -13.51 39.06 19.62
CA ILE A 279 -14.92 39.16 20.01
C ILE A 279 -14.98 39.96 21.31
N GLY A 280 -13.88 39.86 22.03
CA GLY A 280 -13.72 40.44 23.34
C GLY A 280 -12.50 39.70 23.86
N LYS A 281 -11.37 40.39 23.96
CA LYS A 281 -10.16 39.80 24.54
C LYS A 281 -9.87 38.50 23.81
N SER B 2 24.41 4.55 5.49
CA SER B 2 23.09 4.46 6.18
C SER B 2 22.15 5.57 5.72
N ASP B 3 22.63 6.44 4.85
CA ASP B 3 21.79 7.53 4.34
C ASP B 3 20.96 6.91 3.22
N GLN B 4 21.53 5.87 2.60
CA GLN B 4 20.83 5.14 1.55
C GLN B 4 19.78 4.31 2.27
N GLN B 5 20.08 3.97 3.52
CA GLN B 5 19.17 3.19 4.35
C GLN B 5 17.94 4.03 4.63
N LEU B 6 18.15 5.26 5.09
CA LEU B 6 17.06 6.15 5.38
C LEU B 6 16.27 6.32 4.08
N ASP B 7 16.98 6.54 2.98
CA ASP B 7 16.34 6.69 1.69
C ASP B 7 15.50 5.45 1.41
N CYS B 8 16.08 4.28 1.66
CA CYS B 8 15.36 3.02 1.43
C CYS B 8 14.20 2.89 2.37
N ALA B 9 14.34 3.39 3.59
CA ALA B 9 13.28 3.29 4.58
C ALA B 9 12.09 4.15 4.15
N LEU B 10 12.38 5.34 3.61
CA LEU B 10 11.34 6.24 3.16
C LEU B 10 10.64 5.71 1.90
N ASP B 11 11.40 5.09 1.01
CA ASP B 11 10.83 4.52 -0.22
C ASP B 11 9.87 3.41 0.18
N LEU B 12 10.28 2.58 1.14
CA LEU B 12 9.45 1.47 1.60
C LEU B 12 8.11 1.94 2.15
N MET B 13 8.12 2.99 2.96
CA MET B 13 6.89 3.52 3.54
C MET B 13 6.02 4.17 2.47
N ARG B 14 6.65 4.50 1.34
CA ARG B 14 5.92 5.08 0.24
C ARG B 14 5.25 3.96 -0.58
N ARG B 15 5.48 2.70 -0.19
CA ARG B 15 4.89 1.56 -0.91
C ARG B 15 4.02 0.62 -0.08
N LEU B 16 4.36 0.42 1.19
CA LEU B 16 3.54 -0.46 2.02
C LEU B 16 2.23 0.26 2.27
N PRO B 17 1.14 -0.50 2.47
CA PRO B 17 -0.18 0.07 2.73
C PRO B 17 -0.12 1.15 3.81
N PRO B 18 -0.50 2.40 3.47
CA PRO B 18 -0.45 3.46 4.48
C PRO B 18 -1.38 3.17 5.65
N GLN B 19 -2.35 2.29 5.43
CA GLN B 19 -3.28 1.91 6.50
C GLN B 19 -2.56 1.30 7.71
N GLN B 20 -1.38 0.71 7.49
CA GLN B 20 -0.62 0.11 8.59
C GLN B 20 0.69 0.83 8.90
N ILE B 21 0.73 2.14 8.67
CA ILE B 21 1.95 2.89 8.91
C ILE B 21 2.51 2.66 10.32
N GLU B 22 1.62 2.71 11.32
CA GLU B 22 2.04 2.53 12.72
C GLU B 22 2.76 1.22 12.99
N LYS B 23 2.13 0.10 12.66
CA LYS B 23 2.75 -1.21 12.86
C LYS B 23 4.03 -1.34 12.03
N ASN B 24 3.96 -0.96 10.75
CA ASN B 24 5.13 -1.08 9.90
C ASN B 24 6.33 -0.19 10.30
N LEU B 25 6.05 1.01 10.78
CA LEU B 25 7.12 1.93 11.18
C LEU B 25 7.85 1.35 12.39
N SER B 26 7.06 0.79 13.29
CA SER B 26 7.59 0.16 14.49
C SER B 26 8.51 -0.99 14.08
N ASP B 27 8.04 -1.84 13.17
CA ASP B 27 8.82 -2.96 12.69
C ASP B 27 10.06 -2.47 11.99
N LEU B 28 9.91 -1.39 11.22
CA LEU B 28 11.02 -0.83 10.49
C LEU B 28 12.10 -0.40 11.49
N ILE B 29 11.68 0.12 12.64
CA ILE B 29 12.64 0.55 13.66
C ILE B 29 13.31 -0.66 14.30
N ASP B 30 12.55 -1.74 14.49
CA ASP B 30 13.09 -2.98 15.07
C ASP B 30 14.23 -3.44 14.17
N LEU B 31 13.98 -3.37 12.86
CA LEU B 31 14.93 -3.78 11.84
C LEU B 31 16.16 -2.89 11.80
N VAL B 32 16.01 -1.59 12.01
CA VAL B 32 17.13 -0.66 11.99
C VAL B 32 17.04 0.36 13.13
N PRO B 33 17.23 -0.10 14.38
CA PRO B 33 17.18 0.73 15.59
C PRO B 33 17.98 2.02 15.63
N SER B 34 19.02 2.13 14.80
CA SER B 34 19.83 3.33 14.78
C SER B 34 19.12 4.46 14.03
N LEU B 35 18.14 4.11 13.21
CA LEU B 35 17.39 5.09 12.44
C LEU B 35 16.11 5.54 13.11
N CYS B 36 15.88 5.07 14.34
CA CYS B 36 14.68 5.39 15.09
C CYS B 36 14.33 6.87 15.14
N GLU B 37 15.30 7.70 15.52
CA GLU B 37 15.05 9.13 15.62
C GLU B 37 14.76 9.73 14.24
N ASP B 38 15.56 9.36 13.25
CA ASP B 38 15.37 9.89 11.89
C ASP B 38 14.04 9.49 11.28
N LEU B 39 13.56 8.29 11.59
CA LEU B 39 12.30 7.81 11.04
C LEU B 39 11.10 8.44 11.75
N LEU B 40 11.20 8.59 13.06
CA LEU B 40 10.11 9.20 13.79
C LEU B 40 9.91 10.64 13.33
N SER B 41 10.95 11.28 12.81
CA SER B 41 10.79 12.65 12.37
C SER B 41 10.48 12.78 10.89
N SER B 42 10.87 11.81 10.09
CA SER B 42 10.63 11.91 8.65
C SER B 42 9.43 11.11 8.12
N VAL B 43 8.92 10.16 8.91
CA VAL B 43 7.78 9.36 8.48
C VAL B 43 6.47 9.85 9.12
N ASP B 44 5.60 10.41 8.29
CA ASP B 44 4.32 10.93 8.74
C ASP B 44 3.41 9.79 9.14
N GLN B 45 2.78 9.90 10.29
CA GLN B 45 1.86 8.86 10.71
C GLN B 45 0.51 9.46 11.13
N PRO B 46 -0.57 8.66 11.03
CA PRO B 46 -1.90 9.14 11.41
C PRO B 46 -1.77 9.93 12.69
N LEU B 47 -2.45 11.08 12.77
CA LEU B 47 -2.33 11.92 13.96
C LEU B 47 -3.12 11.38 15.14
N LYS B 48 -2.46 11.35 16.30
CA LYS B 48 -3.07 10.88 17.54
C LYS B 48 -3.48 12.08 18.39
N ILE B 49 -4.62 11.94 19.06
CA ILE B 49 -5.15 12.98 19.93
C ILE B 49 -4.82 12.61 21.37
N ALA B 50 -4.52 13.63 22.16
CA ALA B 50 -4.21 13.47 23.57
C ALA B 50 -5.04 14.52 24.31
N ARG B 51 -5.38 14.24 25.57
CA ARG B 51 -6.19 15.17 26.31
C ARG B 51 -5.38 15.95 27.33
N ASP B 52 -5.48 17.27 27.29
CA ASP B 52 -4.79 18.10 28.26
C ASP B 52 -5.83 18.19 29.37
N LYS B 53 -5.54 17.54 30.49
CA LYS B 53 -6.45 17.50 31.63
C LYS B 53 -6.60 18.84 32.34
N VAL B 54 -5.49 19.54 32.58
CA VAL B 54 -5.56 20.82 33.29
C VAL B 54 -6.40 21.87 32.57
N VAL B 55 -6.41 21.82 31.24
CA VAL B 55 -7.17 22.79 30.44
C VAL B 55 -8.44 22.19 29.84
N GLY B 56 -8.57 20.88 29.87
CA GLY B 56 -9.76 20.24 29.31
C GLY B 56 -9.85 20.39 27.81
N LYS B 57 -8.71 20.28 27.12
CA LYS B 57 -8.68 20.42 25.66
C LYS B 57 -7.75 19.41 25.01
N ASP B 58 -8.16 18.92 23.84
CA ASP B 58 -7.35 17.95 23.10
C ASP B 58 -6.24 18.68 22.37
N TYR B 59 -5.18 17.94 22.08
CA TYR B 59 -4.05 18.46 21.33
C TYR B 59 -3.54 17.27 20.53
N LEU B 60 -2.79 17.55 19.47
CA LEU B 60 -2.29 16.49 18.60
C LEU B 60 -0.84 16.13 18.85
N LEU B 61 -0.52 14.87 18.63
CA LEU B 61 0.83 14.36 18.85
C LEU B 61 1.65 14.21 17.58
N CYS B 62 2.93 14.56 17.68
CA CYS B 62 3.87 14.40 16.58
C CYS B 62 5.27 14.39 17.18
N ASP B 63 6.25 14.06 16.35
CA ASP B 63 7.64 13.98 16.80
C ASP B 63 8.14 15.33 17.31
N TYR B 64 7.58 16.42 16.79
CA TYR B 64 8.02 17.76 17.16
C TYR B 64 7.62 18.30 18.53
N ASN B 65 6.67 17.65 19.22
CA ASN B 65 6.31 18.10 20.56
C ASN B 65 6.60 16.95 21.53
N ARG B 66 7.43 16.03 21.07
CA ARG B 66 7.81 14.85 21.84
C ARG B 66 9.20 14.96 22.45
N ASP B 67 9.33 14.45 23.67
CA ASP B 67 10.63 14.41 24.33
C ASP B 67 10.66 13.05 25.02
N GLY B 68 11.47 12.14 24.49
CA GLY B 68 11.52 10.80 25.05
C GLY B 68 10.17 10.14 24.81
N ASP B 69 9.54 9.68 25.89
CA ASP B 69 8.24 9.01 25.81
C ASP B 69 7.04 9.91 26.16
N SER B 70 7.29 11.21 26.30
CA SER B 70 6.22 12.16 26.63
C SER B 70 5.99 13.23 25.55
N TYR B 71 4.82 13.86 25.59
CA TYR B 71 4.49 14.90 24.63
C TYR B 71 4.07 16.17 25.34
N ARG B 72 4.42 17.31 24.76
CA ARG B 72 4.12 18.62 25.34
C ARG B 72 2.80 19.19 24.83
N SER B 73 1.93 19.57 25.76
CA SER B 73 0.64 20.16 25.37
C SER B 73 0.89 21.60 24.93
N PRO B 74 0.21 22.03 23.84
CA PRO B 74 0.39 23.40 23.35
C PRO B 74 -0.43 24.37 24.19
N TRP B 75 -1.32 23.82 25.02
CA TRP B 75 -2.18 24.65 25.85
C TRP B 75 -1.53 24.99 27.19
N SER B 76 -1.11 23.97 27.93
CA SER B 76 -0.50 24.20 29.25
C SER B 76 1.02 24.20 29.24
N ASN B 77 1.60 23.91 28.09
CA ASN B 77 3.06 23.86 27.93
C ASN B 77 3.68 22.86 28.92
N LYS B 78 2.93 21.80 29.20
CA LYS B 78 3.38 20.75 30.12
C LYS B 78 3.44 19.40 29.41
N TYR B 79 4.34 18.53 29.88
CA TYR B 79 4.51 17.19 29.31
C TYR B 79 3.64 16.11 29.93
N ASP B 80 3.22 15.17 29.10
CA ASP B 80 2.42 14.05 29.56
C ASP B 80 2.81 12.82 28.75
N PRO B 81 3.14 11.71 29.45
CA PRO B 81 3.18 11.65 30.91
C PRO B 81 4.19 12.65 31.49
N PRO B 82 4.04 13.01 32.77
CA PRO B 82 4.93 13.97 33.43
C PRO B 82 6.44 13.72 33.32
N LEU B 83 7.16 14.79 33.01
CA LEU B 83 8.62 14.78 32.88
C LEU B 83 9.17 15.85 33.82
N GLU B 84 10.45 15.74 34.15
CA GLU B 84 11.08 16.70 35.05
C GLU B 84 11.63 17.94 34.36
N ASP B 85 12.54 17.75 33.41
CA ASP B 85 13.16 18.86 32.68
C ASP B 85 12.98 18.72 31.17
N GLY B 86 11.73 18.56 30.74
CA GLY B 86 11.45 18.42 29.32
C GLY B 86 11.82 19.63 28.47
N ALA B 87 12.16 19.37 27.21
CA ALA B 87 12.52 20.43 26.28
C ALA B 87 11.35 21.41 26.11
N MET B 88 11.61 22.70 26.31
CA MET B 88 10.60 23.74 26.19
C MET B 88 11.08 24.85 25.28
N PRO B 89 10.16 25.51 24.59
CA PRO B 89 10.64 26.59 23.74
C PRO B 89 11.03 27.74 24.69
N SER B 90 11.79 28.70 24.20
CA SER B 90 12.15 29.84 25.05
C SER B 90 10.85 30.59 25.40
N ALA B 91 10.88 31.40 26.46
CA ALA B 91 9.69 32.15 26.87
C ALA B 91 9.15 33.02 25.73
N ARG B 92 10.05 33.61 24.96
CA ARG B 92 9.68 34.47 23.84
C ARG B 92 9.10 33.69 22.64
N LEU B 93 9.64 32.49 22.39
CA LEU B 93 9.12 31.66 21.30
C LEU B 93 7.79 31.06 21.76
N ARG B 94 7.70 30.68 23.04
CA ARG B 94 6.47 30.15 23.59
C ARG B 94 5.31 31.14 23.36
N LYS B 95 5.57 32.43 23.57
CA LYS B 95 4.54 33.45 23.38
C LYS B 95 4.06 33.44 21.91
N LEU B 96 5.00 33.38 20.98
CA LEU B 96 4.66 33.32 19.57
C LEU B 96 3.90 32.02 19.29
N GLU B 97 4.26 30.96 20.02
CA GLU B 97 3.62 29.66 19.84
C GLU B 97 2.16 29.74 20.26
N VAL B 98 1.89 30.47 21.33
CA VAL B 98 0.55 30.64 21.85
C VAL B 98 -0.28 31.35 20.80
N GLU B 99 0.30 32.41 20.26
CA GLU B 99 -0.37 33.21 19.23
C GLU B 99 -0.58 32.39 17.94
N ALA B 100 0.37 31.55 17.56
CA ALA B 100 0.21 30.73 16.36
C ALA B 100 -0.93 29.73 16.58
N ASN B 101 -0.99 29.13 17.77
CA ASN B 101 -2.08 28.21 18.06
C ASN B 101 -3.43 28.90 17.96
N ASN B 102 -3.51 30.11 18.50
CA ASN B 102 -4.78 30.83 18.46
C ASN B 102 -5.17 31.18 17.03
N ALA B 103 -4.21 31.64 16.22
CA ALA B 103 -4.48 31.99 14.83
C ALA B 103 -4.94 30.79 14.00
N PHE B 104 -4.28 29.65 14.19
CA PHE B 104 -4.65 28.46 13.44
C PHE B 104 -5.93 27.78 13.93
N ASP B 105 -6.30 28.07 15.17
CA ASP B 105 -7.55 27.57 15.73
C ASP B 105 -8.65 28.23 14.89
N GLN B 106 -8.49 29.52 14.62
CA GLN B 106 -9.47 30.26 13.83
C GLN B 106 -9.42 29.75 12.40
N TYR B 107 -8.21 29.55 11.88
CA TYR B 107 -8.03 29.01 10.53
C TYR B 107 -8.76 27.66 10.42
N ARG B 108 -8.57 26.81 11.42
CA ARG B 108 -9.20 25.49 11.43
C ARG B 108 -10.74 25.59 11.40
N ASP B 109 -11.29 26.42 12.29
CA ASP B 109 -12.73 26.58 12.36
C ASP B 109 -13.31 27.11 11.06
N LEU B 110 -12.60 28.03 10.42
CA LEU B 110 -13.05 28.66 9.16
C LEU B 110 -13.05 27.72 7.97
N TYR B 111 -12.07 26.83 7.89
CA TYR B 111 -11.99 25.89 6.78
C TYR B 111 -12.51 24.47 7.07
N PHE B 112 -12.43 24.03 8.32
CA PHE B 112 -12.87 22.67 8.69
C PHE B 112 -14.11 22.64 9.57
N GLU B 113 -14.49 23.79 10.13
CA GLU B 113 -15.64 23.88 11.01
C GLU B 113 -15.66 22.81 12.09
N GLY B 114 -14.51 22.57 12.71
CA GLY B 114 -14.42 21.56 13.75
C GLY B 114 -13.04 20.95 13.76
N GLY B 115 -12.92 19.76 14.36
CA GLY B 115 -11.64 19.11 14.40
C GLY B 115 -10.72 19.71 15.46
N VAL B 116 -9.45 19.34 15.41
CA VAL B 116 -8.46 19.81 16.38
C VAL B 116 -7.22 20.32 15.66
N SER B 117 -6.56 21.32 16.23
CA SER B 117 -5.33 21.86 15.64
C SER B 117 -4.28 22.03 16.74
N SER B 118 -3.01 22.00 16.37
CA SER B 118 -1.94 22.17 17.33
C SER B 118 -0.73 22.69 16.58
N VAL B 119 -0.04 23.68 17.15
CA VAL B 119 1.14 24.27 16.55
C VAL B 119 2.27 24.20 17.58
N TYR B 120 3.44 23.74 17.14
CA TYR B 120 4.58 23.65 18.01
C TYR B 120 5.71 24.33 17.26
N LEU B 121 6.48 25.15 17.98
CA LEU B 121 7.61 25.85 17.37
C LEU B 121 8.91 25.49 18.06
N TRP B 122 10.02 25.78 17.38
CA TRP B 122 11.35 25.56 17.93
C TRP B 122 12.34 26.50 17.26
N ASP B 123 13.33 26.94 18.01
CA ASP B 123 14.33 27.86 17.48
C ASP B 123 15.40 27.16 16.63
N LEU B 124 15.94 27.90 15.66
CA LEU B 124 17.00 27.39 14.80
C LEU B 124 18.16 28.37 14.96
N ASP B 125 19.27 28.11 14.26
CA ASP B 125 20.44 28.98 14.34
C ASP B 125 20.17 30.42 13.90
N HIS B 126 19.60 30.60 12.71
CA HIS B 126 19.31 31.93 12.22
C HIS B 126 17.84 32.09 11.84
N GLY B 127 16.97 31.50 12.64
CA GLY B 127 15.55 31.58 12.39
C GLY B 127 14.82 30.66 13.34
N PHE B 128 13.71 30.11 12.88
CA PHE B 128 12.95 29.18 13.69
C PHE B 128 12.10 28.29 12.80
N ALA B 129 11.52 27.24 13.37
CA ALA B 129 10.68 26.35 12.61
C ALA B 129 9.44 26.04 13.41
N GLY B 130 8.47 25.41 12.76
CA GLY B 130 7.25 25.06 13.44
C GLY B 130 6.48 24.01 12.68
N VAL B 131 5.55 23.36 13.37
CA VAL B 131 4.72 22.36 12.72
C VAL B 131 3.30 22.74 13.05
N ILE B 132 2.43 22.69 12.03
CA ILE B 132 1.02 22.98 12.20
C ILE B 132 0.27 21.66 11.96
N LEU B 133 -0.47 21.24 12.97
CA LEU B 133 -1.21 19.98 12.90
C LEU B 133 -2.70 20.23 12.92
N ILE B 134 -3.42 19.54 12.03
CA ILE B 134 -4.87 19.65 11.97
C ILE B 134 -5.48 18.28 11.74
N LYS B 135 -6.49 17.95 12.53
CA LYS B 135 -7.16 16.68 12.39
C LYS B 135 -8.65 16.94 12.39
N LYS B 136 -9.34 16.40 11.40
CA LYS B 136 -10.79 16.55 11.29
C LYS B 136 -11.41 15.22 10.85
N ALA B 137 -12.27 14.69 11.70
CA ALA B 137 -12.98 13.42 11.45
C ALA B 137 -14.44 13.75 11.13
N GLY B 138 -15.00 13.07 10.14
CA GLY B 138 -16.38 13.34 9.76
C GLY B 138 -17.45 12.72 10.64
N ASP B 139 -18.70 12.83 10.19
CA ASP B 139 -19.87 12.29 10.89
C ASP B 139 -19.68 10.83 11.28
N GLY B 140 -19.58 10.58 12.58
CA GLY B 140 -19.39 9.20 13.04
C GLY B 140 -20.64 8.35 12.88
N SER B 141 -21.73 8.97 12.41
CA SER B 141 -22.99 8.25 12.24
C SER B 141 -23.20 7.73 10.82
N LYS B 142 -22.38 8.19 9.88
CA LYS B 142 -22.53 7.75 8.51
C LYS B 142 -21.77 6.48 8.13
N LYS B 143 -22.38 5.73 7.21
CA LYS B 143 -21.85 4.48 6.68
C LYS B 143 -20.38 4.59 6.32
N ILE B 144 -19.99 5.76 5.78
CA ILE B 144 -18.62 5.98 5.38
C ILE B 144 -17.88 6.91 6.32
N LYS B 145 -16.76 6.44 6.85
CA LYS B 145 -15.93 7.22 7.77
C LYS B 145 -14.82 7.93 6.99
N GLY B 146 -14.45 9.11 7.47
CA GLY B 146 -13.42 9.89 6.80
C GLY B 146 -12.62 10.67 7.82
N CYS B 147 -11.34 10.88 7.53
CA CYS B 147 -10.47 11.64 8.42
C CYS B 147 -9.38 12.34 7.63
N TRP B 148 -9.18 13.61 7.97
CA TRP B 148 -8.19 14.45 7.32
C TRP B 148 -7.12 14.82 8.33
N ASP B 149 -5.87 14.56 7.98
CA ASP B 149 -4.74 14.89 8.85
C ASP B 149 -3.84 15.86 8.10
N SER B 150 -3.66 17.06 8.65
CA SER B 150 -2.76 18.04 8.03
C SER B 150 -1.46 18.07 8.83
N ILE B 151 -0.33 18.02 8.15
CA ILE B 151 0.98 18.07 8.80
C ILE B 151 1.83 19.05 8.02
N HIS B 152 1.95 20.27 8.54
CA HIS B 152 2.71 21.34 7.88
C HIS B 152 3.97 21.66 8.68
N VAL B 153 5.12 21.55 8.03
CA VAL B 153 6.37 21.87 8.70
C VAL B 153 6.97 23.04 7.95
N VAL B 154 7.17 24.15 8.65
CA VAL B 154 7.71 25.34 8.03
C VAL B 154 9.02 25.76 8.69
N GLU B 155 9.95 26.17 7.85
CA GLU B 155 11.27 26.62 8.31
C GLU B 155 11.37 28.08 7.90
N VAL B 156 11.68 28.94 8.86
CA VAL B 156 11.80 30.35 8.58
C VAL B 156 13.24 30.85 8.72
N GLN B 157 13.79 31.33 7.61
CA GLN B 157 15.14 31.86 7.59
C GLN B 157 15.04 33.37 7.68
N GLU B 158 15.42 33.91 8.83
CA GLU B 158 15.35 35.34 9.05
C GLU B 158 16.58 36.04 8.49
N LYS B 159 16.35 37.18 7.85
CA LYS B 159 17.44 37.94 7.25
C LYS B 159 17.94 39.03 8.20
N SER B 160 19.26 39.10 8.36
CA SER B 160 19.89 40.09 9.23
C SER B 160 19.32 41.46 8.94
N SER B 161 19.50 41.90 7.70
CA SER B 161 19.00 43.20 7.28
C SER B 161 17.84 43.01 6.30
N GLY B 162 16.72 43.66 6.57
CA GLY B 162 15.60 43.57 5.65
C GLY B 162 14.19 43.34 6.14
N ARG B 163 14.01 42.40 7.06
CA ARG B 163 12.66 42.06 7.50
C ARG B 163 11.93 41.66 6.23
N THR B 164 12.47 40.58 5.70
CA THR B 164 12.05 39.88 4.51
C THR B 164 12.62 38.58 5.03
N ALA B 165 11.89 37.49 4.87
CA ALA B 165 12.39 36.23 5.38
C ALA B 165 12.21 35.14 4.34
N HIS B 166 12.93 34.05 4.50
CA HIS B 166 12.80 32.95 3.58
C HIS B 166 11.94 31.89 4.26
N TYR B 167 10.86 31.50 3.61
CA TYR B 167 9.98 30.48 4.17
C TYR B 167 10.04 29.23 3.31
N LYS B 168 10.20 28.08 3.97
CA LYS B 168 10.21 26.79 3.30
C LYS B 168 9.13 25.96 3.98
N LEU B 169 8.09 25.62 3.22
CA LEU B 169 6.97 24.85 3.75
C LEU B 169 6.86 23.48 3.09
N THR B 170 6.87 22.43 3.91
CA THR B 170 6.72 21.07 3.39
C THR B 170 5.44 20.60 4.04
N SER B 171 4.45 20.32 3.22
CA SER B 171 3.13 19.91 3.71
C SER B 171 2.66 18.53 3.26
N THR B 172 2.01 17.83 4.18
CA THR B 172 1.45 16.52 3.88
C THR B 172 0.02 16.47 4.39
N VAL B 173 -0.89 16.03 3.53
CA VAL B 173 -2.26 15.86 3.95
C VAL B 173 -2.53 14.35 3.84
N MET B 174 -2.95 13.75 4.95
CA MET B 174 -3.27 12.34 4.99
C MET B 174 -4.78 12.27 4.99
N LEU B 175 -5.33 11.60 3.98
CA LEU B 175 -6.79 11.46 3.85
C LEU B 175 -7.15 9.99 3.93
N TRP B 176 -7.98 9.66 4.91
CA TRP B 176 -8.43 8.30 5.18
C TRP B 176 -9.94 8.18 4.99
N LEU B 177 -10.34 7.19 4.21
CA LEU B 177 -11.74 6.92 3.94
C LEU B 177 -11.96 5.43 4.12
N GLN B 178 -13.00 5.04 4.85
CA GLN B 178 -13.28 3.63 5.10
C GLN B 178 -14.78 3.35 5.20
N THR B 179 -15.18 2.16 4.77
CA THR B 179 -16.58 1.76 4.83
C THR B 179 -16.73 0.25 4.99
N ASN B 180 -17.68 -0.16 5.84
CA ASN B 180 -17.98 -1.57 6.08
C ASN B 180 -19.45 -1.79 5.71
N LYS B 181 -19.73 -1.83 4.40
CA LYS B 181 -21.09 -2.02 3.93
C LYS B 181 -21.23 -3.36 3.21
N THR B 182 -22.36 -4.02 3.44
CA THR B 182 -22.65 -5.32 2.83
C THR B 182 -22.13 -5.44 1.40
N GLY B 183 -22.65 -4.60 0.52
CA GLY B 183 -22.26 -4.64 -0.88
C GLY B 183 -20.80 -4.44 -1.22
N SER B 184 -20.05 -3.77 -0.35
CA SER B 184 -18.65 -3.53 -0.62
C SER B 184 -17.70 -4.27 0.31
N GLY B 185 -18.25 -4.92 1.33
CA GLY B 185 -17.41 -5.62 2.28
C GLY B 185 -16.61 -4.54 2.98
N THR B 186 -15.28 -4.67 2.97
CA THR B 186 -14.47 -3.63 3.58
C THR B 186 -13.74 -2.90 2.47
N MET B 187 -13.94 -1.59 2.41
CA MET B 187 -13.28 -0.76 1.41
C MET B 187 -12.50 0.34 2.14
N ASN B 188 -11.20 0.38 1.91
CA ASN B 188 -10.36 1.37 2.55
C ASN B 188 -9.57 2.15 1.49
N LEU B 189 -9.82 3.44 1.41
CA LEU B 189 -9.12 4.31 0.46
C LEU B 189 -8.36 5.31 1.30
N GLY B 190 -7.05 5.15 1.42
CA GLY B 190 -6.30 6.06 2.25
C GLY B 190 -4.86 6.31 1.87
N GLY B 191 -4.21 7.16 2.65
CA GLY B 191 -2.83 7.50 2.36
C GLY B 191 -2.61 8.99 2.46
N SER B 192 -1.72 9.52 1.64
CA SER B 192 -1.43 10.93 1.72
C SER B 192 -0.69 11.45 0.51
N LEU B 193 -0.67 12.78 0.39
CA LEU B 193 0.03 13.46 -0.69
C LEU B 193 0.89 14.54 -0.04
N THR B 194 2.08 14.76 -0.60
CA THR B 194 3.00 15.74 -0.04
C THR B 194 3.39 16.75 -1.09
N ARG B 195 3.50 18.00 -0.66
CA ARG B 195 3.89 19.06 -1.56
C ARG B 195 4.85 19.98 -0.81
N GLN B 196 5.74 20.62 -1.54
CA GLN B 196 6.71 21.52 -0.92
C GLN B 196 6.70 22.86 -1.64
N MET B 197 7.01 23.91 -0.89
CA MET B 197 6.96 25.26 -1.43
C MET B 197 7.98 26.12 -0.68
N GLU B 198 8.59 27.06 -1.38
CA GLU B 198 9.58 27.98 -0.81
C GLU B 198 9.34 29.37 -1.38
N LYS B 199 9.47 30.38 -0.53
CA LYS B 199 9.23 31.74 -0.99
C LYS B 199 9.90 32.80 -0.11
N ASP B 200 10.37 33.88 -0.74
CA ASP B 200 10.98 34.97 -0.01
C ASP B 200 9.83 35.92 0.19
N GLU B 201 9.70 36.46 1.40
CA GLU B 201 8.58 37.33 1.70
C GLU B 201 8.89 38.48 2.65
N THR B 202 8.16 39.57 2.48
CA THR B 202 8.32 40.74 3.33
C THR B 202 7.68 40.48 4.69
N VAL B 203 8.37 40.85 5.75
CA VAL B 203 7.83 40.69 7.09
C VAL B 203 7.66 42.10 7.65
N SER B 204 6.43 42.44 8.03
CA SER B 204 6.12 43.76 8.57
C SER B 204 5.07 43.67 9.66
N ASP B 205 4.71 44.81 10.27
CA ASP B 205 3.72 44.83 11.33
C ASP B 205 2.34 44.37 10.81
N SER B 206 2.03 44.70 9.56
CA SER B 206 0.75 44.31 8.98
C SER B 206 0.83 42.90 8.39
N SER B 207 2.04 42.41 8.17
CA SER B 207 2.23 41.07 7.62
C SER B 207 3.35 40.35 8.36
N PRO B 208 3.14 40.03 9.65
CA PRO B 208 4.13 39.34 10.48
C PRO B 208 4.31 37.87 10.09
N HIS B 209 5.20 37.19 10.80
CA HIS B 209 5.48 35.78 10.53
C HIS B 209 4.25 34.87 10.44
N ILE B 210 3.32 35.01 11.39
CA ILE B 210 2.15 34.15 11.40
C ILE B 210 1.29 34.37 10.16
N ALA B 211 1.13 35.64 9.75
CA ALA B 211 0.34 35.92 8.56
C ALA B 211 1.01 35.26 7.34
N ASN B 212 2.32 35.39 7.22
CA ASN B 212 3.01 34.80 6.07
C ASN B 212 2.90 33.27 6.07
N ILE B 213 3.09 32.67 7.24
CA ILE B 213 3.00 31.22 7.35
C ILE B 213 1.54 30.81 7.06
N GLY B 214 0.59 31.56 7.62
CA GLY B 214 -0.82 31.28 7.41
C GLY B 214 -1.21 31.28 5.94
N ARG B 215 -0.78 32.32 5.21
CA ARG B 215 -1.08 32.42 3.78
C ARG B 215 -0.49 31.25 3.01
N LEU B 216 0.71 30.85 3.38
CA LEU B 216 1.35 29.71 2.71
C LEU B 216 0.60 28.41 3.02
N VAL B 217 0.25 28.20 4.29
CA VAL B 217 -0.50 27.01 4.68
C VAL B 217 -1.83 26.94 3.93
N GLU B 218 -2.57 28.06 3.92
CA GLU B 218 -3.86 28.15 3.25
C GLU B 218 -3.75 27.83 1.77
N ASP B 219 -2.81 28.46 1.08
CA ASP B 219 -2.63 28.20 -0.35
C ASP B 219 -2.26 26.73 -0.59
N MET B 220 -1.37 26.23 0.27
CA MET B 220 -0.92 24.85 0.18
C MET B 220 -2.10 23.88 0.35
N GLU B 221 -2.89 24.07 1.41
CA GLU B 221 -4.02 23.18 1.64
C GLU B 221 -5.10 23.27 0.56
N ASN B 222 -5.33 24.45 0.01
CA ASN B 222 -6.33 24.59 -1.04
C ASN B 222 -5.88 23.82 -2.29
N LYS B 223 -4.58 23.86 -2.56
CA LYS B 223 -4.02 23.16 -3.70
C LYS B 223 -4.04 21.64 -3.49
N ILE B 224 -3.66 21.22 -2.29
CA ILE B 224 -3.64 19.79 -2.00
C ILE B 224 -5.06 19.21 -1.93
N ARG B 225 -6.04 20.03 -1.54
CA ARG B 225 -7.42 19.56 -1.49
C ARG B 225 -7.91 19.20 -2.89
N SER B 226 -7.52 20.01 -3.88
CA SER B 226 -7.91 19.78 -5.27
C SER B 226 -7.24 18.53 -5.82
N THR B 227 -5.96 18.37 -5.53
CA THR B 227 -5.18 17.21 -5.97
C THR B 227 -5.72 15.94 -5.33
N LEU B 228 -6.10 16.03 -4.06
CA LEU B 228 -6.66 14.87 -3.35
C LEU B 228 -7.95 14.43 -4.02
N ASN B 229 -8.82 15.38 -4.30
CA ASN B 229 -10.09 15.08 -4.95
C ASN B 229 -9.81 14.39 -6.28
N GLU B 230 -8.87 14.93 -7.05
CA GLU B 230 -8.51 14.36 -8.34
C GLU B 230 -7.93 12.94 -8.23
N ILE B 231 -6.89 12.77 -7.41
CA ILE B 231 -6.26 11.47 -7.25
C ILE B 231 -7.14 10.40 -6.63
N TYR B 232 -7.71 10.69 -5.47
CA TYR B 232 -8.56 9.72 -4.78
C TYR B 232 -9.83 9.31 -5.54
N PHE B 233 -10.66 10.29 -5.87
CA PHE B 233 -11.92 10.03 -6.53
C PHE B 233 -11.85 10.05 -8.04
N GLY B 234 -10.72 10.50 -8.57
CA GLY B 234 -10.56 10.51 -10.00
C GLY B 234 -9.65 9.38 -10.46
N LYS B 235 -8.35 9.52 -10.22
CA LYS B 235 -7.38 8.53 -10.65
C LYS B 235 -7.51 7.10 -10.11
N THR B 236 -7.64 6.90 -8.80
CA THR B 236 -7.74 5.52 -8.34
C THR B 236 -9.01 4.84 -8.84
N LYS B 237 -10.06 5.64 -9.08
CA LYS B 237 -11.32 5.10 -9.57
C LYS B 237 -11.12 4.62 -11.01
N ASP B 238 -10.42 5.44 -11.79
CA ASP B 238 -10.15 5.09 -13.18
C ASP B 238 -9.28 3.84 -13.29
N ILE B 239 -8.35 3.67 -12.36
CA ILE B 239 -7.49 2.50 -12.40
C ILE B 239 -8.37 1.30 -12.09
N VAL B 240 -9.31 1.48 -11.16
CA VAL B 240 -10.24 0.43 -10.78
C VAL B 240 -11.11 0.01 -11.99
N ASN B 241 -11.56 0.98 -12.76
CA ASN B 241 -12.39 0.65 -13.92
C ASN B 241 -11.59 0.04 -15.05
N GLY B 242 -10.27 0.11 -14.95
CA GLY B 242 -9.42 -0.46 -15.97
C GLY B 242 -9.07 -1.91 -15.64
N LEU B 243 -9.37 -2.33 -14.41
CA LEU B 243 -9.09 -3.69 -13.98
C LEU B 243 -10.24 -4.61 -14.35
N ARG B 244 -11.46 -4.05 -14.31
CA ARG B 244 -12.66 -4.82 -14.63
C ARG B 244 -13.72 -3.87 -15.17
N SER B 245 -14.70 -4.45 -15.85
CA SER B 245 -15.80 -3.68 -16.43
C SER B 245 -17.08 -4.49 -16.23
N ILE B 246 -18.14 -3.82 -15.78
CA ILE B 246 -19.40 -4.51 -15.53
C ILE B 246 -20.05 -4.92 -16.85
N ASP B 247 -19.97 -4.03 -17.84
CA ASP B 247 -20.54 -4.32 -19.14
C ASP B 247 -19.53 -5.14 -19.94
N ALA B 248 -20.04 -6.09 -20.71
CA ALA B 248 -19.17 -6.92 -21.53
C ALA B 248 -18.31 -6.02 -22.41
N ILE B 249 -17.00 -6.24 -22.36
CA ILE B 249 -16.07 -5.45 -23.16
C ILE B 249 -16.02 -5.98 -24.58
N PRO B 250 -16.52 -5.19 -25.56
CA PRO B 250 -16.50 -5.64 -26.95
C PRO B 250 -15.10 -6.18 -27.27
N ASP B 251 -14.95 -7.50 -27.16
CA ASP B 251 -13.70 -8.17 -27.49
C ASP B 251 -13.19 -7.84 -28.90
N ASN B 252 -11.88 -7.68 -29.03
CA ASN B 252 -11.33 -7.38 -30.34
C ASN B 252 -10.25 -8.36 -30.77
N GLN B 253 -10.57 -9.08 -31.84
CA GLN B 253 -9.78 -10.20 -32.33
C GLN B 253 -8.62 -9.66 -33.16
N LYS B 254 -8.92 -8.62 -33.94
CA LYS B 254 -8.03 -8.14 -34.98
C LYS B 254 -6.64 -7.80 -34.47
N TYR B 255 -6.56 -6.89 -33.51
CA TYR B 255 -5.26 -6.48 -32.99
C TYR B 255 -4.53 -7.61 -32.28
N LYS B 256 -5.27 -8.49 -31.60
CA LYS B 256 -4.63 -9.54 -30.82
C LYS B 256 -3.99 -10.58 -31.74
N GLN B 257 -4.64 -10.85 -32.85
CA GLN B 257 -4.17 -11.88 -33.78
C GLN B 257 -2.85 -11.38 -34.38
N LEU B 258 -2.81 -10.09 -34.75
CA LEU B 258 -1.63 -9.49 -35.35
C LEU B 258 -0.47 -9.49 -34.37
N GLN B 259 -0.77 -9.30 -33.10
CA GLN B 259 0.27 -9.00 -32.12
C GLN B 259 1.25 -10.16 -31.98
N ARG B 260 0.74 -11.39 -32.04
CA ARG B 260 1.60 -12.54 -31.80
C ARG B 260 2.61 -12.66 -32.94
N GLU B 261 2.13 -12.46 -34.17
CA GLU B 261 2.95 -12.64 -35.36
C GLU B 261 4.20 -11.77 -35.38
N LEU B 262 4.02 -10.48 -35.11
CA LEU B 262 5.13 -9.52 -35.05
C LEU B 262 6.11 -9.77 -33.90
N SER B 263 5.60 -10.32 -32.80
CA SER B 263 6.39 -10.46 -31.58
C SER B 263 7.51 -11.48 -31.71
N GLN B 264 7.18 -12.67 -32.16
CA GLN B 264 8.13 -13.77 -32.17
C GLN B 264 9.30 -13.48 -33.11
N VAL B 265 9.09 -12.59 -34.07
CA VAL B 265 10.15 -12.26 -35.01
C VAL B 265 11.25 -11.52 -34.29
N LEU B 266 10.89 -10.61 -33.40
CA LEU B 266 11.87 -9.74 -32.75
C LEU B 266 12.74 -10.52 -31.75
N THR B 267 12.16 -11.52 -31.09
CA THR B 267 12.90 -12.29 -30.09
C THR B 267 14.01 -13.15 -30.71
N GLN B 268 13.73 -13.71 -31.88
CA GLN B 268 14.69 -14.61 -32.55
C GLN B 268 15.64 -13.77 -33.41
N ARG B 269 15.59 -12.46 -33.19
CA ARG B 269 16.49 -11.50 -33.85
C ARG B 269 17.36 -10.87 -32.77
N GLN B 270 16.73 -10.47 -31.66
CA GLN B 270 17.46 -9.93 -30.53
C GLN B 270 17.93 -11.19 -29.83
N ILE B 271 18.73 -11.03 -28.79
CA ILE B 271 19.04 -12.13 -27.87
C ILE B 271 17.81 -12.94 -27.49
N GLY C 4 1.34 -34.82 0.75
CA GLY C 4 2.45 -33.83 0.64
C GLY C 4 3.55 -34.19 1.62
N SER C 5 4.43 -35.09 1.23
CA SER C 5 5.53 -35.52 2.10
C SER C 5 6.84 -35.57 1.31
N TRP C 6 6.87 -34.89 0.17
CA TRP C 6 8.07 -34.87 -0.66
C TRP C 6 9.04 -33.80 -0.17
N GLY C 7 10.33 -34.12 -0.20
CA GLY C 7 11.35 -33.18 0.24
C GLY C 7 11.68 -32.17 -0.86
N CYS C 8 12.94 -31.78 -0.94
CA CYS C 8 13.37 -30.82 -1.94
C CYS C 8 13.15 -31.38 -3.35
N VAL C 9 13.39 -32.67 -3.51
CA VAL C 9 13.21 -33.32 -4.80
C VAL C 9 12.26 -34.50 -4.68
N ARG C 10 11.28 -34.57 -5.58
CA ARG C 10 10.31 -35.66 -5.56
C ARG C 10 10.93 -36.93 -6.14
N GLN C 11 11.00 -37.00 -7.46
CA GLN C 11 11.57 -38.17 -8.13
C GLN C 11 13.09 -38.09 -8.14
N GLU C 12 13.74 -39.24 -8.06
CA GLU C 12 15.20 -39.29 -8.07
C GLU C 12 15.73 -38.97 -9.47
N LYS C 13 14.86 -39.05 -10.47
CA LYS C 13 15.26 -38.78 -11.84
C LYS C 13 16.39 -39.70 -12.26
N ARG C 14 17.60 -39.40 -11.82
CA ARG C 14 18.77 -40.21 -12.17
C ARG C 14 19.09 -40.08 -13.65
N SER C 15 18.05 -40.12 -14.48
CA SER C 15 18.24 -40.01 -15.92
C SER C 15 18.84 -38.65 -16.28
N SER C 16 18.32 -37.60 -15.64
CA SER C 16 18.82 -36.25 -15.91
C SER C 16 18.55 -35.34 -14.71
N GLY C 17 19.39 -34.33 -14.54
CA GLY C 17 19.22 -33.39 -13.43
C GLY C 17 19.92 -32.07 -13.74
N LEU C 18 19.19 -30.97 -13.60
CA LEU C 18 19.76 -29.65 -13.86
C LEU C 18 19.15 -28.62 -12.91
N ILE C 19 19.06 -28.97 -11.63
CA ILE C 19 18.50 -28.07 -10.64
C ILE C 19 19.58 -27.18 -10.05
N SER C 20 19.23 -25.92 -9.76
CA SER C 20 20.18 -24.98 -9.18
C SER C 20 19.45 -23.91 -8.39
N GLU C 21 20.18 -23.24 -7.49
CA GLU C 21 19.60 -22.19 -6.67
C GLU C 21 20.52 -20.99 -6.60
N LEU C 22 19.94 -19.80 -6.69
CA LEU C 22 20.72 -18.56 -6.64
C LEU C 22 19.80 -17.35 -6.58
N PRO C 23 19.16 -17.13 -5.46
CA PRO C 23 18.23 -15.99 -5.26
C PRO C 23 18.98 -14.68 -5.05
N SER C 24 18.32 -13.57 -5.37
CA SER C 24 18.93 -12.25 -5.21
C SER C 24 20.39 -12.28 -5.65
N GLU C 25 20.62 -12.80 -6.86
CA GLU C 25 21.98 -12.87 -7.39
C GLU C 25 22.49 -11.48 -7.72
N GLU C 26 21.61 -10.61 -8.19
CA GLU C 26 21.99 -9.25 -8.54
C GLU C 26 22.76 -8.59 -7.39
N GLY C 27 23.65 -7.66 -7.74
CA GLY C 27 24.44 -6.97 -6.74
C GLY C 27 24.46 -5.47 -7.00
N ARG C 28 23.33 -4.95 -7.48
CA ARG C 28 23.24 -3.52 -7.77
C ARG C 28 23.17 -2.71 -6.48
N ARG C 29 23.82 -1.55 -6.48
CA ARG C 29 23.84 -0.69 -5.30
C ARG C 29 24.24 0.73 -5.67
N LEU C 30 23.42 1.36 -6.52
CA LEU C 30 23.70 2.72 -6.96
C LEU C 30 23.67 3.69 -5.77
N GLU C 31 22.68 3.51 -4.90
CA GLU C 31 22.54 4.37 -3.73
C GLU C 31 23.54 3.96 -2.65
N HIS C 32 24.41 4.89 -2.26
CA HIS C 32 25.40 4.62 -1.24
C HIS C 32 26.08 5.91 -0.78
N PHE C 33 25.90 6.25 0.49
CA PHE C 33 26.49 7.47 1.03
C PHE C 33 26.75 7.33 2.53
N THR C 34 27.66 8.13 3.05
CA THR C 34 28.00 8.08 4.47
C THR C 34 27.51 9.33 5.18
N LYS C 35 26.30 9.26 5.73
CA LYS C 35 25.73 10.40 6.43
C LYS C 35 24.42 10.01 7.13
N LEU C 36 24.44 10.05 8.46
CA LEU C 36 23.27 9.69 9.24
C LEU C 36 23.11 10.61 10.44
N ARG C 37 23.06 11.91 10.18
CA ARG C 37 22.91 12.89 11.26
C ARG C 37 21.44 13.17 11.53
N PRO C 38 21.14 13.71 12.68
CA PRO C 38 19.73 14.04 13.07
C PRO C 38 19.24 15.32 12.40
N LYS C 39 17.96 15.33 12.02
CA LYS C 39 17.38 16.50 11.38
C LYS C 39 16.74 17.41 12.41
N ARG C 40 15.55 17.02 12.88
CA ARG C 40 14.84 17.82 13.88
C ARG C 40 14.05 16.92 14.83
N ASN C 41 14.74 16.33 15.79
CA ASN C 41 14.10 15.45 16.75
C ASN C 41 15.08 15.04 17.84
N LYS C 42 15.66 16.04 18.51
CA LYS C 42 16.60 15.76 19.60
C LYS C 42 17.47 14.56 19.27
N LYS C 43 17.95 13.88 20.32
CA LYS C 43 18.79 12.71 20.13
C LYS C 43 18.81 11.86 21.40
N GLN C 44 17.76 11.96 22.19
CA GLN C 44 17.66 11.19 23.42
C GLN C 44 16.27 10.59 23.58
N GLN C 45 16.19 9.27 23.55
CA GLN C 45 14.91 8.59 23.67
C GLN C 45 15.02 7.38 24.59
N PRO C 46 15.37 7.61 25.83
CA PRO C 46 15.48 6.53 26.85
C PRO C 46 14.30 5.57 26.81
N THR C 47 13.11 6.11 26.52
CA THR C 47 11.91 5.29 26.44
C THR C 47 11.00 5.78 25.33
N GLN C 48 10.10 4.90 24.87
CA GLN C 48 9.18 5.25 23.80
C GLN C 48 7.83 4.57 24.00
N ALA C 49 7.07 4.45 22.92
CA ALA C 49 5.76 3.80 22.99
C ALA C 49 4.71 4.78 23.51
N ALA C 50 3.67 4.98 22.71
CA ALA C 50 2.59 5.90 23.10
C ALA C 50 1.51 5.95 22.03
N VAL C 51 0.27 5.71 22.43
CA VAL C 51 -0.85 5.74 21.49
C VAL C 51 -2.07 6.40 22.12
N CYS C 52 -3.01 6.82 21.28
CA CYS C 52 -4.22 7.47 21.77
C CYS C 52 -5.41 7.13 20.86
N THR C 53 -5.13 6.49 19.74
CA THR C 53 -6.17 6.15 18.78
C THR C 53 -6.63 7.38 18.01
N ILE C 54 -7.27 7.16 16.87
CA ILE C 54 -7.75 8.26 16.05
C ILE C 54 -9.00 8.89 16.64
N SER C 55 -9.81 9.50 15.80
CA SER C 55 -11.03 10.15 16.26
C SER C 55 -12.06 9.11 16.69
N ILE C 56 -11.57 8.03 17.32
CA ILE C 56 -12.46 6.98 17.79
C ILE C 56 -11.94 6.38 19.10
N LEU C 57 -12.83 6.28 20.08
CA LEU C 57 -12.46 5.73 21.38
C LEU C 57 -13.69 5.50 22.24
N PRO C 58 -14.64 4.77 21.74
CA PRO C 58 -15.91 4.46 22.47
C PRO C 58 -15.65 4.13 23.94
N GLN C 59 -16.73 4.01 24.71
CA GLN C 59 -16.62 3.70 26.13
C GLN C 59 -15.67 2.53 26.34
N ASP C 60 -15.92 1.43 25.64
CA ASP C 60 -15.09 0.24 25.76
C ASP C 60 -14.69 0.01 27.22
N GLY C 61 -15.46 -0.85 27.90
CA GLY C 61 -15.18 -1.15 29.30
C GLY C 61 -13.79 -1.71 29.47
N GLU C 62 -13.38 -2.57 28.55
CA GLU C 62 -12.05 -3.18 28.61
C GLU C 62 -11.55 -3.51 27.21
N GLN C 63 -10.23 -3.37 27.02
CA GLN C 63 -9.63 -3.66 25.72
C GLN C 63 -9.54 -5.16 25.49
N ASN C 64 -9.93 -5.59 24.29
CA ASN C 64 -9.89 -7.01 23.96
C ASN C 64 -10.18 -7.21 22.48
N GLY C 65 -9.78 -8.37 21.96
CA GLY C 65 -10.01 -8.68 20.54
C GLY C 65 -9.82 -10.17 20.29
N LEU C 66 -10.89 -10.82 19.80
CA LEU C 66 -10.83 -12.25 19.51
C LEU C 66 -10.50 -12.49 18.04
N MET C 67 -9.54 -13.37 17.79
CA MET C 67 -9.14 -13.68 16.42
C MET C 67 -10.07 -14.73 15.82
N GLY C 68 -10.53 -14.48 14.59
CA GLY C 68 -11.42 -15.42 13.92
C GLY C 68 -12.23 -14.70 12.84
N ARG C 69 -11.66 -14.62 11.64
CA ARG C 69 -12.33 -13.96 10.52
C ARG C 69 -13.59 -14.73 10.14
N VAL C 70 -13.44 -15.64 9.18
CA VAL C 70 -14.58 -16.43 8.72
C VAL C 70 -15.08 -17.33 9.84
N ASP C 71 -14.15 -17.94 10.57
CA ASP C 71 -14.50 -18.83 11.67
C ASP C 71 -13.33 -19.01 12.62
N GLU C 72 -12.88 -20.25 12.77
CA GLU C 72 -11.76 -20.54 13.65
C GLU C 72 -12.02 -20.03 15.07
N GLY C 73 -10.99 -20.01 15.89
CA GLY C 73 -11.14 -19.54 17.27
C GLY C 73 -11.79 -20.61 18.14
N VAL C 74 -11.83 -21.84 17.65
CA VAL C 74 -12.43 -22.93 18.39
C VAL C 74 -11.68 -23.17 19.70
N ASP C 75 -10.36 -23.17 19.62
CA ASP C 75 -9.53 -23.39 20.81
C ASP C 75 -8.19 -22.68 20.67
N GLU C 76 -7.17 -23.23 21.29
CA GLU C 76 -5.83 -22.65 21.24
C GLU C 76 -5.27 -22.71 19.82
N PHE C 77 -5.56 -23.81 19.13
CA PHE C 77 -5.09 -23.99 17.77
C PHE C 77 -6.15 -23.55 16.77
N PHE C 78 -5.70 -22.99 15.65
CA PHE C 78 -6.62 -22.53 14.61
C PHE C 78 -7.08 -23.69 13.74
N THR C 79 -8.39 -23.94 13.74
CA THR C 79 -8.96 -25.03 12.94
C THR C 79 -10.12 -24.53 12.10
N LYS C 80 -10.10 -24.87 10.81
CA LYS C 80 -11.17 -24.46 9.91
C LYS C 80 -12.18 -25.57 9.72
N LYS C 81 -13.44 -25.21 9.54
CA LYS C 81 -14.50 -26.18 9.36
C LYS C 81 -15.65 -25.57 8.57
N VAL C 82 -15.34 -24.93 7.45
CA VAL C 82 -16.36 -24.32 6.61
C VAL C 82 -16.10 -24.60 5.15
N THR C 83 -17.14 -24.47 4.33
CA THR C 83 -17.01 -24.71 2.89
C THR C 83 -15.92 -23.83 2.30
N GLY C 84 -14.75 -24.41 2.06
CA GLY C 84 -13.64 -23.68 1.49
C GLY C 84 -12.31 -24.25 1.96
N CYS C 85 -11.22 -23.54 1.65
CA CYS C 85 -9.89 -23.99 2.05
C CYS C 85 -9.62 -23.63 3.50
N ARG A 7 19.12 -8.32 23.57
CA ARG A 7 17.88 -8.33 22.74
C ARG A 7 18.23 -8.77 21.33
N VAL A 8 18.42 -10.07 21.12
CA VAL A 8 18.76 -10.59 19.80
C VAL A 8 17.74 -11.64 19.39
N SER A 9 17.23 -11.49 18.17
CA SER A 9 16.24 -12.41 17.63
C SER A 9 16.25 -12.35 16.11
N ASP A 10 17.16 -13.10 15.50
CA ASP A 10 17.27 -13.14 14.06
C ASP A 10 16.04 -13.82 13.48
N GLU A 11 15.41 -14.69 14.25
CA GLU A 11 14.22 -15.39 13.78
C GLU A 11 13.06 -14.40 13.64
N GLU A 12 12.95 -13.48 14.60
CA GLU A 12 11.89 -12.48 14.56
C GLU A 12 12.12 -11.52 13.40
N LYS A 13 13.37 -11.13 13.18
CA LYS A 13 13.69 -10.22 12.09
C LYS A 13 13.38 -10.88 10.74
N VAL A 14 13.61 -12.18 10.64
CA VAL A 14 13.32 -12.90 9.41
C VAL A 14 11.81 -12.92 9.14
N ARG A 15 11.02 -13.12 10.19
CA ARG A 15 9.56 -13.15 10.04
C ARG A 15 9.06 -11.77 9.63
N ILE A 16 9.66 -10.73 10.19
CA ILE A 16 9.27 -9.36 9.86
C ILE A 16 9.60 -9.12 8.39
N ALA A 17 10.84 -9.42 8.00
CA ALA A 17 11.27 -9.23 6.63
C ALA A 17 10.31 -9.96 5.70
N ALA A 18 9.92 -11.17 6.08
CA ALA A 18 9.02 -11.98 5.26
C ALA A 18 7.65 -11.35 5.09
N LYS A 19 7.12 -10.79 6.17
CA LYS A 19 5.81 -10.16 6.12
C LYS A 19 5.82 -8.98 5.14
N PHE A 20 6.83 -8.12 5.27
CA PHE A 20 6.95 -6.95 4.38
C PHE A 20 6.98 -7.38 2.91
N ILE A 21 7.85 -8.35 2.60
CA ILE A 21 8.00 -8.86 1.25
C ILE A 21 6.73 -9.45 0.66
N THR A 22 6.03 -10.26 1.44
CA THR A 22 4.80 -10.86 0.94
C THR A 22 3.63 -9.88 0.86
N HIS A 23 3.83 -8.68 1.41
CA HIS A 23 2.78 -7.67 1.39
C HIS A 23 3.04 -6.54 0.39
N ALA A 24 3.98 -6.77 -0.52
CA ALA A 24 4.27 -5.74 -1.50
C ALA A 24 3.02 -5.55 -2.35
N PRO A 25 2.78 -4.32 -2.83
CA PRO A 25 1.59 -4.10 -3.65
C PRO A 25 1.86 -4.69 -5.03
N PRO A 26 0.79 -4.98 -5.80
CA PRO A 26 0.96 -5.55 -7.14
C PRO A 26 1.92 -4.79 -8.06
N GLY A 27 2.79 -5.55 -8.73
CA GLY A 27 3.75 -4.96 -9.64
C GLY A 27 4.90 -4.22 -8.98
N GLU A 28 5.06 -4.37 -7.68
CA GLU A 28 6.15 -3.67 -6.97
C GLU A 28 6.94 -4.59 -6.05
N PHE A 29 6.86 -5.89 -6.33
CA PHE A 29 7.58 -6.86 -5.51
C PHE A 29 9.07 -6.56 -5.35
N ASN A 30 9.75 -6.36 -6.46
CA ASN A 30 11.18 -6.10 -6.44
C ASN A 30 11.61 -4.89 -5.62
N GLU A 31 10.91 -3.78 -5.77
CA GLU A 31 11.24 -2.57 -5.01
C GLU A 31 11.16 -2.87 -3.52
N VAL A 32 10.06 -3.50 -3.11
CA VAL A 32 9.87 -3.84 -1.71
C VAL A 32 10.95 -4.82 -1.24
N PHE A 33 11.27 -5.80 -2.07
CA PHE A 33 12.30 -6.80 -1.75
C PHE A 33 13.67 -6.14 -1.57
N ASN A 34 14.03 -5.27 -2.50
CA ASN A 34 15.30 -4.57 -2.41
C ASN A 34 15.33 -3.70 -1.15
N ASP A 35 14.20 -3.07 -0.83
CA ASP A 35 14.14 -2.24 0.38
C ASP A 35 14.43 -3.10 1.60
N VAL A 36 13.68 -4.19 1.75
CA VAL A 36 13.84 -5.08 2.90
C VAL A 36 15.25 -5.65 2.97
N ARG A 37 15.81 -6.02 1.83
CA ARG A 37 17.15 -6.58 1.79
C ARG A 37 18.16 -5.58 2.36
N LEU A 38 18.08 -4.32 1.96
CA LEU A 38 19.00 -3.30 2.48
C LEU A 38 18.70 -2.95 3.94
N LEU A 39 17.45 -3.11 4.35
CA LEU A 39 17.06 -2.82 5.72
C LEU A 39 17.53 -3.93 6.66
N LEU A 40 17.25 -5.17 6.26
CA LEU A 40 17.66 -6.34 7.02
C LEU A 40 19.19 -6.37 7.13
N ASN A 41 19.84 -5.98 6.03
CA ASN A 41 21.30 -5.95 5.97
C ASN A 41 21.97 -7.25 6.44
N ASN A 42 21.46 -8.38 5.97
CA ASN A 42 22.00 -9.68 6.30
C ASN A 42 21.43 -10.65 5.28
N ASP A 43 22.15 -10.82 4.17
CA ASP A 43 21.70 -11.70 3.10
C ASP A 43 21.57 -13.16 3.52
N ASN A 44 22.36 -13.58 4.50
CA ASN A 44 22.26 -14.95 4.98
C ASN A 44 20.88 -15.15 5.58
N LEU A 45 20.40 -14.20 6.39
CA LEU A 45 19.07 -14.33 6.97
C LEU A 45 17.98 -14.19 5.92
N LEU A 46 18.21 -13.30 4.96
CA LEU A 46 17.24 -13.06 3.89
C LEU A 46 16.94 -14.31 3.08
N ARG A 47 17.96 -15.13 2.82
CA ARG A 47 17.77 -16.36 2.05
C ARG A 47 17.03 -17.44 2.82
N GLU A 48 16.98 -17.29 4.15
CA GLU A 48 16.28 -18.24 5.00
C GLU A 48 14.81 -18.40 4.64
N GLY A 49 14.15 -17.28 4.37
CA GLY A 49 12.74 -17.33 4.03
C GLY A 49 12.38 -16.77 2.67
N ALA A 50 13.40 -16.48 1.86
CA ALA A 50 13.17 -15.92 0.53
C ALA A 50 12.21 -16.77 -0.27
N ALA A 51 12.67 -17.95 -0.68
CA ALA A 51 11.86 -18.87 -1.48
C ALA A 51 10.43 -18.95 -0.97
N HIS A 52 10.26 -19.12 0.33
CA HIS A 52 8.94 -19.20 0.93
C HIS A 52 8.16 -17.89 0.71
N ALA A 53 8.87 -16.77 0.83
CA ALA A 53 8.25 -15.45 0.65
C ALA A 53 7.79 -15.27 -0.79
N PHE A 54 8.69 -15.50 -1.74
CA PHE A 54 8.38 -15.38 -3.15
C PHE A 54 7.17 -16.24 -3.53
N ALA A 55 7.20 -17.49 -3.10
CA ALA A 55 6.12 -18.44 -3.39
C ALA A 55 4.78 -17.96 -2.87
N GLN A 56 4.73 -17.62 -1.59
CA GLN A 56 3.52 -17.15 -0.96
C GLN A 56 2.97 -15.92 -1.71
N TYR A 57 3.84 -14.97 -2.02
CA TYR A 57 3.42 -13.76 -2.73
C TYR A 57 2.73 -14.12 -4.05
N ASN A 58 3.48 -14.71 -4.96
CA ASN A 58 2.94 -15.09 -6.27
C ASN A 58 1.64 -15.88 -6.14
N MET A 59 1.57 -16.73 -5.13
CA MET A 59 0.36 -17.53 -4.91
C MET A 59 -0.86 -16.73 -4.48
N ASP A 60 -0.75 -15.93 -3.43
CA ASP A 60 -1.91 -15.14 -3.00
C ASP A 60 -2.21 -13.98 -3.97
N GLN A 61 -1.27 -13.68 -4.86
CA GLN A 61 -1.45 -12.63 -5.85
C GLN A 61 -2.01 -13.18 -7.17
N PHE A 62 -2.22 -14.49 -7.23
CA PHE A 62 -2.71 -15.13 -8.46
C PHE A 62 -1.86 -14.69 -9.63
N THR A 63 -0.55 -14.83 -9.47
CA THR A 63 0.39 -14.41 -10.51
C THR A 63 0.24 -15.12 -11.85
N PRO A 64 -0.22 -14.38 -12.86
CA PRO A 64 -0.38 -14.96 -14.20
C PRO A 64 0.99 -15.23 -14.82
N VAL A 65 1.24 -16.49 -15.17
CA VAL A 65 2.52 -16.86 -15.75
C VAL A 65 2.34 -17.54 -17.11
N LYS A 66 3.38 -17.47 -17.93
CA LYS A 66 3.35 -18.06 -19.25
C LYS A 66 4.34 -19.21 -19.40
N ILE A 67 3.84 -20.45 -19.40
CA ILE A 67 4.70 -21.62 -19.54
C ILE A 67 5.43 -21.59 -20.89
N GLU A 68 6.66 -22.11 -20.88
CA GLU A 68 7.55 -22.15 -22.05
C GLU A 68 6.96 -21.94 -23.46
N GLY A 69 5.74 -22.41 -23.74
CA GLY A 69 5.18 -22.22 -25.06
C GLY A 69 3.76 -22.70 -25.29
N TYR A 70 2.92 -22.58 -24.26
CA TYR A 70 1.53 -22.99 -24.39
C TYR A 70 0.49 -21.89 -24.74
N ASP A 71 0.86 -20.60 -24.76
CA ASP A 71 -0.12 -19.53 -25.05
C ASP A 71 -1.06 -19.59 -23.84
N ASP A 72 -0.47 -20.27 -22.88
CA ASP A 72 -0.88 -20.69 -21.52
C ASP A 72 -1.13 -19.75 -20.31
N GLN A 73 -1.23 -18.42 -20.42
CA GLN A 73 -1.38 -17.58 -19.20
C GLN A 73 -2.12 -18.37 -18.11
N VAL A 74 -1.36 -19.00 -17.22
CA VAL A 74 -1.92 -19.79 -16.12
C VAL A 74 -1.75 -19.12 -14.76
N LEU A 75 -2.70 -19.33 -13.86
CA LEU A 75 -2.64 -18.67 -12.56
C LEU A 75 -1.98 -19.43 -11.41
N ILE A 76 -0.88 -18.88 -10.91
CA ILE A 76 -0.17 -19.48 -9.80
C ILE A 76 -0.93 -19.26 -8.51
N THR A 77 -1.49 -20.34 -7.96
CA THR A 77 -2.25 -20.27 -6.73
C THR A 77 -1.86 -21.45 -5.86
N GLU A 78 -2.39 -21.51 -4.65
CA GLU A 78 -2.09 -22.60 -3.75
C GLU A 78 -2.67 -23.89 -4.31
N HIS A 79 -3.90 -23.82 -4.77
CA HIS A 79 -4.61 -24.95 -5.33
C HIS A 79 -3.83 -25.69 -6.41
N GLY A 80 -2.92 -24.97 -7.07
CA GLY A 80 -2.12 -25.58 -8.12
C GLY A 80 -0.72 -25.95 -7.65
N ASP A 81 -0.45 -25.73 -6.37
CA ASP A 81 0.86 -26.03 -5.78
C ASP A 81 1.05 -27.55 -5.63
N LEU A 82 1.80 -28.15 -6.55
CA LEU A 82 2.04 -29.59 -6.47
C LEU A 82 2.56 -29.95 -5.08
N GLY A 83 3.53 -29.17 -4.62
CA GLY A 83 4.12 -29.41 -3.30
C GLY A 83 5.60 -29.71 -3.42
N ASN A 84 6.02 -30.06 -4.62
CA ASN A 84 7.42 -30.39 -4.90
C ASN A 84 8.20 -29.22 -5.47
N GLY A 85 7.51 -28.09 -5.67
CA GLY A 85 8.17 -26.92 -6.24
C GLY A 85 7.63 -26.71 -7.64
N ARG A 86 6.53 -27.39 -7.92
CA ARG A 86 5.88 -27.32 -9.21
C ARG A 86 4.39 -27.05 -9.06
N PHE A 87 3.77 -26.50 -10.10
CA PHE A 87 2.34 -26.18 -10.07
C PHE A 87 1.53 -26.88 -11.16
N LEU A 88 0.21 -26.84 -11.01
CA LEU A 88 -0.69 -27.45 -11.98
C LEU A 88 -1.31 -26.44 -12.94
N ASP A 89 -1.47 -26.88 -14.18
CA ASP A 89 -2.12 -26.07 -15.19
C ASP A 89 -3.31 -26.93 -15.57
N PRO A 90 -4.40 -26.83 -14.82
CA PRO A 90 -5.59 -27.63 -15.12
C PRO A 90 -6.10 -27.55 -16.56
N ARG A 91 -5.97 -26.38 -17.19
CA ARG A 91 -6.44 -26.21 -18.57
C ARG A 91 -5.62 -27.03 -19.56
N ASN A 92 -4.36 -26.66 -19.75
CA ASN A 92 -3.48 -27.38 -20.67
C ASN A 92 -3.15 -28.73 -20.05
N LYS A 93 -3.32 -28.81 -18.73
CA LYS A 93 -3.08 -30.00 -17.94
C LYS A 93 -1.66 -30.56 -17.82
N ILE A 94 -0.66 -29.68 -17.90
CA ILE A 94 0.71 -30.13 -17.76
C ILE A 94 1.22 -29.84 -16.36
N SER A 95 2.53 -30.02 -16.20
CA SER A 95 3.23 -29.75 -14.95
C SER A 95 4.27 -28.74 -15.34
N PHE A 96 4.43 -27.70 -14.54
CA PHE A 96 5.41 -26.69 -14.83
C PHE A 96 6.11 -26.28 -13.55
N LYS A 97 7.42 -26.11 -13.63
CA LYS A 97 8.18 -25.69 -12.46
C LYS A 97 8.29 -24.18 -12.53
N PHE A 98 7.83 -23.52 -11.47
CA PHE A 98 7.87 -22.07 -11.44
C PHE A 98 9.10 -21.56 -10.69
N ASP A 99 9.95 -20.85 -11.41
CA ASP A 99 11.15 -20.22 -10.84
C ASP A 99 10.67 -18.87 -10.30
N HIS A 100 10.78 -18.69 -8.98
CA HIS A 100 10.29 -17.45 -8.37
C HIS A 100 11.03 -16.14 -8.59
N LEU A 101 12.36 -16.17 -8.71
CA LEU A 101 13.07 -14.92 -8.95
C LEU A 101 12.83 -14.51 -10.40
N ARG A 102 13.32 -15.34 -11.31
CA ARG A 102 13.18 -15.10 -12.74
C ARG A 102 11.71 -15.02 -13.14
N LYS A 103 11.44 -14.33 -14.23
CA LYS A 103 10.08 -14.16 -14.72
C LYS A 103 9.47 -15.45 -15.28
N GLU A 104 10.28 -16.29 -15.91
CA GLU A 104 9.80 -17.53 -16.51
C GLU A 104 9.73 -18.77 -15.62
N ALA A 105 8.84 -19.67 -16.02
CA ALA A 105 8.61 -20.94 -15.35
C ALA A 105 8.61 -21.96 -16.48
N SER A 106 9.69 -22.73 -16.61
CA SER A 106 9.79 -23.71 -17.68
C SER A 106 10.07 -25.16 -17.26
N ASP A 107 10.40 -25.97 -18.27
CA ASP A 107 10.69 -27.39 -18.19
C ASP A 107 9.50 -28.17 -17.63
N PRO A 108 8.36 -28.12 -18.35
CA PRO A 108 7.11 -28.79 -18.00
C PRO A 108 7.14 -30.32 -17.96
N GLN A 109 6.09 -30.90 -17.38
CA GLN A 109 5.96 -32.35 -17.27
C GLN A 109 4.49 -32.71 -17.53
N PRO A 110 4.22 -33.66 -18.45
CA PRO A 110 2.82 -34.00 -18.70
C PRO A 110 2.19 -34.44 -17.38
N GLU A 111 0.92 -34.11 -17.17
CA GLU A 111 0.25 -34.51 -15.93
C GLU A 111 -1.04 -35.29 -16.14
N ASP A 112 -0.92 -36.55 -16.55
CA ASP A 112 -2.11 -37.37 -16.76
C ASP A 112 -2.90 -37.37 -15.46
N THR A 113 -4.14 -36.91 -15.54
CA THR A 113 -5.03 -36.75 -14.39
C THR A 113 -5.76 -37.91 -13.73
N GLU A 114 -6.52 -37.51 -12.72
CA GLU A 114 -7.38 -38.36 -11.90
C GLU A 114 -8.68 -38.49 -12.71
N SER A 115 -9.00 -37.41 -13.43
CA SER A 115 -10.17 -37.31 -14.30
C SER A 115 -11.50 -37.66 -13.63
N ALA A 116 -11.61 -37.37 -12.33
CA ALA A 116 -12.84 -37.66 -11.58
C ALA A 116 -13.83 -36.51 -11.62
N LEU A 117 -13.36 -35.32 -11.22
CA LEU A 117 -14.20 -34.14 -11.20
C LEU A 117 -13.96 -33.32 -12.47
N LYS A 118 -12.92 -33.70 -13.19
CA LYS A 118 -12.54 -33.02 -14.42
C LYS A 118 -13.68 -32.72 -15.38
N GLN A 119 -14.66 -33.60 -15.42
CA GLN A 119 -15.80 -33.40 -16.30
C GLN A 119 -16.37 -31.99 -16.03
N TRP A 120 -16.79 -31.74 -14.79
CA TRP A 120 -17.32 -30.44 -14.40
C TRP A 120 -16.24 -29.41 -14.72
N ARG A 121 -15.08 -29.63 -14.11
CA ARG A 121 -13.91 -28.78 -14.24
C ARG A 121 -13.67 -28.22 -15.64
N ASP A 122 -13.65 -29.09 -16.64
CA ASP A 122 -13.41 -28.67 -18.02
C ASP A 122 -14.53 -27.79 -18.59
N ALA A 123 -15.75 -28.00 -18.10
CA ALA A 123 -16.90 -27.21 -18.57
C ALA A 123 -16.84 -25.80 -18.00
N CYS A 124 -16.80 -25.71 -16.67
CA CYS A 124 -16.73 -24.43 -15.97
C CYS A 124 -15.59 -23.59 -16.54
N ASP A 125 -14.40 -24.20 -16.59
CA ASP A 125 -13.18 -23.56 -17.06
C ASP A 125 -13.33 -22.68 -18.29
N SER A 126 -13.66 -23.28 -19.43
CA SER A 126 -13.81 -22.53 -20.65
C SER A 126 -15.15 -21.80 -20.76
N ALA A 127 -16.02 -22.03 -19.78
CA ALA A 127 -17.31 -21.35 -19.73
C ALA A 127 -17.01 -20.02 -19.03
N LEU A 128 -16.12 -20.09 -18.05
CA LEU A 128 -15.69 -18.93 -17.29
C LEU A 128 -14.71 -18.14 -18.16
N ARG A 129 -13.89 -18.88 -18.91
CA ARG A 129 -12.90 -18.28 -19.79
C ARG A 129 -13.59 -17.31 -20.74
N ALA A 130 -14.89 -17.52 -20.96
CA ALA A 130 -15.67 -16.65 -21.84
C ALA A 130 -16.09 -15.43 -21.02
N TYR A 131 -16.51 -15.68 -19.79
CA TYR A 131 -16.92 -14.62 -18.88
C TYR A 131 -15.80 -13.60 -18.73
N VAL A 132 -14.59 -14.11 -18.51
CA VAL A 132 -13.41 -13.28 -18.32
C VAL A 132 -13.06 -12.43 -19.53
N LYS A 133 -13.02 -13.05 -20.70
CA LYS A 133 -12.70 -12.29 -21.91
C LYS A 133 -13.70 -11.17 -22.15
N ASP A 134 -14.88 -11.31 -21.57
CA ASP A 134 -15.93 -10.31 -21.73
C ASP A 134 -15.88 -9.17 -20.72
N HIS A 135 -15.28 -9.40 -19.56
CA HIS A 135 -15.25 -8.37 -18.54
C HIS A 135 -13.89 -7.91 -18.02
N TYR A 136 -12.84 -8.67 -18.27
CA TYR A 136 -11.50 -8.28 -17.79
C TYR A 136 -10.54 -8.01 -18.94
N PRO A 137 -10.19 -6.72 -19.16
CA PRO A 137 -9.28 -6.25 -20.22
C PRO A 137 -8.01 -7.07 -20.39
N ASN A 138 -7.35 -7.35 -19.27
CA ASN A 138 -6.12 -8.12 -19.33
C ASN A 138 -6.23 -9.24 -18.31
N GLY A 139 -7.39 -9.88 -18.28
CA GLY A 139 -7.63 -10.95 -17.33
C GLY A 139 -7.23 -12.34 -17.79
N PHE A 140 -7.15 -13.23 -16.81
CA PHE A 140 -6.80 -14.63 -17.05
C PHE A 140 -7.53 -15.42 -15.98
N CYS A 141 -7.79 -16.69 -16.26
CA CYS A 141 -8.50 -17.53 -15.30
C CYS A 141 -7.94 -18.95 -15.26
N THR A 142 -8.17 -19.62 -14.14
CA THR A 142 -7.72 -20.99 -13.93
C THR A 142 -8.73 -21.70 -13.05
N VAL A 143 -9.31 -22.76 -13.57
CA VAL A 143 -10.29 -23.53 -12.82
C VAL A 143 -9.65 -24.83 -12.37
N TYR A 144 -9.78 -25.12 -11.09
CA TYR A 144 -9.21 -26.34 -10.53
C TYR A 144 -10.28 -27.37 -10.21
N GLY A 145 -10.03 -28.60 -10.65
CA GLY A 145 -10.95 -29.68 -10.37
C GLY A 145 -10.20 -30.48 -9.34
N LYS A 146 -10.77 -30.67 -8.15
CA LYS A 146 -10.07 -31.40 -7.12
C LYS A 146 -10.97 -32.04 -6.09
N SER A 147 -10.39 -32.97 -5.33
CA SER A 147 -11.08 -33.69 -4.27
C SER A 147 -10.56 -33.18 -2.94
N ILE A 148 -11.42 -32.51 -2.19
CA ILE A 148 -11.08 -31.96 -0.88
C ILE A 148 -11.72 -32.80 0.23
N ASP A 149 -10.93 -33.69 0.83
CA ASP A 149 -11.35 -34.60 1.89
C ASP A 149 -12.70 -35.28 1.62
N GLY A 150 -12.79 -35.96 0.48
CA GLY A 150 -14.01 -36.66 0.11
C GLY A 150 -14.93 -35.90 -0.84
N GLN A 151 -15.14 -34.62 -0.57
CA GLN A 151 -16.04 -33.81 -1.39
C GLN A 151 -15.40 -33.23 -2.65
N GLN A 152 -16.19 -33.21 -3.72
CA GLN A 152 -15.70 -32.67 -4.99
C GLN A 152 -15.96 -31.18 -5.05
N THR A 153 -14.97 -30.45 -5.53
CA THR A 153 -15.09 -29.00 -5.60
C THR A 153 -14.44 -28.40 -6.82
N ILE A 154 -15.08 -27.38 -7.37
CA ILE A 154 -14.56 -26.67 -8.52
C ILE A 154 -14.03 -25.34 -7.98
N ILE A 155 -12.78 -25.03 -8.30
CA ILE A 155 -12.21 -23.78 -7.83
C ILE A 155 -11.77 -22.93 -9.02
N ALA A 156 -12.50 -21.86 -9.26
CA ALA A 156 -12.19 -20.96 -10.34
C ALA A 156 -11.51 -19.71 -9.79
N CYS A 157 -10.35 -19.40 -10.34
CA CYS A 157 -9.58 -18.26 -9.90
C CYS A 157 -9.44 -17.27 -11.06
N ILE A 158 -9.76 -16.00 -10.80
CA ILE A 158 -9.67 -14.96 -11.81
C ILE A 158 -8.71 -13.86 -11.40
N GLU A 159 -7.86 -13.44 -12.32
CA GLU A 159 -6.90 -12.38 -12.06
C GLU A 159 -6.86 -11.39 -13.22
N SER A 160 -6.71 -10.11 -12.87
CA SER A 160 -6.66 -9.04 -13.86
C SER A 160 -5.80 -7.92 -13.27
N HIS A 161 -4.91 -7.35 -14.07
CA HIS A 161 -4.06 -6.27 -13.57
C HIS A 161 -3.62 -5.27 -14.62
N GLN A 162 -3.15 -4.13 -14.14
CA GLN A 162 -2.66 -3.05 -14.99
C GLN A 162 -1.52 -2.39 -14.22
N PHE A 163 -0.30 -2.50 -14.76
CA PHE A 163 0.87 -1.91 -14.11
C PHE A 163 1.49 -0.77 -14.91
N GLN A 164 1.53 0.42 -14.31
CA GLN A 164 2.12 1.56 -14.99
C GLN A 164 3.04 2.31 -14.02
N PRO A 165 4.15 1.67 -13.62
CA PRO A 165 5.13 2.24 -12.70
C PRO A 165 5.69 3.61 -13.13
N LYS A 166 5.78 3.84 -14.43
CA LYS A 166 6.30 5.12 -14.90
C LYS A 166 5.33 6.24 -14.57
N ASN A 167 4.07 5.88 -14.33
CA ASN A 167 3.07 6.87 -13.97
C ASN A 167 2.67 6.69 -12.50
N PHE A 168 3.52 5.98 -11.77
CA PHE A 168 3.37 5.70 -10.35
C PHE A 168 2.06 5.07 -9.87
N TRP A 169 1.61 4.01 -10.54
CA TRP A 169 0.41 3.32 -10.11
C TRP A 169 0.30 1.91 -10.67
N ASN A 170 -0.38 1.06 -9.93
CA ASN A 170 -0.58 -0.34 -10.29
C ASN A 170 -1.91 -0.77 -9.68
N GLY A 171 -2.54 -1.76 -10.29
CA GLY A 171 -3.80 -2.25 -9.77
C GLY A 171 -3.96 -3.72 -10.12
N ARG A 172 -4.82 -4.42 -9.38
CA ARG A 172 -5.05 -5.83 -9.65
C ARG A 172 -6.36 -6.28 -9.05
N TRP A 173 -7.02 -7.19 -9.77
CA TRP A 173 -8.27 -7.78 -9.34
C TRP A 173 -8.00 -9.26 -9.08
N ARG A 174 -8.62 -9.80 -8.04
CA ARG A 174 -8.50 -11.20 -7.70
C ARG A 174 -9.84 -11.70 -7.19
N SER A 175 -10.29 -12.81 -7.76
CA SER A 175 -11.55 -13.39 -7.36
C SER A 175 -11.37 -14.89 -7.27
N GLU A 176 -11.88 -15.48 -6.20
CA GLU A 176 -11.77 -16.91 -6.01
C GLU A 176 -13.13 -17.50 -5.64
N TRP A 177 -13.59 -18.45 -6.44
CA TRP A 177 -14.86 -19.09 -6.20
C TRP A 177 -14.70 -20.59 -5.93
N LYS A 178 -15.17 -21.02 -4.77
CA LYS A 178 -15.09 -22.42 -4.37
C LYS A 178 -16.49 -23.03 -4.52
N PHE A 179 -16.62 -24.01 -5.40
CA PHE A 179 -17.90 -24.67 -5.62
C PHE A 179 -17.86 -26.10 -5.08
N THR A 180 -18.52 -26.32 -3.96
CA THR A 180 -18.57 -27.63 -3.31
C THR A 180 -19.89 -28.32 -3.66
N ILE A 181 -19.81 -29.43 -4.40
CA ILE A 181 -20.99 -30.15 -4.85
C ILE A 181 -21.58 -31.18 -3.92
N THR A 182 -22.88 -31.05 -3.71
CA THR A 182 -23.63 -31.95 -2.85
C THR A 182 -25.03 -32.03 -3.44
N PRO A 183 -25.18 -32.75 -4.58
CA PRO A 183 -26.48 -32.90 -5.24
C PRO A 183 -27.60 -33.21 -4.23
N PRO A 184 -28.83 -32.77 -4.52
CA PRO A 184 -29.17 -32.02 -5.74
C PRO A 184 -28.58 -30.59 -5.78
N THR A 185 -28.78 -29.83 -4.70
CA THR A 185 -28.29 -28.46 -4.61
C THR A 185 -26.98 -28.32 -3.81
N ALA A 186 -26.04 -27.51 -4.32
CA ALA A 186 -24.73 -27.29 -3.67
C ALA A 186 -24.57 -25.91 -3.02
N GLN A 187 -23.45 -25.73 -2.32
CA GLN A 187 -23.15 -24.48 -1.63
C GLN A 187 -21.95 -23.75 -2.27
N VAL A 188 -22.03 -22.43 -2.31
CA VAL A 188 -20.98 -21.61 -2.90
C VAL A 188 -20.25 -20.76 -1.85
N ALA A 189 -18.96 -20.53 -2.10
CA ALA A 189 -18.13 -19.73 -1.21
C ALA A 189 -17.11 -18.99 -2.05
N ALA A 190 -17.06 -17.67 -1.91
CA ALA A 190 -16.12 -16.87 -2.69
C ALA A 190 -15.61 -15.65 -1.96
N VAL A 191 -14.61 -15.01 -2.57
CA VAL A 191 -13.99 -13.81 -2.05
C VAL A 191 -13.48 -13.00 -3.21
N LEU A 192 -13.97 -11.77 -3.31
CA LEU A 192 -13.55 -10.85 -4.36
C LEU A 192 -12.55 -9.88 -3.75
N LYS A 193 -11.50 -9.56 -4.48
CA LYS A 193 -10.46 -8.65 -3.99
C LYS A 193 -10.00 -7.64 -5.02
N ILE A 194 -9.78 -6.42 -4.54
CA ILE A 194 -9.29 -5.32 -5.39
C ILE A 194 -8.21 -4.55 -4.65
N GLN A 195 -7.14 -4.22 -5.36
CA GLN A 195 -6.07 -3.44 -4.76
C GLN A 195 -5.51 -2.49 -5.81
N VAL A 196 -5.47 -1.21 -5.45
CA VAL A 196 -4.93 -0.19 -6.32
C VAL A 196 -3.92 0.64 -5.53
N HIS A 197 -2.84 1.03 -6.17
CA HIS A 197 -1.80 1.82 -5.51
C HIS A 197 -1.36 2.96 -6.42
N TYR A 198 -1.41 4.18 -5.89
CA TYR A 198 -0.99 5.40 -6.59
C TYR A 198 0.13 5.94 -5.70
N TYR A 199 1.30 6.21 -6.26
CA TYR A 199 2.39 6.67 -5.42
C TYR A 199 3.28 7.79 -5.93
N GLU A 200 2.72 8.72 -6.68
CA GLU A 200 3.51 9.86 -7.11
C GLU A 200 3.36 10.90 -5.99
N ASP A 201 4.45 11.16 -5.28
CA ASP A 201 4.48 12.12 -4.17
C ASP A 201 3.42 11.81 -3.12
N GLY A 202 3.29 10.53 -2.80
CA GLY A 202 2.33 10.08 -1.83
C GLY A 202 2.18 8.58 -1.85
N ASN A 203 1.21 8.07 -1.10
CA ASN A 203 0.94 6.65 -1.03
C ASN A 203 -0.54 6.50 -0.75
N VAL A 204 -1.29 6.23 -1.81
CA VAL A 204 -2.74 6.09 -1.71
C VAL A 204 -3.12 4.69 -2.16
N GLN A 205 -3.98 4.02 -1.42
CA GLN A 205 -4.35 2.68 -1.81
C GLN A 205 -5.78 2.31 -1.54
N LEU A 206 -6.34 1.60 -2.51
CA LEU A 206 -7.67 1.09 -2.38
C LEU A 206 -7.46 -0.38 -2.05
N VAL A 207 -7.97 -0.80 -0.91
CA VAL A 207 -7.89 -2.20 -0.50
C VAL A 207 -9.33 -2.56 -0.18
N SER A 208 -9.87 -3.51 -0.92
CA SER A 208 -11.24 -3.93 -0.74
C SER A 208 -11.40 -5.42 -1.02
N HIS A 209 -12.38 -6.04 -0.39
CA HIS A 209 -12.65 -7.45 -0.60
C HIS A 209 -14.07 -7.76 -0.15
N LYS A 210 -14.69 -8.73 -0.81
CA LYS A 210 -16.05 -9.11 -0.43
C LYS A 210 -16.15 -10.63 -0.35
N ASP A 211 -16.71 -11.10 0.77
CA ASP A 211 -16.88 -12.52 1.01
C ASP A 211 -18.34 -12.89 0.77
N ILE A 212 -18.58 -13.88 -0.09
CA ILE A 212 -19.94 -14.30 -0.39
C ILE A 212 -20.14 -15.81 -0.31
N GLN A 213 -21.33 -16.19 0.16
CA GLN A 213 -21.70 -17.60 0.31
C GLN A 213 -23.09 -17.82 -0.28
N ASP A 214 -23.21 -18.75 -1.22
CA ASP A 214 -24.49 -19.02 -1.88
C ASP A 214 -24.88 -20.50 -1.95
N SER A 215 -26.17 -20.76 -2.08
CA SER A 215 -26.70 -22.12 -2.18
C SER A 215 -27.27 -22.32 -3.57
N VAL A 216 -26.60 -23.15 -4.38
CA VAL A 216 -27.01 -23.38 -5.76
C VAL A 216 -27.50 -24.78 -6.13
N GLN A 217 -28.52 -24.84 -6.99
CA GLN A 217 -29.11 -26.09 -7.48
C GLN A 217 -28.20 -26.73 -8.56
N VAL A 218 -27.81 -27.98 -8.36
CA VAL A 218 -26.92 -28.67 -9.31
C VAL A 218 -27.60 -29.63 -10.30
N SER A 219 -27.49 -29.29 -11.59
CA SER A 219 -28.08 -30.09 -12.65
C SER A 219 -27.05 -30.90 -13.43
N SER A 220 -26.88 -30.56 -14.72
CA SER A 220 -25.95 -31.24 -15.62
C SER A 220 -24.49 -30.80 -15.49
N ASP A 221 -23.74 -30.94 -16.57
CA ASP A 221 -22.33 -30.57 -16.61
C ASP A 221 -22.14 -29.21 -17.26
N VAL A 222 -22.69 -29.07 -18.46
CA VAL A 222 -22.59 -27.82 -19.21
C VAL A 222 -23.65 -26.86 -18.66
N GLN A 223 -24.64 -27.42 -17.96
CA GLN A 223 -25.72 -26.62 -17.39
C GLN A 223 -25.35 -25.97 -16.05
N THR A 224 -24.83 -26.75 -15.11
CA THR A 224 -24.46 -26.21 -13.81
C THR A 224 -23.35 -25.19 -14.00
N ALA A 225 -22.51 -25.41 -15.00
CA ALA A 225 -21.40 -24.52 -15.30
C ALA A 225 -21.92 -23.13 -15.62
N LYS A 226 -22.83 -23.05 -16.60
CA LYS A 226 -23.39 -21.77 -17.00
C LYS A 226 -24.19 -21.15 -15.85
N GLU A 227 -24.62 -22.00 -14.92
CA GLU A 227 -25.37 -21.52 -13.76
C GLU A 227 -24.39 -20.81 -12.85
N PHE A 228 -23.17 -21.36 -12.79
CA PHE A 228 -22.11 -20.80 -11.98
C PHE A 228 -21.62 -19.48 -12.55
N ILE A 229 -21.14 -19.54 -13.79
CA ILE A 229 -20.65 -18.34 -14.46
C ILE A 229 -21.69 -17.23 -14.33
N LYS A 230 -22.94 -17.62 -14.12
CA LYS A 230 -24.03 -16.66 -13.95
C LYS A 230 -24.00 -16.11 -12.52
N ILE A 231 -23.78 -17.00 -11.55
CA ILE A 231 -23.71 -16.61 -10.15
C ILE A 231 -22.62 -15.56 -10.02
N ILE A 232 -21.44 -15.93 -10.49
CA ILE A 232 -20.26 -15.09 -10.47
C ILE A 232 -20.50 -13.74 -11.14
N GLU A 233 -20.96 -13.78 -12.38
CA GLU A 233 -21.22 -12.56 -13.15
C GLU A 233 -22.10 -11.59 -12.37
N ASN A 234 -23.17 -12.09 -11.79
CA ASN A 234 -24.08 -11.24 -11.03
C ASN A 234 -23.48 -10.74 -9.73
N ALA A 235 -22.70 -11.58 -9.06
CA ALA A 235 -22.09 -11.20 -7.80
C ALA A 235 -20.98 -10.18 -7.99
N GLU A 236 -20.16 -10.38 -9.02
CA GLU A 236 -19.06 -9.48 -9.30
C GLU A 236 -19.53 -8.16 -9.88
N ASN A 237 -20.63 -8.18 -10.62
CA ASN A 237 -21.18 -6.93 -11.19
C ASN A 237 -21.77 -6.14 -10.03
N GLU A 238 -22.37 -6.86 -9.09
CA GLU A 238 -22.97 -6.24 -7.91
C GLU A 238 -21.89 -5.63 -7.02
N TYR A 239 -20.77 -6.34 -6.90
CA TYR A 239 -19.65 -5.87 -6.10
C TYR A 239 -19.06 -4.62 -6.72
N GLN A 240 -18.75 -4.69 -8.01
CA GLN A 240 -18.20 -3.56 -8.72
C GLN A 240 -19.16 -2.38 -8.65
N THR A 241 -20.45 -2.66 -8.81
CA THR A 241 -21.46 -1.62 -8.77
C THR A 241 -21.46 -0.90 -7.42
N ALA A 242 -21.41 -1.67 -6.35
CA ALA A 242 -21.40 -1.11 -4.99
C ALA A 242 -20.14 -0.27 -4.78
N ILE A 243 -19.06 -0.61 -5.49
CA ILE A 243 -17.81 0.12 -5.39
C ILE A 243 -17.85 1.49 -6.08
N SER A 244 -18.44 1.54 -7.28
CA SER A 244 -18.53 2.81 -8.00
C SER A 244 -19.47 3.73 -7.24
N GLU A 245 -20.47 3.15 -6.60
CA GLU A 245 -21.42 3.93 -5.80
C GLU A 245 -20.70 4.51 -4.60
N ASN A 246 -19.92 3.68 -3.92
CA ASN A 246 -19.17 4.11 -2.75
C ASN A 246 -18.27 5.29 -3.15
N TYR A 247 -17.64 5.18 -4.31
CA TYR A 247 -16.77 6.24 -4.80
C TYR A 247 -17.58 7.52 -4.95
N GLN A 248 -18.80 7.39 -5.45
CA GLN A 248 -19.66 8.53 -5.65
C GLN A 248 -20.01 9.24 -4.35
N THR A 249 -20.40 8.48 -3.34
CA THR A 249 -20.75 9.07 -2.05
C THR A 249 -19.54 9.69 -1.37
N MET A 250 -18.42 8.96 -1.35
CA MET A 250 -17.21 9.48 -0.74
C MET A 250 -16.85 10.83 -1.33
N SER A 251 -16.95 10.95 -2.66
CA SER A 251 -16.59 12.20 -3.32
C SER A 251 -17.63 13.32 -3.21
N ASP A 252 -18.91 13.00 -3.10
CA ASP A 252 -19.91 14.07 -3.01
C ASP A 252 -20.52 14.30 -1.63
N THR A 253 -20.18 13.45 -0.67
CA THR A 253 -20.71 13.58 0.68
C THR A 253 -19.65 13.54 1.77
N THR A 254 -18.92 12.43 1.85
CA THR A 254 -17.89 12.29 2.89
C THR A 254 -16.75 13.29 2.74
N PHE A 255 -16.15 13.35 1.56
CA PHE A 255 -15.02 14.25 1.32
C PHE A 255 -15.38 15.72 1.60
N LYS A 256 -16.56 16.16 1.18
CA LYS A 256 -16.97 17.53 1.40
C LYS A 256 -17.27 17.82 2.87
N ALA A 257 -17.58 16.78 3.63
CA ALA A 257 -17.86 16.94 5.05
C ALA A 257 -16.57 17.07 5.86
N LEU A 258 -15.44 16.79 5.24
CA LEU A 258 -14.16 16.89 5.95
C LEU A 258 -13.65 18.33 5.93
N ARG A 259 -13.12 18.78 4.80
CA ARG A 259 -12.65 20.15 4.66
C ARG A 259 -13.40 20.87 3.54
N ARG A 260 -13.79 22.10 3.80
CA ARG A 260 -14.48 22.92 2.80
C ARG A 260 -13.47 23.26 1.74
N GLN A 261 -13.95 23.77 0.62
CA GLN A 261 -13.08 24.19 -0.46
C GLN A 261 -12.66 25.63 -0.16
N LEU A 262 -13.60 26.40 0.39
CA LEU A 262 -13.36 27.80 0.79
C LEU A 262 -13.95 28.03 2.19
N PRO A 263 -13.41 29.01 2.93
CA PRO A 263 -13.90 29.30 4.28
C PRO A 263 -15.37 29.64 4.33
N VAL A 264 -15.93 29.54 5.53
CA VAL A 264 -17.33 29.87 5.73
C VAL A 264 -17.51 31.34 5.31
N THR A 265 -16.50 32.15 5.58
CA THR A 265 -16.55 33.57 5.21
C THR A 265 -16.62 33.72 3.69
N ARG A 266 -16.41 32.61 2.98
CA ARG A 266 -16.48 32.57 1.52
C ARG A 266 -15.41 33.34 0.73
N THR A 267 -14.30 33.65 1.38
CA THR A 267 -13.18 34.34 0.76
C THR A 267 -11.97 33.84 1.51
N LYS A 268 -10.81 33.88 0.90
CA LYS A 268 -9.64 33.41 1.60
C LYS A 268 -9.50 34.16 2.93
N ILE A 269 -8.81 33.54 3.87
CA ILE A 269 -8.62 34.10 5.18
C ILE A 269 -7.84 35.41 5.26
N ASP A 270 -8.34 36.29 6.11
CA ASP A 270 -7.71 37.58 6.37
C ASP A 270 -6.90 37.34 7.64
N TRP A 271 -5.64 36.94 7.45
CA TRP A 271 -4.80 36.64 8.57
C TRP A 271 -4.52 37.81 9.51
N ASN A 272 -4.53 39.03 8.99
CA ASN A 272 -4.29 40.17 9.85
C ASN A 272 -5.46 40.27 10.82
N LYS A 273 -6.64 39.90 10.35
CA LYS A 273 -7.84 39.94 11.17
C LYS A 273 -7.83 38.82 12.22
N ILE A 274 -7.29 37.67 11.85
CA ILE A 274 -7.23 36.56 12.80
C ILE A 274 -6.23 36.84 13.91
N LEU A 275 -5.15 37.53 13.56
CA LEU A 275 -4.10 37.84 14.53
C LEU A 275 -4.37 38.96 15.53
N SER A 276 -5.54 39.60 15.44
CA SER A 276 -5.85 40.68 16.37
C SER A 276 -7.32 40.80 16.81
N TYR A 277 -8.21 40.92 15.83
CA TYR A 277 -9.67 41.00 16.02
C TYR A 277 -10.42 39.82 16.65
N LYS A 278 -10.92 40.08 17.86
CA LYS A 278 -11.56 39.08 18.71
C LYS A 278 -12.97 39.39 19.18
N ILE A 279 -13.72 38.32 19.46
CA ILE A 279 -15.14 38.37 19.77
C ILE A 279 -15.28 39.02 21.14
N GLY A 280 -14.20 38.89 21.90
CA GLY A 280 -14.12 39.32 23.27
C GLY A 280 -12.89 38.58 23.75
N LYS A 281 -11.80 39.31 23.98
CA LYS A 281 -10.61 38.71 24.58
C LYS A 281 -10.19 37.51 23.72
N SER B 2 23.91 3.67 5.95
CA SER B 2 22.58 3.60 6.61
C SER B 2 21.66 4.72 6.14
N ASP B 3 22.18 5.60 5.29
CA ASP B 3 21.36 6.70 4.77
C ASP B 3 20.54 6.10 3.64
N GLN B 4 21.09 5.05 3.02
CA GLN B 4 20.41 4.35 1.95
C GLN B 4 19.33 3.53 2.66
N GLN B 5 19.60 3.17 3.90
CA GLN B 5 18.66 2.41 4.70
C GLN B 5 17.44 3.26 4.97
N LEU B 6 17.67 4.48 5.44
CA LEU B 6 16.58 5.39 5.73
C LEU B 6 15.82 5.58 4.41
N ASP B 7 16.55 5.80 3.32
CA ASP B 7 15.94 5.97 2.02
C ASP B 7 15.09 4.74 1.72
N CYS B 8 15.64 3.56 1.97
CA CYS B 8 14.91 2.32 1.71
C CYS B 8 13.73 2.19 2.65
N ALA B 9 13.86 2.68 3.87
CA ALA B 9 12.77 2.60 4.83
C ALA B 9 11.60 3.47 4.38
N LEU B 10 11.93 4.66 3.87
CA LEU B 10 10.90 5.59 3.40
C LEU B 10 10.22 5.07 2.13
N ASP B 11 10.99 4.46 1.24
CA ASP B 11 10.44 3.91 0.00
C ASP B 11 9.44 2.80 0.37
N LEU B 12 9.83 1.96 1.33
CA LEU B 12 8.98 0.86 1.77
C LEU B 12 7.63 1.35 2.30
N MET B 13 7.65 2.39 3.13
CA MET B 13 6.41 2.94 3.69
C MET B 13 5.57 3.60 2.60
N ARG B 14 6.22 3.93 1.49
CA ARG B 14 5.53 4.54 0.38
C ARG B 14 4.85 3.44 -0.47
N ARG B 15 5.04 2.17 -0.08
CA ARG B 15 4.46 1.05 -0.83
C ARG B 15 3.56 0.11 -0.01
N LEU B 16 3.88 -0.10 1.26
CA LEU B 16 3.03 -0.97 2.06
C LEU B 16 1.73 -0.24 2.30
N PRO B 17 0.63 -0.98 2.49
CA PRO B 17 -0.70 -0.39 2.72
C PRO B 17 -0.64 0.68 3.81
N PRO B 18 -1.00 1.93 3.48
CA PRO B 18 -0.95 2.99 4.49
C PRO B 18 -1.90 2.70 5.65
N GLN B 19 -2.88 1.84 5.41
CA GLN B 19 -3.83 1.46 6.45
C GLN B 19 -3.14 0.83 7.67
N GLN B 20 -1.97 0.22 7.47
CA GLN B 20 -1.24 -0.40 8.58
C GLN B 20 0.07 0.31 8.92
N ILE B 21 0.14 1.62 8.69
CA ILE B 21 1.37 2.34 8.97
C ILE B 21 1.89 2.10 10.38
N GLU B 22 0.99 2.15 11.36
CA GLU B 22 1.38 1.94 12.76
C GLU B 22 2.07 0.62 13.05
N LYS B 23 1.43 -0.49 12.69
CA LYS B 23 2.03 -1.80 12.89
C LYS B 23 3.32 -1.94 12.08
N ASN B 24 3.29 -1.56 10.80
CA ASN B 24 4.47 -1.69 9.97
C ASN B 24 5.67 -0.82 10.40
N LEU B 25 5.41 0.39 10.89
CA LEU B 25 6.49 1.28 11.31
C LEU B 25 7.18 0.69 12.53
N SER B 26 6.37 0.13 13.41
CA SER B 26 6.86 -0.52 14.62
C SER B 26 7.78 -1.68 14.22
N ASP B 27 7.29 -2.51 13.29
CA ASP B 27 8.08 -3.65 12.82
C ASP B 27 9.34 -3.16 12.13
N LEU B 28 9.21 -2.09 11.37
CA LEU B 28 10.35 -1.53 10.68
C LEU B 28 11.42 -1.13 11.69
N ILE B 29 10.99 -0.60 12.83
CA ILE B 29 11.94 -0.20 13.87
C ILE B 29 12.57 -1.43 14.52
N ASP B 30 11.79 -2.50 14.69
CA ASP B 30 12.30 -3.75 15.26
C ASP B 30 13.45 -4.23 14.38
N LEU B 31 13.22 -4.14 13.08
CA LEU B 31 14.19 -4.55 12.07
C LEU B 31 15.44 -3.69 12.05
N VAL B 32 15.29 -2.38 12.27
CA VAL B 32 16.44 -1.48 12.27
C VAL B 32 16.35 -0.47 13.41
N PRO B 33 16.51 -0.93 14.67
CA PRO B 33 16.44 -0.12 15.89
C PRO B 33 17.27 1.16 15.95
N SER B 34 18.31 1.26 15.14
CA SER B 34 19.14 2.45 15.14
C SER B 34 18.47 3.60 14.39
N LEU B 35 17.50 3.26 13.56
CA LEU B 35 16.78 4.26 12.77
C LEU B 35 15.49 4.73 13.43
N CYS B 36 15.24 4.25 14.65
CA CYS B 36 14.02 4.59 15.38
C CYS B 36 13.70 6.07 15.44
N GLU B 37 14.67 6.88 15.85
CA GLU B 37 14.44 8.31 15.95
C GLU B 37 14.19 8.93 14.58
N ASP B 38 14.99 8.55 13.59
CA ASP B 38 14.84 9.09 12.23
C ASP B 38 13.51 8.73 11.59
N LEU B 39 13.01 7.53 11.89
CA LEU B 39 11.76 7.08 11.31
C LEU B 39 10.55 7.72 12.01
N LEU B 40 10.63 7.86 13.31
CA LEU B 40 9.55 8.48 14.04
C LEU B 40 9.36 9.93 13.58
N SER B 41 10.43 10.55 13.09
CA SER B 41 10.30 11.92 12.66
C SER B 41 10.01 12.08 11.17
N SER B 42 10.42 11.10 10.36
CA SER B 42 10.19 11.22 8.93
C SER B 42 8.99 10.45 8.38
N VAL B 43 8.45 9.50 9.14
CA VAL B 43 7.29 8.71 8.69
C VAL B 43 5.99 9.23 9.30
N ASP B 44 5.15 9.81 8.46
CA ASP B 44 3.86 10.34 8.89
C ASP B 44 2.93 9.21 9.26
N GLN B 45 2.28 9.33 10.42
CA GLN B 45 1.34 8.30 10.81
C GLN B 45 -0.01 8.92 11.21
N PRO B 46 -1.10 8.13 11.09
CA PRO B 46 -2.43 8.63 11.44
C PRO B 46 -2.30 9.42 12.73
N LEU B 47 -2.96 10.57 12.80
CA LEU B 47 -2.86 11.40 13.99
C LEU B 47 -3.68 10.87 15.17
N LYS B 48 -3.04 10.81 16.34
CA LYS B 48 -3.68 10.35 17.57
C LYS B 48 -4.09 11.54 18.42
N ILE B 49 -5.24 11.42 19.07
CA ILE B 49 -5.77 12.46 19.94
C ILE B 49 -5.47 12.08 21.37
N ALA B 50 -5.17 13.08 22.18
CA ALA B 50 -4.89 12.90 23.60
C ALA B 50 -5.71 13.96 24.33
N ARG B 51 -6.07 13.67 25.58
CA ARG B 51 -6.89 14.62 26.31
C ARG B 51 -6.08 15.37 27.36
N ASP B 52 -6.16 16.70 27.32
CA ASP B 52 -5.47 17.50 28.31
C ASP B 52 -6.53 17.59 29.40
N LYS B 53 -6.26 16.93 30.53
CA LYS B 53 -7.20 16.91 31.64
C LYS B 53 -7.34 18.24 32.37
N VAL B 54 -6.23 18.92 32.63
CA VAL B 54 -6.29 20.19 33.35
C VAL B 54 -7.09 21.26 32.62
N VAL B 55 -7.09 21.23 31.30
CA VAL B 55 -7.81 22.21 30.49
C VAL B 55 -9.08 21.65 29.86
N GLY B 56 -9.23 20.33 29.88
CA GLY B 56 -10.41 19.72 29.30
C GLY B 56 -10.48 19.88 27.78
N LYS B 57 -9.34 19.76 27.12
CA LYS B 57 -9.28 19.91 25.67
C LYS B 57 -8.36 18.89 25.02
N ASP B 58 -8.74 18.41 23.84
CA ASP B 58 -7.95 17.44 23.11
C ASP B 58 -6.80 18.15 22.40
N TYR B 59 -5.76 17.40 22.13
CA TYR B 59 -4.60 17.90 21.40
C TYR B 59 -4.10 16.72 20.59
N LEU B 60 -3.33 16.99 19.55
CA LEU B 60 -2.83 15.94 18.68
C LEU B 60 -1.38 15.54 18.96
N LEU B 61 -1.08 14.28 18.74
CA LEU B 61 0.25 13.76 18.98
C LEU B 61 1.09 13.59 17.72
N CYS B 62 2.38 13.92 17.85
CA CYS B 62 3.34 13.77 16.76
C CYS B 62 4.72 13.72 17.38
N ASP B 63 5.71 13.39 16.57
CA ASP B 63 7.09 13.28 17.04
C ASP B 63 7.61 14.62 17.57
N TYR B 64 7.07 15.72 17.06
CA TYR B 64 7.52 17.05 17.44
C TYR B 64 7.11 17.59 18.81
N ASN B 65 6.14 16.95 19.47
CA ASN B 65 5.76 17.39 20.81
C ASN B 65 6.02 16.23 21.77
N ARG B 66 6.84 15.29 21.32
CA ARG B 66 7.18 14.11 22.10
C ARG B 66 8.57 14.19 22.73
N ASP B 67 8.68 13.66 23.93
CA ASP B 67 9.96 13.60 24.62
C ASP B 67 9.96 12.23 25.30
N GLY B 68 10.76 11.31 24.79
CA GLY B 68 10.77 9.98 25.33
C GLY B 68 9.42 9.32 25.07
N ASP B 69 8.76 8.88 26.12
CA ASP B 69 7.46 8.23 26.02
C ASP B 69 6.27 9.14 26.36
N SER B 70 6.52 10.44 26.50
CA SER B 70 5.47 11.40 26.83
C SER B 70 5.28 12.48 25.75
N TYR B 71 4.12 13.14 25.78
CA TYR B 71 3.82 14.19 24.82
C TYR B 71 3.41 15.46 25.54
N ARG B 72 3.80 16.60 24.97
CA ARG B 72 3.50 17.91 25.56
C ARG B 72 2.20 18.50 25.03
N SER B 73 1.31 18.88 25.94
CA SER B 73 0.05 19.50 25.54
C SER B 73 0.32 20.94 25.10
N PRO B 74 -0.33 21.39 24.02
CA PRO B 74 -0.12 22.75 23.54
C PRO B 74 -0.94 23.74 24.37
N TRP B 75 -1.85 23.20 25.17
CA TRP B 75 -2.71 24.03 26.01
C TRP B 75 -2.08 24.35 27.35
N SER B 76 -1.69 23.32 28.10
CA SER B 76 -1.11 23.54 29.42
C SER B 76 0.42 23.51 29.44
N ASN B 77 1.02 23.21 28.30
CA ASN B 77 2.46 23.15 28.17
C ASN B 77 3.05 22.13 29.15
N LYS B 78 2.29 21.07 29.42
CA LYS B 78 2.70 20.01 30.33
C LYS B 78 2.76 18.66 29.61
N TYR B 79 3.63 17.78 30.09
CA TYR B 79 3.79 16.44 29.52
C TYR B 79 2.90 15.37 30.12
N ASP B 80 2.48 14.45 29.26
CA ASP B 80 1.66 13.33 29.70
C ASP B 80 2.02 12.10 28.90
N PRO B 81 2.35 10.98 29.59
CA PRO B 81 2.35 10.91 31.05
C PRO B 81 3.36 11.88 31.65
N PRO B 82 3.19 12.24 32.93
CA PRO B 82 4.09 13.18 33.62
C PRO B 82 5.60 12.90 33.53
N LEU B 83 6.34 13.96 33.25
CA LEU B 83 7.80 13.94 33.14
C LEU B 83 8.34 14.98 34.09
N GLU B 84 9.62 14.85 34.45
CA GLU B 84 10.25 15.80 35.37
C GLU B 84 10.83 17.04 34.70
N ASP B 85 11.76 16.84 33.76
CA ASP B 85 12.42 17.94 33.05
C ASP B 85 12.25 17.82 31.53
N GLY B 86 11.01 17.69 31.08
CA GLY B 86 10.76 17.56 29.65
C GLY B 86 11.15 18.77 28.82
N ALA B 87 11.51 18.52 27.57
CA ALA B 87 11.90 19.58 26.66
C ALA B 87 10.75 20.57 26.47
N MET B 88 11.04 21.85 26.68
CA MET B 88 10.05 22.91 26.56
C MET B 88 10.56 24.03 25.67
N PRO B 89 9.66 24.70 24.96
CA PRO B 89 10.17 25.79 24.13
C PRO B 89 10.56 26.91 25.10
N SER B 90 11.33 27.88 24.63
CA SER B 90 11.71 28.99 25.50
C SER B 90 10.41 29.76 25.83
N ALA B 91 10.44 30.56 26.89
CA ALA B 91 9.26 31.33 27.28
C ALA B 91 8.74 32.21 26.15
N ARG B 92 9.68 32.80 25.40
CA ARG B 92 9.34 33.67 24.28
C ARG B 92 8.76 32.91 23.06
N LEU B 93 9.28 31.71 22.81
CA LEU B 93 8.77 30.89 21.71
C LEU B 93 7.42 30.32 22.15
N ARG B 94 7.31 29.93 23.41
CA ARG B 94 6.06 29.41 23.94
C ARG B 94 4.92 30.41 23.70
N LYS B 95 5.20 31.70 23.92
CA LYS B 95 4.19 32.74 23.72
C LYS B 95 3.74 32.76 22.25
N LEU B 96 4.69 32.68 21.33
CA LEU B 96 4.37 32.64 19.91
C LEU B 96 3.59 31.35 19.61
N GLU B 97 3.92 30.29 20.34
CA GLU B 97 3.26 29.00 20.14
C GLU B 97 1.81 29.10 20.53
N VAL B 98 1.54 29.82 21.61
CA VAL B 98 0.18 30.00 22.09
C VAL B 98 -0.62 30.75 21.05
N GLU B 99 -0.01 31.80 20.52
CA GLU B 99 -0.65 32.60 19.49
C GLU B 99 -0.86 31.81 18.18
N ALA B 100 0.09 30.95 17.82
CA ALA B 100 -0.06 30.15 16.60
C ALA B 100 -1.22 29.15 16.80
N ASN B 101 -1.31 28.57 17.99
CA ASN B 101 -2.42 27.64 18.24
C ASN B 101 -3.76 28.36 18.13
N ASN B 102 -3.83 29.57 18.68
CA ASN B 102 -5.08 30.31 18.62
C ASN B 102 -5.45 30.68 17.18
N ALA B 103 -4.46 31.12 16.40
CA ALA B 103 -4.70 31.50 15.00
C ALA B 103 -5.17 30.31 14.16
N PHE B 104 -4.53 29.16 14.34
CA PHE B 104 -4.91 27.98 13.58
C PHE B 104 -6.20 27.31 14.05
N ASP B 105 -6.59 27.60 15.29
CA ASP B 105 -7.86 27.12 15.81
C ASP B 105 -8.94 27.80 14.97
N GLN B 106 -8.75 29.09 14.71
CA GLN B 106 -9.70 29.85 13.90
C GLN B 106 -9.63 29.35 12.47
N TYR B 107 -8.41 29.14 11.97
CA TYR B 107 -8.22 28.61 10.62
C TYR B 107 -8.98 27.27 10.48
N ARG B 108 -8.82 26.41 11.48
CA ARG B 108 -9.47 25.10 11.46
C ARG B 108 -11.00 25.21 11.41
N ASP B 109 -11.55 26.05 12.29
CA ASP B 109 -13.00 26.23 12.34
C ASP B 109 -13.54 26.79 11.04
N LEU B 110 -12.81 27.71 10.43
CA LEU B 110 -13.21 28.34 9.16
C LEU B 110 -13.22 27.41 7.96
N TYR B 111 -12.25 26.52 7.89
CA TYR B 111 -12.17 25.57 6.77
C TYR B 111 -12.71 24.16 7.04
N PHE B 112 -12.66 23.71 8.29
CA PHE B 112 -13.13 22.36 8.63
C PHE B 112 -14.39 22.35 9.50
N GLU B 113 -14.75 23.50 10.05
CA GLU B 113 -15.93 23.60 10.92
C GLU B 113 -15.98 22.51 12.00
N GLY B 114 -14.84 22.26 12.64
CA GLY B 114 -14.79 21.24 13.67
C GLY B 114 -13.42 20.60 13.69
N GLY B 115 -13.33 19.41 14.28
CA GLY B 115 -12.05 18.73 14.35
C GLY B 115 -11.15 19.31 15.43
N VAL B 116 -9.88 18.91 15.40
CA VAL B 116 -8.90 19.37 16.38
C VAL B 116 -7.64 19.86 15.69
N SER B 117 -6.98 20.85 16.28
CA SER B 117 -5.72 21.36 15.71
C SER B 117 -4.70 21.52 16.84
N SER B 118 -3.43 21.47 16.50
CA SER B 118 -2.36 21.61 17.47
C SER B 118 -1.13 22.13 16.75
N VAL B 119 -0.44 23.10 17.34
CA VAL B 119 0.77 23.67 16.76
C VAL B 119 1.87 23.57 17.81
N TYR B 120 3.04 23.10 17.39
CA TYR B 120 4.17 22.99 18.28
C TYR B 120 5.33 23.65 17.56
N LEU B 121 6.09 24.44 18.29
CA LEU B 121 7.23 25.14 17.70
C LEU B 121 8.53 24.75 18.42
N TRP B 122 9.65 25.03 17.75
CA TRP B 122 10.96 24.78 18.32
C TRP B 122 11.98 25.71 17.68
N ASP B 123 12.98 26.13 18.45
CA ASP B 123 14.00 27.04 17.95
C ASP B 123 15.07 26.33 17.13
N LEU B 124 15.63 27.06 16.16
CA LEU B 124 16.70 26.56 15.32
C LEU B 124 17.87 27.51 15.50
N ASP B 125 18.98 27.24 14.81
CA ASP B 125 20.17 28.09 14.93
C ASP B 125 19.93 29.54 14.49
N HIS B 126 19.39 29.73 13.30
CA HIS B 126 19.12 31.07 12.81
C HIS B 126 17.67 31.26 12.40
N GLY B 127 16.77 30.67 13.19
CA GLY B 127 15.35 30.78 12.91
C GLY B 127 14.60 29.86 13.83
N PHE B 128 13.48 29.34 13.35
CA PHE B 128 12.69 28.42 14.15
C PHE B 128 11.85 27.54 13.23
N ALA B 129 11.24 26.51 13.80
CA ALA B 129 10.40 25.62 13.00
C ALA B 129 9.14 25.33 13.78
N GLY B 130 8.18 24.72 13.11
CA GLY B 130 6.94 24.39 13.77
C GLY B 130 6.17 23.35 12.98
N VAL B 131 5.21 22.71 13.64
CA VAL B 131 4.38 21.73 12.97
C VAL B 131 2.95 22.13 13.28
N ILE B 132 2.11 22.11 12.25
CA ILE B 132 0.70 22.43 12.40
C ILE B 132 -0.06 21.11 12.14
N LEU B 133 -0.83 20.69 13.13
CA LEU B 133 -1.58 19.45 13.04
C LEU B 133 -3.08 19.72 13.03
N ILE B 134 -3.79 19.06 12.11
CA ILE B 134 -5.24 19.19 12.04
C ILE B 134 -5.87 17.82 11.79
N LYS B 135 -6.89 17.51 12.56
CA LYS B 135 -7.58 16.24 12.39
C LYS B 135 -9.06 16.54 12.37
N LYS B 136 -9.75 16.01 11.36
CA LYS B 136 -11.19 16.19 11.23
C LYS B 136 -11.83 14.87 10.77
N ALA B 137 -12.72 14.35 11.60
CA ALA B 137 -13.43 13.10 11.32
C ALA B 137 -14.89 13.43 10.99
N GLY B 138 -15.44 12.78 9.97
CA GLY B 138 -16.80 13.08 9.57
C GLY B 138 -17.90 12.46 10.43
N ASP B 139 -19.14 12.61 9.96
CA ASP B 139 -20.33 12.07 10.64
C ASP B 139 -20.16 10.61 11.02
N GLY B 140 -20.10 10.33 12.31
CA GLY B 140 -19.94 8.97 12.77
C GLY B 140 -21.20 8.14 12.58
N SER B 141 -22.27 8.77 12.10
CA SER B 141 -23.54 8.09 11.89
C SER B 141 -23.73 7.57 10.47
N LYS B 142 -22.89 8.02 9.55
CA LYS B 142 -23.02 7.59 8.17
C LYS B 142 -22.28 6.32 7.79
N LYS B 143 -22.88 5.59 6.86
CA LYS B 143 -22.36 4.33 6.33
C LYS B 143 -20.88 4.43 5.99
N ILE B 144 -20.46 5.58 5.48
CA ILE B 144 -19.09 5.78 5.09
C ILE B 144 -18.35 6.71 6.06
N LYS B 145 -17.23 6.21 6.61
CA LYS B 145 -16.42 6.97 7.54
C LYS B 145 -15.28 7.66 6.79
N GLY B 146 -14.90 8.84 7.28
CA GLY B 146 -13.84 9.60 6.65
C GLY B 146 -13.06 10.36 7.67
N CYS B 147 -11.77 10.56 7.41
CA CYS B 147 -10.91 11.29 8.33
C CYS B 147 -9.80 11.99 7.55
N TRP B 148 -9.57 13.25 7.91
CA TRP B 148 -8.55 14.08 7.29
C TRP B 148 -7.50 14.42 8.32
N ASP B 149 -6.25 14.15 7.99
CA ASP B 149 -5.13 14.44 8.87
C ASP B 149 -4.21 15.41 8.15
N SER B 150 -4.02 16.60 8.71
CA SER B 150 -3.09 17.58 8.12
C SER B 150 -1.80 17.58 8.95
N ILE B 151 -0.65 17.51 8.28
CA ILE B 151 0.63 17.55 8.96
C ILE B 151 1.52 18.51 8.20
N HIS B 152 1.64 19.73 8.73
CA HIS B 152 2.44 20.79 8.10
C HIS B 152 3.69 21.08 8.92
N VAL B 153 4.84 20.96 8.29
CA VAL B 153 6.10 21.25 8.98
C VAL B 153 6.73 22.42 8.25
N VAL B 154 6.92 23.51 8.97
CA VAL B 154 7.50 24.70 8.37
C VAL B 154 8.81 25.08 9.05
N GLU B 155 9.77 25.49 8.23
CA GLU B 155 11.07 25.92 8.71
C GLU B 155 11.20 27.38 8.32
N VAL B 156 11.51 28.23 9.29
CA VAL B 156 11.65 29.64 9.03
C VAL B 156 13.10 30.11 9.19
N GLN B 157 13.68 30.59 8.10
CA GLN B 157 15.05 31.10 8.10
C GLN B 157 14.96 32.62 8.21
N GLU B 158 15.33 33.14 9.37
CA GLU B 158 15.28 34.57 9.60
C GLU B 158 16.53 35.26 9.06
N LYS B 159 16.33 36.41 8.43
CA LYS B 159 17.45 37.15 7.86
C LYS B 159 17.94 38.23 8.83
N SER B 160 19.26 38.27 9.01
CA SER B 160 19.89 39.25 9.89
C SER B 160 19.35 40.63 9.61
N SER B 161 19.55 41.08 8.38
CA SER B 161 19.08 42.38 7.96
C SER B 161 17.93 42.21 6.96
N GLY B 162 16.82 42.89 7.21
CA GLY B 162 15.73 42.81 6.27
C GLY B 162 14.30 42.61 6.73
N ARG B 163 14.08 41.67 7.65
CA ARG B 163 12.72 41.35 8.06
C ARG B 163 12.00 40.97 6.77
N THR B 164 12.55 39.89 6.24
CA THR B 164 12.12 39.20 5.04
C THR B 164 12.66 37.88 5.56
N ALA B 165 11.92 36.80 5.39
CA ALA B 165 12.40 35.53 5.89
C ALA B 165 12.22 34.46 4.84
N HIS B 166 12.92 33.36 5.00
CA HIS B 166 12.78 32.27 4.06
C HIS B 166 11.90 31.22 4.73
N TYR B 167 10.82 30.85 4.05
CA TYR B 167 9.92 29.84 4.59
C TYR B 167 9.97 28.59 3.72
N LYS B 168 10.09 27.44 4.37
CA LYS B 168 10.12 26.15 3.69
C LYS B 168 8.99 25.33 4.35
N LEU B 169 7.96 25.02 3.56
CA LEU B 169 6.83 24.25 4.07
C LEU B 169 6.71 22.90 3.39
N THR B 170 6.69 21.85 4.20
CA THR B 170 6.53 20.49 3.68
C THR B 170 5.22 20.03 4.30
N SER B 171 4.24 19.77 3.46
CA SER B 171 2.91 19.38 3.92
C SER B 171 2.42 18.02 3.46
N THR B 172 1.75 17.31 4.36
CA THR B 172 1.17 16.02 4.03
C THR B 172 -0.26 15.98 4.52
N VAL B 173 -1.18 15.56 3.64
CA VAL B 173 -2.55 15.41 4.03
C VAL B 173 -2.84 13.92 3.91
N MET B 174 -3.29 13.32 5.01
CA MET B 174 -3.63 11.91 5.03
C MET B 174 -5.15 11.86 5.00
N LEU B 175 -5.70 11.21 3.98
CA LEU B 175 -7.13 11.09 3.82
C LEU B 175 -7.52 9.63 3.88
N TRP B 176 -8.38 9.31 4.85
CA TRP B 176 -8.86 7.95 5.09
C TRP B 176 -10.36 7.85 4.88
N LEU B 177 -10.77 6.87 4.08
CA LEU B 177 -12.17 6.63 3.79
C LEU B 177 -12.41 5.13 3.95
N GLN B 178 -13.47 4.77 4.66
CA GLN B 178 -13.79 3.35 4.88
C GLN B 178 -15.29 3.11 4.96
N THR B 179 -15.69 1.92 4.51
CA THR B 179 -17.11 1.54 4.56
C THR B 179 -17.28 0.03 4.69
N ASN B 180 -18.25 -0.37 5.51
CA ASN B 180 -18.58 -1.78 5.75
C ASN B 180 -20.05 -1.96 5.35
N LYS B 181 -20.30 -1.99 4.04
CA LYS B 181 -21.65 -2.16 3.54
C LYS B 181 -21.80 -3.49 2.81
N THR B 182 -22.94 -4.13 3.00
CA THR B 182 -23.26 -5.41 2.39
C THR B 182 -22.71 -5.54 0.96
N GLY B 183 -23.20 -4.68 0.08
CA GLY B 183 -22.79 -4.72 -1.32
C GLY B 183 -21.32 -4.54 -1.62
N SER B 184 -20.57 -3.90 -0.73
CA SER B 184 -19.15 -3.67 -0.98
C SER B 184 -18.24 -4.44 -0.04
N GLY B 185 -18.82 -5.09 0.96
CA GLY B 185 -18.01 -5.81 1.93
C GLY B 185 -17.20 -4.74 2.64
N THR B 186 -15.88 -4.88 2.66
CA THR B 186 -15.06 -3.87 3.30
C THR B 186 -14.30 -3.15 2.20
N MET B 187 -14.46 -1.83 2.15
CA MET B 187 -13.78 -1.00 1.16
C MET B 187 -13.00 0.08 1.92
N ASN B 188 -11.70 0.10 1.71
CA ASN B 188 -10.84 1.08 2.38
C ASN B 188 -10.03 1.85 1.34
N LEU B 189 -10.26 3.14 1.26
CA LEU B 189 -9.53 3.99 0.32
C LEU B 189 -8.77 5.00 1.19
N GLY B 190 -7.46 4.81 1.32
CA GLY B 190 -6.72 5.70 2.19
C GLY B 190 -5.27 5.92 1.83
N GLY B 191 -4.61 6.76 2.62
CA GLY B 191 -3.22 7.07 2.37
C GLY B 191 -2.98 8.56 2.49
N SER B 192 -2.07 9.08 1.68
CA SER B 192 -1.76 10.50 1.77
C SER B 192 -0.99 11.01 0.59
N LEU B 193 -0.94 12.34 0.47
CA LEU B 193 -0.22 13.01 -0.58
C LEU B 193 0.66 14.07 0.09
N THR B 194 1.85 14.28 -0.45
CA THR B 194 2.78 15.25 0.13
C THR B 194 3.21 16.26 -0.91
N ARG B 195 3.32 17.51 -0.46
CA ARG B 195 3.75 18.57 -1.35
C ARG B 195 4.70 19.45 -0.57
N GLN B 196 5.63 20.09 -1.27
CA GLN B 196 6.60 20.97 -0.63
C GLN B 196 6.61 22.32 -1.33
N MET B 197 6.92 23.36 -0.57
CA MET B 197 6.92 24.71 -1.11
C MET B 197 7.93 25.55 -0.33
N GLU B 198 8.57 26.49 -1.02
CA GLU B 198 9.56 27.38 -0.41
C GLU B 198 9.35 28.77 -0.98
N LYS B 199 9.49 29.79 -0.13
CA LYS B 199 9.28 31.16 -0.57
C LYS B 199 9.95 32.19 0.33
N ASP B 200 10.45 33.26 -0.29
CA ASP B 200 11.07 34.35 0.45
C ASP B 200 9.92 35.31 0.66
N GLU B 201 9.78 35.85 1.86
CA GLU B 201 8.67 36.72 2.14
C GLU B 201 8.99 37.87 3.11
N THR B 202 8.28 38.97 2.94
CA THR B 202 8.44 40.13 3.80
C THR B 202 7.76 39.87 5.15
N VAL B 203 8.44 40.22 6.22
CA VAL B 203 7.88 40.05 7.55
C VAL B 203 7.72 41.46 8.13
N SER B 204 6.50 41.82 8.48
CA SER B 204 6.19 43.14 9.02
C SER B 204 5.12 43.05 10.10
N ASP B 205 4.78 44.19 10.71
CA ASP B 205 3.76 44.22 11.75
C ASP B 205 2.38 43.79 11.21
N SER B 206 2.10 44.13 9.95
CA SER B 206 0.82 43.77 9.36
C SER B 206 0.89 42.37 8.75
N SER B 207 2.10 41.86 8.54
CA SER B 207 2.28 40.53 7.98
C SER B 207 3.37 39.77 8.74
N PRO B 208 3.13 39.45 10.02
CA PRO B 208 4.09 38.74 10.86
C PRO B 208 4.26 37.26 10.47
N HIS B 209 5.13 36.56 11.19
CA HIS B 209 5.39 35.17 10.91
C HIS B 209 4.15 34.27 10.78
N ILE B 210 3.21 34.41 11.73
CA ILE B 210 2.01 33.58 11.70
C ILE B 210 1.19 33.82 10.45
N ALA B 211 1.05 35.09 10.05
CA ALA B 211 0.29 35.39 8.86
C ALA B 211 0.96 34.74 7.64
N ASN B 212 2.29 34.83 7.54
CA ASN B 212 2.99 34.25 6.40
C ASN B 212 2.84 32.73 6.38
N ILE B 213 3.01 32.11 7.55
CA ILE B 213 2.89 30.67 7.65
C ILE B 213 1.44 30.28 7.33
N GLY B 214 0.49 31.04 7.88
CA GLY B 214 -0.92 30.79 7.64
C GLY B 214 -1.29 30.80 6.17
N ARG B 215 -0.82 31.84 5.46
CA ARG B 215 -1.10 31.96 4.03
C ARG B 215 -0.52 30.79 3.25
N LEU B 216 0.68 30.36 3.63
CA LEU B 216 1.30 29.22 2.97
C LEU B 216 0.52 27.93 3.25
N VAL B 217 0.15 27.71 4.52
CA VAL B 217 -0.62 26.53 4.89
C VAL B 217 -1.95 26.49 4.10
N GLU B 218 -2.66 27.61 4.10
CA GLU B 218 -3.94 27.74 3.41
C GLU B 218 -3.81 27.42 1.92
N ASP B 219 -2.84 28.04 1.25
CA ASP B 219 -2.64 27.79 -0.18
C ASP B 219 -2.29 26.32 -0.41
N MET B 220 -1.44 25.79 0.45
CA MET B 220 -1.01 24.41 0.36
C MET B 220 -2.20 23.47 0.50
N GLU B 221 -3.00 23.65 1.55
CA GLU B 221 -4.15 22.78 1.74
C GLU B 221 -5.20 22.89 0.66
N ASN B 222 -5.40 24.09 0.11
CA ASN B 222 -6.39 24.25 -0.95
C ASN B 222 -5.93 23.48 -2.20
N LYS B 223 -4.63 23.50 -2.45
CA LYS B 223 -4.06 22.80 -3.59
C LYS B 223 -4.10 21.29 -3.39
N ILE B 224 -3.75 20.85 -2.18
CA ILE B 224 -3.75 19.42 -1.90
C ILE B 224 -5.18 18.86 -1.88
N ARG B 225 -6.16 19.68 -1.49
CA ARG B 225 -7.55 19.24 -1.46
C ARG B 225 -8.02 18.89 -2.88
N SER B 226 -7.60 19.71 -3.85
CA SER B 226 -7.96 19.50 -5.25
C SER B 226 -7.31 18.23 -5.80
N THR B 227 -6.03 18.06 -5.49
CA THR B 227 -5.27 16.90 -5.93
C THR B 227 -5.85 15.63 -5.31
N LEU B 228 -6.25 15.71 -4.04
CA LEU B 228 -6.84 14.56 -3.35
C LEU B 228 -8.12 14.14 -4.05
N ASN B 229 -8.98 15.11 -4.33
CA ASN B 229 -10.23 14.82 -5.01
C ASN B 229 -9.94 14.15 -6.34
N GLU B 230 -8.98 14.67 -7.09
CA GLU B 230 -8.60 14.10 -8.37
C GLU B 230 -8.05 12.68 -8.26
N ILE B 231 -7.03 12.50 -7.43
CA ILE B 231 -6.41 11.18 -7.28
C ILE B 231 -7.33 10.12 -6.67
N TYR B 232 -7.92 10.41 -5.52
CA TYR B 232 -8.79 9.43 -4.85
C TYR B 232 -10.05 9.06 -5.64
N PHE B 233 -10.86 10.06 -5.97
CA PHE B 233 -12.12 9.83 -6.66
C PHE B 233 -12.02 9.86 -8.17
N GLY B 234 -10.87 10.29 -8.68
CA GLY B 234 -10.69 10.31 -10.11
C GLY B 234 -9.79 9.17 -10.55
N LYS B 235 -8.50 9.30 -10.29
CA LYS B 235 -7.52 8.29 -10.71
C LYS B 235 -7.69 6.85 -10.19
N THR B 236 -7.84 6.65 -8.88
CA THR B 236 -7.97 5.26 -8.43
C THR B 236 -9.25 4.62 -8.96
N LYS B 237 -10.27 5.43 -9.22
CA LYS B 237 -11.54 4.90 -9.74
C LYS B 237 -11.31 4.44 -11.16
N ASP B 238 -10.60 5.25 -11.93
CA ASP B 238 -10.30 4.92 -13.32
C ASP B 238 -9.45 3.65 -13.42
N ILE B 239 -8.54 3.46 -12.47
CA ILE B 239 -7.71 2.27 -12.51
C ILE B 239 -8.61 1.08 -12.23
N VAL B 240 -9.55 1.27 -11.31
CA VAL B 240 -10.51 0.23 -10.96
C VAL B 240 -11.36 -0.17 -12.18
N ASN B 241 -11.79 0.82 -12.96
CA ASN B 241 -12.60 0.52 -14.12
C ASN B 241 -11.79 -0.11 -15.26
N GLY B 242 -10.47 -0.05 -15.13
CA GLY B 242 -9.61 -0.63 -16.14
C GLY B 242 -9.30 -2.09 -15.81
N LEU B 243 -9.62 -2.51 -14.60
CA LEU B 243 -9.38 -3.88 -14.17
C LEU B 243 -10.53 -4.77 -14.57
N ARG B 244 -11.74 -4.21 -14.54
CA ARG B 244 -12.94 -4.94 -14.90
C ARG B 244 -13.98 -3.98 -15.44
N SER B 245 -14.96 -4.53 -16.15
CA SER B 245 -16.04 -3.74 -16.74
C SER B 245 -17.33 -4.53 -16.57
N ILE B 246 -18.39 -3.85 -16.12
CA ILE B 246 -19.66 -4.53 -15.90
C ILE B 246 -20.30 -4.91 -17.25
N ASP B 247 -20.18 -4.02 -18.23
CA ASP B 247 -20.73 -4.29 -19.53
C ASP B 247 -19.73 -5.12 -20.32
N ALA B 248 -20.24 -6.05 -21.12
CA ALA B 248 -19.36 -6.89 -21.93
C ALA B 248 -18.48 -6.00 -22.78
N ILE B 249 -17.17 -6.24 -22.72
CA ILE B 249 -16.22 -5.45 -23.48
C ILE B 249 -16.15 -5.97 -24.91
N PRO B 250 -16.62 -5.18 -25.89
CA PRO B 250 -16.58 -5.61 -27.28
C PRO B 250 -15.19 -6.18 -27.58
N ASP B 251 -15.06 -7.49 -27.49
CA ASP B 251 -13.81 -8.18 -27.81
C ASP B 251 -13.32 -7.89 -29.22
N ASN B 252 -12.01 -7.77 -29.38
CA ASN B 252 -11.46 -7.52 -30.70
C ASN B 252 -10.37 -8.51 -31.10
N GLN B 253 -10.68 -9.26 -32.14
CA GLN B 253 -9.90 -10.41 -32.58
C GLN B 253 -8.70 -9.91 -33.37
N LYS B 254 -8.96 -8.88 -34.17
CA LYS B 254 -8.05 -8.46 -35.22
C LYS B 254 -6.65 -8.12 -34.71
N TYR B 255 -6.57 -7.18 -33.78
CA TYR B 255 -5.28 -6.75 -33.25
C TYR B 255 -4.57 -7.87 -32.48
N LYS B 256 -5.33 -8.71 -31.78
CA LYS B 256 -4.72 -9.72 -30.94
C LYS B 256 -4.05 -10.80 -31.79
N GLN B 257 -4.66 -11.12 -32.93
CA GLN B 257 -4.17 -12.18 -33.80
C GLN B 257 -2.82 -11.71 -34.37
N LEU B 258 -2.75 -10.45 -34.78
CA LEU B 258 -1.54 -9.89 -35.37
C LEU B 258 -0.41 -9.86 -34.37
N GLN B 259 -0.75 -9.64 -33.11
CA GLN B 259 0.25 -9.24 -32.13
C GLN B 259 1.27 -10.33 -31.90
N ARG B 260 0.83 -11.59 -31.88
CA ARG B 260 1.73 -12.68 -31.54
C ARG B 260 2.75 -12.86 -32.66
N GLU B 261 2.28 -12.74 -33.91
CA GLU B 261 3.11 -13.01 -35.08
C GLU B 261 4.35 -12.11 -35.15
N LEU B 262 4.15 -10.81 -34.96
CA LEU B 262 5.24 -9.84 -34.98
C LEU B 262 6.22 -9.98 -33.81
N SER B 263 5.72 -10.48 -32.68
CA SER B 263 6.50 -10.50 -31.44
C SER B 263 7.66 -11.48 -31.50
N GLN B 264 7.37 -12.72 -31.90
CA GLN B 264 8.35 -13.78 -31.81
C GLN B 264 9.53 -13.52 -32.74
N VAL B 265 9.32 -12.70 -33.75
CA VAL B 265 10.39 -12.41 -34.70
C VAL B 265 11.48 -11.61 -34.01
N LEU B 266 11.08 -10.65 -33.18
CA LEU B 266 12.04 -9.71 -32.59
C LEU B 266 12.92 -10.41 -31.53
N THR B 267 12.35 -11.39 -30.83
CA THR B 267 13.09 -12.09 -29.78
C THR B 267 14.22 -12.96 -30.34
N GLN B 268 13.96 -13.62 -31.48
CA GLN B 268 14.93 -14.52 -32.09
C GLN B 268 15.85 -13.73 -33.00
N ARG B 269 15.77 -12.41 -32.88
CA ARG B 269 16.65 -11.47 -33.59
C ARG B 269 17.51 -10.76 -32.58
N GLN B 270 16.89 -10.30 -31.49
CA GLN B 270 17.62 -9.67 -30.40
C GLN B 270 18.10 -10.87 -29.61
N ILE B 271 18.93 -10.63 -28.60
CA ILE B 271 19.21 -11.62 -27.57
C ILE B 271 17.95 -12.23 -26.97
N GLY C 4 14.34 -25.87 5.27
CA GLY C 4 15.08 -25.09 6.31
C GLY C 4 16.37 -25.83 6.67
N SER C 5 16.27 -26.71 7.66
CA SER C 5 17.44 -27.48 8.09
C SER C 5 18.65 -26.58 8.23
N TRP C 6 19.82 -27.19 8.42
CA TRP C 6 21.05 -26.42 8.56
C TRP C 6 21.66 -26.10 7.20
N GLY C 7 22.15 -24.89 7.04
CA GLY C 7 22.76 -24.47 5.79
C GLY C 7 22.65 -22.95 5.60
N CYS C 8 21.49 -22.51 5.13
CA CYS C 8 21.26 -21.08 4.92
C CYS C 8 21.28 -20.33 6.25
N VAL C 9 20.76 -20.97 7.30
CA VAL C 9 20.72 -20.36 8.62
C VAL C 9 22.07 -19.71 8.94
N ARG C 10 23.06 -20.55 9.23
CA ARG C 10 24.39 -20.04 9.56
C ARG C 10 25.43 -21.14 9.39
N GLN C 11 25.06 -22.37 9.75
CA GLN C 11 25.97 -23.49 9.64
C GLN C 11 27.40 -23.06 9.96
N GLU C 12 28.37 -23.80 9.43
CA GLU C 12 29.78 -23.47 9.66
C GLU C 12 30.55 -23.48 8.35
N LYS C 13 30.18 -24.40 7.45
CA LYS C 13 30.84 -24.49 6.16
C LYS C 13 30.46 -23.31 5.26
N ARG C 14 31.44 -22.79 4.52
CA ARG C 14 31.19 -21.67 3.63
C ARG C 14 30.15 -22.03 2.59
N SER C 15 30.26 -23.23 2.03
CA SER C 15 29.32 -23.69 1.02
C SER C 15 29.00 -22.56 0.03
N SER C 16 29.73 -22.53 -1.08
CA SER C 16 29.51 -21.49 -2.08
C SER C 16 28.09 -21.54 -2.60
N GLY C 17 27.60 -22.74 -2.91
CA GLY C 17 26.26 -22.91 -3.42
C GLY C 17 25.90 -21.80 -4.40
N LEU C 18 26.92 -21.18 -4.98
CA LEU C 18 26.70 -20.09 -5.93
C LEU C 18 26.75 -20.62 -7.36
N ILE C 19 25.73 -20.28 -8.14
CA ILE C 19 25.66 -20.72 -9.53
C ILE C 19 25.36 -19.55 -10.45
N SER C 20 25.93 -19.59 -11.65
CA SER C 20 25.71 -18.52 -12.62
C SER C 20 24.26 -18.04 -12.58
N GLU C 21 24.08 -16.78 -12.21
CA GLU C 21 22.73 -16.21 -12.13
C GLU C 21 21.87 -17.01 -11.17
N LEU C 22 21.51 -16.38 -10.05
CA LEU C 22 20.67 -17.04 -9.06
C LEU C 22 20.33 -16.10 -7.91
N PRO C 23 21.30 -15.33 -7.48
CA PRO C 23 21.12 -14.34 -6.38
C PRO C 23 20.37 -13.09 -6.84
N SER C 24 19.60 -12.51 -5.93
CA SER C 24 18.83 -11.31 -6.25
C SER C 24 19.74 -10.08 -6.26
N GLU C 25 19.30 -9.04 -6.95
CA GLU C 25 20.08 -7.81 -7.03
C GLU C 25 19.30 -6.73 -7.77
N GLU C 26 19.75 -5.48 -7.62
CA GLU C 26 19.08 -4.36 -8.29
C GLU C 26 19.98 -3.12 -8.27
N GLY C 27 19.96 -2.41 -7.16
CA GLY C 27 20.77 -1.20 -7.02
C GLY C 27 20.36 -0.40 -5.79
N ARG C 28 20.71 0.89 -5.79
CA ARG C 28 20.38 1.75 -4.66
C ARG C 28 19.94 3.13 -5.15
N ARG C 29 19.10 3.79 -4.37
CA ARG C 29 18.63 5.12 -4.74
C ARG C 29 19.70 6.17 -4.49
N LEU C 30 19.72 7.20 -5.34
CA LEU C 30 20.71 8.27 -5.21
C LEU C 30 20.50 9.03 -3.91
N GLU C 31 21.16 10.17 -3.77
CA GLU C 31 21.04 10.99 -2.57
C GLU C 31 21.39 10.18 -1.33
N HIS C 32 22.69 9.97 -1.13
CA HIS C 32 23.16 9.20 0.02
C HIS C 32 24.00 10.09 0.94
N PHE C 33 25.09 10.62 0.41
CA PHE C 33 25.97 11.49 1.19
C PHE C 33 25.58 12.95 1.02
N THR C 34 24.38 13.18 0.53
CA THR C 34 23.90 14.54 0.32
C THR C 34 23.81 15.29 1.65
N LYS C 35 23.24 14.64 2.65
CA LYS C 35 23.11 15.25 3.97
C LYS C 35 23.45 14.24 5.06
N LEU C 36 24.42 14.59 5.89
CA LEU C 36 24.83 13.71 6.98
C LEU C 36 25.86 14.40 7.88
N ARG C 37 26.54 15.40 7.33
CA ARG C 37 27.55 16.13 8.08
C ARG C 37 26.88 17.06 9.09
N PRO C 38 26.11 18.00 8.62
CA PRO C 38 25.42 18.99 9.50
C PRO C 38 24.77 18.34 10.70
N LYS C 39 24.20 17.15 10.49
CA LYS C 39 23.54 16.43 11.58
C LYS C 39 22.53 17.32 12.28
N ARG C 40 21.31 17.35 11.76
CA ARG C 40 20.26 18.18 12.35
C ARG C 40 19.86 17.65 13.73
N ASN C 41 20.21 16.38 13.99
CA ASN C 41 19.89 15.76 15.26
C ASN C 41 20.99 14.78 15.67
N LYS C 42 20.94 14.34 16.93
CA LYS C 42 21.94 13.41 17.43
C LYS C 42 21.38 12.62 18.62
N LYS C 43 20.29 11.89 18.38
CA LYS C 43 19.67 11.10 19.44
C LYS C 43 19.59 11.90 20.73
N GLN C 44 18.45 12.53 20.97
CA GLN C 44 18.26 13.32 22.18
C GLN C 44 16.87 13.07 22.76
N GLN C 45 16.34 11.88 22.54
CA GLN C 45 15.01 11.53 23.04
C GLN C 45 14.64 10.11 22.63
N PRO C 46 15.15 9.14 23.32
CA PRO C 46 14.86 7.70 23.04
C PRO C 46 13.45 7.30 23.46
N THR C 47 12.75 6.61 22.56
CA THR C 47 11.38 6.18 22.84
C THR C 47 11.39 4.85 23.60
N GLN C 48 10.64 4.81 24.68
CA GLN C 48 10.55 3.59 25.49
C GLN C 48 9.27 2.83 25.19
N ALA C 49 8.96 2.68 23.90
CA ALA C 49 7.76 1.97 23.50
C ALA C 49 6.52 2.57 24.15
N ALA C 50 5.39 1.89 24.01
CA ALA C 50 4.14 2.36 24.59
C ALA C 50 3.78 3.75 24.04
N VAL C 51 2.57 3.86 23.51
CA VAL C 51 2.11 5.13 22.95
C VAL C 51 0.59 5.27 23.10
N CYS C 52 0.10 6.49 22.98
CA CYS C 52 -1.33 6.74 23.10
C CYS C 52 -2.08 6.11 21.92
N THR C 53 -3.28 5.62 22.19
CA THR C 53 -4.09 4.97 21.16
C THR C 53 -5.54 5.46 21.23
N ILE C 54 -5.74 6.65 21.77
CA ILE C 54 -7.08 7.21 21.89
C ILE C 54 -8.01 6.23 22.60
N SER C 55 -9.17 6.72 23.01
CA SER C 55 -10.15 5.87 23.68
C SER C 55 -11.29 5.51 22.73
N ILE C 56 -12.48 6.03 23.03
CA ILE C 56 -13.65 5.76 22.19
C ILE C 56 -14.13 7.05 21.54
N LEU C 57 -14.01 7.12 20.22
CA LEU C 57 -14.44 8.31 19.48
C LEU C 57 -14.27 8.10 17.98
N PRO C 58 -13.09 7.71 17.57
CA PRO C 58 -12.78 7.47 16.13
C PRO C 58 -13.93 6.78 15.40
N GLN C 59 -14.33 5.61 15.90
CA GLN C 59 -15.41 4.86 15.29
C GLN C 59 -15.12 4.63 13.81
N ASP C 60 -13.93 5.01 13.37
CA ASP C 60 -13.54 4.85 11.97
C ASP C 60 -13.52 3.36 11.60
N GLY C 61 -12.97 2.54 12.49
CA GLY C 61 -12.88 1.11 12.24
C GLY C 61 -12.26 0.38 13.43
N GLU C 62 -12.28 -0.94 13.39
CA GLU C 62 -11.71 -1.74 14.47
C GLU C 62 -10.51 -2.54 13.97
N GLN C 63 -9.38 -2.38 14.65
CA GLN C 63 -8.16 -3.09 14.26
C GLN C 63 -8.25 -4.56 14.67
N ASN C 64 -7.86 -5.45 13.75
CA ASN C 64 -7.90 -6.88 14.04
C ASN C 64 -6.71 -7.58 13.40
N GLY C 65 -6.80 -7.82 12.10
CA GLY C 65 -5.72 -8.49 11.37
C GLY C 65 -5.75 -9.99 11.63
N LEU C 66 -6.89 -10.49 12.09
CA LEU C 66 -7.03 -11.92 12.37
C LEU C 66 -7.65 -12.64 11.17
N MET C 67 -6.98 -13.69 10.71
CA MET C 67 -7.48 -14.46 9.57
C MET C 67 -6.96 -15.89 9.64
N GLY C 68 -7.76 -16.82 9.11
CA GLY C 68 -7.38 -18.23 9.12
C GLY C 68 -8.22 -19.02 8.13
N ARG C 69 -8.27 -18.56 6.89
CA ARG C 69 -9.05 -19.24 5.86
C ARG C 69 -10.38 -19.71 6.41
N VAL C 70 -10.40 -20.94 6.92
CA VAL C 70 -11.63 -21.50 7.49
C VAL C 70 -11.46 -21.75 8.98
N ASP C 71 -12.46 -21.35 9.76
CA ASP C 71 -12.41 -21.56 11.20
C ASP C 71 -12.00 -22.98 11.53
N GLU C 72 -11.89 -23.28 12.83
CA GLU C 72 -11.50 -24.61 13.26
C GLU C 72 -10.17 -25.03 12.64
N GLY C 73 -9.87 -26.31 12.68
CA GLY C 73 -8.64 -26.83 12.11
C GLY C 73 -7.51 -26.79 13.14
N VAL C 74 -6.29 -26.56 12.68
CA VAL C 74 -5.14 -26.51 13.57
C VAL C 74 -5.05 -27.78 14.41
N ASP C 75 -5.78 -27.81 15.52
CA ASP C 75 -5.78 -28.98 16.40
C ASP C 75 -6.33 -30.19 15.66
N GLU C 76 -7.40 -29.99 14.91
CA GLU C 76 -8.01 -31.09 14.15
C GLU C 76 -7.31 -31.28 12.82
N PHE C 77 -7.51 -32.43 12.20
CA PHE C 77 -6.89 -32.73 10.92
C PHE C 77 -7.35 -31.72 9.87
N PHE C 78 -8.65 -31.44 9.84
CA PHE C 78 -9.21 -30.49 8.89
C PHE C 78 -10.50 -29.89 9.42
N THR C 79 -10.91 -28.76 8.84
CA THR C 79 -12.13 -28.09 9.27
C THR C 79 -13.34 -28.73 8.61
N LYS C 80 -14.52 -28.40 9.13
CA LYS C 80 -15.77 -28.96 8.59
C LYS C 80 -16.95 -28.10 9.00
N LYS C 81 -16.91 -26.81 8.64
CA LYS C 81 -17.99 -25.90 8.98
C LYS C 81 -18.29 -24.97 7.80
N VAL C 82 -17.34 -24.08 7.50
CA VAL C 82 -17.52 -23.14 6.41
C VAL C 82 -17.22 -23.81 5.07
N THR C 83 -18.08 -23.54 4.09
CA THR C 83 -17.91 -24.13 2.76
C THR C 83 -16.59 -23.67 2.13
N GLY C 84 -16.16 -22.47 2.49
CA GLY C 84 -14.92 -21.92 1.95
C GLY C 84 -14.32 -20.88 2.90
N CYS C 85 -13.14 -20.40 2.57
CA CYS C 85 -12.47 -19.41 3.40
C CYS C 85 -13.46 -18.34 3.87
N ARG A 7 12.33 -6.60 18.62
CA ARG A 7 13.48 -5.87 19.24
C ARG A 7 14.59 -6.86 19.54
N VAL A 8 14.23 -8.07 19.97
CA VAL A 8 15.22 -9.08 20.30
C VAL A 8 14.78 -10.42 19.69
N SER A 9 15.74 -11.34 19.62
CA SER A 9 15.49 -12.66 19.07
C SER A 9 15.53 -12.62 17.56
N ASP A 10 16.44 -13.39 16.98
CA ASP A 10 16.60 -13.44 15.54
C ASP A 10 15.36 -14.10 14.92
N GLU A 11 14.70 -14.96 15.68
CA GLU A 11 13.50 -15.64 15.19
C GLU A 11 12.37 -14.63 15.01
N GLU A 12 12.26 -13.70 15.95
CA GLU A 12 11.23 -12.68 15.88
C GLU A 12 11.50 -11.73 14.72
N LYS A 13 12.76 -11.37 14.53
CA LYS A 13 13.13 -10.48 13.44
C LYS A 13 12.84 -11.13 12.09
N VAL A 14 13.05 -12.44 12.01
CA VAL A 14 12.78 -13.16 10.77
C VAL A 14 11.29 -13.15 10.46
N ARG A 15 10.46 -13.34 11.49
CA ARG A 15 9.01 -13.34 11.30
C ARG A 15 8.54 -11.95 10.86
N ILE A 16 9.15 -10.92 11.44
CA ILE A 16 8.80 -9.54 11.08
C ILE A 16 9.17 -9.32 9.61
N ALA A 17 10.41 -9.65 9.28
CA ALA A 17 10.89 -9.47 7.92
C ALA A 17 9.93 -10.19 6.96
N ALA A 18 9.53 -11.40 7.34
CA ALA A 18 8.63 -12.19 6.50
C ALA A 18 7.27 -11.54 6.29
N LYS A 19 6.73 -10.96 7.34
CA LYS A 19 5.43 -10.31 7.25
C LYS A 19 5.49 -9.13 6.28
N PHE A 20 6.51 -8.29 6.41
CA PHE A 20 6.68 -7.13 5.52
C PHE A 20 6.75 -7.58 4.06
N ILE A 21 7.59 -8.56 3.78
CA ILE A 21 7.79 -9.08 2.44
C ILE A 21 6.52 -9.65 1.81
N THR A 22 5.78 -10.44 2.58
CA THR A 22 4.56 -11.02 2.05
C THR A 22 3.41 -10.02 1.94
N HIS A 23 3.60 -8.82 2.47
CA HIS A 23 2.57 -7.79 2.41
C HIS A 23 2.89 -6.68 1.42
N ALA A 24 3.85 -6.93 0.54
CA ALA A 24 4.19 -5.92 -0.44
C ALA A 24 2.97 -5.71 -1.32
N PRO A 25 2.77 -4.48 -1.81
CA PRO A 25 1.61 -4.24 -2.67
C PRO A 25 1.89 -4.85 -4.04
N PRO A 26 0.85 -5.12 -4.84
CA PRO A 26 1.04 -5.70 -6.17
C PRO A 26 2.05 -4.97 -7.07
N GLY A 27 2.92 -5.74 -7.70
CA GLY A 27 3.93 -5.18 -8.59
C GLY A 27 5.07 -4.45 -7.91
N GLU A 28 5.18 -4.59 -6.59
CA GLU A 28 6.26 -3.91 -5.87
C GLU A 28 7.01 -4.84 -4.92
N PHE A 29 6.93 -6.14 -5.18
CA PHE A 29 7.59 -7.12 -4.34
C PHE A 29 9.08 -6.85 -4.13
N ASN A 30 9.80 -6.66 -5.24
CA ASN A 30 11.24 -6.44 -5.17
C ASN A 30 11.67 -5.23 -4.35
N GLU A 31 10.98 -4.10 -4.53
CA GLU A 31 11.32 -2.90 -3.77
C GLU A 31 11.18 -3.19 -2.28
N VAL A 32 10.06 -3.78 -1.89
CA VAL A 32 9.83 -4.12 -0.49
C VAL A 32 10.88 -5.11 0.01
N PHE A 33 11.21 -6.11 -0.81
CA PHE A 33 12.21 -7.13 -0.45
C PHE A 33 13.58 -6.49 -0.23
N ASN A 34 13.98 -5.62 -1.16
CA ASN A 34 15.26 -4.95 -1.03
C ASN A 34 15.26 -4.07 0.22
N ASP A 35 14.15 -3.41 0.50
CA ASP A 35 14.07 -2.58 1.70
C ASP A 35 14.31 -3.44 2.94
N VAL A 36 13.53 -4.51 3.07
CA VAL A 36 13.64 -5.40 4.23
C VAL A 36 15.04 -5.99 4.35
N ARG A 37 15.62 -6.38 3.22
CA ARG A 37 16.96 -6.96 3.22
C ARG A 37 17.96 -5.97 3.83
N LEU A 38 17.92 -4.72 3.41
CA LEU A 38 18.84 -3.72 3.94
C LEU A 38 18.51 -3.35 5.40
N LEU A 39 17.25 -3.49 5.78
CA LEU A 39 16.81 -3.17 7.14
C LEU A 39 17.24 -4.29 8.09
N LEU A 40 16.96 -5.52 7.70
CA LEU A 40 17.31 -6.69 8.48
C LEU A 40 18.83 -6.75 8.62
N ASN A 41 19.53 -6.39 7.55
CA ASN A 41 20.99 -6.38 7.53
C ASN A 41 21.63 -7.70 8.02
N ASN A 42 21.10 -8.82 7.54
CA ASN A 42 21.62 -10.13 7.90
C ASN A 42 21.05 -11.10 6.87
N ASP A 43 21.80 -11.28 5.78
CA ASP A 43 21.37 -12.17 4.71
C ASP A 43 21.20 -13.62 5.13
N ASN A 44 21.95 -14.04 6.14
CA ASN A 44 21.81 -15.40 6.61
C ASN A 44 20.40 -15.58 7.18
N LEU A 45 19.93 -14.62 7.97
CA LEU A 45 18.58 -14.71 8.52
C LEU A 45 17.52 -14.57 7.44
N LEU A 46 17.79 -13.69 6.47
CA LEU A 46 16.87 -13.43 5.36
C LEU A 46 16.56 -14.68 4.55
N ARG A 47 17.57 -15.52 4.34
CA ARG A 47 17.39 -16.76 3.56
C ARG A 47 16.60 -17.81 4.33
N GLU A 48 16.51 -17.65 5.64
CA GLU A 48 15.78 -18.59 6.49
C GLU A 48 14.31 -18.72 6.08
N GLY A 49 13.68 -17.59 5.80
CA GLY A 49 12.28 -17.62 5.41
C GLY A 49 11.98 -17.07 4.03
N ALA A 50 13.02 -16.78 3.25
CA ALA A 50 12.84 -16.23 1.92
C ALA A 50 11.89 -17.08 1.08
N ALA A 51 12.34 -18.26 0.69
CA ALA A 51 11.54 -19.18 -0.11
C ALA A 51 10.08 -19.22 0.35
N HIS A 52 9.89 -19.38 1.65
CA HIS A 52 8.54 -19.43 2.21
C HIS A 52 7.80 -18.12 1.96
N ALA A 53 8.51 -17.01 2.10
CA ALA A 53 7.93 -15.67 1.88
C ALA A 53 7.50 -15.50 0.43
N PHE A 54 8.44 -15.75 -0.48
CA PHE A 54 8.17 -15.64 -1.91
C PHE A 54 6.95 -16.47 -2.32
N ALA A 55 6.94 -17.73 -1.87
CA ALA A 55 5.86 -18.65 -2.20
C ALA A 55 4.51 -18.15 -1.72
N GLN A 56 4.44 -17.80 -0.44
CA GLN A 56 3.20 -17.30 0.16
C GLN A 56 2.71 -16.07 -0.62
N TYR A 57 3.60 -15.14 -0.90
CA TYR A 57 3.23 -13.92 -1.64
C TYR A 57 2.57 -14.27 -2.98
N ASN A 58 3.34 -14.89 -3.87
CA ASN A 58 2.83 -15.28 -5.18
C ASN A 58 1.51 -16.03 -5.08
N MET A 59 1.39 -16.88 -4.07
CA MET A 59 0.18 -17.65 -3.88
C MET A 59 -1.05 -16.83 -3.50
N ASP A 60 -0.96 -16.02 -2.45
CA ASP A 60 -2.11 -15.20 -2.06
C ASP A 60 -2.37 -14.05 -3.04
N GLN A 61 -1.40 -13.77 -3.91
CA GLN A 61 -1.53 -12.72 -4.91
C GLN A 61 -2.07 -13.27 -6.24
N PHE A 62 -2.29 -14.58 -6.30
CA PHE A 62 -2.77 -15.22 -7.54
C PHE A 62 -1.86 -14.80 -8.68
N THR A 63 -0.56 -14.96 -8.49
CA THR A 63 0.41 -14.57 -9.50
C THR A 63 0.29 -15.29 -10.83
N PRO A 64 -0.12 -14.55 -11.88
CA PRO A 64 -0.27 -15.12 -13.22
C PRO A 64 1.11 -15.43 -13.79
N VAL A 65 1.35 -16.70 -14.11
CA VAL A 65 2.64 -17.10 -14.66
C VAL A 65 2.49 -17.78 -16.02
N LYS A 66 3.55 -17.73 -16.81
CA LYS A 66 3.54 -18.32 -18.13
C LYS A 66 4.53 -19.49 -18.24
N ILE A 67 4.01 -20.73 -18.26
CA ILE A 67 4.85 -21.91 -18.36
C ILE A 67 5.62 -21.92 -19.68
N GLU A 68 6.83 -22.45 -19.64
CA GLU A 68 7.74 -22.52 -20.79
C GLU A 68 7.20 -22.31 -22.22
N GLY A 69 5.99 -22.76 -22.52
CA GLY A 69 5.48 -22.56 -23.87
C GLY A 69 4.06 -23.02 -24.13
N TYR A 70 3.19 -22.87 -23.12
CA TYR A 70 1.79 -23.26 -23.29
C TYR A 70 0.78 -22.13 -23.68
N ASP A 71 1.17 -20.86 -23.69
CA ASP A 71 0.22 -19.77 -24.02
C ASP A 71 -0.75 -19.80 -22.84
N ASP A 72 -0.19 -20.50 -21.85
CA ASP A 72 -0.66 -20.89 -20.51
C ASP A 72 -0.93 -19.94 -19.31
N GLN A 73 -0.99 -18.61 -19.42
CA GLN A 73 -1.17 -17.75 -18.21
C GLN A 73 -1.96 -18.53 -17.14
N VAL A 74 -1.23 -19.18 -16.23
CA VAL A 74 -1.84 -19.95 -15.14
C VAL A 74 -1.68 -19.26 -13.78
N LEU A 75 -2.67 -19.45 -12.90
CA LEU A 75 -2.64 -18.79 -11.61
C LEU A 75 -2.02 -19.55 -10.45
N ILE A 76 -0.93 -19.01 -9.91
CA ILE A 76 -0.26 -19.62 -8.77
C ILE A 76 -1.06 -19.37 -7.51
N THR A 77 -1.65 -20.44 -6.98
CA THR A 77 -2.45 -20.35 -5.76
C THR A 77 -2.09 -21.53 -4.88
N GLU A 78 -2.67 -21.57 -3.69
CA GLU A 78 -2.42 -22.67 -2.76
C GLU A 78 -3.00 -23.95 -3.33
N HIS A 79 -4.23 -23.85 -3.83
CA HIS A 79 -4.94 -24.98 -4.40
C HIS A 79 -4.12 -25.74 -5.45
N GLY A 80 -3.20 -25.05 -6.10
CA GLY A 80 -2.37 -25.67 -7.12
C GLY A 80 -0.99 -26.06 -6.61
N ASP A 81 -0.75 -25.84 -5.32
CA ASP A 81 0.52 -26.16 -4.70
C ASP A 81 0.69 -27.67 -4.52
N LEU A 82 1.45 -28.30 -5.41
CA LEU A 82 1.66 -29.74 -5.32
C LEU A 82 2.14 -30.10 -3.91
N GLY A 83 3.11 -29.34 -3.42
CA GLY A 83 3.65 -29.59 -2.10
C GLY A 83 5.13 -29.91 -2.16
N ASN A 84 5.59 -30.29 -3.35
CA ASN A 84 6.98 -30.64 -3.59
C ASN A 84 7.80 -29.48 -4.15
N GLY A 85 7.14 -28.35 -4.37
CA GLY A 85 7.82 -27.19 -4.93
C GLY A 85 7.34 -26.98 -6.35
N ARG A 86 6.23 -27.65 -6.65
CA ARG A 86 5.63 -27.56 -7.97
C ARG A 86 4.14 -27.28 -7.86
N PHE A 87 3.55 -26.72 -8.92
CA PHE A 87 2.13 -26.37 -8.93
C PHE A 87 1.33 -27.06 -10.04
N LEU A 88 0.01 -26.99 -9.93
CA LEU A 88 -0.87 -27.60 -10.92
C LEU A 88 -1.43 -26.59 -11.90
N ASP A 89 -1.58 -27.02 -13.15
CA ASP A 89 -2.18 -26.20 -14.18
C ASP A 89 -3.38 -27.05 -14.58
N PRO A 90 -4.49 -26.92 -13.86
CA PRO A 90 -5.67 -27.71 -14.19
C PRO A 90 -6.14 -27.62 -15.66
N ARG A 91 -5.97 -26.46 -16.29
CA ARG A 91 -6.40 -26.30 -17.68
C ARG A 91 -5.57 -27.13 -18.65
N ASN A 92 -4.29 -26.79 -18.80
CA ASN A 92 -3.41 -27.54 -19.69
C ASN A 92 -3.11 -28.89 -19.05
N LYS A 93 -3.32 -28.94 -17.73
CA LYS A 93 -3.14 -30.15 -16.93
C LYS A 93 -1.73 -30.72 -16.76
N ILE A 94 -0.71 -29.86 -16.82
CA ILE A 94 0.64 -30.35 -16.64
C ILE A 94 1.13 -30.05 -15.22
N SER A 95 2.43 -30.25 -15.03
CA SER A 95 3.09 -29.99 -13.76
C SER A 95 4.16 -29.00 -14.12
N PHE A 96 4.31 -27.96 -13.32
CA PHE A 96 5.33 -26.97 -13.60
C PHE A 96 6.00 -26.56 -12.30
N LYS A 97 7.31 -26.41 -12.34
CA LYS A 97 8.05 -26.01 -11.16
C LYS A 97 8.19 -24.50 -11.23
N PHE A 98 7.70 -23.81 -10.20
CA PHE A 98 7.78 -22.37 -10.17
C PHE A 98 8.99 -21.87 -9.39
N ASP A 99 9.88 -21.18 -10.09
CA ASP A 99 11.06 -20.58 -9.48
C ASP A 99 10.60 -19.21 -8.96
N HIS A 100 10.67 -19.02 -7.65
CA HIS A 100 10.19 -17.78 -7.05
C HIS A 100 10.96 -16.48 -7.26
N LEU A 101 12.28 -16.54 -7.35
CA LEU A 101 13.03 -15.29 -7.57
C LEU A 101 12.84 -14.89 -9.03
N ARG A 102 13.34 -15.74 -9.92
CA ARG A 102 13.25 -15.50 -11.36
C ARG A 102 11.79 -15.41 -11.79
N LYS A 103 11.56 -14.72 -12.90
CA LYS A 103 10.22 -14.52 -13.43
C LYS A 103 9.60 -15.81 -14.01
N GLU A 104 10.42 -16.66 -14.61
CA GLU A 104 9.93 -17.90 -15.21
C GLU A 104 9.81 -19.13 -14.31
N ALA A 105 8.91 -20.01 -14.73
CA ALA A 105 8.65 -21.28 -14.06
C ALA A 105 8.67 -22.30 -15.18
N SER A 106 9.73 -23.10 -15.28
CA SER A 106 9.85 -24.09 -16.34
C SER A 106 10.08 -25.54 -15.90
N ASP A 107 10.42 -26.36 -16.90
CA ASP A 107 10.68 -27.79 -16.79
C ASP A 107 9.46 -28.55 -16.27
N PRO A 108 8.35 -28.47 -17.02
CA PRO A 108 7.07 -29.12 -16.71
C PRO A 108 7.08 -30.64 -16.66
N GLN A 109 6.00 -31.20 -16.10
CA GLN A 109 5.83 -32.65 -15.99
C GLN A 109 4.37 -32.98 -16.30
N PRO A 110 4.11 -33.93 -17.20
CA PRO A 110 2.71 -34.25 -17.50
C PRO A 110 2.04 -34.67 -16.19
N GLU A 111 0.77 -34.32 -16.02
CA GLU A 111 0.06 -34.69 -14.80
C GLU A 111 -1.24 -35.46 -15.05
N ASP A 112 -1.14 -36.72 -15.44
CA ASP A 112 -2.33 -37.51 -15.69
C ASP A 112 -3.17 -37.50 -14.40
N THR A 113 -4.39 -37.01 -14.52
CA THR A 113 -5.30 -36.83 -13.40
C THR A 113 -6.08 -37.97 -12.75
N GLU A 114 -6.86 -37.55 -11.76
CA GLU A 114 -7.76 -38.38 -10.97
C GLU A 114 -9.04 -38.48 -11.81
N SER A 115 -9.31 -37.41 -12.55
CA SER A 115 -10.46 -37.30 -13.46
C SER A 115 -11.82 -37.62 -12.81
N ALA A 116 -11.95 -37.31 -11.52
CA ALA A 116 -13.21 -37.59 -10.81
C ALA A 116 -14.18 -36.41 -10.89
N LEU A 117 -13.70 -35.24 -10.49
CA LEU A 117 -14.51 -34.02 -10.49
C LEU A 117 -14.23 -33.23 -11.76
N LYS A 118 -13.17 -33.63 -12.45
CA LYS A 118 -12.74 -32.96 -13.67
C LYS A 118 -13.84 -32.64 -14.66
N GLN A 119 -14.85 -33.51 -14.72
CA GLN A 119 -15.96 -33.29 -15.63
C GLN A 119 -16.50 -31.87 -15.39
N TRP A 120 -16.96 -31.61 -14.17
CA TRP A 120 -17.47 -30.29 -13.80
C TRP A 120 -16.36 -29.29 -14.10
N ARG A 121 -15.23 -29.52 -13.45
CA ARG A 121 -14.04 -28.69 -13.55
C ARG A 121 -13.74 -28.15 -14.95
N ASP A 122 -13.71 -29.03 -15.94
CA ASP A 122 -13.43 -28.62 -17.32
C ASP A 122 -14.51 -27.73 -17.93
N ALA A 123 -15.75 -27.90 -17.47
CA ALA A 123 -16.87 -27.11 -17.98
C ALA A 123 -16.81 -25.68 -17.41
N CYS A 124 -16.80 -25.59 -16.08
CA CYS A 124 -16.73 -24.30 -15.40
C CYS A 124 -15.55 -23.49 -15.94
N ASP A 125 -14.38 -24.12 -15.94
CA ASP A 125 -13.13 -23.51 -16.39
C ASP A 125 -13.22 -22.62 -17.63
N SER A 126 -13.54 -23.24 -18.76
CA SER A 126 -13.64 -22.49 -20.00
C SER A 126 -14.96 -21.74 -20.16
N ALA A 127 -15.86 -21.95 -19.20
CA ALA A 127 -17.15 -21.24 -19.19
C ALA A 127 -16.84 -19.91 -18.50
N LEU A 128 -15.98 -19.99 -17.49
CA LEU A 128 -15.54 -18.84 -16.72
C LEU A 128 -14.53 -18.08 -17.56
N ARG A 129 -13.70 -18.84 -18.27
CA ARG A 129 -12.68 -18.25 -19.14
C ARG A 129 -13.32 -17.27 -20.11
N ALA A 130 -14.61 -17.46 -20.36
CA ALA A 130 -15.35 -16.58 -21.27
C ALA A 130 -15.76 -15.35 -20.48
N TYR A 131 -16.23 -15.59 -19.25
CA TYR A 131 -16.66 -14.52 -18.37
C TYR A 131 -15.51 -13.51 -18.19
N VAL A 132 -14.32 -14.04 -17.93
CA VAL A 132 -13.13 -13.24 -17.71
C VAL A 132 -12.74 -12.40 -18.92
N LYS A 133 -12.68 -13.02 -20.09
CA LYS A 133 -12.30 -12.29 -21.29
C LYS A 133 -13.28 -11.15 -21.56
N ASP A 134 -14.48 -11.27 -21.01
CA ASP A 134 -15.50 -10.24 -21.21
C ASP A 134 -15.45 -9.11 -20.21
N HIS A 135 -14.89 -9.34 -19.03
CA HIS A 135 -14.87 -8.29 -18.02
C HIS A 135 -13.52 -7.85 -17.46
N TYR A 136 -12.48 -8.64 -17.68
CA TYR A 136 -11.15 -8.27 -17.16
C TYR A 136 -10.15 -8.02 -18.28
N PRO A 137 -9.77 -6.74 -18.50
CA PRO A 137 -8.82 -6.29 -19.53
C PRO A 137 -7.57 -7.13 -19.66
N ASN A 138 -6.93 -7.42 -18.53
CA ASN A 138 -5.71 -8.22 -18.54
C ASN A 138 -5.87 -9.33 -17.52
N GLY A 139 -7.05 -9.94 -17.51
CA GLY A 139 -7.34 -11.00 -16.57
C GLY A 139 -6.96 -12.40 -17.01
N PHE A 140 -6.92 -13.30 -16.03
CA PHE A 140 -6.59 -14.70 -16.25
C PHE A 140 -7.37 -15.47 -15.19
N CYS A 141 -7.64 -16.73 -15.47
CA CYS A 141 -8.39 -17.56 -14.54
C CYS A 141 -7.86 -18.99 -14.46
N THR A 142 -8.14 -19.64 -13.34
CA THR A 142 -7.72 -21.01 -13.11
C THR A 142 -8.76 -21.70 -12.26
N VAL A 143 -9.35 -22.76 -12.79
CA VAL A 143 -10.36 -23.51 -12.06
C VAL A 143 -9.77 -24.81 -11.59
N TYR A 144 -9.93 -25.10 -10.30
CA TYR A 144 -9.40 -26.31 -9.73
C TYR A 144 -10.50 -27.32 -9.42
N GLY A 145 -10.27 -28.55 -9.86
CA GLY A 145 -11.21 -29.63 -9.59
C GLY A 145 -10.50 -30.44 -8.54
N LYS A 146 -11.12 -30.60 -7.38
CA LYS A 146 -10.45 -31.34 -6.31
C LYS A 146 -11.40 -31.96 -5.29
N SER A 147 -10.86 -32.90 -4.53
CA SER A 147 -11.59 -33.58 -3.48
C SER A 147 -11.10 -33.08 -2.12
N ILE A 148 -11.97 -32.39 -1.41
CA ILE A 148 -11.65 -31.84 -0.09
C ILE A 148 -12.34 -32.66 1.00
N ASP A 149 -11.58 -33.56 1.62
CA ASP A 149 -12.05 -34.46 2.67
C ASP A 149 -13.41 -35.10 2.38
N GLY A 150 -13.48 -35.79 1.24
CA GLY A 150 -14.70 -36.47 0.83
C GLY A 150 -15.58 -35.71 -0.14
N GLN A 151 -15.76 -34.42 0.11
CA GLN A 151 -16.63 -33.60 -0.74
C GLN A 151 -15.95 -33.04 -1.98
N GLN A 152 -16.69 -33.01 -3.08
CA GLN A 152 -16.17 -32.49 -4.34
C GLN A 152 -16.40 -31.00 -4.41
N THR A 153 -15.37 -30.28 -4.86
CA THR A 153 -15.47 -28.84 -4.94
C THR A 153 -14.77 -28.25 -6.16
N ILE A 154 -15.39 -27.22 -6.73
CA ILE A 154 -14.82 -26.54 -7.87
C ILE A 154 -14.28 -25.22 -7.33
N ILE A 155 -13.01 -24.92 -7.61
CA ILE A 155 -12.43 -23.68 -7.13
C ILE A 155 -11.93 -22.85 -8.31
N ALA A 156 -12.65 -21.78 -8.58
CA ALA A 156 -12.29 -20.88 -9.66
C ALA A 156 -11.60 -19.65 -9.08
N CYS A 157 -10.41 -19.36 -9.60
CA CYS A 157 -9.64 -18.23 -9.16
C CYS A 157 -9.44 -17.25 -10.32
N ILE A 158 -9.75 -15.98 -10.06
CA ILE A 158 -9.62 -14.94 -11.08
C ILE A 158 -8.65 -13.86 -10.65
N GLU A 159 -7.76 -13.46 -11.56
CA GLU A 159 -6.79 -12.42 -11.27
C GLU A 159 -6.70 -11.43 -12.43
N SER A 160 -6.53 -10.16 -12.09
CA SER A 160 -6.44 -9.09 -13.08
C SER A 160 -5.57 -7.98 -12.48
N HIS A 161 -4.65 -7.43 -13.26
CA HIS A 161 -3.80 -6.37 -12.74
C HIS A 161 -3.31 -5.38 -13.80
N GLN A 162 -2.83 -4.24 -13.30
CA GLN A 162 -2.30 -3.19 -14.14
C GLN A 162 -1.17 -2.54 -13.35
N PHE A 163 0.07 -2.68 -13.83
CA PHE A 163 1.22 -2.10 -13.16
C PHE A 163 1.88 -0.98 -13.95
N GLN A 164 1.93 0.22 -13.36
CA GLN A 164 2.56 1.34 -14.02
C GLN A 164 3.47 2.08 -13.05
N PRO A 165 4.56 1.42 -12.60
CA PRO A 165 5.53 1.98 -11.66
C PRO A 165 6.12 3.33 -12.08
N LYS A 166 6.25 3.55 -13.39
CA LYS A 166 6.80 4.82 -13.84
C LYS A 166 5.85 5.96 -13.56
N ASN A 167 4.58 5.63 -13.34
CA ASN A 167 3.58 6.63 -13.01
C ASN A 167 3.13 6.48 -11.56
N PHE A 168 3.96 5.75 -10.80
CA PHE A 168 3.76 5.48 -9.38
C PHE A 168 2.43 4.88 -8.93
N TRP A 169 1.98 3.83 -9.61
CA TRP A 169 0.75 3.16 -9.21
C TRP A 169 0.64 1.75 -9.76
N ASN A 170 -0.09 0.91 -9.03
CA ASN A 170 -0.31 -0.48 -9.40
C ASN A 170 -1.65 -0.88 -8.82
N GLY A 171 -2.28 -1.86 -9.44
CA GLY A 171 -3.57 -2.34 -8.95
C GLY A 171 -3.75 -3.80 -9.30
N ARG A 172 -4.64 -4.47 -8.58
CA ARG A 172 -4.89 -5.88 -8.85
C ARG A 172 -6.23 -6.31 -8.30
N TRP A 173 -6.88 -7.21 -9.02
CA TRP A 173 -8.15 -7.77 -8.62
C TRP A 173 -7.92 -9.25 -8.35
N ARG A 174 -8.58 -9.77 -7.32
CA ARG A 174 -8.50 -11.18 -6.96
C ARG A 174 -9.85 -11.65 -6.50
N SER A 175 -10.31 -12.75 -7.08
CA SER A 175 -11.59 -13.30 -6.70
C SER A 175 -11.44 -14.81 -6.60
N GLU A 176 -12.00 -15.38 -5.55
CA GLU A 176 -11.91 -16.82 -5.34
C GLU A 176 -13.29 -17.37 -5.00
N TRP A 177 -13.75 -18.32 -5.82
CA TRP A 177 -15.04 -18.94 -5.60
C TRP A 177 -14.92 -20.44 -5.34
N LYS A 178 -15.41 -20.85 -4.17
CA LYS A 178 -15.39 -22.26 -3.76
C LYS A 178 -16.80 -22.83 -3.95
N PHE A 179 -16.92 -23.82 -4.84
CA PHE A 179 -18.21 -24.46 -5.08
C PHE A 179 -18.20 -25.88 -4.54
N THR A 180 -18.90 -26.08 -3.42
CA THR A 180 -18.99 -27.39 -2.78
C THR A 180 -20.31 -28.06 -3.16
N ILE A 181 -20.22 -29.17 -3.89
CA ILE A 181 -21.41 -29.87 -4.37
C ILE A 181 -22.04 -30.89 -3.44
N THR A 182 -23.34 -30.73 -3.27
CA THR A 182 -24.13 -31.60 -2.44
C THR A 182 -25.53 -31.67 -3.06
N PRO A 183 -25.66 -32.39 -4.19
CA PRO A 183 -26.94 -32.52 -4.89
C PRO A 183 -28.09 -32.81 -3.92
N PRO A 184 -29.30 -32.35 -4.25
CA PRO A 184 -29.59 -31.60 -5.48
C PRO A 184 -28.98 -30.18 -5.51
N THR A 185 -29.19 -29.41 -4.44
CA THR A 185 -28.68 -28.05 -4.34
C THR A 185 -27.38 -27.93 -3.51
N ALA A 186 -26.43 -27.14 -4.00
CA ALA A 186 -25.14 -26.93 -3.32
C ALA A 186 -24.97 -25.56 -2.66
N GLN A 187 -23.87 -25.40 -1.94
CA GLN A 187 -23.55 -24.15 -1.24
C GLN A 187 -22.33 -23.45 -1.85
N VAL A 188 -22.39 -22.11 -1.91
CA VAL A 188 -21.30 -21.32 -2.47
C VAL A 188 -20.59 -20.48 -1.41
N ALA A 189 -19.28 -20.28 -1.61
CA ALA A 189 -18.46 -19.49 -0.71
C ALA A 189 -17.40 -18.77 -1.52
N ALA A 190 -17.34 -17.45 -1.39
CA ALA A 190 -16.36 -16.67 -2.14
C ALA A 190 -15.85 -15.45 -1.40
N VAL A 191 -14.82 -14.85 -1.99
CA VAL A 191 -14.19 -13.64 -1.46
C VAL A 191 -13.63 -12.85 -2.62
N LEU A 192 -14.09 -11.61 -2.73
CA LEU A 192 -13.64 -10.71 -3.78
C LEU A 192 -12.63 -9.75 -3.15
N LYS A 193 -11.55 -9.46 -3.86
CA LYS A 193 -10.52 -8.56 -3.33
C LYS A 193 -10.00 -7.56 -4.35
N ILE A 194 -9.77 -6.35 -3.89
CA ILE A 194 -9.25 -5.26 -4.72
C ILE A 194 -8.17 -4.52 -3.95
N GLN A 195 -7.08 -4.21 -4.63
CA GLN A 195 -6.02 -3.44 -4.01
C GLN A 195 -5.40 -2.51 -5.04
N VAL A 196 -5.34 -1.22 -4.69
CA VAL A 196 -4.76 -0.21 -5.56
C VAL A 196 -3.77 0.60 -4.74
N HIS A 197 -2.64 0.96 -5.35
CA HIS A 197 -1.62 1.73 -4.68
C HIS A 197 -1.13 2.86 -5.57
N TYR A 198 -1.18 4.08 -5.04
CA TYR A 198 -0.71 5.28 -5.74
C TYR A 198 0.39 5.81 -4.83
N TYR A 199 1.58 6.05 -5.36
CA TYR A 199 2.66 6.51 -4.49
C TYR A 199 3.58 7.61 -4.98
N GLU A 200 3.06 8.55 -5.74
CA GLU A 200 3.88 9.66 -6.16
C GLU A 200 3.71 10.71 -5.05
N ASP A 201 4.79 10.95 -4.31
CA ASP A 201 4.80 11.92 -3.22
C ASP A 201 3.71 11.64 -2.20
N GLY A 202 3.56 10.37 -1.87
CA GLY A 202 2.55 9.95 -0.92
C GLY A 202 2.39 8.44 -0.94
N ASN A 203 1.38 7.96 -0.21
CA ASN A 203 1.08 6.53 -0.13
C ASN A 203 -0.41 6.42 0.10
N VAL A 204 -1.14 6.15 -0.99
CA VAL A 204 -2.59 6.05 -0.93
C VAL A 204 -2.98 4.65 -1.38
N GLN A 205 -3.88 4.00 -0.65
CA GLN A 205 -4.27 2.67 -1.05
C GLN A 205 -5.70 2.32 -0.82
N LEU A 206 -6.25 1.61 -1.80
CA LEU A 206 -7.60 1.13 -1.71
C LEU A 206 -7.41 -0.33 -1.37
N VAL A 207 -7.97 -0.74 -0.23
CA VAL A 207 -7.92 -2.14 0.19
C VAL A 207 -9.38 -2.47 0.47
N SER A 208 -9.91 -3.42 -0.28
CA SER A 208 -11.30 -3.81 -0.13
C SER A 208 -11.48 -5.29 -0.41
N HIS A 209 -12.49 -5.89 0.20
CA HIS A 209 -12.78 -7.30 -0.01
C HIS A 209 -14.21 -7.58 0.39
N LYS A 210 -14.84 -8.54 -0.28
CA LYS A 210 -16.20 -8.91 0.06
C LYS A 210 -16.34 -10.41 0.16
N ASP A 211 -16.94 -10.87 1.26
CA ASP A 211 -17.14 -12.28 1.50
C ASP A 211 -18.60 -12.62 1.22
N ILE A 212 -18.83 -13.61 0.36
CA ILE A 212 -20.19 -14.01 0.03
C ILE A 212 -20.43 -15.52 0.11
N GLN A 213 -21.63 -15.89 0.55
CA GLN A 213 -22.04 -17.28 0.70
C GLN A 213 -23.41 -17.48 0.06
N ASP A 214 -23.52 -18.41 -0.87
CA ASP A 214 -24.79 -18.65 -1.57
C ASP A 214 -25.20 -20.13 -1.63
N SER A 215 -26.50 -20.37 -1.80
CA SER A 215 -27.04 -21.72 -1.91
C SER A 215 -27.58 -21.93 -3.32
N VAL A 216 -26.91 -22.77 -4.10
CA VAL A 216 -27.28 -23.00 -5.49
C VAL A 216 -27.79 -24.40 -5.86
N GLN A 217 -28.78 -24.44 -6.75
CA GLN A 217 -29.38 -25.68 -7.26
C GLN A 217 -28.45 -26.34 -8.31
N VAL A 218 -28.08 -27.61 -8.09
CA VAL A 218 -27.18 -28.31 -9.00
C VAL A 218 -27.85 -29.26 -10.00
N SER A 219 -27.71 -28.94 -11.29
CA SER A 219 -28.27 -29.73 -12.37
C SER A 219 -27.23 -30.57 -13.12
N SER A 220 -27.02 -30.24 -14.40
CA SER A 220 -26.07 -30.94 -15.27
C SER A 220 -24.62 -30.52 -15.10
N ASP A 221 -23.84 -30.70 -16.16
CA ASP A 221 -22.42 -30.34 -16.16
C ASP A 221 -22.19 -28.99 -16.81
N VAL A 222 -22.69 -28.85 -18.02
CA VAL A 222 -22.55 -27.60 -18.78
C VAL A 222 -23.61 -26.63 -18.26
N GLN A 223 -24.63 -27.16 -17.59
CA GLN A 223 -25.70 -26.33 -17.05
C GLN A 223 -25.37 -25.68 -15.72
N THR A 224 -24.89 -26.47 -14.75
CA THR A 224 -24.55 -25.92 -13.44
C THR A 224 -23.41 -24.93 -13.60
N ALA A 225 -22.55 -25.17 -14.59
CA ALA A 225 -21.41 -24.31 -14.85
C ALA A 225 -21.90 -22.90 -15.21
N LYS A 226 -22.77 -22.82 -16.21
CA LYS A 226 -23.31 -21.53 -16.63
C LYS A 226 -24.12 -20.89 -15.50
N GLU A 227 -24.60 -21.72 -14.58
CA GLU A 227 -25.38 -21.22 -13.45
C GLU A 227 -24.39 -20.53 -12.52
N PHE A 228 -23.21 -21.10 -12.42
CA PHE A 228 -22.15 -20.55 -11.57
C PHE A 228 -21.62 -19.24 -12.15
N ILE A 229 -21.11 -19.32 -13.36
CA ILE A 229 -20.58 -18.14 -14.04
C ILE A 229 -21.60 -17.01 -13.93
N LYS A 230 -22.86 -17.38 -13.76
CA LYS A 230 -23.94 -16.40 -13.63
C LYS A 230 -23.94 -15.83 -12.20
N ILE A 231 -23.76 -16.71 -11.22
CA ILE A 231 -23.73 -16.32 -9.82
C ILE A 231 -22.63 -15.29 -9.67
N ILE A 232 -21.44 -15.69 -10.11
CA ILE A 232 -20.24 -14.86 -10.05
C ILE A 232 -20.43 -13.52 -10.74
N GLU A 233 -20.86 -13.55 -12.00
CA GLU A 233 -21.08 -12.33 -12.77
C GLU A 233 -21.95 -11.34 -12.02
N ASN A 234 -23.07 -11.83 -11.48
CA ASN A 234 -23.98 -10.95 -10.75
C ASN A 234 -23.40 -10.44 -9.43
N ALA A 235 -22.65 -11.30 -8.74
CA ALA A 235 -22.08 -10.92 -7.46
C ALA A 235 -20.94 -9.92 -7.64
N GLU A 236 -20.10 -10.15 -8.63
CA GLU A 236 -18.96 -9.27 -8.88
C GLU A 236 -19.40 -7.94 -9.49
N ASN A 237 -20.49 -7.95 -10.26
CA ASN A 237 -20.98 -6.70 -10.85
C ASN A 237 -21.59 -5.88 -9.72
N GLU A 238 -22.24 -6.58 -8.79
CA GLU A 238 -22.86 -5.95 -7.63
C GLU A 238 -21.79 -5.35 -6.72
N TYR A 239 -20.69 -6.08 -6.55
CA TYR A 239 -19.58 -5.63 -5.72
C TYR A 239 -18.96 -4.40 -6.33
N GLN A 240 -18.61 -4.49 -7.62
CA GLN A 240 -18.01 -3.37 -8.33
C GLN A 240 -18.95 -2.18 -8.29
N THR A 241 -20.24 -2.43 -8.49
CA THR A 241 -21.24 -1.37 -8.47
C THR A 241 -21.26 -0.64 -7.13
N ALA A 242 -21.27 -1.40 -6.05
CA ALA A 242 -21.27 -0.83 -4.71
C ALA A 242 -20.00 -0.01 -4.45
N ILE A 243 -18.92 -0.37 -5.14
CA ILE A 243 -17.65 0.33 -4.99
C ILE A 243 -17.66 1.69 -5.70
N SER A 244 -18.20 1.75 -6.91
CA SER A 244 -18.25 3.01 -7.65
C SER A 244 -19.19 3.96 -6.93
N GLU A 245 -20.23 3.40 -6.30
CA GLU A 245 -21.18 4.20 -5.55
C GLU A 245 -20.48 4.79 -4.32
N ASN A 246 -19.75 3.93 -3.61
CA ASN A 246 -19.03 4.37 -2.43
C ASN A 246 -18.08 5.52 -2.80
N TYR A 247 -17.43 5.38 -3.95
CA TYR A 247 -16.52 6.43 -4.43
C TYR A 247 -17.30 7.73 -4.59
N GLN A 248 -18.51 7.61 -5.13
CA GLN A 248 -19.35 8.77 -5.36
C GLN A 248 -19.72 9.50 -4.08
N THR A 249 -20.15 8.75 -3.07
CA THR A 249 -20.53 9.35 -1.80
C THR A 249 -19.32 9.96 -1.09
N MET A 250 -18.22 9.21 -1.03
CA MET A 250 -17.02 9.71 -0.40
C MET A 250 -16.62 11.05 -0.98
N SER A 251 -16.68 11.16 -2.30
CA SER A 251 -16.28 12.40 -2.97
C SER A 251 -17.28 13.54 -2.90
N ASP A 252 -18.58 13.24 -2.82
CA ASP A 252 -19.57 14.32 -2.77
C ASP A 252 -20.21 14.58 -1.41
N THR A 253 -19.90 13.73 -0.44
CA THR A 253 -20.48 13.88 0.90
C THR A 253 -19.44 13.83 2.02
N THR A 254 -18.74 12.71 2.13
CA THR A 254 -17.76 12.55 3.19
C THR A 254 -16.59 13.53 3.07
N PHE A 255 -15.94 13.57 1.91
CA PHE A 255 -14.81 14.46 1.70
C PHE A 255 -15.13 15.93 1.97
N LYS A 256 -16.30 16.39 1.50
CA LYS A 256 -16.69 17.78 1.71
C LYS A 256 -17.02 18.07 3.16
N ALA A 257 -17.38 17.04 3.93
CA ALA A 257 -17.70 17.22 5.34
C ALA A 257 -16.42 17.33 6.18
N LEU A 258 -15.28 17.02 5.58
CA LEU A 258 -14.02 17.11 6.33
C LEU A 258 -13.49 18.53 6.32
N ARG A 259 -12.91 18.96 5.20
CA ARG A 259 -12.40 20.33 5.08
C ARG A 259 -13.11 21.05 3.93
N ARG A 260 -13.49 22.30 4.16
CA ARG A 260 -14.14 23.12 3.15
C ARG A 260 -13.09 23.43 2.11
N GLN A 261 -13.53 23.94 0.97
CA GLN A 261 -12.62 24.33 -0.09
C GLN A 261 -12.18 25.77 0.22
N LEU A 262 -13.12 26.56 0.74
CA LEU A 262 -12.87 27.96 1.14
C LEU A 262 -13.49 28.20 2.51
N PRO A 263 -12.96 29.19 3.27
CA PRO A 263 -13.48 29.50 4.60
C PRO A 263 -14.94 29.86 4.60
N VAL A 264 -15.54 29.79 5.78
CA VAL A 264 -16.95 30.14 5.94
C VAL A 264 -17.09 31.61 5.51
N THR A 265 -16.07 32.41 5.81
CA THR A 265 -16.08 33.81 5.43
C THR A 265 -16.10 33.96 3.91
N ARG A 266 -15.89 32.85 3.21
CA ARG A 266 -15.92 32.80 1.75
C ARG A 266 -14.83 33.55 0.98
N THR A 267 -13.73 33.83 1.66
CA THR A 267 -12.58 34.50 1.07
C THR A 267 -11.39 33.98 1.86
N LYS A 268 -10.21 34.00 1.28
CA LYS A 268 -9.07 33.51 2.03
C LYS A 268 -8.96 34.26 3.35
N ILE A 269 -8.30 33.64 4.31
CA ILE A 269 -8.15 34.20 5.62
C ILE A 269 -7.35 35.50 5.72
N ASP A 270 -7.85 36.40 6.55
CA ASP A 270 -7.20 37.68 6.81
C ASP A 270 -6.43 37.43 8.11
N TRP A 271 -5.18 37.01 7.97
CA TRP A 271 -4.37 36.70 9.10
C TRP A 271 -4.10 37.86 10.04
N ASN A 272 -4.08 39.07 9.51
CA ASN A 272 -3.84 40.23 10.37
C ASN A 272 -5.03 40.36 11.31
N LYS A 273 -6.21 40.01 10.81
CA LYS A 273 -7.42 40.06 11.60
C LYS A 273 -7.47 38.95 12.64
N ILE A 274 -6.94 37.79 12.31
CA ILE A 274 -6.93 36.68 13.26
C ILE A 274 -5.95 36.95 14.40
N LEU A 275 -4.85 37.63 14.09
CA LEU A 275 -3.83 37.92 15.08
C LEU A 275 -4.10 39.06 16.05
N SER A 276 -5.26 39.71 15.93
CA SER A 276 -5.58 40.81 16.85
C SER A 276 -7.04 40.95 17.23
N TYR A 277 -7.92 41.08 16.24
CA TYR A 277 -9.37 41.19 16.38
C TYR A 277 -10.16 40.06 17.05
N LYS A 278 -10.67 40.39 18.23
CA LYS A 278 -11.36 39.44 19.12
C LYS A 278 -12.79 39.80 19.53
N ILE A 279 -13.55 38.77 19.83
CA ILE A 279 -14.99 38.87 20.13
C ILE A 279 -15.11 39.60 21.46
N GLY A 280 -14.05 39.46 22.24
CA GLY A 280 -13.97 39.97 23.59
C GLY A 280 -12.77 39.21 24.13
N LYS A 281 -11.66 39.90 24.33
CA LYS A 281 -10.49 39.29 24.95
C LYS A 281 -10.13 38.02 24.18
N SER B 2 23.78 3.18 7.52
CA SER B 2 22.43 3.15 8.14
C SER B 2 21.54 4.29 7.65
N ASP B 3 22.09 5.15 6.80
CA ASP B 3 21.33 6.25 6.25
C ASP B 3 20.52 5.66 5.10
N GLN B 4 21.07 4.61 4.50
CA GLN B 4 20.42 3.90 3.42
C GLN B 4 19.30 3.12 4.09
N GLN B 5 19.53 2.75 5.35
CA GLN B 5 18.55 2.01 6.12
C GLN B 5 17.34 2.89 6.36
N LEU B 6 17.57 4.11 6.83
CA LEU B 6 16.49 5.03 7.07
C LEU B 6 15.78 5.24 5.74
N ASP B 7 16.54 5.43 4.67
CA ASP B 7 15.97 5.60 3.35
C ASP B 7 15.11 4.39 3.03
N CYS B 8 15.63 3.20 3.30
CA CYS B 8 14.88 1.98 3.05
C CYS B 8 13.67 1.87 3.93
N ALA B 9 13.78 2.37 5.15
CA ALA B 9 12.66 2.31 6.09
C ALA B 9 11.52 3.20 5.60
N LEU B 10 11.88 4.38 5.09
CA LEU B 10 10.89 5.32 4.59
C LEU B 10 10.24 4.82 3.30
N ASP B 11 11.02 4.18 2.44
CA ASP B 11 10.49 3.63 1.18
C ASP B 11 9.47 2.55 1.53
N LEU B 12 9.81 1.71 2.51
CA LEU B 12 8.93 0.62 2.93
C LEU B 12 7.57 1.14 3.42
N MET B 13 7.58 2.19 4.24
CA MET B 13 6.35 2.76 4.76
C MET B 13 5.55 3.44 3.64
N ARG B 14 6.24 3.75 2.55
CA ARG B 14 5.59 4.36 1.41
C ARG B 14 4.91 3.25 0.56
N ARG B 15 5.08 1.99 0.96
CA ARG B 15 4.48 0.88 0.20
C ARG B 15 3.55 -0.04 1.00
N LEU B 16 3.82 -0.25 2.28
CA LEU B 16 2.93 -1.10 3.06
C LEU B 16 1.63 -0.33 3.25
N PRO B 17 0.52 -1.05 3.42
CA PRO B 17 -0.80 -0.45 3.61
C PRO B 17 -0.75 0.62 4.69
N PRO B 18 -1.07 1.89 4.34
CA PRO B 18 -1.04 2.95 5.35
C PRO B 18 -2.03 2.68 6.48
N GLN B 19 -3.02 1.85 6.22
CA GLN B 19 -4.01 1.50 7.24
C GLN B 19 -3.36 0.86 8.48
N GLN B 20 -2.19 0.24 8.31
CA GLN B 20 -1.50 -0.39 9.45
C GLN B 20 -0.19 0.29 9.82
N ILE B 21 -0.09 1.59 9.58
CA ILE B 21 1.14 2.30 9.89
C ILE B 21 1.61 2.05 11.32
N GLU B 22 0.70 2.12 12.28
CA GLU B 22 1.03 1.92 13.69
C GLU B 22 1.69 0.58 14.00
N LYS B 23 1.05 -0.51 13.63
CA LYS B 23 1.62 -1.83 13.86
C LYS B 23 2.92 -2.00 13.09
N ASN B 24 2.93 -1.63 11.81
CA ASN B 24 4.14 -1.78 11.01
C ASN B 24 5.34 -0.94 11.46
N LEU B 25 5.08 0.28 11.94
CA LEU B 25 6.17 1.16 12.39
C LEU B 25 6.81 0.55 13.63
N SER B 26 5.97 0.01 14.50
CA SER B 26 6.41 -0.63 15.71
C SER B 26 7.31 -1.81 15.35
N ASP B 27 6.85 -2.64 14.41
CA ASP B 27 7.62 -3.79 13.97
C ASP B 27 8.91 -3.34 13.33
N LEU B 28 8.83 -2.26 12.55
CA LEU B 28 9.99 -1.73 11.88
C LEU B 28 11.05 -1.34 12.93
N ILE B 29 10.59 -0.80 14.05
CA ILE B 29 11.51 -0.41 15.11
C ILE B 29 12.11 -1.65 15.79
N ASP B 30 11.30 -2.70 15.94
CA ASP B 30 11.77 -3.96 16.54
C ASP B 30 12.93 -4.46 15.69
N LEU B 31 12.74 -4.38 14.38
CA LEU B 31 13.73 -4.81 13.41
C LEU B 31 15.00 -3.97 13.42
N VAL B 32 14.87 -2.67 13.63
CA VAL B 32 16.03 -1.78 13.66
C VAL B 32 15.93 -0.76 14.79
N PRO B 33 16.04 -1.22 16.05
CA PRO B 33 15.96 -0.40 17.26
C PRO B 33 16.81 0.87 17.34
N SER B 34 17.88 0.94 16.56
CA SER B 34 18.73 2.12 16.58
C SER B 34 18.10 3.27 15.81
N LEU B 35 17.15 2.95 14.94
CA LEU B 35 16.47 3.96 14.13
C LEU B 35 15.17 4.46 14.75
N CYS B 36 14.87 3.99 15.96
CA CYS B 36 13.65 4.35 16.66
C CYS B 36 13.35 5.84 16.70
N GLU B 37 14.32 6.64 17.13
CA GLU B 37 14.11 8.07 17.21
C GLU B 37 13.91 8.69 15.83
N ASP B 38 14.74 8.29 14.86
CA ASP B 38 14.63 8.82 13.50
C ASP B 38 13.32 8.47 12.83
N LEU B 39 12.78 7.29 13.11
CA LEU B 39 11.54 6.86 12.50
C LEU B 39 10.33 7.52 13.16
N LEU B 40 10.38 7.67 14.47
CA LEU B 40 9.28 8.32 15.15
C LEU B 40 9.14 9.76 14.68
N SER B 41 10.23 10.36 14.22
CA SER B 41 10.14 11.74 13.79
C SER B 41 9.89 11.88 12.29
N SER B 42 10.31 10.90 11.50
CA SER B 42 10.12 11.01 10.05
C SER B 42 8.92 10.26 9.46
N VAL B 43 8.35 9.32 10.23
CA VAL B 43 7.20 8.56 9.75
C VAL B 43 5.88 9.09 10.32
N ASP B 44 5.07 9.69 9.45
CA ASP B 44 3.79 10.24 9.84
C ASP B 44 2.82 9.13 10.20
N GLN B 45 2.14 9.27 11.33
CA GLN B 45 1.16 8.26 11.69
C GLN B 45 -0.17 8.91 12.05
N PRO B 46 -1.27 8.15 11.90
CA PRO B 46 -2.61 8.66 12.21
C PRO B 46 -2.51 9.46 13.51
N LEU B 47 -3.14 10.62 13.56
CA LEU B 47 -3.06 11.46 14.74
C LEU B 47 -3.93 10.95 15.90
N LYS B 48 -3.32 10.89 17.08
CA LYS B 48 -3.99 10.45 18.30
C LYS B 48 -4.41 11.65 19.13
N ILE B 49 -5.58 11.56 19.74
CA ILE B 49 -6.12 12.61 20.59
C ILE B 49 -5.87 12.24 22.04
N ALA B 50 -5.57 13.24 22.85
CA ALA B 50 -5.33 13.07 24.28
C ALA B 50 -6.16 14.14 24.97
N ARG B 51 -6.56 13.87 26.21
CA ARG B 51 -7.39 14.83 26.92
C ARG B 51 -6.59 15.58 27.98
N ASP B 52 -6.65 16.91 27.93
CA ASP B 52 -5.97 17.70 28.94
C ASP B 52 -7.06 17.83 30.00
N LYS B 53 -6.84 17.17 31.12
CA LYS B 53 -7.81 17.17 32.22
C LYS B 53 -7.94 18.51 32.93
N VAL B 54 -6.82 19.16 33.22
CA VAL B 54 -6.88 20.44 33.93
C VAL B 54 -7.65 21.53 33.17
N VAL B 55 -7.60 21.49 31.85
CA VAL B 55 -8.28 22.48 31.01
C VAL B 55 -9.54 21.93 30.36
N GLY B 56 -9.72 20.62 30.38
CA GLY B 56 -10.90 20.01 29.77
C GLY B 56 -10.92 20.17 28.25
N LYS B 57 -9.75 20.03 27.62
CA LYS B 57 -9.65 20.17 26.17
C LYS B 57 -8.73 19.12 25.55
N ASP B 58 -9.10 18.65 24.37
CA ASP B 58 -8.30 17.66 23.67
C ASP B 58 -7.13 18.34 22.98
N TYR B 59 -6.08 17.57 22.75
CA TYR B 59 -4.90 18.04 22.05
C TYR B 59 -4.40 16.85 21.27
N LEU B 60 -3.58 17.10 20.25
CA LEU B 60 -3.08 16.03 19.40
C LEU B 60 -1.65 15.62 19.72
N LEU B 61 -1.37 14.34 19.51
CA LEU B 61 -0.05 13.80 19.79
C LEU B 61 0.83 13.61 18.56
N CYS B 62 2.11 13.91 18.73
CA CYS B 62 3.10 13.73 17.66
C CYS B 62 4.47 13.67 18.33
N ASP B 63 5.48 13.30 17.55
CA ASP B 63 6.83 13.18 18.05
C ASP B 63 7.35 14.51 18.59
N TYR B 64 6.85 15.61 18.06
CA TYR B 64 7.32 16.93 18.45
C TYR B 64 6.88 17.50 19.80
N ASN B 65 5.88 16.88 20.44
CA ASN B 65 5.47 17.34 21.77
C ASN B 65 5.68 16.18 22.73
N ARG B 66 6.49 15.23 22.31
CA ARG B 66 6.80 14.04 23.11
C ARG B 66 8.16 14.10 23.78
N ASP B 67 8.22 13.58 25.00
CA ASP B 67 9.49 13.49 25.73
C ASP B 67 9.44 12.13 26.41
N GLY B 68 10.24 11.19 25.91
CA GLY B 68 10.21 9.86 26.48
C GLY B 68 8.85 9.24 26.17
N ASP B 69 8.15 8.81 27.22
CA ASP B 69 6.84 8.18 27.08
C ASP B 69 5.66 9.12 27.37
N SER B 70 5.94 10.42 27.53
CA SER B 70 4.89 11.40 27.81
C SER B 70 4.76 12.47 26.72
N TYR B 71 3.61 13.15 26.71
CA TYR B 71 3.36 14.20 25.73
C TYR B 71 2.94 15.49 26.44
N ARG B 72 3.37 16.61 25.87
CA ARG B 72 3.09 17.93 26.44
C ARG B 72 1.81 18.54 25.87
N SER B 73 0.90 18.95 26.75
CA SER B 73 -0.33 19.58 26.31
C SER B 73 -0.03 21.02 25.87
N PRO B 74 -0.63 21.47 24.77
CA PRO B 74 -0.39 22.83 24.29
C PRO B 74 -1.22 23.83 25.08
N TRP B 75 -2.16 23.32 25.87
CA TRP B 75 -3.02 24.17 26.67
C TRP B 75 -2.43 24.49 28.04
N SER B 76 -2.08 23.46 28.79
CA SER B 76 -1.53 23.66 30.14
C SER B 76 0.00 23.61 30.20
N ASN B 77 0.62 23.30 29.07
CA ASN B 77 2.07 23.20 28.99
C ASN B 77 2.61 22.18 30.00
N LYS B 78 1.82 21.14 30.24
CA LYS B 78 2.18 20.08 31.18
C LYS B 78 2.24 18.72 30.47
N TYR B 79 3.08 17.83 30.98
CA TYR B 79 3.23 16.49 30.41
C TYR B 79 2.30 15.43 31.00
N ASP B 80 1.89 14.50 30.14
CA ASP B 80 1.02 13.42 30.56
C ASP B 80 1.40 12.17 29.78
N PRO B 81 1.68 11.05 30.48
CA PRO B 81 1.65 10.98 31.94
C PRO B 81 2.65 11.95 32.56
N PRO B 82 2.46 12.32 33.84
CA PRO B 82 3.35 13.25 34.55
C PRO B 82 4.85 12.94 34.50
N LEU B 83 5.63 13.98 34.24
CA LEU B 83 7.09 13.93 34.17
C LEU B 83 7.63 14.98 35.13
N GLU B 84 8.89 14.82 35.53
CA GLU B 84 9.51 15.76 36.46
C GLU B 84 10.13 16.99 35.80
N ASP B 85 11.08 16.76 34.89
CA ASP B 85 11.78 17.85 34.19
C ASP B 85 11.66 17.71 32.67
N GLY B 86 10.43 17.60 32.18
CA GLY B 86 10.21 17.47 30.75
C GLY B 86 10.65 18.67 29.92
N ALA B 87 11.04 18.40 28.68
CA ALA B 87 11.48 19.45 27.77
C ALA B 87 10.35 20.46 27.55
N MET B 88 10.66 21.74 27.76
CA MET B 88 9.68 22.81 27.60
C MET B 88 10.25 23.92 26.73
N PRO B 89 9.38 24.60 25.99
CA PRO B 89 9.94 25.68 25.16
C PRO B 89 10.31 26.80 26.14
N SER B 90 11.12 27.75 25.68
CA SER B 90 11.49 28.86 26.55
C SER B 90 10.20 29.66 26.84
N ALA B 91 10.21 30.46 27.89
CA ALA B 91 9.04 31.25 28.26
C ALA B 91 8.58 32.14 27.09
N ARG B 92 9.54 32.70 26.37
CA ARG B 92 9.24 33.57 25.22
C ARG B 92 8.70 32.81 24.01
N LEU B 93 9.20 31.60 23.77
CA LEU B 93 8.70 30.79 22.67
C LEU B 93 7.33 30.24 23.06
N ARG B 94 7.18 29.87 24.33
CA ARG B 94 5.89 29.37 24.83
C ARG B 94 4.79 30.40 24.54
N LYS B 95 5.09 31.68 24.77
CA LYS B 95 4.10 32.73 24.53
C LYS B 95 3.68 32.75 23.05
N LEU B 96 4.66 32.65 22.16
CA LEU B 96 4.38 32.61 20.73
C LEU B 96 3.60 31.33 20.41
N GLU B 97 3.88 30.27 21.16
CA GLU B 97 3.21 28.99 20.95
C GLU B 97 1.74 29.11 21.30
N VAL B 98 1.45 29.85 22.36
CA VAL B 98 0.08 30.05 22.81
C VAL B 98 -0.67 30.81 21.73
N GLU B 99 -0.03 31.85 21.22
CA GLU B 99 -0.62 32.66 20.16
C GLU B 99 -0.81 31.86 18.86
N ALA B 100 0.14 30.98 18.53
CA ALA B 100 0.02 30.17 17.31
C ALA B 100 -1.17 29.21 17.48
N ASN B 101 -1.32 28.62 18.66
CA ASN B 101 -2.44 27.72 18.90
C ASN B 101 -3.76 28.47 18.75
N ASN B 102 -3.83 29.68 19.29
CA ASN B 102 -5.06 30.44 19.18
C ASN B 102 -5.38 30.80 17.72
N ALA B 103 -4.37 31.22 16.97
CA ALA B 103 -4.56 31.59 15.57
C ALA B 103 -5.02 30.41 14.72
N PHE B 104 -4.41 29.24 14.94
CA PHE B 104 -4.78 28.07 14.16
C PHE B 104 -6.10 27.44 14.60
N ASP B 105 -6.53 27.73 15.81
CA ASP B 105 -7.82 27.28 16.31
C ASP B 105 -8.86 27.98 15.43
N GLN B 106 -8.64 29.27 15.17
CA GLN B 106 -9.55 30.04 14.33
C GLN B 106 -9.46 29.52 12.91
N TYR B 107 -8.23 29.29 12.45
CA TYR B 107 -8.00 28.74 11.11
C TYR B 107 -8.77 27.41 10.96
N ARG B 108 -8.66 26.56 11.96
CA ARG B 108 -9.34 25.26 11.93
C ARG B 108 -10.87 25.41 11.84
N ASP B 109 -11.42 26.26 12.70
CA ASP B 109 -12.87 26.46 12.70
C ASP B 109 -13.37 27.03 11.38
N LEU B 110 -12.60 27.92 10.78
CA LEU B 110 -12.96 28.57 9.51
C LEU B 110 -12.95 27.63 8.30
N TYR B 111 -11.99 26.70 8.27
CA TYR B 111 -11.89 25.76 7.17
C TYR B 111 -12.46 24.35 7.42
N PHE B 112 -12.47 23.91 8.68
CA PHE B 112 -12.97 22.57 9.02
C PHE B 112 -14.25 22.59 9.84
N GLU B 113 -14.61 23.75 10.39
CA GLU B 113 -15.81 23.87 11.21
C GLU B 113 -15.90 22.80 12.30
N GLY B 114 -14.79 22.52 12.96
CA GLY B 114 -14.80 21.52 14.01
C GLY B 114 -13.44 20.85 14.08
N GLY B 115 -13.38 19.67 14.67
CA GLY B 115 -12.12 18.96 14.79
C GLY B 115 -11.24 19.54 15.87
N VAL B 116 -9.98 19.12 15.89
CA VAL B 116 -9.01 19.56 16.90
C VAL B 116 -7.73 20.02 16.25
N SER B 117 -7.06 21.01 16.85
CA SER B 117 -5.79 21.49 16.32
C SER B 117 -4.80 21.63 17.47
N SER B 118 -3.51 21.56 17.16
CA SER B 118 -2.47 21.68 18.16
C SER B 118 -1.21 22.17 17.47
N VAL B 119 -0.53 23.13 18.09
CA VAL B 119 0.71 23.68 17.53
C VAL B 119 1.78 23.57 18.61
N TYR B 120 2.95 23.07 18.22
CA TYR B 120 4.06 22.95 19.15
C TYR B 120 5.24 23.58 18.46
N LEU B 121 6.00 24.37 19.20
CA LEU B 121 7.17 25.04 18.66
C LEU B 121 8.44 24.63 19.40
N TRP B 122 9.59 24.88 18.77
CA TRP B 122 10.88 24.62 19.39
C TRP B 122 11.93 25.53 18.77
N ASP B 123 12.91 25.93 19.56
CA ASP B 123 13.96 26.81 19.08
C ASP B 123 15.04 26.08 18.29
N LEU B 124 15.65 26.80 17.35
CA LEU B 124 16.73 26.27 16.53
C LEU B 124 17.91 27.19 16.74
N ASP B 125 19.04 26.91 16.10
CA ASP B 125 20.24 27.74 16.24
C ASP B 125 20.04 29.18 15.78
N HIS B 126 19.53 29.37 14.57
CA HIS B 126 19.31 30.72 14.07
C HIS B 126 17.86 30.93 13.62
N GLY B 127 16.94 30.37 14.38
CA GLY B 127 15.53 30.50 14.06
C GLY B 127 14.74 29.60 14.97
N PHE B 128 13.62 29.09 14.46
CA PHE B 128 12.80 28.19 15.24
C PHE B 128 11.96 27.32 14.30
N ALA B 129 11.31 26.31 14.85
CA ALA B 129 10.49 25.43 14.04
C ALA B 129 9.19 25.17 14.78
N GLY B 130 8.24 24.57 14.09
CA GLY B 130 6.98 24.26 14.72
C GLY B 130 6.21 23.24 13.91
N VAL B 131 5.23 22.62 14.55
CA VAL B 131 4.39 21.66 13.86
C VAL B 131 2.97 22.08 14.13
N ILE B 132 2.15 22.07 13.07
CA ILE B 132 0.74 22.40 13.19
C ILE B 132 -0.03 21.11 12.91
N LEU B 133 -0.84 20.71 13.88
CA LEU B 133 -1.61 19.48 13.77
C LEU B 133 -3.10 19.77 13.72
N ILE B 134 -3.80 19.13 12.78
CA ILE B 134 -5.23 19.28 12.67
C ILE B 134 -5.88 17.93 12.41
N LYS B 135 -6.94 17.64 13.15
CA LYS B 135 -7.65 16.38 12.97
C LYS B 135 -9.12 16.70 12.91
N LYS B 136 -9.79 16.19 11.89
CA LYS B 136 -11.22 16.39 11.70
C LYS B 136 -11.86 15.07 11.23
N ALA B 137 -12.79 14.56 12.04
CA ALA B 137 -13.52 13.34 11.75
C ALA B 137 -14.95 13.70 11.37
N GLY B 138 -15.49 13.05 10.34
CA GLY B 138 -16.84 13.37 9.90
C GLY B 138 -17.97 12.78 10.72
N ASP B 139 -19.20 12.94 10.23
CA ASP B 139 -20.41 12.43 10.87
C ASP B 139 -20.29 10.96 11.26
N GLY B 140 -20.27 10.71 12.57
CA GLY B 140 -20.14 9.34 13.03
C GLY B 140 -21.41 8.53 12.81
N SER B 141 -22.46 9.18 12.30
CA SER B 141 -23.73 8.51 12.06
C SER B 141 -23.89 7.99 10.63
N LYS B 142 -23.02 8.42 9.74
CA LYS B 142 -23.12 7.99 8.36
C LYS B 142 -22.39 6.70 8.01
N LYS B 143 -22.97 5.97 7.06
CA LYS B 143 -22.45 4.71 6.56
C LYS B 143 -20.97 4.77 6.26
N ILE B 144 -20.52 5.91 5.75
CA ILE B 144 -19.12 6.09 5.41
C ILE B 144 -18.40 7.00 6.39
N LYS B 145 -17.31 6.48 6.96
CA LYS B 145 -16.51 7.24 7.93
C LYS B 145 -15.34 7.91 7.20
N GLY B 146 -14.95 9.08 7.70
CA GLY B 146 -13.86 9.81 7.08
C GLY B 146 -13.09 10.58 8.13
N CYS B 147 -11.79 10.74 7.91
CA CYS B 147 -10.94 11.47 8.85
C CYS B 147 -9.80 12.13 8.10
N TRP B 148 -9.56 13.39 8.45
CA TRP B 148 -8.51 14.20 7.86
C TRP B 148 -7.49 14.53 8.92
N ASP B 149 -6.23 14.23 8.63
CA ASP B 149 -5.13 14.51 9.54
C ASP B 149 -4.16 15.46 8.84
N SER B 150 -3.96 16.65 9.39
CA SER B 150 -3.00 17.60 8.83
C SER B 150 -1.75 17.59 9.69
N ILE B 151 -0.58 17.50 9.05
CA ILE B 151 0.69 17.51 9.77
C ILE B 151 1.61 18.45 9.02
N HIS B 152 1.74 19.67 9.56
CA HIS B 152 2.58 20.71 8.95
C HIS B 152 3.81 20.98 9.79
N VAL B 153 4.99 20.83 9.20
CA VAL B 153 6.21 21.10 9.93
C VAL B 153 6.89 22.27 9.21
N VAL B 154 7.09 23.36 9.92
CA VAL B 154 7.70 24.53 9.34
C VAL B 154 8.99 24.90 10.05
N GLU B 155 9.98 25.28 9.25
CA GLU B 155 11.28 25.69 9.77
C GLU B 155 11.46 27.14 9.38
N VAL B 156 11.75 27.99 10.35
CA VAL B 156 11.92 29.40 10.08
C VAL B 156 13.38 29.84 10.29
N GLN B 157 14.00 30.31 9.21
CA GLN B 157 15.37 30.79 9.25
C GLN B 157 15.31 32.31 9.34
N GLU B 158 15.66 32.83 10.50
CA GLU B 158 15.62 34.26 10.73
C GLU B 158 16.90 34.92 10.22
N LYS B 159 16.75 36.08 9.57
CA LYS B 159 17.89 36.80 9.03
C LYS B 159 18.37 37.86 10.00
N SER B 160 19.69 37.89 10.22
CA SER B 160 20.31 38.85 11.13
C SER B 160 19.80 40.25 10.81
N SER B 161 20.05 40.68 9.59
CA SER B 161 19.61 41.99 9.14
C SER B 161 18.50 41.85 8.12
N GLY B 162 17.39 42.54 8.33
CA GLY B 162 16.32 42.47 7.35
C GLY B 162 14.87 42.29 7.79
N ARG B 163 14.62 41.37 8.70
CA ARG B 163 13.25 41.07 9.07
C ARG B 163 12.55 40.70 7.77
N THR B 164 13.09 39.60 7.26
CA THR B 164 12.69 38.93 6.05
C THR B 164 13.19 37.59 6.59
N ALA B 165 12.43 36.53 6.40
CA ALA B 165 12.88 35.25 6.93
C ALA B 165 12.70 34.18 5.87
N HIS B 166 13.37 33.06 6.08
CA HIS B 166 13.25 31.97 5.13
C HIS B 166 12.32 30.94 5.78
N TYR B 167 11.26 30.59 5.08
CA TYR B 167 10.33 29.60 5.58
C TYR B 167 10.38 28.35 4.73
N LYS B 168 10.47 27.19 5.39
CA LYS B 168 10.47 25.89 4.73
C LYS B 168 9.32 25.11 5.35
N LEU B 169 8.31 24.81 4.54
CA LEU B 169 7.15 24.07 5.01
C LEU B 169 7.01 22.71 4.35
N THR B 170 6.95 21.66 5.16
CA THR B 170 6.78 20.31 4.65
C THR B 170 5.45 19.88 5.24
N SER B 171 4.49 19.63 4.37
CA SER B 171 3.14 19.27 4.79
C SER B 171 2.65 17.91 4.32
N THR B 172 1.93 17.23 5.21
CA THR B 172 1.34 15.94 4.87
C THR B 172 -0.11 15.93 5.32
N VAL B 173 -0.99 15.53 4.41
CA VAL B 173 -2.39 15.40 4.77
C VAL B 173 -2.70 13.91 4.65
N MET B 174 -3.19 13.33 5.73
CA MET B 174 -3.56 11.93 5.76
C MET B 174 -5.08 11.90 5.68
N LEU B 175 -5.61 11.26 4.65
CA LEU B 175 -7.05 11.16 4.45
C LEU B 175 -7.47 9.70 4.50
N TRP B 176 -8.36 9.41 5.45
CA TRP B 176 -8.87 8.07 5.69
C TRP B 176 -10.36 7.99 5.44
N LEU B 177 -10.76 7.01 4.62
CA LEU B 177 -12.16 6.80 4.30
C LEU B 177 -12.43 5.31 4.46
N GLN B 178 -13.52 4.96 5.13
CA GLN B 178 -13.87 3.56 5.37
C GLN B 178 -15.37 3.34 5.40
N THR B 179 -15.79 2.16 4.95
CA THR B 179 -17.21 1.80 4.95
C THR B 179 -17.42 0.29 5.10
N ASN B 180 -18.42 -0.08 5.90
CA ASN B 180 -18.78 -1.47 6.12
C ASN B 180 -20.24 -1.65 5.67
N LYS B 181 -20.45 -1.67 4.37
CA LYS B 181 -21.79 -1.82 3.83
C LYS B 181 -21.95 -3.15 3.11
N THR B 182 -23.11 -3.77 3.27
CA THR B 182 -23.42 -5.06 2.65
C THR B 182 -22.84 -5.21 1.25
N GLY B 183 -23.29 -4.34 0.34
CA GLY B 183 -22.83 -4.39 -1.04
C GLY B 183 -21.35 -4.24 -1.30
N SER B 184 -20.63 -3.60 -0.40
CA SER B 184 -19.19 -3.40 -0.60
C SER B 184 -18.32 -4.18 0.37
N GLY B 185 -18.94 -4.82 1.35
CA GLY B 185 -18.17 -5.54 2.35
C GLY B 185 -17.37 -4.50 3.08
N THR B 186 -16.05 -4.66 3.14
CA THR B 186 -15.23 -3.66 3.79
C THR B 186 -14.42 -2.95 2.71
N MET B 187 -14.56 -1.63 2.64
CA MET B 187 -13.84 -0.82 1.68
C MET B 187 -13.06 0.25 2.44
N ASN B 188 -11.75 0.24 2.28
CA ASN B 188 -10.90 1.21 2.96
C ASN B 188 -10.04 1.96 1.94
N LEU B 189 -10.24 3.26 1.85
CA LEU B 189 -9.48 4.10 0.93
C LEU B 189 -8.71 5.08 1.81
N GLY B 190 -7.42 4.87 1.98
CA GLY B 190 -6.68 5.76 2.86
C GLY B 190 -5.23 5.95 2.54
N GLY B 191 -4.58 6.78 3.35
CA GLY B 191 -3.17 7.07 3.13
C GLY B 191 -2.91 8.55 3.25
N SER B 192 -1.96 9.05 2.47
CA SER B 192 -1.63 10.46 2.57
C SER B 192 -0.81 10.95 1.39
N LEU B 193 -0.74 12.27 1.28
CA LEU B 193 0.03 12.93 0.23
C LEU B 193 0.90 13.98 0.93
N THR B 194 2.12 14.16 0.42
CA THR B 194 3.05 15.11 1.02
C THR B 194 3.52 16.10 0.00
N ARG B 195 3.65 17.35 0.43
CA ARG B 195 4.11 18.40 -0.45
C ARG B 195 5.07 19.28 0.35
N GLN B 196 6.03 19.89 -0.33
CA GLN B 196 6.99 20.75 0.33
C GLN B 196 7.05 22.10 -0.38
N MET B 197 7.36 23.14 0.39
CA MET B 197 7.39 24.49 -0.15
C MET B 197 8.40 25.31 0.65
N GLU B 198 9.08 26.23 -0.03
CA GLU B 198 10.06 27.11 0.59
C GLU B 198 9.90 28.51 0.02
N LYS B 199 10.03 29.52 0.87
CA LYS B 199 9.86 30.89 0.41
C LYS B 199 10.52 31.92 1.31
N ASP B 200 11.05 32.98 0.71
CA ASP B 200 11.67 34.05 1.46
C ASP B 200 10.53 35.04 1.62
N GLU B 201 10.38 35.59 2.82
CA GLU B 201 9.28 36.50 3.08
C GLU B 201 9.58 37.63 4.04
N THR B 202 8.90 38.74 3.85
CA THR B 202 9.07 39.91 4.70
C THR B 202 8.34 39.67 6.02
N VAL B 203 8.99 40.02 7.11
CA VAL B 203 8.39 39.87 8.44
C VAL B 203 8.24 41.29 8.99
N SER B 204 7.01 41.67 9.32
CA SER B 204 6.72 42.99 9.83
C SER B 204 5.61 42.93 10.88
N ASP B 205 5.28 44.09 11.47
CA ASP B 205 4.23 44.14 12.48
C ASP B 205 2.86 43.73 11.91
N SER B 206 2.62 44.08 10.64
CA SER B 206 1.35 43.72 10.01
C SER B 206 1.41 42.32 9.41
N SER B 207 2.62 41.79 9.24
CA SER B 207 2.79 40.45 8.70
C SER B 207 3.85 39.68 9.49
N PRO B 208 3.56 39.37 10.77
CA PRO B 208 4.49 38.65 11.64
C PRO B 208 4.63 37.16 11.26
N HIS B 209 5.47 36.45 12.01
CA HIS B 209 5.71 35.04 11.74
C HIS B 209 4.45 34.17 11.59
N ILE B 210 3.50 34.33 12.51
CA ILE B 210 2.29 33.53 12.46
C ILE B 210 1.50 33.78 11.18
N ALA B 211 1.40 35.05 10.76
CA ALA B 211 0.69 35.35 9.54
C ALA B 211 1.37 34.68 8.35
N ASN B 212 2.70 34.75 8.30
CA ASN B 212 3.43 34.15 7.17
C ASN B 212 3.26 32.63 7.17
N ILE B 213 3.37 32.02 8.34
CA ILE B 213 3.22 30.57 8.45
C ILE B 213 1.77 30.22 8.09
N GLY B 214 0.83 31.00 8.61
CA GLY B 214 -0.58 30.76 8.33
C GLY B 214 -0.90 30.79 6.84
N ARG B 215 -0.41 31.80 6.13
CA ARG B 215 -0.63 31.91 4.70
C ARG B 215 -0.05 30.73 3.95
N LEU B 216 1.12 30.28 4.36
CA LEU B 216 1.75 29.13 3.73
C LEU B 216 0.93 27.86 4.00
N VAL B 217 0.52 27.65 5.25
CA VAL B 217 -0.29 26.49 5.60
C VAL B 217 -1.58 26.47 4.78
N GLU B 218 -2.28 27.60 4.76
CA GLU B 218 -3.53 27.74 4.03
C GLU B 218 -3.37 27.41 2.54
N ASP B 219 -2.37 28.02 1.89
CA ASP B 219 -2.13 27.75 0.48
C ASP B 219 -1.80 26.28 0.26
N MET B 220 -0.99 25.74 1.16
CA MET B 220 -0.58 24.35 1.09
C MET B 220 -1.79 23.42 1.19
N GLU B 221 -2.61 23.63 2.22
CA GLU B 221 -3.79 22.78 2.39
C GLU B 221 -4.80 22.91 1.27
N ASN B 222 -4.97 24.10 0.71
CA ASN B 222 -5.92 24.27 -0.38
C ASN B 222 -5.44 23.48 -1.61
N LYS B 223 -4.13 23.49 -1.82
CA LYS B 223 -3.54 22.77 -2.94
C LYS B 223 -3.62 21.25 -2.73
N ILE B 224 -3.31 20.81 -1.52
CA ILE B 224 -3.35 19.39 -1.23
C ILE B 224 -4.79 18.86 -1.24
N ARG B 225 -5.76 19.70 -0.88
CA ARG B 225 -7.16 19.28 -0.90
C ARG B 225 -7.59 18.93 -2.33
N SER B 226 -7.13 19.74 -3.29
CA SER B 226 -7.46 19.53 -4.69
C SER B 226 -6.81 18.24 -5.21
N THR B 227 -5.55 18.04 -4.87
CA THR B 227 -4.80 16.87 -5.27
C THR B 227 -5.42 15.62 -4.67
N LEU B 228 -5.85 15.71 -3.41
CA LEU B 228 -6.48 14.58 -2.73
C LEU B 228 -7.74 14.17 -3.46
N ASN B 229 -8.57 15.15 -3.78
CA ASN B 229 -9.81 14.89 -4.49
C ASN B 229 -9.50 14.20 -5.81
N GLU B 230 -8.50 14.70 -6.53
CA GLU B 230 -8.11 14.12 -7.81
C GLU B 230 -7.59 12.68 -7.66
N ILE B 231 -6.59 12.49 -6.80
CA ILE B 231 -6.00 11.16 -6.62
C ILE B 231 -6.96 10.12 -6.04
N TYR B 232 -7.57 10.44 -4.91
CA TYR B 232 -8.48 9.48 -4.27
C TYR B 232 -9.73 9.12 -5.08
N PHE B 233 -10.51 10.13 -5.44
CA PHE B 233 -11.76 9.92 -6.17
C PHE B 233 -11.60 9.94 -7.68
N GLY B 234 -10.44 10.34 -8.14
CA GLY B 234 -10.21 10.36 -9.57
C GLY B 234 -9.32 9.19 -9.98
N LYS B 235 -8.04 9.29 -9.68
CA LYS B 235 -7.07 8.28 -10.07
C LYS B 235 -7.28 6.84 -9.55
N THR B 236 -7.46 6.64 -8.24
CA THR B 236 -7.63 5.26 -7.79
C THR B 236 -8.92 4.64 -8.34
N LYS B 237 -9.92 5.47 -8.64
CA LYS B 237 -11.17 4.97 -9.19
C LYS B 237 -10.92 4.49 -10.61
N ASP B 238 -10.16 5.28 -11.36
CA ASP B 238 -9.83 4.93 -12.73
C ASP B 238 -9.01 3.65 -12.81
N ILE B 239 -8.12 3.44 -11.83
CA ILE B 239 -7.31 2.24 -11.84
C ILE B 239 -8.25 1.07 -11.58
N VAL B 240 -9.21 1.28 -10.69
CA VAL B 240 -10.20 0.27 -10.35
C VAL B 240 -11.02 -0.12 -11.60
N ASN B 241 -11.41 0.86 -12.40
CA ASN B 241 -12.20 0.57 -13.59
C ASN B 241 -11.36 -0.07 -14.68
N GLY B 242 -10.05 -0.05 -14.52
CA GLY B 242 -9.17 -0.65 -15.50
C GLY B 242 -8.89 -2.11 -15.16
N LEU B 243 -9.26 -2.51 -13.95
CA LEU B 243 -9.05 -3.89 -13.51
C LEU B 243 -10.21 -4.76 -13.93
N ARG B 244 -11.40 -4.17 -13.94
CA ARG B 244 -12.61 -4.88 -14.33
C ARG B 244 -13.62 -3.91 -14.92
N SER B 245 -14.59 -4.44 -15.65
CA SER B 245 -15.63 -3.65 -16.27
C SER B 245 -16.95 -4.40 -16.13
N ILE B 246 -18.00 -3.70 -15.72
CA ILE B 246 -19.29 -4.35 -15.54
C ILE B 246 -19.89 -4.73 -16.89
N ASP B 247 -19.73 -3.85 -17.87
CA ASP B 247 -20.25 -4.12 -19.20
C ASP B 247 -19.24 -4.98 -19.94
N ALA B 248 -19.74 -5.90 -20.75
CA ALA B 248 -18.86 -6.77 -21.53
C ALA B 248 -17.93 -5.90 -22.36
N ILE B 249 -16.63 -6.16 -22.26
CA ILE B 249 -15.64 -5.39 -23.01
C ILE B 249 -15.54 -5.93 -24.42
N PRO B 250 -15.97 -5.13 -25.41
CA PRO B 250 -15.90 -5.57 -26.81
C PRO B 250 -14.51 -6.16 -27.06
N ASP B 251 -14.40 -7.48 -26.96
CA ASP B 251 -13.18 -8.20 -27.31
C ASP B 251 -12.70 -7.91 -28.72
N ASN B 252 -11.38 -7.85 -28.90
CA ASN B 252 -10.85 -7.54 -30.21
C ASN B 252 -9.91 -8.61 -30.74
N GLN B 253 -10.34 -9.23 -31.82
CA GLN B 253 -9.70 -10.40 -32.40
C GLN B 253 -8.53 -9.93 -33.25
N LYS B 254 -8.75 -8.82 -33.95
CA LYS B 254 -7.87 -8.37 -35.02
C LYS B 254 -6.42 -8.24 -34.61
N TYR B 255 -6.17 -7.42 -33.60
CA TYR B 255 -4.80 -7.17 -33.16
C TYR B 255 -4.14 -8.43 -32.61
N LYS B 256 -4.90 -9.26 -31.91
CA LYS B 256 -4.31 -10.45 -31.29
C LYS B 256 -3.91 -11.47 -32.36
N GLN B 257 -4.72 -11.59 -33.40
CA GLN B 257 -4.50 -12.58 -34.44
C GLN B 257 -3.22 -12.18 -35.19
N LEU B 258 -3.09 -10.87 -35.48
CA LEU B 258 -1.94 -10.36 -36.23
C LEU B 258 -0.65 -10.58 -35.46
N GLN B 259 -0.73 -10.50 -34.13
CA GLN B 259 0.47 -10.37 -33.32
C GLN B 259 1.36 -11.60 -33.45
N ARG B 260 0.75 -12.78 -33.53
CA ARG B 260 1.54 -14.01 -33.53
C ARG B 260 2.32 -14.09 -34.83
N GLU B 261 1.65 -13.74 -35.94
CA GLU B 261 2.23 -13.90 -37.28
C GLU B 261 3.53 -13.11 -37.46
N LEU B 262 3.51 -11.83 -37.07
CA LEU B 262 4.69 -10.97 -37.15
C LEU B 262 5.84 -11.38 -36.23
N SER B 263 5.50 -12.00 -35.11
CA SER B 263 6.49 -12.29 -34.07
C SER B 263 7.49 -13.35 -34.49
N GLN B 264 6.98 -14.49 -34.97
CA GLN B 264 7.83 -15.64 -35.23
C GLN B 264 8.84 -15.35 -36.34
N VAL B 265 8.54 -14.35 -37.18
CA VAL B 265 9.42 -14.03 -38.29
C VAL B 265 10.71 -13.43 -37.73
N LEU B 266 10.59 -12.57 -36.72
CA LEU B 266 11.74 -11.83 -36.23
C LEU B 266 12.71 -12.74 -35.47
N THR B 267 12.19 -13.75 -34.79
CA THR B 267 13.03 -14.66 -34.00
C THR B 267 13.92 -15.54 -34.89
N GLN B 268 13.38 -16.00 -36.01
CA GLN B 268 14.10 -16.89 -36.91
C GLN B 268 14.93 -16.06 -37.89
N ARG B 269 15.02 -14.77 -37.60
CA ARG B 269 15.85 -13.83 -38.36
C ARG B 269 16.97 -13.34 -37.45
N GLN B 270 16.62 -13.00 -36.21
CA GLN B 270 17.61 -12.59 -35.22
C GLN B 270 18.09 -13.94 -34.71
N ILE B 271 19.11 -13.92 -33.86
CA ILE B 271 19.49 -15.09 -33.08
C ILE B 271 18.29 -15.77 -32.43
N GLY C 4 14.69 -7.93 -20.87
CA GLY C 4 15.45 -6.97 -20.03
C GLY C 4 15.87 -7.66 -18.72
N SER C 5 16.63 -6.94 -17.90
CA SER C 5 17.10 -7.49 -16.64
C SER C 5 16.89 -6.48 -15.51
N TRP C 6 16.68 -6.99 -14.30
CA TRP C 6 16.47 -6.13 -13.15
C TRP C 6 16.86 -6.85 -11.85
N GLY C 7 17.49 -8.01 -12.00
CA GLY C 7 17.90 -8.79 -10.84
C GLY C 7 18.73 -9.99 -11.26
N CYS C 8 18.71 -11.04 -10.44
CA CYS C 8 19.48 -12.25 -10.74
C CYS C 8 18.84 -12.99 -11.91
N VAL C 9 18.37 -12.25 -12.91
CA VAL C 9 17.75 -12.85 -14.08
C VAL C 9 18.32 -12.25 -15.36
N ARG C 10 18.58 -13.10 -16.35
CA ARG C 10 19.13 -12.63 -17.62
C ARG C 10 20.41 -11.85 -17.39
N GLN C 11 20.85 -11.14 -18.42
CA GLN C 11 22.07 -10.34 -18.33
C GLN C 11 23.29 -11.24 -18.18
N GLU C 12 23.05 -12.54 -17.98
CA GLU C 12 24.14 -13.50 -17.83
C GLU C 12 24.70 -13.88 -19.20
N LYS C 13 25.37 -12.94 -19.84
CA LYS C 13 25.96 -13.20 -21.15
C LYS C 13 27.36 -13.78 -21.01
N ARG C 14 27.49 -15.08 -21.31
CA ARG C 14 28.78 -15.74 -21.21
C ARG C 14 29.70 -15.31 -22.34
N SER C 15 29.11 -14.81 -23.42
CA SER C 15 29.89 -14.35 -24.57
C SER C 15 30.84 -13.23 -24.16
N SER C 16 30.31 -12.28 -23.38
CA SER C 16 31.12 -11.15 -22.94
C SER C 16 32.19 -11.61 -21.96
N GLY C 17 31.85 -12.60 -21.14
CA GLY C 17 32.78 -13.13 -20.16
C GLY C 17 32.05 -13.86 -19.04
N LEU C 18 32.78 -14.19 -17.97
CA LEU C 18 32.19 -14.88 -16.83
C LEU C 18 31.65 -13.88 -15.81
N ILE C 19 30.37 -14.03 -15.46
CA ILE C 19 29.76 -13.13 -14.49
C ILE C 19 28.67 -13.86 -13.71
N SER C 20 28.57 -13.55 -12.42
CA SER C 20 27.56 -14.17 -11.57
C SER C 20 27.10 -13.21 -10.48
N GLU C 21 25.79 -13.05 -10.34
CA GLU C 21 25.25 -12.15 -9.34
C GLU C 21 24.67 -12.95 -8.16
N LEU C 22 25.37 -12.90 -7.04
CA LEU C 22 24.92 -13.61 -5.85
C LEU C 22 23.77 -12.87 -5.17
N PRO C 23 24.01 -11.67 -4.72
CA PRO C 23 22.98 -10.83 -4.04
C PRO C 23 21.63 -10.87 -4.76
N SER C 24 20.56 -10.90 -3.98
CA SER C 24 19.22 -10.95 -4.55
C SER C 24 19.10 -9.96 -5.71
N GLU C 25 18.83 -8.70 -5.38
CA GLU C 25 18.69 -7.66 -6.40
C GLU C 25 19.25 -6.34 -5.91
N GLU C 26 18.46 -5.28 -6.02
CA GLU C 26 18.89 -3.97 -5.58
C GLU C 26 17.69 -3.10 -5.20
N GLY C 27 17.93 -2.11 -4.34
CA GLY C 27 16.86 -1.23 -3.90
C GLY C 27 16.93 0.10 -4.64
N ARG C 28 16.05 1.02 -4.24
CA ARG C 28 16.02 2.35 -4.87
C ARG C 28 17.30 3.12 -4.57
N ARG C 29 17.26 3.91 -3.50
CA ARG C 29 18.42 4.70 -3.12
C ARG C 29 19.52 3.81 -2.57
N LEU C 30 20.77 4.12 -2.94
CA LEU C 30 21.90 3.32 -2.48
C LEU C 30 23.16 4.19 -2.41
N GLU C 31 23.16 5.28 -3.16
CA GLU C 31 24.31 6.18 -3.18
C GLU C 31 24.86 6.38 -1.78
N HIS C 32 26.18 6.24 -1.64
CA HIS C 32 26.83 6.40 -0.34
C HIS C 32 27.67 7.67 -0.32
N PHE C 33 27.60 8.40 0.79
CA PHE C 33 28.36 9.64 0.93
C PHE C 33 28.59 9.96 2.40
N THR C 34 27.95 9.19 3.28
CA THR C 34 28.09 9.40 4.72
C THR C 34 29.41 8.81 5.22
N LYS C 35 30.15 8.20 4.31
CA LYS C 35 31.43 7.59 4.68
C LYS C 35 31.22 6.35 5.53
N LEU C 36 32.28 5.57 5.72
CA LEU C 36 32.19 4.36 6.52
C LEU C 36 31.71 4.68 7.93
N ARG C 37 31.02 3.73 8.55
CA ARG C 37 30.52 3.93 9.91
C ARG C 37 29.50 5.05 9.94
N PRO C 38 28.58 5.04 9.01
CA PRO C 38 27.51 6.08 8.92
C PRO C 38 26.88 6.38 10.27
N LYS C 39 27.19 5.55 11.26
CA LYS C 39 26.64 5.73 12.60
C LYS C 39 26.64 7.20 12.99
N ARG C 40 25.52 7.87 12.78
CA ARG C 40 25.40 9.28 13.14
C ARG C 40 23.92 9.68 13.26
N ASN C 41 23.13 9.26 12.27
CA ASN C 41 21.70 9.56 12.29
C ASN C 41 21.46 10.99 12.78
N LYS C 42 21.26 11.91 11.84
CA LYS C 42 21.00 13.30 12.18
C LYS C 42 19.68 13.42 12.97
N LYS C 43 19.74 14.09 14.11
CA LYS C 43 18.57 14.26 14.94
C LYS C 43 18.42 15.71 15.39
N GLN C 44 17.23 16.27 15.21
CA GLN C 44 16.97 17.64 15.63
C GLN C 44 16.27 17.66 16.98
N GLN C 45 15.87 16.49 17.45
CA GLN C 45 15.20 16.39 18.75
C GLN C 45 15.56 15.07 19.44
N PRO C 46 16.84 14.81 19.57
CA PRO C 46 17.33 13.56 20.21
C PRO C 46 16.59 13.22 21.49
N THR C 47 17.12 12.26 22.25
CA THR C 47 16.48 11.85 23.50
C THR C 47 15.09 11.27 23.23
N GLN C 48 14.30 11.16 24.29
CA GLN C 48 12.95 10.62 24.16
C GLN C 48 12.99 9.17 23.69
N ALA C 49 11.85 8.51 23.69
CA ALA C 49 11.77 7.13 23.23
C ALA C 49 10.52 6.44 23.80
N ALA C 50 9.45 6.43 23.00
CA ALA C 50 8.22 5.77 23.43
C ALA C 50 7.01 6.40 22.72
N VAL C 51 5.82 5.94 23.08
CA VAL C 51 4.60 6.46 22.48
C VAL C 51 3.39 6.20 23.38
N CYS C 52 2.29 6.88 23.09
CA CYS C 52 1.06 6.67 23.86
C CYS C 52 -0.16 6.91 22.98
N THR C 53 -1.22 6.14 23.23
CA THR C 53 -2.45 6.27 22.45
C THR C 53 -3.66 5.87 23.29
N ILE C 54 -4.76 6.59 23.09
CA ILE C 54 -5.99 6.30 23.82
C ILE C 54 -7.21 6.77 23.04
N SER C 55 -6.97 7.43 21.93
CA SER C 55 -8.06 7.95 21.11
C SER C 55 -8.65 6.84 20.23
N ILE C 56 -9.57 7.21 19.35
CA ILE C 56 -10.21 6.24 18.48
C ILE C 56 -9.17 5.30 17.87
N LEU C 57 -9.64 4.26 17.18
CA LEU C 57 -8.75 3.30 16.56
C LEU C 57 -9.55 2.21 15.84
N PRO C 58 -10.61 1.75 16.45
CA PRO C 58 -11.47 0.68 15.87
C PRO C 58 -12.30 1.19 14.70
N GLN C 59 -12.40 0.37 13.65
CA GLN C 59 -13.17 0.74 12.48
C GLN C 59 -13.27 -0.43 11.50
N ASP C 60 -13.71 -0.15 10.28
CA ASP C 60 -13.85 -1.19 9.27
C ASP C 60 -12.63 -2.11 9.28
N GLY C 61 -12.85 -3.38 8.94
CA GLY C 61 -11.77 -4.36 8.91
C GLY C 61 -12.29 -5.76 9.21
N GLU C 62 -11.37 -6.68 9.46
CA GLU C 62 -11.75 -8.06 9.76
C GLU C 62 -10.91 -8.61 10.90
N GLN C 63 -11.55 -9.37 11.79
CA GLN C 63 -10.84 -9.95 12.92
C GLN C 63 -9.79 -10.94 12.44
N ASN C 64 -10.01 -11.52 11.27
CA ASN C 64 -9.07 -12.48 10.71
C ASN C 64 -8.57 -13.44 11.79
N GLY C 65 -9.51 -13.94 12.60
CA GLY C 65 -9.15 -14.86 13.68
C GLY C 65 -8.79 -16.23 13.12
N LEU C 66 -8.21 -17.08 13.96
CA LEU C 66 -7.82 -18.42 13.53
C LEU C 66 -9.04 -19.22 13.12
N MET C 67 -10.12 -19.10 13.89
CA MET C 67 -11.35 -19.83 13.59
C MET C 67 -12.33 -18.92 12.85
N GLY C 68 -12.87 -19.42 11.74
CA GLY C 68 -13.83 -18.65 10.95
C GLY C 68 -13.85 -19.12 9.50
N ARG C 69 -14.63 -20.16 9.24
CA ARG C 69 -14.73 -20.71 7.88
C ARG C 69 -16.18 -21.01 7.54
N VAL C 70 -16.51 -20.91 6.25
CA VAL C 70 -17.87 -21.17 5.80
C VAL C 70 -18.25 -22.63 6.06
N ASP C 71 -17.34 -23.54 5.73
CA ASP C 71 -17.59 -24.96 5.94
C ASP C 71 -16.34 -25.65 6.46
N GLU C 72 -16.41 -26.15 7.69
CA GLU C 72 -15.28 -26.83 8.30
C GLU C 72 -15.76 -28.02 9.13
N GLY C 73 -16.38 -27.74 10.27
CA GLY C 73 -16.88 -28.80 11.14
C GLY C 73 -15.85 -29.13 12.22
N VAL C 74 -16.10 -28.67 13.43
CA VAL C 74 -15.19 -28.92 14.55
C VAL C 74 -15.13 -30.42 14.85
N ASP C 75 -16.27 -31.08 14.80
CA ASP C 75 -16.34 -32.50 15.08
C ASP C 75 -15.52 -33.28 14.07
N GLU C 76 -14.47 -33.95 14.55
CA GLU C 76 -13.61 -34.73 13.67
C GLU C 76 -14.32 -36.00 13.21
N PHE C 77 -14.11 -36.36 11.94
CA PHE C 77 -14.74 -37.55 11.38
C PHE C 77 -14.22 -37.82 9.97
N PHE C 78 -14.31 -36.80 9.12
CA PHE C 78 -13.85 -36.94 7.74
C PHE C 78 -12.37 -36.54 7.63
N THR C 79 -11.61 -36.79 8.69
CA THR C 79 -10.20 -36.47 8.69
C THR C 79 -10.00 -34.97 8.46
N LYS C 80 -8.77 -34.50 8.65
CA LYS C 80 -8.45 -33.09 8.46
C LYS C 80 -8.76 -32.66 7.03
N LYS C 81 -7.79 -32.06 6.37
CA LYS C 81 -7.97 -31.60 4.99
C LYS C 81 -9.23 -30.75 4.87
N VAL C 82 -9.29 -29.67 5.63
CA VAL C 82 -10.44 -28.77 5.60
C VAL C 82 -10.03 -27.39 5.13
N THR C 83 -10.80 -26.84 4.19
CA THR C 83 -10.51 -25.51 3.67
C THR C 83 -11.79 -24.70 3.53
N GLY C 84 -11.65 -23.38 3.44
CA GLY C 84 -12.81 -22.50 3.30
C GLY C 84 -12.46 -21.08 3.73
N CYS C 85 -12.91 -20.11 2.95
CA CYS C 85 -12.64 -18.70 3.25
C CYS C 85 -13.78 -17.82 2.76
N ARG A 7 14.02 -10.50 24.14
CA ARG A 7 13.06 -9.49 23.58
C ARG A 7 13.37 -9.30 22.09
N VAL A 8 14.60 -9.63 21.68
CA VAL A 8 14.99 -9.49 20.29
C VAL A 8 15.84 -10.69 19.87
N SER A 9 15.60 -11.16 18.66
CA SER A 9 16.31 -12.30 18.12
C SER A 9 16.30 -12.25 16.60
N ASP A 10 17.21 -13.02 16.00
CA ASP A 10 17.33 -13.07 14.55
C ASP A 10 16.08 -13.74 13.97
N GLU A 11 15.45 -14.61 14.76
CA GLU A 11 14.26 -15.30 14.29
C GLU A 11 13.11 -14.30 14.15
N GLU A 12 13.01 -13.38 15.09
CA GLU A 12 11.96 -12.37 15.05
C GLU A 12 12.19 -11.42 13.88
N LYS A 13 13.44 -11.04 13.66
CA LYS A 13 13.76 -10.14 12.57
C LYS A 13 13.45 -10.80 11.22
N VAL A 14 13.68 -12.11 11.13
CA VAL A 14 13.38 -12.83 9.89
C VAL A 14 11.88 -12.84 9.63
N ARG A 15 11.09 -13.04 10.68
CA ARG A 15 9.63 -13.05 10.52
C ARG A 15 9.13 -11.67 10.10
N ILE A 16 9.73 -10.63 10.67
CA ILE A 16 9.35 -9.27 10.32
C ILE A 16 9.69 -9.03 8.85
N ALA A 17 10.92 -9.35 8.48
CA ALA A 17 11.36 -9.16 7.10
C ALA A 17 10.39 -9.89 6.17
N ALA A 18 10.00 -11.10 6.55
CA ALA A 18 9.10 -11.92 5.75
C ALA A 18 7.73 -11.28 5.56
N LYS A 19 7.20 -10.70 6.64
CA LYS A 19 5.90 -10.07 6.59
C LYS A 19 5.91 -8.89 5.61
N PHE A 20 6.92 -8.03 5.71
CA PHE A 20 7.06 -6.87 4.83
C PHE A 20 7.08 -7.31 3.37
N ILE A 21 7.94 -8.29 3.06
CA ILE A 21 8.11 -8.80 1.71
C ILE A 21 6.83 -9.40 1.12
N THR A 22 6.11 -10.19 1.90
CA THR A 22 4.88 -10.79 1.41
C THR A 22 3.73 -9.80 1.33
N HIS A 23 3.92 -8.60 1.87
CA HIS A 23 2.88 -7.58 1.83
C HIS A 23 3.15 -6.47 0.83
N ALA A 24 4.09 -6.70 -0.07
CA ALA A 24 4.39 -5.69 -1.06
C ALA A 24 3.13 -5.49 -1.91
N PRO A 25 2.91 -4.27 -2.39
CA PRO A 25 1.72 -4.05 -3.22
C PRO A 25 1.98 -4.64 -4.60
N PRO A 26 0.91 -4.93 -5.36
CA PRO A 26 1.07 -5.50 -6.70
C PRO A 26 2.05 -4.76 -7.63
N GLY A 27 2.92 -5.52 -8.28
CA GLY A 27 3.88 -4.94 -9.21
C GLY A 27 5.04 -4.20 -8.55
N GLU A 28 5.20 -4.35 -7.23
CA GLU A 28 6.28 -3.66 -6.54
C GLU A 28 7.07 -4.58 -5.62
N PHE A 29 6.99 -5.87 -5.88
CA PHE A 29 7.70 -6.84 -5.06
C PHE A 29 9.19 -6.55 -4.90
N ASN A 30 9.87 -6.36 -6.02
CA ASN A 30 11.31 -6.11 -5.99
C ASN A 30 11.74 -4.90 -5.18
N GLU A 31 11.04 -3.79 -5.33
CA GLU A 31 11.38 -2.58 -4.58
C GLU A 31 11.30 -2.87 -3.10
N VAL A 32 10.19 -3.48 -2.68
CA VAL A 32 10.00 -3.82 -1.28
C VAL A 32 11.07 -4.80 -0.79
N PHE A 33 11.39 -5.79 -1.62
CA PHE A 33 12.41 -6.79 -1.30
C PHE A 33 13.77 -6.13 -1.11
N ASN A 34 14.15 -5.28 -2.06
CA ASN A 34 15.43 -4.58 -1.96
C ASN A 34 15.45 -3.71 -0.72
N ASP A 35 14.33 -3.06 -0.39
CA ASP A 35 14.27 -2.23 0.80
C ASP A 35 14.56 -3.09 2.04
N VAL A 36 13.80 -4.16 2.19
CA VAL A 36 13.96 -5.06 3.33
C VAL A 36 15.37 -5.63 3.42
N ARG A 37 15.91 -6.01 2.28
CA ARG A 37 17.27 -6.57 2.24
C ARG A 37 18.28 -5.58 2.82
N LEU A 38 18.20 -4.32 2.40
CA LEU A 38 19.13 -3.30 2.92
C LEU A 38 18.83 -2.95 4.38
N LEU A 39 17.58 -3.10 4.80
CA LEU A 39 17.19 -2.79 6.16
C LEU A 39 17.64 -3.91 7.11
N LEU A 40 17.37 -5.14 6.71
CA LEU A 40 17.77 -6.31 7.49
C LEU A 40 19.29 -6.35 7.58
N ASN A 41 19.95 -5.97 6.50
CA ASN A 41 21.41 -5.95 6.43
C ASN A 41 22.07 -7.25 6.90
N ASN A 42 21.55 -8.38 6.44
CA ASN A 42 22.09 -9.69 6.78
C ASN A 42 21.51 -10.66 5.77
N ASP A 43 22.23 -10.84 4.66
CA ASP A 43 21.77 -11.72 3.60
C ASP A 43 21.64 -13.18 4.01
N ASN A 44 22.43 -13.59 5.00
CA ASN A 44 22.31 -14.96 5.49
C ASN A 44 20.92 -15.15 6.09
N LEU A 45 20.47 -14.19 6.89
CA LEU A 45 19.13 -14.31 7.49
C LEU A 45 18.04 -14.17 6.42
N LEU A 46 18.27 -13.29 5.46
CA LEU A 46 17.31 -13.05 4.39
C LEU A 46 17.00 -14.30 3.57
N ARG A 47 18.01 -15.13 3.32
CA ARG A 47 17.82 -16.36 2.56
C ARG A 47 17.07 -17.44 3.35
N GLU A 48 17.02 -17.27 4.66
CA GLU A 48 16.32 -18.22 5.53
C GLU A 48 14.85 -18.37 5.16
N GLY A 49 14.19 -17.25 4.89
CA GLY A 49 12.77 -17.30 4.54
C GLY A 49 12.43 -16.74 3.18
N ALA A 50 13.44 -16.45 2.38
CA ALA A 50 13.22 -15.90 1.04
C ALA A 50 12.26 -16.75 0.24
N ALA A 51 12.72 -17.94 -0.17
CA ALA A 51 11.90 -18.86 -0.95
C ALA A 51 10.46 -18.93 -0.45
N HIS A 52 10.29 -19.08 0.86
CA HIS A 52 8.98 -19.15 1.45
C HIS A 52 8.21 -17.84 1.22
N ALA A 53 8.91 -16.72 1.34
CA ALA A 53 8.32 -15.40 1.14
C ALA A 53 7.84 -15.23 -0.29
N PHE A 54 8.75 -15.47 -1.24
CA PHE A 54 8.45 -15.35 -2.66
C PHE A 54 7.23 -16.21 -3.03
N ALA A 55 7.25 -17.46 -2.58
CA ALA A 55 6.16 -18.40 -2.88
C ALA A 55 4.82 -17.91 -2.37
N GLN A 56 4.78 -17.56 -1.08
CA GLN A 56 3.56 -17.08 -0.45
C GLN A 56 3.02 -15.86 -1.21
N TYR A 57 3.90 -14.91 -1.52
CA TYR A 57 3.49 -13.70 -2.25
C TYR A 57 2.80 -14.06 -3.56
N ASN A 58 3.55 -14.66 -4.48
CA ASN A 58 3.01 -15.05 -5.77
C ASN A 58 1.71 -15.83 -5.64
N MET A 59 1.62 -16.68 -4.63
CA MET A 59 0.42 -17.47 -4.40
C MET A 59 -0.80 -16.65 -3.98
N ASP A 60 -0.69 -15.85 -2.93
CA ASP A 60 -1.85 -15.05 -2.52
C ASP A 60 -2.14 -13.90 -3.49
N GLN A 61 -1.19 -13.61 -4.38
CA GLN A 61 -1.38 -12.55 -5.37
C GLN A 61 -1.93 -13.11 -6.69
N PHE A 62 -2.15 -14.43 -6.75
CA PHE A 62 -2.66 -15.07 -7.97
C PHE A 62 -1.78 -14.63 -9.15
N THR A 63 -0.48 -14.78 -8.98
CA THR A 63 0.46 -14.37 -10.01
C THR A 63 0.32 -15.09 -11.36
N PRO A 64 -0.13 -14.36 -12.38
CA PRO A 64 -0.31 -14.95 -13.71
C PRO A 64 1.05 -15.23 -14.33
N VAL A 65 1.30 -16.49 -14.66
CA VAL A 65 2.58 -16.87 -15.25
C VAL A 65 2.40 -17.56 -16.60
N LYS A 66 3.44 -17.50 -17.42
CA LYS A 66 3.40 -18.09 -18.74
C LYS A 66 4.39 -19.25 -18.87
N ILE A 67 3.88 -20.49 -18.88
CA ILE A 67 4.74 -21.66 -19.01
C ILE A 67 5.47 -21.65 -20.35
N GLU A 68 6.70 -22.17 -20.36
CA GLU A 68 7.58 -22.23 -21.52
C GLU A 68 7.00 -22.02 -22.93
N GLY A 69 5.78 -22.49 -23.20
CA GLY A 69 5.23 -22.30 -24.53
C GLY A 69 3.80 -22.77 -24.75
N TYR A 70 2.96 -22.64 -23.72
CA TYR A 70 1.56 -23.05 -23.86
C TYR A 70 0.53 -21.93 -24.22
N ASP A 71 0.91 -20.64 -24.24
CA ASP A 71 -0.07 -19.58 -24.54
C ASP A 71 -1.01 -19.62 -23.33
N ASP A 72 -0.42 -20.31 -22.36
CA ASP A 72 -0.84 -20.71 -21.00
C ASP A 72 -1.08 -19.76 -19.79
N GLN A 73 -1.17 -18.43 -19.90
CA GLN A 73 -1.32 -17.58 -18.69
C GLN A 73 -2.06 -18.37 -17.60
N VAL A 74 -1.30 -19.01 -16.71
CA VAL A 74 -1.88 -19.78 -15.60
C VAL A 74 -1.69 -19.10 -14.25
N LEU A 75 -2.65 -19.29 -13.35
CA LEU A 75 -2.59 -18.63 -12.05
C LEU A 75 -1.93 -19.39 -10.91
N ILE A 76 -0.84 -18.84 -10.40
CA ILE A 76 -0.12 -19.44 -9.28
C ILE A 76 -0.90 -19.20 -7.99
N THR A 77 -1.45 -20.28 -7.45
CA THR A 77 -2.22 -20.19 -6.21
C THR A 77 -1.83 -21.38 -5.34
N GLU A 78 -2.37 -21.42 -4.13
CA GLU A 78 -2.07 -22.51 -3.21
C GLU A 78 -2.65 -23.81 -3.77
N HIS A 79 -3.89 -23.72 -4.24
CA HIS A 79 -4.62 -24.86 -4.79
C HIS A 79 -3.82 -25.60 -5.85
N GLY A 80 -2.91 -24.90 -6.53
CA GLY A 80 -2.11 -25.52 -7.57
C GLY A 80 -0.72 -25.89 -7.10
N ASP A 81 -0.44 -25.67 -5.82
CA ASP A 81 0.86 -25.97 -5.24
C ASP A 81 1.04 -27.48 -5.07
N LEU A 82 1.79 -28.10 -5.98
CA LEU A 82 2.01 -29.55 -5.89
C LEU A 82 2.54 -29.90 -4.50
N GLY A 83 3.51 -29.13 -4.03
CA GLY A 83 4.09 -29.36 -2.72
C GLY A 83 5.58 -29.66 -2.83
N ASN A 84 6.00 -30.03 -4.04
CA ASN A 84 7.40 -30.37 -4.30
C ASN A 84 8.18 -29.20 -4.89
N GLY A 85 7.51 -28.07 -5.10
CA GLY A 85 8.16 -26.91 -5.68
C GLY A 85 7.63 -26.71 -7.08
N ARG A 86 6.51 -27.38 -7.36
CA ARG A 86 5.88 -27.30 -8.66
C ARG A 86 4.38 -27.04 -8.49
N PHE A 87 3.77 -26.49 -9.54
CA PHE A 87 2.35 -26.16 -9.51
C PHE A 87 1.53 -26.86 -10.60
N LEU A 88 0.20 -26.81 -10.45
CA LEU A 88 -0.70 -27.43 -11.42
C LEU A 88 -1.30 -26.42 -12.38
N ASP A 89 -1.48 -26.85 -13.62
CA ASP A 89 -2.11 -26.04 -14.64
C ASP A 89 -3.30 -26.91 -15.01
N PRO A 90 -4.40 -26.79 -14.26
CA PRO A 90 -5.58 -27.60 -14.56
C PRO A 90 -6.09 -27.51 -16.00
N ARG A 91 -5.96 -26.35 -16.64
CA ARG A 91 -6.43 -26.19 -18.01
C ARG A 91 -5.61 -27.01 -19.02
N ASN A 92 -4.34 -26.65 -19.20
CA ASN A 92 -3.49 -27.39 -20.12
C ASN A 92 -3.15 -28.73 -19.49
N LYS A 93 -3.32 -28.80 -18.17
CA LYS A 93 -3.09 -29.99 -17.37
C LYS A 93 -1.68 -30.55 -17.23
N ILE A 94 -0.68 -29.68 -17.33
CA ILE A 94 0.69 -30.15 -17.18
C ILE A 94 1.22 -29.85 -15.78
N SER A 95 2.52 -30.03 -15.62
CA SER A 95 3.21 -29.76 -14.38
C SER A 95 4.26 -28.76 -14.76
N PHE A 96 4.42 -27.72 -13.96
CA PHE A 96 5.41 -26.71 -14.27
C PHE A 96 6.12 -26.30 -12.99
N LYS A 97 7.42 -26.13 -13.07
CA LYS A 97 8.19 -25.72 -11.91
C LYS A 97 8.31 -24.21 -11.98
N PHE A 98 7.85 -23.53 -10.93
CA PHE A 98 7.90 -22.09 -10.90
C PHE A 98 9.12 -21.58 -10.15
N ASP A 99 9.99 -20.87 -10.88
CA ASP A 99 11.18 -20.25 -10.30
C ASP A 99 10.72 -18.90 -9.77
N HIS A 100 10.81 -18.71 -8.46
CA HIS A 100 10.34 -17.47 -7.85
C HIS A 100 11.10 -16.16 -8.08
N LEU A 101 12.42 -16.20 -8.21
CA LEU A 101 13.13 -14.95 -8.45
C LEU A 101 12.90 -14.55 -9.91
N ARG A 102 13.39 -15.38 -10.81
CA ARG A 102 13.25 -15.16 -12.23
C ARG A 102 11.79 -15.07 -12.64
N LYS A 103 11.52 -14.39 -13.73
CA LYS A 103 10.16 -14.21 -14.22
C LYS A 103 9.53 -15.50 -14.78
N GLU A 104 10.35 -16.35 -15.41
CA GLU A 104 9.86 -17.59 -16.00
C GLU A 104 9.77 -18.82 -15.10
N ALA A 105 8.88 -19.71 -15.49
CA ALA A 105 8.65 -20.99 -14.82
C ALA A 105 8.65 -22.00 -15.95
N SER A 106 9.72 -22.78 -16.06
CA SER A 106 9.82 -23.78 -17.13
C SER A 106 10.08 -25.22 -16.70
N ASP A 107 10.41 -26.03 -17.70
CA ASP A 107 10.69 -27.47 -17.62
C ASP A 107 9.49 -28.24 -17.05
N PRO A 108 8.36 -28.18 -17.78
CA PRO A 108 7.10 -28.84 -17.42
C PRO A 108 7.13 -30.37 -17.38
N GLN A 109 6.07 -30.94 -16.80
CA GLN A 109 5.92 -32.39 -16.67
C GLN A 109 4.46 -32.74 -16.94
N PRO A 110 4.19 -33.69 -17.85
CA PRO A 110 2.78 -34.03 -18.10
C PRO A 110 2.15 -34.45 -16.78
N GLU A 111 0.88 -34.12 -16.57
CA GLU A 111 0.22 -34.50 -15.32
C GLU A 111 -1.08 -35.27 -15.55
N ASP A 112 -0.97 -36.55 -15.94
CA ASP A 112 -2.17 -37.35 -16.15
C ASP A 112 -2.96 -37.35 -14.84
N THR A 113 -4.20 -36.88 -14.93
CA THR A 113 -5.09 -36.71 -13.78
C THR A 113 -5.82 -37.86 -13.11
N GLU A 114 -6.58 -37.45 -12.10
CA GLU A 114 -7.46 -38.29 -11.28
C GLU A 114 -8.75 -38.42 -12.10
N SER A 115 -9.06 -37.33 -12.83
CA SER A 115 -10.23 -37.24 -13.70
C SER A 115 -11.56 -37.58 -13.02
N ALA A 116 -11.67 -37.28 -11.72
CA ALA A 116 -12.90 -37.56 -10.98
C ALA A 116 -13.89 -36.40 -11.02
N LEU A 117 -13.42 -35.21 -10.63
CA LEU A 117 -14.24 -34.02 -10.62
C LEU A 117 -14.00 -33.22 -11.89
N LYS A 118 -12.96 -33.60 -12.61
CA LYS A 118 -12.56 -32.93 -13.84
C LYS A 118 -13.70 -32.63 -14.80
N GLN A 119 -14.70 -33.50 -14.83
CA GLN A 119 -15.84 -33.30 -15.71
C GLN A 119 -16.40 -31.89 -15.46
N TRP A 120 -16.81 -31.64 -14.22
CA TRP A 120 -17.34 -30.32 -13.84
C TRP A 120 -16.25 -29.30 -14.17
N ARG A 121 -15.10 -29.52 -13.55
CA ARG A 121 -13.92 -28.68 -13.68
C ARG A 121 -13.67 -28.13 -15.08
N ASP A 122 -13.66 -29.01 -16.08
CA ASP A 122 -13.42 -28.59 -17.46
C ASP A 122 -14.53 -27.72 -18.04
N ALA A 123 -15.75 -27.91 -17.55
CA ALA A 123 -16.89 -27.12 -18.03
C ALA A 123 -16.83 -25.71 -17.46
N CYS A 124 -16.79 -25.61 -16.13
CA CYS A 124 -16.71 -24.32 -15.45
C CYS A 124 -15.56 -23.49 -16.01
N ASP A 125 -14.38 -24.11 -16.06
CA ASP A 125 -13.16 -23.48 -16.54
C ASP A 125 -13.30 -22.60 -17.77
N SER A 126 -13.63 -23.22 -18.90
CA SER A 126 -13.77 -22.46 -20.14
C SER A 126 -15.11 -21.73 -20.24
N ALA A 127 -15.99 -21.95 -19.27
CA ALA A 127 -17.28 -21.26 -19.22
C ALA A 127 -16.97 -19.93 -18.54
N LEU A 128 -16.07 -20.00 -17.55
CA LEU A 128 -15.64 -18.84 -16.79
C LEU A 128 -14.65 -18.07 -17.66
N ARG A 129 -13.83 -18.81 -18.40
CA ARG A 129 -12.85 -18.22 -19.29
C ARG A 129 -13.53 -17.25 -20.25
N ALA A 130 -14.82 -17.45 -20.47
CA ALA A 130 -15.59 -16.58 -21.35
C ALA A 130 -16.00 -15.36 -20.55
N TYR A 131 -16.44 -15.60 -19.31
CA TYR A 131 -16.84 -14.54 -18.41
C TYR A 131 -15.72 -13.52 -18.27
N VAL A 132 -14.51 -14.03 -18.03
CA VAL A 132 -13.32 -13.21 -17.84
C VAL A 132 -12.97 -12.37 -19.07
N LYS A 133 -12.93 -12.99 -20.24
CA LYS A 133 -12.60 -12.25 -21.45
C LYS A 133 -13.60 -11.12 -21.69
N ASP A 134 -14.78 -11.25 -21.11
CA ASP A 134 -15.82 -10.25 -21.28
C ASP A 134 -15.77 -9.10 -20.28
N HIS A 135 -15.17 -9.33 -19.11
CA HIS A 135 -15.14 -8.29 -18.10
C HIS A 135 -13.77 -7.83 -17.58
N TYR A 136 -12.72 -8.61 -17.83
CA TYR A 136 -11.39 -8.23 -17.36
C TYR A 136 -10.41 -7.96 -18.50
N PRO A 137 -10.07 -6.68 -18.73
CA PRO A 137 -9.15 -6.21 -19.79
C PRO A 137 -7.88 -7.04 -19.96
N ASN A 138 -7.22 -7.32 -18.84
CA ASN A 138 -6.00 -8.10 -18.88
C ASN A 138 -6.11 -9.22 -17.86
N GLY A 139 -7.29 -9.84 -17.82
CA GLY A 139 -7.53 -10.91 -16.87
C GLY A 139 -7.14 -12.30 -17.33
N PHE A 140 -7.06 -13.19 -16.35
CA PHE A 140 -6.72 -14.59 -16.57
C PHE A 140 -7.46 -15.38 -15.49
N CYS A 141 -7.72 -16.65 -15.76
CA CYS A 141 -8.44 -17.48 -14.81
C CYS A 141 -7.89 -18.90 -14.76
N THR A 142 -8.12 -19.56 -13.63
CA THR A 142 -7.68 -20.92 -13.41
C THR A 142 -8.69 -21.62 -12.53
N VAL A 143 -9.28 -22.70 -13.05
CA VAL A 143 -10.26 -23.45 -12.30
C VAL A 143 -9.64 -24.75 -11.84
N TYR A 144 -9.77 -25.03 -10.54
CA TYR A 144 -9.21 -26.25 -9.99
C TYR A 144 -10.29 -27.27 -9.65
N GLY A 145 -10.05 -28.50 -10.09
CA GLY A 145 -10.96 -29.58 -9.80
C GLY A 145 -10.22 -30.39 -8.78
N LYS A 146 -10.80 -30.55 -7.59
CA LYS A 146 -10.10 -31.29 -6.55
C LYS A 146 -11.01 -31.91 -5.51
N SER A 147 -10.44 -32.84 -4.75
CA SER A 147 -11.14 -33.55 -3.68
C SER A 147 -10.61 -33.04 -2.35
N ILE A 148 -11.47 -32.35 -1.60
CA ILE A 148 -11.12 -31.81 -0.30
C ILE A 148 -11.77 -32.64 0.81
N ASP A 149 -10.98 -33.53 1.41
CA ASP A 149 -11.42 -34.44 2.48
C ASP A 149 -12.77 -35.09 2.21
N GLY A 150 -12.85 -35.78 1.08
CA GLY A 150 -14.07 -36.48 0.70
C GLY A 150 -15.00 -35.72 -0.24
N GLN A 151 -15.19 -34.43 0.02
CA GLN A 151 -16.09 -33.63 -0.81
C GLN A 151 -15.45 -33.06 -2.07
N GLN A 152 -16.24 -33.04 -3.15
CA GLN A 152 -15.75 -32.52 -4.41
C GLN A 152 -16.00 -31.02 -4.48
N THR A 153 -15.00 -30.29 -4.96
CA THR A 153 -15.11 -28.86 -5.04
C THR A 153 -14.45 -28.25 -6.27
N ILE A 154 -15.09 -27.23 -6.82
CA ILE A 154 -14.55 -26.53 -7.98
C ILE A 154 -14.02 -25.21 -7.45
N ILE A 155 -12.77 -24.90 -7.76
CA ILE A 155 -12.19 -23.66 -7.31
C ILE A 155 -11.74 -22.82 -8.49
N ALA A 156 -12.48 -21.75 -8.74
CA ALA A 156 -12.16 -20.85 -9.83
C ALA A 156 -11.47 -19.60 -9.28
N CYS A 157 -10.30 -19.30 -9.83
CA CYS A 157 -9.53 -18.16 -9.40
C CYS A 157 -9.38 -17.18 -10.57
N ILE A 158 -9.69 -15.92 -10.31
CA ILE A 158 -9.60 -14.88 -11.33
C ILE A 158 -8.64 -13.77 -10.92
N GLU A 159 -7.78 -13.37 -11.85
CA GLU A 159 -6.82 -12.32 -11.58
C GLU A 159 -6.77 -11.33 -12.75
N SER A 160 -6.61 -10.05 -12.42
CA SER A 160 -6.55 -8.99 -13.41
C SER A 160 -5.68 -7.86 -12.82
N HIS A 161 -4.79 -7.31 -13.63
CA HIS A 161 -3.93 -6.23 -13.15
C HIS A 161 -3.49 -5.23 -14.20
N GLN A 162 -3.02 -4.10 -13.72
CA GLN A 162 -2.51 -3.03 -14.57
C GLN A 162 -1.37 -2.37 -13.81
N PHE A 163 -0.15 -2.49 -14.33
CA PHE A 163 1.01 -1.90 -13.68
C PHE A 163 1.64 -0.77 -14.50
N GLN A 164 1.69 0.42 -13.91
CA GLN A 164 2.29 1.56 -14.59
C GLN A 164 3.21 2.31 -13.63
N PRO A 165 4.32 1.66 -13.22
CA PRO A 165 5.31 2.24 -12.31
C PRO A 165 5.88 3.59 -12.74
N LYS A 166 5.97 3.82 -14.05
CA LYS A 166 6.49 5.08 -14.52
C LYS A 166 5.53 6.21 -14.20
N ASN A 167 4.27 5.87 -13.95
CA ASN A 167 3.27 6.87 -13.59
C ASN A 167 2.87 6.69 -12.13
N PHE A 168 3.72 5.98 -11.41
CA PHE A 168 3.56 5.72 -9.97
C PHE A 168 2.25 5.10 -9.49
N TRP A 169 1.80 4.04 -10.15
CA TRP A 169 0.59 3.35 -9.71
C TRP A 169 0.48 1.95 -10.28
N ASN A 170 -0.21 1.09 -9.52
CA ASN A 170 -0.43 -0.29 -9.89
C ASN A 170 -1.75 -0.72 -9.27
N GLY A 171 -2.39 -1.71 -9.88
CA GLY A 171 -3.65 -2.19 -9.36
C GLY A 171 -3.83 -3.67 -9.69
N ARG A 172 -4.68 -4.35 -8.96
CA ARG A 172 -4.93 -5.76 -9.21
C ARG A 172 -6.24 -6.21 -8.62
N TRP A 173 -6.90 -7.12 -9.33
CA TRP A 173 -8.15 -7.69 -8.89
C TRP A 173 -7.90 -9.17 -8.63
N ARG A 174 -8.53 -9.69 -7.58
CA ARG A 174 -8.40 -11.10 -7.23
C ARG A 174 -9.76 -11.59 -6.73
N SER A 175 -10.21 -12.69 -7.30
CA SER A 175 -11.47 -13.26 -6.88
C SER A 175 -11.30 -14.77 -6.79
N GLU A 176 -11.82 -15.35 -5.72
CA GLU A 176 -11.72 -16.79 -5.52
C GLU A 176 -13.08 -17.36 -5.15
N TRP A 177 -13.54 -18.31 -5.94
CA TRP A 177 -14.82 -18.95 -5.70
C TRP A 177 -14.67 -20.44 -5.43
N LYS A 178 -15.13 -20.87 -4.26
CA LYS A 178 -15.08 -22.26 -3.85
C LYS A 178 -16.48 -22.87 -4.00
N PHE A 179 -16.61 -23.85 -4.88
CA PHE A 179 -17.90 -24.50 -5.10
C PHE A 179 -17.86 -25.92 -4.55
N THR A 180 -18.52 -26.14 -3.43
CA THR A 180 -18.59 -27.44 -2.77
C THR A 180 -19.91 -28.13 -3.12
N ILE A 181 -19.83 -29.24 -3.85
CA ILE A 181 -21.01 -29.95 -4.30
C ILE A 181 -21.60 -30.97 -3.35
N THR A 182 -22.91 -30.83 -3.15
CA THR A 182 -23.66 -31.73 -2.29
C THR A 182 -25.07 -31.81 -2.88
N PRO A 183 -25.23 -32.52 -4.01
CA PRO A 183 -26.53 -32.68 -4.66
C PRO A 183 -27.65 -32.98 -3.67
N PRO A 184 -28.87 -32.52 -3.96
CA PRO A 184 -29.20 -31.78 -5.18
C PRO A 184 -28.61 -30.36 -5.23
N THR A 185 -28.81 -29.59 -4.15
CA THR A 185 -28.30 -28.22 -4.08
C THR A 185 -26.99 -28.08 -3.27
N ALA A 186 -26.05 -27.29 -3.78
CA ALA A 186 -24.75 -27.07 -3.14
C ALA A 186 -24.57 -25.68 -2.49
N GLN A 187 -23.45 -25.51 -1.79
CA GLN A 187 -23.14 -24.26 -1.11
C GLN A 187 -21.94 -23.54 -1.75
N VAL A 188 -22.01 -22.22 -1.81
CA VAL A 188 -20.96 -21.41 -2.39
C VAL A 188 -20.22 -20.56 -1.36
N ALA A 189 -18.94 -20.33 -1.60
CA ALA A 189 -18.09 -19.54 -0.70
C ALA A 189 -17.07 -18.81 -1.55
N ALA A 190 -17.02 -17.49 -1.42
CA ALA A 190 -16.07 -16.70 -2.20
C ALA A 190 -15.55 -15.46 -1.48
N VAL A 191 -14.55 -14.85 -2.09
CA VAL A 191 -13.91 -13.65 -1.57
C VAL A 191 -13.40 -12.84 -2.75
N LEU A 192 -13.88 -11.61 -2.85
CA LEU A 192 -13.47 -10.70 -3.91
C LEU A 192 -12.46 -9.73 -3.30
N LYS A 193 -11.40 -9.43 -4.04
CA LYS A 193 -10.37 -8.51 -3.54
C LYS A 193 -9.88 -7.50 -4.58
N ILE A 194 -9.66 -6.29 -4.12
CA ILE A 194 -9.17 -5.20 -4.97
C ILE A 194 -8.08 -4.43 -4.23
N GLN A 195 -7.01 -4.12 -4.94
CA GLN A 195 -5.94 -3.34 -4.34
C GLN A 195 -5.37 -2.40 -5.39
N VAL A 196 -5.32 -1.11 -5.05
CA VAL A 196 -4.77 -0.09 -5.92
C VAL A 196 -3.76 0.73 -5.13
N HIS A 197 -2.67 1.11 -5.78
CA HIS A 197 -1.63 1.89 -5.12
C HIS A 197 -1.19 3.03 -6.04
N TYR A 198 -1.24 4.25 -5.51
CA TYR A 198 -0.80 5.46 -6.21
C TYR A 198 0.31 6.00 -5.33
N TYR A 199 1.50 6.26 -5.90
CA TYR A 199 2.58 6.72 -5.05
C TYR A 199 3.49 7.83 -5.56
N GLU A 200 2.92 8.77 -6.32
CA GLU A 200 3.72 9.89 -6.75
C GLU A 200 3.58 10.93 -5.64
N ASP A 201 4.67 11.19 -4.93
CA ASP A 201 4.71 12.16 -3.83
C ASP A 201 3.63 11.87 -2.79
N GLY A 202 3.51 10.59 -2.46
CA GLY A 202 2.54 10.15 -1.48
C GLY A 202 2.39 8.64 -1.49
N ASN A 203 1.41 8.16 -0.74
CA ASN A 203 1.13 6.72 -0.67
C ASN A 203 -0.35 6.59 -0.39
N VAL A 204 -1.10 6.32 -1.45
CA VAL A 204 -2.55 6.19 -1.34
C VAL A 204 -2.94 4.78 -1.79
N GLN A 205 -3.81 4.13 -1.03
CA GLN A 205 -4.19 2.79 -1.42
C GLN A 205 -5.62 2.43 -1.16
N LEU A 206 -6.18 1.72 -2.12
CA LEU A 206 -7.52 1.21 -1.98
C LEU A 206 -7.31 -0.25 -1.66
N VAL A 207 -7.82 -0.66 -0.51
CA VAL A 207 -7.75 -2.05 -0.10
C VAL A 207 -9.19 -2.40 0.23
N SER A 208 -9.73 -3.36 -0.51
CA SER A 208 -11.12 -3.77 -0.32
C SER A 208 -11.28 -5.26 -0.60
N HIS A 209 -12.26 -5.87 0.04
CA HIS A 209 -12.55 -7.28 -0.17
C HIS A 209 -13.96 -7.58 0.29
N LYS A 210 -14.59 -8.55 -0.37
CA LYS A 210 -15.95 -8.93 0.00
C LYS A 210 -16.06 -10.44 0.11
N ASP A 211 -16.63 -10.90 1.22
CA ASP A 211 -16.80 -12.32 1.46
C ASP A 211 -18.27 -12.67 1.23
N ILE A 212 -18.51 -13.66 0.37
CA ILE A 212 -19.87 -14.09 0.08
C ILE A 212 -20.09 -15.59 0.17
N GLN A 213 -21.27 -15.98 0.64
CA GLN A 213 -21.65 -17.37 0.80
C GLN A 213 -23.05 -17.59 0.20
N ASP A 214 -23.16 -18.52 -0.73
CA ASP A 214 -24.45 -18.78 -1.39
C ASP A 214 -24.85 -20.27 -1.44
N SER A 215 -26.15 -20.52 -1.59
CA SER A 215 -26.68 -21.88 -1.67
C SER A 215 -27.25 -22.09 -3.07
N VAL A 216 -26.59 -22.92 -3.87
CA VAL A 216 -27.00 -23.15 -5.25
C VAL A 216 -27.49 -24.55 -5.61
N GLN A 217 -28.51 -24.62 -6.47
CA GLN A 217 -29.10 -25.87 -6.96
C GLN A 217 -28.21 -26.51 -8.04
N VAL A 218 -27.82 -27.77 -7.82
CA VAL A 218 -26.93 -28.47 -8.76
C VAL A 218 -27.62 -29.42 -9.75
N SER A 219 -27.51 -29.09 -11.03
CA SER A 219 -28.11 -29.90 -12.11
C SER A 219 -27.07 -30.72 -12.88
N SER A 220 -26.91 -30.38 -14.16
CA SER A 220 -25.97 -31.08 -15.07
C SER A 220 -24.51 -30.64 -14.93
N ASP A 221 -23.76 -30.80 -16.02
CA ASP A 221 -22.35 -30.43 -16.05
C ASP A 221 -22.15 -29.08 -16.71
N VAL A 222 -22.69 -28.94 -17.92
CA VAL A 222 -22.59 -27.70 -18.66
C VAL A 222 -23.64 -26.74 -18.12
N GLN A 223 -24.64 -27.28 -17.42
CA GLN A 223 -25.71 -26.46 -16.85
C GLN A 223 -25.34 -25.81 -15.52
N THR A 224 -24.83 -26.59 -14.58
CA THR A 224 -24.45 -26.04 -13.28
C THR A 224 -23.33 -25.03 -13.47
N ALA A 225 -22.49 -25.26 -14.47
CA ALA A 225 -21.38 -24.38 -14.78
C ALA A 225 -21.90 -22.99 -15.11
N LYS A 226 -22.81 -22.91 -16.09
CA LYS A 226 -23.36 -21.63 -16.50
C LYS A 226 -24.14 -21.00 -15.34
N GLU A 227 -24.59 -21.85 -14.41
CA GLU A 227 -25.33 -21.36 -13.26
C GLU A 227 -24.35 -20.64 -12.35
N PHE A 228 -23.14 -21.20 -12.29
CA PHE A 228 -22.07 -20.64 -11.47
C PHE A 228 -21.58 -19.33 -12.06
N ILE A 229 -21.09 -19.39 -13.30
CA ILE A 229 -20.60 -18.21 -13.97
C ILE A 229 -21.62 -17.09 -13.85
N LYS A 230 -22.88 -17.47 -13.63
CA LYS A 230 -23.96 -16.50 -13.47
C LYS A 230 -23.94 -15.95 -12.04
N ILE A 231 -23.72 -16.82 -11.07
CA ILE A 231 -23.65 -16.43 -9.67
C ILE A 231 -22.55 -15.38 -9.55
N ILE A 232 -21.38 -15.76 -10.02
CA ILE A 232 -20.19 -14.93 -10.00
C ILE A 232 -20.42 -13.58 -10.67
N GLU A 233 -20.88 -13.63 -11.93
CA GLU A 233 -21.13 -12.41 -12.70
C GLU A 233 -22.00 -11.43 -11.92
N ASN A 234 -23.09 -11.93 -11.34
CA ASN A 234 -23.99 -11.07 -10.58
C ASN A 234 -23.38 -10.55 -9.28
N ALA A 235 -22.61 -11.39 -8.62
CA ALA A 235 -22.00 -11.01 -7.35
C ALA A 235 -20.88 -10.00 -7.55
N GLU A 236 -20.07 -10.22 -8.58
CA GLU A 236 -18.95 -9.33 -8.85
C GLU A 236 -19.42 -8.00 -9.45
N ASN A 237 -20.53 -8.02 -10.20
CA ASN A 237 -21.05 -6.78 -10.76
C ASN A 237 -21.65 -5.96 -9.62
N GLU A 238 -22.25 -6.68 -8.66
CA GLU A 238 -22.86 -6.05 -7.50
C GLU A 238 -21.76 -5.45 -6.60
N TYR A 239 -20.65 -6.16 -6.48
CA TYR A 239 -19.54 -5.69 -5.67
C TYR A 239 -18.93 -4.45 -6.30
N GLN A 240 -18.63 -4.53 -7.60
CA GLN A 240 -18.06 -3.41 -8.32
C GLN A 240 -19.02 -2.23 -8.25
N THR A 241 -20.30 -2.50 -8.42
CA THR A 241 -21.31 -1.44 -8.38
C THR A 241 -21.31 -0.72 -7.04
N ALA A 242 -21.27 -1.49 -5.95
CA ALA A 242 -21.25 -0.91 -4.61
C ALA A 242 -19.99 -0.08 -4.39
N ILE A 243 -18.92 -0.43 -5.10
CA ILE A 243 -17.64 0.29 -5.00
C ILE A 243 -17.69 1.66 -5.70
N SER A 244 -18.26 1.70 -6.90
CA SER A 244 -18.36 2.96 -7.63
C SER A 244 -19.29 3.91 -6.88
N GLU A 245 -20.29 3.33 -6.22
CA GLU A 245 -21.24 4.12 -5.45
C GLU A 245 -20.52 4.71 -4.24
N ASN A 246 -19.75 3.87 -3.55
CA ASN A 246 -19.00 4.31 -2.38
C ASN A 246 -18.08 5.47 -2.80
N TYR A 247 -17.46 5.35 -3.96
CA TYR A 247 -16.58 6.41 -4.45
C TYR A 247 -17.38 7.70 -4.61
N GLN A 248 -18.60 7.56 -5.10
CA GLN A 248 -19.46 8.71 -5.31
C GLN A 248 -19.80 9.43 -4.01
N THR A 249 -20.19 8.68 -3.00
CA THR A 249 -20.55 9.27 -1.72
C THR A 249 -19.33 9.90 -1.03
N MET A 250 -18.22 9.17 -1.02
CA MET A 250 -17.00 9.67 -0.41
C MET A 250 -16.64 11.03 -1.01
N SER A 251 -16.73 11.13 -2.33
CA SER A 251 -16.37 12.37 -3.00
C SER A 251 -17.39 13.50 -2.90
N ASP A 252 -18.68 13.19 -2.79
CA ASP A 252 -19.67 14.26 -2.70
C ASP A 252 -20.28 14.50 -1.34
N THR A 253 -19.94 13.66 -0.37
CA THR A 253 -20.49 13.80 0.98
C THR A 253 -19.41 13.76 2.08
N THR A 254 -18.70 12.65 2.17
CA THR A 254 -17.68 12.50 3.20
C THR A 254 -16.53 13.50 3.05
N PHE A 255 -15.91 13.54 1.87
CA PHE A 255 -14.80 14.45 1.63
C PHE A 255 -15.14 15.92 1.90
N LYS A 256 -16.32 16.36 1.47
CA LYS A 256 -16.71 17.74 1.68
C LYS A 256 -17.01 18.03 3.15
N ALA A 257 -17.34 16.99 3.93
CA ALA A 257 -17.61 17.18 5.34
C ALA A 257 -16.32 17.30 6.15
N LEU A 258 -15.19 17.00 5.53
CA LEU A 258 -13.92 17.10 6.24
C LEU A 258 -13.40 18.53 6.21
N ARG A 259 -12.86 18.98 5.08
CA ARG A 259 -12.38 20.35 4.94
C ARG A 259 -13.12 21.05 3.81
N ARG A 260 -13.51 22.30 4.06
CA ARG A 260 -14.20 23.11 3.06
C ARG A 260 -13.17 23.45 2.00
N GLN A 261 -13.66 23.94 0.87
CA GLN A 261 -12.78 24.35 -0.21
C GLN A 261 -12.36 25.79 0.08
N LEU A 262 -13.29 26.58 0.63
CA LEU A 262 -13.05 27.97 1.02
C LEU A 262 -13.63 28.22 2.41
N PRO A 263 -13.09 29.20 3.15
CA PRO A 263 -13.58 29.50 4.50
C PRO A 263 -15.04 29.86 4.55
N VAL A 264 -15.61 29.76 5.74
CA VAL A 264 -17.01 30.10 5.94
C VAL A 264 -17.18 31.56 5.51
N THR A 265 -16.16 32.37 5.79
CA THR A 265 -16.20 33.78 5.41
C THR A 265 -16.27 33.93 3.89
N ARG A 266 -16.07 32.83 3.18
CA ARG A 266 -16.14 32.78 1.72
C ARG A 266 -15.06 33.53 0.93
N THR A 267 -13.96 33.83 1.59
CA THR A 267 -12.84 34.52 0.96
C THR A 267 -11.63 34.02 1.71
N LYS A 268 -10.46 34.04 1.09
CA LYS A 268 -9.29 33.57 1.81
C LYS A 268 -9.15 34.32 3.13
N ILE A 269 -8.46 33.71 4.07
CA ILE A 269 -8.27 34.28 5.38
C ILE A 269 -7.48 35.58 5.45
N ASP A 270 -7.98 36.48 6.30
CA ASP A 270 -7.33 37.76 6.55
C ASP A 270 -6.53 37.52 7.83
N TRP A 271 -5.29 37.11 7.64
CA TRP A 271 -4.43 36.80 8.76
C TRP A 271 -4.15 37.98 9.69
N ASN A 272 -4.16 39.20 9.17
CA ASN A 272 -3.91 40.35 10.02
C ASN A 272 -5.07 40.46 10.99
N LYS A 273 -6.26 40.10 10.51
CA LYS A 273 -7.46 40.14 11.34
C LYS A 273 -7.46 39.02 12.39
N ILE A 274 -6.92 37.88 12.03
CA ILE A 274 -6.87 36.77 12.98
C ILE A 274 -5.87 37.05 14.10
N LEU A 275 -4.78 37.73 13.75
CA LEU A 275 -3.73 38.04 14.72
C LEU A 275 -4.00 39.17 15.71
N SER A 276 -5.16 39.81 15.62
CA SER A 276 -5.47 40.90 16.54
C SER A 276 -6.94 41.03 16.98
N TYR A 277 -7.83 41.15 15.99
CA TYR A 277 -9.28 41.26 16.18
C TYR A 277 -10.03 40.23 17.03
N LYS A 278 -10.49 40.70 18.18
CA LYS A 278 -11.14 39.87 19.20
C LYS A 278 -12.56 40.30 19.62
N ILE A 279 -13.33 39.29 20.02
CA ILE A 279 -14.73 39.47 20.42
C ILE A 279 -14.74 40.38 21.64
N GLY A 280 -13.66 40.26 22.40
CA GLY A 280 -13.47 40.96 23.65
C GLY A 280 -12.34 40.16 24.27
N LYS A 281 -11.14 40.75 24.32
CA LYS A 281 -10.01 40.10 24.96
C LYS A 281 -9.83 38.70 24.36
N SER B 2 24.07 3.65 6.35
CA SER B 2 22.74 3.59 7.02
C SER B 2 21.83 4.72 6.54
N ASP B 3 22.34 5.59 5.68
CA ASP B 3 21.55 6.69 5.16
C ASP B 3 20.72 6.09 4.02
N GLN B 4 21.27 5.04 3.42
CA GLN B 4 20.58 4.33 2.35
C GLN B 4 19.50 3.53 3.06
N GLN B 5 19.77 3.17 4.30
CA GLN B 5 18.82 2.41 5.11
C GLN B 5 17.60 3.27 5.38
N LEU B 6 17.84 4.50 5.84
CA LEU B 6 16.76 5.41 6.12
C LEU B 6 15.99 5.60 4.81
N ASP B 7 16.74 5.81 3.72
CA ASP B 7 16.13 5.97 2.41
C ASP B 7 15.27 4.76 2.11
N CYS B 8 15.81 3.57 2.37
CA CYS B 8 15.07 2.34 2.12
C CYS B 8 13.88 2.21 3.05
N ALA B 9 14.02 2.72 4.27
CA ALA B 9 12.93 2.64 5.23
C ALA B 9 11.78 3.53 4.78
N LEU B 10 12.10 4.70 4.26
CA LEU B 10 11.08 5.64 3.78
C LEU B 10 10.40 5.12 2.52
N ASP B 11 11.16 4.49 1.63
CA ASP B 11 10.60 3.94 0.40
C ASP B 11 9.61 2.84 0.77
N LEU B 12 9.99 2.01 1.74
CA LEU B 12 9.13 0.91 2.18
C LEU B 12 7.79 1.41 2.71
N MET B 13 7.81 2.46 3.53
CA MET B 13 6.57 3.01 4.09
C MET B 13 5.74 3.68 2.99
N ARG B 14 6.40 4.00 1.88
CA ARG B 14 5.70 4.60 0.75
C ARG B 14 5.02 3.49 -0.08
N ARG B 15 5.21 2.23 0.32
CA ARG B 15 4.61 1.11 -0.42
C ARG B 15 3.72 0.19 0.40
N LEU B 16 4.03 -0.03 1.67
CA LEU B 16 3.17 -0.88 2.48
C LEU B 16 1.87 -0.15 2.70
N PRO B 17 0.77 -0.88 2.90
CA PRO B 17 -0.55 -0.28 3.13
C PRO B 17 -0.49 0.79 4.21
N PRO B 18 -0.83 2.05 3.87
CA PRO B 18 -0.78 3.12 4.88
C PRO B 18 -1.74 2.83 6.04
N GLN B 19 -2.74 1.98 5.80
CA GLN B 19 -3.69 1.62 6.85
C GLN B 19 -2.99 0.99 8.07
N GLN B 20 -1.83 0.38 7.88
CA GLN B 20 -1.10 -0.24 8.98
C GLN B 20 0.21 0.45 9.32
N ILE B 21 0.29 1.77 9.08
CA ILE B 21 1.53 2.48 9.36
C ILE B 21 2.04 2.24 10.77
N GLU B 22 1.15 2.31 11.75
CA GLU B 22 1.53 2.10 13.15
C GLU B 22 2.21 0.77 13.45
N LYS B 23 1.57 -0.33 13.09
CA LYS B 23 2.16 -1.65 13.31
C LYS B 23 3.45 -1.80 12.50
N ASN B 24 3.41 -1.42 11.22
CA ASN B 24 4.61 -1.55 10.39
C ASN B 24 5.80 -0.70 10.81
N LEU B 25 5.54 0.51 11.29
CA LEU B 25 6.63 1.41 11.71
C LEU B 25 7.32 0.81 12.93
N SER B 26 6.51 0.25 13.83
CA SER B 26 7.00 -0.38 15.02
C SER B 26 7.90 -1.56 14.64
N ASP B 27 7.42 -2.39 13.71
CA ASP B 27 8.19 -3.53 13.26
C ASP B 27 9.46 -3.06 12.57
N LEU B 28 9.34 -1.99 11.80
CA LEU B 28 10.49 -1.44 11.10
C LEU B 28 11.56 -1.04 12.11
N ILE B 29 11.12 -0.50 13.25
CA ILE B 29 12.07 -0.10 14.29
C ILE B 29 12.70 -1.34 14.94
N ASP B 30 11.91 -2.40 15.12
CA ASP B 30 12.41 -3.65 15.70
C ASP B 30 13.56 -4.13 14.82
N LEU B 31 13.34 -4.05 13.51
CA LEU B 31 14.29 -4.48 12.51
C LEU B 31 15.56 -3.63 12.49
N VAL B 32 15.41 -2.32 12.70
CA VAL B 32 16.56 -1.42 12.69
C VAL B 32 16.49 -0.40 13.84
N PRO B 33 16.63 -0.86 15.09
CA PRO B 33 16.58 -0.04 16.31
C PRO B 33 17.41 1.25 16.35
N SER B 34 18.46 1.33 15.55
CA SER B 34 19.29 2.53 15.55
C SER B 34 18.63 3.67 14.80
N LEU B 35 17.65 3.33 13.95
CA LEU B 35 16.94 4.33 13.17
C LEU B 35 15.65 4.81 13.82
N CYS B 36 15.41 4.34 15.04
CA CYS B 36 14.19 4.69 15.77
C CYS B 36 13.87 6.17 15.82
N GLU B 37 14.85 6.98 16.23
CA GLU B 37 14.62 8.41 16.32
C GLU B 37 14.38 9.03 14.94
N ASP B 38 15.18 8.63 13.96
CA ASP B 38 15.03 9.17 12.60
C ASP B 38 13.70 8.81 11.96
N LEU B 39 13.20 7.61 12.26
CA LEU B 39 11.94 7.17 11.69
C LEU B 39 10.74 7.82 12.37
N LEU B 40 10.81 7.96 13.68
CA LEU B 40 9.73 8.60 14.40
C LEU B 40 9.57 10.04 13.94
N SER B 41 10.63 10.65 13.44
CA SER B 41 10.51 12.03 13.00
C SER B 41 10.22 12.18 11.52
N SER B 42 10.62 11.20 10.72
CA SER B 42 10.40 11.30 9.28
C SER B 42 9.19 10.54 8.72
N VAL B 43 8.65 9.60 9.50
CA VAL B 43 7.49 8.82 9.05
C VAL B 43 6.19 9.34 9.66
N ASP B 44 5.35 9.92 8.82
CA ASP B 44 4.07 10.46 9.24
C ASP B 44 3.12 9.34 9.62
N GLN B 45 2.48 9.47 10.77
CA GLN B 45 1.52 8.46 11.16
C GLN B 45 0.19 9.08 11.56
N PRO B 46 -0.91 8.30 11.44
CA PRO B 46 -2.24 8.80 11.79
C PRO B 46 -2.11 9.59 13.08
N LEU B 47 -2.75 10.75 13.15
CA LEU B 47 -2.66 11.59 14.34
C LEU B 47 -3.48 11.07 15.52
N LYS B 48 -2.84 11.01 16.67
CA LYS B 48 -3.47 10.56 17.91
C LYS B 48 -3.89 11.76 18.76
N ILE B 49 -5.04 11.65 19.40
CA ILE B 49 -5.56 12.69 20.27
C ILE B 49 -5.27 12.32 21.71
N ALA B 50 -4.95 13.34 22.51
CA ALA B 50 -4.68 13.16 23.93
C ALA B 50 -5.49 14.22 24.65
N ARG B 51 -5.87 13.95 25.89
CA ARG B 51 -6.67 14.90 26.63
C ARG B 51 -5.86 15.66 27.67
N ASP B 52 -5.94 16.99 27.62
CA ASP B 52 -5.25 17.79 28.61
C ASP B 52 -6.30 17.90 29.70
N LYS B 53 -6.04 17.25 30.82
CA LYS B 53 -6.97 17.23 31.94
C LYS B 53 -7.11 18.56 32.67
N VAL B 54 -5.99 19.23 32.92
CA VAL B 54 -6.05 20.51 33.64
C VAL B 54 -6.84 21.59 32.90
N VAL B 55 -6.84 21.55 31.57
CA VAL B 55 -7.56 22.52 30.76
C VAL B 55 -8.83 21.96 30.13
N GLY B 56 -8.99 20.65 30.16
CA GLY B 56 -10.17 20.03 29.58
C GLY B 56 -10.24 20.19 28.07
N LYS B 57 -9.08 20.07 27.41
CA LYS B 57 -9.03 20.20 25.95
C LYS B 57 -8.11 19.17 25.31
N ASP B 58 -8.51 18.69 24.13
CA ASP B 58 -7.72 17.72 23.40
C ASP B 58 -6.57 18.42 22.69
N TYR B 59 -5.52 17.65 22.42
CA TYR B 59 -4.36 18.15 21.70
C TYR B 59 -3.87 16.96 20.90
N LEU B 60 -3.10 17.22 19.86
CA LEU B 60 -2.60 16.16 18.99
C LEU B 60 -1.16 15.76 19.27
N LEU B 61 -0.87 14.48 19.05
CA LEU B 61 0.46 13.96 19.31
C LEU B 61 1.31 13.78 18.05
N CYS B 62 2.60 14.10 18.17
CA CYS B 62 3.56 13.93 17.09
C CYS B 62 4.94 13.88 17.71
N ASP B 63 5.94 13.54 16.90
CA ASP B 63 7.30 13.43 17.37
C ASP B 63 7.83 14.76 17.90
N TYR B 64 7.29 15.86 17.37
CA TYR B 64 7.76 17.19 17.75
C TYR B 64 7.34 17.74 19.12
N ASN B 65 6.37 17.12 19.78
CA ASN B 65 6.00 17.57 21.12
C ASN B 65 6.25 16.42 22.09
N ARG B 66 7.06 15.46 21.64
CA ARG B 66 7.40 14.28 22.43
C ARG B 66 8.78 14.36 23.06
N ASP B 67 8.88 13.84 24.27
CA ASP B 67 10.16 13.77 24.96
C ASP B 67 10.15 12.40 25.65
N GLY B 68 10.95 11.48 25.13
CA GLY B 68 10.96 10.15 25.69
C GLY B 68 9.60 9.51 25.43
N ASP B 69 8.93 9.07 26.49
CA ASP B 69 7.63 8.42 26.39
C ASP B 69 6.45 9.35 26.71
N SER B 70 6.72 10.65 26.86
CA SER B 70 5.67 11.62 27.18
C SER B 70 5.48 12.69 26.09
N TYR B 71 4.32 13.35 26.11
CA TYR B 71 4.04 14.39 25.15
C TYR B 71 3.63 15.69 25.86
N ARG B 72 4.02 16.81 25.28
CA ARG B 72 3.73 18.13 25.86
C ARG B 72 2.44 18.72 25.33
N SER B 73 1.55 19.13 26.23
CA SER B 73 0.30 19.74 25.83
C SER B 73 0.57 21.17 25.39
N PRO B 74 -0.08 21.62 24.30
CA PRO B 74 0.14 22.98 23.82
C PRO B 74 -0.67 23.98 24.63
N TRP B 75 -1.59 23.45 25.45
CA TRP B 75 -2.45 24.29 26.27
C TRP B 75 -1.82 24.62 27.62
N SER B 76 -1.42 23.59 28.36
CA SER B 76 -0.84 23.81 29.69
C SER B 76 0.68 23.76 29.71
N ASN B 77 1.28 23.47 28.57
CA ASN B 77 2.73 23.38 28.45
C ASN B 77 3.31 22.38 29.44
N LYS B 78 2.54 21.32 29.70
CA LYS B 78 2.94 20.25 30.63
C LYS B 78 3.00 18.90 29.91
N TYR B 79 3.86 18.02 30.40
CA TYR B 79 4.01 16.68 29.83
C TYR B 79 3.11 15.62 30.43
N ASP B 80 2.69 14.69 29.59
CA ASP B 80 1.85 13.58 30.04
C ASP B 80 2.22 12.35 29.24
N PRO B 81 2.54 11.23 29.93
CA PRO B 81 2.54 11.17 31.40
C PRO B 81 3.55 12.13 31.99
N PRO B 82 3.39 12.50 33.27
CA PRO B 82 4.28 13.44 33.95
C PRO B 82 5.78 13.16 33.86
N LEU B 83 6.55 14.22 33.57
CA LEU B 83 8.01 14.17 33.47
C LEU B 83 8.56 15.22 34.42
N GLU B 84 9.83 15.08 34.78
CA GLU B 84 10.46 16.03 35.70
C GLU B 84 11.06 17.26 35.02
N ASP B 85 11.98 17.05 34.08
CA ASP B 85 12.64 18.15 33.36
C ASP B 85 12.48 18.01 31.85
N GLY B 86 11.24 17.88 31.39
CA GLY B 86 10.99 17.76 29.97
C GLY B 86 11.39 18.96 29.13
N ALA B 87 11.74 18.70 27.88
CA ALA B 87 12.14 19.76 26.96
C ALA B 87 10.99 20.75 26.77
N MET B 88 11.30 22.03 26.98
CA MET B 88 10.31 23.09 26.84
C MET B 88 10.83 24.20 25.95
N PRO B 89 9.93 24.88 25.24
CA PRO B 89 10.46 25.96 24.40
C PRO B 89 10.84 27.09 25.37
N SER B 90 11.63 28.04 24.90
CA SER B 90 12.00 29.16 25.75
C SER B 90 10.72 29.93 26.07
N ALA B 91 10.75 30.74 27.13
CA ALA B 91 9.57 31.53 27.52
C ALA B 91 9.06 32.40 26.37
N ARG B 92 10.00 32.98 25.63
CA ARG B 92 9.67 33.84 24.49
C ARG B 92 9.09 33.08 23.29
N LEU B 93 9.61 31.87 23.04
CA LEU B 93 9.09 31.06 21.94
C LEU B 93 7.73 30.50 22.38
N ARG B 94 7.62 30.11 23.65
CA ARG B 94 6.36 29.60 24.18
C ARG B 94 5.23 30.62 23.93
N LYS B 95 5.52 31.90 24.15
CA LYS B 95 4.52 32.95 23.94
C LYS B 95 4.06 32.95 22.47
N LEU B 96 5.01 32.87 21.55
CA LEU B 96 4.69 32.82 20.13
C LEU B 96 3.92 31.54 19.84
N GLU B 97 4.24 30.47 20.57
CA GLU B 97 3.57 29.19 20.37
C GLU B 97 2.12 29.29 20.77
N VAL B 98 1.84 30.03 21.84
CA VAL B 98 0.48 30.21 22.33
C VAL B 98 -0.30 30.96 21.27
N GLU B 99 0.31 32.02 20.74
CA GLU B 99 -0.32 32.81 19.71
C GLU B 99 -0.53 32.01 18.40
N ALA B 100 0.41 31.14 18.05
CA ALA B 100 0.26 30.33 16.83
C ALA B 100 -0.90 29.36 17.04
N ASN B 101 -1.01 28.77 18.22
CA ASN B 101 -2.12 27.86 18.49
C ASN B 101 -3.45 28.59 18.38
N ASN B 102 -3.52 29.78 18.91
CA ASN B 102 -4.77 30.54 18.85
C ASN B 102 -5.13 30.91 17.40
N ALA B 103 -4.14 31.33 16.62
CA ALA B 103 -4.38 31.70 15.22
C ALA B 103 -4.85 30.51 14.38
N PHE B 104 -4.21 29.36 14.58
CA PHE B 104 -4.60 28.17 13.82
C PHE B 104 -5.89 27.53 14.28
N ASP B 105 -6.29 27.82 15.52
CA ASP B 105 -7.57 27.35 16.05
C ASP B 105 -8.64 28.04 15.21
N GLN B 106 -8.44 29.32 14.93
CA GLN B 106 -9.38 30.09 14.12
C GLN B 106 -9.32 29.57 12.70
N TYR B 107 -8.10 29.35 12.20
CA TYR B 107 -7.91 28.81 10.86
C TYR B 107 -8.67 27.47 10.72
N ARG B 108 -8.52 26.62 11.73
CA ARG B 108 -9.17 25.31 11.72
C ARG B 108 -10.71 25.45 11.67
N ASP B 109 -11.25 26.28 12.54
CA ASP B 109 -12.70 26.47 12.58
C ASP B 109 -13.24 27.03 11.28
N LEU B 110 -12.50 27.93 10.66
CA LEU B 110 -12.90 28.57 9.40
C LEU B 110 -12.91 27.64 8.19
N TYR B 111 -11.94 26.72 8.13
CA TYR B 111 -11.87 25.77 7.02
C TYR B 111 -12.42 24.37 7.30
N PHE B 112 -12.38 23.93 8.55
CA PHE B 112 -12.85 22.58 8.90
C PHE B 112 -14.11 22.58 9.76
N GLU B 113 -14.47 23.74 10.31
CA GLU B 113 -15.64 23.85 11.18
C GLU B 113 -15.71 22.77 12.26
N GLY B 114 -14.57 22.51 12.89
CA GLY B 114 -14.53 21.50 13.95
C GLY B 114 -13.16 20.85 13.97
N GLY B 115 -13.08 19.66 14.57
CA GLY B 115 -11.80 18.97 14.63
C GLY B 115 -10.90 19.56 15.70
N VAL B 116 -9.63 19.16 15.68
CA VAL B 116 -8.65 19.61 16.67
C VAL B 116 -7.38 20.09 15.97
N SER B 117 -6.71 21.08 16.56
CA SER B 117 -5.45 21.59 16.00
C SER B 117 -4.44 21.74 17.12
N SER B 118 -3.16 21.68 16.77
CA SER B 118 -2.09 21.81 17.75
C SER B 118 -0.86 22.32 17.02
N VAL B 119 -0.17 23.29 17.61
CA VAL B 119 1.04 23.86 17.02
C VAL B 119 2.14 23.75 18.08
N TYR B 120 3.31 23.28 17.66
CA TYR B 120 4.44 23.17 18.55
C TYR B 120 5.60 23.81 17.83
N LEU B 121 6.37 24.61 18.56
CA LEU B 121 7.52 25.29 17.97
C LEU B 121 8.81 24.90 18.68
N TRP B 122 9.93 25.16 18.02
CA TRP B 122 11.25 24.92 18.60
C TRP B 122 12.27 25.84 17.95
N ASP B 123 13.26 26.25 18.72
CA ASP B 123 14.29 27.14 18.21
C ASP B 123 15.36 26.43 17.39
N LEU B 124 15.93 27.16 16.43
CA LEU B 124 17.00 26.63 15.58
C LEU B 124 18.17 27.59 15.77
N ASP B 125 19.29 27.31 15.09
CA ASP B 125 20.47 28.15 15.19
C ASP B 125 20.25 29.59 14.75
N HIS B 126 19.71 29.78 13.55
CA HIS B 126 19.44 31.13 13.05
C HIS B 126 17.99 31.32 12.64
N GLY B 127 17.10 30.74 13.43
CA GLY B 127 15.68 30.86 13.15
C GLY B 127 14.91 29.94 14.08
N PHE B 128 13.79 29.43 13.60
CA PHE B 128 13.01 28.51 14.40
C PHE B 128 12.15 27.64 13.49
N ALA B 129 11.53 26.61 14.06
CA ALA B 129 10.69 25.73 13.27
C ALA B 129 9.43 25.45 14.05
N GLY B 130 8.47 24.83 13.38
CA GLY B 130 7.22 24.52 14.04
C GLY B 130 6.45 23.48 13.26
N VAL B 131 5.49 22.85 13.92
CA VAL B 131 4.65 21.88 13.26
C VAL B 131 3.23 22.29 13.56
N ILE B 132 2.37 22.25 12.53
CA ILE B 132 0.97 22.58 12.68
C ILE B 132 0.20 21.28 12.42
N LEU B 133 -0.57 20.86 13.42
CA LEU B 133 -1.33 19.63 13.33
C LEU B 133 -2.82 19.90 13.32
N ILE B 134 -3.53 19.24 12.41
CA ILE B 134 -4.99 19.39 12.33
C ILE B 134 -5.61 18.02 12.09
N LYS B 135 -6.65 17.72 12.86
CA LYS B 135 -7.35 16.45 12.69
C LYS B 135 -8.83 16.76 12.68
N LYS B 136 -9.52 16.23 11.67
CA LYS B 136 -10.95 16.42 11.53
C LYS B 136 -11.60 15.10 11.07
N ALA B 137 -12.49 14.57 11.91
CA ALA B 137 -13.21 13.34 11.64
C ALA B 137 -14.67 13.68 11.30
N GLY B 138 -15.22 13.03 10.28
CA GLY B 138 -16.58 13.32 9.88
C GLY B 138 -17.68 12.73 10.74
N ASP B 139 -18.92 12.86 10.27
CA ASP B 139 -20.11 12.35 10.95
C ASP B 139 -19.96 10.88 11.34
N GLY B 140 -19.90 10.62 12.64
CA GLY B 140 -19.75 9.25 13.10
C GLY B 140 -21.01 8.43 12.92
N SER B 141 -22.08 9.07 12.43
CA SER B 141 -23.35 8.39 12.23
C SER B 141 -23.55 7.87 10.80
N LYS B 142 -22.70 8.30 9.88
CA LYS B 142 -22.84 7.87 8.50
C LYS B 142 -22.10 6.58 8.14
N LYS B 143 -22.70 5.85 7.21
CA LYS B 143 -22.19 4.59 6.69
C LYS B 143 -20.70 4.68 6.35
N ILE B 144 -20.29 5.82 5.83
CA ILE B 144 -18.90 6.02 5.45
C ILE B 144 -18.16 6.94 6.40
N LYS B 145 -17.06 6.45 6.96
CA LYS B 145 -16.22 7.20 7.89
C LYS B 145 -15.09 7.89 7.14
N GLY B 146 -14.70 9.06 7.62
CA GLY B 146 -13.64 9.81 6.98
C GLY B 146 -12.85 10.58 8.00
N CYS B 147 -11.56 10.77 7.74
CA CYS B 147 -10.70 11.50 8.65
C CYS B 147 -9.58 12.18 7.88
N TRP B 148 -9.35 13.44 8.23
CA TRP B 148 -8.32 14.27 7.61
C TRP B 148 -7.28 14.60 8.64
N ASP B 149 -6.02 14.32 8.31
CA ASP B 149 -4.90 14.62 9.19
C ASP B 149 -3.98 15.58 8.46
N SER B 150 -3.77 16.77 9.01
CA SER B 150 -2.84 17.74 8.42
C SER B 150 -1.55 17.73 9.25
N ILE B 151 -0.41 17.66 8.58
CA ILE B 151 0.88 17.69 9.26
C ILE B 151 1.78 18.64 8.49
N HIS B 152 1.90 19.86 9.02
CA HIS B 152 2.71 20.91 8.39
C HIS B 152 3.96 21.20 9.20
N VAL B 153 5.11 21.07 8.58
CA VAL B 153 6.36 21.35 9.27
C VAL B 153 7.01 22.51 8.53
N VAL B 154 7.21 23.62 9.25
CA VAL B 154 7.79 24.80 8.64
C VAL B 154 9.10 25.18 9.32
N GLU B 155 10.06 25.58 8.50
CA GLU B 155 11.37 25.99 8.98
C GLU B 155 11.51 27.45 8.58
N VAL B 156 11.82 28.30 9.55
CA VAL B 156 11.98 29.72 9.28
C VAL B 156 13.42 30.18 9.45
N GLN B 157 14.01 30.66 8.34
CA GLN B 157 15.38 31.15 8.34
C GLN B 157 15.29 32.67 8.44
N GLU B 158 15.67 33.19 9.59
CA GLU B 158 15.63 34.63 9.82
C GLU B 158 16.89 35.30 9.28
N LYS B 159 16.69 36.45 8.64
CA LYS B 159 17.82 37.18 8.07
C LYS B 159 18.31 38.26 9.03
N SER B 160 19.63 38.30 9.21
CA SER B 160 20.27 39.27 10.09
C SER B 160 19.73 40.66 9.80
N SER B 161 19.94 41.09 8.56
CA SER B 161 19.48 42.40 8.14
C SER B 161 18.34 42.24 7.14
N GLY B 162 17.22 42.92 7.39
CA GLY B 162 16.13 42.85 6.44
C GLY B 162 14.70 42.65 6.90
N ARG B 163 14.48 41.72 7.82
CA ARG B 163 13.12 41.41 8.24
C ARG B 163 12.39 41.02 6.96
N THR B 164 12.92 39.94 6.43
CA THR B 164 12.51 39.26 5.24
C THR B 164 13.03 37.93 5.75
N ALA B 165 12.29 36.85 5.59
CA ALA B 165 12.75 35.58 6.10
C ALA B 165 12.57 34.51 5.06
N HIS B 166 13.26 33.40 5.23
CA HIS B 166 13.12 32.30 4.30
C HIS B 166 12.24 31.26 4.96
N TYR B 167 11.15 30.90 4.29
CA TYR B 167 10.25 29.90 4.83
C TYR B 167 10.29 28.64 3.97
N LYS B 168 10.40 27.50 4.63
CA LYS B 168 10.41 26.20 3.96
C LYS B 168 9.30 25.40 4.61
N LEU B 169 8.26 25.08 3.84
CA LEU B 169 7.12 24.33 4.34
C LEU B 169 6.98 22.97 3.67
N THR B 170 6.97 21.92 4.49
CA THR B 170 6.79 20.56 3.97
C THR B 170 5.49 20.12 4.61
N SER B 171 4.50 19.86 3.75
CA SER B 171 3.18 19.48 4.22
C SER B 171 2.68 18.11 3.76
N THR B 172 2.00 17.42 4.66
CA THR B 172 1.41 16.12 4.34
C THR B 172 -0.02 16.11 4.83
N VAL B 173 -0.93 15.69 3.95
CA VAL B 173 -2.32 15.54 4.35
C VAL B 173 -2.61 14.05 4.24
N MET B 174 -3.06 13.46 5.34
CA MET B 174 -3.42 12.05 5.37
C MET B 174 -4.93 12.01 5.32
N LEU B 175 -5.48 11.36 4.31
CA LEU B 175 -6.92 11.26 4.15
C LEU B 175 -7.31 9.79 4.22
N TRP B 176 -8.18 9.47 5.19
CA TRP B 176 -8.66 8.13 5.44
C TRP B 176 -10.17 8.03 5.23
N LEU B 177 -10.57 7.05 4.43
CA LEU B 177 -11.98 6.82 4.14
C LEU B 177 -12.23 5.32 4.32
N GLN B 178 -13.30 4.97 5.01
CA GLN B 178 -13.62 3.56 5.27
C GLN B 178 -15.12 3.32 5.34
N THR B 179 -15.54 2.13 4.89
CA THR B 179 -16.95 1.76 4.93
C THR B 179 -17.14 0.25 5.08
N ASN B 180 -18.11 -0.13 5.90
CA ASN B 180 -18.45 -1.54 6.14
C ASN B 180 -19.91 -1.73 5.75
N LYS B 181 -20.16 -1.75 4.43
CA LYS B 181 -21.52 -1.92 3.94
C LYS B 181 -21.67 -3.25 3.21
N THR B 182 -22.82 -3.89 3.41
CA THR B 182 -23.14 -5.17 2.79
C THR B 182 -22.60 -5.31 1.37
N GLY B 183 -23.08 -4.45 0.48
CA GLY B 183 -22.66 -4.50 -0.91
C GLY B 183 -21.19 -4.33 -1.21
N SER B 184 -20.44 -3.68 -0.32
CA SER B 184 -19.03 -3.47 -0.57
C SER B 184 -18.11 -4.24 0.38
N GLY B 185 -18.70 -4.87 1.38
CA GLY B 185 -17.89 -5.60 2.34
C GLY B 185 -17.08 -4.53 3.06
N THR B 186 -15.76 -4.68 3.08
CA THR B 186 -14.93 -3.67 3.71
C THR B 186 -14.16 -2.95 2.61
N MET B 187 -14.33 -1.64 2.55
CA MET B 187 -13.64 -0.82 1.57
C MET B 187 -12.86 0.26 2.30
N ASN B 188 -11.54 0.28 2.10
CA ASN B 188 -10.69 1.25 2.76
C ASN B 188 -9.88 2.01 1.72
N LEU B 189 -10.10 3.31 1.64
CA LEU B 189 -9.35 4.15 0.69
C LEU B 189 -8.59 5.15 1.56
N GLY B 190 -7.29 4.95 1.70
CA GLY B 190 -6.54 5.84 2.56
C GLY B 190 -5.09 6.07 2.20
N GLY B 191 -4.42 6.90 2.99
CA GLY B 191 -3.04 7.20 2.73
C GLY B 191 -2.78 8.68 2.84
N SER B 192 -1.87 9.20 2.03
CA SER B 192 -1.55 10.61 2.12
C SER B 192 -0.77 11.11 0.92
N LEU B 193 -0.72 12.44 0.81
CA LEU B 193 0.01 13.11 -0.25
C LEU B 193 0.88 14.17 0.41
N THR B 194 2.08 14.36 -0.13
CA THR B 194 3.02 15.32 0.45
C THR B 194 3.46 16.32 -0.58
N ARG B 195 3.58 17.57 -0.15
CA ARG B 195 4.02 18.62 -1.05
C ARG B 195 4.98 19.51 -0.27
N GLN B 196 5.90 20.14 -0.98
CA GLN B 196 6.87 21.02 -0.35
C GLN B 196 6.89 22.36 -1.05
N MET B 197 7.22 23.41 -0.30
CA MET B 197 7.21 24.75 -0.84
C MET B 197 8.23 25.58 -0.06
N GLU B 198 8.88 26.52 -0.76
CA GLU B 198 9.88 27.41 -0.16
C GLU B 198 9.68 28.80 -0.73
N LYS B 199 9.82 29.82 0.11
CA LYS B 199 9.61 31.19 -0.34
C LYS B 199 10.30 32.23 0.56
N ASP B 200 10.80 33.29 -0.07
CA ASP B 200 11.42 34.37 0.68
C ASP B 200 10.28 35.35 0.87
N GLU B 201 10.15 35.89 2.07
CA GLU B 201 9.04 36.77 2.35
C GLU B 201 9.36 37.92 3.31
N THR B 202 8.65 39.03 3.13
CA THR B 202 8.83 40.19 3.99
C THR B 202 8.15 39.94 5.33
N VAL B 203 8.82 40.30 6.40
CA VAL B 203 8.26 40.14 7.74
C VAL B 203 8.11 41.55 8.30
N SER B 204 6.89 41.92 8.66
CA SER B 204 6.58 43.25 9.18
C SER B 204 5.51 43.18 10.26
N ASP B 205 5.19 44.32 10.86
CA ASP B 205 4.16 44.36 11.90
C ASP B 205 2.79 43.94 11.36
N SER B 206 2.50 44.27 10.11
CA SER B 206 1.22 43.91 9.51
C SER B 206 1.28 42.50 8.91
N SER B 207 2.49 41.99 8.71
CA SER B 207 2.67 40.65 8.16
C SER B 207 3.75 39.90 8.92
N PRO B 208 3.51 39.59 10.21
CA PRO B 208 4.47 38.86 11.04
C PRO B 208 4.63 37.38 10.67
N HIS B 209 5.49 36.69 11.38
CA HIS B 209 5.74 35.29 11.11
C HIS B 209 4.48 34.40 11.00
N ILE B 210 3.55 34.55 11.94
CA ILE B 210 2.36 33.73 11.92
C ILE B 210 1.54 33.97 10.67
N ALA B 211 1.41 35.23 10.26
CA ALA B 211 0.64 35.53 9.06
C ALA B 211 1.31 34.87 7.85
N ASN B 212 2.64 34.95 7.75
CA ASN B 212 3.34 34.36 6.61
C ASN B 212 3.18 32.84 6.60
N ILE B 213 3.34 32.23 7.78
CA ILE B 213 3.21 30.78 7.88
C ILE B 213 1.76 30.41 7.57
N GLY B 214 0.82 31.17 8.11
CA GLY B 214 -0.60 30.92 7.87
C GLY B 214 -0.96 30.94 6.39
N ARG B 215 -0.49 31.97 5.67
CA ARG B 215 -0.76 32.09 4.25
C ARG B 215 -0.18 30.91 3.48
N LEU B 216 1.00 30.47 3.86
CA LEU B 216 1.63 29.33 3.21
C LEU B 216 0.83 28.04 3.51
N VAL B 217 0.46 27.83 4.76
CA VAL B 217 -0.32 26.66 5.14
C VAL B 217 -1.64 26.62 4.35
N GLU B 218 -2.35 27.74 4.35
CA GLU B 218 -3.62 27.87 3.64
C GLU B 218 -3.50 27.55 2.16
N ASP B 219 -2.52 28.16 1.49
CA ASP B 219 -2.32 27.90 0.07
C ASP B 219 -1.98 26.43 -0.17
N MET B 220 -1.13 25.90 0.71
CA MET B 220 -0.71 24.51 0.63
C MET B 220 -1.91 23.58 0.78
N GLU B 221 -2.71 23.77 1.81
CA GLU B 221 -3.86 22.90 2.02
C GLU B 221 -4.92 23.02 0.93
N ASN B 222 -5.11 24.21 0.37
CA ASN B 222 -6.09 24.38 -0.70
C ASN B 222 -5.64 23.60 -1.93
N LYS B 223 -4.33 23.61 -2.18
CA LYS B 223 -3.76 22.90 -3.32
C LYS B 223 -3.82 21.39 -3.11
N ILE B 224 -3.47 20.95 -1.90
CA ILE B 224 -3.49 19.52 -1.61
C ILE B 224 -4.92 18.98 -1.58
N ARG B 225 -5.89 19.81 -1.21
CA ARG B 225 -7.28 19.37 -1.17
C ARG B 225 -7.75 19.02 -2.60
N SER B 226 -7.33 19.83 -3.57
CA SER B 226 -7.70 19.61 -4.96
C SER B 226 -7.05 18.34 -5.50
N THR B 227 -5.77 18.16 -5.20
CA THR B 227 -5.02 16.99 -5.62
C THR B 227 -5.61 15.72 -5.00
N LEU B 228 -6.00 15.82 -3.73
CA LEU B 228 -6.60 14.67 -3.03
C LEU B 228 -7.88 14.25 -3.73
N ASN B 229 -8.73 15.23 -4.02
CA ASN B 229 -9.99 14.95 -4.70
C ASN B 229 -9.70 14.26 -6.03
N GLU B 230 -8.73 14.78 -6.77
CA GLU B 230 -8.36 14.21 -8.06
C GLU B 230 -7.82 12.78 -7.94
N ILE B 231 -6.80 12.59 -7.10
CA ILE B 231 -6.19 11.27 -6.94
C ILE B 231 -7.11 10.21 -6.33
N TYR B 232 -7.70 10.52 -5.18
CA TYR B 232 -8.58 9.56 -4.52
C TYR B 232 -9.84 9.18 -5.30
N PHE B 233 -10.64 10.18 -5.64
CA PHE B 233 -11.91 9.95 -6.33
C PHE B 233 -11.81 9.98 -7.83
N GLY B 234 -10.66 10.40 -8.34
CA GLY B 234 -10.47 10.41 -9.77
C GLY B 234 -9.58 9.27 -10.21
N LYS B 235 -8.28 9.38 -9.94
CA LYS B 235 -7.32 8.37 -10.36
C LYS B 235 -7.49 6.94 -9.83
N THR B 236 -7.64 6.74 -8.52
CA THR B 236 -7.78 5.35 -8.06
C THR B 236 -9.06 4.71 -8.59
N LYS B 237 -10.09 5.54 -8.85
CA LYS B 237 -11.35 5.02 -9.37
C LYS B 237 -11.13 4.54 -10.79
N ASP B 238 -10.41 5.33 -11.57
CA ASP B 238 -10.11 5.00 -12.95
C ASP B 238 -9.27 3.73 -13.04
N ILE B 239 -8.36 3.53 -12.10
CA ILE B 239 -7.53 2.34 -12.12
C ILE B 239 -8.45 1.16 -11.85
N VAL B 240 -9.39 1.36 -10.93
CA VAL B 240 -10.34 0.32 -10.57
C VAL B 240 -11.21 -0.08 -11.79
N ASN B 241 -11.62 0.91 -12.57
CA ASN B 241 -12.44 0.61 -13.74
C ASN B 241 -11.63 -0.02 -14.86
N GLY B 242 -10.31 0.02 -14.74
CA GLY B 242 -9.46 -0.58 -15.74
C GLY B 242 -9.14 -2.03 -15.41
N LEU B 243 -9.48 -2.45 -14.20
CA LEU B 243 -9.23 -3.81 -13.75
C LEU B 243 -10.40 -4.70 -14.15
N ARG B 244 -11.60 -4.13 -14.12
CA ARG B 244 -12.81 -4.86 -14.48
C ARG B 244 -13.84 -3.89 -15.03
N SER B 245 -14.83 -4.43 -15.74
CA SER B 245 -15.90 -3.65 -16.33
C SER B 245 -17.20 -4.43 -16.15
N ILE B 246 -18.24 -3.74 -15.71
CA ILE B 246 -19.52 -4.40 -15.50
C ILE B 246 -20.16 -4.78 -16.83
N ASP B 247 -20.04 -3.91 -17.82
CA ASP B 247 -20.59 -4.18 -19.13
C ASP B 247 -19.59 -5.02 -19.90
N ALA B 248 -20.10 -5.96 -20.70
CA ALA B 248 -19.24 -6.80 -21.50
C ALA B 248 -18.34 -5.93 -22.36
N ILE B 249 -17.04 -6.17 -22.29
CA ILE B 249 -16.08 -5.39 -23.07
C ILE B 249 -16.01 -5.92 -24.49
N PRO B 250 -16.48 -5.13 -25.46
CA PRO B 250 -16.43 -5.57 -26.86
C PRO B 250 -15.05 -6.14 -27.15
N ASP B 251 -14.93 -7.47 -27.05
CA ASP B 251 -13.68 -8.16 -27.34
C ASP B 251 -13.08 -7.77 -28.69
N ASN B 252 -11.76 -7.62 -28.73
CA ASN B 252 -11.11 -7.26 -29.98
C ASN B 252 -10.05 -8.26 -30.43
N GLN B 253 -10.35 -8.89 -31.55
CA GLN B 253 -9.57 -9.99 -32.09
C GLN B 253 -8.39 -9.42 -32.87
N LYS B 254 -8.68 -8.35 -33.61
CA LYS B 254 -7.75 -7.81 -34.58
C LYS B 254 -6.36 -7.54 -34.02
N TYR B 255 -6.29 -6.70 -32.99
CA TYR B 255 -5.01 -6.36 -32.40
C TYR B 255 -4.31 -7.57 -31.79
N LYS B 256 -5.07 -8.48 -31.19
CA LYS B 256 -4.46 -9.62 -30.51
C LYS B 256 -3.85 -10.59 -31.52
N GLN B 257 -4.55 -10.78 -32.64
CA GLN B 257 -4.10 -11.71 -33.67
C GLN B 257 -2.78 -11.18 -34.24
N LEU B 258 -2.75 -9.87 -34.52
CA LEU B 258 -1.56 -9.21 -35.06
C LEU B 258 -0.39 -9.32 -34.11
N GLN B 259 -0.66 -9.20 -32.82
CA GLN B 259 0.40 -9.09 -31.83
C GLN B 259 1.27 -10.34 -31.83
N ARG B 260 0.66 -11.51 -32.00
CA ARG B 260 1.41 -12.74 -31.89
C ARG B 260 2.42 -12.81 -33.04
N GLU B 261 1.98 -12.45 -34.24
CA GLU B 261 2.80 -12.56 -35.44
C GLU B 261 4.11 -11.76 -35.35
N LEU B 262 4.00 -10.50 -34.93
CA LEU B 262 5.16 -9.63 -34.76
C LEU B 262 6.10 -10.05 -33.63
N SER B 263 5.54 -10.69 -32.60
CA SER B 263 6.31 -11.01 -31.39
C SER B 263 7.34 -12.10 -31.63
N GLN B 264 6.89 -13.22 -32.18
CA GLN B 264 7.75 -14.39 -32.32
C GLN B 264 8.93 -14.09 -33.23
N VAL B 265 8.78 -13.11 -34.11
CA VAL B 265 9.86 -12.75 -35.02
C VAL B 265 11.01 -12.15 -34.23
N LEU B 266 10.69 -11.32 -33.25
CA LEU B 266 11.73 -10.57 -32.52
C LEU B 266 12.54 -11.49 -31.62
N THR B 267 11.90 -12.51 -31.04
CA THR B 267 12.59 -13.41 -30.11
C THR B 267 13.68 -14.24 -30.80
N GLN B 268 13.41 -14.68 -32.03
CA GLN B 268 14.32 -15.56 -32.75
C GLN B 268 15.36 -14.70 -33.49
N ARG B 269 15.42 -13.42 -33.10
CA ARG B 269 16.43 -12.49 -33.58
C ARG B 269 17.27 -12.05 -32.39
N GLN B 270 16.61 -11.73 -31.29
CA GLN B 270 17.31 -11.39 -30.05
C GLN B 270 17.67 -12.77 -29.52
N ILE B 271 18.41 -12.81 -28.42
CA ILE B 271 18.68 -14.05 -27.71
C ILE B 271 17.50 -15.03 -27.77
N GLY C 4 21.21 -29.48 -12.11
CA GLY C 4 19.96 -28.68 -12.01
C GLY C 4 19.54 -28.56 -10.55
N SER C 5 20.48 -28.21 -9.69
CA SER C 5 20.20 -28.07 -8.27
C SER C 5 19.45 -26.77 -8.00
N TRP C 6 18.81 -26.69 -6.83
CA TRP C 6 18.06 -25.49 -6.46
C TRP C 6 18.94 -24.53 -5.66
N GLY C 7 18.79 -23.24 -5.94
CA GLY C 7 19.57 -22.22 -5.24
C GLY C 7 19.25 -20.83 -5.77
N CYS C 8 19.93 -19.83 -5.22
CA CYS C 8 19.71 -18.45 -5.64
C CYS C 8 20.13 -18.27 -7.09
N VAL C 9 21.23 -18.92 -7.47
CA VAL C 9 21.73 -18.81 -8.85
C VAL C 9 22.24 -20.17 -9.32
N ARG C 10 21.96 -20.49 -10.58
CA ARG C 10 22.39 -21.76 -11.16
C ARG C 10 22.79 -21.59 -12.62
N GLN C 11 22.16 -20.63 -13.28
CA GLN C 11 22.46 -20.36 -14.68
C GLN C 11 23.72 -19.51 -14.82
N GLU C 12 24.18 -19.31 -16.04
CA GLU C 12 25.37 -18.52 -16.29
C GLU C 12 25.21 -17.12 -15.72
N LYS C 13 25.92 -16.16 -16.29
CA LYS C 13 25.85 -14.77 -15.82
C LYS C 13 26.15 -14.69 -14.34
N ARG C 14 27.34 -14.18 -14.01
CA ARG C 14 27.76 -14.06 -12.63
C ARG C 14 26.98 -12.95 -11.93
N SER C 15 26.72 -13.13 -10.64
CA SER C 15 25.98 -12.14 -9.87
C SER C 15 26.72 -10.81 -9.87
N SER C 16 28.04 -10.87 -9.76
CA SER C 16 28.87 -9.66 -9.74
C SER C 16 28.67 -8.87 -11.02
N GLY C 17 28.51 -9.57 -12.13
CA GLY C 17 28.31 -8.92 -13.42
C GLY C 17 26.93 -8.27 -13.50
N LEU C 18 26.86 -7.09 -14.11
CA LEU C 18 25.60 -6.38 -14.25
C LEU C 18 24.95 -6.69 -15.59
N ILE C 19 23.73 -7.19 -15.57
CA ILE C 19 23.01 -7.51 -16.80
C ILE C 19 21.59 -7.95 -16.50
N SER C 20 21.45 -9.00 -15.69
CA SER C 20 20.13 -9.49 -15.31
C SER C 20 19.35 -8.43 -14.55
N GLU C 21 20.03 -7.75 -13.65
CA GLU C 21 19.39 -6.70 -12.85
C GLU C 21 18.08 -7.21 -12.24
N LEU C 22 17.87 -8.52 -12.33
CA LEU C 22 16.66 -9.12 -11.79
C LEU C 22 16.88 -9.53 -10.34
N PRO C 23 18.03 -10.05 -10.03
CA PRO C 23 18.39 -10.45 -8.64
C PRO C 23 18.68 -9.24 -7.76
N SER C 24 18.34 -9.36 -6.47
CA SER C 24 18.54 -8.26 -5.54
C SER C 24 20.03 -7.94 -5.41
N GLU C 25 20.34 -6.66 -5.20
CA GLU C 25 21.72 -6.22 -5.06
C GLU C 25 21.80 -4.69 -5.04
N GLU C 26 20.69 -4.04 -5.35
CA GLU C 26 20.65 -2.59 -5.38
C GLU C 26 20.90 -2.02 -3.98
N GLY C 27 21.07 -0.70 -3.92
CA GLY C 27 21.30 -0.03 -2.63
C GLY C 27 22.79 0.22 -2.41
N ARG C 28 23.35 1.11 -3.21
CA ARG C 28 24.77 1.43 -3.10
C ARG C 28 24.97 2.93 -2.91
N ARG C 29 24.22 3.71 -3.69
CA ARG C 29 24.32 5.17 -3.60
C ARG C 29 23.85 5.67 -2.24
N LEU C 30 24.51 6.70 -1.73
CA LEU C 30 24.15 7.26 -0.43
C LEU C 30 23.63 8.69 -0.59
N GLU C 31 22.66 9.05 0.24
CA GLU C 31 22.08 10.39 0.19
C GLU C 31 22.87 11.35 1.09
N HIS C 32 22.89 12.61 0.70
CA HIS C 32 23.61 13.62 1.48
C HIS C 32 22.63 14.60 2.13
N PHE C 33 22.68 14.66 3.46
CA PHE C 33 21.79 15.57 4.20
C PHE C 33 22.06 17.02 3.82
N THR C 34 23.34 17.37 3.74
CA THR C 34 23.73 18.74 3.39
C THR C 34 23.35 19.70 4.50
N LYS C 35 22.56 19.22 5.46
CA LYS C 35 22.13 20.05 6.58
C LYS C 35 22.09 19.24 7.87
N LEU C 36 22.63 19.80 8.94
CA LEU C 36 22.65 19.12 10.22
C LEU C 36 21.25 19.12 10.85
N ARG C 37 20.93 18.04 11.56
CA ARG C 37 19.62 17.94 12.21
C ARG C 37 19.55 16.67 13.04
N PRO C 38 20.06 15.58 12.53
CA PRO C 38 20.06 14.27 13.23
C PRO C 38 21.13 14.18 14.31
N LYS C 39 22.04 15.16 14.30
CA LYS C 39 23.12 15.18 15.27
C LYS C 39 22.60 15.57 16.65
N ARG C 40 21.39 15.12 16.97
CA ARG C 40 20.77 15.42 18.26
C ARG C 40 19.98 14.23 18.77
N ASN C 41 20.11 13.09 18.09
CA ASN C 41 19.40 11.89 18.48
C ASN C 41 20.14 11.19 19.62
N LYS C 42 19.36 10.68 20.58
CA LYS C 42 19.96 10.00 21.72
C LYS C 42 19.06 8.84 22.16
N LYS C 43 19.68 7.81 22.75
CA LYS C 43 18.92 6.65 23.21
C LYS C 43 18.60 6.77 24.70
N GLN C 44 17.41 6.35 25.08
CA GLN C 44 16.99 6.43 26.48
C GLN C 44 16.21 5.17 26.87
N GLN C 45 15.21 4.83 26.05
CA GLN C 45 14.40 3.65 26.32
C GLN C 45 13.62 3.24 25.07
N PRO C 46 13.25 1.98 25.00
CA PRO C 46 12.50 1.44 23.83
C PRO C 46 11.35 2.35 23.41
N THR C 47 10.78 3.06 24.37
CA THR C 47 9.67 3.97 24.09
C THR C 47 8.65 3.29 23.19
N GLN C 48 7.71 2.59 23.80
CA GLN C 48 6.66 1.89 23.04
C GLN C 48 5.31 2.04 23.72
N ALA C 49 4.87 3.29 23.91
CA ALA C 49 3.59 3.55 24.54
C ALA C 49 3.05 4.92 24.13
N ALA C 50 2.25 4.95 23.08
CA ALA C 50 1.67 6.20 22.61
C ALA C 50 0.48 5.93 21.69
N VAL C 51 -0.69 5.75 22.30
CA VAL C 51 -1.90 5.48 21.52
C VAL C 51 -3.08 6.25 22.09
N CYS C 52 -4.13 6.40 21.28
CA CYS C 52 -5.32 7.13 21.72
C CYS C 52 -6.56 6.59 21.01
N THR C 53 -7.26 7.47 20.31
CA THR C 53 -8.47 7.07 19.60
C THR C 53 -8.48 7.66 18.19
N ILE C 54 -8.82 6.83 17.21
CA ILE C 54 -8.86 7.29 15.82
C ILE C 54 -9.98 6.57 15.06
N SER C 55 -9.97 6.71 13.74
CA SER C 55 -10.99 6.07 12.91
C SER C 55 -11.30 4.67 13.43
N ILE C 56 -12.59 4.36 13.53
CA ILE C 56 -13.01 3.06 14.04
C ILE C 56 -13.18 2.07 12.89
N LEU C 57 -12.49 0.93 12.98
CA LEU C 57 -12.58 -0.10 11.95
C LEU C 57 -11.80 -1.34 12.37
N PRO C 58 -12.00 -1.79 13.57
CA PRO C 58 -11.31 -3.00 14.10
C PRO C 58 -11.23 -4.13 13.07
N GLN C 59 -10.11 -4.84 13.07
CA GLN C 59 -9.92 -5.94 12.13
C GLN C 59 -10.97 -7.02 12.35
N ASP C 60 -11.30 -7.28 13.62
CA ASP C 60 -12.29 -8.29 13.95
C ASP C 60 -12.02 -9.58 13.17
N GLY C 61 -12.92 -10.55 13.31
CA GLY C 61 -12.78 -11.82 12.61
C GLY C 61 -11.93 -12.79 13.42
N GLU C 62 -11.45 -12.33 14.58
CA GLU C 62 -10.63 -13.18 15.43
C GLU C 62 -11.50 -13.90 16.47
N GLN C 63 -11.69 -15.21 16.26
CA GLN C 63 -12.50 -15.99 17.18
C GLN C 63 -12.12 -17.47 17.09
N ASN C 64 -12.23 -18.17 18.22
CA ASN C 64 -11.89 -19.59 18.26
C ASN C 64 -13.10 -20.44 17.89
N GLY C 65 -12.84 -21.55 17.20
CA GLY C 65 -13.92 -22.44 16.78
C GLY C 65 -13.39 -23.55 15.88
N LEU C 66 -13.02 -24.67 16.47
CA LEU C 66 -12.49 -25.80 15.72
C LEU C 66 -13.55 -26.34 14.76
N MET C 67 -14.77 -26.44 15.25
CA MET C 67 -15.88 -26.95 14.43
C MET C 67 -16.47 -25.83 13.58
N GLY C 68 -16.77 -26.13 12.33
CA GLY C 68 -17.34 -25.14 11.42
C GLY C 68 -17.10 -25.53 9.97
N ARG C 69 -17.54 -24.67 9.05
CA ARG C 69 -17.36 -24.93 7.63
C ARG C 69 -16.99 -23.65 6.89
N VAL C 70 -16.36 -23.79 5.74
CA VAL C 70 -15.96 -22.64 4.94
C VAL C 70 -15.20 -21.64 5.80
N ASP C 71 -13.93 -21.94 6.07
CA ASP C 71 -13.11 -21.05 6.88
C ASP C 71 -11.63 -21.37 6.70
N GLU C 72 -10.77 -20.44 7.10
CA GLU C 72 -9.33 -20.64 6.97
C GLU C 72 -8.90 -21.94 7.64
N GLY C 73 -8.06 -22.70 6.95
CA GLY C 73 -7.57 -23.97 7.49
C GLY C 73 -6.76 -23.75 8.77
N VAL C 74 -7.44 -23.39 9.84
CA VAL C 74 -6.77 -23.15 11.12
C VAL C 74 -6.10 -24.42 11.63
N ASP C 75 -6.82 -25.54 11.50
CA ASP C 75 -6.30 -26.82 11.96
C ASP C 75 -5.56 -27.53 10.83
N GLU C 76 -4.24 -27.41 10.82
CA GLU C 76 -3.44 -28.06 9.79
C GLU C 76 -3.00 -29.45 10.24
N PHE C 77 -3.24 -29.76 11.51
CA PHE C 77 -2.87 -31.06 12.05
C PHE C 77 -3.84 -32.14 11.58
N PHE C 78 -3.32 -33.35 11.38
CA PHE C 78 -4.15 -34.46 10.92
C PHE C 78 -5.33 -34.68 11.86
N THR C 79 -6.16 -35.66 11.54
CA THR C 79 -7.32 -35.97 12.37
C THR C 79 -8.22 -34.75 12.50
N LYS C 80 -9.46 -34.97 12.95
CA LYS C 80 -10.42 -33.89 13.10
C LYS C 80 -10.36 -32.94 11.91
N LYS C 81 -10.02 -33.49 10.74
CA LYS C 81 -9.95 -32.69 9.53
C LYS C 81 -11.31 -32.56 8.88
N VAL C 82 -11.79 -31.31 8.77
CA VAL C 82 -13.10 -31.06 8.17
C VAL C 82 -13.34 -29.56 8.05
N THR C 83 -12.91 -28.99 6.93
CA THR C 83 -13.09 -27.56 6.69
C THR C 83 -13.17 -27.26 5.20
N GLY C 84 -13.87 -26.19 4.85
CA GLY C 84 -14.00 -25.80 3.46
C GLY C 84 -12.73 -25.14 2.94
N CYS C 85 -12.88 -23.93 2.41
CA CYS C 85 -11.72 -23.20 1.88
C CYS C 85 -11.22 -23.85 0.60
#